data_8FGW
#
_entry.id   8FGW
#
_cell.length_a   1.00
_cell.length_b   1.00
_cell.length_c   1.00
_cell.angle_alpha   90.00
_cell.angle_beta   90.00
_cell.angle_gamma   90.00
#
_symmetry.space_group_name_H-M   'P 1'
#
loop_
_entity.id
_entity.type
_entity.pdbx_description
1 polymer 'WD repeat-containing protein 35'
2 polymer 'Intraflagellar transport protein 122 homolog'
3 polymer 'WD repeat-containing protein 19'
4 polymer 'Tetratricopeptide repeat protein 21B'
5 polymer 'Intraflagellar transport protein 140 homolog'
6 polymer 'Intraflagellar transport protein 43 homolog'
7 non-polymer 'ZINC ION'
#
loop_
_entity_poly.entity_id
_entity_poly.type
_entity_poly.pdbx_seq_one_letter_code
_entity_poly.pdbx_strand_id
1 'polypeptide(L)'
;MFFYLSKKISIPNNVKLQCVSWNKEQGFIACGGEDGLLKVLKLETQTDDAKLRGLAAPSNLSMNQTLEGHSGSVQVVTWN
EQYQKLTTSDENGLIIVWMLYKGSWIEEMINNRNKSVVRSMSWNADGQKICIVYEDGAVIVGSVDGNRIWGKDLKGIQLS
HVTWSADSKVLLFGMANGEIHIYDNQGNFMIKMKLSCLVNVTGAISIAGIHWYHGTEGYVEPDCPCLAVCFDNGRCQIMR
HENDQNPVLIDTGMYVVGIQWNHMGSVLAVAGFQKAAMQDKDVNIVQFYTPFGEHLGTLKVPGKEISALSWEGGGLKIAL
AVDSFIYFANIRPNYKWGYCSNTVVYAYTRPDRPEYCVVFWDTKNNEKYVKYVKGLISITTCGDFCILATKADENHPQEE
NEMETFGATFVLVLCNSIGTPLDPKYIDIVPLFVAMTKTHVIAASKEAFYTWQYRVAKKLTALEINQITRSRKEGRERIY
HVDDTPSGSMDGVLDYSKTIQGTRDPICAITASDKILIVGRESGTIQRYSLPNVGLIQKYSLNCRAYQLSLNCNSSRLAI
IDISGVLTFFDLDARVTDSTGQQVVGELLKLERRDVWDMKWAKDNPDLFAMMEKTRMYVFRNLDPEEPIQTSGYICNFED
LEIKSVLLDEILKDPEHPNKDYLINFEIRSLRDSRALIEKVGIKDASQFIEDNPHPRLWRLLAEAALQKLDLYTAEQAFV
RCKDYQGIKFVKRLGKLLSESMKQAEVVGYFGRFEEAERTYLEMDRRDLAIGLRLKLGDWFRVLQLLKTGSGDADDSLLE
QANNAIGDYFADRQKWLNAVQYYVQGRNQERLAECYYMLEDYEGLENLAISLPENHKLLPEIAQMFVRVGMCEQAVTAFL
KCSQPKAAVDTCVHLNQWNKAVELAKNHSMKEIGSLLARYASHLLEKNKTLDAIELYRKANYFFDAAKLMFKIADEEAKK
GSKPLRVKKLYVLSALLIEQYHEQMKNAQRGKVKGKSSEATSALAGLLEEEVLSTTDRFTDNAWRGAEAYHFFILAQRQL
YEGCVDTALKTALHLKDYEDIIPPVEIYSLLALCACASRAFGTCSKAFIKLKSLETLSSEQKQQYEDLALEIFTKHTSKD
NRKPELDSLMEGGEGKLPTCVATGSPITEYQFWMCSVCKHGVLAQEISHYSFCPLCHSPVG
;
A
2 'polypeptide(L)'
;MRAVLTWRDKAEHCINDIAFKPDGTQLILAAGSRLLVYDTSDGTLLQPLKGHKDTVYCVAYAKDGKRFASGSADKSVIIW
TSKLEGILKYTHNDAIQCVSYNPITHQLASCSSSDFGLWSPEQKSVSKHKSSSKIICCSWTNDGQYLALGMFNGIISIRN
KNGEEKVKIERPGGSLSPIWSICWNPSSRWESFWMNRENEDAEDVIVNRYIQEIPSTLKSAVYSSQGSEAEEEEPEEDDD
SPRDDNLEERNDILAVADWGQKVSFYQLSGKQIGKDRALNFDPCCISYFTKGEYILLGGSDKQVSLFTKDGVRLGTVGEQ
NSWVWTCQAKPDSNYVVVGCQDGTISFYQLIFSTVHGLYKDRYAYRDSMTDVIVQHLITEQKVRIKCKELVKKIAIYRNR
LAIQLPEKILIYELYSEDLSDMHYRVKEKIIKKFECNLLVVCANHIILCQEKRLQCLSFSGVKEREWQMESLIRYIKVIG
GPPGREGLLVGLKNGQILKIFVDNLFAIVLLKQATAVRCLDMSASRKKLAVVDENDTCLVYDIDTKELLFQEPNANSVAW
NTQCEDMLCFSGGGYLNIKASTFPVHRQKLQGFVVGYNGSKIFCLHVFSISAVEVPQSAPMYQYLDRKLFKEAYQIACLG
VTDTDWRELAMEALEGLDFETAKKAFIRVQDLRYLELISSIEERKKRGETNNDLFLADVFSYQGKFHEAAKLYKRSGHEN
LALEMYTDLCMFEYAKDFLGSGDPKETKMLITKQADWARNIKEPKAAVEMYISAGEHVKAIEICGDHGWVDMLIDIARKL
DKAEREPLLLCATYLKKLDSPGYAAETYLKMGDLKSLVQLHVETQRWDEAFALGEKHPEFKDDIYMPYAQWLAENDRFEE
AQKAFHKAGRQREAVQVLEQLTNNAVAESRFNDAAYYYWMLSMQCLDIAQDPAQKDTMLGKFYHFQRLAELYHGYHAIHR
HTEDPFSVHRPETLFNISRFLLHSLPKDTPSGISKVKILFTLAKQSKALGAYRLARHAYDKLRGLYIPARFQKSIELGTL
TIRAKPFHDSEELVPLCYRCSTNNPLLNNLGNVCINCRQPFIFSASSYDVLHLVEFYLEEGITDEEAISLIDLEVLRPKR
DDRQLEIANNSSQILRLVETKDSIGDEDPFTAKLSFEQGGSEFVPVVVSRLVLRSMSRRDVLIKRWPPPLRWQYFRSLLP
DASITMCPSCFQMFHSEDYELLVLQHGCCPYCRRCKDDPGP
;
B
3 'polypeptide(L)'
;MKRIFSLLEKTWLGAPIQFAWQKTSGNYLAVTGADYIVKIFDRHGQKRSEINLPGNCVAMDWDKDGDVLAVIAEKSSCIY
LWDANTNKTSQLDNGMRDQMSFLLWSKVGSFLAVGTVKGNLLIYNHQTSRKIPVLGKHTKRITCGCWNAENLLALGGEDK
MITVSNQEGDTIRQTQVRSEPSNMQFFLMKMDDRTSAAESMISVVLGKKTLFFLNLNEPDNPADLEFQQDFGNIVCYNWY
GDGRIMIGFSCGHFVVISTHTGELGQEIFQARNHKDNLTSIAVSQTLNKVATCGDNCIKIQDLVDLKDMYVILNLDEENK
GLGTLSWTDDGQLLALSTQRGSLHVFLTKLPILGDACSTRIAYLTSLLEVTVANPVEGELPITVSVDVEPNFVAVGLYHL
AVGMNNRAWFYVLGENAVKKLKDMEYLGTVASICLHSDYAAALFEGKVQLHLIESEILDAQEERETRLFPAVDDKCRILC
HALTSDFLIYGTDTGVVQYFYIEDWQFVNDYRHPVSVKKIFPDPNGTRLVFIDEKSDGFVYCPVNDATYEIPDFSPTIKG
VLWENWPMDKGVFIAYDDDKVYTYVFHKDTIQGAKVILAGSTKVPFAHKPLLLYNGELTCQTQSGKVNNIYLSTHGFLSN
LKDTGPDELRPMLAQNLMLKRFSDAWEMCRILNDEAAWNELARACLHHMEVEFAIRVYRRIGNVGIVMSLEQIKGIEDYN
LLAGHLAMFTNDYNLAQDLYLASSCPIAALEMRRDLQHWDSALQLAKHLAPDQIPFISKEYAIQLEFAGDYVNALAHYEK
GITGDNKEHDEACLAGVAQMSIRMGDIRRGVNQALKHPSRVLKRDCGAILENMKQFSEAAQLYEKGLYYDKAASVYIRSK
NWAKVGDLLPHVSSPKIHLQYAKAKEADGRYKEAVVAYENAKQWQSVIRIYLDHLNNPEKAVNIVRETQSLDGAKMVARF
FLQLGDYGSAIQFLVMSKCNNEAFTLAQQHNKMEIYADIIGSEDTTNEDYQSIALYFEGEKRYLQAGKFFLLCGQYSRAL
KHFLKCPSSEDNVAIEMAIETVGQAKDELLTNQLIDHLLGENDGMPKDAKYLFRLYMALKQYREAAQTAIIIAREEQSAG
NYRNAHDVLFSMYAELKSQKIKIPSEMATNLMILHSYILVKIHVKNGDHMKGARMLIRVANNISKFPSHIVPILTSTVIE
CHRAGLKNSAFSFAAMLMRPEYRSKIDAKYKKKIEGMVRRPDISEIEEATTPCPFCKFLLPECELLCPGCKNSIPYCIAT
GRHMLKDDWTVCPHCDFPALYSELKIMLNTESTCPMCSERLNAAQLKKISDCTQYLRTEEEL
;
C
4 'polypeptide(L)'
;MDSQELKTLINYYCQERYFHHVLLVASEGIKRYGSDPVFRFYHAYGTLMEGKTQEALREFEAIKNKQDVSLCSLLALIYA
HKMSPNPDREAILESDARVKEQRKGAGEKALYHAGLFLWHIGRHDKAREYIDRMIKISDGSKQGHVLKAWLDITRGKEPY
TKKALKYFEEGLQDGNDTFALLGKAQCLEMRQNYSGALETMNQIIVNFPSFLPAFVKKMKLQLALQDWDQTVETAQRLLL
QDSQNVEALRMQALYYVCREGDIEKASTKLENLGNALDAMEPQNAQLFYNITLAFSRTCGRSQLILQKIQTLLERAFSLN
PQQSEFATELGYQMILQGRVKEALKWYKTAMTLDETSVSALVGFIQCQLIEGQLQDADQQLEFLNEIQQSIGKSAELIYL
HAVLAMKKNKRQEEVINLLNDVLDTHFSQLEGLPLGIQYFEKLNPDFLLEIVMEYLSFCPMQPASPGQPLCPLLRRCISV
LETVVRTVPGLLQTVFLIAKVKYLSGDIEAAFNNLQHCLEHNPSYADAHLLLAQVYLSQEKVKLCSQSLELCLSYDFKVR
DYPLYHLIKAQSQKKMGEIADAIKTLHMAMSLPGMKRIGASTKSKDRKTEVDTSHRLSIFLELIDVHRLNGEQHEATKVL
QDAIHEFSGTSEEVRVTIANADLALAQGDIERALSILQNVTAEQPYFIEAREKMADIYLKHRKDKMLYITCFREIAERMA
NPRSFLLLGDAYMNILEPEEAIVAYEQALNQNPKDGTLASKMGKALIKTHNYSMAITYYEAALKTGQKNYLCYDLAELLL
KLKWYDKAEKVLQHALAHEPVNELSALMEDGRCQVLLAKVYSKMEKLGDAITALQQARELQARVLKRVQMEQPDAVPAQK
HLAAEICAEIAKHSVAQRDYEKAIKFYREALVHCETDNKIMLELARLYLAQDDPDSCLRQCALLLQSDQDNEAATMMMAD
LMFRKQDYEQAVFHLQQLLERKPDNYMTLSRLIDLLRRCGKLEDVPRFFSMAEKRNSRAKLEPGFQYCKGLYLWYTGEPN
DALRHFNKARKDRDWGQNALYNMIEICLNPDNETVGGEVFENLDGDLGNSTEKQESVQLAVRTAEKLLKELKPQTVQGHV
QLRIMENYCLMATKQKSNVEQALNTFTEIAASEKEHIPALLGMATAYMILKQTPRARNQLKRIAKMNWNAIDAEEFEKSW
LLLADIYIQSAKYDMAEDLLKRCLRHNRSCCKAYEYMGYIMEKEQAYTDAALNYEMAWKYSNRTNPAVGYKLAFNYLKAK
RYVDSIDICHQVLEAHPTYPKIRKDILDKARASLRP
;
D
5 'polypeptide(L)'
;MALYYDHQIEAPDAAGSPSFISWHPVHPFLAVAYISTTSTGSVDIYLEQGECVPDTHVERPFRVASLCWHPTRLVLAVGW
ETGEVTVFNKQDKEQHTMPLTHTADITVLRWSPSGNCLLSGDRLGVLLLWRLDQRGRVQGTPLLKHEYGKHLTHCIFRLP
PPGEDLVQLAKAAVSGDEKALDMFNWKKSSSGSLLKMGSHEGLLFFVSLMDGTVHYVDEKGKTTQVVSADSTIQMLFYME
KREALVVVTENLRLSLYTVPPEGKAEEVMKVKLSGKTGRRADIALIEGSLLVMAVGEAALRFWDIERGENYILSPDEKFG
FEKGENMNCVCYCKVKGLLAAGTDRGRVAMWRKVPDFLGSPGAEGKDRWALQTPTELQGNITQIQWGSRKNLLAVNSVIS
VAILSERAMSSHFHQQVAAMQVSPSLLNVCFLSTGVAHSLRTDMHISGVFATKDAVAVWNGRQVAIFELSGAAIRSAGTF
LCETPVLAMHEENVYTVESNRVQVRTWQGTVKQLLLFSETEGNPCFLDICGNFLVVGTDLAHFKSFDLSRREAKAHCSCR
SLAELVPGVGGIASLRCSSSGSTISILPSKADNSPDSKICFYDVEMDTVTVFDFKTGQIDRRETLSFNEQETNKSHLFVD
EGLKNYVPVNHFWDQSEPRLFVCEAVQETPRSQPQSANGQPQDGRAGPAADVLILSFFISEEHGFLLHESFPRPATSHSL
LGMEVPYYYFTRKPEEADREDEVEPGCHHIPQMVSRRPLRDFVGLEDCDKATRDAMLHFSFFVTIGDMDEAFKSIKLIKS
EAVWENMARMCVKTQRLDVAKVCLGNMGHARGARALREAEQEPELEARVAVLATQLGMLEDAEQLYRKCKRHDLLNKFYQ
AAGRWQEALQVAEHHDRVHLRSTYHRYAGHLEASADCSRALSYYEKSDTHRFEVPRMLSEDLPSLELYVNKMKDKTLWRW
WAQYLESQGEMDAALHYYELARDHFSLVRIHCFQGNVQKAAQIANETGNLAASYHLARQYESQEEVGQAVHFYTRAQAFK
NAIRLCKENGLDDQLMNLALLSSPEDMIEAARYYEEKGVQMDRAVMLYHKAGHFSKALELAFATQQFVALQLIAEDLDET
SDPALLARCSDFFIEHSQYERAVELLLAARKYQEALQLCLGQNMSITEEMAEKMTVAKDSSDLPEESRRELLEQIADCCM
RQGSYHLATKKYTQAGNKLKAMRALLKSGDTEKITFFASVSRQKEIYIMAANYLQSLDWRKEPEIMKNIIGFYTKGRALD
LLAGFYDACAQVEIDEYQNYDKAHGALTEAYKCLAKAKAKSPLDQETRLAQLQSRMALVKRFIQARRTYTEDPKESIKQC
ELLLEEPDLDSTIRIGDVYGFLVEHYVRKEEYQTAYRFLEEMRRRLPLANMSYYVSPQAVDAVHRGLGLPLPRTVPEQVR
HNSMEDARELDEEVVEEADDDP
;
E
6 'polypeptide(L)'
;MEDLLDLDEELRYSLATSRAKMGRRAQQESAQAENHLNGKNSSLTLTGETSSAKLPRCRQGGWAGDSVKASKFRRKASEE
IEDFRLRPQSLNGSDYGGDIPIIPDLEEVQEEDFVLQVAAPPSIQIKRVMTYRDLDNDLMKYSAIQTLDGEIDLKLLTKV
LAPEHEVREDDVGWDWDHLFTEVSSEVLTEWDPLQTEKEDPAGQARHT
;
F
#
loop_
_chem_comp.id
_chem_comp.type
_chem_comp.name
_chem_comp.formula
ZN non-polymer 'ZINC ION' 'Zn 2'
#
# COMPACT_ATOMS: atom_id res chain seq x y z
N MET A 1 1.14 4.59 41.15
CA MET A 1 1.01 5.60 42.19
C MET A 1 2.34 5.82 42.90
N PHE A 2 3.18 6.66 42.30
CA PHE A 2 4.45 7.07 42.91
C PHE A 2 4.45 8.58 43.08
N PHE A 3 5.42 9.07 43.84
CA PHE A 3 5.45 10.49 44.17
C PHE A 3 6.84 10.92 44.61
N TYR A 4 7.29 12.08 44.13
CA TYR A 4 8.63 12.53 44.48
C TYR A 4 8.68 14.04 44.40
N LEU A 5 9.43 14.64 45.33
CA LEU A 5 9.59 16.09 45.32
C LEU A 5 10.35 16.52 44.07
N SER A 6 9.91 17.60 43.46
CA SER A 6 10.42 18.02 42.15
C SER A 6 10.91 19.46 42.12
N LYS A 7 10.33 20.35 42.92
CA LYS A 7 10.63 21.76 42.81
C LYS A 7 10.44 22.41 44.17
N LYS A 8 10.75 23.71 44.24
CA LYS A 8 10.58 24.51 45.44
C LYS A 8 10.55 25.97 45.04
N ILE A 9 9.73 26.75 45.74
CA ILE A 9 9.58 28.18 45.47
C ILE A 9 9.73 28.89 46.81
N SER A 10 10.86 29.54 47.03
CA SER A 10 11.12 30.27 48.26
C SER A 10 10.43 31.62 48.19
N ILE A 11 9.43 31.82 49.04
CA ILE A 11 8.74 33.11 49.12
C ILE A 11 9.69 34.14 49.72
N PRO A 12 9.82 35.33 49.12
CA PRO A 12 10.81 36.29 49.61
C PRO A 12 10.51 36.76 51.03
N ASN A 13 11.57 37.16 51.73
CA ASN A 13 11.55 37.68 53.09
C ASN A 13 11.16 36.65 54.12
N ASN A 14 11.07 35.38 53.74
CA ASN A 14 10.82 34.27 54.67
C ASN A 14 9.55 34.48 55.50
N VAL A 15 8.50 34.98 54.86
CA VAL A 15 7.20 35.07 55.51
C VAL A 15 6.57 33.68 55.51
N LYS A 16 5.82 33.37 56.57
CA LYS A 16 5.18 32.08 56.67
C LYS A 16 3.94 32.03 55.80
N LEU A 17 3.72 30.90 55.13
CA LEU A 17 2.57 30.71 54.27
C LEU A 17 1.51 29.90 55.00
N GLN A 18 0.27 30.37 54.94
CA GLN A 18 -0.83 29.75 55.67
C GLN A 18 -1.86 29.10 54.78
N CYS A 19 -1.76 29.25 53.46
CA CYS A 19 -2.71 28.63 52.56
C CYS A 19 -2.21 28.63 51.12
N VAL A 20 -2.25 27.48 50.47
CA VAL A 20 -1.99 27.34 49.04
C VAL A 20 -3.24 26.78 48.38
N SER A 21 -3.68 27.43 47.32
CA SER A 21 -4.83 26.98 46.54
C SER A 21 -4.44 26.97 45.08
N TRP A 22 -4.30 25.77 44.50
CA TRP A 22 -4.02 25.64 43.09
C TRP A 22 -5.34 25.71 42.32
N ASN A 23 -5.50 26.75 41.50
CA ASN A 23 -6.65 26.82 40.62
C ASN A 23 -6.63 25.63 39.66
N LYS A 24 -7.78 24.99 39.49
CA LYS A 24 -7.81 23.73 38.75
C LYS A 24 -7.86 23.96 37.25
N GLU A 25 -8.75 24.84 36.78
CA GLU A 25 -8.89 25.04 35.35
C GLU A 25 -7.68 25.75 34.76
N GLN A 26 -7.25 26.84 35.39
CA GLN A 26 -6.03 27.55 35.01
C GLN A 26 -4.96 27.27 36.04
N GLY A 27 -3.72 27.10 35.58
CA GLY A 27 -2.66 26.71 36.49
C GLY A 27 -2.20 27.80 37.42
N PHE A 28 -3.15 28.49 38.06
CA PHE A 28 -2.84 29.56 38.99
C PHE A 28 -2.73 29.01 40.42
N ILE A 29 -1.71 29.47 41.13
CA ILE A 29 -1.49 29.10 42.52
C ILE A 29 -1.62 30.37 43.37
N ALA A 30 -2.50 30.33 44.35
CA ALA A 30 -2.70 31.47 45.24
C ALA A 30 -2.17 31.12 46.62
N CYS A 31 -1.28 31.97 47.13
CA CYS A 31 -0.55 31.73 48.36
C CYS A 31 -0.81 32.86 49.34
N GLY A 32 -1.17 32.52 50.57
CA GLY A 32 -1.47 33.49 51.60
C GLY A 32 -0.32 33.60 52.59
N GLY A 33 0.02 34.83 52.94
CA GLY A 33 1.18 35.10 53.76
C GLY A 33 0.84 35.39 55.20
N GLU A 34 1.87 35.40 56.03
CA GLU A 34 1.72 35.61 57.47
C GLU A 34 1.84 37.08 57.84
N ASP A 35 2.16 37.95 56.89
CA ASP A 35 2.33 39.38 57.15
C ASP A 35 1.62 40.19 56.06
N GLY A 36 0.39 39.78 55.74
CA GLY A 36 -0.38 40.45 54.71
C GLY A 36 -0.03 40.03 53.30
N LEU A 37 0.94 39.13 53.13
CA LEU A 37 1.35 38.71 51.80
C LEU A 37 0.29 37.86 51.13
N LEU A 38 0.08 38.10 49.84
CA LEU A 38 -0.78 37.30 48.99
C LEU A 38 -0.19 37.30 47.59
N LYS A 39 0.10 36.12 47.06
CA LYS A 39 0.78 36.01 45.78
C LYS A 39 0.04 35.06 44.85
N VAL A 40 0.01 35.41 43.57
CA VAL A 40 -0.55 34.57 42.52
C VAL A 40 0.60 34.17 41.60
N LEU A 41 0.71 32.88 41.33
CA LEU A 41 1.82 32.30 40.58
C LEU A 41 1.27 31.43 39.46
N LYS A 42 2.13 31.17 38.47
CA LYS A 42 1.80 30.22 37.42
C LYS A 42 3.11 29.67 36.87
N LEU A 43 3.09 28.39 36.52
CA LEU A 43 4.28 27.69 36.08
C LEU A 43 4.36 27.64 34.56
N GLU A 44 5.58 27.58 34.05
CA GLU A 44 5.85 27.49 32.61
C GLU A 44 5.21 28.63 31.84
N SER A 59 11.18 29.83 36.43
CA SER A 59 10.24 28.99 35.69
C SER A 59 8.83 29.55 35.78
N ASN A 60 8.59 30.39 36.77
CA ASN A 60 7.27 30.99 36.95
C ASN A 60 6.94 31.92 35.80
N LEU A 61 5.67 31.90 35.38
CA LEU A 61 5.18 32.75 34.31
C LEU A 61 4.47 33.99 34.84
N SER A 62 3.56 33.82 35.79
CA SER A 62 2.71 34.91 36.28
C SER A 62 2.97 35.17 37.75
N MET A 63 4.23 35.26 38.14
CA MET A 63 4.58 35.66 39.50
C MET A 63 3.98 37.04 39.76
N ASN A 64 3.01 37.10 40.67
CA ASN A 64 2.23 38.31 40.90
C ASN A 64 2.16 38.59 42.39
N GLN A 65 2.09 39.88 42.72
CA GLN A 65 1.97 40.33 44.11
C GLN A 65 0.69 41.13 44.22
N THR A 66 -0.41 40.43 44.47
CA THR A 66 -1.71 41.08 44.66
C THR A 66 -1.78 41.57 46.11
N LEU A 67 -1.12 42.70 46.34
CA LEU A 67 -0.98 43.28 47.67
C LEU A 67 -2.08 44.26 48.03
N GLU A 68 -3.04 44.48 47.13
CA GLU A 68 -4.11 45.43 47.38
C GLU A 68 -4.87 45.04 48.64
N GLY A 69 -4.81 45.90 49.66
CA GLY A 69 -5.45 45.58 50.91
C GLY A 69 -4.70 44.48 51.65
N HIS A 70 -5.45 43.74 52.46
CA HIS A 70 -4.93 42.57 53.17
C HIS A 70 -3.75 42.93 54.07
N SER A 71 -4.05 43.73 55.08
CA SER A 71 -3.12 43.91 56.18
C SER A 71 -3.18 42.71 57.10
N GLY A 72 -2.45 42.77 58.22
CA GLY A 72 -2.43 41.65 59.13
C GLY A 72 -1.91 40.39 58.45
N SER A 73 -2.64 39.29 58.62
CA SER A 73 -2.31 38.03 58.00
C SER A 73 -3.30 37.72 56.87
N VAL A 74 -3.11 36.56 56.25
CA VAL A 74 -4.00 36.07 55.20
C VAL A 74 -4.27 34.60 55.48
N GLN A 75 -5.56 34.24 55.60
CA GLN A 75 -5.90 32.92 56.13
C GLN A 75 -6.57 32.00 55.13
N VAL A 76 -7.67 32.41 54.51
CA VAL A 76 -8.41 31.53 53.61
C VAL A 76 -8.31 32.05 52.19
N VAL A 77 -8.24 31.12 51.24
CA VAL A 77 -8.09 31.42 49.83
C VAL A 77 -8.86 30.38 49.03
N THR A 78 -9.83 30.83 48.23
CA THR A 78 -10.65 29.92 47.44
C THR A 78 -10.79 30.44 46.03
N TRP A 79 -10.58 29.58 45.04
CA TRP A 79 -10.84 29.89 43.65
C TRP A 79 -12.28 29.57 43.30
N ASN A 80 -12.82 30.32 42.35
CA ASN A 80 -14.18 30.11 41.88
C ASN A 80 -14.25 29.22 40.65
N GLU A 81 -13.11 28.76 40.13
CA GLU A 81 -13.07 27.95 38.92
C GLU A 81 -13.79 28.66 37.78
N GLN A 82 -15.02 28.26 37.48
CA GLN A 82 -15.84 28.99 36.54
C GLN A 82 -16.09 30.41 37.06
N TYR A 83 -15.93 31.38 36.16
CA TYR A 83 -15.84 32.83 36.38
C TYR A 83 -14.46 33.24 36.90
N GLN A 84 -13.58 32.29 37.25
CA GLN A 84 -12.19 32.54 37.59
C GLN A 84 -12.01 33.74 38.51
N LYS A 85 -12.63 33.65 39.68
CA LYS A 85 -12.58 34.71 40.67
C LYS A 85 -11.91 34.19 41.94
N LEU A 86 -10.77 34.79 42.28
CA LEU A 86 -10.12 34.48 43.54
C LEU A 86 -10.84 35.18 44.68
N THR A 87 -10.81 34.58 45.87
CA THR A 87 -11.37 35.22 47.05
C THR A 87 -10.43 34.99 48.22
N THR A 88 -10.23 36.03 49.03
CA THR A 88 -9.18 35.99 50.03
C THR A 88 -9.62 36.76 51.27
N SER A 89 -9.19 36.28 52.44
CA SER A 89 -9.59 36.91 53.69
C SER A 89 -8.40 37.05 54.64
N ASP A 90 -8.49 38.06 55.49
CA ASP A 90 -7.45 38.44 56.44
C ASP A 90 -7.73 37.81 57.80
N GLU A 91 -6.97 38.23 58.80
CA GLU A 91 -7.38 38.07 60.19
C GLU A 91 -8.20 39.25 60.67
N ASN A 92 -8.42 40.26 59.82
CA ASN A 92 -9.25 41.41 60.14
C ASN A 92 -10.61 41.36 59.46
N GLY A 93 -10.93 40.24 58.81
CA GLY A 93 -12.24 40.07 58.21
C GLY A 93 -12.41 40.69 56.84
N LEU A 94 -11.36 41.24 56.25
CA LEU A 94 -11.46 41.89 54.95
C LEU A 94 -11.49 40.83 53.86
N ILE A 95 -12.68 40.55 53.33
CA ILE A 95 -12.81 39.64 52.19
C ILE A 95 -12.63 40.45 50.91
N ILE A 96 -11.82 39.93 50.00
CA ILE A 96 -11.56 40.58 48.72
C ILE A 96 -11.74 39.55 47.61
N VAL A 97 -12.47 39.93 46.58
CA VAL A 97 -12.67 39.11 45.39
C VAL A 97 -11.90 39.74 44.25
N TRP A 98 -11.07 38.94 43.59
CA TRP A 98 -10.15 39.39 42.55
C TRP A 98 -10.53 38.73 41.23
N MET A 99 -10.56 39.51 40.17
CA MET A 99 -10.74 39.03 38.81
C MET A 99 -9.49 39.29 37.99
N LEU A 100 -9.26 38.46 36.98
CA LEU A 100 -8.10 38.58 36.11
C LEU A 100 -8.41 39.60 35.02
N TYR A 101 -7.82 40.78 35.12
CA TYR A 101 -8.04 41.85 34.15
C TYR A 101 -6.69 42.30 33.60
N LYS A 102 -6.54 42.25 32.28
CA LYS A 102 -5.32 42.65 31.59
C LYS A 102 -4.11 41.85 32.08
N GLY A 103 -4.30 40.54 32.21
CA GLY A 103 -3.22 39.66 32.61
C GLY A 103 -2.70 39.87 34.02
N SER A 104 -3.40 40.66 34.83
CA SER A 104 -3.02 40.88 36.21
C SER A 104 -4.26 40.80 37.08
N TRP A 105 -4.05 40.56 38.37
CA TRP A 105 -5.15 40.35 39.30
C TRP A 105 -5.41 41.65 40.06
N ILE A 106 -6.60 42.19 39.87
CA ILE A 106 -7.04 43.44 40.51
C ILE A 106 -8.23 43.11 41.39
N GLU A 107 -8.32 43.79 42.53
CA GLU A 107 -9.46 43.58 43.42
C GLU A 107 -10.74 44.03 42.74
N GLU A 108 -11.75 43.17 42.74
CA GLU A 108 -13.04 43.47 42.16
C GLU A 108 -14.08 43.82 43.22
N MET A 109 -14.14 43.06 44.30
CA MET A 109 -15.07 43.32 45.38
C MET A 109 -14.32 43.37 46.70
N ILE A 110 -14.81 44.19 47.62
CA ILE A 110 -14.25 44.31 48.97
C ILE A 110 -15.40 44.33 49.96
N ASN A 111 -15.29 43.52 51.00
CA ASN A 111 -16.29 43.46 52.06
C ASN A 111 -15.60 43.33 53.40
N ASN A 112 -16.27 43.81 54.44
CA ASN A 112 -15.69 43.79 55.78
C ASN A 112 -16.80 43.75 56.81
N ARG A 113 -16.95 42.63 57.50
CA ARG A 113 -17.82 42.52 58.67
C ARG A 113 -16.94 42.67 59.89
N ASN A 114 -17.25 43.65 60.74
CA ASN A 114 -16.35 44.09 61.79
C ASN A 114 -16.58 43.36 63.12
N LYS A 115 -17.03 42.11 63.08
CA LYS A 115 -17.31 41.36 64.30
C LYS A 115 -16.26 40.31 64.62
N SER A 116 -15.89 39.48 63.66
CA SER A 116 -14.96 38.39 63.94
C SER A 116 -14.13 38.11 62.69
N VAL A 117 -13.47 36.95 62.68
CA VAL A 117 -12.56 36.56 61.61
C VAL A 117 -13.21 35.45 60.80
N VAL A 118 -13.10 35.55 59.48
CA VAL A 118 -13.64 34.53 58.58
C VAL A 118 -12.90 33.23 58.79
N ARG A 119 -13.58 32.22 59.33
CA ARG A 119 -12.96 30.92 59.52
C ARG A 119 -12.82 30.17 58.20
N SER A 120 -13.82 30.22 57.34
CA SER A 120 -13.70 29.49 56.09
C SER A 120 -14.63 30.09 55.05
N MET A 121 -14.34 29.79 53.78
CA MET A 121 -15.13 30.22 52.65
C MET A 121 -15.21 29.07 51.65
N SER A 122 -16.33 28.98 50.96
CA SER A 122 -16.48 27.90 49.98
C SER A 122 -17.47 28.32 48.90
N TRP A 123 -17.10 28.11 47.64
CA TRP A 123 -17.98 28.36 46.52
C TRP A 123 -18.83 27.14 46.24
N ASN A 124 -19.94 27.37 45.54
CA ASN A 124 -20.86 26.31 45.19
C ASN A 124 -20.21 25.35 44.19
N ALA A 125 -20.89 24.24 43.92
CA ALA A 125 -20.46 23.30 42.90
C ALA A 125 -20.54 23.88 41.50
N ASP A 126 -21.25 25.00 41.32
CA ASP A 126 -21.30 25.69 40.04
C ASP A 126 -20.77 27.12 40.14
N GLY A 127 -20.32 27.55 41.31
CA GLY A 127 -19.68 28.83 41.46
C GLY A 127 -20.61 30.01 41.58
N GLN A 128 -21.92 29.80 41.49
CA GLN A 128 -22.88 30.89 41.56
C GLN A 128 -23.17 31.32 42.99
N LYS A 129 -22.77 30.53 43.98
CA LYS A 129 -23.12 30.77 45.38
C LYS A 129 -21.90 30.52 46.25
N ILE A 130 -21.72 31.37 47.25
CA ILE A 130 -20.59 31.24 48.18
C ILE A 130 -21.11 31.31 49.60
N CYS A 131 -20.64 30.41 50.45
CA CYS A 131 -20.91 30.44 51.88
C CYS A 131 -19.63 30.75 52.63
N ILE A 132 -19.67 31.76 53.49
CA ILE A 132 -18.53 32.13 54.33
C ILE A 132 -18.96 32.01 55.79
N VAL A 133 -18.13 31.32 56.58
CA VAL A 133 -18.43 31.02 57.96
C VAL A 133 -17.39 31.71 58.83
N TYR A 134 -17.86 32.46 59.83
CA TYR A 134 -17.05 33.20 60.78
C TYR A 134 -16.88 32.38 62.06
N GLU A 135 -16.03 32.89 62.94
CA GLU A 135 -15.80 32.21 64.22
C GLU A 135 -16.95 32.44 65.20
N ASP A 136 -17.52 33.65 65.20
CA ASP A 136 -18.59 33.96 66.15
C ASP A 136 -19.90 33.25 65.81
N GLY A 137 -19.93 32.42 64.76
CA GLY A 137 -21.10 31.67 64.40
C GLY A 137 -21.89 32.28 63.26
N ALA A 138 -21.65 33.53 62.92
CA ALA A 138 -22.35 34.16 61.81
C ALA A 138 -21.99 33.47 60.50
N VAL A 139 -22.99 33.28 59.65
CA VAL A 139 -22.83 32.68 58.34
C VAL A 139 -23.38 33.65 57.31
N ILE A 140 -22.58 33.99 56.31
CA ILE A 140 -23.01 34.90 55.25
C ILE A 140 -22.92 34.15 53.93
N VAL A 141 -24.04 34.05 53.24
CA VAL A 141 -24.09 33.41 51.93
C VAL A 141 -24.42 34.46 50.90
N GLY A 142 -23.58 34.56 49.87
CA GLY A 142 -23.77 35.53 48.82
C GLY A 142 -23.84 34.89 47.45
N SER A 143 -24.41 35.62 46.50
CA SER A 143 -24.34 35.23 45.11
C SER A 143 -22.99 35.68 44.55
N VAL A 144 -22.83 35.65 43.23
CA VAL A 144 -21.62 36.17 42.63
C VAL A 144 -21.52 37.68 42.81
N ASP A 145 -22.64 38.36 43.08
CA ASP A 145 -22.64 39.81 43.22
C ASP A 145 -22.99 40.28 44.62
N GLY A 146 -24.14 39.87 45.15
CA GLY A 146 -24.57 40.33 46.47
C GLY A 146 -25.09 39.21 47.34
N ASN A 147 -25.70 39.56 48.47
CA ASN A 147 -26.31 38.55 49.35
C ASN A 147 -27.36 37.76 48.59
N ARG A 148 -27.10 36.46 48.39
CA ARG A 148 -28.03 35.65 47.61
C ARG A 148 -29.34 35.48 48.35
N ILE A 149 -29.29 34.87 49.54
CA ILE A 149 -30.51 34.63 50.29
C ILE A 149 -30.42 35.23 51.68
N TRP A 150 -29.48 34.76 52.49
CA TRP A 150 -29.55 35.02 53.91
C TRP A 150 -28.15 35.19 54.50
N GLY A 151 -28.12 35.88 55.63
CA GLY A 151 -27.01 35.82 56.56
C GLY A 151 -27.50 35.44 57.93
N LYS A 152 -27.17 34.24 58.40
CA LYS A 152 -27.73 33.72 59.62
C LYS A 152 -26.72 33.84 60.76
N ASP A 153 -27.23 34.13 61.95
CA ASP A 153 -26.39 34.25 63.14
C ASP A 153 -26.26 32.94 63.90
N LEU A 154 -26.97 31.89 63.46
CA LEU A 154 -26.87 30.56 64.06
C LEU A 154 -27.09 30.60 65.57
N LYS A 155 -26.23 29.93 66.32
CA LYS A 155 -26.43 29.75 67.75
C LYS A 155 -25.09 29.97 68.46
N GLY A 156 -25.02 29.61 69.74
CA GLY A 156 -23.80 29.77 70.50
C GLY A 156 -22.75 28.74 70.14
N ILE A 157 -22.28 28.79 68.89
CA ILE A 157 -21.33 27.82 68.37
C ILE A 157 -20.23 28.55 67.61
N GLN A 158 -19.05 27.95 67.58
CA GLN A 158 -17.90 28.50 66.89
C GLN A 158 -17.58 27.63 65.68
N LEU A 159 -17.62 28.23 64.50
CA LEU A 159 -17.47 27.49 63.25
C LEU A 159 -16.01 27.42 62.83
N SER A 160 -15.70 26.40 62.01
CA SER A 160 -14.38 26.27 61.41
C SER A 160 -14.39 25.85 59.96
N HIS A 161 -15.50 25.36 59.41
CA HIS A 161 -15.49 24.81 58.07
C HIS A 161 -16.84 25.02 57.41
N VAL A 162 -16.89 24.70 56.12
CA VAL A 162 -18.09 24.82 55.31
C VAL A 162 -17.90 24.02 54.03
N THR A 163 -18.97 23.37 53.56
CA THR A 163 -18.89 22.55 52.36
C THR A 163 -20.27 22.39 51.78
N TRP A 164 -20.36 22.41 50.45
CA TRP A 164 -21.60 22.16 49.72
C TRP A 164 -21.66 20.71 49.27
N SER A 165 -22.84 20.30 48.82
CA SER A 165 -23.05 18.98 48.26
C SER A 165 -22.92 19.04 46.74
N ALA A 166 -23.03 17.86 46.10
CA ALA A 166 -22.96 17.80 44.66
C ALA A 166 -24.05 18.65 44.01
N ASP A 167 -25.28 18.54 44.50
CA ASP A 167 -26.40 19.31 44.01
C ASP A 167 -26.61 20.61 44.75
N SER A 168 -25.69 20.96 45.65
CA SER A 168 -25.70 22.24 46.36
C SER A 168 -26.93 22.40 47.24
N LYS A 169 -27.43 21.30 47.80
CA LYS A 169 -28.62 21.36 48.63
C LYS A 169 -28.27 21.36 50.11
N VAL A 170 -27.55 20.35 50.60
CA VAL A 170 -27.08 20.42 51.97
C VAL A 170 -25.86 21.33 52.02
N LEU A 171 -25.58 21.84 53.22
CA LEU A 171 -24.41 22.69 53.40
C LEU A 171 -23.92 22.42 54.82
N LEU A 172 -22.95 21.54 54.95
CA LEU A 172 -22.53 21.01 56.23
C LEU A 172 -21.37 21.82 56.79
N PHE A 173 -21.51 22.22 58.05
CA PHE A 173 -20.53 23.04 58.73
C PHE A 173 -19.59 22.17 59.56
N GLY A 174 -18.76 22.81 60.36
CA GLY A 174 -17.94 22.11 61.32
C GLY A 174 -17.74 22.95 62.56
N MET A 175 -18.07 22.42 63.73
CA MET A 175 -17.94 23.22 64.92
C MET A 175 -16.49 23.26 65.39
N ALA A 176 -16.20 24.22 66.26
CA ALA A 176 -14.87 24.27 66.86
C ALA A 176 -14.63 23.07 67.77
N ASN A 177 -15.68 22.54 68.38
CA ASN A 177 -15.54 21.41 69.30
C ASN A 177 -15.50 20.07 68.58
N GLY A 178 -15.63 20.05 67.26
CA GLY A 178 -15.51 18.84 66.50
C GLY A 178 -16.82 18.21 66.04
N GLU A 179 -17.85 19.01 65.80
CA GLU A 179 -19.14 18.50 65.36
C GLU A 179 -19.46 19.05 63.97
N ILE A 180 -19.75 18.16 63.04
CA ILE A 180 -20.25 18.56 61.72
C ILE A 180 -21.77 18.61 61.77
N HIS A 181 -22.34 19.73 61.33
CA HIS A 181 -23.78 19.95 61.35
C HIS A 181 -24.28 20.05 59.92
N ILE A 182 -25.27 19.23 59.58
CA ILE A 182 -25.84 19.20 58.24
C ILE A 182 -26.96 20.22 58.16
N TYR A 183 -26.90 21.10 57.17
CA TYR A 183 -27.87 22.17 57.02
C TYR A 183 -28.62 22.02 55.70
N ASP A 184 -29.42 23.03 55.37
CA ASP A 184 -30.50 22.90 54.42
C ASP A 184 -30.29 23.64 53.10
N ASN A 185 -29.21 24.42 52.99
CA ASN A 185 -29.01 25.51 52.03
C ASN A 185 -29.67 26.76 52.57
N GLN A 186 -30.10 26.73 53.83
CA GLN A 186 -30.49 27.90 54.60
C GLN A 186 -30.06 27.66 56.04
N GLY A 187 -30.55 28.50 56.95
CA GLY A 187 -30.23 28.32 58.35
C GLY A 187 -31.10 27.29 59.04
N ASN A 188 -31.57 26.31 58.28
CA ASN A 188 -32.45 25.28 58.80
C ASN A 188 -31.61 24.07 59.19
N PHE A 189 -31.56 23.79 60.50
CA PHE A 189 -30.65 22.78 61.03
C PHE A 189 -31.27 21.39 60.88
N MET A 190 -30.63 20.55 60.08
CA MET A 190 -31.00 19.14 59.98
C MET A 190 -30.15 18.35 60.98
N ILE A 191 -30.17 17.03 60.90
CA ILE A 191 -29.51 16.23 61.93
C ILE A 191 -28.02 16.50 61.95
N LYS A 192 -27.43 16.40 63.14
CA LYS A 192 -25.98 16.38 63.26
C LYS A 192 -25.43 15.10 62.65
N MET A 193 -24.22 15.19 62.12
CA MET A 193 -23.60 14.02 61.49
C MET A 193 -23.14 13.03 62.54
N LYS A 194 -23.29 11.74 62.22
CA LYS A 194 -22.86 10.67 63.10
C LYS A 194 -21.41 10.34 62.77
N LEU A 195 -20.52 10.61 63.72
CA LEU A 195 -19.09 10.38 63.52
C LEU A 195 -18.74 8.97 63.96
N SER A 196 -18.29 8.15 63.01
CA SER A 196 -17.98 6.76 63.29
C SER A 196 -16.48 6.48 63.38
N CYS A 197 -15.63 7.40 62.92
CA CYS A 197 -14.21 7.15 62.92
C CYS A 197 -13.61 7.25 64.31
N LEU A 198 -14.14 8.13 65.15
CA LEU A 198 -13.61 8.35 66.49
C LEU A 198 -14.52 7.67 67.51
N VAL A 199 -13.99 6.66 68.17
CA VAL A 199 -14.73 5.91 69.18
C VAL A 199 -13.96 5.90 70.50
N ASN A 200 -12.66 5.64 70.44
CA ASN A 200 -11.83 5.51 71.62
C ASN A 200 -11.08 6.80 71.97
N VAL A 201 -11.32 7.88 71.24
CA VAL A 201 -10.70 9.15 71.58
C VAL A 201 -11.34 9.71 72.83
N THR A 202 -10.58 10.51 73.57
CA THR A 202 -11.06 11.03 74.85
C THR A 202 -10.96 12.54 74.95
N GLY A 203 -9.92 13.16 74.40
CA GLY A 203 -9.69 14.57 74.56
C GLY A 203 -10.48 15.40 73.57
N ALA A 204 -10.15 16.69 73.52
CA ALA A 204 -10.78 17.60 72.57
C ALA A 204 -10.36 17.25 71.15
N ILE A 205 -11.30 17.44 70.22
CA ILE A 205 -11.09 17.10 68.82
C ILE A 205 -11.41 18.31 67.95
N SER A 206 -10.51 18.64 67.04
CA SER A 206 -10.75 19.63 66.00
C SER A 206 -10.65 18.95 64.65
N ILE A 207 -11.34 19.51 63.66
CA ILE A 207 -11.47 18.82 62.37
C ILE A 207 -10.20 18.96 61.56
N ALA A 208 -9.85 20.18 61.18
CA ALA A 208 -8.69 20.43 60.33
C ALA A 208 -8.73 19.58 59.06
N GLY A 209 -9.74 19.86 58.25
CA GLY A 209 -9.86 19.24 56.94
C GLY A 209 -11.18 18.54 56.67
N ILE A 210 -11.90 19.02 55.67
CA ILE A 210 -13.12 18.41 55.16
C ILE A 210 -13.17 18.63 53.66
N HIS A 211 -13.43 17.57 52.90
CA HIS A 211 -13.43 17.72 51.44
C HIS A 211 -14.45 16.79 50.83
N TRP A 212 -15.36 17.36 50.04
CA TRP A 212 -16.42 16.59 49.38
C TRP A 212 -16.09 16.54 47.89
N TYR A 213 -15.84 15.34 47.36
CA TYR A 213 -15.51 15.22 45.96
C TYR A 213 -16.78 15.38 45.14
N HIS A 214 -17.08 16.61 44.75
CA HIS A 214 -18.17 16.87 43.84
C HIS A 214 -17.84 16.21 42.51
N GLY A 215 -18.51 15.10 42.21
CA GLY A 215 -18.12 14.32 41.05
C GLY A 215 -18.15 15.12 39.78
N THR A 216 -16.96 15.47 39.28
CA THR A 216 -16.81 16.25 38.06
C THR A 216 -15.94 15.57 37.02
N GLU A 217 -15.30 14.46 37.35
CA GLU A 217 -14.63 13.60 36.39
C GLU A 217 -15.14 12.17 36.49
N GLY A 218 -16.34 11.98 37.03
CA GLY A 218 -16.86 10.67 37.31
C GLY A 218 -16.36 10.15 38.64
N TYR A 219 -16.88 8.98 39.01
CA TYR A 219 -16.49 8.32 40.24
C TYR A 219 -15.76 7.02 39.91
N VAL A 220 -14.75 6.71 40.72
CA VAL A 220 -13.97 5.50 40.48
C VAL A 220 -14.84 4.26 40.60
N GLU A 221 -15.90 4.33 41.41
CA GLU A 221 -16.89 3.29 41.57
C GLU A 221 -18.25 3.95 41.55
N PRO A 222 -19.27 3.30 41.00
CA PRO A 222 -20.57 3.98 40.83
C PRO A 222 -21.18 4.50 42.13
N ASP A 223 -20.76 3.98 43.28
CA ASP A 223 -21.22 4.52 44.56
C ASP A 223 -20.05 4.64 45.54
N CYS A 224 -18.93 5.14 45.04
CA CYS A 224 -17.74 5.24 45.86
C CYS A 224 -17.91 6.30 46.94
N PRO A 225 -17.16 6.19 48.04
CA PRO A 225 -17.18 7.25 49.05
C PRO A 225 -16.60 8.53 48.50
N CYS A 226 -17.29 9.64 48.76
CA CYS A 226 -16.91 10.93 48.19
C CYS A 226 -16.50 11.93 49.26
N LEU A 227 -17.36 12.21 50.22
CA LEU A 227 -17.03 13.15 51.28
C LEU A 227 -15.96 12.55 52.18
N ALA A 228 -15.10 13.40 52.73
CA ALA A 228 -14.00 12.95 53.56
C ALA A 228 -13.83 13.90 54.74
N VAL A 229 -13.84 13.36 55.95
CA VAL A 229 -13.66 14.13 57.17
C VAL A 229 -12.44 13.58 57.91
N CYS A 230 -11.59 14.46 58.41
CA CYS A 230 -10.49 14.05 59.27
C CYS A 230 -10.46 14.95 60.49
N PHE A 231 -9.82 14.45 61.54
CA PHE A 231 -9.65 15.20 62.78
C PHE A 231 -8.17 15.34 63.10
N ASP A 232 -7.84 16.39 63.84
CA ASP A 232 -6.44 16.70 64.12
C ASP A 232 -5.74 15.58 64.88
N ASN A 233 -6.50 14.73 65.58
CA ASN A 233 -5.87 13.59 66.25
C ASN A 233 -5.27 12.62 65.25
N GLY A 234 -5.93 12.39 64.12
CA GLY A 234 -5.33 11.60 63.07
C GLY A 234 -6.26 10.61 62.38
N ARG A 235 -7.49 10.50 62.83
CA ARG A 235 -8.42 9.51 62.29
C ARG A 235 -9.38 10.17 61.30
N CYS A 236 -9.62 9.46 60.20
CA CYS A 236 -10.38 9.96 59.07
C CYS A 236 -11.50 9.00 58.74
N GLN A 237 -12.56 9.53 58.14
CA GLN A 237 -13.63 8.71 57.60
C GLN A 237 -13.98 9.23 56.21
N ILE A 238 -14.01 8.33 55.24
CA ILE A 238 -14.34 8.65 53.87
C ILE A 238 -15.76 8.12 53.63
N MET A 239 -16.73 9.00 53.74
CA MET A 239 -18.14 8.64 53.76
C MET A 239 -18.87 9.28 52.59
N ARG A 240 -19.88 8.58 52.09
CA ARG A 240 -20.74 9.10 51.04
C ARG A 240 -22.00 9.68 51.69
N HIS A 241 -22.40 10.87 51.21
CA HIS A 241 -23.47 11.67 51.83
C HIS A 241 -23.41 11.60 53.35
N GLU A 242 -24.55 11.36 54.01
CA GLU A 242 -24.59 11.12 55.45
C GLU A 242 -24.68 9.61 55.66
N ASN A 243 -23.52 9.00 55.86
CA ASN A 243 -23.40 7.57 56.10
C ASN A 243 -23.55 7.26 57.58
N ASP A 244 -23.68 5.97 57.87
CA ASP A 244 -23.55 5.46 59.23
C ASP A 244 -22.47 4.39 59.35
N GLN A 245 -22.24 3.60 58.31
CA GLN A 245 -21.04 2.79 58.18
C GLN A 245 -20.24 3.31 57.00
N ASN A 246 -18.92 3.38 57.16
CA ASN A 246 -18.10 4.09 56.20
C ASN A 246 -16.61 3.80 56.37
N PRO A 247 -15.82 3.87 55.30
CA PRO A 247 -14.38 3.61 55.41
C PRO A 247 -13.71 4.45 56.49
N VAL A 248 -13.23 3.78 57.53
CA VAL A 248 -12.53 4.41 58.64
C VAL A 248 -11.03 4.22 58.44
N LEU A 249 -10.25 5.23 58.81
CA LEU A 249 -8.80 5.23 58.64
C LEU A 249 -8.16 5.80 59.91
N ILE A 250 -7.03 5.22 60.29
CA ILE A 250 -6.24 5.71 61.41
C ILE A 250 -4.88 6.13 60.87
N ASP A 251 -4.42 7.31 61.29
CA ASP A 251 -3.15 7.84 60.87
C ASP A 251 -2.32 8.19 62.09
N THR A 252 -1.00 8.16 61.93
CA THR A 252 -0.13 8.75 62.93
C THR A 252 0.18 10.20 62.58
N GLY A 253 -0.86 10.95 62.21
CA GLY A 253 -0.71 12.34 61.88
C GLY A 253 -1.04 13.24 63.05
N MET A 254 -0.03 13.70 63.77
CA MET A 254 -0.27 14.61 64.88
C MET A 254 -0.60 15.99 64.32
N TYR A 255 -1.75 16.52 64.72
CA TYR A 255 -2.29 17.76 64.17
C TYR A 255 -2.26 17.71 62.64
N VAL A 256 -3.06 16.79 62.09
CA VAL A 256 -3.23 16.71 60.64
C VAL A 256 -3.60 18.08 60.11
N VAL A 257 -2.91 18.50 59.06
CA VAL A 257 -2.96 19.90 58.66
C VAL A 257 -3.95 20.09 57.51
N GLY A 258 -4.17 19.05 56.70
CA GLY A 258 -5.06 19.25 55.58
C GLY A 258 -5.52 17.97 54.91
N ILE A 259 -6.60 18.12 54.14
CA ILE A 259 -7.19 17.07 53.32
C ILE A 259 -7.34 17.61 51.91
N GLN A 260 -6.97 16.81 50.91
CA GLN A 260 -7.24 17.21 49.54
C GLN A 260 -7.56 15.98 48.70
N TRP A 261 -8.74 15.97 48.10
CA TRP A 261 -9.08 14.95 47.13
C TRP A 261 -8.32 15.18 45.83
N ASN A 262 -8.23 14.12 45.04
CA ASN A 262 -7.71 14.23 43.69
C ASN A 262 -8.75 14.93 42.81
N HIS A 263 -8.33 15.33 41.61
CA HIS A 263 -9.27 15.92 40.68
C HIS A 263 -10.31 14.92 40.21
N MET A 264 -9.94 13.64 40.13
CA MET A 264 -10.88 12.57 39.83
C MET A 264 -11.44 11.93 41.09
N GLY A 265 -11.05 12.40 42.27
CA GLY A 265 -11.54 11.80 43.49
C GLY A 265 -11.13 10.35 43.66
N SER A 266 -9.94 9.99 43.21
CA SER A 266 -9.44 8.63 43.33
C SER A 266 -8.29 8.50 44.30
N VAL A 267 -7.71 9.61 44.75
CA VAL A 267 -6.66 9.60 45.76
C VAL A 267 -6.96 10.72 46.75
N LEU A 268 -6.80 10.43 48.03
CA LEU A 268 -6.96 11.41 49.09
C LEU A 268 -5.60 11.68 49.72
N ALA A 269 -5.22 12.94 49.78
CA ALA A 269 -3.93 13.35 50.32
C ALA A 269 -4.15 13.98 51.69
N VAL A 270 -3.52 13.39 52.71
CA VAL A 270 -3.65 13.83 54.10
C VAL A 270 -2.31 14.40 54.54
N ALA A 271 -2.28 15.69 54.87
CA ALA A 271 -1.04 16.38 55.21
C ALA A 271 -0.98 16.63 56.70
N GLY A 272 0.08 16.15 57.32
CA GLY A 272 0.30 16.35 58.73
C GLY A 272 1.75 16.10 59.09
N PHE A 273 1.98 15.69 60.33
CA PHE A 273 3.32 15.33 60.78
C PHE A 273 3.20 14.43 61.99
N GLN A 274 3.95 13.33 62.00
CA GLN A 274 3.96 12.45 63.15
C GLN A 274 4.79 13.05 64.28
N LYS A 275 4.59 12.52 65.49
CA LYS A 275 5.35 13.00 66.64
C LYS A 275 6.84 12.72 66.46
N ALA A 276 7.18 11.53 65.97
CA ALA A 276 8.56 11.12 65.74
C ALA A 276 9.41 11.24 67.00
N VAL A 283 9.96 15.63 59.48
CA VAL A 283 8.91 14.96 60.22
C VAL A 283 7.56 15.23 59.57
N ASN A 284 7.57 15.98 58.48
CA ASN A 284 6.35 16.34 57.77
C ASN A 284 5.99 15.23 56.78
N ILE A 285 4.68 15.01 56.60
CA ILE A 285 4.18 13.88 55.84
C ILE A 285 2.97 14.30 55.04
N VAL A 286 2.86 13.76 53.82
CA VAL A 286 1.64 13.84 53.02
C VAL A 286 1.30 12.41 52.60
N GLN A 287 0.48 11.74 53.40
CA GLN A 287 0.06 10.39 53.08
C GLN A 287 -1.00 10.39 51.98
N PHE A 288 -1.16 9.24 51.34
CA PHE A 288 -2.12 9.08 50.27
C PHE A 288 -2.95 7.83 50.51
N TYR A 289 -4.25 7.93 50.23
CA TYR A 289 -5.19 6.83 50.42
C TYR A 289 -6.10 6.72 49.21
N THR A 290 -6.69 5.56 49.07
CA THR A 290 -7.75 5.37 48.09
C THR A 290 -9.10 5.72 48.71
N PRO A 291 -10.12 5.98 47.89
CA PRO A 291 -11.44 6.29 48.46
C PRO A 291 -12.00 5.19 49.33
N PHE A 292 -11.58 3.95 49.15
CA PHE A 292 -12.06 2.83 49.94
C PHE A 292 -11.16 2.55 51.14
N GLY A 293 -10.15 3.37 51.38
CA GLY A 293 -9.34 3.26 52.58
C GLY A 293 -8.01 2.55 52.42
N GLU A 294 -7.61 2.20 51.20
CA GLU A 294 -6.34 1.53 51.01
C GLU A 294 -5.20 2.55 51.01
N HIS A 295 -4.16 2.26 51.79
CA HIS A 295 -3.01 3.13 51.85
C HIS A 295 -2.20 3.04 50.56
N LEU A 296 -1.47 4.12 50.23
CA LEU A 296 -0.70 4.16 49.01
C LEU A 296 0.74 4.65 49.17
N GLY A 297 1.07 5.40 50.21
CA GLY A 297 2.45 5.79 50.40
C GLY A 297 2.60 6.91 51.41
N THR A 298 3.75 7.57 51.34
CA THR A 298 4.14 8.63 52.26
C THR A 298 5.23 9.46 51.60
N LEU A 299 5.14 10.79 51.73
CA LEU A 299 5.98 11.68 50.93
C LEU A 299 7.20 12.20 51.68
N LYS A 300 7.11 12.41 53.00
CA LYS A 300 8.24 12.83 53.82
C LYS A 300 8.82 14.16 53.33
N VAL A 301 8.00 15.20 53.46
CA VAL A 301 8.38 16.56 53.08
C VAL A 301 9.37 17.13 54.09
N PRO A 302 10.39 17.88 53.65
CA PRO A 302 11.27 18.56 54.60
C PRO A 302 10.63 19.79 55.22
N GLY A 303 11.39 20.55 55.99
CA GLY A 303 10.90 21.80 56.56
C GLY A 303 10.34 21.63 57.95
N LYS A 304 9.86 22.75 58.48
CA LYS A 304 9.35 22.78 59.86
C LYS A 304 7.95 22.18 59.94
N GLU A 305 6.99 22.79 59.24
CA GLU A 305 5.59 22.38 59.37
C GLU A 305 4.87 22.65 58.06
N ILE A 306 4.02 21.71 57.66
CA ILE A 306 3.16 21.90 56.49
C ILE A 306 2.01 22.80 56.88
N SER A 307 1.41 23.46 55.88
CA SER A 307 0.29 24.33 56.11
C SER A 307 -0.91 24.08 55.21
N ALA A 308 -0.72 23.55 54.00
CA ALA A 308 -1.82 23.31 53.10
C ALA A 308 -1.36 22.47 51.92
N LEU A 309 -2.30 21.74 51.33
CA LEU A 309 -2.13 21.02 50.08
C LEU A 309 -2.94 21.67 48.97
N SER A 310 -2.56 21.37 47.73
CA SER A 310 -3.39 21.70 46.58
C SER A 310 -2.95 20.91 45.37
N TRP A 311 -3.84 20.10 44.81
CA TRP A 311 -3.48 19.32 43.63
C TRP A 311 -3.46 20.22 42.39
N GLU A 312 -2.80 19.73 41.35
CA GLU A 312 -2.89 20.38 40.06
C GLU A 312 -4.27 20.14 39.46
N GLY A 313 -4.50 20.71 38.28
CA GLY A 313 -5.73 20.41 37.56
C GLY A 313 -5.79 18.96 37.12
N GLY A 314 -4.68 18.41 36.67
CA GLY A 314 -4.58 17.04 36.23
C GLY A 314 -4.17 16.05 37.28
N GLY A 315 -4.00 16.48 38.53
CA GLY A 315 -3.61 15.57 39.58
C GLY A 315 -2.20 15.02 39.47
N LEU A 316 -1.38 15.57 38.58
CA LEU A 316 -0.02 15.08 38.42
C LEU A 316 0.98 15.77 39.35
N LYS A 317 0.71 17.01 39.72
CA LYS A 317 1.56 17.76 40.63
C LYS A 317 0.73 18.21 41.83
N ILE A 318 1.34 18.20 43.01
CA ILE A 318 0.71 18.67 44.23
C ILE A 318 1.63 19.69 44.89
N ALA A 319 1.09 20.88 45.15
CA ALA A 319 1.83 21.96 45.79
C ALA A 319 1.43 22.02 47.26
N LEU A 320 2.43 22.09 48.12
CA LEU A 320 2.20 22.00 49.56
C LEU A 320 3.07 23.01 50.28
N ALA A 321 2.47 23.71 51.24
CA ALA A 321 3.07 24.88 51.86
C ALA A 321 3.86 24.47 53.10
N VAL A 322 5.17 24.65 53.06
CA VAL A 322 6.03 24.39 54.20
C VAL A 322 6.83 25.66 54.48
N ASP A 323 6.58 26.29 55.63
CA ASP A 323 7.23 27.54 56.00
C ASP A 323 7.06 28.58 54.90
N SER A 324 8.18 29.12 54.41
CA SER A 324 8.17 30.11 53.34
C SER A 324 8.39 29.48 51.97
N PHE A 325 8.04 28.22 51.80
CA PHE A 325 8.30 27.49 50.57
C PHE A 325 7.04 26.79 50.11
N ILE A 326 6.91 26.67 48.78
CA ILE A 326 5.83 25.91 48.17
C ILE A 326 6.45 24.68 47.52
N TYR A 327 6.54 23.59 48.24
CA TYR A 327 7.17 22.39 47.70
C TYR A 327 6.22 21.71 46.72
N PHE A 328 6.76 21.35 45.57
CA PHE A 328 5.98 20.66 44.54
C PHE A 328 6.39 19.20 44.50
N ALA A 329 5.41 18.32 44.42
CA ALA A 329 5.65 16.89 44.30
C ALA A 329 5.01 16.41 43.00
N ASN A 330 5.78 15.67 42.21
CA ASN A 330 5.26 15.04 41.01
C ASN A 330 4.64 13.70 41.37
N ILE A 331 3.50 13.41 40.76
CA ILE A 331 2.68 12.25 41.07
C ILE A 331 2.52 11.41 39.81
N ARG A 332 2.71 10.10 39.95
CA ARG A 332 2.42 9.14 38.90
C ARG A 332 1.22 8.33 39.32
N PRO A 333 0.05 8.55 38.73
CA PRO A 333 -1.16 7.81 39.13
C PRO A 333 -1.18 6.43 38.49
N ASN A 334 -2.23 5.67 38.80
CA ASN A 334 -2.41 4.32 38.31
C ASN A 334 -3.37 4.37 37.12
N TYR A 335 -2.82 4.64 35.94
CA TYR A 335 -3.61 4.66 34.73
C TYR A 335 -3.98 3.24 34.30
N LYS A 336 -5.19 3.10 33.76
CA LYS A 336 -5.66 1.81 33.25
C LYS A 336 -5.43 1.80 31.75
N TRP A 337 -4.21 1.44 31.37
CA TRP A 337 -3.79 1.46 29.98
C TRP A 337 -3.15 0.13 29.61
N GLY A 338 -2.97 -0.05 28.31
CA GLY A 338 -2.38 -1.27 27.77
C GLY A 338 -2.03 -1.05 26.32
N TYR A 339 -1.27 -1.98 25.78
CA TYR A 339 -0.83 -1.90 24.38
C TYR A 339 -1.00 -3.27 23.75
N CYS A 340 -1.95 -3.39 22.83
CA CYS A 340 -2.21 -4.65 22.13
C CYS A 340 -2.19 -4.38 20.63
N SER A 341 -1.38 -5.16 19.92
CA SER A 341 -1.16 -4.97 18.48
C SER A 341 -0.69 -3.53 18.29
N ASN A 342 -1.24 -2.75 17.36
CA ASN A 342 -0.91 -1.34 17.22
C ASN A 342 -1.93 -0.44 17.90
N THR A 343 -2.54 -0.92 18.98
CA THR A 343 -3.63 -0.22 19.64
C THR A 343 -3.22 0.13 21.06
N VAL A 344 -3.33 1.40 21.40
CA VAL A 344 -3.20 1.86 22.78
C VAL A 344 -4.60 1.86 23.40
N VAL A 345 -4.78 1.05 24.43
CA VAL A 345 -6.01 0.99 25.18
C VAL A 345 -5.85 1.86 26.42
N TYR A 346 -6.82 2.74 26.65
CA TYR A 346 -6.74 3.58 27.84
C TYR A 346 -8.15 3.88 28.34
N ALA A 347 -8.33 3.79 29.64
CA ALA A 347 -9.65 3.92 30.26
C ALA A 347 -9.71 5.15 31.15
N TYR A 348 -10.87 5.78 31.19
CA TYR A 348 -11.08 6.95 32.04
C TYR A 348 -12.56 7.06 32.39
N THR A 349 -12.84 7.73 33.50
CA THR A 349 -14.20 7.97 33.92
C THR A 349 -14.65 9.36 33.52
N ARG A 350 -15.95 9.53 33.30
CA ARG A 350 -16.51 10.76 32.80
C ARG A 350 -17.80 11.10 33.54
N PRO A 351 -18.12 12.38 33.68
CA PRO A 351 -19.27 12.77 34.52
C PRO A 351 -20.60 12.21 34.04
N ASP A 352 -20.82 12.15 32.73
CA ASP A 352 -22.15 11.81 32.23
C ASP A 352 -22.48 10.34 32.43
N ARG A 353 -21.54 9.46 32.15
CA ARG A 353 -21.92 8.07 32.27
C ARG A 353 -21.30 7.45 33.52
N PRO A 354 -22.01 6.52 34.17
CA PRO A 354 -21.52 5.95 35.42
C PRO A 354 -20.55 4.79 35.26
N GLU A 355 -20.11 4.48 34.04
CA GLU A 355 -19.17 3.39 33.82
C GLU A 355 -17.95 3.89 33.06
N TYR A 356 -16.83 3.17 33.24
CA TYR A 356 -15.57 3.54 32.61
C TYR A 356 -15.71 3.58 31.10
N CYS A 357 -15.14 4.61 30.47
CA CYS A 357 -15.04 4.70 29.02
C CYS A 357 -13.64 4.26 28.63
N VAL A 358 -13.55 3.18 27.86
CA VAL A 358 -12.28 2.57 27.48
C VAL A 358 -12.10 2.79 25.98
N VAL A 359 -11.05 3.50 25.61
CA VAL A 359 -10.78 3.82 24.22
C VAL A 359 -9.69 2.86 23.73
N PHE A 360 -10.03 2.05 22.74
CA PHE A 360 -9.08 1.20 22.04
C PHE A 360 -8.52 1.95 20.83
N TRP A 361 -7.73 2.98 21.12
CA TRP A 361 -7.23 3.85 20.07
C TRP A 361 -6.23 3.09 19.23
N ASP A 362 -6.64 2.65 18.04
CA ASP A 362 -5.75 1.96 17.13
C ASP A 362 -4.85 2.98 16.44
N THR A 363 -3.56 2.95 16.76
CA THR A 363 -2.65 3.98 16.26
C THR A 363 -2.33 3.80 14.79
N LYS A 364 -2.42 2.56 14.27
CA LYS A 364 -2.03 2.32 12.89
C LYS A 364 -2.95 3.05 11.92
N ASN A 365 -4.26 3.04 12.15
CA ASN A 365 -5.22 3.69 11.29
C ASN A 365 -5.80 4.96 11.89
N ASN A 366 -5.27 5.41 13.03
CA ASN A 366 -5.80 6.58 13.73
C ASN A 366 -7.30 6.46 13.95
N GLU A 367 -7.72 5.29 14.42
CA GLU A 367 -9.12 5.01 14.69
C GLU A 367 -9.35 4.84 16.18
N LYS A 368 -10.57 5.15 16.61
CA LYS A 368 -10.96 5.01 18.01
C LYS A 368 -12.08 3.99 18.12
N TYR A 369 -12.15 3.33 19.27
CA TYR A 369 -13.16 2.31 19.53
C TYR A 369 -13.54 2.44 21.00
N VAL A 370 -14.60 3.20 21.26
CA VAL A 370 -15.02 3.50 22.61
C VAL A 370 -15.95 2.40 23.11
N LYS A 371 -15.58 1.81 24.24
CA LYS A 371 -16.42 0.85 24.93
C LYS A 371 -16.76 1.40 26.30
N TYR A 372 -17.86 0.91 26.87
CA TYR A 372 -18.28 1.32 28.20
C TYR A 372 -18.37 0.10 29.09
N VAL A 373 -17.61 0.11 30.18
CA VAL A 373 -17.36 -1.07 31.01
C VAL A 373 -17.72 -0.73 32.45
N LYS A 374 -18.41 -1.64 33.12
CA LYS A 374 -18.96 -1.33 34.45
C LYS A 374 -17.89 -1.40 35.54
N GLY A 375 -17.31 -2.57 35.76
CA GLY A 375 -16.37 -2.73 36.85
C GLY A 375 -14.98 -2.24 36.54
N LEU A 376 -14.33 -2.86 35.57
CA LEU A 376 -13.00 -2.50 35.09
C LEU A 376 -12.00 -2.37 36.23
N ILE A 377 -11.73 -3.52 36.85
CA ILE A 377 -10.69 -3.57 37.88
C ILE A 377 -9.32 -3.30 37.27
N SER A 378 -9.03 -3.88 36.10
CA SER A 378 -7.71 -3.70 35.50
C SER A 378 -7.79 -3.86 33.99
N ILE A 379 -6.76 -3.36 33.31
CA ILE A 379 -6.53 -3.62 31.90
C ILE A 379 -5.14 -4.22 31.74
N THR A 380 -5.06 -5.37 31.08
CA THR A 380 -3.79 -6.03 30.81
C THR A 380 -3.73 -6.39 29.33
N THR A 381 -2.52 -6.41 28.78
CA THR A 381 -2.35 -6.72 27.37
C THR A 381 -1.17 -7.64 27.17
N CYS A 382 -1.26 -8.46 26.12
CA CYS A 382 -0.15 -9.31 25.69
C CYS A 382 -0.41 -9.79 24.26
N GLY A 383 0.51 -9.48 23.35
CA GLY A 383 0.25 -9.81 21.96
C GLY A 383 -0.89 -8.97 21.43
N ASP A 384 -1.68 -9.56 20.53
CA ASP A 384 -2.82 -8.88 19.93
C ASP A 384 -4.11 -9.18 20.69
N PHE A 385 -4.09 -9.03 22.01
CA PHE A 385 -5.24 -9.36 22.84
C PHE A 385 -5.21 -8.45 24.06
N CYS A 386 -6.35 -8.39 24.77
CA CYS A 386 -6.42 -7.55 25.95
C CYS A 386 -7.44 -8.10 26.93
N ILE A 387 -7.01 -8.32 28.18
CA ILE A 387 -7.90 -8.79 29.23
C ILE A 387 -8.34 -7.60 30.06
N LEU A 388 -9.65 -7.35 30.07
CA LEU A 388 -10.26 -6.39 30.98
C LEU A 388 -10.79 -7.15 32.18
N ALA A 389 -10.22 -6.90 33.35
CA ALA A 389 -10.68 -7.50 34.59
C ALA A 389 -11.76 -6.60 35.19
N THR A 390 -12.98 -7.11 35.25
CA THR A 390 -14.15 -6.33 35.63
C THR A 390 -14.93 -7.06 36.72
N LYS A 391 -15.86 -6.33 37.33
CA LYS A 391 -16.74 -6.87 38.36
C LYS A 391 -18.17 -6.86 37.81
N ALA A 392 -18.82 -8.03 37.83
CA ALA A 392 -20.14 -8.17 37.25
C ALA A 392 -21.19 -7.66 38.24
N ASP A 393 -22.46 -7.95 37.95
CA ASP A 393 -23.57 -7.55 38.82
C ASP A 393 -23.42 -8.10 40.23
N ALA A 408 -19.07 -17.17 39.64
CA ALA A 408 -19.26 -16.30 38.49
C ALA A 408 -19.66 -14.90 38.93
N THR A 409 -18.81 -14.27 39.74
CA THR A 409 -19.06 -12.92 40.22
C THR A 409 -18.18 -11.87 39.55
N PHE A 410 -16.95 -12.21 39.20
CA PHE A 410 -16.05 -11.32 38.49
C PHE A 410 -15.86 -11.82 37.07
N VAL A 411 -15.53 -10.91 36.16
CA VAL A 411 -15.42 -11.22 34.74
C VAL A 411 -14.02 -10.88 34.26
N LEU A 412 -13.48 -11.70 33.37
CA LEU A 412 -12.28 -11.39 32.62
C LEU A 412 -12.68 -11.40 31.16
N VAL A 413 -12.82 -10.22 30.57
CA VAL A 413 -13.22 -10.08 29.17
C VAL A 413 -11.96 -10.12 28.32
N LEU A 414 -11.85 -11.15 27.48
CA LEU A 414 -10.77 -11.24 26.52
C LEU A 414 -11.22 -10.56 25.23
N CYS A 415 -10.54 -9.47 24.87
CA CYS A 415 -10.92 -8.60 23.77
C CYS A 415 -9.84 -8.58 22.70
N ASN A 416 -10.27 -8.25 21.49
CA ASN A 416 -9.38 -8.01 20.37
C ASN A 416 -8.67 -6.67 20.57
N SER A 417 -7.91 -6.26 19.57
CA SER A 417 -7.25 -4.96 19.58
C SER A 417 -8.16 -3.83 19.15
N ILE A 418 -9.39 -4.13 18.74
CA ILE A 418 -10.35 -3.10 18.36
C ILE A 418 -11.54 -3.07 19.31
N GLY A 419 -11.49 -3.81 20.42
CA GLY A 419 -12.44 -3.71 21.48
C GLY A 419 -13.47 -4.83 21.54
N THR A 420 -13.61 -5.60 20.48
CA THR A 420 -14.65 -6.62 20.44
C THR A 420 -14.38 -7.69 21.49
N PRO A 421 -15.30 -7.96 22.41
CA PRO A 421 -15.06 -8.99 23.42
C PRO A 421 -15.12 -10.39 22.83
N LEU A 422 -13.95 -11.04 22.70
CA LEU A 422 -13.93 -12.38 22.15
C LEU A 422 -14.46 -13.40 23.15
N ASP A 423 -14.12 -13.25 24.42
CA ASP A 423 -14.54 -14.27 25.39
C ASP A 423 -14.66 -13.70 26.80
N PRO A 424 -15.88 -13.54 27.33
CA PRO A 424 -16.02 -13.20 28.75
C PRO A 424 -15.97 -14.46 29.60
N LYS A 425 -14.92 -14.58 30.41
CA LYS A 425 -14.75 -15.73 31.30
C LYS A 425 -15.10 -15.31 32.72
N TYR A 426 -16.10 -15.96 33.31
CA TYR A 426 -16.57 -15.62 34.64
C TYR A 426 -15.82 -16.43 35.67
N ILE A 427 -15.12 -15.75 36.58
CA ILE A 427 -14.38 -16.38 37.67
C ILE A 427 -14.85 -15.77 38.98
N ASP A 428 -14.58 -16.48 40.07
CA ASP A 428 -15.07 -16.07 41.39
C ASP A 428 -14.06 -15.28 42.20
N ILE A 429 -12.79 -15.69 42.22
CA ILE A 429 -11.80 -14.97 42.99
C ILE A 429 -11.62 -13.57 42.39
N VAL A 430 -11.20 -12.64 43.24
CA VAL A 430 -11.08 -11.25 42.82
C VAL A 430 -9.87 -11.11 41.91
N PRO A 431 -10.04 -10.61 40.70
CA PRO A 431 -8.89 -10.41 39.80
C PRO A 431 -8.09 -9.17 40.17
N LEU A 432 -7.56 -9.16 41.39
CA LEU A 432 -6.81 -8.00 41.87
C LEU A 432 -5.55 -7.78 41.05
N PHE A 433 -4.84 -8.85 40.71
CA PHE A 433 -3.63 -8.78 39.92
C PHE A 433 -3.79 -9.69 38.71
N VAL A 434 -3.66 -9.13 37.51
CA VAL A 434 -3.82 -9.90 36.29
C VAL A 434 -2.52 -9.88 35.52
N ALA A 435 -1.97 -11.04 35.23
CA ALA A 435 -0.76 -11.19 34.43
C ALA A 435 -1.10 -12.03 33.21
N MET A 436 -0.86 -11.49 32.03
CA MET A 436 -1.31 -12.09 30.79
C MET A 436 -0.09 -12.43 29.94
N THR A 437 0.13 -13.73 29.72
CA THR A 437 1.09 -14.22 28.76
C THR A 437 0.32 -14.71 27.55
N LYS A 438 0.97 -14.72 26.39
CA LYS A 438 0.31 -15.32 25.23
C LYS A 438 0.08 -16.79 25.51
N THR A 439 -1.19 -17.20 25.44
CA THR A 439 -1.75 -18.53 25.77
C THR A 439 -1.95 -18.75 27.27
N HIS A 440 -1.87 -17.73 28.11
CA HIS A 440 -2.20 -17.94 29.53
C HIS A 440 -2.61 -16.63 30.17
N VAL A 441 -3.55 -16.71 31.11
CA VAL A 441 -3.98 -15.58 31.91
C VAL A 441 -4.05 -16.01 33.36
N ILE A 442 -3.39 -15.24 34.24
CA ILE A 442 -3.32 -15.56 35.65
C ILE A 442 -3.94 -14.41 36.41
N ALA A 443 -5.07 -14.67 37.08
CA ALA A 443 -5.76 -13.68 37.88
C ALA A 443 -5.64 -14.08 39.34
N ALA A 444 -4.96 -13.25 40.12
CA ALA A 444 -4.61 -13.56 41.49
C ALA A 444 -5.26 -12.56 42.43
N SER A 445 -5.92 -13.07 43.46
CA SER A 445 -6.40 -12.26 44.56
C SER A 445 -5.33 -12.23 45.64
N LYS A 446 -5.67 -11.76 46.83
CA LYS A 446 -4.70 -11.69 47.92
C LYS A 446 -4.38 -13.06 48.51
N GLU A 447 -5.11 -14.12 48.14
CA GLU A 447 -4.90 -15.42 48.74
C GLU A 447 -4.95 -16.59 47.77
N ALA A 448 -5.16 -16.36 46.48
CA ALA A 448 -5.18 -17.45 45.51
C ALA A 448 -4.95 -16.89 44.12
N PHE A 449 -4.61 -17.77 43.19
CA PHE A 449 -4.48 -17.37 41.80
C PHE A 449 -5.12 -18.42 40.89
N TYR A 450 -5.65 -17.93 39.77
CA TYR A 450 -6.42 -18.73 38.83
C TYR A 450 -5.76 -18.64 37.47
N THR A 451 -5.49 -19.80 36.88
CA THR A 451 -4.80 -19.92 35.60
C THR A 451 -5.77 -20.41 34.54
N TRP A 452 -5.84 -19.69 33.43
CA TRP A 452 -6.76 -20.00 32.34
C TRP A 452 -6.01 -19.86 31.03
N GLN A 453 -5.94 -20.95 30.27
CA GLN A 453 -5.30 -20.95 28.96
C GLN A 453 -6.31 -20.53 27.91
N TYR A 454 -6.09 -19.36 27.31
CA TYR A 454 -7.04 -18.77 26.39
C TYR A 454 -6.62 -18.89 24.93
N ARG A 455 -5.53 -19.60 24.65
CA ARG A 455 -4.99 -19.64 23.30
C ARG A 455 -4.01 -20.80 23.20
N VAL A 456 -3.66 -21.13 21.96
CA VAL A 456 -2.68 -22.16 21.65
C VAL A 456 -1.70 -21.60 20.64
N ALA A 457 -0.41 -21.82 20.89
CA ALA A 457 0.64 -21.33 20.00
C ALA A 457 0.55 -21.96 18.61
N SER A 471 -5.25 -22.50 17.24
CA SER A 471 -4.79 -21.31 17.93
C SER A 471 -5.95 -20.53 18.52
N ARG A 472 -6.73 -21.20 19.37
CA ARG A 472 -7.91 -20.59 19.96
C ARG A 472 -8.11 -21.18 21.35
N LYS A 473 -9.31 -21.01 21.91
CA LYS A 473 -9.58 -21.40 23.29
C LYS A 473 -9.35 -22.89 23.50
N GLU A 474 -8.44 -23.22 24.40
CA GLU A 474 -8.23 -24.58 24.86
C GLU A 474 -8.32 -24.59 26.39
N GLY A 475 -9.36 -23.95 26.91
CA GLY A 475 -9.50 -23.65 28.33
C GLY A 475 -9.16 -24.77 29.29
N ARG A 476 -8.15 -24.54 30.12
CA ARG A 476 -7.77 -25.43 31.21
C ARG A 476 -7.71 -24.56 32.45
N GLU A 477 -8.85 -24.37 33.10
CA GLU A 477 -8.97 -23.46 34.23
C GLU A 477 -8.59 -24.18 35.52
N ARG A 478 -7.71 -23.56 36.30
CA ARG A 478 -7.27 -24.11 37.57
C ARG A 478 -7.19 -23.00 38.60
N ILE A 479 -7.34 -23.35 39.86
CA ILE A 479 -7.27 -22.41 40.98
C ILE A 479 -6.34 -22.99 42.02
N TYR A 480 -5.40 -22.18 42.51
CA TYR A 480 -4.44 -22.62 43.52
C TYR A 480 -4.41 -21.61 44.66
N HIS A 481 -4.48 -22.12 45.88
CA HIS A 481 -4.13 -21.33 47.04
C HIS A 481 -2.62 -21.10 47.05
N VAL A 482 -2.20 -19.99 47.68
CA VAL A 482 -0.78 -19.65 47.66
C VAL A 482 0.04 -20.66 48.45
N ASP A 483 -0.51 -21.19 49.54
CA ASP A 483 0.18 -22.13 50.40
C ASP A 483 -0.12 -23.59 50.05
N ASP A 484 -0.51 -23.87 48.81
CA ASP A 484 -0.90 -25.22 48.43
C ASP A 484 0.26 -26.08 47.99
N THR A 485 1.33 -25.47 47.45
CA THR A 485 2.46 -26.19 46.88
C THR A 485 1.98 -27.24 45.89
N PRO A 486 1.40 -26.83 44.76
CA PRO A 486 0.86 -27.81 43.81
C PRO A 486 1.95 -28.69 43.23
N SER A 487 1.59 -29.94 42.92
CA SER A 487 2.52 -30.91 42.36
C SER A 487 2.72 -30.64 40.87
N GLY A 488 3.35 -31.59 40.18
CA GLY A 488 3.63 -31.39 38.76
C GLY A 488 2.38 -31.13 37.95
N SER A 489 1.30 -31.82 38.26
CA SER A 489 0.01 -31.62 37.58
C SER A 489 -1.08 -32.19 38.48
N MET A 490 -2.31 -32.19 37.97
CA MET A 490 -3.45 -32.69 38.70
C MET A 490 -4.55 -33.17 37.77
N GLY A 492 -7.74 -32.12 40.84
CA GLY A 492 -8.89 -31.25 41.00
C GLY A 492 -9.00 -30.19 39.92
N VAL A 493 -10.21 -29.99 39.42
CA VAL A 493 -10.48 -29.02 38.36
C VAL A 493 -11.53 -28.05 38.88
N LEU A 494 -11.20 -26.74 38.84
CA LEU A 494 -12.12 -25.68 39.25
C LEU A 494 -12.65 -25.90 40.66
N ASP A 495 -11.76 -26.27 41.57
CA ASP A 495 -12.10 -26.40 42.98
C ASP A 495 -11.94 -25.04 43.65
N TYR A 496 -13.04 -24.44 44.07
CA TYR A 496 -13.03 -23.08 44.58
C TYR A 496 -12.98 -23.01 46.10
N SER A 497 -12.75 -24.14 46.77
CA SER A 497 -12.63 -24.12 48.22
C SER A 497 -11.30 -23.55 48.70
N LYS A 498 -10.35 -23.33 47.79
CA LYS A 498 -9.02 -22.86 48.16
C LYS A 498 -8.93 -21.34 48.30
N THR A 499 -9.96 -20.61 47.91
CA THR A 499 -9.91 -19.15 47.92
C THR A 499 -10.50 -18.54 49.19
N ILE A 500 -10.88 -19.37 50.16
CA ILE A 500 -11.48 -18.89 51.40
C ILE A 500 -10.66 -19.24 52.63
N GLN A 501 -9.51 -19.90 52.46
CA GLN A 501 -8.72 -20.31 53.62
C GLN A 501 -8.11 -19.12 54.34
N GLY A 502 -7.72 -18.08 53.60
CA GLY A 502 -7.09 -16.93 54.22
C GLY A 502 -5.61 -17.16 54.50
N THR A 503 -4.80 -16.12 54.35
CA THR A 503 -3.36 -16.24 54.53
C THR A 503 -2.84 -15.07 55.36
N ARG A 504 -1.69 -15.28 55.99
CA ARG A 504 -1.01 -14.25 56.75
C ARG A 504 0.05 -13.52 55.94
N ASP A 505 0.32 -13.97 54.71
CA ASP A 505 1.31 -13.36 53.82
C ASP A 505 0.68 -13.16 52.45
N PRO A 506 -0.14 -12.13 52.29
CA PRO A 506 -0.96 -12.01 51.08
C PRO A 506 -0.13 -11.78 49.83
N ILE A 507 -0.77 -11.97 48.69
CA ILE A 507 -0.15 -11.67 47.40
C ILE A 507 -0.12 -10.16 47.20
N CYS A 508 1.03 -9.65 46.78
CA CYS A 508 1.17 -8.25 46.44
C CYS A 508 1.31 -8.00 44.94
N ALA A 509 1.96 -8.91 44.21
CA ALA A 509 2.07 -8.78 42.77
C ALA A 509 2.33 -10.15 42.17
N ILE A 510 2.02 -10.29 40.89
CA ILE A 510 2.22 -11.53 40.16
C ILE A 510 2.70 -11.19 38.75
N THR A 511 3.45 -12.13 38.17
CA THR A 511 3.85 -12.03 36.77
C THR A 511 4.04 -13.43 36.23
N ALA A 512 4.00 -13.54 34.91
CA ALA A 512 4.11 -14.84 34.27
C ALA A 512 4.75 -14.67 32.90
N SER A 513 5.82 -15.41 32.66
CA SER A 513 6.41 -15.51 31.34
C SER A 513 5.85 -16.73 30.64
N ASP A 514 6.41 -17.09 29.49
CA ASP A 514 5.94 -18.25 28.75
C ASP A 514 6.25 -19.56 29.43
N LYS A 515 7.10 -19.57 30.45
CA LYS A 515 7.55 -20.81 31.08
C LYS A 515 7.32 -20.88 32.57
N ILE A 516 7.36 -19.76 33.28
CA ILE A 516 7.27 -19.75 34.74
C ILE A 516 6.24 -18.73 35.18
N LEU A 517 5.83 -18.86 36.44
CA LEU A 517 4.89 -17.96 37.08
C LEU A 517 5.53 -17.51 38.39
N ILE A 518 5.59 -16.21 38.61
CA ILE A 518 6.21 -15.63 39.80
C ILE A 518 5.13 -14.90 40.58
N VAL A 519 4.86 -15.37 41.80
CA VAL A 519 3.92 -14.73 42.70
C VAL A 519 4.72 -14.02 43.79
N GLY A 520 4.61 -12.69 43.83
CA GLY A 520 5.23 -11.92 44.88
C GLY A 520 4.27 -11.77 46.05
N ARG A 521 4.77 -12.00 47.25
CA ARG A 521 3.96 -11.93 48.46
C ARG A 521 4.39 -10.74 49.31
N GLU A 522 3.53 -10.37 50.25
CA GLU A 522 3.70 -9.14 51.01
C GLU A 522 4.90 -9.15 51.94
N SER A 523 5.50 -10.32 52.21
CA SER A 523 6.70 -10.37 53.03
C SER A 523 7.98 -10.27 52.21
N GLY A 524 7.86 -10.06 50.90
CA GLY A 524 9.00 -10.11 50.01
C GLY A 524 9.29 -11.46 49.42
N THR A 525 8.62 -12.51 49.90
CA THR A 525 8.81 -13.84 49.36
C THR A 525 8.17 -13.95 47.98
N ILE A 526 8.91 -14.47 47.01
CA ILE A 526 8.35 -14.78 45.70
C ILE A 526 8.38 -16.28 45.50
N GLN A 527 7.35 -16.78 44.83
CA GLN A 527 7.19 -18.20 44.57
C GLN A 527 7.16 -18.43 43.07
N ARG A 528 7.88 -19.45 42.62
CA ARG A 528 8.07 -19.72 41.21
C ARG A 528 7.49 -21.09 40.89
N TYR A 529 6.53 -21.10 39.97
CA TYR A 529 5.84 -22.30 39.50
C TYR A 529 6.13 -22.49 38.02
N SER A 530 6.03 -23.73 37.56
CA SER A 530 6.10 -24.02 36.13
C SER A 530 4.74 -23.70 35.50
N LEU A 531 4.72 -22.74 34.57
CA LEU A 531 3.45 -22.19 34.13
C LEU A 531 2.54 -23.20 33.42
N PRO A 532 2.99 -23.95 32.40
CA PRO A 532 2.04 -24.79 31.65
C PRO A 532 1.28 -25.78 32.52
N ASN A 533 1.94 -26.35 33.52
CA ASN A 533 1.29 -27.16 34.55
C ASN A 533 1.78 -26.67 35.90
N VAL A 534 0.95 -25.87 36.58
CA VAL A 534 1.37 -25.14 37.75
C VAL A 534 1.86 -26.10 38.82
N GLY A 535 3.14 -25.99 39.16
CA GLY A 535 3.75 -26.77 40.21
C GLY A 535 4.84 -25.97 40.90
N LEU A 536 4.84 -25.95 42.23
CA LEU A 536 5.72 -25.06 42.97
C LEU A 536 7.16 -25.52 42.79
N ILE A 537 7.93 -24.74 42.03
CA ILE A 537 9.33 -25.07 41.77
C ILE A 537 10.24 -24.50 42.85
N GLN A 538 10.03 -23.26 43.26
CA GLN A 538 11.00 -22.67 44.18
C GLN A 538 10.37 -21.52 44.96
N LYS A 539 10.97 -21.22 46.11
CA LYS A 539 10.68 -20.01 46.87
C LYS A 539 11.97 -19.26 47.11
N TYR A 540 11.91 -17.92 47.05
CA TYR A 540 13.13 -17.13 47.01
C TYR A 540 13.30 -16.18 48.18
N SER A 541 12.22 -15.60 48.70
CA SER A 541 12.27 -14.75 49.90
C SER A 541 13.20 -13.55 49.69
N LEU A 542 12.76 -12.66 48.81
CA LEU A 542 13.50 -11.44 48.52
C LEU A 542 13.42 -10.49 49.72
N ASN A 543 13.97 -9.28 49.55
CA ASN A 543 14.14 -8.36 50.67
C ASN A 543 12.92 -7.46 50.88
N CYS A 544 12.52 -6.72 49.85
CA CYS A 544 11.48 -5.72 49.98
C CYS A 544 10.20 -6.17 49.29
N ARG A 545 9.08 -5.61 49.74
CA ARG A 545 7.78 -5.92 49.17
C ARG A 545 7.70 -5.47 47.72
N ALA A 546 7.21 -6.35 46.86
CA ALA A 546 7.20 -6.12 45.43
C ALA A 546 5.93 -5.39 45.00
N TYR A 547 6.09 -4.42 44.10
CA TYR A 547 4.96 -3.74 43.49
C TYR A 547 4.76 -4.15 42.04
N GLN A 548 5.84 -4.19 41.26
CA GLN A 548 5.78 -4.61 39.87
C GLN A 548 6.91 -5.61 39.60
N LEU A 549 6.60 -6.64 38.82
CA LEU A 549 7.56 -7.66 38.44
C LEU A 549 7.59 -7.81 36.93
N SER A 550 8.77 -8.12 36.40
CA SER A 550 8.88 -8.40 34.97
C SER A 550 9.97 -9.43 34.74
N LEU A 551 9.77 -10.26 33.73
CA LEU A 551 10.70 -11.34 33.39
C LEU A 551 11.23 -11.14 31.98
N ASN A 552 12.52 -11.38 31.79
CA ASN A 552 13.07 -11.30 30.45
C ASN A 552 12.61 -12.49 29.61
N CYS A 553 12.91 -12.44 28.31
CA CYS A 553 12.46 -13.49 27.41
C CYS A 553 13.02 -14.86 27.79
N ASN A 554 14.24 -14.90 28.31
CA ASN A 554 14.80 -16.16 28.80
C ASN A 554 14.10 -16.66 30.04
N SER A 555 13.34 -15.81 30.73
CA SER A 555 12.80 -16.12 32.05
C SER A 555 13.91 -16.45 33.03
N SER A 556 15.10 -15.88 32.82
CA SER A 556 16.25 -16.15 33.66
C SER A 556 16.45 -15.13 34.75
N ARG A 557 15.88 -13.93 34.64
CA ARG A 557 16.00 -12.92 35.67
C ARG A 557 14.72 -12.11 35.74
N LEU A 558 14.52 -11.47 36.89
CA LEU A 558 13.30 -10.77 37.22
C LEU A 558 13.63 -9.37 37.70
N ALA A 559 13.00 -8.38 37.09
CA ALA A 559 13.11 -7.00 37.57
C ALA A 559 11.98 -6.73 38.54
N ILE A 560 12.33 -6.21 39.71
CA ILE A 560 11.38 -5.96 40.78
C ILE A 560 11.40 -4.47 41.11
N ILE A 561 10.26 -3.82 40.98
CA ILE A 561 10.06 -2.46 41.46
C ILE A 561 9.23 -2.57 42.73
N ASP A 562 9.80 -2.15 43.85
CA ASP A 562 9.12 -2.31 45.14
C ASP A 562 8.04 -1.26 45.30
N ILE A 563 7.45 -1.19 46.50
CA ILE A 563 6.37 -0.23 46.74
C ILE A 563 6.91 1.19 46.72
N SER A 564 8.15 1.40 47.15
CA SER A 564 8.75 2.72 47.21
C SER A 564 9.36 3.15 45.89
N GLY A 565 9.27 2.34 44.84
CA GLY A 565 9.79 2.69 43.55
C GLY A 565 11.19 2.21 43.26
N VAL A 566 11.88 1.63 44.24
CA VAL A 566 13.25 1.17 44.04
C VAL A 566 13.26 -0.04 43.13
N LEU A 567 14.10 -0.01 42.10
CA LEU A 567 14.20 -1.09 41.13
C LEU A 567 15.44 -1.92 41.39
N THR A 568 15.25 -3.23 41.51
CA THR A 568 16.34 -4.18 41.70
C THR A 568 16.18 -5.32 40.71
N PHE A 569 17.23 -6.11 40.58
CA PHE A 569 17.26 -7.25 39.67
C PHE A 569 17.58 -8.51 40.46
N PHE A 570 16.80 -9.55 40.23
CA PHE A 570 17.02 -10.86 40.82
C PHE A 570 17.37 -11.83 39.71
N ASP A 571 18.25 -12.77 39.98
CA ASP A 571 18.67 -13.76 39.01
C ASP A 571 18.17 -15.12 39.50
N LEU A 572 17.12 -15.62 38.87
CA LEU A 572 16.43 -16.79 39.39
C LEU A 572 17.29 -18.05 39.30
N ASP A 573 17.90 -18.27 38.14
CA ASP A 573 18.65 -19.51 37.92
C ASP A 573 20.07 -19.44 38.45
N ALA A 574 20.57 -18.27 38.83
CA ALA A 574 21.95 -18.12 39.25
C ALA A 574 22.12 -18.74 40.62
N ARG A 575 22.57 -20.00 40.64
CA ARG A 575 22.74 -20.74 41.89
C ARG A 575 24.08 -20.37 42.53
N VAL A 576 24.03 -19.90 43.77
CA VAL A 576 25.23 -19.61 44.54
C VAL A 576 25.37 -20.71 45.58
N THR A 577 26.34 -21.59 45.38
CA THR A 577 26.56 -22.75 46.24
C THR A 577 25.30 -23.60 46.39
N VAL A 584 22.70 -21.05 47.94
CA VAL A 584 21.32 -20.65 47.68
C VAL A 584 20.94 -20.97 46.24
N VAL A 585 19.78 -20.46 45.82
CA VAL A 585 19.23 -20.75 44.50
C VAL A 585 19.31 -19.54 43.58
N GLY A 586 18.90 -18.37 44.08
CA GLY A 586 18.95 -17.15 43.30
C GLY A 586 19.67 -16.06 44.06
N GLU A 587 20.14 -15.07 43.30
CA GLU A 587 20.91 -13.96 43.86
C GLU A 587 20.45 -12.65 43.27
N LEU A 588 20.67 -11.58 44.02
CA LEU A 588 20.45 -10.23 43.52
C LEU A 588 21.53 -9.88 42.49
N LEU A 589 21.46 -8.66 41.96
CA LEU A 589 22.39 -8.26 40.92
C LEU A 589 23.02 -6.89 41.14
N LYS A 590 22.73 -6.21 42.25
CA LYS A 590 23.38 -4.95 42.60
C LYS A 590 23.18 -3.88 41.53
N LEU A 591 21.91 -3.62 41.22
CA LEU A 591 21.53 -2.52 40.33
C LEU A 591 20.36 -1.76 40.93
N GLU A 592 20.48 -1.40 42.20
CA GLU A 592 19.42 -0.67 42.88
C GLU A 592 19.29 0.73 42.29
N ARG A 593 18.11 1.07 41.80
CA ARG A 593 17.75 2.42 41.40
C ARG A 593 16.75 2.99 42.39
N ARG A 594 16.37 4.25 42.20
CA ARG A 594 15.69 5.00 43.25
C ARG A 594 14.25 5.35 42.93
N ASP A 595 13.98 6.03 41.82
CA ASP A 595 12.65 6.58 41.56
C ASP A 595 12.03 5.99 40.30
N VAL A 596 12.15 4.68 40.12
CA VAL A 596 11.63 4.01 38.93
C VAL A 596 10.12 3.83 39.09
N TRP A 597 9.38 4.08 37.99
CA TRP A 597 7.94 3.93 38.02
C TRP A 597 7.40 3.18 36.80
N ASP A 598 8.27 2.64 35.96
CA ASP A 598 7.84 1.90 34.77
C ASP A 598 9.05 1.21 34.18
N MET A 599 8.82 0.03 33.60
CA MET A 599 9.91 -0.76 33.06
C MET A 599 9.38 -1.68 31.97
N LYS A 600 10.31 -2.21 31.17
CA LYS A 600 9.97 -3.07 30.04
C LYS A 600 11.21 -3.81 29.54
N TRP A 601 11.14 -5.13 29.45
CA TRP A 601 12.22 -5.86 28.80
C TRP A 601 11.98 -5.94 27.31
N ALA A 602 13.05 -6.29 26.58
CA ALA A 602 12.92 -6.54 25.16
C ALA A 602 12.15 -7.84 24.94
N LYS A 603 11.37 -7.87 23.86
CA LYS A 603 10.80 -9.12 23.40
C LYS A 603 11.81 -9.99 22.67
N ASP A 604 13.00 -9.45 22.40
CA ASP A 604 14.05 -10.13 21.65
C ASP A 604 15.27 -10.45 22.49
N ASN A 605 15.84 -9.45 23.15
CA ASN A 605 17.12 -9.59 23.84
C ASN A 605 16.89 -9.76 25.33
N PRO A 606 17.39 -10.84 25.93
CA PRO A 606 17.33 -10.95 27.40
C PRO A 606 18.07 -9.85 28.12
N ASP A 607 19.18 -9.38 27.56
CA ASP A 607 19.99 -8.35 28.24
C ASP A 607 19.34 -6.98 28.16
N LEU A 608 18.60 -6.70 27.10
CA LEU A 608 18.06 -5.37 26.88
C LEU A 608 16.90 -5.08 27.84
N PHE A 609 16.96 -3.92 28.49
CA PHE A 609 15.99 -3.52 29.48
C PHE A 609 15.74 -2.02 29.33
N ALA A 610 14.56 -1.57 29.71
CA ALA A 610 14.23 -0.15 29.64
C ALA A 610 13.47 0.25 30.89
N MET A 611 13.75 1.45 31.40
CA MET A 611 13.11 1.90 32.63
C MET A 611 12.91 3.39 32.58
N MET A 612 11.97 3.85 33.39
CA MET A 612 11.65 5.27 33.54
C MET A 612 11.92 5.67 34.98
N GLU A 613 12.83 6.61 35.17
CA GLU A 613 13.15 7.14 36.49
C GLU A 613 12.83 8.62 36.49
N LYS A 614 11.88 9.02 37.35
CA LYS A 614 11.45 10.41 37.44
C LYS A 614 10.99 10.91 36.07
N THR A 615 11.88 11.56 35.32
CA THR A 615 11.51 12.09 34.01
C THR A 615 12.50 11.69 32.92
N ARG A 616 13.22 10.57 33.09
CA ARG A 616 14.20 10.15 32.09
C ARG A 616 14.09 8.65 31.86
N MET A 617 14.30 8.23 30.62
CA MET A 617 14.30 6.82 30.26
C MET A 617 15.73 6.33 30.12
N TYR A 618 16.05 5.25 30.81
CA TYR A 618 17.34 4.60 30.72
C TYR A 618 17.18 3.24 30.04
N VAL A 619 18.19 2.86 29.26
CA VAL A 619 18.22 1.57 28.58
C VAL A 619 19.48 0.84 29.02
N PHE A 620 19.32 -0.42 29.40
CA PHE A 620 20.38 -1.23 29.98
C PHE A 620 20.66 -2.41 29.08
N ARG A 621 21.94 -2.64 28.80
CA ARG A 621 22.39 -3.86 28.13
C ARG A 621 23.25 -4.62 29.14
N ASN A 622 22.60 -5.47 29.93
CA ASN A 622 23.25 -6.25 30.99
C ASN A 622 23.91 -5.33 32.02
N LEU A 623 23.04 -4.59 32.70
CA LEU A 623 23.37 -3.73 33.84
C LEU A 623 24.20 -2.50 33.47
N ASP A 624 24.33 -2.17 32.19
CA ASP A 624 25.12 -1.03 31.77
C ASP A 624 24.21 0.06 31.20
N PRO A 625 23.90 1.10 31.97
CA PRO A 625 22.98 2.13 31.48
C PRO A 625 23.59 2.96 30.36
N GLU A 626 22.73 3.45 29.49
CA GLU A 626 23.10 4.38 28.44
C GLU A 626 22.71 5.79 28.84
N GLU A 627 22.86 6.73 27.92
CA GLU A 627 22.46 8.10 28.20
C GLU A 627 20.95 8.19 28.37
N PRO A 628 20.47 9.01 29.29
CA PRO A 628 19.02 9.15 29.47
C PRO A 628 18.39 9.90 28.32
N ILE A 629 17.08 9.74 28.20
CA ILE A 629 16.27 10.45 27.21
C ILE A 629 15.18 11.21 27.98
N GLN A 630 15.18 12.53 27.85
CA GLN A 630 14.20 13.36 28.54
C GLN A 630 12.82 13.08 27.95
N THR A 631 12.00 12.34 28.68
CA THR A 631 10.65 12.05 28.23
C THR A 631 9.80 11.68 29.43
N SER A 632 8.48 11.83 29.27
CA SER A 632 7.50 11.43 30.28
C SER A 632 6.47 10.58 29.54
N GLY A 633 6.76 9.28 29.42
CA GLY A 633 5.89 8.39 28.68
C GLY A 633 5.95 7.00 29.26
N TYR A 634 5.01 6.17 28.80
CA TYR A 634 4.91 4.77 29.21
C TYR A 634 5.36 3.89 28.06
N ILE A 635 6.27 2.96 28.33
CA ILE A 635 6.83 2.13 27.28
C ILE A 635 5.75 1.22 26.74
N CYS A 636 5.27 1.50 25.53
CA CYS A 636 4.30 0.62 24.91
C CYS A 636 4.97 -0.65 24.40
N ASN A 637 6.17 -0.54 23.84
CA ASN A 637 6.84 -1.70 23.28
C ASN A 637 8.34 -1.48 23.27
N PHE A 638 9.10 -2.55 23.49
CA PHE A 638 10.55 -2.55 23.37
C PHE A 638 10.91 -3.71 22.46
N GLU A 639 11.35 -3.41 21.25
CA GLU A 639 11.53 -4.45 20.25
C GLU A 639 12.34 -3.92 19.07
N ASP A 640 13.21 -4.77 18.53
CA ASP A 640 14.00 -4.44 17.34
C ASP A 640 14.74 -3.13 17.51
N LEU A 641 15.47 -3.02 18.63
CA LEU A 641 16.27 -1.83 18.95
C LEU A 641 15.44 -0.56 18.95
N GLU A 642 14.12 -0.67 19.10
CA GLU A 642 13.23 0.47 19.03
C GLU A 642 12.27 0.45 20.21
N ILE A 643 12.03 1.63 20.79
CA ILE A 643 11.14 1.78 21.92
C ILE A 643 9.98 2.65 21.47
N LYS A 644 8.77 2.10 21.52
CA LYS A 644 7.56 2.86 21.25
C LYS A 644 6.93 3.22 22.58
N SER A 645 6.75 4.51 22.83
CA SER A 645 6.15 4.99 24.06
C SER A 645 5.05 5.99 23.72
N VAL A 646 4.18 6.24 24.68
CA VAL A 646 3.05 7.13 24.49
C VAL A 646 2.96 8.06 25.69
N LEU A 647 2.50 9.29 25.42
CA LEU A 647 2.35 10.30 26.48
C LEU A 647 0.91 10.24 26.99
N LEU A 648 0.68 9.33 27.93
CA LEU A 648 -0.66 9.18 28.49
C LEU A 648 -1.08 10.41 29.29
N ASP A 649 -0.12 11.10 29.89
CA ASP A 649 -0.45 12.32 30.62
C ASP A 649 -1.11 13.34 29.70
N GLU A 650 -0.62 13.46 28.47
CA GLU A 650 -1.23 14.39 27.51
C GLU A 650 -2.53 13.85 26.95
N ILE A 651 -2.60 12.55 26.68
CA ILE A 651 -3.82 11.98 26.10
C ILE A 651 -4.99 12.12 27.07
N LEU A 652 -4.77 11.77 28.33
CA LEU A 652 -5.88 11.74 29.27
C LEU A 652 -6.37 13.12 29.65
N LYS A 653 -5.65 14.18 29.27
CA LYS A 653 -6.20 15.52 29.39
C LYS A 653 -7.22 15.83 28.31
N ASP A 654 -7.13 15.17 27.15
CA ASP A 654 -8.11 15.28 26.07
C ASP A 654 -8.43 13.87 25.60
N PRO A 655 -9.17 13.10 26.39
CA PRO A 655 -9.37 11.68 26.06
C PRO A 655 -10.17 11.45 24.80
N GLU A 656 -10.89 12.46 24.30
CA GLU A 656 -11.70 12.26 23.11
C GLU A 656 -10.86 12.23 21.84
N HIS A 657 -9.80 13.02 21.77
CA HIS A 657 -9.01 13.18 20.55
C HIS A 657 -7.54 12.94 20.85
N PRO A 658 -7.09 11.69 20.80
CA PRO A 658 -5.66 11.40 20.99
C PRO A 658 -4.87 11.70 19.73
N ASN A 659 -3.96 12.65 19.81
CA ASN A 659 -3.12 12.99 18.67
C ASN A 659 -2.09 11.90 18.41
N LYS A 660 -1.71 11.77 17.14
CA LYS A 660 -0.59 10.90 16.80
C LYS A 660 0.75 11.51 17.20
N ASP A 661 0.76 12.79 17.60
CA ASP A 661 1.97 13.42 18.08
C ASP A 661 2.38 12.91 19.45
N TYR A 662 1.51 12.19 20.15
CA TYR A 662 1.80 11.67 21.47
C TYR A 662 2.48 10.32 21.45
N LEU A 663 2.61 9.71 20.28
CA LEU A 663 3.34 8.45 20.11
C LEU A 663 4.76 8.78 19.70
N ILE A 664 5.72 8.39 20.54
CA ILE A 664 7.12 8.75 20.33
C ILE A 664 7.94 7.48 20.21
N ASN A 665 8.78 7.42 19.18
CA ASN A 665 9.65 6.29 18.93
C ASN A 665 11.09 6.71 19.20
N PHE A 666 11.81 5.87 19.94
CA PHE A 666 13.21 6.07 20.24
C PHE A 666 14.01 4.90 19.68
N GLU A 667 15.27 5.14 19.36
CA GLU A 667 16.17 4.11 18.87
C GLU A 667 17.34 4.00 19.83
N ILE A 668 17.63 2.78 20.26
CA ILE A 668 18.70 2.54 21.23
C ILE A 668 20.04 2.78 20.56
N ARG A 669 21.11 2.80 21.35
CA ARG A 669 22.40 3.29 20.88
C ARG A 669 22.87 2.60 19.61
N SER A 670 22.65 1.28 19.51
CA SER A 670 23.12 0.55 18.34
C SER A 670 22.49 1.09 17.06
N LEU A 671 21.16 1.21 17.04
CA LEU A 671 20.47 1.64 15.83
C LEU A 671 20.78 3.10 15.50
N ARG A 672 20.82 3.97 16.51
CA ARG A 672 21.17 5.36 16.27
C ARG A 672 22.59 5.48 15.71
N ASP A 673 23.53 4.73 16.28
CA ASP A 673 24.91 4.77 15.81
C ASP A 673 25.01 4.30 14.38
N SER A 674 24.33 3.20 14.05
CA SER A 674 24.37 2.69 12.68
C SER A 674 23.78 3.69 11.70
N ARG A 675 22.63 4.29 12.07
CA ARG A 675 21.99 5.26 11.18
C ARG A 675 22.87 6.49 10.99
N ALA A 676 23.45 7.00 12.07
CA ALA A 676 24.30 8.18 11.96
C ALA A 676 25.57 7.89 11.18
N LEU A 677 26.14 6.70 11.33
CA LEU A 677 27.33 6.35 10.57
C LEU A 677 27.00 6.20 9.09
N ILE A 678 25.84 5.64 8.78
CA ILE A 678 25.36 5.61 7.40
C ILE A 678 25.24 7.03 6.86
N GLU A 679 24.77 7.95 7.70
CA GLU A 679 24.68 9.35 7.28
C GLU A 679 26.05 9.94 6.99
N LYS A 680 27.01 9.74 7.89
CA LYS A 680 28.29 10.43 7.78
C LYS A 680 29.15 9.86 6.65
N VAL A 681 29.57 8.60 6.79
CA VAL A 681 30.34 7.95 5.75
C VAL A 681 29.36 7.27 4.80
N GLY A 682 29.83 6.93 3.60
CA GLY A 682 29.00 6.29 2.62
C GLY A 682 28.52 4.92 3.07
N ILE A 683 27.68 4.32 2.22
CA ILE A 683 27.11 3.01 2.53
C ILE A 683 28.19 1.95 2.62
N LYS A 684 29.28 2.10 1.86
CA LYS A 684 30.28 1.04 1.76
C LYS A 684 30.95 0.77 3.10
N ASP A 685 31.30 1.81 3.84
CA ASP A 685 32.01 1.63 5.10
C ASP A 685 31.08 1.33 6.27
N ALA A 686 29.93 2.01 6.33
CA ALA A 686 28.94 1.66 7.34
C ALA A 686 28.47 0.23 7.18
N SER A 687 28.47 -0.29 5.96
CA SER A 687 28.14 -1.70 5.74
C SER A 687 29.16 -2.60 6.43
N GLN A 688 30.45 -2.27 6.30
CA GLN A 688 31.47 -3.06 6.97
C GLN A 688 31.34 -2.97 8.49
N PHE A 689 31.06 -1.77 9.00
CA PHE A 689 30.87 -1.61 10.44
C PHE A 689 29.70 -2.46 10.93
N ILE A 690 28.57 -2.42 10.22
CA ILE A 690 27.40 -3.19 10.62
C ILE A 690 27.69 -4.68 10.52
N GLU A 691 28.47 -5.09 9.51
CA GLU A 691 28.87 -6.49 9.41
C GLU A 691 29.73 -6.90 10.60
N ASP A 692 30.54 -5.99 11.13
CA ASP A 692 31.31 -6.29 12.33
C ASP A 692 30.41 -6.53 13.52
N ASN A 693 29.37 -5.71 13.68
CA ASN A 693 28.40 -5.88 14.75
C ASN A 693 27.04 -6.23 14.16
N PRO A 694 26.80 -7.50 13.86
CA PRO A 694 25.62 -7.86 13.05
C PRO A 694 24.36 -8.00 13.89
N HIS A 695 23.24 -7.63 13.26
CA HIS A 695 21.91 -7.74 13.84
C HIS A 695 20.90 -7.53 12.71
N PRO A 696 19.80 -8.28 12.69
CA PRO A 696 18.86 -8.15 11.57
C PRO A 696 18.30 -6.76 11.37
N ARG A 697 18.04 -6.02 12.45
CA ARG A 697 17.51 -4.66 12.30
C ARG A 697 18.52 -3.76 11.58
N LEU A 698 19.79 -3.85 11.97
CA LEU A 698 20.82 -3.05 11.31
C LEU A 698 20.98 -3.46 9.86
N TRP A 699 20.89 -4.76 9.59
CA TRP A 699 20.98 -5.22 8.20
C TRP A 699 19.83 -4.68 7.37
N ARG A 700 18.62 -4.67 7.91
CA ARG A 700 17.50 -4.11 7.18
C ARG A 700 17.65 -2.61 6.97
N LEU A 701 18.17 -1.90 7.98
CA LEU A 701 18.42 -0.47 7.82
C LEU A 701 19.43 -0.21 6.71
N LEU A 702 20.50 -1.00 6.68
CA LEU A 702 21.51 -0.85 5.63
C LEU A 702 20.92 -1.14 4.27
N ALA A 703 20.11 -2.20 4.17
CA ALA A 703 19.48 -2.54 2.89
C ALA A 703 18.58 -1.42 2.42
N GLU A 704 17.78 -0.85 3.31
CA GLU A 704 16.86 0.21 2.91
C GLU A 704 17.60 1.48 2.54
N ALA A 705 18.69 1.79 3.24
CA ALA A 705 19.51 2.94 2.86
C ALA A 705 20.12 2.74 1.48
N ALA A 706 20.61 1.53 1.19
CA ALA A 706 21.15 1.24 -0.13
C ALA A 706 20.07 1.35 -1.20
N LEU A 707 18.88 0.83 -0.91
CA LEU A 707 17.77 0.94 -1.86
C LEU A 707 17.44 2.40 -2.14
N GLN A 708 17.42 3.23 -1.10
CA GLN A 708 17.20 4.67 -1.29
C GLN A 708 18.28 5.25 -2.18
N LYS A 709 19.54 4.91 -1.93
CA LYS A 709 20.63 5.32 -2.82
C LYS A 709 20.64 4.54 -4.12
N LEU A 710 19.85 3.48 -4.23
CA LEU A 710 19.73 2.66 -5.44
C LEU A 710 21.08 2.03 -5.81
N ASP A 711 21.75 1.46 -4.80
CA ASP A 711 22.96 0.70 -5.05
C ASP A 711 22.64 -0.64 -5.71
N LEU A 712 21.62 -1.32 -5.22
CA LEU A 712 21.15 -2.60 -5.73
C LEU A 712 22.19 -3.71 -5.64
N TYR A 713 23.33 -3.43 -5.00
CA TYR A 713 24.31 -4.47 -4.69
C TYR A 713 24.51 -4.61 -3.20
N THR A 714 24.78 -3.52 -2.49
CA THR A 714 24.75 -3.54 -1.03
C THR A 714 23.36 -3.89 -0.53
N ALA A 715 22.32 -3.39 -1.22
CA ALA A 715 20.95 -3.72 -0.83
C ALA A 715 20.70 -5.21 -0.91
N GLU A 716 21.16 -5.86 -1.98
CA GLU A 716 20.95 -7.30 -2.12
C GLU A 716 21.70 -8.08 -1.06
N GLN A 717 22.94 -7.69 -0.77
CA GLN A 717 23.71 -8.39 0.27
C GLN A 717 23.05 -8.24 1.63
N ALA A 718 22.59 -7.03 1.96
CA ALA A 718 21.95 -6.82 3.24
C ALA A 718 20.61 -7.54 3.34
N PHE A 719 19.88 -7.65 2.23
CA PHE A 719 18.69 -8.49 2.20
C PHE A 719 19.02 -9.96 2.41
N VAL A 720 20.13 -10.41 1.83
CA VAL A 720 20.59 -11.78 2.07
C VAL A 720 20.88 -11.99 3.55
N ARG A 721 21.47 -10.97 4.19
CA ARG A 721 21.77 -11.06 5.62
C ARG A 721 20.50 -11.23 6.44
N CYS A 722 19.44 -10.51 6.09
CA CYS A 722 18.16 -10.63 6.76
C CYS A 722 17.40 -11.88 6.36
N LYS A 723 17.90 -12.63 5.37
CA LYS A 723 17.17 -13.76 4.80
C LYS A 723 15.79 -13.32 4.29
N ASP A 724 15.75 -12.13 3.69
CA ASP A 724 14.52 -11.53 3.21
C ASP A 724 14.41 -11.80 1.72
N TYR A 725 13.67 -12.86 1.36
CA TYR A 725 13.54 -13.22 -0.05
C TYR A 725 12.68 -12.22 -0.80
N GLN A 726 11.71 -11.60 -0.12
CA GLN A 726 10.91 -10.56 -0.76
C GLN A 726 11.81 -9.42 -1.23
N GLY A 727 12.73 -8.98 -0.37
CA GLY A 727 13.64 -7.92 -0.76
C GLY A 727 14.59 -8.33 -1.86
N ILE A 728 15.09 -9.55 -1.81
CA ILE A 728 16.01 -10.03 -2.85
C ILE A 728 15.30 -10.03 -4.20
N LYS A 729 14.08 -10.58 -4.24
CA LYS A 729 13.33 -10.63 -5.49
C LYS A 729 12.99 -9.23 -5.97
N PHE A 730 12.61 -8.34 -5.05
CA PHE A 730 12.29 -6.97 -5.43
C PHE A 730 13.51 -6.27 -6.02
N VAL A 731 14.68 -6.48 -5.44
CA VAL A 731 15.90 -5.86 -5.96
C VAL A 731 16.25 -6.43 -7.32
N LYS A 732 16.06 -7.74 -7.50
CA LYS A 732 16.34 -8.33 -8.80
C LYS A 732 15.40 -7.78 -9.87
N ARG A 733 14.11 -7.67 -9.55
CA ARG A 733 13.16 -7.08 -10.49
C ARG A 733 13.51 -5.63 -10.78
N LEU A 734 13.93 -4.89 -9.75
CA LEU A 734 14.29 -3.50 -9.92
C LEU A 734 15.51 -3.34 -10.83
N GLY A 735 16.50 -4.21 -10.65
CA GLY A 735 17.66 -4.19 -11.53
C GLY A 735 17.34 -4.60 -12.95
N LYS A 736 16.40 -5.52 -13.13
CA LYS A 736 15.97 -5.87 -14.48
C LYS A 736 15.37 -4.66 -15.19
N LEU A 737 14.58 -3.87 -14.47
CA LEU A 737 14.12 -2.59 -14.96
C LEU A 737 15.29 -1.72 -15.37
N LEU A 738 15.09 -0.91 -16.41
CA LEU A 738 16.20 -0.23 -17.08
C LEU A 738 15.94 1.27 -17.25
N SER A 739 15.53 1.93 -16.18
CA SER A 739 15.39 3.38 -16.23
C SER A 739 15.39 3.95 -14.82
N GLU A 740 16.15 5.03 -14.63
CA GLU A 740 16.05 5.80 -13.40
C GLU A 740 14.77 6.63 -13.42
N SER A 741 14.28 6.94 -12.23
CA SER A 741 13.00 7.60 -11.99
C SER A 741 11.84 6.65 -12.30
N MET A 742 12.17 5.50 -12.88
CA MET A 742 11.34 4.32 -12.83
C MET A 742 11.67 3.51 -11.58
N LYS A 743 12.98 3.29 -11.37
CA LYS A 743 13.45 2.68 -10.14
C LYS A 743 13.15 3.54 -8.93
N GLN A 744 13.27 4.86 -9.07
CA GLN A 744 12.94 5.75 -7.96
C GLN A 744 11.46 5.63 -7.59
N ALA A 745 10.59 5.58 -8.60
CA ALA A 745 9.17 5.35 -8.32
C ALA A 745 8.95 4.00 -7.66
N GLU A 746 9.66 2.98 -8.12
CA GLU A 746 9.52 1.65 -7.50
C GLU A 746 9.94 1.67 -6.05
N VAL A 747 11.04 2.35 -5.72
CA VAL A 747 11.50 2.33 -4.33
C VAL A 747 10.63 3.21 -3.45
N VAL A 748 10.11 4.34 -3.95
CA VAL A 748 9.18 5.12 -3.15
C VAL A 748 7.83 4.44 -3.02
N GLY A 749 7.54 3.46 -3.88
CA GLY A 749 6.39 2.60 -3.64
C GLY A 749 6.71 1.50 -2.66
N TYR A 750 7.99 1.11 -2.61
CA TYR A 750 8.41 0.04 -1.70
C TYR A 750 8.17 0.42 -0.25
N PHE A 751 8.40 1.68 0.10
CA PHE A 751 8.30 2.12 1.48
C PHE A 751 6.88 2.54 1.88
N GLY A 752 5.92 2.46 0.96
CA GLY A 752 4.55 2.78 1.29
C GLY A 752 4.14 4.22 1.07
N ARG A 753 4.99 5.03 0.44
CA ARG A 753 4.62 6.39 0.07
C ARG A 753 3.86 6.34 -1.25
N PHE A 754 2.63 5.84 -1.16
CA PHE A 754 1.83 5.60 -2.37
C PHE A 754 1.47 6.90 -3.07
N GLU A 755 1.13 7.95 -2.30
CA GLU A 755 0.85 9.24 -2.91
C GLU A 755 2.08 9.80 -3.62
N GLU A 756 3.25 9.67 -2.99
CA GLU A 756 4.48 10.12 -3.62
C GLU A 756 4.75 9.35 -4.90
N ALA A 757 4.53 8.03 -4.88
CA ALA A 757 4.76 7.24 -6.09
C ALA A 757 3.80 7.62 -7.20
N GLU A 758 2.53 7.86 -6.85
CA GLU A 758 1.55 8.27 -7.87
C GLU A 758 1.91 9.63 -8.46
N ARG A 759 2.28 10.58 -7.61
CA ARG A 759 2.68 11.89 -8.10
C ARG A 759 3.93 11.78 -8.97
N THR A 760 4.88 10.92 -8.57
CA THR A 760 6.07 10.70 -9.37
C THR A 760 5.72 10.17 -10.75
N TYR A 761 4.81 9.19 -10.80
CA TYR A 761 4.42 8.61 -12.08
C TYR A 761 3.72 9.64 -12.95
N LEU A 762 2.90 10.49 -12.34
CA LEU A 762 2.20 11.53 -13.12
C LEU A 762 3.17 12.57 -13.64
N GLU A 763 4.18 12.95 -12.84
CA GLU A 763 5.11 14.00 -13.26
C GLU A 763 5.96 13.54 -14.45
N MET A 764 6.34 12.27 -14.49
CA MET A 764 7.05 11.72 -15.64
C MET A 764 6.14 11.38 -16.80
N ASP A 765 4.93 11.93 -16.78
CA ASP A 765 3.94 11.72 -17.85
C ASP A 765 3.65 10.23 -18.04
N ARG A 766 3.36 9.56 -16.94
CA ARG A 766 2.93 8.17 -16.95
C ARG A 766 1.65 8.05 -16.12
N ARG A 767 0.51 8.34 -16.75
CA ARG A 767 -0.76 8.01 -16.14
C ARG A 767 -1.00 6.51 -16.13
N ASP A 768 -0.37 5.78 -17.05
CA ASP A 768 -0.55 4.33 -17.11
C ASP A 768 -0.06 3.67 -15.84
N LEU A 769 1.17 3.98 -15.41
CA LEU A 769 1.73 3.32 -14.25
C LEU A 769 1.11 3.84 -12.95
N ALA A 770 0.68 5.09 -12.91
CA ALA A 770 -0.09 5.57 -11.77
C ALA A 770 -1.40 4.82 -11.63
N ILE A 771 -2.09 4.61 -12.75
CA ILE A 771 -3.31 3.82 -12.74
C ILE A 771 -3.03 2.39 -12.29
N GLY A 772 -1.94 1.80 -12.80
CA GLY A 772 -1.60 0.44 -12.40
C GLY A 772 -1.29 0.33 -10.92
N LEU A 773 -0.60 1.32 -10.37
CA LEU A 773 -0.32 1.33 -8.93
C LEU A 773 -1.61 1.45 -8.13
N ARG A 774 -2.50 2.34 -8.55
CA ARG A 774 -3.77 2.47 -7.85
C ARG A 774 -4.63 1.22 -8.00
N LEU A 775 -4.44 0.47 -9.08
CA LEU A 775 -5.23 -0.73 -9.32
C LEU A 775 -4.69 -1.93 -8.56
N LYS A 776 -3.37 -2.00 -8.34
CA LYS A 776 -2.83 -3.02 -7.46
C LYS A 776 -3.37 -2.84 -6.05
N LEU A 777 -3.39 -1.60 -5.57
CA LEU A 777 -4.13 -1.27 -4.36
C LEU A 777 -5.63 -1.26 -4.66
N GLY A 778 -6.42 -0.92 -3.65
CA GLY A 778 -7.85 -0.87 -3.79
C GLY A 778 -8.46 0.51 -3.97
N ASP A 779 -7.64 1.52 -4.25
CA ASP A 779 -8.12 2.90 -4.35
C ASP A 779 -8.82 3.08 -5.68
N TRP A 780 -10.05 2.58 -5.76
CA TRP A 780 -10.81 2.66 -7.00
C TRP A 780 -11.37 4.05 -7.24
N PHE A 781 -11.67 4.79 -6.17
CA PHE A 781 -12.05 6.19 -6.35
C PHE A 781 -10.91 6.97 -6.99
N ARG A 782 -9.67 6.66 -6.60
CA ARG A 782 -8.52 7.27 -7.26
C ARG A 782 -8.47 6.91 -8.73
N VAL A 783 -8.84 5.67 -9.07
CA VAL A 783 -8.87 5.27 -10.48
C VAL A 783 -9.91 6.07 -11.24
N LEU A 784 -11.08 6.30 -10.63
CA LEU A 784 -12.09 7.13 -11.29
C LEU A 784 -11.59 8.55 -11.49
N GLN A 785 -10.95 9.11 -10.46
CA GLN A 785 -10.44 10.48 -10.56
C GLN A 785 -9.39 10.59 -11.65
N LEU A 786 -8.49 9.61 -11.74
CA LEU A 786 -7.45 9.64 -12.76
C LEU A 786 -8.02 9.42 -14.15
N LEU A 787 -9.01 8.53 -14.28
CA LEU A 787 -9.60 8.27 -15.59
C LEU A 787 -10.40 9.46 -16.11
N LYS A 788 -10.72 10.42 -15.24
CA LYS A 788 -11.44 11.61 -15.69
C LYS A 788 -10.58 12.48 -16.60
N THR A 789 -9.26 12.44 -16.45
CA THR A 789 -8.36 13.29 -17.19
C THR A 789 -7.46 12.45 -18.09
N GLY A 790 -7.07 13.04 -19.22
CA GLY A 790 -6.22 12.34 -20.16
C GLY A 790 -6.97 11.27 -20.93
N SER A 791 -6.19 10.38 -21.53
CA SER A 791 -6.74 9.26 -22.30
C SER A 791 -5.90 8.02 -22.04
N GLY A 792 -6.52 6.86 -22.27
CA GLY A 792 -5.86 5.60 -22.00
C GLY A 792 -6.12 4.60 -23.12
N ASP A 793 -5.41 3.47 -23.03
CA ASP A 793 -5.54 2.45 -24.06
C ASP A 793 -6.90 1.78 -24.01
N ALA A 794 -7.41 1.49 -22.81
CA ALA A 794 -8.74 0.89 -22.63
C ALA A 794 -9.36 1.53 -21.39
N ASP A 795 -10.12 2.60 -21.60
CA ASP A 795 -10.69 3.34 -20.49
C ASP A 795 -12.13 2.97 -20.20
N ASP A 796 -12.89 2.51 -21.19
CA ASP A 796 -14.25 2.06 -20.92
C ASP A 796 -14.25 0.81 -20.05
N SER A 797 -13.45 -0.19 -20.42
CA SER A 797 -13.36 -1.40 -19.62
C SER A 797 -12.77 -1.10 -18.25
N LEU A 798 -11.76 -0.23 -18.19
CA LEU A 798 -11.15 0.12 -16.91
C LEU A 798 -12.15 0.82 -15.99
N LEU A 799 -12.94 1.74 -16.55
CA LEU A 799 -13.93 2.45 -15.74
C LEU A 799 -15.08 1.53 -15.33
N GLU A 800 -15.48 0.60 -16.19
CA GLU A 800 -16.48 -0.38 -15.79
C GLU A 800 -15.97 -1.26 -14.66
N GLN A 801 -14.71 -1.69 -14.75
CA GLN A 801 -14.11 -2.47 -13.67
C GLN A 801 -14.06 -1.66 -12.38
N ALA A 802 -13.71 -0.38 -12.49
CA ALA A 802 -13.67 0.48 -11.31
C ALA A 802 -15.04 0.62 -10.68
N ASN A 803 -16.07 0.83 -11.50
CA ASN A 803 -17.42 0.99 -10.97
C ASN A 803 -17.93 -0.29 -10.33
N ASN A 804 -17.69 -1.44 -10.97
CA ASN A 804 -18.08 -2.71 -10.37
C ASN A 804 -17.35 -2.96 -9.06
N ALA A 805 -16.06 -2.62 -9.01
CA ALA A 805 -15.30 -2.81 -7.79
C ALA A 805 -15.78 -1.91 -6.67
N ILE A 806 -16.16 -0.66 -6.96
CA ILE A 806 -16.70 0.21 -5.93
C ILE A 806 -18.07 -0.28 -5.48
N GLY A 807 -18.86 -0.80 -6.42
CA GLY A 807 -20.12 -1.42 -6.02
C GLY A 807 -19.90 -2.56 -5.06
N ASP A 808 -18.92 -3.42 -5.34
CA ASP A 808 -18.58 -4.49 -4.41
C ASP A 808 -18.08 -3.93 -3.09
N TYR A 809 -17.30 -2.86 -3.14
CA TYR A 809 -16.76 -2.24 -1.94
C TYR A 809 -17.88 -1.77 -1.03
N PHE A 810 -18.91 -1.15 -1.60
CA PHE A 810 -20.02 -0.68 -0.78
C PHE A 810 -20.94 -1.82 -0.36
N ALA A 811 -21.10 -2.83 -1.22
CA ALA A 811 -22.04 -3.91 -0.92
C ALA A 811 -21.50 -4.86 0.13
N ASP A 812 -20.19 -5.09 0.15
CA ASP A 812 -19.60 -5.96 1.17
C ASP A 812 -19.74 -5.36 2.56
N ARG A 813 -19.94 -4.05 2.66
CA ARG A 813 -20.11 -3.37 3.93
C ARG A 813 -21.59 -3.11 4.25
N GLN A 814 -22.49 -3.77 3.53
CA GLN A 814 -23.93 -3.62 3.72
C GLN A 814 -24.33 -2.15 3.58
N LYS A 815 -23.83 -1.53 2.52
CA LYS A 815 -24.10 -0.12 2.26
C LYS A 815 -24.80 0.06 0.93
N TRP A 816 -25.83 -0.74 0.67
CA TRP A 816 -26.62 -0.54 -0.54
C TRP A 816 -27.25 0.85 -0.54
N LEU A 817 -27.72 1.24 -1.72
CA LEU A 817 -28.09 2.59 -2.14
C LEU A 817 -26.83 3.41 -2.41
N ASN A 818 -25.66 2.91 -2.06
CA ASN A 818 -24.39 3.42 -2.56
C ASN A 818 -23.80 2.52 -3.63
N ALA A 819 -23.84 1.21 -3.41
CA ALA A 819 -23.48 0.27 -4.47
C ALA A 819 -24.51 0.31 -5.60
N VAL A 820 -25.74 0.69 -5.30
CA VAL A 820 -26.75 0.82 -6.35
C VAL A 820 -26.43 2.00 -7.25
N GLN A 821 -25.77 3.03 -6.72
CA GLN A 821 -25.31 4.11 -7.58
C GLN A 821 -24.36 3.60 -8.63
N TYR A 822 -23.41 2.75 -8.23
CA TYR A 822 -22.61 1.95 -9.14
C TYR A 822 -23.41 0.71 -9.55
N TYR A 823 -22.78 -0.24 -10.23
CA TYR A 823 -23.51 -1.38 -10.80
C TYR A 823 -24.47 -0.93 -11.88
N VAL A 824 -24.60 0.38 -12.08
CA VAL A 824 -25.47 0.96 -13.08
C VAL A 824 -24.67 1.80 -14.08
N GLN A 825 -23.79 2.67 -13.57
CA GLN A 825 -22.76 3.23 -14.43
C GLN A 825 -21.86 2.12 -14.97
N GLY A 826 -21.46 1.20 -14.09
CA GLY A 826 -20.97 -0.07 -14.55
C GLY A 826 -22.12 -0.99 -14.90
N ARG A 827 -21.83 -2.08 -15.57
CA ARG A 827 -22.88 -2.99 -16.04
C ARG A 827 -22.75 -4.32 -15.28
N ASN A 828 -23.40 -4.38 -14.12
CA ASN A 828 -23.50 -5.60 -13.33
C ASN A 828 -24.97 -5.90 -13.09
N GLN A 829 -25.37 -7.14 -13.34
CA GLN A 829 -26.75 -7.55 -13.17
C GLN A 829 -26.97 -8.43 -11.95
N GLU A 830 -26.10 -9.42 -11.73
CA GLU A 830 -26.31 -10.36 -10.64
C GLU A 830 -26.30 -9.67 -9.29
N ARG A 831 -25.36 -8.76 -9.07
CA ARG A 831 -25.29 -8.04 -7.80
C ARG A 831 -26.33 -6.94 -7.71
N LEU A 832 -26.69 -6.32 -8.84
CA LEU A 832 -27.69 -5.26 -8.83
C LEU A 832 -29.05 -5.76 -8.38
N ALA A 833 -29.42 -6.97 -8.80
CA ALA A 833 -30.67 -7.57 -8.36
C ALA A 833 -30.65 -7.80 -6.86
N GLU A 834 -29.52 -8.26 -6.32
CA GLU A 834 -29.41 -8.44 -4.88
C GLU A 834 -29.53 -7.12 -4.14
N CYS A 835 -28.90 -6.07 -4.67
CA CYS A 835 -29.00 -4.76 -4.04
C CYS A 835 -30.44 -4.26 -4.02
N TYR A 836 -31.15 -4.39 -5.14
CA TYR A 836 -32.57 -4.03 -5.17
C TYR A 836 -33.37 -4.85 -4.17
N TYR A 837 -33.12 -6.15 -4.10
CA TYR A 837 -33.90 -7.00 -3.20
C TYR A 837 -33.69 -6.59 -1.75
N MET A 838 -32.43 -6.49 -1.32
CA MET A 838 -32.15 -6.10 0.05
C MET A 838 -32.67 -4.71 0.35
N LEU A 839 -32.64 -3.81 -0.64
CA LEU A 839 -33.20 -2.48 -0.46
C LEU A 839 -34.72 -2.46 -0.53
N GLU A 840 -35.34 -3.58 -0.93
CA GLU A 840 -36.79 -3.66 -1.10
C GLU A 840 -37.29 -2.62 -2.11
N ASP A 841 -36.49 -2.38 -3.14
CA ASP A 841 -36.90 -1.51 -4.24
C ASP A 841 -37.41 -2.37 -5.39
N TYR A 842 -38.58 -2.98 -5.15
CA TYR A 842 -39.12 -3.96 -6.09
C TYR A 842 -39.45 -3.34 -7.44
N GLU A 843 -39.72 -2.03 -7.48
CA GLU A 843 -39.83 -1.36 -8.77
C GLU A 843 -38.52 -1.42 -9.54
N GLY A 844 -37.40 -1.23 -8.84
CA GLY A 844 -36.11 -1.39 -9.48
C GLY A 844 -35.89 -2.80 -9.98
N LEU A 845 -36.29 -3.80 -9.19
CA LEU A 845 -36.18 -5.18 -9.65
C LEU A 845 -37.00 -5.42 -10.91
N GLU A 846 -38.22 -4.87 -10.96
CA GLU A 846 -39.04 -5.03 -12.14
C GLU A 846 -38.41 -4.36 -13.35
N ASN A 847 -37.86 -3.16 -13.16
CA ASN A 847 -37.19 -2.47 -14.26
C ASN A 847 -35.97 -3.27 -14.74
N LEU A 848 -35.20 -3.82 -13.82
CA LEU A 848 -34.06 -4.65 -14.20
C LEU A 848 -34.51 -5.88 -14.98
N ALA A 849 -35.59 -6.51 -14.52
CA ALA A 849 -36.06 -7.73 -15.18
C ALA A 849 -36.62 -7.44 -16.56
N ILE A 850 -37.24 -6.28 -16.76
CA ILE A 850 -37.74 -5.93 -18.09
C ILE A 850 -36.66 -5.34 -18.97
N SER A 851 -35.52 -4.94 -18.41
CA SER A 851 -34.41 -4.46 -19.22
C SER A 851 -33.46 -5.56 -19.66
N LEU A 852 -33.55 -6.75 -19.06
CA LEU A 852 -32.70 -7.86 -19.45
C LEU A 852 -33.13 -8.42 -20.80
N PRO A 853 -32.24 -9.14 -21.50
CA PRO A 853 -32.63 -9.78 -22.75
C PRO A 853 -33.68 -10.86 -22.55
N GLU A 854 -34.12 -11.49 -23.65
CA GLU A 854 -35.22 -12.45 -23.54
C GLU A 854 -34.85 -13.61 -22.64
N ASN A 855 -33.65 -14.15 -22.78
CA ASN A 855 -33.15 -15.16 -21.87
C ASN A 855 -31.95 -14.62 -21.10
N HIS A 856 -31.72 -15.19 -19.92
CA HIS A 856 -30.65 -14.74 -19.04
C HIS A 856 -30.55 -15.68 -17.85
N LYS A 857 -29.36 -15.76 -17.23
CA LYS A 857 -29.20 -16.58 -16.03
C LYS A 857 -29.79 -15.92 -14.80
N LEU A 858 -30.19 -14.65 -14.89
CA LEU A 858 -30.67 -13.90 -13.73
C LEU A 858 -32.18 -13.84 -13.63
N LEU A 859 -32.89 -13.92 -14.75
CA LEU A 859 -34.35 -13.80 -14.71
C LEU A 859 -35.03 -14.83 -13.81
N PRO A 860 -34.66 -16.12 -13.81
CA PRO A 860 -35.28 -17.04 -12.84
C PRO A 860 -35.07 -16.62 -11.40
N GLU A 861 -33.88 -16.12 -11.06
CA GLU A 861 -33.63 -15.69 -9.69
C GLU A 861 -34.51 -14.50 -9.32
N ILE A 862 -34.67 -13.56 -10.25
CA ILE A 862 -35.55 -12.42 -10.01
C ILE A 862 -36.99 -12.89 -9.79
N ALA A 863 -37.43 -13.86 -10.59
CA ALA A 863 -38.78 -14.38 -10.44
C ALA A 863 -38.96 -15.08 -9.10
N GLN A 864 -37.94 -15.81 -8.65
CA GLN A 864 -38.00 -16.41 -7.31
C GLN A 864 -38.11 -15.34 -6.24
N MET A 865 -37.34 -14.26 -6.38
CA MET A 865 -37.41 -13.16 -5.42
C MET A 865 -38.81 -12.58 -5.38
N PHE A 866 -39.39 -12.35 -6.57
CA PHE A 866 -40.76 -11.84 -6.66
C PHE A 866 -41.74 -12.77 -5.99
N VAL A 867 -41.59 -14.08 -6.19
CA VAL A 867 -42.48 -15.05 -5.57
C VAL A 867 -42.37 -14.98 -4.06
N ARG A 868 -41.15 -14.89 -3.54
CA ARG A 868 -40.96 -14.79 -2.10
C ARG A 868 -41.65 -13.56 -1.53
N VAL A 869 -41.49 -12.41 -2.21
CA VAL A 869 -42.11 -11.19 -1.69
C VAL A 869 -43.61 -11.20 -1.95
N GLY A 870 -44.08 -11.94 -2.94
CA GLY A 870 -45.49 -12.07 -3.20
C GLY A 870 -46.03 -11.34 -4.41
N MET A 871 -45.19 -10.85 -5.31
CA MET A 871 -45.66 -10.20 -6.53
C MET A 871 -45.91 -11.28 -7.58
N CYS A 872 -47.15 -11.74 -7.66
CA CYS A 872 -47.47 -12.80 -8.61
C CYS A 872 -47.32 -12.33 -10.04
N GLU A 873 -47.77 -11.12 -10.36
CA GLU A 873 -47.77 -10.66 -11.75
C GLU A 873 -46.36 -10.52 -12.29
N GLN A 874 -45.49 -9.83 -11.53
CA GLN A 874 -44.13 -9.64 -11.98
C GLN A 874 -43.38 -10.97 -12.05
N ALA A 875 -43.62 -11.87 -11.09
CA ALA A 875 -43.00 -13.18 -11.12
C ALA A 875 -43.44 -13.97 -12.35
N VAL A 876 -44.73 -13.91 -12.69
CA VAL A 876 -45.24 -14.63 -13.86
C VAL A 876 -44.61 -14.08 -15.13
N THR A 877 -44.54 -12.75 -15.25
CA THR A 877 -43.92 -12.16 -16.43
C THR A 877 -42.44 -12.56 -16.52
N ALA A 878 -41.73 -12.54 -15.39
CA ALA A 878 -40.32 -12.90 -15.40
C ALA A 878 -40.13 -14.36 -15.81
N PHE A 879 -40.95 -15.27 -15.26
CA PHE A 879 -40.84 -16.68 -15.62
C PHE A 879 -41.16 -16.89 -17.09
N LEU A 880 -42.19 -16.23 -17.60
CA LEU A 880 -42.52 -16.36 -19.02
C LEU A 880 -41.41 -15.81 -19.89
N LYS A 881 -40.71 -14.77 -19.42
CA LYS A 881 -39.52 -14.31 -20.14
C LYS A 881 -38.44 -15.38 -20.13
N CYS A 882 -38.27 -16.08 -19.01
CA CYS A 882 -37.33 -17.20 -18.96
C CYS A 882 -37.76 -18.35 -19.85
N SER A 883 -39.01 -18.34 -20.33
CA SER A 883 -39.61 -19.47 -21.03
C SER A 883 -39.70 -20.69 -20.11
N GLN A 884 -40.30 -20.47 -18.96
CA GLN A 884 -40.61 -21.53 -17.99
C GLN A 884 -42.06 -21.41 -17.57
N PRO A 885 -42.99 -21.71 -18.48
CA PRO A 885 -44.42 -21.58 -18.13
C PRO A 885 -44.84 -22.49 -16.98
N LYS A 886 -44.20 -23.65 -16.83
CA LYS A 886 -44.57 -24.57 -15.76
C LYS A 886 -44.46 -23.90 -14.40
N ALA A 887 -43.32 -23.24 -14.14
CA ALA A 887 -43.18 -22.50 -12.89
C ALA A 887 -44.10 -21.29 -12.85
N ALA A 888 -44.34 -20.65 -14.00
CA ALA A 888 -45.22 -19.48 -14.04
C ALA A 888 -46.64 -19.85 -13.62
N VAL A 889 -47.05 -21.09 -13.83
CA VAL A 889 -48.35 -21.54 -13.37
C VAL A 889 -48.28 -22.15 -11.97
N ASP A 890 -47.15 -22.75 -11.61
CA ASP A 890 -47.00 -23.27 -10.26
C ASP A 890 -47.00 -22.15 -9.23
N THR A 891 -46.53 -20.97 -9.60
CA THR A 891 -46.59 -19.84 -8.68
C THR A 891 -47.99 -19.27 -8.58
N CYS A 892 -48.73 -19.25 -9.69
CA CYS A 892 -50.14 -18.84 -9.64
C CYS A 892 -50.93 -19.77 -8.73
N VAL A 893 -50.69 -21.07 -8.84
CA VAL A 893 -51.31 -22.03 -7.94
C VAL A 893 -50.87 -21.77 -6.51
N HIS A 894 -49.56 -21.58 -6.32
CA HIS A 894 -49.00 -21.39 -4.99
C HIS A 894 -49.50 -20.10 -4.35
N LEU A 895 -49.61 -19.03 -5.13
CA LEU A 895 -50.11 -17.75 -4.65
C LEU A 895 -51.61 -17.62 -4.79
N ASN A 896 -52.30 -18.70 -5.18
CA ASN A 896 -53.76 -18.76 -5.25
C ASN A 896 -54.33 -17.76 -6.25
N GLN A 897 -53.60 -17.49 -7.33
CA GLN A 897 -54.13 -16.72 -8.45
C GLN A 897 -54.57 -17.70 -9.53
N TRP A 898 -55.76 -18.27 -9.32
CA TRP A 898 -56.21 -19.38 -10.15
C TRP A 898 -56.68 -18.92 -11.52
N ASN A 899 -57.16 -17.68 -11.65
CA ASN A 899 -57.50 -17.14 -12.95
C ASN A 899 -56.31 -17.21 -13.89
N LYS A 900 -55.17 -16.67 -13.45
CA LYS A 900 -53.97 -16.68 -14.29
C LYS A 900 -53.51 -18.12 -14.53
N ALA A 901 -53.61 -18.98 -13.53
CA ALA A 901 -53.20 -20.36 -13.70
C ALA A 901 -53.98 -21.05 -14.81
N VAL A 902 -55.31 -20.91 -14.79
CA VAL A 902 -56.14 -21.53 -15.81
C VAL A 902 -55.88 -20.91 -17.17
N GLU A 903 -55.70 -19.58 -17.22
CA GLU A 903 -55.44 -18.92 -18.49
C GLU A 903 -54.12 -19.40 -19.10
N LEU A 904 -53.08 -19.50 -18.28
CA LEU A 904 -51.79 -19.97 -18.79
C LEU A 904 -51.85 -21.44 -19.15
N ALA A 905 -52.65 -22.23 -18.45
CA ALA A 905 -52.85 -23.62 -18.84
C ALA A 905 -53.50 -23.71 -20.20
N LYS A 906 -54.50 -22.87 -20.46
CA LYS A 906 -55.15 -22.85 -21.76
C LYS A 906 -54.17 -22.43 -22.85
N ASN A 907 -53.33 -21.43 -22.55
CA ASN A 907 -52.39 -20.93 -23.55
C ASN A 907 -51.29 -21.95 -23.85
N HIS A 908 -50.52 -22.33 -22.83
CA HIS A 908 -49.33 -23.15 -23.00
C HIS A 908 -49.61 -24.64 -22.91
N SER A 909 -50.89 -25.04 -22.82
CA SER A 909 -51.30 -26.43 -22.98
C SER A 909 -50.73 -27.35 -21.89
N MET A 910 -51.06 -27.02 -20.65
CA MET A 910 -50.81 -27.92 -19.52
C MET A 910 -52.06 -28.68 -19.10
N LYS A 911 -53.15 -27.96 -18.82
CA LYS A 911 -54.47 -28.55 -18.53
C LYS A 911 -54.45 -29.47 -17.31
N GLU A 912 -53.49 -29.31 -16.42
CA GLU A 912 -53.43 -30.09 -15.19
C GLU A 912 -53.96 -29.34 -13.97
N ILE A 913 -54.48 -28.13 -14.17
CA ILE A 913 -54.95 -27.29 -13.06
C ILE A 913 -56.43 -27.53 -12.74
N GLY A 914 -57.17 -28.17 -13.64
CA GLY A 914 -58.55 -28.52 -13.32
C GLY A 914 -58.65 -29.39 -12.08
N SER A 915 -57.81 -30.42 -11.99
CA SER A 915 -57.78 -31.25 -10.80
C SER A 915 -57.33 -30.46 -9.58
N LEU A 916 -56.37 -29.55 -9.77
CA LEU A 916 -55.92 -28.70 -8.68
C LEU A 916 -57.10 -27.92 -8.08
N LEU A 917 -57.87 -27.25 -8.94
CA LEU A 917 -59.02 -26.49 -8.47
C LEU A 917 -60.05 -27.41 -7.85
N ALA A 918 -60.31 -28.56 -8.47
CA ALA A 918 -61.32 -29.48 -7.95
C ALA A 918 -60.98 -29.90 -6.52
N ARG A 919 -59.75 -30.36 -6.30
CA ARG A 919 -59.43 -30.84 -4.96
C ARG A 919 -59.22 -29.71 -3.97
N TYR A 920 -58.76 -28.54 -4.41
CA TYR A 920 -58.68 -27.39 -3.50
C TYR A 920 -60.07 -27.00 -3.02
N ALA A 921 -61.03 -26.93 -3.94
CA ALA A 921 -62.40 -26.62 -3.54
C ALA A 921 -63.01 -27.73 -2.70
N SER A 922 -62.66 -28.98 -2.97
CA SER A 922 -63.13 -30.08 -2.14
C SER A 922 -62.63 -29.94 -0.71
N HIS A 923 -61.35 -29.59 -0.56
CA HIS A 923 -60.79 -29.36 0.77
C HIS A 923 -61.48 -28.19 1.45
N LEU A 924 -61.73 -27.12 0.70
CA LEU A 924 -62.40 -25.96 1.29
C LEU A 924 -63.80 -26.31 1.76
N LEU A 925 -64.54 -27.08 0.95
CA LEU A 925 -65.86 -27.53 1.37
C LEU A 925 -65.78 -28.42 2.59
N GLU A 926 -64.75 -29.27 2.66
CA GLU A 926 -64.54 -30.08 3.85
C GLU A 926 -64.33 -29.23 5.08
N LYS A 927 -63.88 -27.99 4.91
CA LYS A 927 -63.75 -27.03 5.99
C LYS A 927 -64.99 -26.14 6.14
N ASN A 928 -66.06 -26.47 5.43
CA ASN A 928 -67.33 -25.74 5.44
C ASN A 928 -67.22 -24.33 4.91
N LYS A 929 -66.12 -23.99 4.24
CA LYS A 929 -65.94 -22.67 3.66
C LYS A 929 -66.45 -22.64 2.21
N THR A 930 -67.77 -22.84 2.09
CA THR A 930 -68.39 -22.84 0.77
C THR A 930 -68.20 -21.51 0.07
N LEU A 931 -68.22 -20.40 0.82
CA LEU A 931 -68.03 -19.09 0.22
C LEU A 931 -66.66 -18.98 -0.42
N ASP A 932 -65.62 -19.53 0.21
CA ASP A 932 -64.30 -19.54 -0.39
C ASP A 932 -64.29 -20.35 -1.68
N ALA A 933 -65.00 -21.49 -1.69
CA ALA A 933 -65.09 -22.28 -2.92
C ALA A 933 -65.75 -21.48 -4.03
N ILE A 934 -66.82 -20.76 -3.71
CA ILE A 934 -67.48 -19.91 -4.70
C ILE A 934 -66.51 -18.83 -5.18
N GLU A 935 -65.74 -18.25 -4.28
CA GLU A 935 -64.81 -17.20 -4.65
C GLU A 935 -63.75 -17.72 -5.62
N LEU A 936 -63.19 -18.90 -5.35
CA LEU A 936 -62.22 -19.47 -6.28
C LEU A 936 -62.88 -19.79 -7.62
N TYR A 937 -64.06 -20.43 -7.59
CA TYR A 937 -64.73 -20.79 -8.82
C TYR A 937 -65.07 -19.56 -9.66
N ARG A 938 -65.31 -18.42 -9.02
CA ARG A 938 -65.49 -17.18 -9.76
C ARG A 938 -64.17 -16.66 -10.28
N LYS A 939 -63.11 -16.72 -9.47
CA LYS A 939 -61.80 -16.30 -9.93
C LYS A 939 -61.34 -17.15 -11.10
N ALA A 940 -61.53 -18.45 -11.01
CA ALA A 940 -61.06 -19.38 -12.03
C ALA A 940 -62.03 -19.51 -13.20
N ASN A 941 -63.07 -18.68 -13.24
CA ASN A 941 -64.07 -18.66 -14.30
C ASN A 941 -64.84 -19.97 -14.41
N TYR A 942 -64.76 -20.83 -13.39
CA TYR A 942 -65.59 -22.04 -13.33
C TYR A 942 -66.98 -21.67 -12.81
N PHE A 943 -67.64 -20.78 -13.55
CA PHE A 943 -68.85 -20.13 -13.06
C PHE A 943 -69.97 -21.13 -12.80
N PHE A 944 -70.00 -22.24 -13.55
CA PHE A 944 -71.05 -23.23 -13.35
C PHE A 944 -71.01 -23.81 -11.94
N ASP A 945 -69.81 -24.13 -11.45
CA ASP A 945 -69.70 -24.73 -10.13
C ASP A 945 -70.11 -23.77 -9.04
N ALA A 946 -69.64 -22.51 -9.12
CA ALA A 946 -70.04 -21.53 -8.12
C ALA A 946 -71.53 -21.25 -8.18
N ALA A 947 -72.10 -21.25 -9.38
CA ALA A 947 -73.55 -21.08 -9.51
C ALA A 947 -74.29 -22.22 -8.84
N LYS A 948 -73.80 -23.46 -9.03
CA LYS A 948 -74.44 -24.60 -8.37
C LYS A 948 -74.34 -24.48 -6.85
N LEU A 949 -73.19 -24.08 -6.34
CA LEU A 949 -73.03 -23.92 -4.89
C LEU A 949 -73.97 -22.85 -4.36
N MET A 950 -74.07 -21.72 -5.05
CA MET A 950 -74.96 -20.65 -4.58
C MET A 950 -76.42 -21.07 -4.69
N PHE A 951 -76.77 -21.86 -5.71
CA PHE A 951 -78.11 -22.40 -5.79
C PHE A 951 -78.41 -23.30 -4.59
N LYS A 952 -77.46 -24.15 -4.21
CA LYS A 952 -77.67 -25.01 -3.06
C LYS A 952 -77.84 -24.18 -1.79
N ILE A 953 -77.02 -23.14 -1.64
CA ILE A 953 -77.12 -22.28 -0.45
C ILE A 953 -78.46 -21.55 -0.43
N ALA A 954 -78.90 -21.04 -1.58
CA ALA A 954 -80.17 -20.33 -1.64
C ALA A 954 -81.33 -21.28 -1.36
N ASP A 955 -81.27 -22.51 -1.87
CA ASP A 955 -82.31 -23.48 -1.57
C ASP A 955 -82.36 -23.81 -0.09
N GLU A 956 -81.18 -23.96 0.54
CA GLU A 956 -81.15 -24.21 1.98
C GLU A 956 -81.76 -23.05 2.75
N GLU A 957 -81.44 -21.82 2.35
CA GLU A 957 -82.01 -20.64 3.01
C GLU A 957 -83.52 -20.58 2.82
N ALA A 958 -83.99 -20.90 1.62
CA ALA A 958 -85.43 -20.91 1.36
C ALA A 958 -86.14 -21.94 2.23
N LYS A 959 -85.54 -23.12 2.36
CA LYS A 959 -86.10 -24.14 3.25
C LYS A 959 -86.08 -23.66 4.70
N LYS A 960 -85.05 -22.92 5.09
CA LYS A 960 -84.94 -22.42 6.45
C LYS A 960 -85.94 -21.30 6.75
N GLY A 961 -86.57 -20.72 5.74
CA GLY A 961 -87.53 -19.66 5.96
C GLY A 961 -86.93 -18.41 6.56
N SER A 962 -85.78 -17.97 6.05
CA SER A 962 -85.09 -16.79 6.57
C SER A 962 -85.74 -15.53 6.00
N LYS A 963 -85.06 -14.39 6.17
CA LYS A 963 -85.59 -13.13 5.69
C LYS A 963 -85.68 -13.14 4.17
N PRO A 964 -86.80 -12.70 3.59
CA PRO A 964 -86.94 -12.75 2.14
C PRO A 964 -85.88 -11.96 1.38
N LEU A 965 -85.44 -10.82 1.93
CA LEU A 965 -84.44 -10.02 1.24
C LEU A 965 -83.13 -10.78 1.08
N ARG A 966 -82.73 -11.52 2.11
CA ARG A 966 -81.52 -12.32 2.03
C ARG A 966 -81.62 -13.38 0.95
N VAL A 967 -82.76 -14.06 0.87
CA VAL A 967 -82.96 -15.08 -0.15
C VAL A 967 -82.96 -14.45 -1.54
N LYS A 968 -83.58 -13.28 -1.66
CA LYS A 968 -83.57 -12.58 -2.94
C LYS A 968 -82.16 -12.23 -3.36
N LYS A 969 -81.34 -11.74 -2.43
CA LYS A 969 -79.95 -11.41 -2.75
C LYS A 969 -79.19 -12.66 -3.20
N LEU A 970 -79.37 -13.76 -2.47
CA LEU A 970 -78.66 -14.98 -2.85
C LEU A 970 -79.08 -15.47 -4.23
N TYR A 971 -80.38 -15.43 -4.52
CA TYR A 971 -80.85 -15.85 -5.83
C TYR A 971 -80.36 -14.91 -6.93
N VAL A 972 -80.29 -13.61 -6.64
CA VAL A 972 -79.77 -12.66 -7.61
C VAL A 972 -78.32 -12.98 -7.94
N LEU A 973 -77.51 -13.25 -6.91
CA LEU A 973 -76.11 -13.61 -7.16
C LEU A 973 -76.00 -14.90 -7.95
N SER A 974 -76.83 -15.89 -7.62
CA SER A 974 -76.81 -17.15 -8.37
C SER A 974 -77.15 -16.92 -9.83
N ALA A 975 -78.19 -16.11 -10.10
CA ALA A 975 -78.56 -15.81 -11.47
C ALA A 975 -77.46 -15.05 -12.19
N LEU A 976 -76.77 -14.16 -11.47
CA LEU A 976 -75.65 -13.44 -12.07
C LEU A 976 -74.55 -14.40 -12.50
N LEU A 977 -74.25 -15.39 -11.65
CA LEU A 977 -73.26 -16.40 -12.01
C LEU A 977 -73.71 -17.20 -13.23
N ILE A 978 -74.99 -17.56 -13.28
CA ILE A 978 -75.53 -18.26 -14.45
C ILE A 978 -75.36 -17.40 -15.70
N GLU A 979 -75.66 -16.11 -15.60
CA GLU A 979 -75.53 -15.22 -16.75
C GLU A 979 -74.08 -15.09 -17.19
N GLN A 980 -73.15 -15.04 -16.24
CA GLN A 980 -71.74 -15.01 -16.59
C GLN A 980 -71.32 -16.30 -17.31
N TYR A 981 -71.80 -17.44 -16.83
CA TYR A 981 -71.50 -18.69 -17.52
C TYR A 981 -72.05 -18.70 -18.93
N HIS A 982 -73.28 -18.19 -19.11
CA HIS A 982 -73.87 -18.16 -20.44
C HIS A 982 -73.09 -17.22 -21.36
N GLU A 983 -72.66 -16.08 -20.85
CA GLU A 983 -71.80 -15.19 -21.64
C GLU A 983 -70.48 -15.86 -21.98
N GLN A 984 -69.99 -16.74 -21.08
CA GLN A 984 -68.81 -17.55 -21.39
C GLN A 984 -69.09 -18.50 -22.55
N MET A 985 -70.27 -19.11 -22.56
CA MET A 985 -70.59 -20.08 -23.60
C MET A 985 -70.52 -19.47 -24.99
N LYS A 986 -71.06 -18.26 -25.15
CA LYS A 986 -71.04 -17.58 -26.45
C LYS A 986 -69.65 -17.00 -26.73
N PHE A 1019 -81.47 -22.11 -19.43
CA PHE A 1019 -81.54 -22.40 -18.00
C PHE A 1019 -81.64 -21.13 -17.18
N THR A 1020 -81.36 -19.99 -17.82
CA THR A 1020 -81.51 -18.70 -17.14
C THR A 1020 -82.95 -18.45 -16.72
N ASP A 1021 -83.90 -19.05 -17.44
CA ASP A 1021 -85.31 -18.96 -17.06
C ASP A 1021 -85.59 -19.66 -15.74
N ASN A 1022 -84.66 -20.46 -15.23
CA ASN A 1022 -84.78 -21.03 -13.90
C ASN A 1022 -84.15 -20.12 -12.85
N ALA A 1023 -82.96 -19.61 -13.10
CA ALA A 1023 -82.27 -18.76 -12.13
C ALA A 1023 -83.03 -17.45 -11.90
N TRP A 1024 -83.35 -16.75 -12.98
CA TRP A 1024 -84.06 -15.48 -12.81
C TRP A 1024 -85.46 -15.70 -12.27
N ARG A 1025 -86.07 -16.85 -12.58
CA ARG A 1025 -87.37 -17.18 -11.97
C ARG A 1025 -87.24 -17.39 -10.47
N GLY A 1026 -86.17 -18.07 -10.03
CA GLY A 1026 -85.94 -18.22 -8.61
C GLY A 1026 -85.74 -16.88 -7.92
N ALA A 1027 -85.04 -15.97 -8.58
CA ALA A 1027 -84.93 -14.61 -8.04
C ALA A 1027 -86.30 -13.93 -7.99
N GLU A 1028 -87.08 -14.07 -9.06
CA GLU A 1028 -88.37 -13.38 -9.17
C GLU A 1028 -89.35 -13.86 -8.12
N ALA A 1029 -89.29 -15.13 -7.73
CA ALA A 1029 -90.24 -15.63 -6.73
C ALA A 1029 -90.15 -14.81 -5.45
N TYR A 1030 -88.95 -14.70 -4.89
CA TYR A 1030 -88.79 -13.95 -3.65
C TYR A 1030 -88.89 -12.45 -3.89
N HIS A 1031 -88.51 -11.97 -5.08
CA HIS A 1031 -88.69 -10.55 -5.35
C HIS A 1031 -90.16 -10.17 -5.33
N PHE A 1032 -91.01 -10.98 -5.93
CA PHE A 1032 -92.44 -10.70 -5.93
C PHE A 1032 -93.05 -10.96 -4.56
N PHE A 1033 -92.49 -11.89 -3.79
CA PHE A 1033 -92.88 -12.03 -2.39
C PHE A 1033 -92.69 -10.72 -1.65
N ILE A 1034 -91.48 -10.15 -1.77
CA ILE A 1034 -91.16 -8.89 -1.09
C ILE A 1034 -92.06 -7.77 -1.60
N LEU A 1035 -92.27 -7.71 -2.91
CA LEU A 1035 -93.11 -6.66 -3.47
C LEU A 1035 -94.55 -6.77 -2.98
N ALA A 1036 -95.07 -7.99 -2.90
CA ALA A 1036 -96.42 -8.18 -2.39
C ALA A 1036 -96.53 -7.73 -0.94
N GLN A 1037 -95.55 -8.11 -0.12
CA GLN A 1037 -95.59 -7.68 1.28
C GLN A 1037 -95.51 -6.16 1.39
N ARG A 1038 -94.65 -5.53 0.60
CA ARG A 1038 -94.51 -4.08 0.64
C ARG A 1038 -95.81 -3.40 0.22
N GLN A 1039 -96.43 -3.88 -0.87
CA GLN A 1039 -97.66 -3.27 -1.34
C GLN A 1039 -98.79 -3.47 -0.34
N LEU A 1040 -98.82 -4.63 0.33
CA LEU A 1040 -99.82 -4.86 1.36
C LEU A 1040 -99.64 -3.88 2.51
N TYR A 1041 -98.41 -3.68 2.96
CA TYR A 1041 -98.17 -2.71 4.04
C TYR A 1041 -98.53 -1.29 3.62
N GLU A 1042 -98.21 -0.91 2.39
CA GLU A 1042 -98.47 0.47 1.96
C GLU A 1042 -99.94 0.76 1.76
N GLY A 1043 -100.81 -0.24 1.80
CA GLY A 1043 -102.23 -0.05 1.73
C GLY A 1043 -102.85 -0.29 0.38
N CYS A 1044 -102.05 -0.38 -0.68
CA CYS A 1044 -102.55 -0.67 -2.02
C CYS A 1044 -102.89 -2.15 -2.07
N VAL A 1045 -104.05 -2.49 -1.54
CA VAL A 1045 -104.43 -3.89 -1.36
C VAL A 1045 -104.66 -4.58 -2.70
N ASP A 1046 -105.21 -3.89 -3.69
CA ASP A 1046 -105.50 -4.50 -4.97
C ASP A 1046 -104.21 -4.97 -5.67
N THR A 1047 -103.19 -4.12 -5.69
CA THR A 1047 -101.93 -4.50 -6.29
C THR A 1047 -101.28 -5.63 -5.53
N ALA A 1048 -101.41 -5.63 -4.21
CA ALA A 1048 -100.85 -6.73 -3.41
C ALA A 1048 -101.52 -8.05 -3.74
N LEU A 1049 -102.85 -8.03 -3.89
CA LEU A 1049 -103.57 -9.25 -4.26
C LEU A 1049 -103.16 -9.73 -5.64
N LYS A 1050 -103.03 -8.81 -6.59
CA LYS A 1050 -102.61 -9.21 -7.94
C LYS A 1050 -101.20 -9.80 -7.92
N THR A 1051 -100.30 -9.20 -7.14
CA THR A 1051 -98.94 -9.72 -7.06
C THR A 1051 -98.91 -11.10 -6.41
N ALA A 1052 -99.73 -11.31 -5.38
CA ALA A 1052 -99.80 -12.64 -4.76
C ALA A 1052 -100.34 -13.68 -5.73
N LEU A 1053 -101.37 -13.32 -6.49
CA LEU A 1053 -101.90 -14.23 -7.50
C LEU A 1053 -100.85 -14.56 -8.54
N HIS A 1054 -100.06 -13.56 -8.95
CA HIS A 1054 -98.98 -13.82 -9.89
C HIS A 1054 -97.90 -14.70 -9.27
N LEU A 1055 -97.65 -14.54 -7.97
CA LEU A 1055 -96.64 -15.35 -7.30
C LEU A 1055 -97.09 -16.80 -7.14
N LYS A 1056 -98.40 -17.04 -7.15
CA LYS A 1056 -98.92 -18.40 -7.04
C LYS A 1056 -98.24 -19.38 -7.99
N ASP A 1057 -97.68 -18.90 -9.11
CA ASP A 1057 -97.09 -19.79 -10.10
C ASP A 1057 -95.76 -20.40 -9.64
N TYR A 1058 -95.11 -19.81 -8.63
CA TYR A 1058 -93.77 -20.23 -8.22
C TYR A 1058 -93.79 -21.07 -6.95
N GLU A 1059 -94.77 -21.95 -6.81
CA GLU A 1059 -94.86 -22.79 -5.62
C GLU A 1059 -93.68 -23.74 -5.47
N ASP A 1060 -92.91 -23.95 -6.54
CA ASP A 1060 -91.78 -24.87 -6.46
C ASP A 1060 -90.63 -24.30 -5.63
N ILE A 1061 -90.50 -22.98 -5.59
CA ILE A 1061 -89.38 -22.35 -4.90
C ILE A 1061 -89.77 -21.98 -3.48
N ILE A 1062 -90.74 -21.08 -3.34
CA ILE A 1062 -91.23 -20.69 -2.02
C ILE A 1062 -92.10 -21.80 -1.46
N PRO A 1063 -92.05 -22.08 -0.16
CA PRO A 1063 -92.94 -23.10 0.41
C PRO A 1063 -94.40 -22.75 0.17
N PRO A 1064 -95.24 -23.74 -0.13
CA PRO A 1064 -96.64 -23.44 -0.44
C PRO A 1064 -97.39 -22.81 0.71
N VAL A 1065 -97.07 -23.16 1.95
CA VAL A 1065 -97.84 -22.67 3.09
C VAL A 1065 -97.70 -21.14 3.19
N GLU A 1066 -96.48 -20.63 3.07
CA GLU A 1066 -96.29 -19.18 3.12
C GLU A 1066 -97.00 -18.50 1.96
N ILE A 1067 -96.87 -19.07 0.75
CA ILE A 1067 -97.47 -18.47 -0.44
C ILE A 1067 -98.98 -18.33 -0.25
N TYR A 1068 -99.64 -19.42 0.15
CA TYR A 1068 -101.09 -19.39 0.19
C TYR A 1068 -101.61 -18.68 1.43
N SER A 1069 -100.86 -18.68 2.53
CA SER A 1069 -101.24 -17.85 3.67
C SER A 1069 -101.19 -16.37 3.31
N LEU A 1070 -100.14 -15.95 2.60
CA LEU A 1070 -100.06 -14.56 2.17
C LEU A 1070 -101.19 -14.25 1.18
N LEU A 1071 -101.48 -15.16 0.27
CA LEU A 1071 -102.56 -14.94 -0.69
C LEU A 1071 -103.90 -14.81 0.02
N ALA A 1072 -104.17 -15.67 0.99
CA ALA A 1072 -105.42 -15.59 1.74
C ALA A 1072 -105.50 -14.30 2.55
N LEU A 1073 -104.39 -13.87 3.14
CA LEU A 1073 -104.37 -12.63 3.88
C LEU A 1073 -104.68 -11.45 2.97
N CYS A 1074 -104.07 -11.44 1.78
CA CYS A 1074 -104.34 -10.37 0.82
C CYS A 1074 -105.79 -10.37 0.39
N ALA A 1075 -106.34 -11.56 0.14
CA ALA A 1075 -107.75 -11.65 -0.26
C ALA A 1075 -108.67 -11.13 0.83
N CYS A 1076 -108.40 -11.51 2.08
CA CYS A 1076 -109.21 -11.04 3.19
C CYS A 1076 -109.11 -9.53 3.36
N ALA A 1077 -107.90 -8.98 3.25
CA ALA A 1077 -107.72 -7.54 3.38
C ALA A 1077 -108.19 -6.76 2.17
N SER A 1078 -108.50 -7.44 1.05
CA SER A 1078 -108.91 -6.76 -0.17
C SER A 1078 -110.31 -7.17 -0.62
N ARG A 1079 -111.07 -7.86 0.22
CA ARG A 1079 -112.44 -8.25 -0.10
C ARG A 1079 -112.49 -9.10 -1.37
N ALA A 1080 -111.68 -10.16 -1.38
CA ALA A 1080 -111.60 -11.08 -2.52
C ALA A 1080 -111.97 -12.49 -2.08
N PHE A 1081 -113.11 -12.61 -1.38
CA PHE A 1081 -113.41 -13.83 -0.63
C PHE A 1081 -113.43 -15.08 -1.51
N GLY A 1082 -113.70 -14.95 -2.81
CA GLY A 1082 -113.61 -16.10 -3.68
C GLY A 1082 -112.19 -16.65 -3.74
N THR A 1083 -111.22 -15.75 -3.95
CA THR A 1083 -109.83 -16.15 -3.90
C THR A 1083 -109.42 -16.57 -2.49
N CYS A 1084 -110.05 -16.00 -1.48
CA CYS A 1084 -109.79 -16.42 -0.11
C CYS A 1084 -110.18 -17.88 0.11
N SER A 1085 -111.35 -18.27 -0.39
CA SER A 1085 -111.77 -19.66 -0.31
C SER A 1085 -110.85 -20.55 -1.13
N LYS A 1086 -110.49 -20.10 -2.33
CA LYS A 1086 -109.57 -20.88 -3.16
C LYS A 1086 -108.21 -21.02 -2.46
N ALA A 1087 -107.87 -20.09 -1.59
CA ALA A 1087 -106.61 -20.16 -0.85
C ALA A 1087 -106.69 -21.15 0.31
N PHE A 1088 -107.75 -21.07 1.12
CA PHE A 1088 -107.88 -22.03 2.21
C PHE A 1088 -108.10 -23.45 1.72
N ILE A 1089 -108.70 -23.64 0.55
CA ILE A 1089 -108.84 -25.02 0.04
C ILE A 1089 -107.46 -25.65 -0.10
N LYS A 1090 -106.53 -24.96 -0.76
CA LYS A 1090 -105.19 -25.50 -0.92
C LYS A 1090 -104.45 -25.53 0.41
N LEU A 1091 -104.67 -24.53 1.26
CA LEU A 1091 -103.97 -24.49 2.54
C LEU A 1091 -104.32 -25.69 3.40
N LYS A 1092 -105.60 -26.03 3.48
CA LYS A 1092 -106.00 -27.24 4.20
C LYS A 1092 -105.51 -28.49 3.49
N SER A 1093 -105.60 -28.51 2.15
CA SER A 1093 -105.22 -29.71 1.41
C SER A 1093 -103.72 -29.95 1.40
N LEU A 1094 -102.92 -28.99 1.87
CA LEU A 1094 -101.47 -29.18 1.91
C LEU A 1094 -101.11 -30.35 2.80
N GLU A 1095 -100.21 -31.20 2.31
CA GLU A 1095 -99.86 -32.44 2.99
C GLU A 1095 -98.76 -32.28 4.03
N THR A 1096 -98.11 -31.12 4.10
CA THR A 1096 -97.03 -30.89 5.05
C THR A 1096 -97.48 -30.11 6.27
N LEU A 1097 -98.73 -30.33 6.70
CA LEU A 1097 -99.30 -29.61 7.83
C LEU A 1097 -99.68 -30.61 8.92
N SER A 1098 -99.50 -30.20 10.17
CA SER A 1098 -99.89 -31.04 11.29
C SER A 1098 -101.42 -31.06 11.43
N SER A 1099 -101.91 -32.10 12.11
CA SER A 1099 -103.35 -32.22 12.32
C SER A 1099 -103.90 -31.05 13.13
N GLU A 1100 -103.16 -30.62 14.16
CA GLU A 1100 -103.57 -29.45 14.91
C GLU A 1100 -103.58 -28.21 14.04
N GLN A 1101 -102.56 -28.05 13.18
CA GLN A 1101 -102.53 -26.93 12.25
C GLN A 1101 -103.69 -26.99 11.28
N LYS A 1102 -104.03 -28.19 10.80
CA LYS A 1102 -105.19 -28.35 9.93
C LYS A 1102 -106.47 -27.92 10.64
N GLN A 1103 -106.60 -28.30 11.91
CA GLN A 1103 -107.77 -27.91 12.68
C GLN A 1103 -107.84 -26.39 12.85
N GLN A 1104 -106.69 -25.75 13.11
CA GLN A 1104 -106.67 -24.30 13.24
C GLN A 1104 -107.11 -23.63 11.94
N TYR A 1105 -106.55 -24.10 10.82
CA TYR A 1105 -106.93 -23.52 9.53
C TYR A 1105 -108.41 -23.73 9.25
N GLU A 1106 -108.93 -24.92 9.53
CA GLU A 1106 -110.34 -25.21 9.29
C GLU A 1106 -111.23 -24.32 10.15
N ASP A 1107 -110.87 -24.13 11.42
CA ASP A 1107 -111.66 -23.29 12.31
C ASP A 1107 -111.66 -21.84 11.85
N LEU A 1108 -110.48 -21.32 11.47
CA LEU A 1108 -110.42 -19.95 11.00
C LEU A 1108 -111.21 -19.77 9.72
N ALA A 1109 -111.13 -20.73 8.79
CA ALA A 1109 -111.92 -20.66 7.57
C ALA A 1109 -113.41 -20.72 7.88
N LEU A 1110 -113.80 -21.55 8.83
CA LEU A 1110 -115.19 -21.65 9.23
C LEU A 1110 -115.71 -20.31 9.74
N GLU A 1111 -114.93 -19.67 10.62
CA GLU A 1111 -115.32 -18.36 11.13
C GLU A 1111 -115.42 -17.34 9.99
N ILE A 1112 -114.43 -17.32 9.11
CA ILE A 1112 -114.39 -16.33 8.04
C ILE A 1112 -115.60 -16.49 7.12
N PHE A 1113 -115.90 -17.73 6.74
CA PHE A 1113 -116.93 -17.99 5.75
C PHE A 1113 -118.32 -18.10 6.36
N THR A 1114 -118.43 -18.18 7.68
CA THR A 1114 -119.71 -17.88 8.32
C THR A 1114 -119.94 -16.38 8.39
N LYS A 1115 -118.86 -15.60 8.56
CA LYS A 1115 -118.99 -14.16 8.57
C LYS A 1115 -119.40 -13.63 7.19
N HIS A 1116 -118.79 -14.15 6.12
CA HIS A 1116 -119.01 -13.61 4.79
C HIS A 1116 -119.17 -14.76 3.79
N THR A 1117 -119.71 -14.42 2.62
CA THR A 1117 -119.98 -15.41 1.59
C THR A 1117 -118.69 -15.82 0.88
N SER A 1118 -118.59 -17.11 0.56
CA SER A 1118 -117.40 -17.62 -0.10
C SER A 1118 -117.34 -17.27 -1.58
N LYS A 1119 -118.48 -17.09 -2.22
CA LYS A 1119 -118.51 -16.83 -3.66
C LYS A 1119 -117.86 -15.49 -3.97
N ASP A 1120 -117.11 -15.46 -5.08
CA ASP A 1120 -116.43 -14.25 -5.50
C ASP A 1120 -117.38 -13.29 -6.20
N ASN A 1121 -116.93 -12.06 -6.38
CA ASN A 1121 -117.70 -11.04 -7.07
C ASN A 1121 -117.82 -11.36 -8.55
N LYS A 1136 -98.70 -16.55 -21.44
CA LYS A 1136 -99.17 -15.36 -20.74
C LYS A 1136 -98.33 -14.14 -21.11
N LEU A 1137 -98.86 -12.95 -20.83
CA LEU A 1137 -98.14 -11.72 -21.11
C LEU A 1137 -96.99 -11.54 -20.13
N PRO A 1138 -95.94 -10.81 -20.52
CA PRO A 1138 -94.86 -10.52 -19.58
C PRO A 1138 -95.32 -9.61 -18.46
N THR A 1139 -94.63 -9.71 -17.33
CA THR A 1139 -95.02 -9.05 -16.10
C THR A 1139 -94.07 -7.90 -15.80
N CYS A 1140 -94.64 -6.74 -15.46
CA CYS A 1140 -93.84 -5.60 -15.03
C CYS A 1140 -93.22 -5.88 -13.67
N VAL A 1141 -91.91 -5.65 -13.56
CA VAL A 1141 -91.22 -5.86 -12.30
C VAL A 1141 -91.68 -4.87 -11.24
N ALA A 1142 -91.98 -3.63 -11.65
CA ALA A 1142 -92.25 -2.58 -10.69
C ALA A 1142 -93.52 -2.84 -9.88
N THR A 1143 -94.59 -3.30 -10.55
CA THR A 1143 -95.87 -3.42 -9.86
C THR A 1143 -96.60 -4.74 -10.13
N GLY A 1144 -95.96 -5.71 -10.78
CA GLY A 1144 -96.57 -7.00 -11.00
C GLY A 1144 -97.71 -7.04 -11.99
N SER A 1145 -98.21 -5.89 -12.42
CA SER A 1145 -99.25 -5.87 -13.44
C SER A 1145 -98.68 -6.35 -14.78
N PRO A 1146 -99.49 -7.04 -15.58
CA PRO A 1146 -99.00 -7.49 -16.89
C PRO A 1146 -98.65 -6.31 -17.78
N ILE A 1147 -97.62 -6.50 -18.61
CA ILE A 1147 -97.18 -5.47 -19.54
C ILE A 1147 -98.05 -5.51 -20.78
N THR A 1148 -99.15 -4.76 -20.77
CA THR A 1148 -100.07 -4.78 -21.89
C THR A 1148 -99.44 -4.17 -23.14
N GLU A 1149 -98.78 -3.02 -22.98
CA GLU A 1149 -98.21 -2.33 -24.13
C GLU A 1149 -97.10 -3.16 -24.77
N TYR A 1150 -97.01 -3.07 -26.10
CA TYR A 1150 -96.00 -3.80 -26.83
C TYR A 1150 -94.61 -3.20 -26.66
N GLN A 1151 -94.52 -1.89 -26.54
CA GLN A 1151 -93.26 -1.20 -26.32
C GLN A 1151 -93.12 -0.90 -24.83
N PHE A 1152 -92.04 -1.37 -24.22
CA PHE A 1152 -91.86 -1.26 -22.78
C PHE A 1152 -90.38 -1.29 -22.46
N TRP A 1153 -90.01 -0.57 -21.39
CA TRP A 1153 -88.63 -0.55 -20.95
C TRP A 1153 -88.19 -1.95 -20.53
N MET A 1154 -87.01 -2.34 -20.97
CA MET A 1154 -86.43 -3.65 -20.70
C MET A 1154 -85.07 -3.48 -20.03
N CYS A 1155 -84.79 -4.34 -19.05
CA CYS A 1155 -83.50 -4.31 -18.40
C CYS A 1155 -82.42 -4.90 -19.29
N SER A 1156 -81.18 -4.43 -19.08
CA SER A 1156 -80.05 -4.93 -19.84
C SER A 1156 -79.46 -6.20 -19.26
N VAL A 1157 -79.86 -6.60 -18.05
CA VAL A 1157 -79.28 -7.78 -17.42
C VAL A 1157 -80.35 -8.80 -17.10
N CYS A 1158 -81.33 -8.43 -16.26
CA CYS A 1158 -82.30 -9.39 -15.77
C CYS A 1158 -83.30 -9.84 -16.83
N LYS A 1159 -83.38 -9.15 -17.97
CA LYS A 1159 -84.27 -9.53 -19.07
C LYS A 1159 -85.73 -9.58 -18.61
N HIS A 1160 -86.14 -8.63 -17.78
CA HIS A 1160 -87.53 -8.51 -17.36
C HIS A 1160 -87.94 -7.05 -17.44
N GLY A 1161 -89.06 -6.78 -18.09
CA GLY A 1161 -89.46 -5.43 -18.40
C GLY A 1161 -90.10 -4.69 -17.25
N VAL A 1162 -90.17 -3.37 -17.40
CA VAL A 1162 -90.87 -2.49 -16.48
C VAL A 1162 -91.66 -1.50 -17.32
N LEU A 1163 -92.87 -1.18 -16.86
CA LEU A 1163 -93.78 -0.35 -17.65
C LEU A 1163 -93.20 1.03 -17.91
N ALA A 1164 -93.59 1.61 -19.04
CA ALA A 1164 -93.10 2.93 -19.43
C ALA A 1164 -93.51 4.02 -18.45
N GLN A 1165 -94.56 3.80 -17.68
CA GLN A 1165 -95.02 4.79 -16.71
C GLN A 1165 -94.30 4.71 -15.38
N GLU A 1166 -93.50 3.66 -15.17
CA GLU A 1166 -92.78 3.50 -13.90
C GLU A 1166 -91.29 3.27 -14.09
N ILE A 1167 -90.76 3.44 -15.31
CA ILE A 1167 -89.33 3.29 -15.52
C ILE A 1167 -88.57 4.43 -14.88
N SER A 1168 -89.04 5.66 -15.07
CA SER A 1168 -88.30 6.83 -14.63
C SER A 1168 -88.15 6.91 -13.11
N HIS A 1169 -88.98 6.18 -12.36
CA HIS A 1169 -88.93 6.27 -10.91
C HIS A 1169 -87.67 5.62 -10.34
N TYR A 1170 -87.15 4.59 -11.00
CA TYR A 1170 -86.06 3.79 -10.46
C TYR A 1170 -84.75 4.11 -11.16
N SER A 1171 -83.71 4.36 -10.37
CA SER A 1171 -82.37 4.54 -10.91
C SER A 1171 -81.64 3.24 -11.13
N PHE A 1172 -82.21 2.11 -10.68
CA PHE A 1172 -81.69 0.80 -10.97
C PHE A 1172 -82.86 -0.16 -11.16
N CYS A 1173 -82.62 -1.22 -11.90
CA CYS A 1173 -83.68 -2.18 -12.19
C CYS A 1173 -84.15 -2.84 -10.90
N PRO A 1174 -85.44 -2.81 -10.59
CA PRO A 1174 -85.90 -3.35 -9.30
C PRO A 1174 -85.58 -4.82 -9.11
N LEU A 1175 -85.60 -5.63 -10.16
CA LEU A 1175 -85.36 -7.06 -10.00
C LEU A 1175 -83.91 -7.36 -9.66
N CYS A 1176 -82.98 -6.76 -10.40
CA CYS A 1176 -81.57 -7.12 -10.30
C CYS A 1176 -80.66 -5.96 -9.87
N HIS A 1177 -81.20 -4.76 -9.70
CA HIS A 1177 -80.47 -3.58 -9.25
C HIS A 1177 -79.29 -3.25 -10.16
N SER A 1178 -79.33 -3.70 -11.40
CA SER A 1178 -78.40 -3.20 -12.40
C SER A 1178 -78.82 -1.78 -12.80
N PRO A 1179 -77.88 -0.99 -13.31
CA PRO A 1179 -78.23 0.39 -13.71
C PRO A 1179 -79.29 0.40 -14.79
N VAL A 1180 -80.20 1.38 -14.69
CA VAL A 1180 -81.24 1.53 -15.70
C VAL A 1180 -80.63 2.07 -16.98
N GLY A 1181 -81.28 1.76 -18.10
CA GLY A 1181 -80.81 2.22 -19.40
C GLY A 1181 -81.34 1.38 -20.54
N MET B 1 -49.47 -5.18 33.33
CA MET B 1 -49.61 -5.21 34.78
C MET B 1 -50.13 -6.56 35.25
N ARG B 2 -49.59 -7.04 36.37
CA ARG B 2 -50.04 -8.29 36.98
C ARG B 2 -49.53 -8.39 38.40
N ALA B 3 -50.41 -8.70 39.35
CA ALA B 3 -50.05 -8.83 40.74
C ALA B 3 -50.33 -10.24 41.20
N VAL B 4 -49.32 -10.88 41.80
CA VAL B 4 -49.44 -12.25 42.28
C VAL B 4 -49.46 -12.23 43.80
N LEU B 5 -50.44 -12.92 44.38
CA LEU B 5 -50.64 -12.93 45.83
C LEU B 5 -49.60 -13.83 46.48
N THR B 6 -48.60 -13.25 47.13
CA THR B 6 -47.57 -14.05 47.77
C THR B 6 -48.11 -14.76 49.00
N TRP B 7 -48.84 -14.06 49.86
CA TRP B 7 -49.45 -14.70 51.02
C TRP B 7 -50.61 -13.85 51.52
N ARG B 8 -51.63 -14.53 52.06
CA ARG B 8 -52.79 -13.89 52.63
C ARG B 8 -53.09 -14.53 53.98
N ASP B 9 -53.28 -13.69 55.00
CA ASP B 9 -53.57 -14.16 56.35
C ASP B 9 -54.62 -13.26 56.98
N LYS B 10 -55.57 -13.85 57.70
CA LYS B 10 -56.69 -13.12 58.26
C LYS B 10 -56.53 -12.98 59.75
N ALA B 11 -56.71 -11.76 60.26
CA ALA B 11 -56.75 -11.50 61.69
C ALA B 11 -58.20 -11.57 62.16
N GLU B 12 -58.45 -11.13 63.40
CA GLU B 12 -59.78 -11.20 63.99
C GLU B 12 -60.43 -9.84 64.14
N HIS B 13 -59.80 -8.77 63.65
CA HIS B 13 -60.36 -7.43 63.75
C HIS B 13 -59.93 -6.64 62.52
N CYS B 14 -60.59 -5.51 62.32
CA CYS B 14 -60.26 -4.63 61.20
C CYS B 14 -58.80 -4.17 61.30
N ILE B 15 -58.12 -4.16 60.16
CA ILE B 15 -56.74 -3.71 60.10
C ILE B 15 -56.75 -2.19 59.96
N ASN B 16 -56.29 -1.49 61.00
CA ASN B 16 -56.41 -0.04 61.02
C ASN B 16 -55.24 0.61 60.29
N ASP B 17 -54.01 0.21 60.61
CA ASP B 17 -52.85 0.80 59.98
C ASP B 17 -51.74 -0.23 59.93
N ILE B 18 -50.79 0.01 59.01
CA ILE B 18 -49.67 -0.90 58.80
C ILE B 18 -48.40 -0.07 58.65
N ALA B 19 -47.27 -0.71 58.93
CA ALA B 19 -45.98 -0.04 58.87
C ALA B 19 -44.92 -1.04 58.45
N PHE B 20 -43.95 -0.58 57.69
CA PHE B 20 -42.86 -1.42 57.22
C PHE B 20 -41.56 -1.07 57.93
N LYS B 21 -40.84 -2.09 58.36
CA LYS B 21 -39.46 -1.89 58.76
C LYS B 21 -38.67 -1.44 57.54
N PRO B 22 -37.82 -0.41 57.67
CA PRO B 22 -37.15 0.12 56.47
C PRO B 22 -36.32 -0.90 55.73
N ASP B 23 -35.74 -1.88 56.43
CA ASP B 23 -35.05 -2.97 55.77
C ASP B 23 -35.99 -3.89 55.00
N GLY B 24 -37.30 -3.79 55.23
CA GLY B 24 -38.26 -4.65 54.58
C GLY B 24 -38.39 -6.03 55.17
N THR B 25 -37.68 -6.33 56.26
CA THR B 25 -37.69 -7.67 56.83
C THR B 25 -39.06 -8.02 57.40
N GLN B 26 -39.69 -7.09 58.10
CA GLN B 26 -40.94 -7.39 58.79
C GLN B 26 -41.89 -6.19 58.69
N LEU B 27 -43.17 -6.46 58.88
CA LEU B 27 -44.19 -5.43 58.89
C LEU B 27 -45.00 -5.54 60.17
N ILE B 28 -45.73 -4.47 60.48
CA ILE B 28 -46.49 -4.37 61.73
C ILE B 28 -47.89 -3.89 61.38
N LEU B 29 -48.89 -4.55 61.99
CA LEU B 29 -50.30 -4.24 61.79
C LEU B 29 -50.84 -3.54 63.02
N ALA B 30 -52.12 -3.16 62.94
CA ALA B 30 -52.86 -2.63 64.10
C ALA B 30 -54.26 -3.26 64.05
N ALA B 31 -54.40 -4.42 64.66
CA ALA B 31 -55.65 -5.16 64.67
C ALA B 31 -56.19 -5.21 66.10
N GLY B 32 -57.29 -4.53 66.33
CA GLY B 32 -57.88 -4.51 67.66
C GLY B 32 -56.95 -3.88 68.66
N SER B 33 -56.77 -4.55 69.79
CA SER B 33 -56.00 -4.01 70.90
C SER B 33 -54.54 -4.44 70.89
N ARG B 34 -54.08 -5.12 69.85
CA ARG B 34 -52.73 -5.66 69.82
C ARG B 34 -52.06 -5.30 68.50
N LEU B 35 -50.74 -5.31 68.51
CA LEU B 35 -49.94 -5.04 67.32
C LEU B 35 -49.35 -6.35 66.81
N LEU B 36 -49.85 -6.84 65.69
CA LEU B 36 -49.32 -8.08 65.13
C LEU B 36 -48.07 -7.78 64.33
N VAL B 37 -47.01 -8.57 64.56
CA VAL B 37 -45.76 -8.42 63.84
C VAL B 37 -45.62 -9.59 62.89
N TYR B 38 -45.58 -9.31 61.59
CA TYR B 38 -45.50 -10.34 60.57
C TYR B 38 -44.15 -10.27 59.87
N ASP B 39 -43.70 -11.43 59.38
CA ASP B 39 -42.52 -11.50 58.53
C ASP B 39 -42.95 -11.29 57.09
N THR B 40 -42.32 -10.33 56.41
CA THR B 40 -42.74 -9.96 55.07
C THR B 40 -42.52 -11.09 54.08
N SER B 41 -41.46 -11.87 54.27
CA SER B 41 -41.13 -12.92 53.31
C SER B 41 -42.20 -14.01 53.26
N ASP B 42 -42.73 -14.38 54.41
CA ASP B 42 -43.62 -15.54 54.50
C ASP B 42 -45.03 -15.20 54.95
N GLY B 43 -45.18 -14.32 55.92
CA GLY B 43 -46.47 -14.08 56.53
C GLY B 43 -46.69 -14.77 57.86
N THR B 44 -45.64 -15.34 58.45
CA THR B 44 -45.76 -16.02 59.73
C THR B 44 -45.82 -14.99 60.85
N LEU B 45 -46.87 -15.02 61.64
CA LEU B 45 -47.04 -14.07 62.74
C LEU B 45 -45.96 -14.31 63.78
N LEU B 46 -45.15 -13.30 64.04
CA LEU B 46 -44.09 -13.44 65.03
C LEU B 46 -44.61 -13.23 66.45
N GLN B 47 -45.11 -12.03 66.75
CA GLN B 47 -45.55 -11.68 68.09
C GLN B 47 -46.76 -10.75 68.04
N PRO B 48 -47.78 -11.03 68.85
CA PRO B 48 -48.76 -9.99 69.16
C PRO B 48 -48.30 -9.13 70.32
N LEU B 49 -47.91 -7.89 70.03
CA LEU B 49 -47.58 -6.94 71.08
C LEU B 49 -48.85 -6.51 71.82
N LYS B 50 -48.74 -6.40 73.14
CA LYS B 50 -49.88 -6.33 74.05
C LYS B 50 -49.74 -5.16 75.00
N GLY B 51 -49.41 -3.99 74.46
CA GLY B 51 -49.20 -2.82 75.30
C GLY B 51 -50.44 -2.01 75.61
N HIS B 52 -51.27 -1.77 74.60
CA HIS B 52 -52.40 -0.87 74.77
C HIS B 52 -53.55 -1.57 75.48
N LYS B 53 -54.56 -0.77 75.85
CA LYS B 53 -55.74 -1.28 76.51
C LYS B 53 -57.00 -1.20 75.64
N ASP B 54 -56.91 -0.55 74.48
CA ASP B 54 -58.05 -0.45 73.57
C ASP B 54 -57.53 -0.55 72.15
N THR B 55 -58.40 -0.26 71.19
CA THR B 55 -58.09 -0.47 69.79
C THR B 55 -56.91 0.40 69.34
N VAL B 56 -55.98 -0.21 68.62
CA VAL B 56 -54.83 0.50 68.07
C VAL B 56 -55.22 1.04 66.70
N TYR B 57 -54.98 2.33 66.48
CA TYR B 57 -55.40 3.01 65.26
C TYR B 57 -54.28 3.31 64.29
N CYS B 58 -53.03 3.25 64.73
CA CYS B 58 -51.95 3.78 63.90
C CYS B 58 -50.61 3.24 64.37
N VAL B 59 -49.62 3.30 63.46
CA VAL B 59 -48.28 2.80 63.70
C VAL B 59 -47.37 3.35 62.61
N ALA B 60 -46.09 3.56 62.94
CA ALA B 60 -45.14 4.11 61.98
C ALA B 60 -43.73 3.92 62.51
N TYR B 61 -42.82 3.49 61.64
CA TYR B 61 -41.41 3.41 62.00
C TYR B 61 -40.75 4.79 61.90
N ALA B 62 -39.49 4.85 62.33
CA ALA B 62 -38.75 6.10 62.45
C ALA B 62 -37.80 6.33 61.29
N LYS B 63 -37.95 5.59 60.19
CA LYS B 63 -37.09 5.72 59.01
C LYS B 63 -35.65 5.37 59.33
N ASP B 64 -35.40 4.92 60.56
CA ASP B 64 -34.07 4.50 60.99
C ASP B 64 -34.02 3.05 61.43
N GLY B 65 -35.17 2.38 61.55
CA GLY B 65 -35.19 1.00 61.97
C GLY B 65 -34.76 0.79 63.41
N LYS B 66 -35.04 1.75 64.28
CA LYS B 66 -34.70 1.63 65.69
C LYS B 66 -35.88 1.78 66.63
N ARG B 67 -36.92 2.51 66.23
CA ARG B 67 -38.10 2.71 67.06
C ARG B 67 -39.32 2.79 66.18
N PHE B 68 -40.49 2.61 66.80
CA PHE B 68 -41.75 2.86 66.12
C PHE B 68 -42.83 3.16 67.16
N ALA B 69 -43.68 4.12 66.83
CA ALA B 69 -44.75 4.55 67.72
C ALA B 69 -46.06 3.89 67.34
N SER B 70 -46.99 3.88 68.30
CA SER B 70 -48.33 3.36 68.06
C SER B 70 -49.28 4.06 69.01
N GLY B 71 -50.28 4.74 68.46
CA GLY B 71 -51.31 5.37 69.27
C GLY B 71 -52.57 4.52 69.26
N SER B 72 -53.37 4.66 70.32
CA SER B 72 -54.52 3.79 70.46
C SER B 72 -55.72 4.56 71.01
N ALA B 73 -56.87 3.90 70.97
CA ALA B 73 -58.12 4.48 71.46
C ALA B 73 -58.12 4.66 72.97
N ASP B 74 -57.14 4.11 73.67
CA ASP B 74 -57.00 4.34 75.10
C ASP B 74 -56.41 5.71 75.42
N LYS B 75 -56.37 6.60 74.43
CA LYS B 75 -55.81 7.94 74.57
C LYS B 75 -54.36 7.87 75.03
N SER B 76 -53.59 6.96 74.43
CA SER B 76 -52.18 6.81 74.78
C SER B 76 -51.38 6.43 73.55
N VAL B 77 -50.10 6.84 73.56
CA VAL B 77 -49.13 6.53 72.53
C VAL B 77 -47.98 5.80 73.19
N ILE B 78 -47.58 4.68 72.61
CA ILE B 78 -46.47 3.87 73.12
C ILE B 78 -45.38 3.84 72.05
N ILE B 79 -44.17 4.20 72.44
CA ILE B 79 -42.99 4.14 71.59
C ILE B 79 -42.26 2.85 71.92
N TRP B 80 -42.30 1.90 70.99
CA TRP B 80 -41.56 0.66 71.05
C TRP B 80 -40.23 0.85 70.33
N THR B 81 -39.31 -0.07 70.59
CA THR B 81 -38.06 -0.13 69.86
C THR B 81 -38.01 -1.41 69.06
N SER B 82 -37.03 -1.48 68.14
CA SER B 82 -36.73 -2.76 67.50
C SER B 82 -36.44 -3.80 68.58
N LYS B 83 -36.59 -5.07 68.21
CA LYS B 83 -36.66 -6.21 69.12
C LYS B 83 -37.93 -6.20 69.96
N LEU B 84 -38.87 -5.30 69.66
CA LEU B 84 -40.26 -5.41 70.09
C LEU B 84 -40.41 -5.37 71.61
N GLU B 85 -40.01 -4.24 72.18
CA GLU B 85 -40.30 -3.98 73.60
C GLU B 85 -40.66 -2.51 73.77
N GLY B 86 -41.72 -2.25 74.53
CA GLY B 86 -42.18 -0.91 74.74
C GLY B 86 -41.32 -0.15 75.73
N ILE B 87 -40.75 0.98 75.30
CA ILE B 87 -39.82 1.71 76.13
C ILE B 87 -40.32 3.10 76.52
N LEU B 88 -41.27 3.69 75.79
CA LEU B 88 -41.72 5.03 76.15
C LEU B 88 -43.22 5.12 75.97
N LYS B 89 -43.82 6.13 76.60
CA LYS B 89 -45.27 6.26 76.61
C LYS B 89 -45.65 7.69 76.94
N TYR B 90 -46.77 8.14 76.37
CA TYR B 90 -47.43 9.36 76.84
C TYR B 90 -48.90 9.28 76.45
N THR B 91 -49.64 10.35 76.75
CA THR B 91 -51.09 10.31 76.64
C THR B 91 -51.61 11.60 76.05
N HIS B 92 -52.80 11.51 75.45
CA HIS B 92 -53.55 12.62 74.89
C HIS B 92 -54.88 12.76 75.64
N ASN B 93 -55.66 13.76 75.25
CA ASN B 93 -57.00 13.92 75.78
C ASN B 93 -58.07 13.23 74.94
N ASP B 94 -57.66 12.55 73.86
CA ASP B 94 -58.59 11.88 72.97
C ASP B 94 -57.89 10.70 72.32
N ALA B 95 -58.67 9.88 71.64
CA ALA B 95 -58.10 8.79 70.86
C ALA B 95 -57.15 9.33 69.82
N ILE B 96 -55.97 8.71 69.72
CA ILE B 96 -54.97 9.13 68.75
C ILE B 96 -55.39 8.61 67.37
N GLN B 97 -55.50 9.52 66.41
CA GLN B 97 -56.02 9.16 65.10
C GLN B 97 -54.92 8.63 64.20
N CYS B 98 -53.79 9.33 64.11
CA CYS B 98 -52.67 8.85 63.33
C CYS B 98 -51.38 9.44 63.87
N VAL B 99 -50.30 8.68 63.75
CA VAL B 99 -48.97 9.09 64.21
C VAL B 99 -48.00 8.89 63.05
N SER B 100 -47.04 9.79 62.93
CA SER B 100 -46.03 9.70 61.88
C SER B 100 -44.69 10.14 62.43
N TYR B 101 -43.62 9.74 61.74
CA TYR B 101 -42.26 10.08 62.11
C TYR B 101 -41.66 11.03 61.09
N ASN B 102 -40.95 12.04 61.57
CA ASN B 102 -40.23 12.92 60.66
C ASN B 102 -39.18 12.12 59.90
N PRO B 103 -39.09 12.26 58.58
CA PRO B 103 -38.16 11.42 57.82
C PRO B 103 -36.71 11.71 58.09
N ILE B 104 -36.38 12.85 58.70
CA ILE B 104 -34.99 13.23 58.90
C ILE B 104 -34.66 13.30 60.38
N THR B 105 -35.41 14.07 61.14
CA THR B 105 -35.08 14.34 62.53
C THR B 105 -35.74 13.37 63.51
N HIS B 106 -36.50 12.40 63.01
CA HIS B 106 -37.20 11.43 63.86
C HIS B 106 -38.14 12.11 64.86
N GLN B 107 -38.61 13.31 64.53
CA GLN B 107 -39.51 14.04 65.40
C GLN B 107 -40.91 13.46 65.26
N LEU B 108 -41.37 12.77 66.30
CA LEU B 108 -42.67 12.12 66.26
C LEU B 108 -43.79 13.15 66.25
N ALA B 109 -44.77 12.96 65.38
CA ALA B 109 -45.95 13.83 65.31
C ALA B 109 -47.19 12.95 65.39
N SER B 110 -47.91 13.05 66.51
CA SER B 110 -49.08 12.22 66.76
C SER B 110 -50.30 13.11 66.93
N CYS B 111 -51.29 12.96 66.07
CA CYS B 111 -52.47 13.81 66.13
C CYS B 111 -53.60 13.08 66.84
N SER B 112 -54.60 13.85 67.28
CA SER B 112 -55.77 13.29 67.93
C SER B 112 -56.97 14.14 67.56
N SER B 113 -58.11 13.84 68.18
CA SER B 113 -59.36 14.49 67.83
C SER B 113 -59.38 15.98 68.18
N SER B 114 -58.47 16.45 69.01
CA SER B 114 -58.50 17.85 69.43
C SER B 114 -57.18 18.57 69.22
N ASP B 115 -56.05 17.89 69.41
CA ASP B 115 -54.74 18.51 69.33
C ASP B 115 -53.74 17.53 68.74
N PHE B 116 -52.60 18.05 68.32
CA PHE B 116 -51.51 17.21 67.85
C PHE B 116 -50.25 17.49 68.65
N GLY B 117 -49.47 16.45 68.88
CA GLY B 117 -48.29 16.56 69.72
C GLY B 117 -47.02 16.19 68.99
N LEU B 118 -46.00 17.01 69.18
CA LEU B 118 -44.68 16.78 68.60
C LEU B 118 -43.70 16.40 69.70
N TRP B 119 -42.80 15.49 69.39
CA TRP B 119 -41.85 14.97 70.39
C TRP B 119 -40.56 14.59 69.69
N SER B 120 -39.51 15.37 69.94
CA SER B 120 -38.19 14.98 69.48
C SER B 120 -37.63 13.86 70.35
N PRO B 121 -36.74 13.03 69.80
CA PRO B 121 -36.18 11.94 70.62
C PRO B 121 -35.45 12.41 71.87
N GLU B 122 -34.77 13.56 71.79
CA GLU B 122 -34.04 14.09 72.93
C GLU B 122 -34.89 14.98 73.82
N GLN B 123 -36.06 15.41 73.34
CA GLN B 123 -36.93 16.26 74.14
C GLN B 123 -37.45 15.50 75.35
N LYS B 124 -37.65 16.23 76.45
CA LYS B 124 -38.12 15.64 77.69
C LYS B 124 -39.62 15.79 77.90
N SER B 125 -40.33 16.34 76.93
CA SER B 125 -41.78 16.51 77.05
C SER B 125 -42.37 16.59 75.66
N VAL B 126 -43.69 16.42 75.59
CA VAL B 126 -44.43 16.44 74.34
C VAL B 126 -45.07 17.80 74.18
N SER B 127 -44.79 18.47 73.07
CA SER B 127 -45.35 19.79 72.79
C SER B 127 -46.72 19.61 72.13
N LYS B 128 -47.77 20.03 72.81
CA LYS B 128 -49.13 19.88 72.33
C LYS B 128 -49.62 21.18 71.73
N HIS B 129 -50.23 21.11 70.54
CA HIS B 129 -50.79 22.27 69.86
C HIS B 129 -52.22 21.97 69.48
N LYS B 130 -53.12 22.90 69.79
CA LYS B 130 -54.53 22.70 69.51
C LYS B 130 -54.81 22.76 68.01
N SER B 131 -55.89 22.09 67.60
CA SER B 131 -56.28 22.01 66.21
C SER B 131 -57.72 22.46 66.06
N SER B 132 -58.06 22.91 64.85
CA SER B 132 -59.39 23.44 64.60
C SER B 132 -60.45 22.35 64.75
N SER B 133 -60.20 21.15 64.24
CA SER B 133 -61.17 20.08 64.30
C SER B 133 -60.42 18.74 64.37
N LYS B 134 -61.15 17.66 64.12
CA LYS B 134 -60.56 16.33 64.22
C LYS B 134 -59.54 16.11 63.12
N ILE B 135 -58.34 15.72 63.51
CA ILE B 135 -57.28 15.40 62.57
C ILE B 135 -57.35 13.92 62.25
N ILE B 136 -57.10 13.57 60.98
CA ILE B 136 -57.09 12.18 60.57
C ILE B 136 -55.80 11.77 59.87
N CYS B 137 -55.01 12.72 59.37
CA CYS B 137 -53.86 12.39 58.55
C CYS B 137 -52.67 13.22 58.96
N CYS B 138 -51.48 12.60 58.92
CA CYS B 138 -50.22 13.30 59.10
C CYS B 138 -49.33 12.98 57.92
N SER B 139 -48.55 13.97 57.50
CA SER B 139 -47.63 13.76 56.38
C SER B 139 -46.47 14.75 56.51
N TRP B 140 -45.34 14.25 56.99
CA TRP B 140 -44.12 15.05 57.01
C TRP B 140 -43.58 15.23 55.60
N THR B 141 -42.98 16.38 55.35
CA THR B 141 -42.33 16.62 54.06
C THR B 141 -41.04 15.83 53.98
N ASN B 142 -40.54 15.65 52.75
CA ASN B 142 -39.35 14.83 52.55
C ASN B 142 -38.14 15.38 53.29
N ASP B 143 -37.96 16.70 53.26
CA ASP B 143 -36.88 17.32 54.03
C ASP B 143 -37.21 17.45 55.50
N GLY B 144 -38.41 17.06 55.93
CA GLY B 144 -38.76 17.11 57.32
C GLY B 144 -39.00 18.49 57.87
N GLN B 145 -39.28 19.47 57.02
CA GLN B 145 -39.46 20.84 57.47
C GLN B 145 -40.92 21.24 57.65
N TYR B 146 -41.86 20.52 57.03
CA TYR B 146 -43.26 20.89 57.10
C TYR B 146 -44.10 19.65 57.37
N LEU B 147 -45.28 19.89 57.95
CA LEU B 147 -46.20 18.84 58.37
C LEU B 147 -47.60 19.20 57.90
N ALA B 148 -48.24 18.29 57.17
CA ALA B 148 -49.59 18.50 56.68
C ALA B 148 -50.56 17.68 57.52
N LEU B 149 -51.58 18.35 58.05
CA LEU B 149 -52.61 17.70 58.84
C LEU B 149 -53.93 17.81 58.10
N GLY B 150 -54.46 16.68 57.64
CA GLY B 150 -55.77 16.64 57.04
C GLY B 150 -56.81 16.46 58.14
N MET B 151 -57.91 17.19 58.02
CA MET B 151 -58.89 17.22 59.10
C MET B 151 -60.27 16.83 58.58
N PHE B 152 -61.16 16.55 59.53
CA PHE B 152 -62.53 16.15 59.23
C PHE B 152 -63.36 17.28 58.67
N ASN B 153 -62.86 18.52 58.71
CA ASN B 153 -63.56 19.67 58.16
C ASN B 153 -63.30 19.86 56.67
N GLY B 154 -62.58 18.93 56.04
CA GLY B 154 -62.13 19.14 54.68
C GLY B 154 -61.09 20.24 54.57
N ILE B 155 -60.15 20.28 55.49
CA ILE B 155 -59.13 21.33 55.53
C ILE B 155 -57.78 20.68 55.86
N ILE B 156 -56.74 21.13 55.18
CA ILE B 156 -55.37 20.72 55.47
C ILE B 156 -54.65 21.92 56.08
N SER B 157 -54.11 21.73 57.28
CA SER B 157 -53.26 22.74 57.90
C SER B 157 -51.81 22.31 57.75
N ILE B 158 -51.03 23.10 57.03
CA ILE B 158 -49.61 22.82 56.85
C ILE B 158 -48.84 23.72 57.79
N ARG B 159 -48.11 23.10 58.71
CA ARG B 159 -47.45 23.75 59.82
C ARG B 159 -45.96 23.46 59.79
N ASN B 160 -45.20 24.32 60.47
CA ASN B 160 -43.76 24.15 60.56
C ASN B 160 -43.45 23.15 61.68
N LYS B 161 -42.17 23.03 62.03
CA LYS B 161 -41.78 22.11 63.10
C LYS B 161 -42.21 22.61 64.46
N ASN B 162 -42.38 23.93 64.62
CA ASN B 162 -42.80 24.47 65.90
C ASN B 162 -44.29 24.28 66.14
N GLY B 163 -45.10 24.26 65.08
CA GLY B 163 -46.53 24.18 65.20
C GLY B 163 -47.27 25.38 64.64
N GLU B 164 -46.56 26.43 64.22
CA GLU B 164 -47.21 27.57 63.59
C GLU B 164 -47.81 27.15 62.25
N GLU B 165 -49.05 27.55 62.01
CA GLU B 165 -49.75 27.18 60.77
C GLU B 165 -49.19 28.03 59.63
N LYS B 166 -48.35 27.42 58.80
CA LYS B 166 -47.74 28.16 57.71
C LYS B 166 -48.76 28.44 56.60
N VAL B 167 -49.56 27.45 56.22
CA VAL B 167 -50.57 27.65 55.18
C VAL B 167 -51.76 26.75 55.46
N LYS B 168 -52.87 27.04 54.80
CA LYS B 168 -54.12 26.30 54.98
C LYS B 168 -54.74 26.05 53.62
N ILE B 169 -54.95 24.78 53.27
CA ILE B 169 -55.54 24.39 51.99
C ILE B 169 -56.96 23.93 52.26
N GLU B 170 -57.92 24.59 51.63
CA GLU B 170 -59.33 24.31 51.85
C GLU B 170 -59.89 23.57 50.64
N ARG B 171 -60.14 22.28 50.82
CA ARG B 171 -60.75 21.50 49.76
C ARG B 171 -62.18 21.98 49.52
N PRO B 172 -62.60 22.09 48.26
CA PRO B 172 -63.97 22.54 47.98
C PRO B 172 -65.00 21.62 48.62
N GLY B 173 -66.05 22.23 49.17
CA GLY B 173 -67.09 21.52 49.86
C GLY B 173 -67.04 21.64 51.37
N GLY B 174 -65.88 22.00 51.93
CA GLY B 174 -65.78 22.11 53.37
C GLY B 174 -66.04 20.77 54.04
N SER B 175 -67.01 20.75 54.95
CA SER B 175 -67.37 19.52 55.64
C SER B 175 -68.06 18.51 54.75
N LEU B 176 -68.41 18.88 53.51
CA LEU B 176 -68.99 17.93 52.58
C LEU B 176 -67.99 16.85 52.19
N SER B 177 -66.70 17.20 52.15
CA SER B 177 -65.65 16.29 51.70
C SER B 177 -64.56 16.20 52.77
N PRO B 178 -64.76 15.35 53.78
CA PRO B 178 -63.69 15.12 54.76
C PRO B 178 -62.43 14.60 54.08
N ILE B 179 -61.29 15.03 54.62
CA ILE B 179 -59.98 14.66 54.09
C ILE B 179 -59.51 13.45 54.87
N TRP B 180 -59.56 12.27 54.23
CA TRP B 180 -59.26 11.04 54.93
C TRP B 180 -57.88 10.47 54.62
N SER B 181 -57.19 10.95 53.59
CA SER B 181 -55.81 10.49 53.42
C SER B 181 -54.99 11.56 52.73
N ILE B 182 -53.71 11.65 53.09
CA ILE B 182 -52.77 12.55 52.43
C ILE B 182 -51.41 11.87 52.39
N CYS B 183 -50.59 12.30 51.44
CA CYS B 183 -49.24 11.76 51.33
C CYS B 183 -48.37 12.69 50.49
N TRP B 184 -47.19 13.01 51.00
CA TRP B 184 -46.23 13.82 50.26
C TRP B 184 -45.52 12.95 49.22
N ASN B 185 -45.19 13.56 48.08
CA ASN B 185 -44.41 12.85 47.08
C ASN B 185 -43.03 12.53 47.65
N PRO B 186 -42.64 11.26 47.69
CA PRO B 186 -41.36 10.90 48.32
C PRO B 186 -40.18 10.97 47.37
N SER B 187 -40.36 11.59 46.22
CA SER B 187 -39.30 11.69 45.22
C SER B 187 -38.53 12.99 45.44
N SER B 188 -37.34 12.88 46.04
CA SER B 188 -36.48 14.03 46.28
C SER B 188 -35.08 13.51 46.56
N ARG B 189 -34.14 14.44 46.75
CA ARG B 189 -32.77 14.05 47.07
C ARG B 189 -32.68 13.40 48.45
N TRP B 190 -33.63 13.69 49.34
CA TRP B 190 -33.60 13.17 50.69
C TRP B 190 -34.09 11.73 50.78
N GLU B 191 -34.55 11.16 49.67
CA GLU B 191 -34.97 9.77 49.66
C GLU B 191 -33.82 8.84 50.04
N SER B 192 -32.60 9.21 49.69
CA SER B 192 -31.43 8.39 49.97
C SER B 192 -30.77 8.74 51.30
N PHE B 193 -31.44 9.53 52.14
CA PHE B 193 -30.82 9.99 53.38
C PHE B 193 -30.51 8.82 54.31
N TRP B 194 -31.43 7.87 54.44
CA TRP B 194 -31.31 6.79 55.41
C TRP B 194 -31.12 5.42 54.76
N MET B 195 -30.48 5.38 53.60
CA MET B 195 -30.18 4.11 52.94
C MET B 195 -28.84 3.52 53.36
N ASN B 196 -28.10 4.20 54.22
CA ASN B 196 -26.82 3.71 54.73
C ASN B 196 -26.86 3.59 56.25
N ARG B 197 -27.98 3.09 56.76
CA ARG B 197 -28.14 2.98 58.20
C ARG B 197 -27.30 1.85 58.77
N GLU B 198 -26.92 1.99 60.04
CA GLU B 198 -26.18 0.95 60.75
C GLU B 198 -26.23 1.20 62.26
N LYS B 219 -39.89 -1.65 81.81
CA LYS B 219 -40.42 -0.46 82.47
C LYS B 219 -40.68 0.65 81.46
N SER B 220 -41.96 0.88 81.16
CA SER B 220 -42.36 1.94 80.23
C SER B 220 -42.29 3.28 80.96
N ALA B 221 -41.37 4.13 80.53
CA ALA B 221 -41.15 5.43 81.16
C ALA B 221 -42.06 6.45 80.50
N VAL B 222 -43.09 6.88 81.24
CA VAL B 222 -44.02 7.87 80.70
C VAL B 222 -43.35 9.22 80.53
N TYR B 223 -43.69 9.91 79.45
CA TYR B 223 -43.14 11.22 79.15
C TYR B 223 -44.17 12.29 79.47
N SER B 224 -43.72 13.38 80.09
CA SER B 224 -44.62 14.47 80.44
C SER B 224 -45.04 15.27 79.20
N SER B 225 -46.13 16.00 79.34
CA SER B 225 -46.65 16.86 78.28
C SER B 225 -46.58 18.32 78.72
N GLN B 226 -46.25 19.20 77.77
CA GLN B 226 -46.12 20.62 78.04
C GLN B 226 -46.93 21.38 77.00
N GLY B 227 -48.12 21.83 77.38
CA GLY B 227 -49.03 22.54 76.48
C GLY B 227 -48.42 23.85 75.99
N ASN B 246 -40.39 30.95 52.25
CA ASN B 246 -40.64 31.18 50.84
C ASN B 246 -41.94 30.52 50.41
N LEU B 247 -41.95 29.19 50.44
CA LEU B 247 -43.09 28.36 50.07
C LEU B 247 -43.51 28.52 48.61
N GLU B 248 -42.71 29.19 47.80
CA GLU B 248 -43.02 29.40 46.40
C GLU B 248 -42.06 28.67 45.46
N GLU B 249 -40.76 28.76 45.73
CA GLU B 249 -39.78 28.05 44.91
C GLU B 249 -39.74 26.57 45.20
N ARG B 250 -40.36 26.12 46.28
CA ARG B 250 -40.34 24.70 46.63
C ARG B 250 -41.30 23.92 45.74
N ASN B 251 -40.82 22.82 45.18
CA ASN B 251 -41.60 21.96 44.30
C ASN B 251 -41.95 20.69 45.07
N ASP B 252 -43.05 20.75 45.81
CA ASP B 252 -43.54 19.62 46.58
C ASP B 252 -45.00 19.37 46.21
N ILE B 253 -45.38 18.09 46.17
CA ILE B 253 -46.73 17.70 45.80
C ILE B 253 -47.32 16.89 46.95
N LEU B 254 -48.48 17.32 47.44
CA LEU B 254 -49.27 16.58 48.42
C LEU B 254 -50.45 15.97 47.70
N ALA B 255 -50.50 14.64 47.68
CA ALA B 255 -51.66 13.93 47.20
C ALA B 255 -52.71 13.88 48.31
N VAL B 256 -53.94 14.24 47.97
CA VAL B 256 -55.03 14.38 48.92
C VAL B 256 -56.17 13.47 48.46
N ALA B 257 -56.63 12.61 49.36
CA ALA B 257 -57.73 11.69 49.12
C ALA B 257 -58.87 12.12 50.03
N ASP B 258 -59.85 12.80 49.43
CA ASP B 258 -61.02 13.35 50.10
C ASP B 258 -62.11 12.30 50.23
N TRP B 259 -63.10 12.61 51.06
CA TRP B 259 -64.30 11.79 51.14
C TRP B 259 -65.46 12.37 50.36
N GLY B 260 -65.19 13.38 49.53
CA GLY B 260 -66.04 13.72 48.41
C GLY B 260 -65.75 12.88 47.19
N GLN B 261 -64.94 11.84 47.35
CA GLN B 261 -64.53 10.93 46.29
C GLN B 261 -63.76 11.66 45.19
N LYS B 262 -62.62 12.24 45.57
CA LYS B 262 -61.70 12.84 44.61
C LYS B 262 -60.28 12.71 45.16
N VAL B 263 -59.31 12.81 44.26
CA VAL B 263 -57.91 12.91 44.64
C VAL B 263 -57.34 14.18 44.00
N SER B 264 -56.78 15.04 44.82
CA SER B 264 -56.21 16.29 44.39
C SER B 264 -54.71 16.29 44.65
N PHE B 265 -54.00 17.19 43.98
CA PHE B 265 -52.57 17.34 44.17
C PHE B 265 -52.28 18.81 44.41
N TYR B 266 -51.79 19.14 45.60
CA TYR B 266 -51.58 20.52 46.01
C TYR B 266 -50.09 20.81 46.17
N GLN B 267 -49.71 22.02 45.80
CA GLN B 267 -48.36 22.50 46.06
C GLN B 267 -48.29 23.07 47.48
N LEU B 268 -47.05 23.22 47.96
CA LEU B 268 -46.86 23.71 49.32
C LEU B 268 -47.35 25.14 49.50
N SER B 269 -47.58 25.88 48.42
CA SER B 269 -48.09 27.24 48.48
C SER B 269 -49.61 27.29 48.52
N GLY B 270 -50.28 26.16 48.48
CA GLY B 270 -51.73 26.11 48.48
C GLY B 270 -52.36 26.09 47.10
N LYS B 271 -51.61 26.37 46.05
CA LYS B 271 -52.12 26.29 44.70
C LYS B 271 -52.29 24.84 44.30
N GLN B 272 -53.34 24.56 43.53
CA GLN B 272 -53.59 23.19 43.10
C GLN B 272 -52.84 22.89 41.81
N ILE B 273 -52.56 21.60 41.60
CA ILE B 273 -51.90 21.12 40.39
C ILE B 273 -52.95 20.38 39.56
N GLY B 274 -53.28 20.93 38.41
CA GLY B 274 -54.25 20.30 37.54
C GLY B 274 -55.64 20.27 38.17
N LYS B 275 -56.50 19.47 37.55
CA LYS B 275 -57.86 19.31 38.04
C LYS B 275 -57.95 18.08 38.94
N ASP B 276 -59.11 17.92 39.57
CA ASP B 276 -59.34 16.76 40.40
C ASP B 276 -59.55 15.52 39.53
N ARG B 277 -59.47 14.35 40.17
CA ARG B 277 -59.73 13.09 39.51
C ARG B 277 -60.96 12.47 40.17
N ALA B 278 -62.08 12.50 39.45
CA ALA B 278 -63.34 12.02 40.00
C ALA B 278 -63.26 10.54 40.29
N LEU B 279 -63.67 10.14 41.49
CA LEU B 279 -63.73 8.75 41.89
C LEU B 279 -65.17 8.39 42.23
N ASN B 280 -65.49 7.10 42.08
CA ASN B 280 -66.80 6.58 42.44
C ASN B 280 -66.77 5.78 43.73
N PHE B 281 -65.74 5.98 44.55
CA PHE B 281 -65.60 5.27 45.81
C PHE B 281 -64.95 6.20 46.83
N ASP B 282 -65.22 5.95 48.10
CA ASP B 282 -64.60 6.72 49.16
C ASP B 282 -63.17 6.23 49.38
N PRO B 283 -62.17 7.07 49.19
CA PRO B 283 -60.79 6.66 49.45
C PRO B 283 -60.49 6.58 50.93
N CYS B 284 -59.61 5.64 51.28
CA CYS B 284 -59.21 5.44 52.66
C CYS B 284 -57.70 5.30 52.80
N CYS B 285 -56.95 5.29 51.71
CA CYS B 285 -55.51 5.12 51.76
C CYS B 285 -54.92 5.62 50.45
N ILE B 286 -54.00 6.58 50.53
CA ILE B 286 -53.23 7.02 49.38
C ILE B 286 -51.75 6.98 49.77
N SER B 287 -50.92 6.46 48.88
CA SER B 287 -49.52 6.25 49.18
C SER B 287 -48.72 6.34 47.90
N TYR B 288 -47.47 5.90 47.97
CA TYR B 288 -46.54 6.00 46.86
C TYR B 288 -45.59 4.81 46.90
N PHE B 289 -44.95 4.56 45.77
CA PHE B 289 -43.87 3.58 45.71
C PHE B 289 -42.57 4.21 46.24
N THR B 290 -41.47 3.45 46.10
CA THR B 290 -40.20 3.86 46.68
C THR B 290 -39.73 5.20 46.12
N LYS B 291 -39.67 5.32 44.80
CA LYS B 291 -39.19 6.54 44.16
C LYS B 291 -40.33 7.49 43.81
N GLY B 292 -41.52 7.24 44.32
CA GLY B 292 -42.65 8.12 44.04
C GLY B 292 -43.07 8.15 42.59
N GLU B 293 -43.04 7.01 41.91
CA GLU B 293 -43.43 6.96 40.51
C GLU B 293 -44.87 6.55 40.29
N TYR B 294 -45.45 5.74 41.19
CA TYR B 294 -46.83 5.31 41.08
C TYR B 294 -47.53 5.55 42.41
N ILE B 295 -48.86 5.51 42.38
CA ILE B 295 -49.70 5.80 43.53
C ILE B 295 -50.60 4.61 43.78
N LEU B 296 -50.89 4.35 45.05
CA LEU B 296 -51.77 3.27 45.46
C LEU B 296 -53.02 3.84 46.09
N LEU B 297 -54.19 3.38 45.67
CA LEU B 297 -55.44 3.94 46.13
C LEU B 297 -56.41 2.83 46.47
N GLY B 298 -56.93 2.84 47.69
CA GLY B 298 -57.92 1.88 48.13
C GLY B 298 -59.00 2.57 48.94
N GLY B 299 -60.00 1.78 49.34
CA GLY B 299 -61.05 2.36 50.16
C GLY B 299 -62.40 1.69 50.07
N SER B 300 -63.44 2.48 49.78
CA SER B 300 -64.80 1.96 49.79
C SER B 300 -64.97 0.86 48.75
N ASP B 301 -64.36 1.01 47.59
CA ASP B 301 -64.25 -0.10 46.67
C ASP B 301 -63.42 -1.21 47.31
N LYS B 302 -63.90 -2.44 47.24
CA LYS B 302 -63.21 -3.55 47.89
C LYS B 302 -62.05 -4.03 47.00
N GLN B 303 -61.17 -3.08 46.69
CA GLN B 303 -60.07 -3.34 45.77
C GLN B 303 -59.03 -2.24 45.93
N VAL B 304 -57.85 -2.50 45.37
CA VAL B 304 -56.74 -1.57 45.39
C VAL B 304 -56.31 -1.30 43.96
N SER B 305 -56.06 -0.04 43.65
CA SER B 305 -55.77 0.39 42.29
C SER B 305 -54.44 1.11 42.24
N LEU B 306 -53.73 0.93 41.13
CA LEU B 306 -52.49 1.65 40.86
C LEU B 306 -52.78 2.80 39.92
N PHE B 307 -52.15 3.95 40.21
CA PHE B 307 -52.36 5.18 39.47
C PHE B 307 -51.02 5.75 39.06
N THR B 308 -51.01 6.48 37.95
CA THR B 308 -49.83 7.28 37.64
C THR B 308 -49.69 8.39 38.67
N LYS B 309 -48.49 8.96 38.75
CA LYS B 309 -48.28 10.07 39.67
C LYS B 309 -49.13 11.27 39.33
N ASP B 310 -49.64 11.34 38.11
CA ASP B 310 -50.61 12.36 37.73
C ASP B 310 -52.04 12.00 38.11
N GLY B 311 -52.31 10.74 38.43
CA GLY B 311 -53.63 10.30 38.82
C GLY B 311 -54.38 9.50 37.79
N VAL B 312 -53.76 9.15 36.66
CA VAL B 312 -54.42 8.34 35.66
C VAL B 312 -54.41 6.88 36.11
N ARG B 313 -55.57 6.25 36.09
CA ARG B 313 -55.67 4.88 36.58
C ARG B 313 -54.94 3.93 35.64
N LEU B 314 -54.16 3.03 36.20
CA LEU B 314 -53.37 2.08 35.43
C LEU B 314 -53.91 0.65 35.48
N GLY B 315 -54.39 0.21 36.63
CA GLY B 315 -54.91 -1.14 36.74
C GLY B 315 -55.26 -1.46 38.16
N THR B 316 -55.66 -2.72 38.35
CA THR B 316 -56.10 -3.22 39.65
C THR B 316 -55.01 -4.08 40.26
N VAL B 317 -54.71 -3.83 41.53
CA VAL B 317 -53.68 -4.59 42.25
C VAL B 317 -54.33 -5.83 42.85
N GLY B 318 -55.36 -5.64 43.66
CA GLY B 318 -56.06 -6.75 44.27
C GLY B 318 -57.53 -6.44 44.42
N GLU B 319 -58.33 -7.50 44.40
CA GLU B 319 -59.78 -7.41 44.60
C GLU B 319 -60.11 -8.07 45.93
N GLN B 320 -60.60 -7.28 46.87
CA GLN B 320 -60.81 -7.73 48.25
C GLN B 320 -62.29 -7.91 48.53
N ASN B 321 -62.59 -8.30 49.78
CA ASN B 321 -63.95 -8.56 50.20
C ASN B 321 -64.48 -7.54 51.20
N SER B 322 -63.76 -6.45 51.43
CA SER B 322 -64.19 -5.41 52.35
C SER B 322 -63.41 -4.14 52.05
N TRP B 323 -63.66 -3.10 52.84
CA TRP B 323 -62.97 -1.84 52.65
C TRP B 323 -61.48 -2.00 52.93
N VAL B 324 -60.66 -1.48 52.03
CA VAL B 324 -59.21 -1.45 52.24
C VAL B 324 -58.88 -0.22 53.07
N TRP B 325 -58.52 -0.44 54.33
CA TRP B 325 -58.20 0.66 55.24
C TRP B 325 -56.75 1.12 55.13
N THR B 326 -55.89 0.37 54.45
CA THR B 326 -54.50 0.77 54.29
C THR B 326 -53.90 0.00 53.13
N CYS B 327 -53.10 0.70 52.33
CA CYS B 327 -52.61 0.19 51.05
C CYS B 327 -51.14 0.53 50.85
N GLN B 328 -50.33 0.30 51.87
CA GLN B 328 -48.92 0.67 51.80
C GLN B 328 -48.18 -0.24 50.81
N ALA B 329 -46.91 0.09 50.58
CA ALA B 329 -46.06 -0.65 49.65
C ALA B 329 -44.71 -0.90 50.29
N LYS B 330 -44.05 -1.97 49.87
CA LYS B 330 -42.77 -2.33 50.44
C LYS B 330 -41.76 -1.22 50.16
N PRO B 331 -40.87 -0.93 51.11
CA PRO B 331 -40.01 0.27 50.98
C PRO B 331 -39.12 0.27 49.74
N ASP B 332 -38.67 -0.89 49.27
CA ASP B 332 -37.72 -0.88 48.15
C ASP B 332 -38.01 -2.00 47.15
N SER B 333 -39.27 -2.36 46.97
CA SER B 333 -39.61 -3.43 46.03
C SER B 333 -40.98 -3.15 45.43
N ASN B 334 -41.40 -4.03 44.52
CA ASN B 334 -42.71 -3.94 43.91
C ASN B 334 -43.80 -4.57 44.77
N TYR B 335 -43.44 -5.14 45.92
CA TYR B 335 -44.42 -5.76 46.79
C TYR B 335 -45.30 -4.72 47.44
N VAL B 336 -46.58 -5.04 47.56
CA VAL B 336 -47.55 -4.20 48.23
C VAL B 336 -48.32 -5.06 49.22
N VAL B 337 -48.77 -4.43 50.31
CA VAL B 337 -49.51 -5.14 51.35
C VAL B 337 -50.81 -4.39 51.60
N VAL B 338 -51.92 -5.13 51.68
CA VAL B 338 -53.26 -4.58 51.75
C VAL B 338 -53.96 -5.17 52.96
N GLY B 339 -54.38 -4.31 53.87
CA GLY B 339 -55.14 -4.71 55.04
C GLY B 339 -56.55 -4.13 54.98
N CYS B 340 -57.54 -4.99 55.13
CA CYS B 340 -58.93 -4.60 54.96
C CYS B 340 -59.68 -4.78 56.27
N GLN B 341 -60.95 -4.34 56.27
CA GLN B 341 -61.74 -4.39 57.48
C GLN B 341 -62.09 -5.80 57.90
N ASP B 342 -62.16 -6.72 56.94
CA ASP B 342 -62.40 -8.12 57.25
C ASP B 342 -61.26 -8.74 58.06
N GLY B 343 -60.17 -8.02 58.25
CA GLY B 343 -59.00 -8.56 58.89
C GLY B 343 -58.01 -9.19 57.94
N THR B 344 -58.36 -9.32 56.67
CA THR B 344 -57.47 -9.93 55.69
C THR B 344 -56.27 -9.03 55.44
N ILE B 345 -55.09 -9.67 55.36
CA ILE B 345 -53.86 -9.02 54.94
C ILE B 345 -53.34 -9.80 53.74
N SER B 346 -53.09 -9.10 52.64
CA SER B 346 -52.65 -9.73 51.41
C SER B 346 -51.37 -9.07 50.92
N PHE B 347 -50.43 -9.89 50.46
CA PHE B 347 -49.11 -9.41 50.04
C PHE B 347 -48.92 -9.73 48.57
N TYR B 348 -49.13 -8.74 47.72
CA TYR B 348 -48.99 -8.92 46.28
C TYR B 348 -47.59 -8.54 45.82
N GLN B 349 -47.14 -9.19 44.76
CA GLN B 349 -45.94 -8.80 44.04
C GLN B 349 -46.37 -8.28 42.68
N LEU B 350 -46.12 -6.99 42.44
CA LEU B 350 -46.52 -6.36 41.19
C LEU B 350 -45.51 -6.67 40.10
N ILE B 351 -46.00 -7.10 38.95
CA ILE B 351 -45.15 -7.45 37.81
C ILE B 351 -45.61 -6.62 36.61
N PHE B 352 -44.65 -5.95 35.96
CA PHE B 352 -44.94 -5.10 34.83
C PHE B 352 -44.45 -5.76 33.56
N SER B 353 -45.35 -5.92 32.59
CA SER B 353 -45.02 -6.60 31.35
C SER B 353 -44.25 -5.68 30.42
N THR B 354 -43.25 -6.24 29.74
CA THR B 354 -42.48 -5.49 28.76
C THR B 354 -43.31 -5.33 27.49
N VAL B 355 -43.58 -4.09 27.10
CA VAL B 355 -44.36 -3.79 25.91
C VAL B 355 -43.43 -3.05 24.96
N HIS B 356 -43.09 -3.68 23.85
CA HIS B 356 -42.06 -3.13 22.97
C HIS B 356 -42.23 -3.68 21.57
N GLY B 357 -41.61 -2.97 20.62
CA GLY B 357 -41.47 -3.47 19.28
C GLY B 357 -40.11 -3.05 18.74
N LEU B 358 -39.64 -3.80 17.76
CA LEU B 358 -38.36 -3.49 17.12
C LEU B 358 -38.46 -3.78 15.64
N TYR B 359 -37.93 -2.86 14.83
CA TYR B 359 -37.83 -3.05 13.40
C TYR B 359 -36.44 -2.60 12.97
N LYS B 360 -35.60 -3.56 12.59
CA LYS B 360 -34.25 -3.30 12.13
C LYS B 360 -33.47 -2.44 13.12
N ASP B 361 -33.36 -1.15 12.86
CA ASP B 361 -32.54 -0.25 13.66
C ASP B 361 -33.36 0.65 14.57
N ARG B 362 -34.65 0.38 14.76
CA ARG B 362 -35.51 1.19 15.60
C ARG B 362 -36.16 0.31 16.65
N TYR B 363 -36.26 0.83 17.88
CA TYR B 363 -36.79 0.05 18.99
C TYR B 363 -37.66 0.94 19.85
N ALA B 364 -38.96 0.68 19.86
CA ALA B 364 -39.89 1.42 20.69
C ALA B 364 -40.26 0.59 21.90
N TYR B 365 -40.30 1.23 23.07
CA TYR B 365 -40.70 0.54 24.29
C TYR B 365 -41.56 1.46 25.14
N ARG B 366 -42.15 0.88 26.17
CA ARG B 366 -43.06 1.59 27.06
C ARG B 366 -42.28 2.09 28.28
N ASP B 367 -42.30 3.41 28.47
CA ASP B 367 -41.59 4.06 29.58
C ASP B 367 -42.60 4.73 30.49
N SER B 368 -42.45 4.51 31.80
CA SER B 368 -43.30 5.14 32.82
C SER B 368 -44.77 4.79 32.65
N MET B 369 -45.05 3.67 31.99
CA MET B 369 -46.38 3.09 31.82
C MET B 369 -47.33 3.95 31.01
N THR B 370 -46.92 5.14 30.57
CA THR B 370 -47.77 5.98 29.75
C THR B 370 -47.05 6.64 28.58
N ASP B 371 -45.75 6.46 28.44
CA ASP B 371 -44.99 7.08 27.36
C ASP B 371 -44.39 6.02 26.47
N VAL B 372 -44.14 6.39 25.22
CA VAL B 372 -43.47 5.52 24.26
C VAL B 372 -42.13 6.14 23.90
N ILE B 373 -41.05 5.38 24.09
CA ILE B 373 -39.71 5.83 23.78
C ILE B 373 -39.25 5.07 22.54
N VAL B 374 -38.99 5.80 21.47
CA VAL B 374 -38.44 5.24 20.24
C VAL B 374 -36.96 5.56 20.21
N GLN B 375 -36.13 4.53 20.24
CA GLN B 375 -34.68 4.66 20.30
C GLN B 375 -34.08 4.12 19.01
N HIS B 376 -33.21 4.90 18.40
CA HIS B 376 -32.45 4.45 17.25
C HIS B 376 -31.31 3.57 17.73
N LEU B 377 -31.11 2.43 17.07
CA LEU B 377 -30.08 1.49 17.49
C LEU B 377 -28.71 1.85 16.95
N ILE B 378 -28.60 2.89 16.13
CA ILE B 378 -27.33 3.34 15.59
C ILE B 378 -26.94 4.71 16.16
N THR B 379 -27.77 5.72 15.97
CA THR B 379 -27.48 7.06 16.46
C THR B 379 -27.85 7.24 17.93
N GLU B 380 -28.66 6.34 18.49
CA GLU B 380 -29.07 6.40 19.90
C GLU B 380 -29.76 7.72 20.23
N GLN B 381 -30.50 8.26 19.26
CA GLN B 381 -31.27 9.49 19.47
C GLN B 381 -32.68 9.09 19.91
N LYS B 382 -32.92 9.11 21.22
CA LYS B 382 -34.21 8.71 21.75
C LYS B 382 -35.26 9.81 21.50
N VAL B 383 -36.51 9.37 21.38
CA VAL B 383 -37.64 10.27 21.21
C VAL B 383 -38.78 9.79 22.09
N ARG B 384 -39.40 10.72 22.82
CA ARG B 384 -40.48 10.38 23.74
C ARG B 384 -41.81 10.88 23.20
N ILE B 385 -42.84 10.05 23.35
CA ILE B 385 -44.20 10.33 22.90
C ILE B 385 -45.12 10.13 24.08
N LYS B 386 -45.74 11.22 24.55
CA LYS B 386 -46.60 11.19 25.71
C LYS B 386 -48.01 10.80 25.29
N CYS B 387 -48.54 9.74 25.90
CA CYS B 387 -49.86 9.24 25.57
C CYS B 387 -50.92 9.51 26.63
N LYS B 388 -50.49 9.85 27.85
CA LYS B 388 -51.40 10.20 28.95
C LYS B 388 -52.28 9.04 29.36
N GLU B 389 -52.07 7.86 28.79
CA GLU B 389 -52.88 6.68 29.08
C GLU B 389 -52.00 5.44 29.06
N LEU B 390 -52.52 4.38 29.66
CA LEU B 390 -51.77 3.14 29.84
C LEU B 390 -51.52 2.50 28.47
N VAL B 391 -50.27 2.58 27.99
CA VAL B 391 -49.93 1.95 26.73
C VAL B 391 -50.05 0.43 26.88
N LYS B 392 -50.91 -0.17 26.07
CA LYS B 392 -51.16 -1.60 26.16
C LYS B 392 -50.24 -2.40 25.25
N LYS B 393 -50.19 -2.05 23.97
CA LYS B 393 -49.34 -2.74 23.01
C LYS B 393 -48.65 -1.73 22.11
N ILE B 394 -47.48 -2.11 21.62
CA ILE B 394 -46.71 -1.29 20.70
C ILE B 394 -46.32 -2.15 19.50
N ALA B 395 -46.48 -1.61 18.31
CA ALA B 395 -46.00 -2.23 17.09
C ALA B 395 -45.24 -1.17 16.30
N ILE B 396 -44.07 -1.53 15.80
CA ILE B 396 -43.27 -0.57 15.05
C ILE B 396 -42.95 -1.17 13.69
N TYR B 397 -42.74 -0.30 12.71
CA TYR B 397 -42.42 -0.69 11.36
C TYR B 397 -41.82 0.52 10.68
N ARG B 398 -41.28 0.32 9.47
CA ARG B 398 -40.61 1.41 8.78
C ARG B 398 -41.58 2.56 8.55
N ASN B 399 -41.34 3.68 9.24
CA ASN B 399 -42.16 4.88 9.17
C ASN B 399 -43.58 4.66 9.71
N ARG B 400 -43.74 3.72 10.65
CA ARG B 400 -45.06 3.45 11.21
C ARG B 400 -44.90 3.06 12.67
N LEU B 401 -45.80 3.56 13.52
CA LEU B 401 -45.78 3.26 14.94
C LEU B 401 -47.20 3.20 15.46
N ALA B 402 -47.67 2.00 15.79
CA ALA B 402 -49.00 1.80 16.35
C ALA B 402 -48.89 1.63 17.86
N ILE B 403 -49.69 2.39 18.60
CA ILE B 403 -49.74 2.32 20.05
C ILE B 403 -51.18 2.09 20.45
N GLN B 404 -51.45 0.95 21.07
CA GLN B 404 -52.82 0.62 21.47
C GLN B 404 -53.08 1.17 22.87
N LEU B 405 -53.69 2.34 22.93
CA LEU B 405 -54.17 2.87 24.19
C LEU B 405 -55.41 2.09 24.62
N PRO B 406 -55.80 2.16 25.90
CA PRO B 406 -56.92 1.34 26.38
C PRO B 406 -58.22 1.57 25.63
N GLU B 407 -58.42 2.77 25.07
CA GLU B 407 -59.66 3.07 24.37
C GLU B 407 -59.47 3.34 22.88
N LYS B 408 -58.24 3.45 22.40
CA LYS B 408 -58.00 3.77 21.00
C LYS B 408 -56.61 3.31 20.59
N ILE B 409 -56.35 3.36 19.29
CA ILE B 409 -55.03 3.07 18.74
C ILE B 409 -54.54 4.34 18.05
N LEU B 410 -53.35 4.79 18.43
CA LEU B 410 -52.70 5.91 17.78
C LEU B 410 -51.73 5.39 16.73
N ILE B 411 -51.79 5.97 15.53
CA ILE B 411 -50.91 5.60 14.44
C ILE B 411 -50.03 6.81 14.13
N TYR B 412 -48.73 6.64 14.30
CA TYR B 412 -47.71 7.66 14.10
C TYR B 412 -46.91 7.34 12.86
N GLU B 413 -46.44 8.39 12.18
CA GLU B 413 -45.69 8.24 10.95
C GLU B 413 -44.42 9.06 10.99
N LEU B 414 -43.45 8.64 10.19
CA LEU B 414 -42.28 9.46 9.88
C LEU B 414 -42.47 10.06 8.50
N TYR B 415 -42.06 11.31 8.33
CA TYR B 415 -42.30 12.04 7.10
C TYR B 415 -41.04 12.45 6.36
N SER B 416 -39.98 12.82 7.07
CA SER B 416 -38.73 13.16 6.40
C SER B 416 -38.09 11.92 5.80
N GLU B 417 -37.48 12.09 4.62
CA GLU B 417 -36.81 10.99 3.94
C GLU B 417 -35.35 10.87 4.35
N ASP B 418 -35.11 10.78 5.65
CA ASP B 418 -33.78 10.65 6.23
C ASP B 418 -33.68 9.35 7.00
N LEU B 419 -32.55 8.67 6.83
CA LEU B 419 -32.35 7.39 7.51
C LEU B 419 -32.37 7.54 9.02
N SER B 420 -31.97 8.72 9.53
CA SER B 420 -31.93 8.99 10.96
C SER B 420 -33.07 9.89 11.41
N ASP B 421 -34.13 10.01 10.62
CA ASP B 421 -35.25 10.87 10.98
C ASP B 421 -35.95 10.32 12.22
N MET B 422 -36.25 11.22 13.16
CA MET B 422 -36.89 10.83 14.42
C MET B 422 -37.96 11.84 14.79
N HIS B 423 -38.77 12.25 13.82
CA HIS B 423 -39.85 13.21 14.06
C HIS B 423 -41.17 12.49 13.79
N TYR B 424 -41.70 11.82 14.81
CA TYR B 424 -42.96 11.13 14.68
C TYR B 424 -44.12 12.09 14.87
N ARG B 425 -45.01 12.15 13.89
CA ARG B 425 -46.24 12.91 13.99
C ARG B 425 -47.42 11.96 13.93
N VAL B 426 -48.54 12.38 14.52
CA VAL B 426 -49.72 11.53 14.57
C VAL B 426 -50.33 11.45 13.17
N LYS B 427 -50.52 10.24 12.67
CA LYS B 427 -51.18 10.02 11.39
C LYS B 427 -52.66 9.72 11.54
N GLU B 428 -53.04 8.88 12.49
CA GLU B 428 -54.44 8.51 12.65
C GLU B 428 -54.74 8.18 14.09
N LYS B 429 -56.03 8.21 14.43
CA LYS B 429 -56.53 7.81 15.75
C LYS B 429 -57.74 6.92 15.54
N ILE B 430 -57.55 5.61 15.62
CA ILE B 430 -58.63 4.64 15.51
C ILE B 430 -59.27 4.54 16.89
N ILE B 431 -60.38 5.22 17.08
CA ILE B 431 -61.05 5.29 18.39
C ILE B 431 -62.01 4.11 18.47
N LYS B 432 -61.61 3.09 19.21
CA LYS B 432 -62.40 1.89 19.40
C LYS B 432 -61.78 1.06 20.52
N LYS B 433 -62.62 0.56 21.41
CA LYS B 433 -62.16 -0.33 22.47
C LYS B 433 -61.75 -1.65 21.84
N PHE B 434 -60.46 -1.87 21.69
CA PHE B 434 -59.96 -3.03 20.97
C PHE B 434 -59.58 -4.14 21.92
N GLU B 435 -59.94 -5.36 21.55
CA GLU B 435 -59.50 -6.57 22.25
C GLU B 435 -58.71 -7.40 21.25
N CYS B 436 -57.44 -7.62 21.53
CA CYS B 436 -56.57 -8.33 20.60
C CYS B 436 -55.43 -8.96 21.37
N ASN B 437 -55.03 -10.16 20.95
CA ASN B 437 -53.89 -10.82 21.56
C ASN B 437 -52.59 -10.17 21.13
N LEU B 438 -52.48 -9.76 19.87
CA LEU B 438 -51.26 -9.14 19.37
C LEU B 438 -51.61 -7.99 18.44
N LEU B 439 -50.70 -7.02 18.36
CA LEU B 439 -50.83 -5.88 17.47
C LEU B 439 -49.63 -5.84 16.52
N VAL B 440 -49.91 -5.59 15.24
CA VAL B 440 -48.87 -5.43 14.23
C VAL B 440 -49.26 -4.23 13.36
N VAL B 441 -48.26 -3.55 12.79
CA VAL B 441 -48.50 -2.40 11.94
C VAL B 441 -47.71 -2.55 10.65
N CYS B 442 -48.36 -2.25 9.53
CA CYS B 442 -47.74 -2.25 8.22
C CYS B 442 -48.04 -0.92 7.54
N ALA B 443 -47.23 -0.59 6.54
CA ALA B 443 -47.52 0.60 5.74
C ALA B 443 -48.94 0.50 5.17
N ASN B 444 -49.82 1.40 5.62
CA ASN B 444 -51.22 1.53 5.22
C ASN B 444 -52.13 0.46 5.81
N HIS B 445 -51.69 -0.29 6.82
CA HIS B 445 -52.57 -1.29 7.41
C HIS B 445 -52.20 -1.54 8.86
N ILE B 446 -53.15 -2.08 9.60
CA ILE B 446 -52.93 -2.52 10.96
C ILE B 446 -53.49 -3.93 11.08
N ILE B 447 -52.81 -4.79 11.85
CA ILE B 447 -53.16 -6.19 11.98
C ILE B 447 -53.42 -6.49 13.44
N LEU B 448 -54.55 -7.14 13.71
CA LEU B 448 -54.92 -7.52 15.07
C LEU B 448 -55.01 -9.04 15.15
N CYS B 449 -54.28 -9.62 16.09
CA CYS B 449 -54.34 -11.03 16.40
C CYS B 449 -55.28 -11.22 17.58
N GLN B 450 -56.34 -12.01 17.38
CA GLN B 450 -57.33 -12.23 18.43
C GLN B 450 -57.85 -13.66 18.32
N GLU B 451 -57.39 -14.53 19.21
CA GLU B 451 -57.74 -15.95 19.20
C GLU B 451 -57.26 -16.60 17.91
N LYS B 452 -58.21 -17.04 17.07
CA LYS B 452 -57.88 -17.61 15.77
C LYS B 452 -58.19 -16.66 14.63
N ARG B 453 -58.49 -15.40 14.95
CA ARG B 453 -58.87 -14.40 13.95
C ARG B 453 -57.71 -13.44 13.76
N LEU B 454 -57.20 -13.38 12.53
CA LEU B 454 -56.16 -12.43 12.17
C LEU B 454 -56.83 -11.39 11.29
N GLN B 455 -57.07 -10.20 11.84
CA GLN B 455 -57.93 -9.21 11.22
C GLN B 455 -57.08 -8.05 10.70
N CYS B 456 -57.41 -7.56 9.51
CA CYS B 456 -56.63 -6.54 8.83
C CYS B 456 -57.52 -5.31 8.62
N LEU B 457 -57.16 -4.21 9.29
CA LEU B 457 -57.90 -2.97 9.27
C LEU B 457 -57.09 -1.88 8.59
N SER B 458 -57.79 -0.90 8.03
CA SER B 458 -57.13 0.29 7.52
C SER B 458 -56.70 1.19 8.67
N PHE B 459 -56.05 2.30 8.33
CA PHE B 459 -55.63 3.27 9.33
C PHE B 459 -56.77 4.15 9.82
N SER B 460 -57.88 4.19 9.11
CA SER B 460 -59.05 4.97 9.52
C SER B 460 -60.04 4.15 10.34
N GLY B 461 -59.72 2.90 10.66
CA GLY B 461 -60.60 2.03 11.40
C GLY B 461 -61.42 1.09 10.54
N VAL B 462 -61.48 1.31 9.22
CA VAL B 462 -62.20 0.40 8.35
C VAL B 462 -61.55 -0.97 8.40
N LYS B 463 -62.38 -2.01 8.41
CA LYS B 463 -61.91 -3.40 8.39
C LYS B 463 -61.87 -3.88 6.95
N GLU B 464 -60.68 -4.28 6.49
CA GLU B 464 -60.51 -4.73 5.12
C GLU B 464 -60.62 -6.24 4.98
N ARG B 465 -59.81 -7.00 5.73
CA ARG B 465 -59.79 -8.44 5.54
C ARG B 465 -59.78 -9.15 6.88
N GLU B 466 -59.94 -10.47 6.80
CA GLU B 466 -59.98 -11.33 7.97
C GLU B 466 -59.58 -12.72 7.56
N TRP B 467 -58.67 -13.32 8.33
CA TRP B 467 -58.23 -14.69 8.10
C TRP B 467 -58.55 -15.53 9.32
N GLN B 468 -59.15 -16.70 9.09
CA GLN B 468 -59.45 -17.63 10.17
C GLN B 468 -58.35 -18.68 10.22
N MET B 469 -57.78 -18.88 11.41
CA MET B 469 -56.63 -19.74 11.58
C MET B 469 -57.07 -21.11 12.06
N GLU B 470 -56.11 -21.99 12.27
CA GLU B 470 -56.44 -23.37 12.60
C GLU B 470 -56.72 -23.56 14.08
N SER B 471 -55.71 -23.38 14.94
CA SER B 471 -55.87 -23.66 16.36
C SER B 471 -55.76 -22.42 17.22
N LEU B 472 -54.62 -21.72 17.21
CA LEU B 472 -54.45 -20.54 18.04
C LEU B 472 -53.17 -19.82 17.66
N ILE B 473 -53.25 -18.52 17.42
CA ILE B 473 -52.11 -17.77 16.89
C ILE B 473 -51.19 -17.42 18.05
N ARG B 474 -49.98 -17.97 18.04
CA ARG B 474 -48.99 -17.71 19.08
C ARG B 474 -47.99 -16.63 18.72
N TYR B 475 -47.73 -16.42 17.43
CA TYR B 475 -46.73 -15.47 17.01
C TYR B 475 -47.15 -14.84 15.68
N ILE B 476 -46.62 -13.64 15.42
CA ILE B 476 -46.89 -12.92 14.18
C ILE B 476 -45.77 -11.91 13.99
N LYS B 477 -45.36 -11.72 12.73
CA LYS B 477 -44.25 -10.83 12.44
C LYS B 477 -44.30 -10.42 10.97
N VAL B 478 -44.18 -9.12 10.71
CA VAL B 478 -44.03 -8.63 9.34
C VAL B 478 -42.67 -9.06 8.80
N ILE B 479 -42.66 -9.53 7.55
CA ILE B 479 -41.41 -9.93 6.91
C ILE B 479 -41.18 -9.05 5.69
N GLY B 480 -41.67 -7.82 5.74
CA GLY B 480 -41.44 -6.88 4.66
C GLY B 480 -42.35 -7.08 3.47
N GLY B 481 -42.07 -6.32 2.42
CA GLY B 481 -42.84 -6.40 1.20
C GLY B 481 -43.24 -5.03 0.67
N PRO B 482 -44.00 -5.02 -0.42
CA PRO B 482 -44.46 -3.75 -0.96
C PRO B 482 -45.42 -3.08 0.00
N PRO B 483 -45.50 -1.74 0.00
CA PRO B 483 -46.26 -1.02 1.05
C PRO B 483 -47.61 -1.61 1.40
N GLY B 484 -48.50 -1.74 0.43
CA GLY B 484 -49.81 -2.29 0.70
C GLY B 484 -49.96 -3.78 0.50
N ARG B 485 -48.86 -4.49 0.23
CA ARG B 485 -48.91 -5.90 -0.15
C ARG B 485 -47.97 -6.74 0.70
N GLU B 486 -47.81 -6.38 1.97
CA GLU B 486 -46.73 -6.91 2.78
C GLU B 486 -47.01 -8.35 3.21
N GLY B 487 -45.97 -9.00 3.71
CA GLY B 487 -46.06 -10.37 4.18
C GLY B 487 -46.10 -10.44 5.70
N LEU B 488 -46.75 -11.48 6.20
CA LEU B 488 -46.89 -11.76 7.62
C LEU B 488 -46.53 -13.21 7.86
N LEU B 489 -45.78 -13.47 8.92
CA LEU B 489 -45.34 -14.80 9.28
C LEU B 489 -46.05 -15.19 10.57
N VAL B 490 -46.92 -16.20 10.51
CA VAL B 490 -47.79 -16.56 11.60
C VAL B 490 -47.43 -17.97 12.08
N GLY B 491 -47.41 -18.16 13.39
CA GLY B 491 -47.25 -19.48 13.97
C GLY B 491 -48.41 -19.80 14.88
N LEU B 492 -48.74 -21.08 14.96
CA LEU B 492 -49.93 -21.49 15.70
C LEU B 492 -49.56 -22.46 16.82
N LYS B 493 -50.43 -22.50 17.84
CA LYS B 493 -50.32 -23.55 18.85
C LYS B 493 -50.52 -24.93 18.24
N ASN B 494 -51.17 -25.01 17.08
CA ASN B 494 -51.23 -26.26 16.32
C ASN B 494 -49.85 -26.74 15.91
N GLY B 495 -48.86 -25.86 15.94
CA GLY B 495 -47.56 -26.14 15.36
C GLY B 495 -47.43 -25.72 13.92
N GLN B 496 -48.54 -25.39 13.27
CA GLN B 496 -48.51 -25.00 11.87
C GLN B 496 -48.04 -23.56 11.73
N ILE B 497 -47.23 -23.32 10.70
CA ILE B 497 -46.66 -22.01 10.43
C ILE B 497 -47.06 -21.60 9.02
N LEU B 498 -47.66 -20.42 8.92
CA LEU B 498 -48.25 -19.92 7.69
C LEU B 498 -47.63 -18.58 7.31
N LYS B 499 -47.82 -18.19 6.06
CA LYS B 499 -47.44 -16.87 5.57
C LYS B 499 -48.67 -16.25 4.92
N ILE B 500 -49.06 -15.07 5.40
CA ILE B 500 -50.28 -14.39 4.98
C ILE B 500 -49.90 -13.07 4.34
N PHE B 501 -50.40 -12.83 3.12
CA PHE B 501 -50.15 -11.58 2.44
C PHE B 501 -51.36 -10.67 2.58
N VAL B 502 -51.11 -9.43 2.98
CA VAL B 502 -52.20 -8.52 3.36
C VAL B 502 -53.16 -8.28 2.22
N ASP B 503 -52.69 -8.41 0.97
CA ASP B 503 -53.52 -8.06 -0.18
C ASP B 503 -54.34 -9.22 -0.71
N ASN B 504 -54.23 -10.42 -0.13
CA ASN B 504 -55.02 -11.55 -0.59
C ASN B 504 -55.56 -12.32 0.61
N LEU B 505 -56.65 -13.06 0.35
CA LEU B 505 -57.45 -13.67 1.40
C LEU B 505 -57.06 -15.11 1.71
N PHE B 506 -55.83 -15.51 1.42
CA PHE B 506 -55.44 -16.90 1.57
C PHE B 506 -54.10 -17.02 2.27
N ALA B 507 -54.03 -17.95 3.22
CA ALA B 507 -52.81 -18.22 3.97
C ALA B 507 -52.01 -19.30 3.26
N ILE B 508 -50.74 -19.04 3.03
CA ILE B 508 -49.84 -20.01 2.41
C ILE B 508 -49.19 -20.82 3.51
N VAL B 509 -49.34 -22.14 3.44
CA VAL B 509 -48.79 -23.02 4.47
C VAL B 509 -47.30 -23.17 4.26
N LEU B 510 -46.53 -22.76 5.25
CA LEU B 510 -45.08 -22.93 5.21
C LEU B 510 -44.67 -24.27 5.82
N LEU B 511 -45.13 -24.56 7.03
CA LEU B 511 -44.75 -25.82 7.67
C LEU B 511 -45.89 -26.30 8.56
N LYS B 512 -45.84 -27.59 8.90
CA LYS B 512 -46.70 -28.17 9.93
C LYS B 512 -45.77 -28.88 10.90
N GLN B 513 -45.40 -28.18 11.96
CA GLN B 513 -44.44 -28.70 12.92
C GLN B 513 -45.16 -29.68 13.85
N ALA B 514 -44.44 -30.22 14.84
CA ALA B 514 -45.01 -31.18 15.78
C ALA B 514 -45.57 -30.50 17.02
N THR B 515 -44.74 -29.73 17.72
CA THR B 515 -45.18 -29.03 18.91
C THR B 515 -45.52 -27.58 18.57
N ALA B 516 -45.88 -26.80 19.58
CA ALA B 516 -46.36 -25.44 19.37
C ALA B 516 -45.24 -24.56 18.81
N VAL B 517 -45.58 -23.31 18.50
CA VAL B 517 -44.65 -22.37 17.90
C VAL B 517 -44.44 -21.20 18.85
N ARG B 518 -43.27 -20.58 18.76
CA ARG B 518 -42.91 -19.43 19.56
C ARG B 518 -41.68 -18.79 18.94
N CYS B 519 -41.65 -17.46 18.91
CA CYS B 519 -40.50 -16.69 18.46
C CYS B 519 -40.04 -17.13 17.06
N LEU B 520 -40.94 -16.94 16.11
CA LEU B 520 -40.60 -17.16 14.71
C LEU B 520 -39.63 -16.08 14.23
N ASP B 521 -38.74 -16.48 13.32
CA ASP B 521 -37.90 -15.52 12.62
C ASP B 521 -37.50 -16.11 11.28
N MET B 522 -37.24 -15.23 10.32
CA MET B 522 -36.92 -15.62 8.96
C MET B 522 -35.60 -15.01 8.55
N SER B 523 -34.82 -15.75 7.78
CA SER B 523 -33.51 -15.28 7.35
C SER B 523 -33.65 -13.99 6.53
N ALA B 524 -32.53 -13.29 6.39
CA ALA B 524 -32.53 -12.02 5.66
C ALA B 524 -32.97 -12.19 4.22
N SER B 525 -32.69 -13.33 3.62
CA SER B 525 -33.03 -13.59 2.23
C SER B 525 -34.38 -14.25 2.05
N ARG B 526 -35.14 -14.45 3.12
CA ARG B 526 -36.44 -15.12 3.09
C ARG B 526 -36.32 -16.56 2.60
N LYS B 527 -35.16 -17.18 2.79
CA LYS B 527 -34.94 -18.55 2.36
C LYS B 527 -34.86 -19.54 3.51
N LYS B 528 -34.81 -19.07 4.75
CA LYS B 528 -34.67 -19.95 5.89
C LYS B 528 -35.54 -19.45 7.03
N LEU B 529 -36.17 -20.38 7.74
CA LEU B 529 -37.02 -20.07 8.88
C LEU B 529 -36.42 -20.66 10.15
N ALA B 530 -36.73 -20.04 11.28
CA ALA B 530 -36.24 -20.51 12.57
C ALA B 530 -37.36 -20.45 13.59
N VAL B 531 -37.54 -21.55 14.32
CA VAL B 531 -38.72 -21.75 15.15
C VAL B 531 -38.29 -22.18 16.54
N VAL B 532 -39.00 -21.71 17.56
CA VAL B 532 -38.85 -22.19 18.93
C VAL B 532 -40.18 -22.81 19.33
N ASP B 533 -40.13 -23.99 19.93
CA ASP B 533 -41.30 -24.85 20.01
C ASP B 533 -41.56 -25.35 21.43
N GLU B 534 -41.52 -24.42 22.40
CA GLU B 534 -41.95 -24.69 23.76
C GLU B 534 -41.04 -25.67 24.48
N ASN B 535 -40.05 -26.21 23.77
CA ASN B 535 -38.99 -27.03 24.37
C ASN B 535 -37.65 -26.34 24.29
N ASP B 536 -37.63 -25.04 24.01
CA ASP B 536 -36.42 -24.26 23.81
C ASP B 536 -35.56 -24.80 22.68
N THR B 537 -36.15 -25.57 21.78
CA THR B 537 -35.41 -26.23 20.71
C THR B 537 -35.56 -25.41 19.43
N CYS B 538 -34.52 -24.65 19.10
CA CYS B 538 -34.50 -23.86 17.88
C CYS B 538 -34.33 -24.79 16.69
N LEU B 539 -35.37 -24.97 15.90
CA LEU B 539 -35.31 -25.73 14.66
C LEU B 539 -35.19 -24.75 13.50
N VAL B 540 -34.23 -25.00 12.61
CA VAL B 540 -34.04 -24.17 11.43
C VAL B 540 -34.44 -24.97 10.21
N TYR B 541 -35.33 -24.40 9.40
CA TYR B 541 -35.89 -25.05 8.24
C TYR B 541 -35.51 -24.32 6.97
N ASP B 542 -35.36 -25.08 5.89
CA ASP B 542 -35.20 -24.52 4.55
C ASP B 542 -36.62 -24.32 4.01
N ILE B 543 -37.03 -23.05 3.91
CA ILE B 543 -38.43 -22.71 3.72
C ILE B 543 -38.99 -23.22 2.39
N ASP B 544 -38.12 -23.47 1.41
CA ASP B 544 -38.59 -23.85 0.08
C ASP B 544 -38.66 -25.36 -0.13
N THR B 545 -37.89 -26.15 0.63
CA THR B 545 -37.93 -27.59 0.53
C THR B 545 -38.55 -28.26 1.74
N LYS B 546 -39.04 -27.49 2.71
CA LYS B 546 -39.66 -27.97 3.93
C LYS B 546 -38.71 -28.79 4.79
N GLU B 547 -37.43 -28.84 4.44
CA GLU B 547 -36.44 -29.62 5.15
C GLU B 547 -35.81 -28.80 6.26
N LEU B 548 -35.58 -29.42 7.40
CA LEU B 548 -34.88 -28.73 8.47
C LEU B 548 -33.38 -28.90 8.30
N LEU B 549 -32.64 -27.91 8.79
CA LEU B 549 -31.19 -27.90 8.67
C LEU B 549 -30.47 -28.29 9.95
N PHE B 550 -30.90 -27.76 11.09
CA PHE B 550 -30.32 -28.17 12.36
C PHE B 550 -31.26 -27.80 13.49
N GLN B 551 -30.95 -28.33 14.67
CA GLN B 551 -31.67 -28.05 15.90
C GLN B 551 -30.68 -27.63 16.98
N GLU B 552 -31.14 -26.78 17.88
CA GLU B 552 -30.39 -26.39 19.06
C GLU B 552 -31.27 -26.57 20.28
N PRO B 553 -30.67 -26.97 21.42
CA PRO B 553 -31.48 -27.43 22.55
C PRO B 553 -31.86 -26.37 23.58
N ASN B 554 -31.44 -25.11 23.42
CA ASN B 554 -31.75 -24.08 24.42
C ASN B 554 -31.96 -22.76 23.69
N ALA B 555 -33.22 -22.41 23.45
CA ALA B 555 -33.55 -21.16 22.77
C ALA B 555 -34.80 -20.56 23.38
N ASN B 556 -34.70 -19.33 23.85
CA ASN B 556 -35.88 -18.56 24.23
C ASN B 556 -36.17 -17.42 23.27
N SER B 557 -35.21 -17.05 22.42
CA SER B 557 -35.41 -15.98 21.46
C SER B 557 -34.45 -16.19 20.31
N VAL B 558 -34.92 -15.95 19.09
CA VAL B 558 -34.15 -16.19 17.87
C VAL B 558 -34.14 -14.93 17.03
N ALA B 559 -32.98 -14.62 16.46
CA ALA B 559 -32.84 -13.47 15.57
C ALA B 559 -31.84 -13.82 14.47
N TRP B 560 -32.29 -13.77 13.23
CA TRP B 560 -31.37 -13.88 12.11
C TRP B 560 -30.67 -12.55 11.89
N ASN B 561 -29.43 -12.61 11.43
CA ASN B 561 -28.73 -11.40 11.05
C ASN B 561 -29.43 -10.78 9.84
N THR B 562 -29.86 -9.53 9.98
CA THR B 562 -30.52 -8.84 8.89
C THR B 562 -29.59 -8.52 7.74
N GLN B 563 -28.30 -8.72 7.90
CA GLN B 563 -27.32 -8.35 6.89
C GLN B 563 -26.49 -9.53 6.39
N CYS B 564 -26.16 -10.47 7.25
CA CYS B 564 -25.48 -11.70 6.87
C CYS B 564 -26.46 -12.86 6.97
N GLU B 565 -26.70 -13.55 5.86
CA GLU B 565 -27.74 -14.57 5.85
C GLU B 565 -27.38 -15.75 6.75
N ASP B 566 -26.11 -16.16 6.74
CA ASP B 566 -25.73 -17.37 7.47
C ASP B 566 -25.78 -17.18 8.98
N MET B 567 -25.50 -15.97 9.46
CA MET B 567 -25.47 -15.73 10.90
C MET B 567 -26.82 -16.02 11.54
N LEU B 568 -26.78 -16.57 12.75
CA LEU B 568 -27.98 -16.80 13.55
C LEU B 568 -27.65 -16.51 15.00
N CYS B 569 -28.63 -16.00 15.74
CA CYS B 569 -28.49 -15.78 17.16
C CYS B 569 -29.69 -16.34 17.89
N PHE B 570 -29.47 -16.91 19.06
CA PHE B 570 -30.58 -17.37 19.88
C PHE B 570 -30.15 -17.45 21.33
N SER B 571 -30.96 -16.90 22.22
CA SER B 571 -30.68 -16.87 23.64
C SER B 571 -31.70 -17.73 24.39
N GLY B 572 -31.19 -18.52 25.33
CA GLY B 572 -32.04 -19.36 26.16
C GLY B 572 -31.24 -20.01 27.27
N GLY B 573 -31.76 -19.95 28.49
CA GLY B 573 -31.04 -20.50 29.62
C GLY B 573 -29.94 -19.61 30.16
N GLY B 574 -30.03 -18.30 29.94
CA GLY B 574 -29.04 -17.38 30.44
C GLY B 574 -27.78 -17.29 29.62
N TYR B 575 -27.72 -17.95 28.47
CA TYR B 575 -26.54 -17.93 27.61
C TYR B 575 -26.90 -17.43 26.23
N LEU B 576 -26.08 -16.55 25.69
CA LEU B 576 -26.17 -16.15 24.29
C LEU B 576 -25.63 -17.27 23.40
N ASN B 577 -25.97 -17.22 22.12
CA ASN B 577 -25.45 -18.17 21.15
C ASN B 577 -25.36 -17.49 19.79
N ILE B 578 -24.27 -17.75 19.07
CA ILE B 578 -24.05 -17.18 17.74
C ILE B 578 -23.59 -18.31 16.83
N LYS B 579 -24.44 -18.70 15.89
CA LYS B 579 -24.12 -19.74 14.92
C LYS B 579 -23.75 -19.15 13.58
N ALA B 580 -22.74 -19.75 12.96
CA ALA B 580 -22.32 -19.43 11.60
C ALA B 580 -22.57 -20.66 10.74
N SER B 581 -23.59 -20.60 9.89
CA SER B 581 -23.96 -21.75 9.05
C SER B 581 -24.21 -22.95 9.98
N THR B 582 -23.88 -24.15 9.53
CA THR B 582 -24.06 -25.35 10.34
C THR B 582 -22.80 -25.69 11.14
N PHE B 583 -22.31 -24.73 11.90
CA PHE B 583 -21.11 -24.86 12.69
C PHE B 583 -21.43 -24.83 14.17
N PRO B 584 -20.47 -25.16 15.03
CA PRO B 584 -20.70 -25.03 16.48
C PRO B 584 -21.04 -23.59 16.87
N VAL B 585 -21.47 -23.44 18.12
CA VAL B 585 -21.91 -22.15 18.62
C VAL B 585 -20.74 -21.48 19.34
N HIS B 586 -20.87 -20.18 19.57
CA HIS B 586 -19.91 -19.40 20.35
C HIS B 586 -20.74 -18.70 21.43
N ARG B 587 -20.96 -19.41 22.54
CA ARG B 587 -21.90 -18.96 23.54
C ARG B 587 -21.23 -18.12 24.62
N GLN B 588 -21.92 -17.07 25.04
CA GLN B 588 -21.54 -16.22 26.15
C GLN B 588 -22.53 -16.41 27.28
N LYS B 589 -22.29 -15.71 28.38
CA LYS B 589 -23.34 -15.53 29.37
C LYS B 589 -24.14 -14.29 29.02
N LEU B 590 -25.42 -14.29 29.39
CA LEU B 590 -26.29 -13.19 29.05
C LEU B 590 -27.36 -13.03 30.11
N GLN B 591 -27.77 -11.78 30.30
CA GLN B 591 -28.90 -11.43 31.18
C GLN B 591 -29.96 -10.79 30.28
N GLY B 592 -31.02 -11.53 30.02
CA GLY B 592 -32.10 -11.08 29.17
C GLY B 592 -32.31 -12.01 28.01
N PHE B 593 -33.06 -11.53 27.02
CA PHE B 593 -33.40 -12.30 25.84
C PHE B 593 -33.14 -11.45 24.60
N VAL B 594 -32.93 -12.13 23.48
CA VAL B 594 -32.50 -11.46 22.25
C VAL B 594 -33.70 -10.80 21.59
N VAL B 595 -33.56 -9.50 21.30
CA VAL B 595 -34.58 -8.77 20.58
C VAL B 595 -34.23 -8.59 19.10
N GLY B 596 -32.95 -8.46 18.77
CA GLY B 596 -32.59 -8.29 17.38
C GLY B 596 -31.13 -8.62 17.15
N TYR B 597 -30.76 -8.67 15.87
CA TYR B 597 -29.36 -8.94 15.50
C TYR B 597 -29.12 -8.27 14.15
N ASN B 598 -28.50 -7.09 14.20
CA ASN B 598 -28.33 -6.24 13.02
C ASN B 598 -26.83 -6.11 12.73
N GLY B 599 -26.42 -6.55 11.55
CA GLY B 599 -25.04 -6.41 11.17
C GLY B 599 -24.13 -7.20 12.08
N SER B 600 -23.39 -6.49 12.93
CA SER B 600 -22.47 -7.10 13.88
C SER B 600 -22.86 -6.83 15.32
N LYS B 601 -24.12 -6.50 15.59
CA LYS B 601 -24.57 -6.17 16.93
C LYS B 601 -25.81 -6.96 17.30
N ILE B 602 -25.73 -7.71 18.40
CA ILE B 602 -26.89 -8.27 19.06
C ILE B 602 -27.57 -7.17 19.86
N PHE B 603 -28.89 -7.22 19.94
CA PHE B 603 -29.67 -6.32 20.79
C PHE B 603 -30.52 -7.16 21.71
N CYS B 604 -30.24 -7.09 23.01
CA CYS B 604 -30.93 -7.84 24.04
C CYS B 604 -31.67 -6.91 24.98
N LEU B 605 -32.78 -7.39 25.53
CA LEU B 605 -33.57 -6.65 26.50
C LEU B 605 -33.42 -7.28 27.87
N HIS B 606 -33.03 -6.48 28.86
CA HIS B 606 -32.96 -6.90 30.24
C HIS B 606 -33.68 -5.86 31.09
N VAL B 607 -34.84 -6.24 31.63
CA VAL B 607 -35.62 -5.39 32.52
C VAL B 607 -35.82 -4.03 31.88
N PHE B 608 -36.48 -3.99 30.72
CA PHE B 608 -36.84 -2.76 30.03
C PHE B 608 -35.61 -1.96 29.58
N SER B 609 -34.42 -2.53 29.72
CA SER B 609 -33.19 -1.85 29.33
C SER B 609 -32.60 -2.57 28.12
N ILE B 610 -32.43 -1.85 27.02
CA ILE B 610 -31.82 -2.44 25.83
C ILE B 610 -30.30 -2.42 25.99
N SER B 611 -29.65 -3.38 25.33
CA SER B 611 -28.20 -3.46 25.38
C SER B 611 -27.70 -4.09 24.10
N ALA B 612 -26.49 -3.70 23.72
CA ALA B 612 -25.87 -4.17 22.48
C ALA B 612 -24.66 -5.03 22.80
N VAL B 613 -24.65 -6.23 22.24
CA VAL B 613 -23.54 -7.16 22.37
C VAL B 613 -22.77 -7.16 21.07
N GLU B 614 -21.45 -6.99 21.15
CA GLU B 614 -20.60 -6.95 19.97
C GLU B 614 -20.22 -8.37 19.59
N VAL B 615 -20.76 -8.84 18.47
CA VAL B 615 -20.49 -10.21 18.01
C VAL B 615 -19.01 -10.32 17.64
N PRO B 616 -18.30 -11.34 18.12
CA PRO B 616 -16.92 -11.53 17.66
C PRO B 616 -16.89 -12.17 16.28
N GLN B 617 -16.57 -11.38 15.25
CA GLN B 617 -16.57 -11.89 13.88
C GLN B 617 -15.42 -12.86 13.64
N SER B 618 -14.36 -12.77 14.44
CA SER B 618 -13.17 -13.58 14.19
C SER B 618 -13.46 -15.06 14.36
N ALA B 619 -14.31 -15.43 15.32
CA ALA B 619 -14.61 -16.85 15.51
C ALA B 619 -15.32 -17.45 14.30
N PRO B 620 -16.41 -16.89 13.79
CA PRO B 620 -16.96 -17.42 12.52
C PRO B 620 -15.99 -17.31 11.36
N MET B 621 -15.14 -16.27 11.33
CA MET B 621 -14.16 -16.18 10.26
C MET B 621 -13.23 -17.39 10.26
N TYR B 622 -12.67 -17.71 11.42
CA TYR B 622 -11.74 -18.83 11.51
C TYR B 622 -12.47 -20.16 11.33
N GLN B 623 -13.73 -20.25 11.73
CA GLN B 623 -14.49 -21.46 11.47
C GLN B 623 -14.67 -21.68 9.97
N TYR B 624 -14.99 -20.61 9.23
CA TYR B 624 -15.07 -20.72 7.78
C TYR B 624 -13.70 -21.01 7.17
N LEU B 625 -12.64 -20.46 7.76
CA LEU B 625 -11.29 -20.66 7.22
C LEU B 625 -10.85 -22.11 7.34
N ASP B 626 -11.10 -22.73 8.50
CA ASP B 626 -10.66 -24.11 8.71
C ASP B 626 -11.32 -25.06 7.73
N ARG B 627 -12.54 -24.74 7.28
CA ARG B 627 -13.21 -25.54 6.25
C ARG B 627 -12.78 -25.15 4.85
N LYS B 628 -11.79 -24.26 4.72
CA LYS B 628 -11.29 -23.82 3.42
C LYS B 628 -12.37 -23.10 2.62
N LEU B 629 -13.23 -22.38 3.33
CA LEU B 629 -14.31 -21.60 2.72
C LEU B 629 -13.90 -20.13 2.80
N PHE B 630 -13.29 -19.64 1.74
CA PHE B 630 -12.64 -18.33 1.78
C PHE B 630 -13.60 -17.20 1.45
N LYS B 631 -14.50 -17.38 0.48
CA LYS B 631 -15.46 -16.33 0.16
C LYS B 631 -16.38 -16.04 1.34
N GLU B 632 -16.87 -17.09 2.00
CA GLU B 632 -17.73 -16.90 3.17
C GLU B 632 -16.94 -16.31 4.33
N ALA B 633 -15.68 -16.72 4.50
CA ALA B 633 -14.85 -16.12 5.53
C ALA B 633 -14.68 -14.63 5.29
N TYR B 634 -14.49 -14.23 4.03
CA TYR B 634 -14.40 -12.81 3.71
C TYR B 634 -15.71 -12.09 3.98
N GLN B 635 -16.83 -12.75 3.67
CA GLN B 635 -18.13 -12.14 3.94
C GLN B 635 -18.31 -11.88 5.42
N ILE B 636 -17.87 -12.81 6.26
CA ILE B 636 -17.97 -12.60 7.71
C ILE B 636 -16.99 -11.53 8.16
N ALA B 637 -15.79 -11.52 7.59
CA ALA B 637 -14.77 -10.57 8.02
C ALA B 637 -15.18 -9.13 7.69
N CYS B 638 -15.88 -8.94 6.57
CA CYS B 638 -16.28 -7.59 6.19
C CYS B 638 -17.16 -6.92 7.24
N LEU B 639 -17.80 -7.71 8.11
CA LEU B 639 -18.61 -7.15 9.19
C LEU B 639 -17.76 -6.51 10.28
N GLY B 640 -16.43 -6.64 10.22
CA GLY B 640 -15.57 -5.96 11.16
C GLY B 640 -14.69 -6.86 12.01
N VAL B 641 -13.40 -6.86 11.72
CA VAL B 641 -12.39 -7.58 12.49
C VAL B 641 -11.16 -6.67 12.63
N THR B 642 -10.12 -7.20 13.27
CA THR B 642 -8.87 -6.48 13.40
C THR B 642 -8.08 -6.60 12.10
N ASP B 643 -6.82 -6.15 12.11
CA ASP B 643 -5.97 -6.27 10.94
C ASP B 643 -5.16 -7.55 10.94
N THR B 644 -4.85 -8.09 12.12
CA THR B 644 -4.17 -9.38 12.17
C THR B 644 -5.06 -10.48 11.62
N ASP B 645 -6.36 -10.45 11.93
CA ASP B 645 -7.28 -11.41 11.36
C ASP B 645 -7.39 -11.25 9.84
N TRP B 646 -7.39 -10.00 9.37
CA TRP B 646 -7.42 -9.75 7.93
C TRP B 646 -6.20 -10.36 7.26
N ARG B 647 -5.02 -10.14 7.86
CA ARG B 647 -3.79 -10.73 7.31
C ARG B 647 -3.84 -12.24 7.34
N GLU B 648 -4.34 -12.82 8.43
CA GLU B 648 -4.42 -14.28 8.52
C GLU B 648 -5.32 -14.85 7.45
N LEU B 649 -6.47 -14.22 7.23
CA LEU B 649 -7.36 -14.66 6.15
C LEU B 649 -6.69 -14.51 4.80
N ALA B 650 -5.96 -13.42 4.58
CA ALA B 650 -5.27 -13.22 3.31
C ALA B 650 -4.25 -14.33 3.07
N MET B 651 -3.44 -14.64 4.08
CA MET B 651 -2.42 -15.67 3.91
C MET B 651 -3.03 -17.05 3.71
N GLU B 652 -4.11 -17.35 4.45
CA GLU B 652 -4.74 -18.65 4.28
C GLU B 652 -5.41 -18.78 2.92
N ALA B 653 -5.92 -17.67 2.39
CA ALA B 653 -6.42 -17.68 1.01
C ALA B 653 -5.29 -17.91 0.02
N LEU B 654 -4.14 -17.25 0.23
CA LEU B 654 -2.99 -17.45 -0.64
C LEU B 654 -2.57 -18.92 -0.66
N GLU B 655 -2.41 -19.50 0.52
CA GLU B 655 -2.03 -20.92 0.59
C GLU B 655 -3.12 -21.79 -0.02
N GLY B 656 -4.38 -21.40 0.15
CA GLY B 656 -5.49 -22.10 -0.47
C GLY B 656 -5.74 -21.77 -1.92
N LEU B 657 -4.95 -20.86 -2.49
CA LEU B 657 -5.02 -20.51 -3.91
C LEU B 657 -6.38 -19.93 -4.28
N ASP B 658 -6.85 -18.97 -3.49
CA ASP B 658 -8.02 -18.16 -3.80
C ASP B 658 -7.54 -16.72 -3.91
N PHE B 659 -7.12 -16.33 -5.12
CA PHE B 659 -6.45 -15.06 -5.28
C PHE B 659 -7.40 -13.86 -5.23
N GLU B 660 -8.69 -14.06 -5.49
CA GLU B 660 -9.64 -12.95 -5.39
C GLU B 660 -9.82 -12.52 -3.94
N THR B 661 -10.13 -13.47 -3.07
CA THR B 661 -10.28 -13.16 -1.65
C THR B 661 -8.96 -12.73 -1.04
N ALA B 662 -7.85 -13.34 -1.47
CA ALA B 662 -6.54 -12.91 -0.99
C ALA B 662 -6.27 -11.47 -1.39
N LYS B 663 -6.57 -11.10 -2.64
CA LYS B 663 -6.39 -9.72 -3.08
C LYS B 663 -7.24 -8.78 -2.24
N LYS B 664 -8.50 -9.13 -1.99
CA LYS B 664 -9.38 -8.23 -1.24
C LYS B 664 -8.90 -8.04 0.19
N ALA B 665 -8.52 -9.13 0.85
CA ALA B 665 -8.03 -9.03 2.23
C ALA B 665 -6.72 -8.24 2.30
N PHE B 666 -5.80 -8.50 1.36
CA PHE B 666 -4.55 -7.77 1.34
C PHE B 666 -4.78 -6.29 1.07
N ILE B 667 -5.75 -5.97 0.22
CA ILE B 667 -6.11 -4.58 -0.01
C ILE B 667 -6.58 -3.94 1.27
N ARG B 668 -7.44 -4.64 2.01
CA ARG B 668 -7.86 -4.11 3.30
C ARG B 668 -6.73 -4.05 4.31
N VAL B 669 -5.61 -4.74 4.06
CA VAL B 669 -4.39 -4.51 4.82
C VAL B 669 -3.40 -3.62 4.08
N GLN B 670 -3.52 -3.52 2.75
CA GLN B 670 -2.66 -2.69 1.91
C GLN B 670 -1.19 -3.09 2.04
N ASP B 671 -0.91 -4.33 1.61
CA ASP B 671 0.45 -4.85 1.50
C ASP B 671 0.81 -4.89 0.02
N LEU B 672 1.52 -3.87 -0.45
CA LEU B 672 1.87 -3.80 -1.86
C LEU B 672 2.77 -4.95 -2.29
N ARG B 673 3.56 -5.51 -1.37
CA ARG B 673 4.40 -6.64 -1.72
C ARG B 673 3.57 -7.85 -2.12
N TYR B 674 2.62 -8.23 -1.28
CA TYR B 674 1.78 -9.40 -1.57
C TYR B 674 0.80 -9.10 -2.69
N LEU B 675 0.31 -7.86 -2.79
CA LEU B 675 -0.56 -7.50 -3.90
C LEU B 675 0.17 -7.61 -5.23
N GLU B 676 1.43 -7.16 -5.29
CA GLU B 676 2.20 -7.28 -6.51
C GLU B 676 2.56 -8.74 -6.80
N LEU B 677 2.78 -9.54 -5.75
CA LEU B 677 2.99 -10.97 -5.96
C LEU B 677 1.75 -11.62 -6.58
N ILE B 678 0.57 -11.28 -6.06
CA ILE B 678 -0.66 -11.86 -6.60
C ILE B 678 -0.92 -11.37 -8.01
N SER B 679 -0.59 -10.12 -8.30
CA SER B 679 -0.72 -9.62 -9.68
C SER B 679 0.22 -10.37 -10.61
N SER B 680 1.46 -10.61 -10.18
CA SER B 680 2.39 -11.38 -11.01
C SER B 680 1.88 -12.79 -11.25
N ILE B 681 1.37 -13.44 -10.20
CA ILE B 681 0.82 -14.79 -10.35
C ILE B 681 -0.37 -14.77 -11.30
N GLU B 682 -1.24 -13.77 -11.18
CA GLU B 682 -2.41 -13.67 -12.04
C GLU B 682 -2.02 -13.49 -13.50
N GLU B 683 -1.02 -12.64 -13.77
CA GLU B 683 -0.62 -12.45 -15.16
C GLU B 683 0.11 -13.67 -15.72
N ARG B 684 0.90 -14.36 -14.88
CA ARG B 684 1.49 -15.62 -15.32
C ARG B 684 0.42 -16.65 -15.67
N LYS B 685 -0.63 -16.73 -14.84
CA LYS B 685 -1.75 -17.61 -15.14
C LYS B 685 -2.45 -17.18 -16.42
N LYS B 686 -2.60 -15.89 -16.63
CA LYS B 686 -3.25 -15.38 -17.84
C LYS B 686 -2.48 -15.76 -19.09
N ARG B 687 -1.15 -15.65 -19.06
CA ARG B 687 -0.37 -15.94 -20.24
C ARG B 687 -0.36 -17.41 -20.61
N GLY B 688 -0.78 -18.30 -19.72
CA GLY B 688 -0.87 -19.70 -20.07
C GLY B 688 -0.36 -20.66 -19.01
N GLU B 689 0.35 -20.14 -18.00
CA GLU B 689 0.82 -20.99 -16.92
C GLU B 689 -0.35 -21.53 -16.13
N THR B 690 -0.48 -22.85 -16.06
CA THR B 690 -1.62 -23.49 -15.42
C THR B 690 -1.19 -24.55 -14.42
N ASN B 691 -0.03 -24.38 -13.80
CA ASN B 691 0.45 -25.28 -12.77
C ASN B 691 0.13 -24.69 -11.41
N ASN B 692 -0.57 -25.46 -10.59
CA ASN B 692 -1.00 -24.99 -9.28
C ASN B 692 -0.01 -25.32 -8.17
N ASP B 693 1.14 -25.91 -8.51
CA ASP B 693 2.21 -26.11 -7.53
C ASP B 693 3.30 -25.05 -7.64
N LEU B 694 3.54 -24.50 -8.85
CA LEU B 694 4.46 -23.38 -8.97
C LEU B 694 3.98 -22.18 -8.16
N PHE B 695 2.67 -21.90 -8.23
CA PHE B 695 2.13 -20.76 -7.50
C PHE B 695 2.27 -20.95 -6.00
N LEU B 696 1.98 -22.16 -5.51
CA LEU B 696 2.14 -22.42 -4.08
C LEU B 696 3.60 -22.38 -3.66
N ALA B 697 4.50 -22.85 -4.53
CA ALA B 697 5.93 -22.73 -4.24
C ALA B 697 6.35 -21.28 -4.14
N ASP B 698 5.86 -20.44 -5.05
CA ASP B 698 6.17 -19.01 -4.98
C ASP B 698 5.64 -18.40 -3.69
N VAL B 699 4.40 -18.75 -3.31
CA VAL B 699 3.82 -18.18 -2.10
C VAL B 699 4.63 -18.60 -0.88
N PHE B 700 5.03 -19.87 -0.82
CA PHE B 700 5.84 -20.33 0.31
C PHE B 700 7.20 -19.64 0.34
N SER B 701 7.85 -19.52 -0.82
CA SER B 701 9.11 -18.80 -0.88
C SER B 701 8.96 -17.36 -0.46
N TYR B 702 7.79 -16.77 -0.70
CA TYR B 702 7.59 -15.36 -0.47
C TYR B 702 7.21 -15.08 0.98
N GLN B 703 6.57 -16.03 1.65
CA GLN B 703 6.38 -15.94 3.10
C GLN B 703 7.70 -16.17 3.83
N GLY B 704 8.48 -17.16 3.40
CA GLY B 704 9.75 -17.44 4.02
C GLY B 704 9.96 -18.89 4.43
N LYS B 705 9.19 -19.81 3.86
CA LYS B 705 9.38 -21.22 4.19
C LYS B 705 10.73 -21.73 3.68
N PHE B 706 11.01 -21.50 2.40
CA PHE B 706 12.29 -21.78 1.77
C PHE B 706 12.59 -23.27 1.68
N HIS B 707 11.75 -24.11 2.29
CA HIS B 707 11.92 -25.55 2.24
C HIS B 707 10.73 -26.25 1.63
N GLU B 708 9.52 -25.99 2.14
CA GLU B 708 8.32 -26.47 1.48
C GLU B 708 8.20 -25.88 0.08
N ALA B 709 8.65 -24.65 -0.09
CA ALA B 709 8.67 -24.05 -1.43
C ALA B 709 9.59 -24.82 -2.36
N ALA B 710 10.74 -25.25 -1.87
CA ALA B 710 11.65 -26.04 -2.69
C ALA B 710 11.04 -27.37 -3.06
N LYS B 711 10.36 -28.01 -2.11
CA LYS B 711 9.69 -29.29 -2.40
C LYS B 711 8.62 -29.11 -3.46
N LEU B 712 7.82 -28.05 -3.34
CA LEU B 712 6.80 -27.78 -4.35
C LEU B 712 7.43 -27.48 -5.71
N TYR B 713 8.55 -26.75 -5.71
CA TYR B 713 9.26 -26.46 -6.95
C TYR B 713 9.73 -27.75 -7.62
N LYS B 714 10.27 -28.69 -6.84
CA LYS B 714 10.76 -29.92 -7.42
C LYS B 714 9.61 -30.81 -7.90
N ARG B 715 8.51 -30.83 -7.15
CA ARG B 715 7.36 -31.65 -7.54
C ARG B 715 6.75 -31.15 -8.84
N SER B 716 6.70 -29.84 -9.03
CA SER B 716 6.15 -29.25 -10.24
C SER B 716 7.12 -29.32 -11.42
N GLY B 717 8.20 -30.10 -11.30
CA GLY B 717 9.13 -30.26 -12.41
C GLY B 717 10.08 -29.11 -12.64
N HIS B 718 10.30 -28.26 -11.63
CA HIS B 718 11.25 -27.15 -11.74
C HIS B 718 12.18 -27.16 -10.53
N GLU B 719 13.25 -27.95 -10.61
CA GLU B 719 14.32 -27.86 -9.63
C GLU B 719 15.22 -26.66 -9.89
N ASN B 720 15.23 -26.16 -11.12
CA ASN B 720 16.02 -24.98 -11.44
C ASN B 720 15.55 -23.77 -10.63
N LEU B 721 14.23 -23.63 -10.43
CA LEU B 721 13.73 -22.53 -9.63
C LEU B 721 14.13 -22.68 -8.16
N ALA B 722 14.14 -23.90 -7.64
CA ALA B 722 14.63 -24.13 -6.29
C ALA B 722 16.11 -23.77 -6.18
N LEU B 723 16.90 -24.15 -7.18
CA LEU B 723 18.31 -23.80 -7.18
C LEU B 723 18.50 -22.29 -7.22
N GLU B 724 17.70 -21.59 -8.03
CA GLU B 724 17.76 -20.14 -8.08
C GLU B 724 17.40 -19.52 -6.73
N MET B 725 16.36 -20.04 -6.09
CA MET B 725 15.98 -19.55 -4.77
C MET B 725 17.12 -19.72 -3.77
N TYR B 726 17.78 -20.89 -3.79
CA TYR B 726 18.80 -21.15 -2.79
C TYR B 726 20.09 -20.40 -3.08
N THR B 727 20.42 -20.17 -4.35
CA THR B 727 21.59 -19.36 -4.67
C THR B 727 21.34 -17.89 -4.39
N ASP B 728 20.11 -17.41 -4.63
CA ASP B 728 19.79 -16.03 -4.31
C ASP B 728 19.86 -15.78 -2.81
N LEU B 729 19.34 -16.71 -2.02
CA LEU B 729 19.43 -16.62 -0.57
C LEU B 729 20.81 -16.99 -0.05
N CYS B 730 21.72 -17.42 -0.93
CA CYS B 730 23.07 -17.83 -0.56
C CYS B 730 23.07 -18.98 0.44
N MET B 731 22.08 -19.86 0.34
CA MET B 731 22.02 -21.09 1.13
C MET B 731 22.59 -22.24 0.32
N PHE B 732 23.88 -22.13 0.01
CA PHE B 732 24.51 -23.03 -0.95
C PHE B 732 24.56 -24.47 -0.47
N GLU B 733 24.49 -24.70 0.85
CA GLU B 733 24.47 -26.08 1.34
C GLU B 733 23.17 -26.77 0.97
N TYR B 734 22.09 -26.01 0.79
CA TYR B 734 20.83 -26.59 0.34
C TYR B 734 20.76 -26.68 -1.18
N ALA B 735 21.48 -25.80 -1.88
CA ALA B 735 21.47 -25.84 -3.33
C ALA B 735 22.09 -27.13 -3.87
N LYS B 736 22.98 -27.76 -3.09
CA LYS B 736 23.56 -29.04 -3.50
C LYS B 736 22.49 -30.11 -3.65
N ASP B 737 21.43 -30.02 -2.85
CA ASP B 737 20.37 -31.01 -2.92
C ASP B 737 19.58 -30.91 -4.23
N PHE B 738 19.33 -29.69 -4.68
CA PHE B 738 18.52 -29.45 -5.86
C PHE B 738 19.36 -29.24 -7.12
N LEU B 739 20.56 -29.79 -7.13
CA LEU B 739 21.37 -29.83 -8.35
C LEU B 739 20.96 -31.05 -9.17
N GLY B 740 19.65 -31.16 -9.45
CA GLY B 740 19.14 -32.36 -10.09
C GLY B 740 19.59 -32.51 -11.53
N SER B 741 19.72 -31.40 -12.26
CA SER B 741 20.05 -31.48 -13.68
C SER B 741 21.42 -32.09 -13.90
N GLY B 742 22.38 -31.79 -13.02
CA GLY B 742 23.73 -32.29 -13.15
C GLY B 742 24.73 -31.14 -13.19
N ASP B 743 25.69 -31.24 -14.12
CA ASP B 743 26.66 -30.17 -14.34
C ASP B 743 26.76 -29.82 -15.82
N PRO B 744 25.65 -29.33 -16.43
CA PRO B 744 25.74 -28.72 -17.76
C PRO B 744 25.95 -27.22 -17.66
N LYS B 745 27.10 -26.83 -17.12
CA LYS B 745 27.39 -25.45 -16.72
C LYS B 745 26.43 -24.95 -15.64
N GLU B 746 25.78 -25.87 -14.94
CA GLU B 746 24.92 -25.53 -13.80
C GLU B 746 25.63 -25.63 -12.47
N THR B 747 26.49 -26.65 -12.31
CA THR B 747 27.33 -26.70 -11.11
C THR B 747 28.31 -25.53 -11.07
N LYS B 748 28.84 -25.15 -12.23
CA LYS B 748 29.76 -24.01 -12.28
C LYS B 748 29.08 -22.73 -11.79
N MET B 749 27.81 -22.54 -12.17
CA MET B 749 27.09 -21.36 -11.70
C MET B 749 26.97 -21.37 -10.17
N LEU B 750 26.63 -22.52 -9.60
CA LEU B 750 26.50 -22.62 -8.15
C LEU B 750 27.83 -22.33 -7.46
N ILE B 751 28.92 -22.90 -7.98
CA ILE B 751 30.23 -22.69 -7.35
C ILE B 751 30.65 -21.23 -7.47
N THR B 752 30.42 -20.61 -8.64
CA THR B 752 30.76 -19.21 -8.80
C THR B 752 29.96 -18.32 -7.85
N LYS B 753 28.66 -18.59 -7.71
CA LYS B 753 27.84 -17.81 -6.79
C LYS B 753 28.31 -17.99 -5.35
N GLN B 754 28.61 -19.23 -4.95
CA GLN B 754 29.09 -19.47 -3.60
C GLN B 754 30.40 -18.75 -3.34
N ALA B 755 31.30 -18.78 -4.33
CA ALA B 755 32.58 -18.12 -4.18
C ALA B 755 32.44 -16.61 -4.10
N ASP B 756 31.58 -16.04 -4.94
CA ASP B 756 31.36 -14.59 -4.89
C ASP B 756 30.76 -14.19 -3.54
N TRP B 757 29.84 -14.99 -3.02
CA TRP B 757 29.30 -14.71 -1.69
C TRP B 757 30.39 -14.80 -0.63
N ALA B 758 31.24 -15.81 -0.71
CA ALA B 758 32.33 -15.95 0.26
C ALA B 758 33.25 -14.75 0.23
N ARG B 759 33.53 -14.24 -0.97
CA ARG B 759 34.31 -13.00 -1.07
C ARG B 759 33.57 -11.82 -0.47
N ASN B 760 32.25 -11.76 -0.68
CA ASN B 760 31.46 -10.61 -0.25
C ASN B 760 31.32 -10.52 1.26
N ILE B 761 31.48 -11.63 1.98
CA ILE B 761 31.40 -11.59 3.44
C ILE B 761 32.80 -11.32 3.99
N LYS B 762 33.74 -11.02 3.11
CA LYS B 762 35.13 -10.76 3.46
C LYS B 762 35.80 -11.99 4.07
N GLU B 763 35.75 -13.09 3.31
CA GLU B 763 36.52 -14.30 3.60
C GLU B 763 37.24 -14.72 2.33
N PRO B 764 38.25 -13.95 1.90
CA PRO B 764 38.86 -14.21 0.59
C PRO B 764 39.57 -15.55 0.48
N LYS B 765 39.92 -16.19 1.59
CA LYS B 765 40.64 -17.46 1.51
C LYS B 765 39.80 -18.52 0.80
N ALA B 766 38.65 -18.88 1.39
CA ALA B 766 37.77 -19.85 0.75
C ALA B 766 37.23 -19.32 -0.57
N ALA B 767 37.05 -18.01 -0.68
CA ALA B 767 36.58 -17.42 -1.93
C ALA B 767 37.52 -17.77 -3.08
N VAL B 768 38.82 -17.59 -2.88
CA VAL B 768 39.80 -18.02 -3.87
C VAL B 768 39.78 -19.54 -4.00
N GLU B 769 39.59 -20.24 -2.88
CA GLU B 769 39.61 -21.69 -2.89
C GLU B 769 38.62 -22.25 -3.92
N MET B 770 37.37 -21.78 -3.89
CA MET B 770 36.42 -22.27 -4.88
C MET B 770 36.20 -21.33 -6.07
N TYR B 771 36.96 -20.25 -6.18
CA TYR B 771 37.30 -19.72 -7.49
C TYR B 771 38.09 -20.73 -8.30
N ILE B 772 39.16 -21.27 -7.69
CA ILE B 772 40.00 -22.22 -8.40
C ILE B 772 39.21 -23.48 -8.74
N SER B 773 38.41 -23.96 -7.78
CA SER B 773 37.59 -25.14 -8.02
C SER B 773 36.54 -24.93 -9.10
N ALA B 774 36.17 -23.67 -9.39
CA ALA B 774 35.16 -23.37 -10.38
C ALA B 774 35.72 -23.15 -11.77
N GLY B 775 37.04 -23.17 -11.94
CA GLY B 775 37.61 -22.79 -13.21
C GLY B 775 37.41 -21.33 -13.55
N GLU B 776 37.52 -20.46 -12.54
CA GLU B 776 37.34 -19.02 -12.73
C GLU B 776 38.63 -18.32 -12.32
N HIS B 777 39.75 -18.80 -12.85
CA HIS B 777 41.07 -18.35 -12.40
C HIS B 777 41.29 -16.85 -12.57
N VAL B 778 40.55 -16.21 -13.48
CA VAL B 778 40.70 -14.76 -13.64
C VAL B 778 40.31 -14.04 -12.35
N LYS B 779 39.13 -14.36 -11.81
CA LYS B 779 38.69 -13.74 -10.56
C LYS B 779 39.58 -14.15 -9.40
N ALA B 780 40.04 -15.40 -9.39
CA ALA B 780 40.94 -15.86 -8.34
C ALA B 780 42.22 -15.04 -8.33
N ILE B 781 42.81 -14.83 -9.50
CA ILE B 781 44.05 -14.05 -9.57
C ILE B 781 43.79 -12.60 -9.22
N GLU B 782 42.63 -12.06 -9.63
CA GLU B 782 42.30 -10.69 -9.27
C GLU B 782 42.25 -10.52 -7.75
N ILE B 783 41.55 -11.43 -7.06
CA ILE B 783 41.44 -11.33 -5.61
C ILE B 783 42.81 -11.54 -4.94
N CYS B 784 43.58 -12.51 -5.44
CA CYS B 784 44.88 -12.78 -4.85
C CYS B 784 45.80 -11.57 -4.99
N GLY B 785 45.81 -10.94 -6.17
CA GLY B 785 46.60 -9.74 -6.36
C GLY B 785 46.11 -8.59 -5.51
N ASP B 786 44.79 -8.48 -5.33
CA ASP B 786 44.26 -7.46 -4.44
C ASP B 786 44.74 -7.68 -3.02
N HIS B 787 44.85 -8.93 -2.58
CA HIS B 787 45.36 -9.25 -1.25
C HIS B 787 46.85 -9.56 -1.24
N GLY B 788 47.48 -9.65 -2.41
CA GLY B 788 48.92 -9.82 -2.49
C GLY B 788 49.47 -11.06 -1.82
N TRP B 789 48.85 -12.21 -2.08
CA TRP B 789 49.21 -13.47 -1.43
C TRP B 789 50.03 -14.32 -2.40
N VAL B 790 51.34 -14.33 -2.19
CA VAL B 790 52.26 -14.99 -3.12
C VAL B 790 52.05 -16.51 -3.12
N ASP B 791 51.72 -17.09 -1.96
CA ASP B 791 51.65 -18.55 -1.85
C ASP B 791 50.66 -19.14 -2.83
N MET B 792 49.37 -18.81 -2.68
CA MET B 792 48.38 -19.36 -3.59
C MET B 792 48.54 -18.83 -5.01
N LEU B 793 49.13 -17.64 -5.19
CA LEU B 793 49.40 -17.16 -6.54
C LEU B 793 50.35 -18.08 -7.28
N ILE B 794 51.49 -18.40 -6.66
CA ILE B 794 52.44 -19.32 -7.31
C ILE B 794 51.83 -20.71 -7.40
N ASP B 795 51.01 -21.11 -6.42
CA ASP B 795 50.37 -22.42 -6.49
C ASP B 795 49.50 -22.55 -7.74
N ILE B 796 48.59 -21.59 -7.94
CA ILE B 796 47.71 -21.66 -9.12
C ILE B 796 48.51 -21.49 -10.40
N ALA B 797 49.50 -20.59 -10.40
CA ALA B 797 50.30 -20.37 -11.60
C ALA B 797 51.07 -21.63 -12.00
N ARG B 798 51.56 -22.39 -11.02
CA ARG B 798 52.22 -23.66 -11.32
C ARG B 798 51.22 -24.74 -11.68
N LYS B 799 49.97 -24.63 -11.22
CA LYS B 799 48.94 -25.59 -11.58
C LYS B 799 48.00 -25.06 -12.66
N LEU B 800 48.31 -23.92 -13.27
CA LEU B 800 47.53 -23.44 -14.40
C LEU B 800 47.98 -24.12 -15.70
N ASP B 801 47.07 -24.15 -16.67
CA ASP B 801 47.39 -24.72 -17.97
C ASP B 801 48.32 -23.80 -18.73
N LYS B 802 49.24 -24.41 -19.49
CA LYS B 802 50.16 -23.63 -20.30
C LYS B 802 49.43 -22.83 -21.38
N ALA B 803 48.37 -23.41 -21.94
CA ALA B 803 47.61 -22.73 -22.98
C ALA B 803 46.90 -21.49 -22.46
N GLU B 804 46.71 -21.38 -21.15
CA GLU B 804 46.13 -20.19 -20.54
C GLU B 804 47.18 -19.08 -20.50
N ARG B 805 47.42 -18.50 -21.68
CA ARG B 805 48.49 -17.51 -21.81
C ARG B 805 48.20 -16.27 -20.97
N GLU B 806 47.02 -15.68 -21.13
CA GLU B 806 46.69 -14.48 -20.37
C GLU B 806 46.62 -14.70 -18.87
N PRO B 807 46.00 -15.77 -18.35
CA PRO B 807 46.05 -15.98 -16.89
C PRO B 807 47.46 -16.09 -16.34
N LEU B 808 48.36 -16.77 -17.06
CA LEU B 808 49.74 -16.87 -16.58
C LEU B 808 50.48 -15.55 -16.73
N LEU B 809 50.17 -14.76 -17.76
CA LEU B 809 50.75 -13.44 -17.89
C LEU B 809 50.32 -12.55 -16.73
N LEU B 810 49.05 -12.62 -16.33
CA LEU B 810 48.59 -11.85 -15.18
C LEU B 810 49.20 -12.38 -13.89
N CYS B 811 49.39 -13.69 -13.78
CA CYS B 811 50.09 -14.27 -12.63
C CYS B 811 51.49 -13.68 -12.51
N ALA B 812 52.26 -13.72 -13.60
CA ALA B 812 53.61 -13.17 -13.57
C ALA B 812 53.60 -11.66 -13.34
N THR B 813 52.60 -10.96 -13.89
CA THR B 813 52.49 -9.53 -13.67
C THR B 813 52.28 -9.20 -12.19
N TYR B 814 51.42 -9.98 -11.52
CA TYR B 814 51.23 -9.78 -10.08
C TYR B 814 52.47 -10.18 -9.30
N LEU B 815 53.15 -11.24 -9.73
CA LEU B 815 54.37 -11.67 -9.04
C LEU B 815 55.45 -10.60 -9.12
N LYS B 816 55.64 -10.00 -10.30
CA LYS B 816 56.61 -8.92 -10.45
C LYS B 816 56.15 -7.67 -9.71
N LYS B 817 54.85 -7.39 -9.73
CA LYS B 817 54.31 -6.27 -8.95
C LYS B 817 54.52 -6.49 -7.47
N LEU B 818 54.34 -7.73 -7.01
CA LEU B 818 54.70 -8.08 -5.64
C LEU B 818 56.21 -8.27 -5.53
N ASP B 819 56.67 -8.62 -4.34
CA ASP B 819 58.10 -8.77 -4.11
C ASP B 819 58.56 -10.18 -4.49
N SER B 820 58.21 -10.63 -5.69
CA SER B 820 58.62 -11.94 -6.19
C SER B 820 58.98 -11.80 -7.67
N PRO B 821 60.10 -11.16 -7.98
CA PRO B 821 60.51 -11.07 -9.40
C PRO B 821 60.97 -12.40 -9.97
N GLY B 822 61.69 -13.20 -9.17
CA GLY B 822 62.12 -14.50 -9.65
C GLY B 822 60.97 -15.43 -9.94
N TYR B 823 59.91 -15.37 -9.12
CA TYR B 823 58.73 -16.17 -9.37
C TYR B 823 58.07 -15.78 -10.68
N ALA B 824 58.00 -14.48 -10.95
CA ALA B 824 57.47 -14.00 -12.23
C ALA B 824 58.34 -14.49 -13.39
N ALA B 825 59.66 -14.49 -13.20
CA ALA B 825 60.54 -15.00 -14.24
C ALA B 825 60.30 -16.48 -14.51
N GLU B 826 60.12 -17.26 -13.43
CA GLU B 826 59.82 -18.68 -13.59
C GLU B 826 58.51 -18.89 -14.33
N THR B 827 57.50 -18.10 -14.00
CA THR B 827 56.21 -18.20 -14.69
C THR B 827 56.36 -17.84 -16.17
N TYR B 828 57.11 -16.78 -16.47
CA TYR B 828 57.33 -16.39 -17.85
C TYR B 828 58.04 -17.49 -18.62
N LEU B 829 59.07 -18.09 -18.02
CA LEU B 829 59.78 -19.18 -18.67
C LEU B 829 58.87 -20.38 -18.90
N LYS B 830 58.04 -20.70 -17.91
CA LYS B 830 57.12 -21.83 -18.05
C LYS B 830 56.12 -21.60 -19.18
N MET B 831 55.55 -20.39 -19.26
CA MET B 831 54.54 -20.16 -20.28
C MET B 831 55.14 -19.96 -21.67
N GLY B 832 56.38 -19.50 -21.75
CA GLY B 832 57.11 -19.49 -23.00
C GLY B 832 57.47 -18.13 -23.58
N ASP B 833 57.18 -17.03 -22.89
CA ASP B 833 57.54 -15.70 -23.39
C ASP B 833 58.92 -15.33 -22.87
N LEU B 834 59.93 -15.85 -23.57
CA LEU B 834 61.31 -15.56 -23.19
C LEU B 834 61.69 -14.10 -23.43
N LYS B 835 61.05 -13.44 -24.40
CA LYS B 835 61.32 -12.02 -24.63
C LYS B 835 60.96 -11.21 -23.39
N SER B 836 59.77 -11.44 -22.84
CA SER B 836 59.39 -10.79 -21.59
C SER B 836 60.24 -11.27 -20.42
N LEU B 837 60.75 -12.50 -20.47
CA LEU B 837 61.67 -12.96 -19.43
C LEU B 837 62.94 -12.12 -19.42
N VAL B 838 63.51 -11.88 -20.60
CA VAL B 838 64.72 -11.05 -20.68
C VAL B 838 64.40 -9.60 -20.33
N GLN B 839 63.22 -9.12 -20.74
CA GLN B 839 62.81 -7.78 -20.34
C GLN B 839 62.70 -7.66 -18.83
N LEU B 840 62.18 -8.70 -18.18
CA LEU B 840 62.13 -8.74 -16.72
C LEU B 840 63.54 -8.70 -16.12
N HIS B 841 64.44 -9.54 -16.66
CA HIS B 841 65.80 -9.57 -16.14
C HIS B 841 66.48 -8.22 -16.30
N VAL B 842 66.17 -7.50 -17.37
CA VAL B 842 66.61 -6.12 -17.50
C VAL B 842 65.99 -5.27 -16.39
N GLU B 843 64.70 -5.46 -16.14
CA GLU B 843 64.02 -4.70 -15.10
C GLU B 843 64.55 -5.08 -13.71
N THR B 844 64.82 -6.36 -13.49
CA THR B 844 65.30 -6.82 -12.19
C THR B 844 66.80 -6.65 -12.00
N GLN B 845 67.47 -5.99 -12.95
CA GLN B 845 68.92 -5.73 -12.87
C GLN B 845 69.72 -7.03 -12.72
N ARG B 846 69.28 -8.06 -13.44
CA ARG B 846 69.99 -9.35 -13.47
C ARG B 846 70.82 -9.40 -14.74
N TRP B 847 71.99 -8.75 -14.69
CA TRP B 847 72.81 -8.60 -15.88
C TRP B 847 73.34 -9.95 -16.38
N ASP B 848 73.94 -10.74 -15.48
CA ASP B 848 74.51 -12.02 -15.89
C ASP B 848 73.43 -12.99 -16.36
N GLU B 849 72.31 -13.07 -15.63
CA GLU B 849 71.23 -13.98 -16.01
C GLU B 849 70.64 -13.58 -17.35
N ALA B 850 70.43 -12.28 -17.57
CA ALA B 850 69.90 -11.82 -18.85
C ALA B 850 70.90 -12.07 -19.97
N PHE B 851 72.20 -11.93 -19.69
CA PHE B 851 73.20 -12.19 -20.71
C PHE B 851 73.21 -13.67 -21.10
N ALA B 852 73.07 -14.56 -20.10
CA ALA B 852 72.95 -15.99 -20.41
C ALA B 852 71.70 -16.28 -21.21
N LEU B 853 70.57 -15.66 -20.84
CA LEU B 853 69.33 -15.87 -21.58
C LEU B 853 69.46 -15.39 -23.01
N GLY B 854 70.09 -14.23 -23.22
CA GLY B 854 70.32 -13.75 -24.56
C GLY B 854 71.29 -14.62 -25.35
N GLU B 855 72.22 -15.28 -24.65
CA GLU B 855 73.02 -16.31 -25.29
C GLU B 855 72.12 -17.44 -25.76
N LYS B 856 71.14 -17.85 -24.94
CA LYS B 856 70.17 -18.85 -25.36
C LYS B 856 69.31 -18.34 -26.51
N HIS B 857 68.87 -17.08 -26.43
CA HIS B 857 68.04 -16.47 -27.48
C HIS B 857 68.75 -15.24 -28.04
N PRO B 858 69.46 -15.37 -29.16
CA PRO B 858 70.26 -14.23 -29.66
C PRO B 858 69.46 -12.98 -29.93
N GLU B 859 68.21 -13.14 -30.42
CA GLU B 859 67.36 -11.98 -30.64
C GLU B 859 67.09 -11.25 -29.33
N PHE B 860 66.87 -12.01 -28.25
CA PHE B 860 66.67 -11.39 -26.95
C PHE B 860 67.90 -10.62 -26.50
N LYS B 861 69.09 -11.18 -26.74
CA LYS B 861 70.32 -10.45 -26.41
C LYS B 861 70.40 -9.14 -27.18
N ASP B 862 70.21 -9.21 -28.50
CA ASP B 862 70.30 -8.00 -29.33
C ASP B 862 69.29 -6.96 -28.89
N ASP B 863 68.09 -7.40 -28.51
CA ASP B 863 67.03 -6.45 -28.15
C ASP B 863 67.27 -5.83 -26.78
N ILE B 864 67.68 -6.63 -25.80
CA ILE B 864 67.64 -6.17 -24.42
C ILE B 864 69.01 -6.24 -23.74
N TYR B 865 70.09 -6.13 -24.52
CA TYR B 865 71.41 -5.98 -23.95
C TYR B 865 72.04 -4.63 -24.27
N MET B 866 71.56 -3.95 -25.31
CA MET B 866 71.81 -2.52 -25.48
C MET B 866 71.41 -1.70 -24.26
N PRO B 867 70.27 -1.95 -23.60
CA PRO B 867 70.03 -1.29 -22.31
C PRO B 867 71.11 -1.57 -21.29
N TYR B 868 71.70 -2.76 -21.29
CA TYR B 868 72.87 -2.99 -20.44
C TYR B 868 74.07 -2.18 -20.90
N ALA B 869 74.19 -1.92 -22.21
CA ALA B 869 75.25 -1.05 -22.69
C ALA B 869 75.08 0.35 -22.11
N GLN B 870 73.86 0.89 -22.17
CA GLN B 870 73.62 2.20 -21.57
C GLN B 870 73.76 2.18 -20.06
N TRP B 871 73.41 1.06 -19.43
CA TRP B 871 73.58 0.92 -17.98
C TRP B 871 75.06 0.98 -17.61
N LEU B 872 75.91 0.27 -18.36
CA LEU B 872 77.34 0.33 -18.12
C LEU B 872 77.88 1.73 -18.37
N ALA B 873 77.38 2.39 -19.42
CA ALA B 873 77.79 3.76 -19.69
C ALA B 873 77.45 4.68 -18.53
N GLU B 874 76.24 4.52 -17.97
CA GLU B 874 75.86 5.30 -16.80
C GLU B 874 76.67 4.90 -15.56
N ASN B 875 77.23 3.70 -15.55
CA ASN B 875 78.04 3.22 -14.44
C ASN B 875 79.53 3.42 -14.69
N ASP B 876 79.91 4.10 -15.78
CA ASP B 876 81.27 4.50 -16.12
C ASP B 876 82.16 3.33 -16.52
N ARG B 877 81.58 2.16 -16.81
CA ARG B 877 82.34 1.03 -17.33
C ARG B 877 82.44 1.18 -18.86
N PHE B 878 83.16 2.22 -19.27
CA PHE B 878 83.10 2.66 -20.66
C PHE B 878 83.78 1.68 -21.61
N GLU B 879 84.92 1.11 -21.22
CA GLU B 879 85.48 0.04 -22.04
C GLU B 879 84.55 -1.17 -22.05
N GLU B 880 84.00 -1.52 -20.90
CA GLU B 880 82.95 -2.53 -20.86
C GLU B 880 81.73 -2.09 -21.64
N ALA B 881 81.45 -0.78 -21.68
CA ALA B 881 80.33 -0.29 -22.47
C ALA B 881 80.56 -0.53 -23.95
N GLN B 882 81.78 -0.29 -24.44
CA GLN B 882 82.10 -0.62 -25.82
C GLN B 882 82.01 -2.11 -26.07
N LYS B 883 82.53 -2.93 -25.14
CA LYS B 883 82.40 -4.37 -25.29
C LYS B 883 80.95 -4.79 -25.39
N ALA B 884 80.08 -4.17 -24.60
CA ALA B 884 78.66 -4.49 -24.64
C ALA B 884 78.02 -4.02 -25.95
N PHE B 885 78.28 -2.77 -26.34
CA PHE B 885 77.72 -2.25 -27.57
C PHE B 885 78.10 -3.09 -28.78
N HIS B 886 79.32 -3.64 -28.79
CA HIS B 886 79.66 -4.55 -29.88
C HIS B 886 79.03 -5.92 -29.69
N LYS B 887 78.93 -6.38 -28.44
CA LYS B 887 78.29 -7.67 -28.19
C LYS B 887 76.83 -7.67 -28.66
N ALA B 888 76.09 -6.63 -28.30
CA ALA B 888 74.76 -6.44 -28.85
C ALA B 888 74.84 -5.78 -30.22
N GLY B 889 73.68 -5.57 -30.83
CA GLY B 889 73.63 -4.91 -32.12
C GLY B 889 73.73 -3.40 -32.01
N ARG B 890 74.90 -2.86 -32.39
CA ARG B 890 75.12 -1.42 -32.35
C ARG B 890 76.37 -1.05 -33.15
N GLN B 891 76.22 -0.13 -34.10
CA GLN B 891 77.35 0.30 -34.93
C GLN B 891 77.43 1.83 -35.02
N ARG B 892 76.70 2.54 -34.16
CA ARG B 892 76.73 4.00 -34.14
C ARG B 892 77.23 4.55 -32.82
N GLU B 893 76.70 4.05 -31.70
CA GLU B 893 77.19 4.48 -30.39
C GLU B 893 78.53 3.82 -30.08
N ALA B 894 78.71 2.57 -30.51
CA ALA B 894 79.95 1.86 -30.25
C ALA B 894 81.14 2.58 -30.88
N VAL B 895 81.01 2.95 -32.15
CA VAL B 895 82.13 3.57 -32.85
C VAL B 895 82.48 4.92 -32.22
N GLN B 896 81.46 5.71 -31.85
CA GLN B 896 81.75 7.02 -31.29
C GLN B 896 82.32 6.91 -29.88
N VAL B 897 81.83 5.97 -29.07
CA VAL B 897 82.40 5.82 -27.74
C VAL B 897 83.83 5.29 -27.81
N LEU B 898 84.12 4.42 -28.79
CA LEU B 898 85.49 3.95 -28.92
C LEU B 898 86.41 5.03 -29.45
N GLU B 899 85.89 5.89 -30.33
CA GLU B 899 86.67 7.05 -30.78
C GLU B 899 86.96 7.98 -29.61
N GLN B 900 85.98 8.17 -28.72
CA GLN B 900 86.21 9.00 -27.54
C GLN B 900 87.23 8.35 -26.61
N LEU B 901 87.22 7.02 -26.50
CA LEU B 901 88.23 6.32 -25.72
C LEU B 901 89.62 6.53 -26.31
N THR B 902 89.73 6.45 -27.63
CA THR B 902 91.02 6.71 -28.28
C THR B 902 91.48 8.14 -28.04
N ASN B 903 90.56 9.10 -28.12
CA ASN B 903 90.93 10.49 -27.90
C ASN B 903 91.36 10.72 -26.46
N ASN B 904 90.71 10.06 -25.51
CA ASN B 904 91.13 10.16 -24.11
C ASN B 904 92.50 9.56 -23.91
N ALA B 905 92.78 8.41 -24.54
CA ALA B 905 94.09 7.78 -24.41
C ALA B 905 95.19 8.66 -24.99
N VAL B 906 94.96 9.18 -26.21
CA VAL B 906 95.97 10.01 -26.85
C VAL B 906 96.15 11.33 -26.11
N ALA B 907 95.06 11.87 -25.55
CA ALA B 907 95.16 13.08 -24.75
C ALA B 907 96.00 12.85 -23.50
N GLU B 908 95.83 11.69 -22.87
CA GLU B 908 96.75 11.25 -21.82
C GLU B 908 97.98 10.65 -22.48
N SER B 909 98.82 9.97 -21.72
CA SER B 909 100.03 9.37 -22.26
C SER B 909 99.92 7.86 -22.38
N ARG B 910 98.69 7.31 -22.32
CA ARG B 910 98.48 5.87 -22.43
C ARG B 910 98.46 5.50 -23.91
N PHE B 911 99.66 5.47 -24.49
CA PHE B 911 99.77 5.23 -25.92
C PHE B 911 99.55 3.77 -26.29
N ASN B 912 99.92 2.83 -25.41
CA ASN B 912 99.61 1.43 -25.68
C ASN B 912 98.11 1.19 -25.66
N ASP B 913 97.41 1.82 -24.71
CA ASP B 913 95.95 1.73 -24.71
C ASP B 913 95.37 2.37 -25.96
N ALA B 914 95.95 3.49 -26.41
CA ALA B 914 95.50 4.11 -27.65
C ALA B 914 95.68 3.17 -28.84
N ALA B 915 96.82 2.49 -28.89
CA ALA B 915 97.06 1.54 -29.98
C ALA B 915 96.07 0.39 -29.93
N TYR B 916 95.77 -0.13 -28.72
CA TYR B 916 94.81 -1.21 -28.61
C TYR B 916 93.41 -0.76 -29.04
N TYR B 917 93.00 0.43 -28.64
CA TYR B 917 91.71 0.95 -29.05
C TYR B 917 91.65 1.17 -30.56
N TYR B 918 92.73 1.66 -31.15
CA TYR B 918 92.78 1.83 -32.60
C TYR B 918 92.72 0.50 -33.31
N TRP B 919 93.36 -0.53 -32.73
CA TRP B 919 93.28 -1.85 -33.33
C TRP B 919 91.86 -2.39 -33.29
N MET B 920 91.15 -2.18 -32.18
CA MET B 920 89.76 -2.62 -32.15
C MET B 920 88.90 -1.81 -33.11
N LEU B 921 89.20 -0.51 -33.29
CA LEU B 921 88.51 0.26 -34.32
C LEU B 921 88.72 -0.35 -35.70
N SER B 922 89.95 -0.74 -36.00
CA SER B 922 90.24 -1.38 -37.29
C SER B 922 89.47 -2.69 -37.43
N MET B 923 89.45 -3.50 -36.36
CA MET B 923 88.76 -4.78 -36.42
C MET B 923 87.26 -4.59 -36.60
N GLN B 924 86.66 -3.62 -35.90
CA GLN B 924 85.24 -3.36 -36.08
C GLN B 924 84.95 -2.86 -37.48
N CYS B 925 85.78 -1.96 -38.00
CA CYS B 925 85.57 -1.46 -39.35
C CYS B 925 85.66 -2.59 -40.37
N LEU B 926 86.61 -3.51 -40.19
CA LEU B 926 86.70 -4.66 -41.08
C LEU B 926 85.49 -5.56 -40.95
N ASP B 927 85.03 -5.82 -39.72
CA ASP B 927 83.91 -6.72 -39.51
C ASP B 927 82.63 -6.18 -40.13
N ILE B 928 82.28 -4.93 -39.81
CA ILE B 928 81.07 -4.34 -40.36
C ILE B 928 81.26 -3.85 -41.78
N ALA B 929 82.43 -4.07 -42.39
CA ALA B 929 82.61 -3.91 -43.82
C ALA B 929 82.17 -5.13 -44.60
N GLN B 930 81.69 -6.17 -43.92
CA GLN B 930 81.11 -7.31 -44.60
C GLN B 930 79.91 -6.89 -45.43
N ASP B 931 79.27 -5.79 -45.06
CA ASP B 931 78.21 -5.21 -45.87
C ASP B 931 78.81 -4.71 -47.19
N PRO B 932 78.35 -5.21 -48.34
CA PRO B 932 78.87 -4.69 -49.61
C PRO B 932 78.56 -3.22 -49.85
N ALA B 933 77.60 -2.65 -49.13
CA ALA B 933 77.22 -1.26 -49.35
C ALA B 933 78.36 -0.32 -49.04
N GLN B 934 79.09 -0.55 -47.95
CA GLN B 934 80.15 0.34 -47.49
C GLN B 934 81.49 -0.39 -47.40
N LYS B 935 81.70 -1.40 -48.25
CA LYS B 935 82.95 -2.14 -48.22
C LYS B 935 84.12 -1.27 -48.65
N ASP B 936 84.00 -0.60 -49.80
CA ASP B 936 85.14 0.12 -50.36
C ASP B 936 85.51 1.34 -49.51
N THR B 937 84.53 2.05 -49.00
CA THR B 937 84.78 3.30 -48.28
C THR B 937 85.33 3.08 -46.87
N MET B 938 85.40 1.83 -46.41
CA MET B 938 85.71 1.56 -45.02
C MET B 938 86.78 0.48 -44.83
N LEU B 939 87.08 -0.34 -45.84
CA LEU B 939 88.32 -1.09 -45.80
C LEU B 939 89.51 -0.14 -45.71
N GLY B 940 89.40 1.04 -46.33
CA GLY B 940 90.42 2.05 -46.15
C GLY B 940 90.54 2.51 -44.71
N LYS B 941 89.40 2.65 -44.02
CA LYS B 941 89.43 2.96 -42.60
C LYS B 941 90.09 1.84 -41.82
N PHE B 942 89.83 0.60 -42.19
CA PHE B 942 90.49 -0.53 -41.54
C PHE B 942 92.00 -0.43 -41.69
N TYR B 943 92.47 -0.19 -42.92
CA TYR B 943 93.91 -0.08 -43.14
C TYR B 943 94.51 1.09 -42.37
N HIS B 944 93.83 2.23 -42.40
CA HIS B 944 94.32 3.41 -41.70
C HIS B 944 94.43 3.15 -40.20
N PHE B 945 93.42 2.51 -39.61
CA PHE B 945 93.45 2.26 -38.18
C PHE B 945 94.46 1.20 -37.82
N GLN B 946 94.68 0.22 -38.69
CA GLN B 946 95.74 -0.75 -38.44
C GLN B 946 97.11 -0.07 -38.43
N ARG B 947 97.34 0.84 -39.38
CA ARG B 947 98.62 1.54 -39.42
C ARG B 947 98.78 2.44 -38.21
N LEU B 948 97.71 3.12 -37.79
CA LEU B 948 97.77 3.92 -36.57
C LEU B 948 98.04 3.06 -35.35
N ALA B 949 97.45 1.85 -35.30
CA ALA B 949 97.71 0.95 -34.19
C ALA B 949 99.19 0.58 -34.13
N GLU B 950 99.77 0.24 -35.29
CA GLU B 950 101.19 -0.07 -35.30
C GLU B 950 102.03 1.11 -34.84
N LEU B 951 101.71 2.30 -35.35
CA LEU B 951 102.50 3.49 -35.01
C LEU B 951 102.41 3.80 -33.52
N TYR B 952 101.22 3.73 -32.95
CA TYR B 952 101.06 4.08 -31.53
C TYR B 952 101.66 3.02 -30.63
N HIS B 953 101.52 1.74 -31.01
CA HIS B 953 102.14 0.69 -30.21
C HIS B 953 103.66 0.79 -30.24
N GLY B 954 104.23 1.17 -31.38
CA GLY B 954 105.66 1.43 -31.43
C GLY B 954 106.06 2.66 -30.61
N TYR B 955 105.28 3.73 -30.71
CA TYR B 955 105.66 4.98 -30.06
C TYR B 955 105.47 4.93 -28.55
N HIS B 956 104.67 3.99 -28.04
CA HIS B 956 104.55 3.88 -26.59
C HIS B 956 105.90 3.60 -25.95
N ALA B 957 106.70 2.74 -26.56
CA ALA B 957 108.02 2.43 -26.01
C ALA B 957 108.93 3.65 -26.02
N ILE B 958 108.89 4.44 -27.10
CA ILE B 958 109.71 5.64 -27.16
C ILE B 958 109.26 6.66 -26.13
N HIS B 959 107.94 6.77 -25.93
CA HIS B 959 107.44 7.69 -24.91
C HIS B 959 107.88 7.26 -23.52
N ARG B 960 107.82 5.96 -23.25
CA ARG B 960 108.25 5.47 -21.94
C ARG B 960 109.75 5.66 -21.74
N HIS B 961 110.54 5.47 -22.80
CA HIS B 961 111.99 5.52 -22.66
C HIS B 961 112.47 6.92 -22.29
N THR B 962 111.85 7.95 -22.86
CA THR B 962 112.31 9.32 -22.65
C THR B 962 111.64 9.99 -21.45
N GLU B 963 110.87 9.25 -20.67
CA GLU B 963 110.24 9.79 -19.47
C GLU B 963 110.68 9.08 -18.20
N ASP B 964 110.76 7.76 -18.22
CA ASP B 964 111.22 7.03 -17.06
C ASP B 964 112.72 7.27 -16.84
N PRO B 965 113.17 7.39 -15.60
CA PRO B 965 114.62 7.50 -15.36
C PRO B 965 115.37 6.25 -15.78
N PHE B 966 114.71 5.11 -15.84
CA PHE B 966 115.33 3.84 -16.21
C PHE B 966 114.92 3.44 -17.62
N SER B 967 115.51 2.36 -18.09
CA SER B 967 115.22 1.81 -19.41
C SER B 967 114.68 0.40 -19.24
N VAL B 968 113.58 0.10 -19.90
CA VAL B 968 112.98 -1.22 -19.87
C VAL B 968 113.39 -2.06 -21.08
N HIS B 969 113.43 -1.45 -22.25
CA HIS B 969 113.74 -2.16 -23.48
C HIS B 969 115.25 -2.18 -23.72
N ARG B 970 115.66 -3.11 -24.58
CA ARG B 970 117.05 -3.16 -24.99
C ARG B 970 117.37 -1.98 -25.90
N PRO B 971 118.63 -1.52 -25.92
CA PRO B 971 118.99 -0.46 -26.88
C PRO B 971 118.75 -0.85 -28.33
N GLU B 972 118.93 -2.12 -28.66
CA GLU B 972 118.64 -2.58 -30.02
C GLU B 972 117.17 -2.39 -30.36
N THR B 973 116.29 -2.73 -29.42
CA THR B 973 114.86 -2.59 -29.64
C THR B 973 114.47 -1.13 -29.82
N LEU B 974 115.03 -0.25 -28.99
CA LEU B 974 114.72 1.17 -29.13
C LEU B 974 115.23 1.71 -30.45
N PHE B 975 116.43 1.29 -30.87
CA PHE B 975 116.96 1.71 -32.16
C PHE B 975 116.03 1.27 -33.29
N ASN B 976 115.60 0.01 -33.26
CA ASN B 976 114.73 -0.50 -34.31
C ASN B 976 113.38 0.19 -34.32
N ILE B 977 112.79 0.41 -33.15
CA ILE B 977 111.49 1.07 -33.07
C ILE B 977 111.58 2.50 -33.58
N SER B 978 112.63 3.23 -33.16
CA SER B 978 112.78 4.60 -33.63
C SER B 978 112.97 4.66 -35.13
N ARG B 979 113.77 3.74 -35.69
CA ARG B 979 113.95 3.73 -37.14
C ARG B 979 112.64 3.42 -37.86
N PHE B 980 111.88 2.44 -37.35
CA PHE B 980 110.63 2.07 -38.00
C PHE B 980 109.63 3.22 -37.95
N LEU B 981 109.51 3.90 -36.81
CA LEU B 981 108.65 5.08 -36.74
C LEU B 981 109.13 6.16 -37.70
N LEU B 982 110.43 6.43 -37.72
CA LEU B 982 110.93 7.48 -38.61
C LEU B 982 110.58 7.18 -40.07
N HIS B 983 110.72 5.92 -40.48
CA HIS B 983 110.43 5.60 -41.87
C HIS B 983 108.93 5.58 -42.17
N SER B 984 108.11 5.07 -41.24
CA SER B 984 106.69 4.89 -41.49
C SER B 984 105.82 6.05 -41.02
N LEU B 985 106.37 6.99 -40.27
CA LEU B 985 105.54 8.09 -39.77
C LEU B 985 105.20 9.03 -40.92
N PRO B 986 103.93 9.41 -41.09
CA PRO B 986 103.56 10.23 -42.24
C PRO B 986 104.06 11.67 -42.13
N LYS B 987 103.88 12.45 -43.19
CA LYS B 987 104.29 13.85 -43.15
C LYS B 987 103.54 14.61 -42.07
N ASP B 988 102.24 14.37 -41.95
CA ASP B 988 101.43 14.92 -40.87
C ASP B 988 101.38 13.88 -39.77
N THR B 989 102.24 14.03 -38.77
CA THR B 989 102.35 13.06 -37.71
C THR B 989 101.03 12.95 -36.96
N PRO B 990 100.57 11.74 -36.64
CA PRO B 990 99.33 11.60 -35.87
C PRO B 990 99.43 12.31 -34.52
N SER B 991 98.27 12.56 -33.94
CA SER B 991 98.23 13.33 -32.70
C SER B 991 98.97 12.61 -31.58
N GLY B 992 99.61 13.40 -30.72
CA GLY B 992 100.32 12.85 -29.58
C GLY B 992 101.72 12.41 -29.89
N ILE B 993 101.97 11.94 -31.11
CA ILE B 993 103.28 11.43 -31.49
C ILE B 993 104.19 12.62 -31.77
N SER B 994 105.13 12.88 -30.88
CA SER B 994 106.15 13.90 -31.08
C SER B 994 107.38 13.25 -31.67
N LYS B 995 107.76 13.67 -32.88
CA LYS B 995 108.87 13.06 -33.56
C LYS B 995 110.21 13.63 -33.13
N VAL B 996 110.22 14.67 -32.30
CA VAL B 996 111.47 15.09 -31.67
C VAL B 996 112.00 14.00 -30.76
N LYS B 997 111.12 13.38 -29.97
CA LYS B 997 111.54 12.26 -29.13
C LYS B 997 112.00 11.08 -29.97
N ILE B 998 111.29 10.78 -31.07
CA ILE B 998 111.68 9.68 -31.93
C ILE B 998 113.07 9.92 -32.51
N LEU B 999 113.31 11.12 -33.02
CA LEU B 999 114.61 11.41 -33.62
C LEU B 999 115.72 11.45 -32.57
N PHE B 1000 115.42 11.97 -31.38
CA PHE B 1000 116.41 12.00 -30.32
C PHE B 1000 116.80 10.59 -29.89
N THR B 1001 115.81 9.72 -29.74
CA THR B 1001 116.08 8.32 -29.40
C THR B 1001 116.86 7.65 -30.52
N LEU B 1002 116.50 7.92 -31.78
CA LEU B 1002 117.24 7.33 -32.89
C LEU B 1002 118.69 7.76 -32.88
N ALA B 1003 118.93 9.05 -32.66
CA ALA B 1003 120.31 9.54 -32.61
C ALA B 1003 121.10 8.88 -31.49
N LYS B 1004 120.51 8.85 -30.28
CA LYS B 1004 121.22 8.25 -29.15
C LYS B 1004 121.51 6.77 -29.38
N GLN B 1005 120.52 6.03 -29.85
CA GLN B 1005 120.70 4.60 -30.02
C GLN B 1005 121.64 4.27 -31.17
N SER B 1006 121.59 5.05 -32.26
CA SER B 1006 122.53 4.84 -33.34
C SER B 1006 123.94 5.18 -32.93
N LYS B 1007 124.12 6.21 -32.09
CA LYS B 1007 125.44 6.50 -31.56
C LYS B 1007 125.93 5.38 -30.66
N ALA B 1008 125.05 4.82 -29.84
CA ALA B 1008 125.45 3.78 -28.91
C ALA B 1008 125.79 2.47 -29.62
N LEU B 1009 124.92 2.04 -30.54
CA LEU B 1009 125.08 0.73 -31.17
C LEU B 1009 126.20 0.71 -32.20
N GLY B 1010 126.55 1.84 -32.77
CA GLY B 1010 127.62 1.91 -33.73
C GLY B 1010 127.23 2.34 -35.13
N ALA B 1011 126.04 2.90 -35.32
CA ALA B 1011 125.62 3.44 -36.61
C ALA B 1011 125.82 4.94 -36.57
N TYR B 1012 127.07 5.35 -36.81
CA TYR B 1012 127.45 6.75 -36.70
C TYR B 1012 127.07 7.58 -37.92
N ARG B 1013 126.37 6.99 -38.88
CA ARG B 1013 125.83 7.73 -40.01
C ARG B 1013 124.34 7.97 -39.92
N LEU B 1014 123.60 7.06 -39.28
CA LEU B 1014 122.19 7.34 -39.00
C LEU B 1014 122.05 8.39 -37.91
N ALA B 1015 122.98 8.42 -36.96
CA ALA B 1015 122.97 9.46 -35.94
C ALA B 1015 123.14 10.84 -36.55
N ARG B 1016 124.04 10.95 -37.54
CA ARG B 1016 124.23 12.23 -38.21
C ARG B 1016 122.96 12.68 -38.91
N HIS B 1017 122.27 11.75 -39.58
CA HIS B 1017 121.00 12.10 -40.21
C HIS B 1017 119.97 12.52 -39.17
N ALA B 1018 119.91 11.81 -38.05
CA ALA B 1018 118.94 12.15 -37.00
C ALA B 1018 119.19 13.55 -36.48
N TYR B 1019 120.45 13.91 -36.26
CA TYR B 1019 120.77 15.24 -35.78
C TYR B 1019 120.48 16.30 -36.84
N ASP B 1020 120.75 16.00 -38.11
CA ASP B 1020 120.42 16.95 -39.17
C ASP B 1020 118.93 17.21 -39.24
N LYS B 1021 118.12 16.15 -39.10
CA LYS B 1021 116.68 16.33 -39.08
C LYS B 1021 116.24 17.10 -37.83
N LEU B 1022 116.87 16.82 -36.69
CA LEU B 1022 116.51 17.51 -35.45
C LEU B 1022 116.81 18.99 -35.54
N ARG B 1023 117.81 19.38 -36.31
CA ARG B 1023 118.12 20.80 -36.47
C ARG B 1023 116.97 21.57 -37.11
N GLY B 1024 116.08 20.89 -37.83
CA GLY B 1024 114.96 21.52 -38.49
C GLY B 1024 113.65 21.49 -37.74
N LEU B 1025 113.64 21.04 -36.48
CA LEU B 1025 112.44 20.95 -35.68
C LEU B 1025 112.59 21.79 -34.42
N TYR B 1026 111.45 22.25 -33.89
CA TYR B 1026 111.47 22.96 -32.62
C TYR B 1026 111.73 21.98 -31.48
N ILE B 1027 112.70 22.30 -30.65
CA ILE B 1027 113.17 21.40 -29.59
C ILE B 1027 112.60 21.86 -28.27
N PRO B 1028 111.95 20.98 -27.50
CA PRO B 1028 111.50 21.38 -26.16
C PRO B 1028 112.69 21.75 -25.28
N ALA B 1029 112.43 22.65 -24.33
CA ALA B 1029 113.50 23.21 -23.51
C ALA B 1029 114.22 22.16 -22.69
N ARG B 1030 113.61 21.01 -22.47
CA ARG B 1030 114.25 19.93 -21.70
C ARG B 1030 115.10 19.01 -22.58
N PHE B 1031 115.12 19.22 -23.89
CA PHE B 1031 115.94 18.45 -24.80
C PHE B 1031 117.05 19.26 -25.47
N GLN B 1032 117.05 20.59 -25.29
CA GLN B 1032 117.93 21.43 -26.12
C GLN B 1032 119.40 21.16 -25.85
N LYS B 1033 119.79 21.03 -24.58
CA LYS B 1033 121.21 20.83 -24.27
C LYS B 1033 121.73 19.53 -24.87
N SER B 1034 121.05 18.43 -24.60
CA SER B 1034 121.53 17.13 -25.07
C SER B 1034 121.57 17.07 -26.60
N ILE B 1035 120.54 17.59 -27.26
CA ILE B 1035 120.50 17.51 -28.72
C ILE B 1035 121.55 18.42 -29.34
N GLU B 1036 121.67 19.65 -28.85
CA GLU B 1036 122.61 20.58 -29.44
C GLU B 1036 124.05 20.31 -29.03
N LEU B 1037 124.28 19.40 -28.08
CA LEU B 1037 125.62 18.90 -27.84
C LEU B 1037 125.91 17.62 -28.61
N GLY B 1038 124.91 16.75 -28.79
CA GLY B 1038 125.11 15.57 -29.61
C GLY B 1038 125.34 15.91 -31.06
N THR B 1039 124.63 16.92 -31.57
CA THR B 1039 124.83 17.35 -32.95
C THR B 1039 126.27 17.76 -33.19
N LEU B 1040 126.96 18.21 -32.14
CA LEU B 1040 128.35 18.61 -32.23
C LEU B 1040 129.31 17.45 -32.03
N THR B 1041 129.08 16.65 -30.99
CA THR B 1041 130.00 15.55 -30.70
C THR B 1041 129.87 14.39 -31.68
N ILE B 1042 128.82 14.35 -32.50
CA ILE B 1042 128.69 13.26 -33.47
C ILE B 1042 129.59 13.43 -34.68
N ARG B 1043 130.14 14.63 -34.90
CA ARG B 1043 131.03 14.83 -36.03
C ARG B 1043 132.41 14.22 -35.80
N ALA B 1044 132.70 13.77 -34.58
CA ALA B 1044 133.97 13.13 -34.28
C ALA B 1044 133.96 11.63 -34.53
N LYS B 1045 132.82 11.07 -34.90
CA LYS B 1045 132.70 9.62 -35.04
C LYS B 1045 133.22 9.18 -36.41
N PRO B 1046 133.59 7.90 -36.55
CA PRO B 1046 134.27 7.44 -37.77
C PRO B 1046 133.46 7.58 -39.06
N PHE B 1047 132.21 8.01 -38.98
CA PHE B 1047 131.35 8.17 -40.16
C PHE B 1047 131.19 6.83 -40.88
N HIS B 1048 130.62 5.87 -40.18
CA HIS B 1048 130.42 4.53 -40.73
C HIS B 1048 129.27 3.86 -40.00
N ASP B 1049 128.54 3.02 -40.73
CA ASP B 1049 127.40 2.28 -40.20
C ASP B 1049 127.81 0.84 -39.97
N SER B 1050 127.63 0.36 -38.74
CA SER B 1050 128.00 -1.01 -38.41
C SER B 1050 127.21 -2.00 -39.25
N GLU B 1051 127.91 -2.99 -39.81
CA GLU B 1051 127.27 -3.98 -40.67
C GLU B 1051 126.29 -4.86 -39.92
N GLU B 1052 126.42 -4.97 -38.60
CA GLU B 1052 125.52 -5.81 -37.82
C GLU B 1052 124.10 -5.26 -37.75
N LEU B 1053 123.90 -3.99 -38.13
CA LEU B 1053 122.58 -3.38 -38.08
C LEU B 1053 121.98 -3.15 -39.45
N VAL B 1054 122.72 -3.39 -40.52
CA VAL B 1054 122.23 -3.11 -41.87
C VAL B 1054 121.06 -4.03 -42.19
N PRO B 1055 119.89 -3.49 -42.56
CA PRO B 1055 118.77 -4.35 -42.95
C PRO B 1055 119.11 -5.15 -44.19
N LEU B 1056 118.55 -6.36 -44.25
CA LEU B 1056 118.84 -7.30 -45.32
C LEU B 1056 117.53 -7.75 -45.96
N CYS B 1057 117.28 -7.31 -47.18
CA CYS B 1057 116.14 -7.79 -47.93
C CYS B 1057 116.30 -9.28 -48.23
N TYR B 1058 115.19 -9.99 -48.26
CA TYR B 1058 115.25 -11.44 -48.33
C TYR B 1058 114.84 -12.03 -49.68
N ARG B 1059 114.11 -11.27 -50.52
CA ARG B 1059 113.87 -11.76 -51.87
C ARG B 1059 115.14 -11.67 -52.71
N CYS B 1060 115.66 -10.45 -52.89
CA CYS B 1060 116.98 -10.25 -53.46
C CYS B 1060 117.93 -10.02 -52.28
N SER B 1061 118.80 -10.99 -52.02
CA SER B 1061 119.59 -10.94 -50.79
C SER B 1061 120.65 -9.86 -50.88
N THR B 1062 120.25 -8.61 -50.64
CA THR B 1062 121.14 -7.47 -50.67
C THR B 1062 121.18 -6.83 -49.29
N ASN B 1063 121.88 -5.71 -49.18
CA ASN B 1063 121.96 -4.94 -47.95
C ASN B 1063 121.41 -3.55 -48.23
N ASN B 1064 120.36 -3.18 -47.52
CA ASN B 1064 119.76 -1.87 -47.69
C ASN B 1064 120.36 -0.88 -46.72
N PRO B 1065 120.39 0.40 -47.07
CA PRO B 1065 120.89 1.40 -46.12
C PRO B 1065 119.99 1.46 -44.91
N LEU B 1066 120.58 1.80 -43.76
CA LEU B 1066 119.79 1.94 -42.54
C LEU B 1066 118.70 2.99 -42.72
N LEU B 1067 118.90 3.93 -43.63
CA LEU B 1067 117.88 4.89 -44.04
C LEU B 1067 117.49 4.58 -45.47
N ASN B 1068 116.19 4.39 -45.71
CA ASN B 1068 115.66 4.21 -47.05
C ASN B 1068 114.70 5.35 -47.34
N ASN B 1069 114.90 5.99 -48.50
CA ASN B 1069 114.01 7.08 -48.90
C ASN B 1069 112.62 6.56 -49.24
N LEU B 1070 112.54 5.32 -49.75
CA LEU B 1070 111.25 4.74 -50.11
C LEU B 1070 110.43 4.31 -48.91
N GLY B 1071 111.01 4.32 -47.71
CA GLY B 1071 110.30 3.87 -46.52
C GLY B 1071 110.84 2.57 -45.99
N ASN B 1072 109.95 1.67 -45.58
CA ASN B 1072 110.34 0.33 -45.15
C ASN B 1072 110.26 -0.65 -46.31
N VAL B 1073 110.99 -0.32 -47.36
CA VAL B 1073 110.95 -1.03 -48.63
C VAL B 1073 112.39 -1.26 -49.07
N CYS B 1074 112.60 -2.27 -49.93
CA CYS B 1074 113.93 -2.59 -50.39
C CYS B 1074 114.41 -1.56 -51.42
N ILE B 1075 115.60 -1.80 -51.97
CA ILE B 1075 116.22 -0.92 -52.96
C ILE B 1075 116.25 -1.56 -54.34
N ASN B 1076 116.94 -2.69 -54.47
CA ASN B 1076 117.00 -3.39 -55.75
C ASN B 1076 115.61 -3.77 -56.20
N CYS B 1077 114.94 -4.63 -55.44
CA CYS B 1077 113.52 -4.87 -55.59
C CYS B 1077 112.77 -3.81 -54.79
N ARG B 1078 111.47 -3.98 -54.63
CA ARG B 1078 110.70 -3.10 -53.76
C ARG B 1078 109.76 -3.91 -52.89
N GLN B 1079 110.23 -5.07 -52.44
CA GLN B 1079 109.47 -5.88 -51.49
C GLN B 1079 109.39 -5.14 -50.17
N PRO B 1080 108.19 -4.95 -49.61
CA PRO B 1080 108.09 -4.29 -48.31
C PRO B 1080 108.64 -5.19 -47.21
N PHE B 1081 109.20 -4.55 -46.18
CA PHE B 1081 109.76 -5.29 -45.06
C PHE B 1081 108.65 -5.86 -44.18
N ILE B 1082 108.99 -6.93 -43.46
CA ILE B 1082 108.09 -7.55 -42.50
C ILE B 1082 108.74 -7.40 -41.13
N PHE B 1083 108.10 -6.65 -40.25
CA PHE B 1083 108.67 -6.33 -38.95
C PHE B 1083 107.99 -7.13 -37.85
N SER B 1084 108.81 -7.67 -36.94
CA SER B 1084 108.27 -8.26 -35.73
C SER B 1084 107.56 -7.20 -34.90
N ALA B 1085 106.45 -7.58 -34.29
CA ALA B 1085 105.59 -6.61 -33.60
C ALA B 1085 106.02 -6.37 -32.16
N SER B 1086 106.99 -7.12 -31.63
CA SER B 1086 107.42 -6.96 -30.25
C SER B 1086 108.69 -6.13 -30.15
N SER B 1087 109.76 -6.59 -30.77
CA SER B 1087 111.00 -5.83 -30.94
C SER B 1087 111.24 -5.76 -32.43
N TYR B 1088 110.95 -4.60 -33.03
CA TYR B 1088 110.87 -4.50 -34.48
C TYR B 1088 112.16 -4.98 -35.11
N ASP B 1089 112.02 -5.82 -36.14
CA ASP B 1089 113.15 -6.50 -36.72
C ASP B 1089 112.71 -7.13 -38.03
N VAL B 1090 113.55 -7.06 -39.06
CA VAL B 1090 113.14 -7.60 -40.36
C VAL B 1090 113.03 -9.11 -40.23
N LEU B 1091 111.80 -9.60 -40.22
CA LEU B 1091 111.58 -11.05 -40.21
C LEU B 1091 111.92 -11.64 -41.56
N HIS B 1092 112.47 -12.85 -41.54
CA HIS B 1092 112.90 -13.51 -42.78
C HIS B 1092 111.68 -14.07 -43.52
N LEU B 1093 110.80 -13.16 -43.91
CA LEU B 1093 109.54 -13.48 -44.56
C LEU B 1093 109.40 -12.64 -45.81
N VAL B 1094 109.05 -13.28 -46.91
CA VAL B 1094 108.76 -12.60 -48.16
C VAL B 1094 107.31 -12.83 -48.51
N GLU B 1095 106.56 -11.75 -48.69
CA GLU B 1095 105.14 -11.87 -49.04
C GLU B 1095 105.00 -12.32 -50.48
N PHE B 1096 104.28 -13.42 -50.69
CA PHE B 1096 103.98 -13.89 -52.03
C PHE B 1096 102.47 -14.00 -52.20
N TYR B 1097 102.03 -13.76 -53.43
CA TYR B 1097 100.61 -13.70 -53.75
C TYR B 1097 100.22 -14.97 -54.52
N LEU B 1098 98.95 -15.03 -54.91
CA LEU B 1098 98.42 -16.17 -55.62
C LEU B 1098 98.07 -15.80 -57.05
N GLU B 1099 98.02 -16.80 -57.91
CA GLU B 1099 97.61 -16.59 -59.29
C GLU B 1099 96.11 -16.30 -59.34
N GLU B 1100 95.69 -15.54 -60.35
CA GLU B 1100 94.28 -15.21 -60.51
C GLU B 1100 93.52 -16.43 -61.00
N GLY B 1101 92.98 -17.21 -60.06
CA GLY B 1101 92.38 -18.49 -60.38
C GLY B 1101 92.71 -19.56 -59.36
N ILE B 1102 93.37 -19.16 -58.29
CA ILE B 1102 93.66 -20.04 -57.17
C ILE B 1102 92.87 -19.55 -55.96
N THR B 1103 92.16 -20.46 -55.30
CA THR B 1103 91.37 -20.15 -54.13
C THR B 1103 92.13 -20.53 -52.86
N ASP B 1104 91.80 -19.85 -51.77
CA ASP B 1104 92.57 -20.01 -50.54
C ASP B 1104 92.53 -21.45 -50.03
N GLU B 1105 91.35 -22.08 -50.05
CA GLU B 1105 91.27 -23.47 -49.64
C GLU B 1105 92.11 -24.36 -50.56
N GLU B 1106 92.05 -24.12 -51.87
CA GLU B 1106 92.90 -24.83 -52.80
C GLU B 1106 94.37 -24.55 -52.51
N ALA B 1107 94.70 -23.31 -52.15
CA ALA B 1107 96.08 -22.97 -51.84
C ALA B 1107 96.60 -23.77 -50.66
N ILE B 1108 95.82 -23.83 -49.57
CA ILE B 1108 96.23 -24.59 -48.40
C ILE B 1108 96.33 -26.07 -48.71
N SER B 1109 95.36 -26.59 -49.48
CA SER B 1109 95.40 -28.00 -49.85
C SER B 1109 96.66 -28.33 -50.65
N LEU B 1110 97.01 -27.45 -51.59
CA LEU B 1110 98.23 -27.65 -52.38
C LEU B 1110 99.46 -27.58 -51.50
N ILE B 1111 99.49 -26.62 -50.57
CA ILE B 1111 100.66 -26.43 -49.72
C ILE B 1111 100.88 -27.65 -48.83
N ASP B 1112 99.79 -28.17 -48.26
CA ASP B 1112 99.91 -29.28 -47.32
C ASP B 1112 100.55 -30.51 -47.95
N LEU B 1113 100.48 -30.64 -49.27
CA LEU B 1113 101.06 -31.80 -49.94
C LEU B 1113 102.58 -31.72 -49.93
N GLU B 1114 103.22 -32.75 -50.48
CA GLU B 1114 104.68 -32.81 -50.54
C GLU B 1114 105.13 -33.71 -51.68
N SER B 1161 112.52 0.01 -58.20
CA SER B 1161 111.57 0.62 -59.12
C SER B 1161 110.64 -0.42 -59.71
N GLU B 1162 109.35 -0.07 -59.81
CA GLU B 1162 108.33 -0.92 -60.43
C GLU B 1162 108.27 -2.28 -59.72
N PHE B 1163 107.84 -2.23 -58.46
CA PHE B 1163 107.70 -3.42 -57.64
C PHE B 1163 106.90 -4.50 -58.36
N VAL B 1164 107.54 -5.65 -58.55
CA VAL B 1164 106.94 -6.81 -59.20
C VAL B 1164 106.71 -7.87 -58.14
N PRO B 1165 105.47 -8.12 -57.73
CA PRO B 1165 105.22 -9.13 -56.70
C PRO B 1165 105.63 -10.52 -57.14
N VAL B 1166 105.99 -11.35 -56.16
CA VAL B 1166 106.40 -12.73 -56.43
C VAL B 1166 105.13 -13.57 -56.39
N VAL B 1167 104.45 -13.63 -57.54
CA VAL B 1167 103.21 -14.38 -57.67
C VAL B 1167 103.56 -15.84 -57.91
N VAL B 1168 103.22 -16.69 -56.96
CA VAL B 1168 103.59 -18.10 -57.03
C VAL B 1168 102.57 -18.83 -57.88
N SER B 1169 102.94 -20.01 -58.37
CA SER B 1169 102.08 -20.83 -59.21
C SER B 1169 101.54 -22.01 -58.42
N ARG B 1170 100.64 -22.75 -59.07
CA ARG B 1170 100.04 -23.93 -58.43
C ARG B 1170 101.09 -25.00 -58.17
N LEU B 1171 101.98 -25.24 -59.14
CA LEU B 1171 102.98 -26.29 -58.98
C LEU B 1171 103.93 -25.98 -57.83
N VAL B 1172 104.36 -24.72 -57.71
CA VAL B 1172 105.26 -24.36 -56.62
C VAL B 1172 104.57 -24.48 -55.28
N LEU B 1173 103.27 -24.17 -55.22
CA LEU B 1173 102.51 -24.40 -53.99
C LEU B 1173 102.46 -25.88 -53.65
N ARG B 1174 102.30 -26.73 -54.68
CA ARG B 1174 102.42 -28.17 -54.45
C ARG B 1174 103.80 -28.53 -53.92
N SER B 1175 104.83 -27.79 -54.32
CA SER B 1175 106.18 -28.04 -53.82
C SER B 1175 106.37 -27.49 -52.42
N MET B 1176 105.70 -26.40 -52.06
CA MET B 1176 105.86 -25.80 -50.75
C MET B 1176 105.29 -26.70 -49.67
N SER B 1177 105.63 -26.38 -48.43
CA SER B 1177 105.14 -27.12 -47.27
C SER B 1177 104.55 -26.14 -46.26
N ARG B 1178 103.67 -26.67 -45.41
CA ARG B 1178 103.02 -25.84 -44.39
C ARG B 1178 103.98 -25.38 -43.30
N ARG B 1179 105.19 -25.94 -43.24
CA ARG B 1179 106.14 -25.61 -42.19
C ARG B 1179 106.88 -24.30 -42.45
N ASP B 1180 106.72 -23.68 -43.62
CA ASP B 1180 107.43 -22.45 -43.92
C ASP B 1180 106.54 -21.42 -44.60
N VAL B 1181 105.24 -21.48 -44.37
CA VAL B 1181 104.30 -20.52 -44.94
C VAL B 1181 103.36 -20.05 -43.84
N LEU B 1182 103.16 -18.74 -43.74
CA LEU B 1182 102.28 -18.14 -42.75
C LEU B 1182 101.09 -17.55 -43.49
N ILE B 1183 99.90 -18.11 -43.27
CA ILE B 1183 98.78 -17.86 -44.16
C ILE B 1183 98.03 -16.58 -43.84
N LYS B 1184 97.95 -16.19 -42.57
CA LYS B 1184 97.33 -14.92 -42.16
C LYS B 1184 95.89 -14.82 -42.67
N ARG B 1185 95.05 -15.69 -42.13
CA ARG B 1185 93.69 -15.90 -42.62
C ARG B 1185 92.82 -14.70 -42.25
N TRP B 1186 92.86 -13.68 -43.09
CA TRP B 1186 91.98 -12.53 -42.91
C TRP B 1186 90.53 -12.92 -43.15
N PRO B 1187 89.58 -12.15 -42.60
CA PRO B 1187 88.15 -12.43 -42.84
C PRO B 1187 87.81 -12.36 -44.32
N PRO B 1188 86.62 -12.82 -44.70
CA PRO B 1188 86.27 -12.93 -46.13
C PRO B 1188 86.42 -11.62 -46.90
N PRO B 1189 86.13 -10.44 -46.31
CA PRO B 1189 86.34 -9.20 -47.07
C PRO B 1189 87.76 -9.00 -47.58
N LEU B 1190 88.74 -9.72 -47.04
CA LEU B 1190 90.13 -9.58 -47.48
C LEU B 1190 90.71 -10.95 -47.81
N ARG B 1191 91.47 -11.01 -48.89
CA ARG B 1191 92.18 -12.24 -49.22
C ARG B 1191 93.34 -12.46 -48.26
N TRP B 1192 93.65 -13.73 -48.02
CA TRP B 1192 94.71 -14.08 -47.09
C TRP B 1192 96.07 -13.68 -47.64
N GLN B 1193 96.96 -13.22 -46.76
CA GLN B 1193 98.30 -12.81 -47.13
C GLN B 1193 99.27 -13.93 -46.81
N TYR B 1194 99.92 -14.46 -47.84
CA TYR B 1194 100.84 -15.58 -47.69
C TYR B 1194 102.27 -15.07 -47.59
N PHE B 1195 103.00 -15.57 -46.60
CA PHE B 1195 104.38 -15.21 -46.35
C PHE B 1195 105.23 -16.47 -46.37
N ARG B 1196 106.30 -16.45 -47.15
CA ARG B 1196 107.25 -17.55 -47.18
C ARG B 1196 108.45 -17.21 -46.31
N SER B 1197 108.79 -18.12 -45.40
CA SER B 1197 109.94 -17.94 -44.53
C SER B 1197 111.18 -18.50 -45.22
N LEU B 1198 112.13 -17.63 -45.52
CA LEU B 1198 113.35 -18.05 -46.18
C LEU B 1198 114.33 -18.73 -45.23
N LEU B 1199 114.05 -18.72 -43.93
CA LEU B 1199 114.87 -19.40 -42.93
C LEU B 1199 113.95 -20.32 -42.14
N PRO B 1200 113.58 -21.47 -42.72
CA PRO B 1200 112.63 -22.36 -42.03
C PRO B 1200 113.16 -22.93 -40.72
N ASP B 1201 114.47 -22.88 -40.49
CA ASP B 1201 115.01 -23.35 -39.22
C ASP B 1201 114.47 -22.51 -38.06
N ALA B 1202 114.43 -21.19 -38.23
CA ALA B 1202 113.84 -20.31 -37.24
C ALA B 1202 112.33 -20.29 -37.40
N SER B 1203 111.64 -19.93 -36.31
CA SER B 1203 110.19 -19.99 -36.25
C SER B 1203 109.62 -18.64 -35.87
N ILE B 1204 108.63 -18.16 -36.64
CA ILE B 1204 107.88 -16.97 -36.33
C ILE B 1204 106.47 -17.39 -35.95
N THR B 1205 105.97 -16.85 -34.85
CA THR B 1205 104.65 -17.19 -34.37
C THR B 1205 103.68 -16.05 -34.63
N MET B 1206 102.42 -16.41 -34.87
CA MET B 1206 101.36 -15.45 -35.14
C MET B 1206 100.34 -15.49 -34.01
N CYS B 1207 99.87 -14.31 -33.62
CA CYS B 1207 98.71 -14.25 -32.74
C CYS B 1207 97.47 -14.56 -33.55
N PRO B 1208 96.68 -15.57 -33.19
CA PRO B 1208 95.51 -15.94 -34.00
C PRO B 1208 94.54 -14.80 -34.23
N SER B 1209 94.56 -13.81 -33.35
CA SER B 1209 93.91 -12.53 -33.58
C SER B 1209 95.00 -11.48 -33.75
N CYS B 1210 94.75 -10.50 -34.62
CA CYS B 1210 95.62 -9.39 -35.03
C CYS B 1210 96.73 -9.88 -35.94
N PHE B 1211 96.91 -11.20 -36.01
CA PHE B 1211 97.86 -11.85 -36.93
C PHE B 1211 99.25 -11.24 -36.88
N GLN B 1212 99.59 -10.51 -35.80
CA GLN B 1212 100.93 -9.96 -35.69
C GLN B 1212 101.95 -11.06 -35.51
N MET B 1213 103.14 -10.84 -36.03
CA MET B 1213 104.17 -11.87 -36.08
C MET B 1213 105.32 -11.51 -35.15
N PHE B 1214 105.67 -12.45 -34.28
CA PHE B 1214 106.73 -12.29 -33.30
C PHE B 1214 107.73 -13.41 -33.43
N HIS B 1215 108.94 -13.17 -32.95
CA HIS B 1215 109.88 -14.26 -32.77
C HIS B 1215 109.34 -15.22 -31.72
N SER B 1216 109.50 -16.53 -31.98
CA SER B 1216 108.80 -17.54 -31.19
C SER B 1216 109.14 -17.43 -29.71
N GLU B 1217 110.44 -17.36 -29.39
CA GLU B 1217 110.85 -17.25 -27.99
C GLU B 1217 110.36 -15.94 -27.38
N ASP B 1218 110.48 -14.84 -28.14
CA ASP B 1218 109.99 -13.56 -27.64
C ASP B 1218 108.48 -13.58 -27.44
N TYR B 1219 107.75 -14.23 -28.34
CA TYR B 1219 106.30 -14.33 -28.18
C TYR B 1219 105.95 -15.12 -26.93
N GLU B 1220 106.60 -16.26 -26.72
CA GLU B 1220 106.36 -17.03 -25.50
C GLU B 1220 106.62 -16.19 -24.27
N LEU B 1221 107.77 -15.53 -24.23
CA LEU B 1221 108.13 -14.76 -23.03
C LEU B 1221 107.12 -13.64 -22.79
N LEU B 1222 106.71 -12.94 -23.85
CA LEU B 1222 105.78 -11.83 -23.68
C LEU B 1222 104.40 -12.30 -23.27
N VAL B 1223 103.94 -13.42 -23.81
CA VAL B 1223 102.63 -13.93 -23.40
C VAL B 1223 102.67 -14.42 -21.96
N LEU B 1224 103.76 -15.07 -21.56
CA LEU B 1224 103.87 -15.50 -20.17
C LEU B 1224 103.92 -14.31 -19.22
N GLN B 1225 104.67 -13.27 -19.59
CA GLN B 1225 104.76 -12.08 -18.74
C GLN B 1225 103.41 -11.36 -18.64
N HIS B 1226 102.72 -11.22 -19.77
CA HIS B 1226 101.51 -10.41 -19.83
C HIS B 1226 100.25 -11.21 -19.56
N GLY B 1227 100.21 -12.47 -19.98
CA GLY B 1227 98.97 -13.22 -20.00
C GLY B 1227 98.12 -12.96 -21.22
N CYS B 1228 98.64 -12.25 -22.21
CA CYS B 1228 97.90 -11.91 -23.42
C CYS B 1228 98.90 -11.47 -24.48
N CYS B 1229 98.42 -11.40 -25.72
CA CYS B 1229 99.22 -10.81 -26.78
C CYS B 1229 99.57 -9.37 -26.42
N PRO B 1230 100.82 -8.97 -26.60
CA PRO B 1230 101.17 -7.55 -26.39
C PRO B 1230 100.42 -6.62 -27.31
N TYR B 1231 100.05 -7.08 -28.51
CA TYR B 1231 99.37 -6.22 -29.47
C TYR B 1231 97.89 -6.14 -29.17
N CYS B 1232 97.19 -7.29 -29.21
CA CYS B 1232 95.77 -7.37 -28.89
C CYS B 1232 95.62 -8.21 -27.63
N ARG B 1233 95.15 -7.59 -26.56
CA ARG B 1233 95.18 -8.29 -25.27
C ARG B 1233 94.15 -9.40 -25.21
N ARG B 1234 94.37 -10.48 -25.95
CA ARG B 1234 93.52 -11.65 -25.90
C ARG B 1234 94.14 -12.68 -24.95
N CYS B 1235 93.32 -13.19 -24.03
CA CYS B 1235 93.82 -14.13 -23.04
C CYS B 1235 94.27 -15.42 -23.71
N LYS B 1236 95.39 -15.96 -23.24
CA LYS B 1236 95.94 -17.20 -23.77
C LYS B 1236 95.11 -18.40 -23.34
N MET C 1 141.08 46.19 2.05
CA MET C 1 142.51 46.35 2.31
C MET C 1 142.89 45.64 3.60
N LYS C 2 144.02 44.92 3.57
CA LYS C 2 144.46 44.14 4.72
C LYS C 2 145.96 44.29 4.90
N ARG C 3 146.38 44.35 6.16
CA ARG C 3 147.80 44.35 6.49
C ARG C 3 148.40 42.96 6.20
N ILE C 4 149.58 42.95 5.59
CA ILE C 4 150.24 41.68 5.29
C ILE C 4 150.99 41.16 6.52
N PHE C 5 151.94 41.96 7.02
CA PHE C 5 152.74 41.50 8.15
C PHE C 5 153.20 42.69 8.99
N SER C 6 153.46 42.39 10.26
CA SER C 6 153.98 43.35 11.23
C SER C 6 155.36 42.91 11.67
N LEU C 7 156.31 43.84 11.64
CA LEU C 7 157.68 43.59 12.04
C LEU C 7 157.90 44.17 13.44
N LEU C 8 158.21 43.28 14.39
CA LEU C 8 158.42 43.66 15.78
C LEU C 8 159.69 42.98 16.28
N GLU C 9 160.73 43.77 16.52
CA GLU C 9 161.99 43.27 17.07
C GLU C 9 162.18 43.81 18.47
N LYS C 10 162.67 42.96 19.37
CA LYS C 10 162.88 43.37 20.75
C LYS C 10 163.92 44.47 20.85
N THR C 11 164.96 44.41 20.02
CA THR C 11 165.95 45.48 19.99
C THR C 11 165.33 46.79 19.55
N TRP C 12 164.45 46.74 18.55
CA TRP C 12 163.76 47.95 18.07
C TRP C 12 162.78 48.51 19.08
N LEU C 13 162.39 47.74 20.10
CA LEU C 13 161.40 48.21 21.06
C LEU C 13 161.93 49.39 21.86
N GLY C 14 161.08 50.39 22.06
CA GLY C 14 161.41 51.56 22.85
C GLY C 14 162.17 52.64 22.11
N ALA C 15 162.51 52.43 20.84
CA ALA C 15 163.23 53.41 20.05
C ALA C 15 162.62 53.49 18.67
N PRO C 16 162.68 54.66 18.03
CA PRO C 16 162.12 54.78 16.67
C PRO C 16 162.94 54.00 15.66
N ILE C 17 162.28 53.60 14.58
CA ILE C 17 162.89 52.84 13.51
C ILE C 17 162.70 53.59 12.19
N GLN C 18 163.72 53.55 11.35
CA GLN C 18 163.68 54.21 10.04
C GLN C 18 163.68 53.14 8.95
N PHE C 19 162.71 53.24 8.04
CA PHE C 19 162.49 52.21 7.03
C PHE C 19 162.45 52.84 5.65
N ALA C 20 162.85 52.06 4.65
CA ALA C 20 162.87 52.51 3.27
C ALA C 20 162.62 51.33 2.34
N TRP C 21 161.66 51.50 1.42
CA TRP C 21 161.36 50.49 0.42
C TRP C 21 162.25 50.64 -0.81
N GLN C 22 162.54 49.52 -1.46
CA GLN C 22 163.28 49.55 -2.71
C GLN C 22 162.46 50.26 -3.78
N LYS C 23 163.11 51.14 -4.53
CA LYS C 23 162.42 51.92 -5.53
C LYS C 23 162.21 51.13 -6.82
N THR C 24 161.03 51.29 -7.41
CA THR C 24 160.67 50.77 -8.73
C THR C 24 160.47 49.26 -8.70
N SER C 25 160.82 48.62 -7.59
CA SER C 25 160.57 47.20 -7.45
C SER C 25 159.86 46.84 -6.16
N GLY C 26 160.20 47.50 -5.05
CA GLY C 26 159.59 47.19 -3.78
C GLY C 26 159.90 45.81 -3.24
N ASN C 27 160.92 45.15 -3.79
CA ASN C 27 161.24 43.79 -3.37
C ASN C 27 161.97 43.76 -2.03
N TYR C 28 162.76 44.79 -1.73
CA TYR C 28 163.57 44.83 -0.52
C TYR C 28 163.19 46.04 0.31
N LEU C 29 163.16 45.86 1.63
CA LEU C 29 162.81 46.92 2.58
C LEU C 29 163.86 46.95 3.69
N ALA C 30 164.57 48.06 3.80
CA ALA C 30 165.64 48.21 4.78
C ALA C 30 165.10 48.97 5.98
N VAL C 31 165.18 48.35 7.16
CA VAL C 31 164.67 48.93 8.40
C VAL C 31 165.79 48.92 9.42
N THR C 32 165.96 50.03 10.13
CA THR C 32 166.97 50.16 11.17
C THR C 32 166.34 50.68 12.45
N GLY C 33 166.96 50.33 13.57
CA GLY C 33 166.54 50.78 14.89
C GLY C 33 167.71 51.36 15.65
N ALA C 34 167.73 51.07 16.96
CA ALA C 34 168.79 51.54 17.85
C ALA C 34 169.79 50.45 18.19
N ASP C 35 169.78 49.33 17.46
CA ASP C 35 170.66 48.21 17.73
C ASP C 35 171.88 48.19 16.82
N TYR C 36 172.11 49.25 16.05
CA TYR C 36 173.23 49.36 15.12
C TYR C 36 173.21 48.29 14.04
N ILE C 37 172.05 47.67 13.81
CA ILE C 37 171.89 46.63 12.80
C ILE C 37 170.76 47.03 11.88
N VAL C 38 171.00 46.99 10.57
CA VAL C 38 170.00 47.31 9.56
C VAL C 38 169.60 46.02 8.88
N LYS C 39 168.30 45.70 8.92
CA LYS C 39 167.80 44.46 8.37
C LYS C 39 167.00 44.74 7.10
N ILE C 40 167.30 44.02 6.03
CA ILE C 40 166.61 44.14 4.76
C ILE C 40 165.73 42.91 4.58
N PHE C 41 164.43 43.13 4.49
CA PHE C 41 163.43 42.09 4.35
C PHE C 41 162.91 42.06 2.92
N ASP C 42 162.21 40.98 2.58
CA ASP C 42 161.53 40.87 1.30
C ASP C 42 160.08 41.33 1.45
N ARG C 43 159.27 41.11 0.41
CA ARG C 43 157.84 41.39 0.51
C ARG C 43 157.09 40.32 1.29
N HIS C 44 157.73 39.18 1.57
CA HIS C 44 157.10 38.10 2.31
C HIS C 44 157.11 38.33 3.82
N GLY C 45 157.92 39.25 4.32
CA GLY C 45 158.08 39.45 5.74
C GLY C 45 159.24 38.73 6.38
N GLN C 46 160.12 38.14 5.58
CA GLN C 46 161.27 37.38 6.09
C GLN C 46 162.56 38.12 5.74
N LYS C 47 163.57 37.93 6.58
CA LYS C 47 164.81 38.67 6.42
C LYS C 47 165.59 38.17 5.20
N ARG C 48 166.09 39.13 4.41
CA ARG C 48 166.92 38.82 3.25
C ARG C 48 168.39 39.14 3.47
N SER C 49 168.68 40.22 4.20
CA SER C 49 170.07 40.62 4.42
C SER C 49 170.18 41.36 5.75
N GLU C 50 171.40 41.42 6.26
CA GLU C 50 171.69 42.11 7.51
C GLU C 50 173.00 42.87 7.38
N ILE C 51 173.02 44.09 7.92
CA ILE C 51 174.20 44.94 7.87
C ILE C 51 174.52 45.40 9.29
N ASN C 52 175.77 45.19 9.71
CA ASN C 52 176.24 45.64 11.02
C ASN C 52 176.86 47.02 10.90
N LEU C 53 176.64 47.85 11.92
CA LEU C 53 177.12 49.21 11.90
C LEU C 53 177.89 49.52 13.19
N PRO C 54 178.89 50.39 13.13
CA PRO C 54 179.61 50.81 14.34
C PRO C 54 178.95 51.96 15.09
N GLY C 55 177.89 52.55 14.56
CA GLY C 55 177.21 53.65 15.20
C GLY C 55 175.74 53.68 14.83
N ASN C 56 175.03 54.64 15.41
CA ASN C 56 173.60 54.77 15.14
C ASN C 56 173.35 55.07 13.68
N CYS C 57 172.40 54.36 13.08
CA CYS C 57 172.03 54.60 11.69
C CYS C 57 171.26 55.92 11.57
N VAL C 58 171.33 56.52 10.39
CA VAL C 58 170.70 57.81 10.13
C VAL C 58 169.46 57.65 9.23
N ALA C 59 169.66 57.18 8.00
CA ALA C 59 168.56 57.05 7.04
C ALA C 59 169.02 56.19 5.87
N MET C 60 168.05 55.71 5.11
CA MET C 60 168.30 54.95 3.89
C MET C 60 167.53 55.58 2.73
N ASP C 61 168.02 55.29 1.53
CA ASP C 61 167.35 55.71 0.29
C ASP C 61 167.83 54.80 -0.82
N TRP C 62 167.06 54.79 -1.92
CA TRP C 62 167.33 53.88 -3.02
C TRP C 62 167.37 54.64 -4.34
N ASP C 63 168.14 54.12 -5.29
CA ASP C 63 168.26 54.72 -6.61
C ASP C 63 167.07 54.29 -7.48
N LYS C 64 167.13 54.62 -8.77
CA LYS C 64 166.07 54.22 -9.67
C LYS C 64 166.01 52.70 -9.82
N ASP C 65 167.18 52.05 -9.92
CA ASP C 65 167.21 50.60 -10.03
C ASP C 65 166.89 49.93 -8.70
N GLY C 66 167.40 50.49 -7.60
CA GLY C 66 167.22 49.90 -6.29
C GLY C 66 168.19 48.80 -5.94
N ASP C 67 169.14 48.48 -6.82
CA ASP C 67 170.09 47.42 -6.53
C ASP C 67 171.13 47.87 -5.51
N VAL C 68 171.58 49.11 -5.61
CA VAL C 68 172.64 49.64 -4.76
C VAL C 68 172.00 50.44 -3.64
N LEU C 69 172.18 49.98 -2.40
CA LEU C 69 171.68 50.66 -1.21
C LEU C 69 172.84 50.99 -0.29
N ALA C 70 172.94 52.25 0.12
CA ALA C 70 174.00 52.67 1.02
C ALA C 70 173.47 52.68 2.45
N VAL C 71 174.10 51.89 3.30
CA VAL C 71 173.81 51.87 4.73
C VAL C 71 174.82 52.76 5.43
N ILE C 72 174.33 53.62 6.32
CA ILE C 72 175.15 54.64 6.95
C ILE C 72 174.99 54.54 8.46
N ALA C 73 176.01 55.03 9.16
CA ALA C 73 176.01 55.02 10.62
C ALA C 73 176.70 56.28 11.13
N GLU C 74 176.35 56.67 12.35
CA GLU C 74 176.98 57.81 12.99
C GLU C 74 178.36 57.41 13.53
N LYS C 75 179.22 58.42 13.69
CA LYS C 75 180.59 58.24 14.19
C LYS C 75 181.37 57.25 13.34
N SER C 76 181.17 57.32 12.02
CA SER C 76 181.85 56.44 11.09
C SER C 76 181.97 57.13 9.73
N SER C 77 183.09 56.91 9.06
CA SER C 77 183.36 57.52 7.76
C SER C 77 183.23 56.51 6.62
N CYS C 78 182.65 55.34 6.86
CA CYS C 78 182.54 54.30 5.86
C CYS C 78 181.08 54.10 5.49
N ILE C 79 180.83 53.82 4.21
CA ILE C 79 179.49 53.61 3.68
C ILE C 79 179.36 52.16 3.27
N TYR C 80 178.32 51.48 3.75
CA TYR C 80 178.13 50.06 3.45
C TYR C 80 177.28 49.95 2.19
N LEU C 81 177.92 49.67 1.07
CA LEU C 81 177.22 49.52 -0.21
C LEU C 81 176.72 48.09 -0.32
N TRP C 82 175.41 47.93 -0.49
CA TRP C 82 174.77 46.63 -0.58
C TRP C 82 174.17 46.47 -1.96
N ASP C 83 174.56 45.40 -2.65
CA ASP C 83 174.05 45.07 -3.97
C ASP C 83 172.91 44.07 -3.83
N ALA C 84 171.73 44.47 -4.32
CA ALA C 84 170.55 43.61 -4.25
C ALA C 84 170.60 42.48 -5.27
N ASN C 85 171.31 42.68 -6.39
CA ASN C 85 171.40 41.63 -7.39
C ASN C 85 172.09 40.39 -6.82
N THR C 86 173.16 40.58 -6.05
CA THR C 86 173.83 39.51 -5.36
C THR C 86 173.67 39.58 -3.84
N ASN C 87 172.99 40.61 -3.34
CA ASN C 87 172.78 40.81 -1.90
C ASN C 87 174.11 40.81 -1.14
N LYS C 88 175.09 41.52 -1.67
CA LYS C 88 176.45 41.51 -1.12
C LYS C 88 176.80 42.88 -0.56
N THR C 89 177.36 42.91 0.63
CA THR C 89 177.70 44.14 1.33
C THR C 89 179.21 44.35 1.31
N SER C 90 179.63 45.55 0.90
CA SER C 90 181.03 45.95 0.90
C SER C 90 181.15 47.32 1.54
N GLN C 91 182.37 47.74 1.82
CA GLN C 91 182.64 49.00 2.48
C GLN C 91 183.33 49.96 1.52
N LEU C 92 182.86 51.21 1.49
CA LEU C 92 183.46 52.26 0.68
C LEU C 92 183.95 53.37 1.61
N ASP C 93 185.19 53.80 1.39
CA ASP C 93 185.81 54.83 2.22
C ASP C 93 185.80 56.16 1.46
N ASN C 94 185.12 57.15 2.02
CA ASN C 94 185.08 58.47 1.39
C ASN C 94 186.41 59.20 1.53
N GLY C 95 187.13 58.97 2.63
CA GLY C 95 188.41 59.61 2.85
C GLY C 95 188.34 61.00 3.44
N MET C 96 187.15 61.55 3.66
CA MET C 96 187.00 62.88 4.21
C MET C 96 186.86 62.88 5.74
N ARG C 97 186.29 61.82 6.32
CA ARG C 97 186.33 61.56 7.75
C ARG C 97 185.77 62.74 8.55
N ASP C 98 184.47 62.98 8.38
CA ASP C 98 183.78 64.06 9.06
C ASP C 98 182.53 63.50 9.75
N GLN C 99 181.80 64.39 10.42
CA GLN C 99 180.55 64.02 11.10
C GLN C 99 179.47 63.86 10.03
N MET C 100 179.52 62.73 9.33
CA MET C 100 178.62 62.48 8.23
C MET C 100 177.17 62.42 8.71
N SER C 101 176.28 63.11 7.99
CA SER C 101 174.90 63.24 8.44
C SER C 101 173.87 62.87 7.37
N PHE C 102 174.13 63.18 6.10
CA PHE C 102 173.09 63.11 5.08
C PHE C 102 173.53 62.24 3.90
N LEU C 103 172.59 61.42 3.42
CA LEU C 103 172.79 60.51 2.31
C LEU C 103 171.64 60.67 1.33
N LEU C 104 171.94 60.78 0.04
CA LEU C 104 170.90 60.94 -0.96
C LEU C 104 171.36 60.40 -2.30
N TRP C 105 170.39 60.11 -3.17
CA TRP C 105 170.66 59.64 -4.53
C TRP C 105 170.11 60.64 -5.54
N SER C 106 170.71 60.64 -6.73
CA SER C 106 170.15 61.37 -7.85
C SER C 106 168.89 60.68 -8.34
N LYS C 107 167.84 61.46 -8.59
CA LYS C 107 166.55 60.89 -8.99
C LYS C 107 166.55 60.36 -10.41
N VAL C 108 167.57 60.67 -11.21
CA VAL C 108 167.64 60.17 -12.58
C VAL C 108 168.89 59.32 -12.75
N GLY C 109 170.06 59.90 -12.46
CA GLY C 109 171.31 59.18 -12.61
C GLY C 109 171.70 58.41 -11.36
N SER C 110 172.77 57.65 -11.48
CA SER C 110 173.30 56.85 -10.38
C SER C 110 174.38 57.63 -9.63
N PHE C 111 173.97 58.77 -9.07
CA PHE C 111 174.85 59.67 -8.36
C PHE C 111 174.47 59.70 -6.88
N LEU C 112 175.46 59.54 -6.01
CA LEU C 112 175.26 59.47 -4.57
C LEU C 112 175.87 60.71 -3.92
N ALA C 113 175.02 61.55 -3.33
CA ALA C 113 175.47 62.76 -2.65
C ALA C 113 175.50 62.50 -1.16
N VAL C 114 176.66 62.72 -0.54
CA VAL C 114 176.83 62.53 0.89
C VAL C 114 177.34 63.82 1.50
N GLY C 115 176.74 64.22 2.62
CA GLY C 115 177.11 65.45 3.30
C GLY C 115 177.27 65.23 4.79
N THR C 116 178.08 66.09 5.40
CA THR C 116 178.42 65.98 6.80
C THR C 116 177.92 67.20 7.56
N VAL C 117 178.02 67.11 8.89
CA VAL C 117 177.70 68.26 9.74
C VAL C 117 178.69 69.40 9.48
N LYS C 118 179.95 69.06 9.19
CA LYS C 118 180.96 70.06 8.86
C LYS C 118 180.69 70.75 7.54
N GLY C 119 179.76 70.23 6.73
CA GLY C 119 179.41 70.83 5.46
C GLY C 119 180.16 70.28 4.27
N ASN C 120 181.13 69.39 4.47
CA ASN C 120 181.84 68.79 3.35
C ASN C 120 180.91 67.88 2.56
N LEU C 121 181.04 67.94 1.23
CA LEU C 121 180.17 67.20 0.32
C LEU C 121 180.99 66.28 -0.56
N LEU C 122 180.43 65.12 -0.87
CA LEU C 122 181.06 64.19 -1.79
C LEU C 122 180.02 63.62 -2.75
N ILE C 123 180.41 63.50 -4.02
CA ILE C 123 179.57 62.94 -5.06
C ILE C 123 180.22 61.66 -5.57
N TYR C 124 179.45 60.57 -5.54
CA TYR C 124 179.93 59.26 -5.98
C TYR C 124 179.19 58.87 -7.26
N ASN C 125 179.94 58.60 -8.31
CA ASN C 125 179.40 58.13 -9.58
C ASN C 125 179.53 56.61 -9.61
N HIS C 126 178.38 55.93 -9.49
CA HIS C 126 178.38 54.47 -9.48
C HIS C 126 178.70 53.89 -10.84
N GLN C 127 178.27 54.55 -11.92
CA GLN C 127 178.56 54.04 -13.26
C GLN C 127 180.07 54.00 -13.52
N THR C 128 180.77 55.06 -13.12
CA THR C 128 182.22 55.11 -13.23
C THR C 128 182.94 54.86 -11.91
N SER C 129 182.20 54.75 -10.81
CA SER C 129 182.76 54.52 -9.48
C SER C 129 183.81 55.58 -9.14
N ARG C 130 183.45 56.83 -9.38
CA ARG C 130 184.37 57.96 -9.20
C ARG C 130 183.94 58.82 -8.02
N LYS C 131 184.91 59.33 -7.28
CA LYS C 131 184.65 60.16 -6.11
C LYS C 131 185.06 61.59 -6.38
N ILE C 132 184.13 62.53 -6.20
CA ILE C 132 184.37 63.94 -6.40
C ILE C 132 184.09 64.67 -5.09
N PRO C 133 185.13 65.09 -4.38
CA PRO C 133 184.90 65.85 -3.14
C PRO C 133 184.82 67.35 -3.36
N VAL C 134 183.76 67.98 -2.85
CA VAL C 134 183.61 69.43 -2.86
C VAL C 134 183.57 69.90 -1.41
N LEU C 135 184.43 70.85 -1.07
CA LEU C 135 184.60 71.33 0.28
C LEU C 135 183.95 72.69 0.46
N GLY C 136 183.52 72.98 1.70
CA GLY C 136 182.91 74.25 1.99
C GLY C 136 181.51 74.43 1.46
N LYS C 137 180.78 73.35 1.23
CA LYS C 137 179.41 73.45 0.72
C LYS C 137 178.51 74.20 1.69
N HIS C 138 178.62 73.88 2.98
CA HIS C 138 177.86 74.57 4.02
C HIS C 138 178.74 74.77 5.24
N THR C 139 178.43 75.81 6.02
CA THR C 139 179.19 76.13 7.22
C THR C 139 178.58 75.52 8.48
N LYS C 140 177.46 74.83 8.37
CA LYS C 140 176.81 74.19 9.51
C LYS C 140 176.30 72.83 9.09
N ARG C 141 175.48 72.23 9.95
CA ARG C 141 174.96 70.88 9.70
C ARG C 141 174.02 70.89 8.51
N ILE C 142 174.22 69.95 7.58
CA ILE C 142 173.32 69.80 6.46
C ILE C 142 172.06 69.07 6.92
N THR C 143 170.90 69.53 6.46
CA THR C 143 169.63 68.98 6.91
C THR C 143 169.09 67.92 5.94
N CYS C 144 168.91 68.29 4.68
CA CYS C 144 168.34 67.39 3.69
C CYS C 144 168.68 67.94 2.30
N GLY C 145 168.07 67.37 1.28
CA GLY C 145 168.32 67.81 -0.07
C GLY C 145 167.38 67.14 -1.06
N CYS C 146 167.63 67.41 -2.34
CA CYS C 146 166.80 66.86 -3.40
C CYS C 146 167.56 66.95 -4.72
N TRP C 147 167.07 66.17 -5.70
CA TRP C 147 167.63 66.12 -7.03
C TRP C 147 166.54 66.35 -8.05
N ASN C 148 166.91 66.88 -9.21
CA ASN C 148 165.96 67.17 -10.27
C ASN C 148 166.12 66.18 -11.41
N ALA C 149 165.34 66.40 -12.48
CA ALA C 149 165.43 65.55 -13.66
C ALA C 149 166.72 65.74 -14.43
N GLU C 150 167.44 66.84 -14.18
CA GLU C 150 168.69 67.13 -14.87
C GLU C 150 169.91 66.89 -13.96
N ASN C 151 169.74 66.12 -12.89
CA ASN C 151 170.82 65.76 -11.98
C ASN C 151 171.47 67.00 -11.36
N LEU C 152 170.62 67.87 -10.81
CA LEU C 152 171.08 69.04 -10.06
C LEU C 152 170.90 68.76 -8.57
N LEU C 153 171.99 68.91 -7.81
CA LEU C 153 171.97 68.62 -6.40
C LEU C 153 171.65 69.88 -5.60
N ALA C 154 170.63 69.79 -4.75
CA ALA C 154 170.22 70.88 -3.88
C ALA C 154 170.48 70.49 -2.44
N LEU C 155 171.05 71.42 -1.66
CA LEU C 155 171.40 71.15 -0.28
C LEU C 155 171.07 72.36 0.57
N GLY C 156 170.78 72.12 1.85
CA GLY C 156 170.48 73.18 2.78
C GLY C 156 171.05 72.97 4.17
N GLY C 157 171.81 73.94 4.66
CA GLY C 157 172.49 73.81 5.93
C GLY C 157 171.74 74.43 7.09
N GLU C 158 172.08 73.99 8.30
CA GLU C 158 171.47 74.53 9.51
C GLU C 158 171.81 75.99 9.74
N ASP C 159 172.81 76.52 9.03
CA ASP C 159 173.12 77.95 9.06
C ASP C 159 172.16 78.77 8.20
N LYS C 160 171.05 78.18 7.79
CA LYS C 160 170.00 78.86 7.02
C LYS C 160 170.55 79.38 5.69
N MET C 161 171.05 78.45 4.88
CA MET C 161 171.53 78.78 3.56
C MET C 161 171.42 77.55 2.66
N ILE C 162 171.08 77.79 1.39
CA ILE C 162 170.77 76.75 0.42
C ILE C 162 171.71 76.89 -0.77
N THR C 163 172.32 75.78 -1.17
CA THR C 163 173.19 75.72 -2.33
C THR C 163 172.61 74.79 -3.38
N VAL C 164 172.50 75.29 -4.62
CA VAL C 164 172.04 74.50 -5.75
C VAL C 164 173.22 74.39 -6.72
N SER C 165 173.58 73.16 -7.06
CA SER C 165 174.74 72.89 -7.90
C SER C 165 174.38 71.82 -8.92
N ASN C 166 175.32 71.55 -9.82
CA ASN C 166 175.17 70.48 -10.80
C ASN C 166 175.80 69.20 -10.28
N GLN C 167 175.74 68.14 -11.08
CA GLN C 167 176.32 66.86 -10.69
C GLN C 167 177.84 66.90 -10.63
N GLU C 168 178.47 67.93 -11.18
CA GLU C 168 179.93 68.07 -11.16
C GLU C 168 180.44 68.77 -9.91
N GLY C 169 179.54 69.25 -9.04
CA GLY C 169 179.93 69.89 -7.81
C GLY C 169 180.13 71.38 -7.88
N ASP C 170 180.08 71.98 -9.07
CA ASP C 170 180.25 73.42 -9.20
C ASP C 170 179.02 74.13 -8.66
N THR C 171 179.23 75.04 -7.69
CA THR C 171 178.13 75.76 -7.10
C THR C 171 177.52 76.73 -8.11
N ILE C 172 176.21 76.61 -8.33
CA ILE C 172 175.50 77.44 -9.29
C ILE C 172 174.76 78.58 -8.60
N ARG C 173 173.98 78.28 -7.57
CA ARG C 173 173.21 79.29 -6.86
C ARG C 173 173.40 79.14 -5.35
N GLN C 174 173.57 80.28 -4.67
CA GLN C 174 173.68 80.33 -3.23
C GLN C 174 172.65 81.32 -2.71
N THR C 175 171.78 80.87 -1.81
CA THR C 175 170.68 81.70 -1.33
C THR C 175 170.62 81.62 0.20
N GLN C 176 170.20 82.72 0.81
CA GLN C 176 169.98 82.78 2.25
C GLN C 176 168.49 82.68 2.54
N VAL C 177 168.14 81.95 3.60
CA VAL C 177 166.76 81.74 4.01
C VAL C 177 166.62 82.13 5.47
N ARG C 178 165.38 82.44 5.86
CA ARG C 178 165.12 82.97 7.19
C ARG C 178 165.38 81.94 8.28
N SER C 179 164.93 80.70 8.07
CA SER C 179 165.06 79.67 9.10
C SER C 179 165.78 78.44 8.58
N GLU C 180 165.83 77.38 9.38
CA GLU C 180 166.56 76.18 8.97
C GLU C 180 165.79 75.45 7.88
N PRO C 181 166.43 75.17 6.74
CA PRO C 181 165.74 74.42 5.68
C PRO C 181 165.44 72.99 6.10
N SER C 182 164.35 72.46 5.55
CA SER C 182 163.94 71.08 5.80
C SER C 182 163.03 70.61 4.68
N ASN C 183 163.22 69.36 4.26
CA ASN C 183 162.38 68.71 3.24
C ASN C 183 162.42 69.48 1.92
N MET C 184 163.62 69.49 1.32
CA MET C 184 163.80 70.07 0.00
C MET C 184 163.35 69.07 -1.05
N GLN C 185 162.60 69.55 -2.06
CA GLN C 185 162.09 68.69 -3.11
C GLN C 185 162.09 69.43 -4.44
N PHE C 186 162.54 68.75 -5.49
CA PHE C 186 162.47 69.28 -6.85
C PHE C 186 161.15 68.87 -7.52
N PHE C 187 160.77 69.66 -8.52
CA PHE C 187 159.50 69.50 -9.24
C PHE C 187 159.52 70.43 -10.44
N LEU C 188 158.64 70.14 -11.40
CA LEU C 188 158.58 70.88 -12.65
C LEU C 188 157.34 71.77 -12.68
N MET C 189 157.55 73.06 -12.95
CA MET C 189 156.44 73.98 -13.11
C MET C 189 155.73 73.79 -14.44
N LYS C 190 154.43 74.03 -14.45
CA LYS C 190 153.59 73.86 -15.62
C LYS C 190 152.94 75.20 -15.96
N MET C 191 153.59 75.97 -16.82
CA MET C 191 153.03 77.22 -17.33
C MET C 191 152.25 76.94 -18.62
N ASP C 192 151.87 78.00 -19.32
CA ASP C 192 151.13 77.83 -20.57
C ASP C 192 151.99 77.26 -21.68
N ASP C 193 153.31 77.30 -21.54
CA ASP C 193 154.23 76.76 -22.52
C ASP C 193 154.81 75.46 -22.00
N ARG C 194 154.74 74.41 -22.81
CA ARG C 194 155.21 73.09 -22.43
C ARG C 194 156.66 72.84 -22.81
N THR C 195 157.35 73.82 -23.39
CA THR C 195 158.73 73.64 -23.82
C THR C 195 159.68 73.43 -22.65
N SER C 196 159.36 73.97 -21.47
CA SER C 196 160.20 73.82 -20.29
C SER C 196 159.78 72.56 -19.55
N ALA C 197 160.65 71.56 -19.52
CA ALA C 197 160.38 70.29 -18.86
C ALA C 197 161.48 69.93 -17.88
N ALA C 198 162.12 70.93 -17.27
CA ALA C 198 163.21 70.73 -16.34
C ALA C 198 162.79 71.23 -14.96
N GLU C 199 163.04 70.41 -13.93
CA GLU C 199 162.73 70.79 -12.56
C GLU C 199 163.76 71.79 -12.06
N SER C 200 163.32 73.02 -11.81
CA SER C 200 164.24 74.10 -11.48
C SER C 200 164.00 74.73 -10.12
N MET C 201 162.75 75.03 -9.76
CA MET C 201 162.44 75.76 -8.54
C MET C 201 162.18 74.79 -7.40
N ILE C 202 162.69 75.11 -6.22
CA ILE C 202 162.75 74.20 -5.09
C ILE C 202 161.83 74.71 -3.97
N SER C 203 161.07 73.79 -3.38
CA SER C 203 160.22 74.07 -2.24
C SER C 203 160.85 73.48 -0.98
N VAL C 204 160.95 74.28 0.07
CA VAL C 204 161.57 73.86 1.32
C VAL C 204 160.69 74.33 2.47
N VAL C 205 160.85 73.68 3.62
CA VAL C 205 160.13 74.02 4.84
C VAL C 205 161.12 74.64 5.82
N LEU C 206 160.86 75.87 6.24
CA LEU C 206 161.71 76.60 7.16
C LEU C 206 161.08 76.61 8.54
N GLY C 207 161.84 76.16 9.54
CA GLY C 207 161.38 76.18 10.92
C GLY C 207 160.18 75.30 11.19
N LYS C 208 159.86 74.39 10.28
CA LYS C 208 158.65 73.56 10.35
C LYS C 208 157.38 74.40 10.46
N LYS C 209 157.46 75.68 10.09
CA LYS C 209 156.33 76.59 10.18
C LYS C 209 156.08 77.41 8.92
N THR C 210 157.10 77.63 8.08
CA THR C 210 156.93 78.43 6.87
C THR C 210 157.36 77.63 5.65
N LEU C 211 156.83 78.00 4.50
CA LEU C 211 157.18 77.38 3.22
C LEU C 211 157.92 78.39 2.37
N PHE C 212 158.99 77.94 1.72
CA PHE C 212 159.86 78.82 0.95
C PHE C 212 160.08 78.23 -0.44
N PHE C 213 159.99 79.09 -1.46
CA PHE C 213 160.20 78.69 -2.85
C PHE C 213 161.38 79.48 -3.40
N LEU C 214 162.40 78.77 -3.85
CA LEU C 214 163.59 79.35 -4.45
C LEU C 214 163.66 78.99 -5.92
N ASN C 215 163.58 79.99 -6.79
CA ASN C 215 163.52 79.78 -8.23
C ASN C 215 164.87 80.08 -8.85
N LEU C 216 165.43 79.11 -9.57
CA LEU C 216 166.67 79.34 -10.29
C LEU C 216 166.48 80.31 -11.46
N ASN C 217 165.31 80.26 -12.10
CA ASN C 217 165.04 81.18 -13.20
C ASN C 217 164.98 82.62 -12.71
N GLU C 218 164.34 82.87 -11.57
CA GLU C 218 164.23 84.19 -10.98
C GLU C 218 164.63 84.12 -9.51
N PRO C 219 165.93 84.13 -9.22
CA PRO C 219 166.37 84.10 -7.82
C PRO C 219 166.10 85.39 -7.07
N ASP C 220 165.78 86.48 -7.76
CA ASP C 220 165.55 87.76 -7.11
C ASP C 220 164.14 87.89 -6.53
N ASN C 221 163.25 86.93 -6.80
CA ASN C 221 161.89 86.96 -6.29
C ASN C 221 161.56 85.63 -5.63
N PRO C 222 162.11 85.38 -4.43
CA PRO C 222 161.73 84.18 -3.69
C PRO C 222 160.29 84.28 -3.19
N ALA C 223 159.67 83.12 -3.00
CA ALA C 223 158.28 83.07 -2.57
C ALA C 223 158.20 82.59 -1.13
N ASP C 224 157.38 83.24 -0.33
CA ASP C 224 157.20 82.89 1.08
C ASP C 224 155.73 82.63 1.37
N LEU C 225 155.47 81.57 2.14
CA LEU C 225 154.12 81.21 2.55
C LEU C 225 154.12 80.94 4.06
N GLU C 226 153.12 81.48 4.75
CA GLU C 226 152.96 81.30 6.18
C GLU C 226 151.60 80.70 6.48
N PHE C 227 151.57 79.73 7.38
CA PHE C 227 150.35 79.06 7.78
C PHE C 227 149.91 79.52 9.17
N GLN C 228 148.68 79.19 9.52
CA GLN C 228 148.14 79.56 10.81
C GLN C 228 148.89 78.85 11.93
N GLN C 229 149.16 79.58 13.02
CA GLN C 229 149.88 79.01 14.15
C GLN C 229 149.06 77.96 14.89
N ASP C 230 147.74 77.94 14.71
CA ASP C 230 146.91 76.93 15.34
C ASP C 230 147.18 75.54 14.78
N PHE C 231 147.57 75.45 13.51
CA PHE C 231 147.85 74.15 12.91
C PHE C 231 149.05 73.48 13.59
N GLY C 232 150.10 74.23 13.88
CA GLY C 232 151.26 73.69 14.55
C GLY C 232 152.49 73.62 13.67
N ASN C 233 153.34 72.63 13.92
CA ASN C 233 154.57 72.45 13.16
C ASN C 233 154.34 71.55 11.95
N ILE C 234 154.98 71.88 10.85
CA ILE C 234 154.86 71.08 9.63
C ILE C 234 155.59 69.76 9.82
N VAL C 235 154.88 68.66 9.61
CA VAL C 235 155.47 67.33 9.76
C VAL C 235 156.10 66.91 8.44
N CYS C 236 155.30 66.84 7.38
CA CYS C 236 155.80 66.49 6.07
C CYS C 236 154.83 67.05 5.02
N TYR C 237 155.34 67.18 3.80
CA TYR C 237 154.54 67.66 2.69
C TYR C 237 154.86 66.85 1.44
N ASN C 238 153.86 66.72 0.57
CA ASN C 238 153.98 65.92 -0.63
C ASN C 238 153.51 66.72 -1.84
N TRP C 239 154.02 66.34 -3.01
CA TRP C 239 153.70 66.99 -4.27
C TRP C 239 152.86 66.05 -5.13
N TYR C 240 151.75 66.58 -5.67
CA TYR C 240 150.90 65.81 -6.56
C TYR C 240 150.11 66.78 -7.43
N GLY C 241 149.57 66.24 -8.53
CA GLY C 241 148.82 67.06 -9.46
C GLY C 241 149.74 67.96 -10.27
N ASP C 242 149.12 68.97 -10.89
CA ASP C 242 149.84 69.95 -11.69
C ASP C 242 150.30 71.10 -10.80
N GLY C 243 151.21 70.76 -9.89
CA GLY C 243 151.74 71.74 -8.95
C GLY C 243 150.89 71.92 -7.72
N ARG C 244 150.61 70.81 -7.02
CA ARG C 244 149.78 70.82 -5.81
C ARG C 244 150.62 70.33 -4.64
N ILE C 245 150.60 71.07 -3.54
CA ILE C 245 151.32 70.72 -2.32
C ILE C 245 150.30 70.36 -1.25
N MET C 246 150.46 69.19 -0.67
CA MET C 246 149.66 68.77 0.48
C MET C 246 150.57 68.76 1.70
N ILE C 247 150.26 69.61 2.67
CA ILE C 247 151.09 69.80 3.85
C ILE C 247 150.31 69.31 5.07
N GLY C 248 150.93 68.45 5.86
CA GLY C 248 150.35 67.94 7.09
C GLY C 248 150.88 68.68 8.29
N PHE C 249 150.05 68.78 9.33
CA PHE C 249 150.41 69.50 10.55
C PHE C 249 150.20 68.59 11.76
N SER C 250 150.70 69.05 12.91
CA SER C 250 150.65 68.26 14.14
C SER C 250 149.27 68.23 14.77
N CYS C 251 148.32 69.04 14.30
CA CYS C 251 146.98 69.07 14.86
C CYS C 251 145.98 68.26 14.04
N GLY C 252 146.46 67.46 13.09
CA GLY C 252 145.56 66.68 12.25
C GLY C 252 144.93 67.44 11.11
N HIS C 253 145.43 68.62 10.78
CA HIS C 253 144.89 69.44 9.71
C HIS C 253 145.85 69.44 8.53
N PHE C 254 145.32 69.19 7.34
CA PHE C 254 146.10 69.17 6.12
C PHE C 254 145.66 70.32 5.21
N VAL C 255 146.62 70.92 4.53
CA VAL C 255 146.38 72.07 3.66
C VAL C 255 146.87 71.74 2.26
N VAL C 256 146.00 71.92 1.26
CA VAL C 256 146.34 71.69 -0.14
C VAL C 256 146.41 73.05 -0.82
N ILE C 257 147.55 73.34 -1.43
CA ILE C 257 147.81 74.63 -2.05
C ILE C 257 148.31 74.44 -3.47
N SER C 258 147.79 75.24 -4.39
CA SER C 258 148.22 75.23 -5.78
C SER C 258 149.40 76.17 -5.98
N THR C 259 150.21 75.87 -6.98
CA THR C 259 151.42 76.65 -7.27
C THR C 259 151.36 77.32 -8.63
N HIS C 260 150.17 77.50 -9.20
CA HIS C 260 150.03 78.24 -10.44
C HIS C 260 150.35 79.72 -10.21
N THR C 261 150.77 80.38 -11.29
CA THR C 261 151.12 81.80 -11.19
C THR C 261 149.91 82.60 -10.75
N GLY C 262 150.11 83.45 -9.73
CA GLY C 262 149.03 84.23 -9.15
C GLY C 262 148.19 83.50 -8.14
N GLU C 263 148.46 82.21 -7.89
CA GLU C 263 147.69 81.43 -6.94
C GLU C 263 148.58 80.60 -6.01
N LEU C 264 149.84 81.01 -5.84
CA LEU C 264 150.74 80.27 -4.97
C LEU C 264 150.31 80.40 -3.51
N GLY C 265 150.19 79.26 -2.83
CA GLY C 265 149.77 79.25 -1.45
C GLY C 265 148.27 79.33 -1.24
N GLN C 266 147.48 79.35 -2.30
CA GLN C 266 146.02 79.42 -2.16
C GLN C 266 145.49 78.05 -1.73
N GLU C 267 144.79 78.03 -0.60
CA GLU C 267 144.28 76.77 -0.07
C GLU C 267 143.19 76.21 -0.97
N ILE C 268 143.21 74.90 -1.18
CA ILE C 268 142.21 74.23 -2.01
C ILE C 268 141.14 73.63 -1.09
N PHE C 269 141.56 72.74 -0.19
CA PHE C 269 140.65 72.14 0.76
C PHE C 269 141.43 71.73 2.01
N GLN C 270 140.87 72.05 3.17
CA GLN C 270 141.47 71.70 4.45
C GLN C 270 140.42 71.07 5.35
N ALA C 271 140.83 70.09 6.14
CA ALA C 271 139.92 69.39 7.04
C ALA C 271 140.72 68.81 8.20
N ARG C 272 140.00 68.52 9.28
CA ARG C 272 140.60 67.93 10.48
C ARG C 272 140.37 66.42 10.43
N ASN C 273 141.23 65.74 9.67
CA ASN C 273 141.12 64.29 9.57
C ASN C 273 141.40 63.62 10.90
N HIS C 274 142.41 64.09 11.62
CA HIS C 274 142.80 63.55 12.91
C HIS C 274 142.45 64.55 14.01
N LYS C 275 141.75 64.09 15.04
CA LYS C 275 141.27 64.98 16.09
C LYS C 275 142.42 65.62 16.87
N ASP C 276 143.45 64.83 17.18
CA ASP C 276 144.52 65.28 18.06
C ASP C 276 145.84 65.49 17.33
N ASN C 277 146.35 64.47 16.64
CA ASN C 277 147.67 64.54 16.03
C ASN C 277 147.69 63.77 14.72
N LEU C 278 148.44 64.29 13.75
CA LEU C 278 148.68 63.63 12.48
C LEU C 278 150.16 63.27 12.42
N THR C 279 150.45 61.99 12.19
CA THR C 279 151.85 61.53 12.25
C THR C 279 152.53 61.60 10.89
N SER C 280 151.86 61.19 9.82
CA SER C 280 152.49 61.24 8.50
C SER C 280 151.43 61.26 7.42
N ILE C 281 151.86 61.68 6.22
CA ILE C 281 151.01 61.72 5.03
C ILE C 281 151.80 61.14 3.86
N ALA C 282 151.20 60.19 3.15
CA ALA C 282 151.81 59.58 1.98
C ALA C 282 150.86 59.70 0.79
N VAL C 283 151.38 60.17 -0.34
CA VAL C 283 150.58 60.38 -1.55
C VAL C 283 151.10 59.45 -2.63
N SER C 284 150.20 58.67 -3.22
CA SER C 284 150.53 57.69 -4.24
C SER C 284 149.89 58.10 -5.55
N GLN C 285 150.70 58.27 -6.59
CA GLN C 285 150.19 58.58 -7.92
C GLN C 285 149.56 57.37 -8.58
N THR C 286 150.21 56.20 -8.45
CA THR C 286 149.64 54.97 -9.01
C THR C 286 148.31 54.64 -8.36
N LEU C 287 148.24 54.74 -7.03
CA LEU C 287 146.97 54.65 -6.34
C LEU C 287 146.13 55.91 -6.52
N ASN C 288 146.76 57.04 -6.81
CA ASN C 288 146.10 58.34 -6.88
C ASN C 288 145.33 58.61 -5.59
N LYS C 289 145.95 58.27 -4.46
CA LYS C 289 145.30 58.35 -3.17
C LYS C 289 146.28 58.80 -2.10
N VAL C 290 145.76 59.40 -1.05
CA VAL C 290 146.56 59.89 0.06
C VAL C 290 146.16 59.15 1.33
N ALA C 291 147.16 58.63 2.04
CA ALA C 291 146.97 57.97 3.32
C ALA C 291 147.57 58.85 4.41
N THR C 292 146.74 59.27 5.36
CA THR C 292 147.16 60.08 6.49
C THR C 292 147.06 59.24 7.75
N CYS C 293 148.16 59.13 8.48
CA CYS C 293 148.21 58.37 9.72
C CYS C 293 148.43 59.31 10.89
N GLY C 294 147.64 59.12 11.94
CA GLY C 294 147.73 59.94 13.12
C GLY C 294 146.66 59.52 14.10
N ASP C 295 146.94 59.82 15.38
CA ASP C 295 146.06 59.40 16.48
C ASP C 295 145.80 57.90 16.46
N ASN C 296 146.81 57.14 16.03
CA ASN C 296 146.72 55.69 15.89
C ASN C 296 145.57 55.29 14.97
N CYS C 297 145.36 56.06 13.90
CA CYS C 297 144.38 55.70 12.89
C CYS C 297 144.87 56.16 11.52
N ILE C 298 144.56 55.36 10.50
CA ILE C 298 144.99 55.60 9.13
C ILE C 298 143.76 55.80 8.26
N LYS C 299 143.76 56.91 7.52
CA LYS C 299 142.65 57.24 6.61
C LYS C 299 143.21 57.40 5.20
N ILE C 300 142.72 56.59 4.27
CA ILE C 300 143.12 56.64 2.88
C ILE C 300 141.95 57.20 2.09
N GLN C 301 142.20 58.28 1.34
CA GLN C 301 141.19 58.99 0.58
C GLN C 301 141.67 59.20 -0.84
N ASP C 302 140.73 59.22 -1.78
CA ASP C 302 141.05 59.47 -3.17
C ASP C 302 141.52 60.91 -3.37
N LEU C 303 142.52 61.09 -4.23
CA LEU C 303 143.02 62.43 -4.52
C LEU C 303 142.04 63.24 -5.35
N VAL C 304 141.26 62.57 -6.20
CA VAL C 304 140.27 63.28 -7.01
C VAL C 304 139.23 63.92 -6.11
N ASP C 305 138.75 63.20 -5.10
CA ASP C 305 137.76 63.69 -4.15
C ASP C 305 138.40 63.60 -2.76
N LEU C 306 139.04 64.69 -2.33
CA LEU C 306 139.68 64.70 -1.02
C LEU C 306 138.68 64.52 0.10
N LYS C 307 137.44 64.97 -0.10
CA LYS C 307 136.42 64.84 0.93
C LYS C 307 135.91 63.41 1.07
N ASP C 308 136.02 62.60 0.02
CA ASP C 308 135.56 61.22 0.08
C ASP C 308 136.44 60.41 1.02
N MET C 309 135.81 59.50 1.75
CA MET C 309 136.49 58.66 2.74
C MET C 309 136.49 57.22 2.21
N TYR C 310 137.68 56.73 1.85
CA TYR C 310 137.78 55.43 1.19
C TYR C 310 138.06 54.29 2.18
N VAL C 311 139.17 54.38 2.91
CA VAL C 311 139.58 53.32 3.83
C VAL C 311 139.86 53.93 5.19
N ILE C 312 139.22 53.39 6.22
CA ILE C 312 139.44 53.80 7.61
C ILE C 312 139.97 52.60 8.38
N LEU C 313 141.11 52.78 9.05
CA LEU C 313 141.68 51.75 9.90
C LEU C 313 141.99 52.33 11.27
N ASN C 314 141.53 51.66 12.32
CA ASN C 314 141.80 52.07 13.69
C ASN C 314 142.85 51.12 14.27
N LEU C 315 144.06 51.63 14.48
CA LEU C 315 145.14 50.80 14.97
C LEU C 315 144.94 50.43 16.44
N ASP C 316 145.63 49.39 16.86
CA ASP C 316 145.53 48.92 18.24
C ASP C 316 146.22 49.91 19.19
N GLU C 317 145.86 49.81 20.47
CA GLU C 317 146.45 50.68 21.48
C GLU C 317 147.94 50.40 21.69
N GLU C 318 148.43 49.23 21.27
CA GLU C 318 149.83 48.91 21.43
C GLU C 318 150.73 49.67 20.46
N ASN C 319 150.16 50.37 19.49
CA ASN C 319 150.91 51.15 18.52
C ASN C 319 150.87 52.64 18.82
N LYS C 320 150.89 53.01 20.09
CA LYS C 320 150.83 54.42 20.48
C LYS C 320 152.08 55.14 20.00
N GLY C 321 151.89 56.08 19.08
CA GLY C 321 153.00 56.84 18.52
C GLY C 321 153.47 56.25 17.20
N LEU C 322 153.13 56.92 16.10
CA LEU C 322 153.46 56.45 14.76
C LEU C 322 154.61 57.25 14.18
N GLY C 323 155.23 56.70 13.14
CA GLY C 323 156.35 57.35 12.49
C GLY C 323 155.99 57.96 11.15
N THR C 324 156.39 57.32 10.06
CA THR C 324 156.15 57.82 8.72
C THR C 324 155.46 56.76 7.88
N LEU C 325 154.71 57.21 6.88
CA LEU C 325 154.07 56.35 5.91
C LEU C 325 154.83 56.41 4.59
N SER C 326 155.24 55.25 4.08
CA SER C 326 155.98 55.20 2.83
C SER C 326 155.31 54.22 1.88
N TRP C 327 155.22 54.61 0.62
CA TRP C 327 154.60 53.81 -0.43
C TRP C 327 155.65 53.38 -1.45
N THR C 328 155.55 52.15 -1.92
CA THR C 328 156.42 51.68 -2.98
C THR C 328 156.12 52.42 -4.28
N ASP C 329 157.10 52.44 -5.18
CA ASP C 329 156.97 53.23 -6.40
C ASP C 329 155.74 52.86 -7.20
N ASP C 330 155.31 51.60 -7.14
CA ASP C 330 154.09 51.16 -7.80
C ASP C 330 152.86 51.30 -6.90
N GLY C 331 153.03 51.74 -5.65
CA GLY C 331 151.91 51.90 -4.76
C GLY C 331 151.29 50.58 -4.30
N GLN C 332 152.02 49.48 -4.44
CA GLN C 332 151.47 48.18 -4.06
C GLN C 332 151.48 47.98 -2.55
N LEU C 333 152.54 48.43 -1.88
CA LEU C 333 152.73 48.22 -0.45
C LEU C 333 152.88 49.56 0.25
N LEU C 334 152.24 49.69 1.41
CA LEU C 334 152.36 50.90 2.23
C LEU C 334 152.83 50.49 3.62
N ALA C 335 153.94 51.07 4.06
CA ALA C 335 154.53 50.71 5.34
C ALA C 335 154.47 51.88 6.31
N LEU C 336 154.18 51.57 7.57
CA LEU C 336 154.07 52.55 8.64
C LEU C 336 154.99 52.15 9.78
N SER C 337 155.78 53.12 10.26
CA SER C 337 156.64 52.94 11.42
C SER C 337 155.97 53.52 12.66
N THR C 338 156.49 53.12 13.82
CA THR C 338 155.99 53.58 15.10
C THR C 338 157.14 54.11 15.93
N GLN C 339 156.80 55.01 16.86
CA GLN C 339 157.82 55.58 17.75
C GLN C 339 158.43 54.54 18.68
N ARG C 340 157.74 53.42 18.91
CA ARG C 340 158.26 52.36 19.76
C ARG C 340 159.06 51.32 18.99
N GLY C 341 159.15 51.43 17.67
CA GLY C 341 159.97 50.51 16.89
C GLY C 341 159.23 49.29 16.37
N SER C 342 158.00 49.49 15.89
CA SER C 342 157.22 48.43 15.27
C SER C 342 156.75 48.91 13.91
N LEU C 343 156.90 48.07 12.90
CA LEU C 343 156.54 48.41 11.53
C LEU C 343 155.34 47.57 11.09
N HIS C 344 154.54 48.14 10.20
CA HIS C 344 153.39 47.43 9.64
C HIS C 344 153.39 47.60 8.12
N VAL C 345 153.03 46.54 7.40
CA VAL C 345 152.98 46.57 5.94
C VAL C 345 151.56 46.24 5.51
N PHE C 346 150.97 47.14 4.72
CA PHE C 346 149.60 47.02 4.26
C PHE C 346 149.59 46.85 2.74
N LEU C 347 148.71 45.97 2.27
CA LEU C 347 148.55 45.71 0.84
C LEU C 347 147.50 46.66 0.28
N THR C 348 147.93 47.90 0.02
CA THR C 348 147.01 48.90 -0.52
C THR C 348 146.54 48.53 -1.92
N LYS C 349 147.45 48.09 -2.78
CA LYS C 349 147.12 47.70 -4.13
C LYS C 349 147.68 46.31 -4.42
N LEU C 350 147.04 45.62 -5.37
CA LEU C 350 147.46 44.28 -5.76
C LEU C 350 146.94 44.00 -7.15
N PRO C 351 147.72 43.35 -8.01
CA PRO C 351 147.22 43.01 -9.35
C PRO C 351 145.97 42.15 -9.27
N ILE C 352 145.04 42.40 -10.19
CA ILE C 352 143.75 41.72 -10.20
C ILE C 352 143.90 40.45 -11.04
N LEU C 353 144.17 39.34 -10.37
CA LEU C 353 144.19 38.02 -11.00
C LEU C 353 143.00 37.23 -10.50
N GLY C 354 142.24 36.66 -11.43
CA GLY C 354 141.05 35.91 -11.03
C GLY C 354 140.53 35.08 -12.19
N ASP C 355 139.81 34.03 -11.82
CA ASP C 355 139.17 33.16 -12.80
C ASP C 355 137.98 32.48 -12.14
N ALA C 356 137.15 31.85 -12.97
CA ALA C 356 135.94 31.21 -12.48
C ALA C 356 135.57 30.06 -13.39
N CYS C 357 135.39 28.88 -12.79
CA CYS C 357 134.86 27.71 -13.46
C CYS C 357 133.52 27.37 -12.83
N SER C 358 132.48 27.28 -13.65
CA SER C 358 131.12 27.14 -13.15
C SER C 358 130.82 28.26 -12.16
N THR C 359 130.50 27.91 -10.92
CA THR C 359 130.34 28.90 -9.86
C THR C 359 131.58 29.06 -8.99
N ARG C 360 132.50 28.09 -9.02
CA ARG C 360 133.74 28.21 -8.27
C ARG C 360 134.59 29.32 -8.83
N ILE C 361 135.18 30.12 -7.94
CA ILE C 361 136.02 31.25 -8.34
C ILE C 361 137.34 31.18 -7.59
N ALA C 362 138.37 31.77 -8.18
CA ALA C 362 139.67 31.93 -7.55
C ALA C 362 140.17 33.33 -7.81
N TYR C 363 140.78 33.95 -6.80
CA TYR C 363 141.26 35.31 -6.93
C TYR C 363 142.51 35.51 -6.09
N LEU C 364 143.35 36.44 -6.53
CA LEU C 364 144.61 36.72 -5.86
C LEU C 364 144.35 37.61 -4.64
N THR C 365 144.53 37.06 -3.45
CA THR C 365 144.27 37.78 -2.21
C THR C 365 145.48 38.60 -1.76
N SER C 366 146.64 37.96 -1.66
CA SER C 366 147.88 38.67 -1.39
C SER C 366 148.92 38.29 -2.43
N LEU C 367 150.18 38.66 -2.19
CA LEU C 367 151.22 38.36 -3.17
C LEU C 367 151.36 36.87 -3.41
N LEU C 368 151.27 36.07 -2.35
CA LEU C 368 151.51 34.63 -2.45
C LEU C 368 150.26 33.80 -2.15
N GLU C 369 149.09 34.44 -2.05
CA GLU C 369 147.86 33.77 -1.66
C GLU C 369 146.87 33.75 -2.82
N VAL C 370 146.14 32.65 -2.93
CA VAL C 370 145.03 32.52 -3.87
C VAL C 370 143.84 31.98 -3.10
N THR C 371 142.72 32.70 -3.14
CA THR C 371 141.51 32.28 -2.43
C THR C 371 140.55 31.67 -3.45
N VAL C 372 140.13 30.44 -3.18
CA VAL C 372 139.22 29.69 -4.04
C VAL C 372 137.96 29.37 -3.25
N ALA C 373 136.81 29.75 -3.78
CA ALA C 373 135.56 29.58 -3.06
C ALA C 373 134.42 29.31 -4.02
N ASN C 374 133.41 28.62 -3.53
CA ASN C 374 132.18 28.35 -4.28
C ASN C 374 131.00 28.76 -3.42
N PRO C 375 130.77 30.06 -3.24
CA PRO C 375 129.67 30.50 -2.37
C PRO C 375 128.31 30.01 -2.80
N VAL C 376 128.09 29.81 -4.10
CA VAL C 376 126.79 29.34 -4.57
C VAL C 376 126.49 27.96 -4.01
N GLU C 377 127.48 27.07 -4.04
CA GLU C 377 127.33 25.74 -3.47
C GLU C 377 127.64 25.69 -1.99
N GLY C 378 128.00 26.84 -1.39
CA GLY C 378 128.23 26.90 0.03
C GLY C 378 129.60 26.46 0.49
N GLU C 379 130.50 26.13 -0.43
CA GLU C 379 131.87 25.77 -0.04
C GLU C 379 132.56 26.96 0.60
N LEU C 380 133.20 26.72 1.74
CA LEU C 380 133.89 27.79 2.44
C LEU C 380 135.14 28.20 1.67
N PRO C 381 135.48 29.49 1.67
CA PRO C 381 136.70 29.93 0.99
C PRO C 381 137.93 29.23 1.54
N ILE C 382 138.81 28.82 0.63
CA ILE C 382 140.05 28.14 0.96
C ILE C 382 141.20 28.98 0.46
N THR C 383 142.14 29.28 1.35
CA THR C 383 143.31 30.08 1.01
C THR C 383 144.49 29.15 0.77
N VAL C 384 145.12 29.27 -0.40
CA VAL C 384 146.27 28.46 -0.78
C VAL C 384 147.47 29.38 -0.91
N SER C 385 148.55 29.06 -0.20
CA SER C 385 149.80 29.79 -0.31
C SER C 385 150.67 29.12 -1.35
N VAL C 386 150.98 29.83 -2.43
CA VAL C 386 151.73 29.27 -3.52
C VAL C 386 153.19 29.67 -3.38
N ASP C 387 154.06 29.03 -4.16
CA ASP C 387 155.50 29.22 -4.00
C ASP C 387 155.93 30.60 -4.48
N VAL C 388 155.42 31.05 -5.62
CA VAL C 388 155.87 32.28 -6.25
C VAL C 388 154.66 33.15 -6.59
N GLU C 389 154.91 34.44 -6.71
CA GLU C 389 153.88 35.41 -7.07
C GLU C 389 153.37 35.13 -8.48
N PRO C 390 152.16 34.60 -8.65
CA PRO C 390 151.73 34.16 -9.99
C PRO C 390 151.51 35.33 -10.93
N ASN C 391 151.74 35.06 -12.21
CA ASN C 391 151.40 36.00 -13.27
C ASN C 391 150.05 35.70 -13.91
N PHE C 392 149.64 34.44 -13.92
CA PHE C 392 148.31 34.07 -14.38
C PHE C 392 147.73 33.06 -13.39
N VAL C 393 146.42 33.18 -13.18
CA VAL C 393 145.69 32.32 -12.25
C VAL C 393 144.47 31.76 -12.98
N ALA C 394 144.31 30.45 -12.95
CA ALA C 394 143.12 29.82 -13.51
C ALA C 394 142.65 28.74 -12.56
N VAL C 395 141.34 28.53 -12.53
CA VAL C 395 140.73 27.55 -11.63
C VAL C 395 139.73 26.72 -12.43
N GLY C 396 139.82 25.39 -12.28
CA GLY C 396 138.89 24.49 -12.91
C GLY C 396 137.96 23.84 -11.91
N LEU C 397 137.31 22.76 -12.36
CA LEU C 397 136.43 22.01 -11.48
C LEU C 397 137.21 21.38 -10.33
N TYR C 398 138.37 20.77 -10.65
CA TYR C 398 139.13 20.01 -9.67
C TYR C 398 140.56 20.51 -9.54
N HIS C 399 140.88 21.68 -10.09
CA HIS C 399 142.28 22.09 -10.14
C HIS C 399 142.39 23.61 -10.02
N LEU C 400 143.60 24.04 -9.68
CA LEU C 400 143.96 25.46 -9.64
C LEU C 400 145.38 25.57 -10.18
N ALA C 401 145.54 26.22 -11.32
CA ALA C 401 146.84 26.38 -11.96
C ALA C 401 147.26 27.84 -11.85
N VAL C 402 148.39 28.06 -11.17
CA VAL C 402 148.95 29.40 -11.00
C VAL C 402 150.36 29.39 -11.56
N GLY C 403 150.70 30.40 -12.34
CA GLY C 403 152.00 30.32 -12.97
C GLY C 403 152.54 31.67 -13.38
N MET C 404 153.78 31.62 -13.88
CA MET C 404 154.45 32.82 -14.37
C MET C 404 155.50 32.41 -15.38
N ASN C 405 155.80 33.35 -16.29
CA ASN C 405 156.82 33.15 -17.31
C ASN C 405 156.54 31.90 -18.13
N ASN C 406 157.28 30.82 -17.87
CA ASN C 406 157.09 29.57 -18.58
C ASN C 406 156.88 28.39 -17.64
N ARG C 407 156.46 28.65 -16.41
CA ARG C 407 156.23 27.62 -15.41
C ARG C 407 154.83 27.74 -14.85
N ALA C 408 154.23 26.61 -14.52
CA ALA C 408 152.86 26.59 -14.02
C ALA C 408 152.68 25.50 -12.97
N TRP C 409 152.25 25.89 -11.77
CA TRP C 409 152.03 24.97 -10.67
C TRP C 409 150.56 24.58 -10.63
N PHE C 410 150.29 23.29 -10.53
CA PHE C 410 148.93 22.77 -10.49
C PHE C 410 148.64 22.22 -9.10
N TYR C 411 147.49 22.60 -8.54
CA TYR C 411 147.03 22.12 -7.25
C TYR C 411 145.68 21.43 -7.42
N VAL C 412 145.49 20.33 -6.72
CA VAL C 412 144.20 19.65 -6.69
C VAL C 412 143.38 20.21 -5.53
N LEU C 413 142.20 20.75 -5.86
CA LEU C 413 141.36 21.42 -4.86
C LEU C 413 140.55 20.38 -4.11
N GLY C 414 141.23 19.70 -3.18
CA GLY C 414 140.53 18.82 -2.28
C GLY C 414 139.62 19.58 -1.33
N GLU C 415 138.59 18.89 -0.84
CA GLU C 415 137.60 19.54 0.01
C GLU C 415 138.24 20.05 1.30
N ASN C 416 138.96 19.18 2.00
CA ASN C 416 139.60 19.59 3.25
C ASN C 416 140.79 20.51 2.98
N ALA C 417 141.65 20.13 2.04
CA ALA C 417 142.86 20.89 1.76
C ALA C 417 143.36 20.54 0.38
N VAL C 418 144.38 21.27 -0.07
CA VAL C 418 144.91 21.13 -1.42
C VAL C 418 146.33 20.59 -1.35
N LYS C 419 146.80 20.09 -2.50
CA LYS C 419 148.16 19.55 -2.61
C LYS C 419 148.63 19.70 -4.04
N LYS C 420 149.78 20.35 -4.23
CA LYS C 420 150.28 20.59 -5.58
C LYS C 420 150.79 19.29 -6.19
N LEU C 421 150.37 19.01 -7.42
CA LEU C 421 150.86 17.84 -8.13
C LEU C 421 152.19 18.10 -8.80
N LYS C 422 152.22 19.08 -9.71
CA LYS C 422 153.38 19.31 -10.55
C LYS C 422 153.60 20.80 -10.75
N ASP C 423 154.80 21.13 -11.21
CA ASP C 423 155.18 22.47 -11.66
C ASP C 423 155.73 22.34 -13.07
N MET C 424 154.83 22.37 -14.04
CA MET C 424 155.16 22.02 -15.41
C MET C 424 155.85 23.18 -16.12
N GLU C 425 156.65 22.81 -17.12
CA GLU C 425 157.46 23.72 -17.92
C GLU C 425 156.85 23.84 -19.31
N TYR C 426 156.85 25.04 -19.86
CA TYR C 426 156.34 25.28 -21.21
C TYR C 426 157.40 25.98 -22.04
N LEU C 427 157.40 25.69 -23.34
CA LEU C 427 158.49 26.14 -24.21
C LEU C 427 158.59 27.65 -24.25
N GLY C 428 157.47 28.34 -24.44
CA GLY C 428 157.45 29.79 -24.50
C GLY C 428 156.91 30.42 -23.23
N THR C 429 156.69 31.71 -23.29
CA THR C 429 156.08 32.44 -22.18
C THR C 429 154.59 32.13 -22.16
N VAL C 430 154.11 31.57 -21.06
CA VAL C 430 152.73 31.09 -20.98
C VAL C 430 151.83 32.31 -20.91
N ALA C 431 151.26 32.68 -22.07
CA ALA C 431 150.37 33.84 -22.11
C ALA C 431 149.13 33.61 -21.25
N SER C 432 148.57 32.40 -21.30
CA SER C 432 147.41 32.10 -20.48
C SER C 432 147.27 30.60 -20.34
N ILE C 433 146.38 30.17 -19.45
CA ILE C 433 146.09 28.76 -19.25
C ILE C 433 144.61 28.59 -18.94
N CYS C 434 144.10 27.40 -19.24
CA CYS C 434 142.70 27.07 -19.00
C CYS C 434 142.63 25.66 -18.44
N LEU C 435 141.76 25.47 -17.45
CA LEU C 435 141.59 24.20 -16.77
C LEU C 435 140.15 23.73 -16.91
N HIS C 436 139.96 22.43 -17.11
CA HIS C 436 138.64 21.86 -16.97
C HIS C 436 138.75 20.34 -16.95
N SER C 437 137.91 19.71 -16.14
CA SER C 437 137.95 18.26 -15.93
C SER C 437 139.37 17.90 -15.54
N ASP C 438 140.01 16.94 -16.21
CA ASP C 438 141.39 16.58 -15.93
C ASP C 438 142.37 17.15 -16.95
N TYR C 439 141.93 18.07 -17.80
CA TYR C 439 142.75 18.58 -18.88
C TYR C 439 143.08 20.05 -18.67
N ALA C 440 144.29 20.42 -19.09
CA ALA C 440 144.76 21.79 -19.02
C ALA C 440 145.34 22.17 -20.38
N ALA C 441 144.95 23.35 -20.87
CA ALA C 441 145.42 23.87 -22.14
C ALA C 441 146.12 25.19 -21.89
N ALA C 442 147.41 25.25 -22.21
CA ALA C 442 148.22 26.44 -21.98
C ALA C 442 148.55 27.10 -23.31
N LEU C 443 148.19 28.36 -23.45
CA LEU C 443 148.49 29.15 -24.63
C LEU C 443 149.77 29.93 -24.38
N PHE C 444 150.77 29.70 -25.22
CA PHE C 444 152.08 30.33 -25.15
C PHE C 444 152.66 30.42 -26.55
N GLU C 445 153.26 31.56 -26.87
CA GLU C 445 153.93 31.78 -28.16
C GLU C 445 153.01 31.51 -29.34
N GLY C 446 151.72 31.76 -29.19
CA GLY C 446 150.78 31.51 -30.27
C GLY C 446 150.44 30.07 -30.50
N LYS C 447 150.74 29.19 -29.54
CA LYS C 447 150.45 27.77 -29.66
C LYS C 447 149.86 27.28 -28.35
N VAL C 448 148.89 26.37 -28.45
CA VAL C 448 148.18 25.84 -27.29
C VAL C 448 148.62 24.40 -27.08
N GLN C 449 149.19 24.12 -25.92
CA GLN C 449 149.55 22.76 -25.53
C GLN C 449 148.46 22.23 -24.62
N LEU C 450 147.81 21.16 -25.06
CA LEU C 450 146.73 20.52 -24.31
C LEU C 450 147.24 19.23 -23.71
N HIS C 451 147.15 19.08 -22.40
CA HIS C 451 147.70 17.91 -21.74
C HIS C 451 146.85 17.55 -20.54
N LEU C 452 147.19 16.42 -19.94
CA LEU C 452 146.60 16.02 -18.67
C LEU C 452 147.37 16.64 -17.52
N ILE C 453 146.75 16.62 -16.34
CA ILE C 453 147.36 17.11 -15.12
C ILE C 453 147.85 15.96 -14.24
N GLU C 454 146.95 15.02 -13.92
CA GLU C 454 147.34 13.78 -13.26
C GLU C 454 147.70 12.75 -14.32
N SER C 455 148.85 12.99 -14.96
CA SER C 455 149.27 12.17 -16.08
C SER C 455 149.74 10.80 -15.60
N GLU C 456 148.78 9.96 -15.19
CA GLU C 456 149.10 8.62 -14.70
C GLU C 456 149.44 7.72 -15.87
N ILE C 457 150.61 7.09 -15.81
CA ILE C 457 151.01 6.12 -16.84
C ILE C 457 150.48 4.76 -16.36
N LEU C 458 149.19 4.52 -16.62
CA LEU C 458 148.52 3.28 -16.24
C LEU C 458 147.55 2.93 -17.36
N ASP C 459 148.04 2.15 -18.34
CA ASP C 459 147.25 1.74 -19.49
C ASP C 459 146.64 2.94 -20.21
N ALA C 460 147.34 4.07 -20.18
CA ALA C 460 146.87 5.31 -20.78
C ALA C 460 147.59 5.54 -22.10
N GLN C 461 146.82 5.76 -23.16
CA GLN C 461 147.40 5.96 -24.49
C GLN C 461 148.19 7.27 -24.53
N GLU C 462 149.35 7.22 -25.20
CA GLU C 462 150.21 8.39 -25.26
C GLU C 462 149.65 9.47 -26.18
N GLU C 463 148.88 9.08 -27.20
CA GLU C 463 148.41 10.05 -28.18
C GLU C 463 147.40 11.02 -27.59
N ARG C 464 146.66 10.62 -26.56
CA ARG C 464 145.72 11.52 -25.90
C ARG C 464 146.28 12.22 -24.68
N GLU C 465 147.51 11.90 -24.25
CA GLU C 465 148.03 12.55 -23.06
C GLU C 465 148.52 13.97 -23.32
N THR C 466 149.02 14.26 -24.52
CA THR C 466 149.50 15.60 -24.81
C THR C 466 149.41 15.85 -26.31
N ARG C 467 149.07 17.08 -26.68
CA ARG C 467 149.02 17.49 -28.07
C ARG C 467 149.29 18.98 -28.15
N LEU C 468 149.67 19.43 -29.35
CA LEU C 468 149.97 20.82 -29.60
C LEU C 468 149.14 21.32 -30.77
N PHE C 469 148.60 22.53 -30.64
CA PHE C 469 147.79 23.19 -31.64
C PHE C 469 148.40 24.53 -31.98
N PRO C 470 148.35 24.96 -33.25
CA PRO C 470 147.79 24.20 -34.37
C PRO C 470 148.75 23.13 -34.88
N ALA C 471 148.40 22.46 -35.96
CA ALA C 471 149.29 21.45 -36.53
C ALA C 471 150.58 22.11 -37.01
N VAL C 472 151.62 21.28 -37.16
CA VAL C 472 152.94 21.79 -37.54
C VAL C 472 152.89 22.47 -38.89
N ASP C 473 151.99 22.03 -39.78
CA ASP C 473 151.89 22.65 -41.10
C ASP C 473 151.19 23.99 -41.07
N ASP C 474 150.23 24.16 -40.15
CA ASP C 474 149.45 25.39 -40.09
C ASP C 474 150.31 26.55 -39.65
N LYS C 475 150.44 27.56 -40.51
CA LYS C 475 151.22 28.75 -40.20
C LYS C 475 150.36 29.86 -39.60
N CYS C 476 149.64 29.53 -38.54
CA CYS C 476 148.77 30.48 -37.85
C CYS C 476 149.11 30.50 -36.37
N ARG C 477 148.72 31.59 -35.72
CA ARG C 477 148.94 31.78 -34.29
C ARG C 477 147.61 31.79 -33.57
N ILE C 478 147.58 31.16 -32.40
CA ILE C 478 146.38 31.14 -31.56
C ILE C 478 146.38 32.39 -30.70
N LEU C 479 145.36 33.23 -30.87
CA LEU C 479 145.28 34.47 -30.09
C LEU C 479 144.47 34.28 -28.82
N CYS C 480 143.40 33.49 -28.88
CA CYS C 480 142.56 33.22 -27.73
C CYS C 480 142.21 31.73 -27.71
N HIS C 481 142.21 31.15 -26.52
CA HIS C 481 141.80 29.78 -26.33
C HIS C 481 140.89 29.68 -25.12
N ALA C 482 140.02 28.67 -25.12
CA ALA C 482 139.14 28.41 -24.00
C ALA C 482 139.05 26.91 -23.80
N LEU C 483 138.44 26.51 -22.69
CA LEU C 483 138.31 25.09 -22.36
C LEU C 483 137.00 24.87 -21.63
N THR C 484 136.10 24.12 -22.27
CA THR C 484 134.83 23.74 -21.68
C THR C 484 134.92 22.31 -21.16
N SER C 485 133.79 21.76 -20.73
CA SER C 485 133.77 20.40 -20.21
C SER C 485 134.07 19.36 -21.28
N ASP C 486 133.98 19.72 -22.56
CA ASP C 486 134.15 18.76 -23.64
C ASP C 486 135.08 19.22 -24.76
N PHE C 487 135.32 20.51 -24.92
CA PHE C 487 135.99 21.03 -26.10
C PHE C 487 137.19 21.88 -25.71
N LEU C 488 138.12 21.99 -26.66
CA LEU C 488 139.19 22.97 -26.60
C LEU C 488 138.93 23.95 -27.73
N ILE C 489 138.32 25.08 -27.40
CA ILE C 489 137.95 26.11 -28.36
C ILE C 489 139.08 27.12 -28.45
N TYR C 490 139.46 27.49 -29.66
CA TYR C 490 140.52 28.47 -29.82
C TYR C 490 140.32 29.25 -31.12
N GLY C 491 140.70 30.52 -31.09
CA GLY C 491 140.63 31.40 -32.24
C GLY C 491 142.03 31.79 -32.70
N THR C 492 142.22 31.79 -34.00
CA THR C 492 143.52 32.04 -34.60
C THR C 492 143.58 33.42 -35.24
N ASP C 493 144.79 33.83 -35.57
CA ASP C 493 145.01 35.13 -36.22
C ASP C 493 144.52 35.16 -37.65
N THR C 494 144.09 34.03 -38.20
CA THR C 494 143.49 33.97 -39.52
C THR C 494 141.97 34.01 -39.47
N GLY C 495 141.39 34.17 -38.28
CA GLY C 495 139.95 34.18 -38.14
C GLY C 495 139.30 32.82 -38.00
N VAL C 496 140.05 31.81 -37.59
CA VAL C 496 139.56 30.44 -37.54
C VAL C 496 139.18 30.11 -36.10
N VAL C 497 137.94 29.69 -35.91
CA VAL C 497 137.44 29.19 -34.62
C VAL C 497 137.24 27.70 -34.78
N GLN C 498 137.97 26.91 -33.99
CA GLN C 498 137.96 25.46 -34.12
C GLN C 498 137.59 24.82 -32.80
N TYR C 499 136.64 23.88 -32.85
CA TYR C 499 136.30 23.05 -31.71
C TYR C 499 137.08 21.75 -31.77
N PHE C 500 137.47 21.24 -30.61
CA PHE C 500 138.27 20.02 -30.53
C PHE C 500 137.69 19.17 -29.40
N TYR C 501 136.84 18.22 -29.77
CA TYR C 501 136.20 17.34 -28.81
C TYR C 501 137.26 16.50 -28.11
N ILE C 502 137.47 16.76 -26.81
CA ILE C 502 138.55 16.09 -26.08
C ILE C 502 138.26 14.60 -25.94
N GLU C 503 137.00 14.24 -25.69
CA GLU C 503 136.66 12.84 -25.43
C GLU C 503 137.03 11.95 -26.62
N ASP C 504 136.79 12.42 -27.84
CA ASP C 504 137.10 11.65 -29.04
C ASP C 504 138.33 12.16 -29.77
N TRP C 505 138.98 13.22 -29.28
CA TRP C 505 140.23 13.71 -29.83
C TRP C 505 140.12 14.02 -31.32
N GLN C 506 139.03 14.66 -31.72
CA GLN C 506 138.79 14.98 -33.11
C GLN C 506 138.20 16.38 -33.23
N PHE C 507 138.64 17.12 -34.25
CA PHE C 507 138.03 18.39 -34.56
C PHE C 507 136.59 18.18 -35.04
N VAL C 508 135.66 18.94 -34.47
CA VAL C 508 134.26 18.81 -34.83
C VAL C 508 133.72 20.05 -35.53
N ASN C 509 134.28 21.23 -35.29
CA ASN C 509 133.81 22.45 -35.93
C ASN C 509 135.00 23.27 -36.40
N ASP C 510 134.89 23.79 -37.63
CA ASP C 510 135.85 24.72 -38.20
C ASP C 510 135.08 25.88 -38.80
N TYR C 511 135.20 27.06 -38.21
CA TYR C 511 134.56 28.28 -38.70
C TYR C 511 135.62 29.27 -39.14
N ARG C 512 135.38 29.97 -40.23
CA ARG C 512 136.34 30.90 -40.82
C ARG C 512 135.76 32.31 -40.77
N HIS C 513 136.05 33.03 -39.69
CA HIS C 513 135.66 34.43 -39.61
C HIS C 513 136.55 35.26 -40.54
N PRO C 514 135.99 36.32 -41.15
CA PRO C 514 136.81 37.14 -42.04
C PRO C 514 138.03 37.75 -41.38
N VAL C 515 137.94 38.10 -40.10
CA VAL C 515 139.00 38.80 -39.39
C VAL C 515 139.40 37.97 -38.17
N SER C 516 140.64 38.16 -37.73
CA SER C 516 141.18 37.36 -36.64
C SER C 516 140.35 37.53 -35.37
N VAL C 517 140.18 36.42 -34.64
CA VAL C 517 139.36 36.40 -33.45
C VAL C 517 140.25 36.66 -32.24
N LYS C 518 140.11 37.83 -31.63
CA LYS C 518 140.97 38.20 -30.52
C LYS C 518 140.59 37.50 -29.23
N LYS C 519 139.29 37.31 -28.97
CA LYS C 519 138.84 36.76 -27.70
C LYS C 519 137.64 35.84 -27.91
N ILE C 520 137.61 34.74 -27.16
CA ILE C 520 136.47 33.82 -27.16
C ILE C 520 136.04 33.54 -25.73
N PHE C 521 134.73 33.52 -25.51
CA PHE C 521 134.13 33.20 -24.21
C PHE C 521 133.01 32.20 -24.46
N PRO C 522 133.23 30.91 -24.20
CA PRO C 522 132.15 29.94 -24.31
C PRO C 522 131.16 30.07 -23.15
N ASP C 523 129.94 29.63 -23.40
CA ASP C 523 128.91 29.62 -22.37
C ASP C 523 129.11 28.42 -21.46
N PRO C 524 128.49 28.43 -20.27
CA PRO C 524 128.64 27.27 -19.37
C PRO C 524 128.15 25.97 -19.97
N ASN C 525 127.19 26.02 -20.91
CA ASN C 525 126.78 24.82 -21.60
C ASN C 525 127.88 24.26 -22.49
N GLY C 526 128.86 25.10 -22.87
CA GLY C 526 130.01 24.64 -23.62
C GLY C 526 129.83 24.57 -25.12
N THR C 527 128.65 24.88 -25.65
CA THR C 527 128.40 24.79 -27.09
C THR C 527 128.42 26.15 -27.76
N ARG C 528 127.78 27.15 -27.17
CA ARG C 528 127.63 28.46 -27.80
C ARG C 528 128.68 29.41 -27.28
N LEU C 529 129.19 30.26 -28.17
CA LEU C 529 130.40 31.03 -27.91
C LEU C 529 130.12 32.50 -28.18
N VAL C 530 130.92 33.37 -27.58
CA VAL C 530 130.89 34.80 -27.88
C VAL C 530 132.32 35.25 -28.15
N PHE C 531 132.57 35.77 -29.35
CA PHE C 531 133.94 36.10 -29.72
C PHE C 531 134.02 37.54 -30.25
N ILE C 532 135.16 38.16 -29.94
CA ILE C 532 135.47 39.53 -30.34
C ILE C 532 136.68 39.50 -31.24
N ASP C 533 136.56 40.10 -32.42
CA ASP C 533 137.60 40.14 -33.42
C ASP C 533 138.40 41.45 -33.33
N GLU C 534 139.22 41.71 -34.34
CA GLU C 534 140.09 42.90 -34.33
C GLU C 534 139.27 44.18 -34.30
N LYS C 535 138.20 44.24 -35.07
CA LYS C 535 137.41 45.47 -35.13
C LYS C 535 136.57 45.70 -33.88
N SER C 536 136.79 44.94 -32.81
CA SER C 536 136.01 45.04 -31.58
C SER C 536 134.54 44.73 -31.83
N ASP C 537 134.26 43.89 -32.81
CA ASP C 537 132.90 43.49 -33.15
C ASP C 537 132.61 42.16 -32.48
N GLY C 538 131.68 42.17 -31.52
CA GLY C 538 131.32 40.98 -30.80
C GLY C 538 130.25 40.20 -31.53
N PHE C 539 130.45 38.90 -31.65
CA PHE C 539 129.50 38.01 -32.29
C PHE C 539 129.18 36.86 -31.35
N VAL C 540 127.98 36.31 -31.47
CA VAL C 540 127.58 35.10 -30.79
C VAL C 540 127.54 33.99 -31.83
N TYR C 541 128.35 32.96 -31.61
CA TYR C 541 128.53 31.88 -32.58
C TYR C 541 127.84 30.62 -32.05
N CYS C 542 127.03 30.02 -32.92
CA CYS C 542 126.31 28.79 -32.61
C CYS C 542 126.74 27.71 -33.59
N PRO C 543 127.59 26.76 -33.17
CA PRO C 543 127.99 25.68 -34.07
C PRO C 543 126.85 24.75 -34.46
N VAL C 544 125.76 24.70 -33.69
CA VAL C 544 124.68 23.77 -33.97
C VAL C 544 124.08 24.09 -35.33
N ASN C 545 123.55 25.29 -35.48
CA ASN C 545 123.15 25.77 -36.80
C ASN C 545 124.28 26.50 -37.50
N ASP C 546 125.44 26.62 -36.86
CA ASP C 546 126.67 27.13 -37.48
C ASP C 546 126.46 28.53 -38.05
N ALA C 547 126.21 29.49 -37.16
CA ALA C 547 126.00 30.86 -37.60
C ALA C 547 126.48 31.84 -36.54
N THR C 548 126.77 33.05 -36.98
CA THR C 548 127.19 34.13 -36.11
C THR C 548 126.17 35.25 -36.15
N TYR C 549 125.75 35.71 -34.97
CA TYR C 549 124.82 36.81 -34.84
C TYR C 549 125.54 37.97 -34.16
N GLU C 550 125.57 39.11 -34.83
CA GLU C 550 126.33 40.25 -34.34
C GLU C 550 125.67 40.81 -33.07
N ILE C 551 126.49 41.20 -32.11
CA ILE C 551 126.00 41.80 -30.88
C ILE C 551 125.74 43.28 -31.12
N PRO C 552 124.51 43.76 -30.95
CA PRO C 552 124.24 45.19 -31.14
C PRO C 552 124.85 46.02 -30.03
N ASP C 553 125.22 47.25 -30.37
CA ASP C 553 125.74 48.23 -29.42
C ASP C 553 126.97 47.72 -28.67
N PHE C 554 127.79 46.91 -29.32
CA PHE C 554 129.00 46.41 -28.68
C PHE C 554 130.00 47.56 -28.55
N SER C 555 130.31 47.92 -27.31
CA SER C 555 131.24 49.01 -27.09
C SER C 555 132.62 48.64 -27.65
N PRO C 556 133.33 49.59 -28.28
CA PRO C 556 134.64 49.26 -28.83
C PRO C 556 135.66 48.81 -27.80
N THR C 557 135.57 49.30 -26.57
CA THR C 557 136.57 49.05 -25.55
C THR C 557 136.11 48.05 -24.49
N ILE C 558 135.35 47.04 -24.89
CA ILE C 558 134.91 46.03 -23.93
C ILE C 558 136.07 45.10 -23.59
N LYS C 559 136.33 44.94 -22.30
CA LYS C 559 137.46 44.14 -21.84
C LYS C 559 137.12 42.69 -21.62
N GLY C 560 135.88 42.38 -21.25
CA GLY C 560 135.57 40.99 -20.98
C GLY C 560 134.10 40.69 -21.14
N VAL C 561 133.78 39.40 -21.11
CA VAL C 561 132.41 38.91 -21.22
C VAL C 561 132.22 37.80 -20.21
N LEU C 562 131.10 37.85 -19.48
CA LEU C 562 130.75 36.83 -18.50
C LEU C 562 129.37 36.28 -18.83
N TRP C 563 129.27 34.96 -18.96
CA TRP C 563 128.00 34.32 -19.22
C TRP C 563 127.24 34.09 -17.93
N GLU C 564 125.92 34.10 -18.04
CA GLU C 564 125.06 33.82 -16.89
C GLU C 564 125.22 32.37 -16.46
N ASN C 565 125.31 32.18 -15.14
CA ASN C 565 125.49 30.84 -14.58
C ASN C 565 124.22 30.29 -13.94
N TRP C 566 123.18 31.10 -13.78
CA TRP C 566 121.93 30.59 -13.25
C TRP C 566 121.32 29.61 -14.25
N PRO C 567 120.84 28.45 -13.80
CA PRO C 567 120.50 27.38 -14.74
C PRO C 567 119.36 27.71 -15.70
N MET C 568 118.53 28.73 -15.40
CA MET C 568 117.34 28.99 -16.17
C MET C 568 117.37 30.35 -16.88
N ASP C 569 118.57 30.84 -17.19
CA ASP C 569 118.77 32.09 -17.90
C ASP C 569 119.73 31.89 -19.08
N LYS C 570 119.41 30.89 -19.91
CA LYS C 570 120.35 30.39 -20.91
C LYS C 570 120.91 31.50 -21.79
N GLY C 571 120.04 32.39 -22.30
CA GLY C 571 120.49 33.37 -23.27
C GLY C 571 121.30 34.52 -22.71
N VAL C 572 121.18 34.80 -21.41
CA VAL C 572 121.71 36.02 -20.84
C VAL C 572 123.24 35.97 -20.77
N PHE C 573 123.88 37.11 -21.05
CA PHE C 573 125.29 37.27 -20.77
C PHE C 573 125.57 38.77 -20.66
N ILE C 574 126.78 39.11 -20.20
CA ILE C 574 127.16 40.50 -20.00
C ILE C 574 128.52 40.74 -20.62
N ALA C 575 128.73 41.96 -21.07
CA ALA C 575 130.02 42.43 -21.56
C ALA C 575 130.43 43.64 -20.72
N TYR C 576 131.58 43.54 -20.06
CA TYR C 576 132.04 44.59 -19.16
C TYR C 576 133.31 45.24 -19.68
N ASP C 577 133.38 46.55 -19.45
CA ASP C 577 134.60 47.33 -19.61
C ASP C 577 134.87 48.07 -18.31
N ASP C 578 135.81 49.02 -18.31
CA ASP C 578 136.18 49.68 -17.08
C ASP C 578 135.13 50.66 -16.58
N ASP C 579 134.06 50.92 -17.35
CA ASP C 579 133.05 51.88 -16.96
C ASP C 579 131.70 51.24 -16.67
N LYS C 580 131.15 50.49 -17.62
CA LYS C 580 129.82 49.91 -17.48
C LYS C 580 129.86 48.41 -17.68
N VAL C 581 128.73 47.77 -17.35
CA VAL C 581 128.48 46.37 -17.62
C VAL C 581 127.19 46.30 -18.43
N TYR C 582 127.28 45.86 -19.68
CA TYR C 582 126.13 45.80 -20.56
C TYR C 582 125.55 44.40 -20.50
N THR C 583 124.25 44.31 -20.26
CA THR C 583 123.55 43.04 -20.17
C THR C 583 122.85 42.81 -21.51
N TYR C 584 123.30 41.77 -22.23
CA TYR C 584 122.73 41.31 -23.48
C TYR C 584 122.03 39.99 -23.28
N VAL C 585 121.11 39.67 -24.19
CA VAL C 585 120.38 38.41 -24.18
C VAL C 585 120.35 37.86 -25.60
N PHE C 586 120.65 36.58 -25.75
CA PHE C 586 120.62 35.91 -27.04
C PHE C 586 119.30 35.16 -27.16
N HIS C 587 118.47 35.59 -28.12
CA HIS C 587 117.16 34.99 -28.33
C HIS C 587 117.31 33.88 -29.36
N LYS C 588 117.63 32.68 -28.88
CA LYS C 588 117.88 31.57 -29.79
C LYS C 588 116.65 31.23 -30.63
N ASP C 589 115.48 31.20 -29.99
CA ASP C 589 114.23 30.81 -30.66
C ASP C 589 113.24 31.96 -30.52
N THR C 590 112.99 32.65 -31.63
CA THR C 590 111.96 33.67 -31.70
C THR C 590 111.21 33.54 -33.01
N ILE C 591 110.13 34.32 -33.14
CA ILE C 591 109.39 34.33 -34.39
C ILE C 591 110.19 34.99 -35.50
N GLN C 592 110.94 36.05 -35.17
CA GLN C 592 111.72 36.79 -36.15
C GLN C 592 113.15 36.30 -36.25
N GLY C 593 113.40 35.04 -35.95
CA GLY C 593 114.73 34.48 -36.06
C GLY C 593 115.60 34.80 -34.87
N ALA C 594 116.72 34.08 -34.77
CA ALA C 594 117.65 34.28 -33.68
C ALA C 594 118.34 35.64 -33.80
N LYS C 595 118.61 36.25 -32.65
CA LYS C 595 119.27 37.54 -32.61
C LYS C 595 119.74 37.81 -31.19
N VAL C 596 120.60 38.81 -31.06
CA VAL C 596 121.08 39.30 -29.77
C VAL C 596 120.43 40.65 -29.51
N ILE C 597 119.92 40.84 -28.30
CA ILE C 597 119.22 42.06 -27.93
C ILE C 597 119.86 42.62 -26.68
N LEU C 598 120.30 43.88 -26.74
CA LEU C 598 120.83 44.53 -25.56
C LEU C 598 119.71 44.77 -24.56
N ALA C 599 119.91 44.33 -23.33
CA ALA C 599 118.88 44.40 -22.31
C ALA C 599 119.08 45.58 -21.36
N GLY C 600 120.31 45.94 -21.04
CA GLY C 600 120.49 47.09 -20.17
C GLY C 600 121.96 47.37 -19.92
N SER C 601 122.20 48.32 -19.02
CA SER C 601 123.55 48.68 -18.63
C SER C 601 123.56 49.03 -17.15
N THR C 602 124.71 48.78 -16.52
CA THR C 602 124.87 48.99 -15.08
C THR C 602 126.25 49.57 -14.82
N LYS C 603 126.32 50.76 -14.23
CA LYS C 603 127.61 51.33 -13.90
C LYS C 603 128.23 50.58 -12.73
N VAL C 604 129.56 50.43 -12.78
CA VAL C 604 130.30 49.69 -11.76
C VAL C 604 131.40 50.58 -11.20
N PRO C 605 131.80 50.39 -9.94
CA PRO C 605 132.79 51.30 -9.34
C PRO C 605 134.18 51.14 -9.92
N PHE C 606 135.14 51.89 -9.38
CA PHE C 606 136.51 51.86 -9.88
C PHE C 606 137.18 50.52 -9.58
N ALA C 607 137.91 50.02 -10.57
CA ALA C 607 138.75 48.83 -10.41
C ALA C 607 137.97 47.65 -9.85
N HIS C 608 136.92 47.26 -10.57
CA HIS C 608 136.07 46.13 -10.19
C HIS C 608 135.97 45.22 -11.41
N LYS C 609 136.91 44.29 -11.53
CA LYS C 609 136.89 43.32 -12.61
C LYS C 609 135.96 42.18 -12.24
N PRO C 610 134.83 42.01 -12.92
CA PRO C 610 133.88 40.97 -12.54
C PRO C 610 134.48 39.58 -12.72
N LEU C 611 134.17 38.70 -11.77
CA LEU C 611 134.60 37.30 -11.81
C LEU C 611 133.44 36.38 -12.17
N LEU C 612 132.34 36.47 -11.43
CA LEU C 612 131.25 35.52 -11.54
C LEU C 612 129.93 36.26 -11.73
N LEU C 613 129.01 35.62 -12.45
CA LEU C 613 127.66 36.13 -12.62
C LEU C 613 126.68 35.02 -12.28
N TYR C 614 125.89 35.21 -11.23
CA TYR C 614 124.94 34.19 -10.78
C TYR C 614 123.60 34.85 -10.47
N ASN C 615 122.58 34.52 -11.25
CA ASN C 615 121.20 34.95 -10.99
C ASN C 615 121.11 36.47 -10.87
N GLY C 616 121.91 37.17 -11.67
CA GLY C 616 121.89 38.61 -11.68
C GLY C 616 122.76 39.28 -10.64
N GLU C 617 123.50 38.53 -9.86
CA GLU C 617 124.45 39.08 -8.91
C GLU C 617 125.86 38.87 -9.44
N LEU C 618 126.67 39.93 -9.43
CA LEU C 618 128.00 39.91 -10.01
C LEU C 618 129.02 39.90 -8.87
N THR C 619 129.77 38.82 -8.77
CA THR C 619 130.92 38.74 -7.88
C THR C 619 132.10 39.32 -8.64
N CYS C 620 132.46 40.55 -8.30
CA CYS C 620 133.51 41.29 -8.98
C CYS C 620 134.69 41.48 -8.05
N GLN C 621 135.90 41.39 -8.61
CA GLN C 621 137.11 41.45 -7.82
C GLN C 621 137.57 42.90 -7.68
N THR C 622 137.87 43.30 -6.44
CA THR C 622 138.37 44.63 -6.17
C THR C 622 139.90 44.63 -6.22
N GLN C 623 140.51 45.73 -5.82
CA GLN C 623 141.97 45.85 -5.81
C GLN C 623 142.60 45.42 -4.50
N SER C 624 141.80 45.10 -3.49
CA SER C 624 142.32 44.62 -2.21
C SER C 624 142.36 43.10 -2.14
N GLY C 625 142.10 42.41 -3.24
CA GLY C 625 142.00 40.97 -3.22
C GLY C 625 140.73 40.45 -2.59
N LYS C 626 139.75 41.31 -2.36
CA LYS C 626 138.47 40.93 -1.78
C LYS C 626 137.39 41.06 -2.84
N VAL C 627 136.54 40.03 -2.93
CA VAL C 627 135.43 40.08 -3.88
C VAL C 627 134.29 40.90 -3.30
N ASN C 628 133.45 41.42 -4.19
CA ASN C 628 132.30 42.23 -3.82
C ASN C 628 131.13 41.81 -4.67
N ASN C 629 129.92 42.09 -4.20
CA ASN C 629 128.71 41.74 -4.89
C ASN C 629 128.02 43.00 -5.41
N ILE C 630 127.72 43.01 -6.70
CA ILE C 630 127.03 44.12 -7.36
C ILE C 630 125.76 43.58 -7.98
N TYR C 631 124.65 44.27 -7.74
CA TYR C 631 123.37 43.86 -8.29
C TYR C 631 123.12 44.59 -9.61
N LEU C 632 122.89 43.82 -10.67
CA LEU C 632 122.70 44.41 -11.98
C LEU C 632 121.40 45.20 -12.03
N SER C 633 121.42 46.32 -12.76
CA SER C 633 120.21 47.12 -12.93
C SER C 633 119.12 46.33 -13.63
N THR C 634 119.49 45.55 -14.65
CA THR C 634 118.51 44.73 -15.35
C THR C 634 117.92 43.67 -14.42
N HIS C 635 118.77 43.04 -13.61
CA HIS C 635 118.32 42.03 -12.65
C HIS C 635 118.09 42.60 -11.27
N GLY C 636 117.66 43.86 -11.18
CA GLY C 636 117.41 44.49 -9.90
C GLY C 636 116.12 44.10 -9.22
N PHE C 637 115.36 43.16 -9.79
CA PHE C 637 114.11 42.71 -9.21
C PHE C 637 114.28 41.65 -8.13
N LEU C 638 115.52 41.24 -7.84
CA LEU C 638 115.74 40.24 -6.79
C LEU C 638 115.36 40.76 -5.41
N SER C 639 115.20 42.06 -5.25
CA SER C 639 114.75 42.64 -3.99
C SER C 639 113.26 42.34 -3.79
N ASN C 640 112.73 42.86 -2.68
CA ASN C 640 111.32 42.66 -2.37
C ASN C 640 110.43 43.32 -3.42
N LEU C 641 109.29 42.69 -3.69
CA LEU C 641 108.36 43.16 -4.71
C LEU C 641 107.05 43.68 -4.14
N LYS C 642 106.79 43.48 -2.84
CA LYS C 642 105.53 43.94 -2.26
C LYS C 642 105.53 45.45 -2.07
N ASP C 643 106.66 46.02 -1.64
CA ASP C 643 106.77 47.44 -1.39
C ASP C 643 106.86 48.27 -2.67
N THR C 644 107.05 47.62 -3.82
CA THR C 644 107.27 48.31 -5.08
C THR C 644 105.95 48.67 -5.74
N GLY C 645 105.79 49.94 -6.10
CA GLY C 645 104.59 50.42 -6.73
C GLY C 645 104.49 49.97 -8.18
N PRO C 646 103.28 50.06 -8.75
CA PRO C 646 103.10 49.60 -10.14
C PRO C 646 103.91 50.42 -11.14
N ASP C 647 104.06 51.72 -10.92
CA ASP C 647 104.89 52.54 -11.79
C ASP C 647 106.33 52.11 -11.76
N GLU C 648 106.75 51.42 -10.70
CA GLU C 648 108.09 50.85 -10.64
C GLU C 648 108.13 49.42 -11.16
N LEU C 649 107.01 48.69 -11.05
CA LEU C 649 106.96 47.32 -11.53
C LEU C 649 106.94 47.27 -13.06
N ARG C 650 106.27 48.23 -13.70
CA ARG C 650 106.16 48.19 -15.16
C ARG C 650 107.51 48.15 -15.86
N PRO C 651 108.47 49.04 -15.55
CA PRO C 651 109.82 48.85 -16.14
C PRO C 651 110.46 47.55 -15.71
N MET C 652 110.19 47.12 -14.47
CA MET C 652 110.69 45.84 -14.00
C MET C 652 110.09 44.70 -14.83
N LEU C 653 108.80 44.79 -15.15
CA LEU C 653 108.17 43.78 -15.99
C LEU C 653 108.76 43.77 -17.39
N ALA C 654 109.03 44.96 -17.94
CA ALA C 654 109.67 45.00 -19.26
C ALA C 654 111.04 44.34 -19.22
N GLN C 655 111.81 44.61 -18.16
CA GLN C 655 113.12 43.98 -18.02
C GLN C 655 112.99 42.47 -17.94
N ASN C 656 112.05 41.98 -17.13
CA ASN C 656 111.90 40.54 -16.99
C ASN C 656 111.46 39.90 -18.29
N LEU C 657 110.60 40.57 -19.05
CA LEU C 657 110.19 40.05 -20.35
C LEU C 657 111.37 40.01 -21.32
N MET C 658 112.23 41.01 -21.27
CA MET C 658 113.36 41.06 -22.20
C MET C 658 114.35 39.93 -21.93
N LEU C 659 114.55 39.59 -20.66
CA LEU C 659 115.48 38.55 -20.25
C LEU C 659 114.91 37.14 -20.40
N LYS C 660 113.74 36.99 -21.01
CA LYS C 660 113.04 35.71 -21.15
C LYS C 660 112.74 35.06 -19.81
N ARG C 661 112.69 35.86 -18.74
CA ARG C 661 112.37 35.35 -17.40
C ARG C 661 110.85 35.33 -17.27
N PHE C 662 110.25 34.28 -17.84
CA PHE C 662 108.79 34.25 -17.94
C PHE C 662 108.13 33.95 -16.60
N SER C 663 108.77 33.12 -15.76
CA SER C 663 108.19 32.81 -14.46
C SER C 663 108.13 34.06 -13.57
N ASP C 664 109.23 34.80 -13.51
CA ASP C 664 109.23 36.04 -12.73
C ASP C 664 108.29 37.07 -13.33
N ALA C 665 108.20 37.10 -14.67
CA ALA C 665 107.23 37.99 -15.31
C ALA C 665 105.81 37.63 -14.91
N TRP C 666 105.51 36.33 -14.84
CA TRP C 666 104.19 35.90 -14.39
C TRP C 666 103.94 36.33 -12.95
N GLU C 667 104.93 36.16 -12.08
CA GLU C 667 104.77 36.55 -10.68
C GLU C 667 104.49 38.04 -10.57
N MET C 668 105.24 38.85 -11.32
CA MET C 668 105.06 40.30 -11.20
C MET C 668 103.78 40.77 -11.88
N CYS C 669 103.33 40.06 -12.92
CA CYS C 669 102.02 40.33 -13.49
C CYS C 669 100.92 40.04 -12.49
N ARG C 670 101.02 38.91 -11.79
CA ARG C 670 100.06 38.59 -10.74
C ARG C 670 100.06 39.66 -9.66
N ILE C 671 101.23 40.21 -9.35
CA ILE C 671 101.29 41.31 -8.40
C ILE C 671 100.58 42.54 -8.95
N LEU C 672 100.79 42.85 -10.24
CA LEU C 672 100.14 44.01 -10.85
C LEU C 672 98.64 43.81 -10.96
N ASN C 673 98.20 42.64 -11.43
CA ASN C 673 96.79 42.39 -11.73
C ASN C 673 96.25 43.41 -12.73
N ASP C 674 97.04 43.66 -13.77
CA ASP C 674 96.66 44.57 -14.86
C ASP C 674 96.60 43.76 -16.15
N GLU C 675 95.46 43.79 -16.82
CA GLU C 675 95.27 42.97 -18.01
C GLU C 675 96.24 43.36 -19.13
N ALA C 676 96.59 44.65 -19.21
CA ALA C 676 97.58 45.07 -20.19
C ALA C 676 98.93 44.39 -19.95
N ALA C 677 99.33 44.29 -18.69
CA ALA C 677 100.58 43.60 -18.36
C ALA C 677 100.51 42.12 -18.74
N TRP C 678 99.36 41.48 -18.48
CA TRP C 678 99.21 40.08 -18.85
C TRP C 678 99.31 39.90 -20.36
N ASN C 679 98.68 40.81 -21.12
CA ASN C 679 98.78 40.73 -22.58
C ASN C 679 100.21 40.96 -23.05
N GLU C 680 100.93 41.88 -22.40
CA GLU C 680 102.33 42.10 -22.74
C GLU C 680 103.14 40.83 -22.53
N LEU C 681 102.96 40.20 -21.36
CA LEU C 681 103.66 38.96 -21.07
C LEU C 681 103.32 37.87 -22.08
N ALA C 682 102.04 37.78 -22.44
CA ALA C 682 101.62 36.72 -23.36
C ALA C 682 102.16 36.95 -24.77
N ARG C 683 102.18 38.21 -25.22
CA ARG C 683 102.77 38.51 -26.51
C ARG C 683 104.26 38.20 -26.52
N ALA C 684 104.95 38.50 -25.42
CA ALA C 684 106.35 38.12 -25.30
C ALA C 684 106.51 36.61 -25.38
N CYS C 685 105.61 35.87 -24.72
CA CYS C 685 105.71 34.41 -24.73
C CYS C 685 105.48 33.85 -26.13
N LEU C 686 104.50 34.40 -26.86
CA LEU C 686 104.28 33.96 -28.23
C LEU C 686 105.46 34.28 -29.11
N HIS C 687 106.06 35.47 -28.93
CA HIS C 687 107.19 35.87 -29.76
C HIS C 687 108.37 34.92 -29.57
N HIS C 688 108.54 34.38 -28.36
CA HIS C 688 109.66 33.50 -28.05
C HIS C 688 109.32 32.02 -28.21
N MET C 689 108.31 31.69 -29.00
CA MET C 689 107.99 30.31 -29.34
C MET C 689 107.66 29.46 -28.11
N GLU C 690 107.09 30.08 -27.08
CA GLU C 690 106.74 29.37 -25.86
C GLU C 690 105.23 29.14 -25.89
N VAL C 691 104.82 28.03 -26.49
CA VAL C 691 103.39 27.77 -26.68
C VAL C 691 102.70 27.46 -25.36
N GLU C 692 103.34 26.63 -24.52
CA GLU C 692 102.69 26.20 -23.28
C GLU C 692 102.45 27.38 -22.34
N PHE C 693 103.46 28.23 -22.18
CA PHE C 693 103.31 29.35 -21.25
C PHE C 693 102.33 30.38 -21.79
N ALA C 694 102.32 30.59 -23.10
CA ALA C 694 101.32 31.48 -23.69
C ALA C 694 99.91 30.93 -23.49
N ILE C 695 99.76 29.60 -23.63
CA ILE C 695 98.47 28.98 -23.32
C ILE C 695 98.08 29.25 -21.88
N ARG C 696 99.04 29.13 -20.96
CA ARG C 696 98.77 29.42 -19.56
C ARG C 696 98.29 30.85 -19.36
N VAL C 697 98.98 31.80 -19.98
CA VAL C 697 98.67 33.22 -19.74
C VAL C 697 97.31 33.57 -20.33
N TYR C 698 97.05 33.16 -21.57
CA TYR C 698 95.72 33.35 -22.15
C TYR C 698 94.62 32.63 -21.38
N ARG C 699 94.88 31.43 -20.86
CA ARG C 699 93.85 30.76 -20.09
C ARG C 699 93.54 31.53 -18.81
N ARG C 700 94.57 32.09 -18.17
CA ARG C 700 94.31 32.91 -16.98
C ARG C 700 93.56 34.19 -17.35
N ILE C 701 93.93 34.83 -18.45
CA ILE C 701 93.26 36.05 -18.87
C ILE C 701 91.79 35.77 -19.17
N GLY C 702 91.51 34.67 -19.86
CA GLY C 702 90.16 34.32 -20.25
C GLY C 702 89.91 34.30 -21.73
N ASN C 703 90.93 34.54 -22.56
CA ASN C 703 90.76 34.58 -24.01
C ASN C 703 90.59 33.16 -24.54
N VAL C 704 89.34 32.72 -24.70
CA VAL C 704 89.07 31.31 -25.01
C VAL C 704 89.53 30.96 -26.42
N GLY C 705 89.16 31.80 -27.40
CA GLY C 705 89.39 31.43 -28.78
C GLY C 705 90.86 31.21 -29.10
N ILE C 706 91.71 32.12 -28.61
CA ILE C 706 93.14 31.99 -28.87
C ILE C 706 93.74 30.83 -28.08
N VAL C 707 93.19 30.51 -26.90
CA VAL C 707 93.65 29.32 -26.18
C VAL C 707 93.38 28.07 -27.00
N MET C 708 92.17 27.95 -27.54
CA MET C 708 91.83 26.80 -28.36
C MET C 708 92.69 26.77 -29.62
N SER C 709 92.92 27.92 -30.24
CA SER C 709 93.76 27.97 -31.44
C SER C 709 95.18 27.51 -31.13
N LEU C 710 95.73 27.93 -30.00
CA LEU C 710 97.06 27.48 -29.60
C LEU C 710 97.08 25.98 -29.36
N GLU C 711 96.08 25.47 -28.64
CA GLU C 711 96.04 24.04 -28.37
C GLU C 711 95.85 23.23 -29.64
N GLN C 712 95.30 23.84 -30.69
CA GLN C 712 95.27 23.16 -31.99
C GLN C 712 96.67 22.92 -32.52
N ILE C 713 97.56 23.90 -32.40
CA ILE C 713 98.93 23.80 -32.87
C ILE C 713 99.89 23.36 -31.76
N LYS C 714 99.35 22.86 -30.65
CA LYS C 714 100.19 22.52 -29.51
C LYS C 714 101.23 21.47 -29.85
N GLY C 715 100.88 20.54 -30.74
CA GLY C 715 101.77 19.44 -31.07
C GLY C 715 102.55 19.62 -32.35
N ILE C 716 102.65 20.86 -32.83
CA ILE C 716 103.41 21.14 -34.04
C ILE C 716 104.90 21.08 -33.74
N GLU C 717 105.65 20.40 -34.61
CA GLU C 717 107.09 20.24 -34.42
C GLU C 717 107.94 21.01 -35.42
N ASP C 718 107.45 21.21 -36.65
CA ASP C 718 108.22 21.95 -37.64
C ASP C 718 108.49 23.35 -37.14
N TYR C 719 109.77 23.75 -37.17
CA TYR C 719 110.17 25.04 -36.62
C TYR C 719 109.53 26.19 -37.40
N ASN C 720 109.60 26.14 -38.72
CA ASN C 720 109.05 27.22 -39.53
C ASN C 720 107.53 27.23 -39.49
N LEU C 721 106.89 26.06 -39.50
CA LEU C 721 105.44 26.01 -39.44
C LEU C 721 104.93 26.60 -38.12
N LEU C 722 105.54 26.21 -37.00
CA LEU C 722 105.15 26.77 -35.72
C LEU C 722 105.45 28.26 -35.65
N ALA C 723 106.58 28.68 -36.24
CA ALA C 723 106.88 30.11 -36.29
C ALA C 723 105.80 30.88 -37.03
N GLY C 724 105.36 30.36 -38.17
CA GLY C 724 104.31 31.03 -38.92
C GLY C 724 102.99 31.05 -38.17
N HIS C 725 102.67 29.95 -37.49
CA HIS C 725 101.45 29.92 -36.68
C HIS C 725 101.48 30.99 -35.60
N LEU C 726 102.57 31.05 -34.84
CA LEU C 726 102.65 32.03 -33.76
C LEU C 726 102.82 33.45 -34.27
N ALA C 727 103.30 33.63 -35.50
CA ALA C 727 103.32 34.96 -36.09
C ALA C 727 101.92 35.40 -36.51
N MET C 728 101.14 34.47 -37.05
CA MET C 728 99.76 34.78 -37.41
C MET C 728 98.93 35.07 -36.17
N PHE C 729 99.22 34.37 -35.06
CA PHE C 729 98.48 34.62 -33.82
C PHE C 729 98.74 36.02 -33.29
N THR C 730 99.89 36.60 -33.62
CA THR C 730 100.23 37.96 -33.21
C THR C 730 99.86 39.00 -34.26
N ASN C 731 99.16 38.60 -35.31
CA ASN C 731 98.71 39.51 -36.37
C ASN C 731 99.88 40.14 -37.11
N ASP C 732 100.78 39.29 -37.58
CA ASP C 732 101.87 39.68 -38.49
C ASP C 732 101.81 38.71 -39.66
N TYR C 733 100.96 39.04 -40.64
CA TYR C 733 100.65 38.09 -41.71
C TYR C 733 101.74 38.01 -42.77
N ASN C 734 102.49 39.10 -42.98
CA ASN C 734 103.61 39.03 -43.91
C ASN C 734 104.69 38.08 -43.38
N LEU C 735 105.07 38.25 -42.12
CA LEU C 735 106.04 37.35 -41.51
C LEU C 735 105.50 35.93 -41.42
N ALA C 736 104.21 35.79 -41.12
CA ALA C 736 103.62 34.46 -41.04
C ALA C 736 103.69 33.76 -42.39
N GLN C 737 103.40 34.48 -43.47
CA GLN C 737 103.53 33.89 -44.81
C GLN C 737 104.98 33.55 -45.12
N ASP C 738 105.90 34.45 -44.80
CA ASP C 738 107.31 34.19 -45.09
C ASP C 738 107.80 32.95 -44.36
N LEU C 739 107.30 32.73 -43.15
CA LEU C 739 107.68 31.53 -42.40
C LEU C 739 106.98 30.29 -42.95
N TYR C 740 105.72 30.44 -43.37
CA TYR C 740 104.97 29.30 -43.91
C TYR C 740 105.60 28.76 -45.18
N LEU C 741 106.02 29.65 -46.09
CA LEU C 741 106.64 29.17 -47.33
C LEU C 741 107.91 28.37 -47.05
N ALA C 742 108.66 28.73 -46.01
CA ALA C 742 109.87 27.99 -45.66
C ALA C 742 109.60 26.72 -44.88
N SER C 743 108.35 26.48 -44.48
CA SER C 743 108.01 25.33 -43.66
C SER C 743 107.86 24.08 -44.54
N SER C 744 107.40 22.99 -43.93
CA SER C 744 107.12 21.76 -44.65
C SER C 744 105.66 21.65 -45.07
N CYS C 745 104.85 22.65 -44.76
CA CYS C 745 103.44 22.71 -45.17
C CYS C 745 103.18 24.08 -45.78
N PRO C 746 103.74 24.36 -46.96
CA PRO C 746 103.61 25.70 -47.54
C PRO C 746 102.17 26.11 -47.81
N ILE C 747 101.30 25.17 -48.19
CA ILE C 747 99.94 25.52 -48.57
C ILE C 747 99.21 26.20 -47.43
N ALA C 748 99.67 26.01 -46.20
CA ALA C 748 99.06 26.69 -45.06
C ALA C 748 99.01 28.19 -45.28
N ALA C 749 100.08 28.77 -45.83
CA ALA C 749 100.08 30.18 -46.17
C ALA C 749 98.88 30.53 -47.04
N LEU C 750 98.70 29.78 -48.13
CA LEU C 750 97.55 30.00 -48.99
C LEU C 750 96.28 30.00 -48.17
N GLU C 751 96.14 29.02 -47.27
CA GLU C 751 94.94 28.92 -46.44
C GLU C 751 94.69 30.22 -45.70
N MET C 752 95.71 30.74 -45.00
CA MET C 752 95.49 31.96 -44.25
C MET C 752 95.21 33.12 -45.20
N ARG C 753 95.90 33.17 -46.35
CA ARG C 753 95.58 34.18 -47.34
C ARG C 753 94.16 34.00 -47.86
N ARG C 754 93.72 32.74 -47.99
CA ARG C 754 92.33 32.50 -48.32
C ARG C 754 91.42 32.85 -47.15
N ASP C 755 91.88 32.62 -45.92
CA ASP C 755 91.07 32.95 -44.75
C ASP C 755 91.05 34.44 -44.46
N LEU C 756 92.02 35.19 -44.98
CA LEU C 756 92.07 36.63 -44.80
C LEU C 756 91.44 37.39 -45.96
N GLN C 757 90.76 36.69 -46.86
CA GLN C 757 90.12 37.31 -48.02
C GLN C 757 91.12 38.17 -48.80
N HIS C 758 92.32 37.64 -48.97
CA HIS C 758 93.40 38.32 -49.68
C HIS C 758 93.56 37.76 -51.09
N TRP C 759 92.43 37.53 -51.76
CA TRP C 759 92.33 36.74 -52.98
C TRP C 759 93.44 37.00 -54.00
N ASP C 760 93.92 38.24 -54.10
CA ASP C 760 95.05 38.51 -54.98
C ASP C 760 96.29 37.75 -54.55
N SER C 761 96.63 37.84 -53.25
CA SER C 761 97.77 37.09 -52.73
C SER C 761 97.52 35.59 -52.82
N ALA C 762 96.27 35.17 -52.58
CA ALA C 762 95.94 33.75 -52.69
C ALA C 762 96.17 33.25 -54.11
N LEU C 763 95.79 34.04 -55.11
CA LEU C 763 96.04 33.68 -56.50
C LEU C 763 97.53 33.65 -56.79
N GLN C 764 98.29 34.60 -56.23
CA GLN C 764 99.73 34.61 -56.43
C GLN C 764 100.36 33.34 -55.87
N LEU C 765 99.92 32.91 -54.69
CA LEU C 765 100.50 31.70 -54.09
C LEU C 765 100.04 30.44 -54.79
N ALA C 766 98.77 30.38 -55.17
CA ALA C 766 98.19 29.15 -55.71
C ALA C 766 98.80 28.73 -57.04
N LYS C 767 99.49 29.63 -57.72
CA LYS C 767 100.17 29.24 -58.95
C LYS C 767 101.29 28.24 -58.67
N HIS C 768 101.82 28.24 -57.45
CA HIS C 768 102.88 27.32 -57.06
C HIS C 768 102.35 26.15 -56.25
N LEU C 769 101.64 26.44 -55.15
CA LEU C 769 101.28 25.41 -54.19
C LEU C 769 100.11 24.56 -54.67
N ALA C 770 98.94 25.17 -54.86
CA ALA C 770 97.73 24.45 -55.24
C ALA C 770 97.13 25.09 -56.48
N PRO C 771 97.49 24.60 -57.68
CA PRO C 771 96.89 25.16 -58.89
C PRO C 771 95.45 24.75 -59.12
N ASP C 772 95.01 23.63 -58.54
CA ASP C 772 93.63 23.21 -58.69
C ASP C 772 92.66 24.21 -58.06
N GLN C 773 93.13 24.94 -57.04
CA GLN C 773 92.33 26.00 -56.43
C GLN C 773 92.42 27.31 -57.20
N ILE C 774 93.20 27.36 -58.28
CA ILE C 774 93.29 28.58 -59.07
C ILE C 774 91.93 29.07 -59.56
N PRO C 775 91.05 28.23 -60.12
CA PRO C 775 89.74 28.75 -60.56
C PRO C 775 88.90 29.27 -59.41
N PHE C 776 88.63 28.43 -58.40
CA PHE C 776 87.69 28.80 -57.35
C PHE C 776 88.08 30.13 -56.71
N ILE C 777 89.33 30.22 -56.25
CA ILE C 777 89.81 31.46 -55.64
C ILE C 777 89.60 32.63 -56.59
N SER C 778 89.98 32.45 -57.86
CA SER C 778 89.80 33.52 -58.83
C SER C 778 88.35 33.98 -58.86
N LYS C 779 87.41 33.02 -58.93
CA LYS C 779 86.00 33.41 -58.92
C LYS C 779 85.67 34.24 -57.69
N GLU C 780 86.12 33.77 -56.52
CA GLU C 780 85.87 34.53 -55.30
C GLU C 780 86.44 35.94 -55.42
N TYR C 781 87.65 36.05 -55.97
CA TYR C 781 88.24 37.37 -56.19
C TYR C 781 87.27 38.23 -56.99
N ALA C 782 86.79 37.72 -58.11
CA ALA C 782 85.86 38.48 -58.94
C ALA C 782 84.63 38.87 -58.14
N ILE C 783 84.13 37.94 -57.31
CA ILE C 783 82.97 38.25 -56.49
C ILE C 783 83.23 39.48 -55.65
N GLN C 784 84.39 39.53 -54.99
CA GLN C 784 84.75 40.73 -54.25
C GLN C 784 84.84 41.93 -55.17
N LEU C 785 85.48 41.75 -56.33
CA LEU C 785 85.52 42.82 -57.31
C LEU C 785 84.12 43.23 -57.75
N GLU C 786 83.21 42.26 -57.83
CA GLU C 786 81.82 42.59 -58.13
C GLU C 786 81.21 43.41 -57.00
N PHE C 787 81.49 43.03 -55.75
CA PHE C 787 80.91 43.73 -54.62
C PHE C 787 81.59 45.06 -54.35
N ALA C 788 82.80 45.26 -54.85
CA ALA C 788 83.48 46.54 -54.77
C ALA C 788 83.17 47.45 -55.96
N GLY C 789 82.39 46.97 -56.92
CA GLY C 789 82.04 47.76 -58.09
C GLY C 789 83.07 47.75 -59.19
N ASP C 790 84.19 47.02 -59.03
CA ASP C 790 85.22 46.95 -60.06
C ASP C 790 84.87 45.80 -60.99
N TYR C 791 83.91 46.06 -61.89
CA TYR C 791 83.37 45.02 -62.75
C TYR C 791 84.37 44.57 -63.81
N VAL C 792 85.30 45.44 -64.22
CA VAL C 792 86.20 45.10 -65.32
C VAL C 792 87.06 43.89 -64.97
N ASN C 793 87.64 43.89 -63.77
CA ASN C 793 88.43 42.75 -63.32
C ASN C 793 87.54 41.60 -62.90
N ALA C 794 86.32 41.89 -62.46
CA ALA C 794 85.38 40.82 -62.12
C ALA C 794 85.07 39.95 -63.33
N LEU C 795 84.87 40.57 -64.50
CA LEU C 795 84.64 39.80 -65.71
C LEU C 795 85.84 38.92 -66.03
N ALA C 796 87.05 39.47 -65.92
CA ALA C 796 88.25 38.72 -66.26
C ALA C 796 88.43 37.52 -65.34
N HIS C 797 88.17 37.70 -64.04
CA HIS C 797 88.37 36.59 -63.12
C HIS C 797 87.24 35.57 -63.20
N TYR C 798 86.01 36.02 -63.47
CA TYR C 798 84.92 35.09 -63.76
C TYR C 798 85.25 34.21 -64.95
N GLU C 799 85.67 34.81 -66.07
CA GLU C 799 86.04 33.99 -67.21
C GLU C 799 87.33 33.22 -66.98
N LYS C 800 88.14 33.63 -65.99
CA LYS C 800 89.34 32.89 -65.61
C LYS C 800 89.06 31.84 -64.54
N GLY C 801 87.87 31.84 -63.96
CA GLY C 801 87.48 30.87 -62.95
C GLY C 801 86.71 29.68 -63.47
N ILE C 802 86.71 29.45 -64.77
CA ILE C 802 85.93 28.38 -65.39
C ILE C 802 86.69 27.07 -65.30
N THR C 803 85.97 25.99 -65.00
CA THR C 803 86.54 24.65 -64.89
C THR C 803 85.90 23.76 -65.97
N GLY C 804 86.21 22.47 -65.90
CA GLY C 804 85.65 21.52 -66.83
C GLY C 804 84.95 20.36 -66.14
N ASP C 805 84.96 20.37 -64.80
CA ASP C 805 84.37 19.30 -64.02
C ASP C 805 83.18 19.76 -63.18
N ASN C 806 83.36 20.81 -62.38
CA ASN C 806 82.30 21.29 -61.51
C ASN C 806 81.26 22.05 -62.33
N LYS C 807 80.15 21.39 -62.65
CA LYS C 807 79.12 22.01 -63.47
C LYS C 807 78.52 23.23 -62.79
N GLU C 808 78.24 23.13 -61.48
CA GLU C 808 77.65 24.24 -60.76
C GLU C 808 78.59 25.45 -60.72
N HIS C 809 79.88 25.20 -60.47
CA HIS C 809 80.85 26.29 -60.46
C HIS C 809 80.96 26.93 -61.84
N ASP C 810 80.98 26.11 -62.90
CA ASP C 810 81.03 26.65 -64.25
C ASP C 810 79.80 27.48 -64.57
N GLU C 811 78.62 27.02 -64.15
CA GLU C 811 77.39 27.77 -64.38
C GLU C 811 77.40 29.10 -63.62
N ALA C 812 77.88 29.09 -62.38
CA ALA C 812 77.97 30.33 -61.62
C ALA C 812 78.94 31.30 -62.28
N CYS C 813 80.08 30.80 -62.75
CA CYS C 813 81.04 31.66 -63.43
C CYS C 813 80.47 32.20 -64.73
N LEU C 814 79.72 31.38 -65.46
CA LEU C 814 79.10 31.85 -66.70
C LEU C 814 78.06 32.92 -66.42
N ALA C 815 77.27 32.75 -65.35
CA ALA C 815 76.30 33.77 -64.97
C ALA C 815 77.02 35.07 -64.61
N GLY C 816 78.13 34.98 -63.90
CA GLY C 816 78.90 36.16 -63.59
C GLY C 816 79.44 36.85 -64.82
N VAL C 817 79.96 36.06 -65.77
CA VAL C 817 80.44 36.62 -67.03
C VAL C 817 79.31 37.31 -67.78
N ALA C 818 78.14 36.70 -67.79
CA ALA C 818 76.99 37.31 -68.45
C ALA C 818 76.64 38.65 -67.81
N GLN C 819 76.57 38.68 -66.48
CA GLN C 819 76.23 39.93 -65.81
C GLN C 819 77.27 41.00 -66.07
N MET C 820 78.55 40.64 -66.02
CA MET C 820 79.60 41.62 -66.27
C MET C 820 79.54 42.14 -67.70
N SER C 821 79.45 41.23 -68.67
CA SER C 821 79.39 41.65 -70.07
C SER C 821 78.19 42.55 -70.32
N ILE C 822 77.07 42.26 -69.66
CA ILE C 822 75.92 43.16 -69.74
C ILE C 822 76.26 44.52 -69.17
N ARG C 823 76.97 44.55 -68.04
CA ARG C 823 77.36 45.82 -67.45
C ARG C 823 78.58 46.44 -68.12
N MET C 824 79.23 45.73 -69.04
CA MET C 824 80.29 46.32 -69.86
C MET C 824 79.76 47.09 -71.06
N GLY C 825 78.45 47.06 -71.29
CA GLY C 825 77.89 47.55 -72.54
C GLY C 825 77.97 46.57 -73.68
N ASP C 826 78.65 45.44 -73.50
CA ASP C 826 78.65 44.35 -74.46
C ASP C 826 77.34 43.56 -74.33
N ILE C 827 76.24 44.27 -74.61
CA ILE C 827 74.92 43.75 -74.32
C ILE C 827 74.61 42.51 -75.16
N ARG C 828 75.09 42.48 -76.40
CA ARG C 828 74.82 41.32 -77.26
C ARG C 828 75.43 40.05 -76.66
N ARG C 829 76.72 40.09 -76.33
CA ARG C 829 77.36 38.91 -75.73
C ARG C 829 76.75 38.59 -74.37
N GLY C 830 76.47 39.61 -73.57
CA GLY C 830 75.92 39.37 -72.24
C GLY C 830 74.58 38.66 -72.30
N VAL C 831 73.67 39.15 -73.14
CA VAL C 831 72.39 38.46 -73.29
C VAL C 831 72.60 37.11 -73.95
N ASN C 832 73.65 36.95 -74.76
CA ASN C 832 73.94 35.64 -75.36
C ASN C 832 74.25 34.61 -74.28
N GLN C 833 75.13 34.94 -73.34
CA GLN C 833 75.35 34.00 -72.24
C GLN C 833 74.13 33.91 -71.33
N ALA C 834 73.32 34.96 -71.27
CA ALA C 834 72.08 34.90 -70.48
C ALA C 834 71.14 33.84 -71.04
N LEU C 835 71.02 33.76 -72.36
CA LEU C 835 70.13 32.78 -72.99
C LEU C 835 70.59 31.35 -72.70
N LYS C 836 71.90 31.11 -72.71
CA LYS C 836 72.45 29.77 -72.63
C LYS C 836 72.84 29.37 -71.21
N HIS C 837 72.11 29.85 -70.21
CA HIS C 837 72.33 29.43 -68.83
C HIS C 837 71.03 28.88 -68.26
N PRO C 838 70.98 27.62 -67.86
CA PRO C 838 69.74 27.03 -67.30
C PRO C 838 69.49 27.40 -65.84
N SER C 839 69.08 28.64 -65.63
CA SER C 839 68.76 29.12 -64.28
C SER C 839 67.87 30.34 -64.40
N ARG C 840 66.64 30.23 -63.90
CA ARG C 840 65.70 31.36 -63.99
C ARG C 840 66.14 32.54 -63.15
N VAL C 841 66.90 32.28 -62.08
CA VAL C 841 67.34 33.36 -61.20
C VAL C 841 68.27 34.31 -61.95
N LEU C 842 69.10 33.79 -62.85
CA LEU C 842 69.94 34.66 -63.66
C LEU C 842 69.09 35.60 -64.51
N LYS C 843 68.03 35.07 -65.11
CA LYS C 843 67.11 35.94 -65.85
C LYS C 843 66.48 36.98 -64.92
N ARG C 844 66.11 36.56 -63.71
CA ARG C 844 65.48 37.47 -62.76
C ARG C 844 66.38 38.65 -62.44
N ASP C 845 67.66 38.38 -62.12
CA ASP C 845 68.55 39.48 -61.76
C ASP C 845 68.98 40.26 -63.00
N CYS C 846 69.11 39.59 -64.14
CA CYS C 846 69.49 40.26 -65.37
C CYS C 846 68.42 41.23 -65.84
N GLY C 847 67.14 40.91 -65.58
CA GLY C 847 66.09 41.88 -65.87
C GLY C 847 66.27 43.16 -65.10
N ALA C 848 66.61 43.05 -63.81
CA ALA C 848 66.88 44.24 -63.01
C ALA C 848 68.10 44.98 -63.53
N ILE C 849 69.14 44.26 -63.96
CA ILE C 849 70.33 44.91 -64.49
C ILE C 849 69.99 45.70 -65.76
N LEU C 850 69.21 45.08 -66.66
CA LEU C 850 68.79 45.78 -67.87
C LEU C 850 67.90 46.98 -67.54
N GLU C 851 67.05 46.85 -66.53
CA GLU C 851 66.30 48.01 -66.05
C GLU C 851 67.24 49.11 -65.57
N ASN C 852 68.37 48.72 -64.96
CA ASN C 852 69.38 49.71 -64.59
C ASN C 852 69.93 50.41 -65.83
N MET C 853 70.17 49.67 -66.91
CA MET C 853 70.47 50.31 -68.19
C MET C 853 69.23 50.69 -68.98
N LYS C 854 68.04 50.39 -68.46
CA LYS C 854 66.77 50.84 -69.02
C LYS C 854 66.50 50.29 -70.43
N GLN C 855 67.17 49.21 -70.81
CA GLN C 855 66.87 48.56 -72.09
C GLN C 855 65.62 47.71 -71.88
N PHE C 856 64.47 48.30 -72.20
CA PHE C 856 63.19 47.66 -71.87
C PHE C 856 63.00 46.36 -72.62
N SER C 857 63.38 46.30 -73.89
CA SER C 857 63.15 45.10 -74.69
C SER C 857 63.95 43.92 -74.15
N GLU C 858 65.23 44.14 -73.87
CA GLU C 858 66.07 43.06 -73.35
C GLU C 858 65.57 42.57 -72.00
N ALA C 859 65.20 43.50 -71.12
CA ALA C 859 64.65 43.11 -69.83
C ALA C 859 63.37 42.32 -69.99
N ALA C 860 62.52 42.72 -70.94
CA ALA C 860 61.29 42.00 -71.19
C ALA C 860 61.57 40.58 -71.66
N GLN C 861 62.52 40.43 -72.59
CA GLN C 861 62.87 39.09 -73.06
C GLN C 861 63.40 38.24 -71.91
N LEU C 862 64.29 38.81 -71.10
CA LEU C 862 64.88 38.06 -70.00
C LEU C 862 63.82 37.62 -68.99
N TYR C 863 62.91 38.54 -68.64
CA TYR C 863 61.84 38.21 -67.70
C TYR C 863 60.92 37.14 -68.27
N GLU C 864 60.52 37.28 -69.53
CA GLU C 864 59.61 36.31 -70.13
C GLU C 864 60.27 34.96 -70.39
N LYS C 865 61.60 34.91 -70.39
CA LYS C 865 62.28 33.64 -70.63
C LYS C 865 61.95 32.62 -69.54
N GLY C 866 62.38 32.88 -68.31
CA GLY C 866 62.15 31.88 -67.27
C GLY C 866 60.74 31.75 -66.76
N LEU C 867 60.27 32.70 -65.96
CA LEU C 867 58.90 32.63 -65.45
C LEU C 867 58.24 33.99 -65.24
N TYR C 868 58.88 35.11 -65.56
CA TYR C 868 58.47 36.42 -65.06
C TYR C 868 57.68 37.18 -66.13
N TYR C 869 56.38 36.89 -66.19
CA TYR C 869 55.51 37.61 -67.09
C TYR C 869 55.14 38.99 -66.55
N ASP C 870 55.00 39.11 -65.23
CA ASP C 870 54.60 40.38 -64.64
C ASP C 870 55.66 41.46 -64.85
N LYS C 871 56.93 41.12 -64.60
CA LYS C 871 57.99 42.10 -64.81
C LYS C 871 58.16 42.43 -66.28
N ALA C 872 57.97 41.44 -67.16
CA ALA C 872 58.00 41.71 -68.59
C ALA C 872 56.90 42.68 -68.99
N ALA C 873 55.69 42.50 -68.46
CA ALA C 873 54.61 43.44 -68.75
C ALA C 873 54.92 44.82 -68.18
N SER C 874 55.55 44.88 -67.01
CA SER C 874 55.90 46.17 -66.42
C SER C 874 56.88 46.92 -67.31
N VAL C 875 57.94 46.25 -67.76
CA VAL C 875 58.91 46.93 -68.61
C VAL C 875 58.33 47.23 -69.99
N TYR C 876 57.40 46.40 -70.47
CA TYR C 876 56.73 46.72 -71.73
C TYR C 876 55.87 47.96 -71.59
N ILE C 877 55.19 48.12 -70.46
CA ILE C 877 54.44 49.35 -70.19
C ILE C 877 55.38 50.53 -70.12
N ARG C 878 56.54 50.35 -69.47
CA ARG C 878 57.57 51.38 -69.49
C ARG C 878 57.95 51.76 -70.91
N SER C 879 58.06 50.77 -71.79
CA SER C 879 58.30 51.00 -73.20
C SER C 879 57.02 51.24 -74.01
N LYS C 880 55.85 51.13 -73.37
CA LYS C 880 54.56 51.41 -74.01
C LYS C 880 54.34 50.55 -75.24
N ASN C 881 54.77 49.28 -75.18
CA ASN C 881 54.51 48.30 -76.23
C ASN C 881 53.36 47.42 -75.74
N TRP C 882 52.14 47.89 -75.97
CA TRP C 882 50.96 47.27 -75.38
C TRP C 882 50.55 45.97 -76.05
N ALA C 883 51.07 45.67 -77.25
CA ALA C 883 50.78 44.39 -77.88
C ALA C 883 51.31 43.24 -77.03
N LYS C 884 52.60 43.31 -76.66
CA LYS C 884 53.18 42.29 -75.80
C LYS C 884 52.56 42.33 -74.41
N VAL C 885 52.13 43.50 -73.95
CA VAL C 885 51.41 43.57 -72.68
C VAL C 885 50.16 42.71 -72.73
N GLY C 886 49.35 42.90 -73.79
CA GLY C 886 48.17 42.08 -73.95
C GLY C 886 48.47 40.61 -74.12
N ASP C 887 49.59 40.30 -74.79
CA ASP C 887 50.00 38.90 -74.89
C ASP C 887 50.30 38.30 -73.52
N LEU C 888 50.95 39.08 -72.65
CA LEU C 888 51.31 38.59 -71.32
C LEU C 888 50.15 38.60 -70.33
N LEU C 889 49.10 39.40 -70.60
CA LEU C 889 48.01 39.53 -69.65
C LEU C 889 47.39 38.21 -69.20
N PRO C 890 47.16 37.21 -70.06
CA PRO C 890 46.64 35.93 -69.54
C PRO C 890 47.53 35.32 -68.47
N HIS C 891 48.84 35.51 -68.56
CA HIS C 891 49.75 35.02 -67.53
C HIS C 891 50.14 36.09 -66.51
N VAL C 892 49.72 37.34 -66.70
CA VAL C 892 50.07 38.40 -65.77
C VAL C 892 49.29 38.22 -64.48
N SER C 893 49.99 38.19 -63.35
CA SER C 893 49.38 38.08 -62.03
C SER C 893 49.28 39.41 -61.31
N SER C 894 49.67 40.52 -61.94
CA SER C 894 49.68 41.82 -61.30
C SER C 894 48.50 42.64 -61.78
N PRO C 895 47.49 42.89 -60.93
CA PRO C 895 46.36 43.72 -61.36
C PRO C 895 46.73 45.15 -61.68
N LYS C 896 47.84 45.67 -61.14
CA LYS C 896 48.22 47.05 -61.40
C LYS C 896 48.53 47.27 -62.87
N ILE C 897 49.24 46.33 -63.49
CA ILE C 897 49.55 46.44 -64.92
C ILE C 897 48.27 46.32 -65.74
N HIS C 898 47.31 45.49 -65.29
CA HIS C 898 46.00 45.47 -65.94
C HIS C 898 45.35 46.84 -65.87
N LEU C 899 45.43 47.50 -64.72
CA LEU C 899 44.85 48.84 -64.58
C LEU C 899 45.53 49.84 -65.53
N GLN C 900 46.86 49.80 -65.61
CA GLN C 900 47.58 50.70 -66.49
C GLN C 900 47.21 50.47 -67.95
N TYR C 901 47.15 49.19 -68.36
CA TYR C 901 46.81 48.88 -69.74
C TYR C 901 45.37 49.27 -70.04
N ALA C 902 44.48 49.12 -69.07
CA ALA C 902 43.09 49.53 -69.25
C ALA C 902 42.97 51.04 -69.40
N LYS C 903 43.76 51.79 -68.63
CA LYS C 903 43.80 53.24 -68.82
C LYS C 903 44.34 53.60 -70.20
N ALA C 904 45.34 52.86 -70.67
CA ALA C 904 45.85 53.08 -72.01
C ALA C 904 44.78 52.83 -73.07
N LYS C 905 44.01 51.76 -72.90
CA LYS C 905 42.91 51.48 -73.83
C LYS C 905 41.83 52.56 -73.75
N GLU C 906 41.54 53.05 -72.55
CA GLU C 906 40.60 54.15 -72.40
C GLU C 906 41.08 55.39 -73.16
N ALA C 907 42.39 55.63 -73.13
CA ALA C 907 42.95 56.66 -73.99
C ALA C 907 42.75 56.32 -75.46
N ASP C 908 42.89 55.03 -75.81
CA ASP C 908 42.67 54.61 -77.19
C ASP C 908 41.18 54.58 -77.53
N GLY C 909 40.32 54.34 -76.54
CA GLY C 909 38.89 54.38 -76.74
C GLY C 909 38.22 53.07 -77.12
N ARG C 910 38.97 51.97 -77.18
CA ARG C 910 38.37 50.68 -77.50
C ARG C 910 37.33 50.28 -76.46
N TYR C 911 37.64 50.46 -75.19
CA TYR C 911 36.72 50.25 -74.07
C TYR C 911 36.25 48.81 -73.96
N LYS C 912 36.93 47.88 -74.62
CA LYS C 912 36.60 46.45 -74.49
C LYS C 912 37.76 45.65 -73.91
N GLU C 913 38.97 45.83 -74.44
CA GLU C 913 40.14 45.32 -73.73
C GLU C 913 40.31 46.00 -72.39
N ALA C 914 39.87 47.27 -72.30
CA ALA C 914 39.85 47.96 -71.03
C ALA C 914 38.94 47.25 -70.04
N VAL C 915 37.77 46.81 -70.49
CA VAL C 915 36.84 46.12 -69.60
C VAL C 915 37.47 44.84 -69.05
N VAL C 916 38.07 44.04 -69.93
CA VAL C 916 38.68 42.79 -69.50
C VAL C 916 39.84 43.05 -68.55
N ALA C 917 40.67 44.06 -68.86
CA ALA C 917 41.79 44.38 -67.99
C ALA C 917 41.31 44.86 -66.61
N TYR C 918 40.29 45.72 -66.58
CA TYR C 918 39.75 46.19 -65.32
C TYR C 918 39.18 45.03 -64.50
N GLU C 919 38.50 44.10 -65.17
CA GLU C 919 38.01 42.91 -64.48
C GLU C 919 39.16 42.09 -63.92
N ASN C 920 40.25 41.96 -64.68
CA ASN C 920 41.44 41.30 -64.17
C ASN C 920 42.17 42.15 -63.14
N ALA C 921 41.87 43.45 -63.07
CA ALA C 921 42.50 44.35 -62.11
C ALA C 921 41.65 44.54 -60.86
N LYS C 922 40.61 43.72 -60.67
CA LYS C 922 39.66 43.90 -59.58
C LYS C 922 39.11 45.33 -59.58
N GLN C 923 38.72 45.79 -60.77
CA GLN C 923 38.34 47.17 -61.00
C GLN C 923 36.99 47.26 -61.69
N TRP C 924 36.00 46.56 -61.13
CA TRP C 924 34.63 46.72 -61.61
C TRP C 924 34.16 48.17 -61.46
N GLN C 925 34.82 48.93 -60.57
CA GLN C 925 34.70 50.38 -60.54
C GLN C 925 34.65 51.00 -61.92
N SER C 926 35.56 50.57 -62.80
CA SER C 926 35.60 51.08 -64.16
C SER C 926 34.78 50.26 -65.13
N VAL C 927 34.56 48.98 -64.85
CA VAL C 927 33.74 48.16 -65.74
C VAL C 927 32.31 48.68 -65.79
N ILE C 928 31.74 48.99 -64.63
CA ILE C 928 30.38 49.51 -64.62
C ILE C 928 30.34 50.90 -65.22
N ARG C 929 31.43 51.68 -65.08
CA ARG C 929 31.47 52.99 -65.71
C ARG C 929 31.48 52.87 -67.22
N ILE C 930 32.20 51.90 -67.75
CA ILE C 930 32.23 51.69 -69.21
C ILE C 930 30.87 51.19 -69.69
N TYR C 931 30.24 50.28 -68.94
CA TYR C 931 28.92 49.82 -69.31
C TYR C 931 27.86 50.92 -69.19
N LEU C 932 28.10 51.92 -68.35
CA LEU C 932 27.24 53.10 -68.30
C LEU C 932 27.52 54.05 -69.45
N ASP C 933 28.78 54.16 -69.88
CA ASP C 933 29.21 55.16 -70.84
C ASP C 933 29.33 54.63 -72.27
N HIS C 934 30.16 53.60 -72.47
CA HIS C 934 30.56 53.19 -73.81
C HIS C 934 29.70 52.06 -74.35
N LEU C 935 29.69 50.90 -73.69
CA LEU C 935 28.90 49.77 -74.18
C LEU C 935 27.41 50.01 -73.99
N ASN C 936 27.04 50.80 -72.98
CA ASN C 936 25.65 51.19 -72.74
C ASN C 936 24.74 49.98 -72.61
N ASN C 937 25.19 48.98 -71.85
CA ASN C 937 24.40 47.77 -71.62
C ASN C 937 23.92 47.77 -70.18
N PRO C 938 22.73 48.31 -69.91
CA PRO C 938 22.22 48.30 -68.53
C PRO C 938 22.01 46.90 -67.97
N GLU C 939 21.65 45.93 -68.82
CA GLU C 939 21.42 44.58 -68.34
C GLU C 939 22.73 43.95 -67.84
N LYS C 940 23.79 44.06 -68.62
CA LYS C 940 25.07 43.56 -68.15
C LYS C 940 25.58 44.37 -66.96
N ALA C 941 25.24 45.66 -66.91
CA ALA C 941 25.62 46.47 -65.75
C ALA C 941 24.99 45.93 -64.47
N VAL C 942 23.67 45.70 -64.49
CA VAL C 942 23.01 45.21 -63.29
C VAL C 942 23.44 43.78 -62.99
N ASN C 943 23.77 43.00 -64.02
CA ASN C 943 24.32 41.67 -63.77
C ASN C 943 25.67 41.77 -63.05
N ILE C 944 26.51 42.73 -63.45
CA ILE C 944 27.76 42.98 -62.76
C ILE C 944 27.50 43.37 -61.31
N VAL C 945 26.51 44.22 -61.08
CA VAL C 945 26.18 44.61 -59.70
C VAL C 945 25.77 43.39 -58.88
N ARG C 946 24.95 42.52 -59.47
CA ARG C 946 24.47 41.35 -58.75
C ARG C 946 25.58 40.35 -58.48
N GLU C 947 26.52 40.18 -59.41
CA GLU C 947 27.55 39.16 -59.27
C GLU C 947 28.82 39.65 -58.60
N THR C 948 28.99 40.96 -58.42
CA THR C 948 30.21 41.49 -57.83
C THR C 948 29.98 42.61 -56.83
N GLN C 949 28.72 42.99 -56.56
CA GLN C 949 28.40 44.06 -55.62
C GLN C 949 29.06 45.38 -56.04
N SER C 950 28.81 45.78 -57.28
CA SER C 950 29.31 47.06 -57.77
C SER C 950 28.53 48.19 -57.11
N LEU C 951 29.26 49.22 -56.67
CA LEU C 951 28.68 50.30 -55.88
C LEU C 951 28.78 51.66 -56.54
N ASP C 952 29.95 52.01 -57.07
CA ASP C 952 30.17 53.37 -57.55
C ASP C 952 29.21 53.73 -58.69
N GLY C 953 29.05 52.83 -59.65
CA GLY C 953 28.11 53.05 -60.73
C GLY C 953 26.73 52.48 -60.49
N ALA C 954 26.49 51.88 -59.32
CA ALA C 954 25.21 51.23 -59.06
C ALA C 954 24.06 52.23 -59.15
N LYS C 955 24.15 53.34 -58.44
CA LYS C 955 23.10 54.35 -58.52
C LYS C 955 23.17 55.12 -59.82
N MET C 956 24.37 55.26 -60.41
CA MET C 956 24.54 56.12 -61.57
C MET C 956 23.90 55.53 -62.82
N VAL C 957 24.00 54.20 -62.99
CA VAL C 957 23.37 53.58 -64.16
C VAL C 957 21.86 53.74 -64.09
N ALA C 958 21.28 53.59 -62.89
CA ALA C 958 19.85 53.82 -62.72
C ALA C 958 19.49 55.28 -62.97
N ARG C 959 20.32 56.20 -62.47
CA ARG C 959 20.06 57.62 -62.67
C ARG C 959 20.02 57.96 -64.15
N PHE C 960 20.98 57.42 -64.92
CA PHE C 960 21.00 57.67 -66.35
C PHE C 960 19.82 56.98 -67.05
N PHE C 961 19.45 55.79 -66.60
CA PHE C 961 18.46 54.97 -67.30
C PHE C 961 17.05 55.10 -66.74
N LEU C 962 16.82 56.01 -65.79
CA LEU C 962 15.49 56.17 -65.21
C LEU C 962 14.56 57.04 -66.05
N GLN C 963 14.88 57.26 -67.33
CA GLN C 963 14.11 58.16 -68.18
C GLN C 963 13.00 57.40 -68.92
N LEU C 964 12.10 56.82 -68.13
CA LEU C 964 10.91 56.17 -68.67
C LEU C 964 9.87 56.07 -67.57
N GLY C 965 8.61 55.88 -67.98
CA GLY C 965 7.54 55.76 -67.00
C GLY C 965 7.69 54.53 -66.13
N ASP C 966 8.00 53.39 -66.74
CA ASP C 966 8.23 52.15 -66.01
C ASP C 966 9.68 51.99 -65.59
N TYR C 967 10.51 52.99 -65.81
CA TYR C 967 11.93 52.92 -65.49
C TYR C 967 12.13 52.92 -63.97
N GLY C 968 11.04 53.15 -63.22
CA GLY C 968 11.10 52.90 -61.80
C GLY C 968 11.44 51.46 -61.49
N SER C 969 10.91 50.52 -62.27
CA SER C 969 11.34 49.14 -62.15
C SER C 969 12.84 49.02 -62.38
N ALA C 970 13.40 49.88 -63.23
CA ALA C 970 14.85 49.93 -63.40
C ALA C 970 15.53 50.47 -62.15
N ILE C 971 14.97 51.52 -61.53
CA ILE C 971 15.58 52.05 -60.33
C ILE C 971 15.37 51.11 -59.15
N GLN C 972 14.41 50.20 -59.27
CA GLN C 972 14.32 49.06 -58.36
C GLN C 972 15.12 47.87 -58.86
N PHE C 973 15.43 47.81 -60.15
CA PHE C 973 16.27 46.74 -60.68
C PHE C 973 17.69 46.82 -60.15
N LEU C 974 18.14 48.00 -59.72
CA LEU C 974 19.41 48.13 -59.04
C LEU C 974 19.32 47.79 -57.56
N VAL C 975 18.20 47.22 -57.13
CA VAL C 975 17.90 46.92 -55.73
C VAL C 975 17.97 48.25 -54.98
N MET C 976 17.55 49.33 -55.66
CA MET C 976 17.66 50.68 -55.12
C MET C 976 19.09 50.98 -54.69
N SER C 977 20.06 50.44 -55.45
CA SER C 977 21.45 50.42 -55.05
C SER C 977 21.56 49.89 -53.63
N LYS C 978 22.10 50.71 -52.72
CA LYS C 978 21.98 50.47 -51.30
C LYS C 978 21.18 51.57 -50.63
N CYS C 979 20.41 52.32 -51.42
CA CYS C 979 19.70 53.49 -50.91
C CYS C 979 18.52 53.07 -50.04
N ASN C 980 18.34 53.80 -48.94
CA ASN C 980 17.19 53.57 -48.07
C ASN C 980 15.90 54.10 -48.69
N ASN C 981 15.95 55.22 -49.38
CA ASN C 981 14.72 55.81 -49.91
C ASN C 981 14.85 56.43 -51.29
N GLU C 982 15.99 56.38 -51.97
CA GLU C 982 16.16 57.16 -53.20
C GLU C 982 15.29 56.62 -54.34
N ALA C 983 15.36 55.31 -54.58
CA ALA C 983 14.46 54.72 -55.56
C ALA C 983 13.01 54.87 -55.11
N PHE C 984 12.75 54.70 -53.82
CA PHE C 984 11.42 55.03 -53.33
C PHE C 984 11.18 56.53 -53.21
N THR C 985 12.22 57.36 -53.23
CA THR C 985 11.99 58.78 -53.45
C THR C 985 11.38 59.00 -54.84
N LEU C 986 11.93 58.33 -55.85
CA LEU C 986 11.38 58.44 -57.20
C LEU C 986 10.00 57.78 -57.31
N ALA C 987 9.72 56.78 -56.45
CA ALA C 987 8.45 56.08 -56.47
C ALA C 987 7.34 56.78 -55.68
N GLN C 988 7.68 57.49 -54.59
CA GLN C 988 6.75 58.44 -53.99
C GLN C 988 6.57 59.65 -54.91
N GLN C 989 7.60 59.97 -55.67
CA GLN C 989 7.50 60.73 -56.89
C GLN C 989 6.93 59.76 -57.92
N HIS C 990 7.14 60.00 -59.20
CA HIS C 990 6.33 59.36 -60.24
C HIS C 990 4.85 59.54 -59.92
N ASN C 991 4.51 60.68 -59.30
CA ASN C 991 3.17 60.97 -58.83
C ASN C 991 2.65 59.89 -57.87
N LYS C 992 3.55 59.39 -57.03
CA LYS C 992 3.19 58.38 -56.01
C LYS C 992 2.46 57.19 -56.62
N MET C 993 2.99 56.69 -57.73
CA MET C 993 2.37 55.56 -58.42
C MET C 993 2.40 54.31 -57.54
N GLU C 994 1.30 53.56 -57.57
CA GLU C 994 1.17 52.38 -56.70
C GLU C 994 2.03 51.23 -57.19
N ILE C 995 2.10 51.03 -58.51
CA ILE C 995 2.74 49.83 -59.06
C ILE C 995 4.20 49.76 -58.64
N TYR C 996 4.89 50.91 -58.61
CA TYR C 996 6.28 50.92 -58.20
C TYR C 996 6.44 50.40 -56.78
N ALA C 997 5.58 50.86 -55.87
CA ALA C 997 5.62 50.40 -54.48
C ALA C 997 5.11 48.97 -54.34
N ASP C 998 4.33 48.48 -55.31
CA ASP C 998 3.92 47.07 -55.27
C ASP C 998 5.06 46.16 -55.67
N ILE C 999 5.89 46.61 -56.62
CA ILE C 999 6.96 45.78 -57.13
C ILE C 999 8.24 45.87 -56.29
N ILE C 1000 8.56 47.06 -55.76
CA ILE C 1000 9.81 47.21 -55.02
C ILE C 1000 9.82 46.31 -53.78
N GLY C 1001 8.64 45.99 -53.24
CA GLY C 1001 8.59 45.17 -52.04
C GLY C 1001 9.07 43.76 -52.27
N SER C 1002 8.83 43.21 -53.47
CA SER C 1002 9.09 41.80 -53.71
C SER C 1002 10.58 41.47 -53.58
N GLU C 1003 11.43 42.21 -54.28
CA GLU C 1003 12.87 41.93 -54.23
C GLU C 1003 13.49 42.51 -52.97
N ASP C 1004 13.49 43.84 -52.87
CA ASP C 1004 14.01 44.55 -51.71
C ASP C 1004 13.53 45.99 -51.77
N THR C 1005 12.88 46.48 -50.72
CA THR C 1005 12.23 47.79 -50.78
C THR C 1005 13.04 48.90 -50.10
N THR C 1006 13.39 48.74 -48.83
CA THR C 1006 14.02 49.82 -48.07
C THR C 1006 14.55 49.24 -46.76
N ASN C 1007 14.97 50.13 -45.86
CA ASN C 1007 15.49 49.75 -44.56
C ASN C 1007 15.03 50.78 -43.54
N GLU C 1008 15.63 50.73 -42.34
CA GLU C 1008 15.31 51.64 -41.24
C GLU C 1008 13.83 51.56 -40.88
N ASP C 1009 13.43 50.37 -40.43
CA ASP C 1009 12.07 50.02 -40.05
C ASP C 1009 11.08 50.06 -41.21
N TYR C 1010 11.57 50.36 -42.42
CA TYR C 1010 10.75 50.35 -43.64
C TYR C 1010 9.50 51.22 -43.48
N GLN C 1011 9.60 52.29 -42.69
CA GLN C 1011 8.44 53.12 -42.40
C GLN C 1011 7.90 53.79 -43.65
N SER C 1012 8.76 54.05 -44.64
CA SER C 1012 8.34 54.74 -45.84
C SER C 1012 7.21 54.00 -46.56
N ILE C 1013 7.43 52.72 -46.85
CA ILE C 1013 6.37 51.90 -47.43
C ILE C 1013 5.22 51.73 -46.45
N ALA C 1014 5.52 51.75 -45.15
CA ALA C 1014 4.49 51.56 -44.13
C ALA C 1014 3.43 52.64 -44.23
N LEU C 1015 3.82 53.90 -44.40
CA LEU C 1015 2.79 54.91 -44.62
C LEU C 1015 2.42 55.04 -46.09
N TYR C 1016 3.26 54.55 -47.01
CA TYR C 1016 2.94 54.65 -48.42
C TYR C 1016 1.72 53.80 -48.78
N PHE C 1017 1.66 52.57 -48.26
CA PHE C 1017 0.50 51.73 -48.55
C PHE C 1017 -0.63 51.90 -47.55
N GLU C 1018 -0.34 52.33 -46.32
CA GLU C 1018 -1.40 52.54 -45.35
C GLU C 1018 -2.32 53.69 -45.73
N GLY C 1019 -1.90 54.54 -46.66
CA GLY C 1019 -2.74 55.62 -47.10
C GLY C 1019 -3.95 55.14 -47.88
N GLU C 1020 -4.96 56.00 -47.95
CA GLU C 1020 -6.22 55.70 -48.65
C GLU C 1020 -6.90 54.46 -48.07
N LYS C 1021 -6.84 54.33 -46.75
CA LYS C 1021 -7.50 53.26 -45.99
C LYS C 1021 -7.03 51.86 -46.38
N ARG C 1022 -5.96 51.75 -47.17
CA ARG C 1022 -5.42 50.45 -47.56
C ARG C 1022 -4.60 49.91 -46.40
N TYR C 1023 -5.29 49.26 -45.47
CA TYR C 1023 -4.70 48.79 -44.21
C TYR C 1023 -4.39 47.30 -44.25
N LEU C 1024 -3.92 46.78 -45.39
CA LEU C 1024 -3.62 45.36 -45.51
C LEU C 1024 -2.14 45.09 -45.70
N GLN C 1025 -1.52 45.65 -46.74
CA GLN C 1025 -0.10 45.34 -46.99
C GLN C 1025 0.83 46.17 -46.13
N ALA C 1026 0.33 47.20 -45.44
CA ALA C 1026 1.16 47.93 -44.50
C ALA C 1026 1.65 47.02 -43.39
N GLY C 1027 0.82 46.06 -42.97
CA GLY C 1027 1.26 45.08 -42.00
C GLY C 1027 2.36 44.20 -42.55
N LYS C 1028 2.19 43.71 -43.78
CA LYS C 1028 3.22 42.89 -44.42
C LYS C 1028 4.54 43.64 -44.53
N PHE C 1029 4.46 44.94 -44.82
CA PHE C 1029 5.63 45.78 -44.95
C PHE C 1029 6.19 46.20 -43.59
N PHE C 1030 5.40 46.03 -42.53
CA PHE C 1030 5.89 46.22 -41.17
C PHE C 1030 6.60 44.98 -40.63
N LEU C 1031 6.52 43.85 -41.36
CA LEU C 1031 7.30 42.68 -41.00
C LEU C 1031 8.80 42.89 -41.18
N LEU C 1032 9.20 43.95 -41.88
CA LEU C 1032 10.62 44.21 -42.11
C LEU C 1032 11.35 44.42 -40.78
N CYS C 1033 10.84 45.30 -39.94
CA CYS C 1033 11.48 45.64 -38.68
C CYS C 1033 10.39 46.01 -37.68
N GLY C 1034 10.78 46.68 -36.59
CA GLY C 1034 9.87 46.96 -35.50
C GLY C 1034 8.82 48.02 -35.78
N GLN C 1035 8.01 47.80 -36.82
CA GLN C 1035 6.83 48.62 -37.08
C GLN C 1035 5.56 47.77 -37.08
N TYR C 1036 5.64 46.54 -36.57
CA TYR C 1036 4.54 45.59 -36.69
C TYR C 1036 3.41 45.88 -35.72
N SER C 1037 3.72 46.48 -34.57
CA SER C 1037 2.72 46.71 -33.53
C SER C 1037 1.61 47.65 -33.99
N ARG C 1038 1.81 48.38 -35.08
CA ARG C 1038 0.78 49.30 -35.56
C ARG C 1038 -0.30 48.57 -36.35
N ALA C 1039 0.08 47.92 -37.45
CA ALA C 1039 -0.89 47.25 -38.31
C ALA C 1039 -1.17 45.82 -37.89
N LEU C 1040 -0.51 45.30 -36.85
CA LEU C 1040 -0.91 44.03 -36.30
C LEU C 1040 -2.35 44.10 -35.77
N LYS C 1041 -2.69 45.23 -35.15
CA LYS C 1041 -4.08 45.45 -34.72
C LYS C 1041 -5.02 45.54 -35.91
N HIS C 1042 -4.56 46.15 -37.01
CA HIS C 1042 -5.39 46.24 -38.21
C HIS C 1042 -5.69 44.86 -38.79
N PHE C 1043 -4.67 44.01 -38.84
CA PHE C 1043 -4.90 42.60 -39.14
C PHE C 1043 -5.91 42.00 -38.16
N LEU C 1044 -5.69 42.24 -36.87
CA LEU C 1044 -6.59 41.73 -35.84
C LEU C 1044 -7.95 42.42 -35.88
N LYS C 1045 -8.02 43.65 -36.39
CA LYS C 1045 -9.28 44.40 -36.39
C LYS C 1045 -10.35 43.74 -37.24
N CYS C 1046 -9.97 42.83 -38.14
CA CYS C 1046 -10.95 42.17 -38.99
C CYS C 1046 -11.52 40.96 -38.25
N PRO C 1047 -12.80 40.96 -37.89
CA PRO C 1047 -13.39 39.78 -37.24
C PRO C 1047 -13.41 38.56 -38.14
N SER C 1048 -13.45 38.74 -39.45
CA SER C 1048 -13.43 37.65 -40.43
C SER C 1048 -12.09 37.60 -41.14
N SER C 1049 -11.91 36.55 -41.93
CA SER C 1049 -10.64 36.36 -42.63
C SER C 1049 -10.52 37.35 -43.79
N GLU C 1050 -9.89 38.49 -43.54
CA GLU C 1050 -9.62 39.43 -44.62
C GLU C 1050 -8.67 38.83 -45.65
N ASP C 1051 -7.64 38.12 -45.16
CA ASP C 1051 -6.73 37.38 -46.02
C ASP C 1051 -6.06 36.32 -45.16
N ASN C 1052 -6.13 35.06 -45.61
CA ASN C 1052 -5.59 33.96 -44.81
C ASN C 1052 -4.07 34.02 -44.72
N VAL C 1053 -3.40 34.36 -45.83
CA VAL C 1053 -1.95 34.55 -45.79
C VAL C 1053 -1.60 35.67 -44.83
N ALA C 1054 -2.42 36.71 -44.78
CA ALA C 1054 -2.22 37.76 -43.79
C ALA C 1054 -2.37 37.23 -42.37
N ILE C 1055 -3.32 36.30 -42.16
CA ILE C 1055 -3.49 35.70 -40.84
C ILE C 1055 -2.25 34.93 -40.43
N GLU C 1056 -1.70 34.12 -41.35
CA GLU C 1056 -0.50 33.35 -41.04
C GLU C 1056 0.69 34.28 -40.83
N MET C 1057 0.77 35.35 -41.60
CA MET C 1057 1.85 36.32 -41.46
C MET C 1057 1.78 37.04 -40.11
N ALA C 1058 0.56 37.37 -39.67
CA ALA C 1058 0.41 37.97 -38.34
C ALA C 1058 0.72 36.97 -37.24
N ILE C 1059 0.42 35.69 -37.46
CA ILE C 1059 0.82 34.66 -36.51
C ILE C 1059 2.33 34.62 -36.38
N GLU C 1060 3.04 34.68 -37.52
CA GLU C 1060 4.50 34.76 -37.48
C GLU C 1060 4.96 36.04 -36.79
N THR C 1061 4.26 37.15 -37.04
CA THR C 1061 4.60 38.42 -36.42
C THR C 1061 4.55 38.33 -34.91
N VAL C 1062 3.50 37.69 -34.38
CA VAL C 1062 3.47 37.36 -32.96
C VAL C 1062 4.63 36.45 -32.59
N GLY C 1063 4.91 35.46 -33.45
CA GLY C 1063 6.01 34.54 -33.24
C GLY C 1063 7.38 35.20 -33.23
N GLN C 1064 7.47 36.48 -33.59
CA GLN C 1064 8.73 37.23 -33.51
C GLN C 1064 9.21 37.35 -32.06
N ALA C 1065 8.45 36.77 -31.12
CA ALA C 1065 8.83 36.74 -29.70
C ALA C 1065 8.88 38.13 -29.09
N LYS C 1066 7.94 38.99 -29.49
CA LYS C 1066 7.82 40.30 -28.88
C LYS C 1066 7.15 40.23 -27.51
N ASP C 1067 6.37 39.19 -27.25
CA ASP C 1067 5.70 38.98 -25.96
C ASP C 1067 4.81 40.17 -25.58
N GLU C 1068 4.21 40.81 -26.57
CA GLU C 1068 3.36 41.96 -26.32
C GLU C 1068 1.96 41.52 -25.88
N LEU C 1069 1.17 42.49 -25.41
CA LEU C 1069 -0.22 42.20 -25.07
C LEU C 1069 -1.04 41.88 -26.32
N LEU C 1070 -0.62 42.40 -27.48
CA LEU C 1070 -1.30 42.07 -28.72
C LEU C 1070 -1.17 40.60 -29.07
N THR C 1071 -0.18 39.90 -28.50
CA THR C 1071 -0.15 38.44 -28.60
C THR C 1071 -1.40 37.84 -27.96
N ASN C 1072 -1.72 38.26 -26.73
CA ASN C 1072 -2.94 37.79 -26.08
C ASN C 1072 -4.17 38.25 -26.85
N GLN C 1073 -4.11 39.45 -27.43
CA GLN C 1073 -5.24 39.94 -28.21
C GLN C 1073 -5.48 39.06 -29.44
N LEU C 1074 -4.40 38.61 -30.09
CA LEU C 1074 -4.55 37.73 -31.24
C LEU C 1074 -5.00 36.34 -30.81
N ILE C 1075 -4.55 35.89 -29.64
CA ILE C 1075 -5.06 34.62 -29.11
C ILE C 1075 -6.57 34.71 -28.95
N ASP C 1076 -7.05 35.81 -28.37
CA ASP C 1076 -8.49 36.02 -28.21
C ASP C 1076 -9.18 36.11 -29.57
N HIS C 1077 -8.56 36.79 -30.53
CA HIS C 1077 -9.15 36.94 -31.85
C HIS C 1077 -9.31 35.57 -32.53
N LEU C 1078 -8.28 34.73 -32.44
CA LEU C 1078 -8.37 33.39 -33.00
C LEU C 1078 -9.37 32.54 -32.24
N LEU C 1079 -9.54 32.78 -30.94
CA LEU C 1079 -10.63 32.13 -30.21
C LEU C 1079 -11.98 32.54 -30.79
N GLY C 1080 -12.14 33.82 -31.14
CA GLY C 1080 -13.32 34.27 -31.82
C GLY C 1080 -14.51 34.61 -30.93
N GLU C 1081 -14.32 34.68 -29.61
CA GLU C 1081 -15.43 35.07 -28.74
C GLU C 1081 -15.84 36.52 -28.98
N ASN C 1082 -14.90 37.37 -29.39
CA ASN C 1082 -15.21 38.73 -29.80
C ASN C 1082 -15.62 38.82 -31.27
N ASP C 1083 -15.41 37.75 -32.04
CA ASP C 1083 -15.72 37.74 -33.47
C ASP C 1083 -17.03 37.02 -33.76
N GLY C 1084 -17.14 35.77 -33.34
CA GLY C 1084 -18.29 34.94 -33.64
C GLY C 1084 -18.12 34.00 -34.81
N MET C 1085 -17.05 34.15 -35.59
CA MET C 1085 -16.78 33.24 -36.70
C MET C 1085 -15.28 32.98 -36.89
N PRO C 1086 -14.57 32.53 -35.85
CA PRO C 1086 -13.14 32.28 -36.00
C PRO C 1086 -12.86 31.13 -36.95
N LYS C 1087 -11.68 31.16 -37.55
CA LYS C 1087 -11.29 30.19 -38.56
C LYS C 1087 -10.86 28.89 -37.88
N ASP C 1088 -10.23 28.00 -38.64
CA ASP C 1088 -9.80 26.71 -38.12
C ASP C 1088 -8.80 26.89 -36.98
N ALA C 1089 -8.86 26.00 -36.00
CA ALA C 1089 -8.03 26.13 -34.81
C ALA C 1089 -6.58 25.74 -35.04
N LYS C 1090 -6.22 25.27 -36.24
CA LYS C 1090 -4.83 24.95 -36.53
C LYS C 1090 -3.94 26.18 -36.38
N TYR C 1091 -4.50 27.36 -36.63
CA TYR C 1091 -3.72 28.59 -36.48
C TYR C 1091 -3.32 28.81 -35.03
N LEU C 1092 -4.18 28.41 -34.08
CA LEU C 1092 -3.82 28.48 -32.68
C LEU C 1092 -2.61 27.60 -32.37
N PHE C 1093 -2.60 26.39 -32.93
CA PHE C 1093 -1.46 25.49 -32.77
C PHE C 1093 -0.20 26.11 -33.37
N ARG C 1094 -0.33 26.72 -34.55
CA ARG C 1094 0.82 27.35 -35.19
C ARG C 1094 1.37 28.48 -34.33
N LEU C 1095 0.48 29.29 -33.76
CA LEU C 1095 0.90 30.40 -32.92
C LEU C 1095 1.60 29.90 -31.66
N TYR C 1096 1.05 28.86 -31.03
CA TYR C 1096 1.68 28.32 -29.83
C TYR C 1096 3.03 27.69 -30.14
N MET C 1097 3.15 27.03 -31.30
CA MET C 1097 4.45 26.50 -31.71
C MET C 1097 5.45 27.63 -31.94
N ALA C 1098 5.00 28.72 -32.57
CA ALA C 1098 5.89 29.87 -32.77
C ALA C 1098 6.33 30.47 -31.44
N LEU C 1099 5.41 30.59 -30.49
CA LEU C 1099 5.74 31.11 -29.17
C LEU C 1099 6.58 30.13 -28.35
N LYS C 1100 6.74 28.90 -28.83
CA LYS C 1100 7.56 27.88 -28.18
C LYS C 1100 7.03 27.48 -26.81
N GLN C 1101 5.76 27.77 -26.52
CA GLN C 1101 5.10 27.22 -25.34
C GLN C 1101 4.43 25.92 -25.77
N TYR C 1102 5.17 24.82 -25.62
CA TYR C 1102 4.73 23.53 -26.13
C TYR C 1102 3.82 22.78 -25.16
N ARG C 1103 3.57 23.34 -23.98
CA ARG C 1103 2.58 22.73 -23.09
C ARG C 1103 1.16 23.01 -23.58
N GLU C 1104 0.95 24.11 -24.30
CA GLU C 1104 -0.35 24.47 -24.81
C GLU C 1104 -0.59 24.00 -26.25
N ALA C 1105 0.48 23.85 -27.04
CA ALA C 1105 0.31 23.34 -28.40
C ALA C 1105 -0.22 21.92 -28.39
N ALA C 1106 0.30 21.07 -27.50
CA ALA C 1106 -0.20 19.71 -27.39
C ALA C 1106 -1.66 19.69 -26.94
N GLN C 1107 -2.02 20.55 -25.99
CA GLN C 1107 -3.41 20.61 -25.53
C GLN C 1107 -4.34 21.05 -26.65
N THR C 1108 -3.93 22.05 -27.43
CA THR C 1108 -4.76 22.48 -28.56
C THR C 1108 -4.90 21.37 -29.58
N ALA C 1109 -3.81 20.64 -29.85
CA ALA C 1109 -3.87 19.52 -30.77
C ALA C 1109 -4.85 18.46 -30.28
N ILE C 1110 -4.79 18.14 -28.99
CA ILE C 1110 -5.69 17.15 -28.42
C ILE C 1110 -7.14 17.62 -28.55
N ILE C 1111 -7.39 18.90 -28.27
CA ILE C 1111 -8.76 19.41 -28.34
C ILE C 1111 -9.28 19.34 -29.77
N ILE C 1112 -8.47 19.76 -30.74
CA ILE C 1112 -8.91 19.75 -32.13
C ILE C 1112 -9.18 18.33 -32.60
N ALA C 1113 -8.25 17.42 -32.31
CA ALA C 1113 -8.41 16.04 -32.75
C ALA C 1113 -9.62 15.39 -32.10
N ARG C 1114 -9.82 15.64 -30.80
CA ARG C 1114 -10.96 15.06 -30.10
C ARG C 1114 -12.28 15.62 -30.64
N GLU C 1115 -12.33 16.92 -30.93
CA GLU C 1115 -13.55 17.49 -31.51
C GLU C 1115 -13.85 16.89 -32.87
N GLU C 1116 -12.83 16.76 -33.72
CA GLU C 1116 -13.05 16.16 -35.03
C GLU C 1116 -13.46 14.69 -34.91
N GLN C 1117 -12.90 13.98 -33.93
CA GLN C 1117 -13.27 12.58 -33.71
C GLN C 1117 -14.71 12.49 -33.24
N SER C 1118 -15.13 13.37 -32.34
CA SER C 1118 -16.51 13.35 -31.86
C SER C 1118 -17.49 13.68 -32.96
N ALA C 1119 -17.13 14.63 -33.83
CA ALA C 1119 -18.01 15.01 -34.94
C ALA C 1119 -18.27 13.84 -35.88
N GLY C 1120 -17.36 12.88 -35.95
CA GLY C 1120 -17.52 11.72 -36.81
C GLY C 1120 -16.58 11.64 -37.99
N ASN C 1121 -15.61 12.56 -38.09
CA ASN C 1121 -14.63 12.54 -39.16
C ASN C 1121 -13.33 12.00 -38.59
N TYR C 1122 -13.21 10.67 -38.59
CA TYR C 1122 -12.05 10.02 -38.00
C TYR C 1122 -10.83 10.10 -38.92
N ARG C 1123 -11.03 10.07 -40.23
CA ARG C 1123 -9.91 10.23 -41.15
C ARG C 1123 -9.31 11.62 -41.06
N ASN C 1124 -10.16 12.65 -41.05
CA ASN C 1124 -9.64 14.01 -40.95
C ASN C 1124 -9.01 14.25 -39.58
N ALA C 1125 -9.61 13.72 -38.52
CA ALA C 1125 -9.02 13.85 -37.19
C ALA C 1125 -7.66 13.19 -37.12
N HIS C 1126 -7.56 11.98 -37.68
CA HIS C 1126 -6.27 11.28 -37.70
C HIS C 1126 -5.24 12.05 -38.51
N ASP C 1127 -5.64 12.58 -39.66
CA ASP C 1127 -4.71 13.34 -40.49
C ASP C 1127 -4.18 14.57 -39.75
N VAL C 1128 -5.08 15.36 -39.18
CA VAL C 1128 -4.65 16.59 -38.51
C VAL C 1128 -3.82 16.27 -37.28
N LEU C 1129 -4.23 15.26 -36.50
CA LEU C 1129 -3.47 14.90 -35.31
C LEU C 1129 -2.09 14.37 -35.67
N PHE C 1130 -1.99 13.58 -36.74
CA PHE C 1130 -0.68 13.08 -37.17
C PHE C 1130 0.21 14.22 -37.62
N SER C 1131 -0.33 15.15 -38.41
CA SER C 1131 0.49 16.27 -38.88
C SER C 1131 0.96 17.10 -37.70
N MET C 1132 0.10 17.31 -36.72
CA MET C 1132 0.47 18.11 -35.56
C MET C 1132 1.48 17.36 -34.69
N TYR C 1133 1.34 16.04 -34.59
CA TYR C 1133 2.29 15.20 -33.89
C TYR C 1133 3.66 15.27 -34.56
N ALA C 1134 3.69 15.21 -35.89
CA ALA C 1134 4.96 15.32 -36.61
C ALA C 1134 5.57 16.70 -36.45
N GLU C 1135 4.74 17.74 -36.42
CA GLU C 1135 5.25 19.08 -36.17
C GLU C 1135 5.89 19.19 -34.80
N LEU C 1136 5.26 18.58 -33.78
CA LEU C 1136 5.86 18.60 -32.45
C LEU C 1136 7.10 17.73 -32.38
N LYS C 1137 7.13 16.61 -33.11
CA LYS C 1137 8.27 15.71 -33.07
C LYS C 1137 9.48 16.30 -33.78
N SER C 1138 9.25 17.04 -34.86
CA SER C 1138 10.36 17.56 -35.67
C SER C 1138 11.27 18.47 -34.87
N GLN C 1139 10.80 19.04 -33.77
CA GLN C 1139 11.61 19.87 -32.91
C GLN C 1139 12.23 19.10 -31.75
N LYS C 1140 12.12 17.77 -31.76
CA LYS C 1140 12.64 16.91 -30.69
C LYS C 1140 12.05 17.31 -29.34
N ILE C 1141 10.72 17.31 -29.27
CA ILE C 1141 10.00 17.69 -28.06
C ILE C 1141 9.30 16.46 -27.51
N LYS C 1142 9.36 16.30 -26.18
CA LYS C 1142 8.67 15.21 -25.53
C LYS C 1142 7.17 15.33 -25.76
N ILE C 1143 6.63 14.44 -26.58
CA ILE C 1143 5.20 14.48 -26.90
C ILE C 1143 4.42 13.86 -25.76
N PRO C 1144 3.39 14.53 -25.24
CA PRO C 1144 2.66 13.99 -24.09
C PRO C 1144 1.98 12.68 -24.42
N SER C 1145 1.84 11.83 -23.41
CA SER C 1145 1.24 10.51 -23.59
C SER C 1145 -0.21 10.60 -24.04
N GLU C 1146 -0.92 11.69 -23.72
CA GLU C 1146 -2.29 11.84 -24.16
C GLU C 1146 -2.37 11.95 -25.68
N MET C 1147 -1.49 12.76 -26.27
CA MET C 1147 -1.44 12.88 -27.72
C MET C 1147 -1.09 11.55 -28.39
N ALA C 1148 -0.13 10.82 -27.83
CA ALA C 1148 0.24 9.53 -28.39
C ALA C 1148 -0.90 8.53 -28.29
N THR C 1149 -1.61 8.53 -27.16
CA THR C 1149 -2.75 7.61 -27.00
C THR C 1149 -3.86 7.95 -27.99
N ASN C 1150 -4.17 9.23 -28.15
CA ASN C 1150 -5.19 9.62 -29.12
C ASN C 1150 -4.79 9.24 -30.53
N LEU C 1151 -3.52 9.48 -30.89
CA LEU C 1151 -3.05 9.11 -32.22
C LEU C 1151 -3.11 7.61 -32.42
N MET C 1152 -2.75 6.84 -31.38
CA MET C 1152 -2.79 5.39 -31.47
C MET C 1152 -4.21 4.89 -31.69
N ILE C 1153 -5.17 5.44 -30.95
CA ILE C 1153 -6.55 4.99 -31.08
C ILE C 1153 -7.11 5.37 -32.45
N LEU C 1154 -6.86 6.60 -32.90
CA LEU C 1154 -7.33 7.02 -34.21
C LEU C 1154 -6.70 6.18 -35.32
N HIS C 1155 -5.40 5.89 -35.19
CA HIS C 1155 -4.73 5.10 -36.23
C HIS C 1155 -5.19 3.65 -36.20
N SER C 1156 -5.49 3.11 -35.02
CA SER C 1156 -6.07 1.77 -34.96
C SER C 1156 -7.40 1.72 -35.68
N TYR C 1157 -8.26 2.72 -35.43
CA TYR C 1157 -9.52 2.77 -36.15
C TYR C 1157 -9.31 2.92 -37.65
N ILE C 1158 -8.30 3.71 -38.05
CA ILE C 1158 -8.00 3.88 -39.47
C ILE C 1158 -7.57 2.55 -40.08
N LEU C 1159 -6.78 1.77 -39.34
CA LEU C 1159 -6.31 0.48 -39.82
C LEU C 1159 -7.40 -0.58 -39.83
N VAL C 1160 -8.47 -0.39 -39.04
CA VAL C 1160 -9.60 -1.31 -39.10
C VAL C 1160 -10.12 -1.44 -40.52
N LYS C 1161 -10.33 -0.31 -41.18
CA LYS C 1161 -10.87 -0.34 -42.54
C LYS C 1161 -9.92 -1.04 -43.50
N ILE C 1162 -8.62 -0.78 -43.37
CA ILE C 1162 -7.65 -1.39 -44.26
C ILE C 1162 -7.61 -2.90 -44.07
N HIS C 1163 -7.56 -3.34 -42.81
CA HIS C 1163 -7.44 -4.78 -42.54
C HIS C 1163 -8.72 -5.53 -42.90
N VAL C 1164 -9.88 -4.89 -42.75
CA VAL C 1164 -11.12 -5.50 -43.22
C VAL C 1164 -11.16 -5.52 -44.74
N LYS C 1165 -10.60 -4.50 -45.38
CA LYS C 1165 -10.65 -4.37 -46.84
C LYS C 1165 -9.96 -5.54 -47.52
N ASN C 1166 -8.80 -5.97 -47.02
CA ASN C 1166 -8.09 -7.09 -47.59
C ASN C 1166 -8.56 -8.43 -47.06
N GLY C 1167 -9.57 -8.45 -46.19
CA GLY C 1167 -10.13 -9.68 -45.69
C GLY C 1167 -9.36 -10.33 -44.57
N ASP C 1168 -8.27 -9.72 -44.10
CA ASP C 1168 -7.54 -10.28 -42.96
C ASP C 1168 -8.35 -10.04 -41.69
N HIS C 1169 -9.14 -11.04 -41.30
CA HIS C 1169 -10.11 -10.84 -40.23
C HIS C 1169 -9.45 -10.78 -38.86
N MET C 1170 -8.30 -11.43 -38.67
CA MET C 1170 -7.66 -11.43 -37.37
C MET C 1170 -7.12 -10.05 -37.02
N LYS C 1171 -6.39 -9.42 -37.95
CA LYS C 1171 -5.83 -8.09 -37.69
C LYS C 1171 -6.93 -7.07 -37.48
N GLY C 1172 -7.93 -7.07 -38.36
CA GLY C 1172 -9.05 -6.15 -38.20
C GLY C 1172 -9.83 -6.40 -36.93
N ALA C 1173 -9.95 -7.66 -36.53
CA ALA C 1173 -10.67 -7.96 -35.29
C ALA C 1173 -9.90 -7.48 -34.07
N ARG C 1174 -8.58 -7.64 -34.07
CA ARG C 1174 -7.78 -7.11 -32.96
C ARG C 1174 -7.89 -5.60 -32.89
N MET C 1175 -7.84 -4.93 -34.05
CA MET C 1175 -7.96 -3.48 -34.05
C MET C 1175 -9.35 -3.03 -33.64
N LEU C 1176 -10.38 -3.79 -34.02
CA LEU C 1176 -11.74 -3.47 -33.60
C LEU C 1176 -11.92 -3.69 -32.11
N ILE C 1177 -11.27 -4.69 -31.53
CA ILE C 1177 -11.30 -4.85 -30.08
C ILE C 1177 -10.64 -3.64 -29.41
N ARG C 1178 -9.49 -3.21 -29.94
CA ARG C 1178 -8.84 -2.03 -29.39
C ARG C 1178 -9.71 -0.80 -29.49
N VAL C 1179 -10.45 -0.65 -30.58
CA VAL C 1179 -11.37 0.47 -30.73
C VAL C 1179 -12.53 0.35 -29.76
N ALA C 1180 -13.14 -0.84 -29.68
CA ALA C 1180 -14.32 -1.02 -28.85
C ALA C 1180 -14.01 -0.81 -27.38
N ASN C 1181 -12.80 -1.15 -26.94
CA ASN C 1181 -12.42 -0.86 -25.56
C ASN C 1181 -12.39 0.64 -25.28
N ASN C 1182 -12.35 1.49 -26.30
CA ASN C 1182 -12.39 2.94 -26.14
C ASN C 1182 -13.58 3.56 -26.86
N ILE C 1183 -14.56 2.76 -27.25
CA ILE C 1183 -15.70 3.16 -28.08
C ILE C 1183 -16.32 4.48 -27.64
N SER C 1184 -16.16 4.86 -26.36
CA SER C 1184 -16.63 6.17 -25.94
C SER C 1184 -15.91 7.29 -26.69
N LYS C 1185 -14.66 7.07 -27.07
CA LYS C 1185 -13.94 8.05 -27.89
C LYS C 1185 -14.52 8.18 -29.28
N PHE C 1186 -15.39 7.26 -29.70
CA PHE C 1186 -16.07 7.32 -31.00
C PHE C 1186 -17.57 7.42 -30.73
N PRO C 1187 -18.05 8.56 -30.22
CA PRO C 1187 -19.47 8.62 -29.80
C PRO C 1187 -20.44 8.43 -30.96
N SER C 1188 -20.32 9.25 -32.00
CA SER C 1188 -21.33 9.30 -33.05
C SER C 1188 -21.44 7.99 -33.82
N HIS C 1189 -20.49 7.08 -33.68
CA HIS C 1189 -20.55 5.77 -34.33
C HIS C 1189 -20.34 4.67 -33.30
N ILE C 1190 -20.93 4.84 -32.11
CA ILE C 1190 -20.84 3.78 -31.10
C ILE C 1190 -21.54 2.52 -31.57
N VAL C 1191 -22.79 2.66 -32.02
CA VAL C 1191 -23.57 1.49 -32.44
C VAL C 1191 -22.99 0.80 -33.67
N PRO C 1192 -22.67 1.50 -34.77
CA PRO C 1192 -22.19 0.78 -35.96
C PRO C 1192 -20.89 0.04 -35.73
N ILE C 1193 -19.85 0.73 -35.25
CA ILE C 1193 -18.52 0.12 -35.12
C ILE C 1193 -18.60 -1.14 -34.28
N LEU C 1194 -19.25 -1.04 -33.12
CA LEU C 1194 -19.41 -2.19 -32.25
C LEU C 1194 -19.99 -3.38 -33.00
N THR C 1195 -21.05 -3.15 -33.78
CA THR C 1195 -21.63 -4.22 -34.58
C THR C 1195 -20.58 -4.86 -35.46
N SER C 1196 -19.84 -4.05 -36.22
CA SER C 1196 -18.77 -4.58 -37.05
C SER C 1196 -17.83 -5.44 -36.23
N THR C 1197 -17.45 -4.97 -35.04
CA THR C 1197 -16.55 -5.72 -34.19
C THR C 1197 -17.07 -7.13 -33.99
N VAL C 1198 -18.34 -7.26 -33.59
CA VAL C 1198 -18.90 -8.58 -33.35
C VAL C 1198 -18.75 -9.45 -34.59
N ILE C 1199 -19.14 -8.91 -35.74
CA ILE C 1199 -19.03 -9.66 -36.99
C ILE C 1199 -17.60 -10.09 -37.19
N GLU C 1200 -16.66 -9.15 -37.05
CA GLU C 1200 -15.26 -9.49 -37.22
C GLU C 1200 -14.82 -10.51 -36.18
N CYS C 1201 -15.25 -10.31 -34.93
CA CYS C 1201 -14.87 -11.25 -33.89
C CYS C 1201 -15.53 -12.61 -34.12
N HIS C 1202 -16.62 -12.63 -34.90
CA HIS C 1202 -17.18 -13.92 -35.31
C HIS C 1202 -16.34 -14.55 -36.42
N ARG C 1203 -15.82 -13.73 -37.34
CA ARG C 1203 -15.05 -14.27 -38.45
C ARG C 1203 -13.68 -14.76 -37.97
N ALA C 1204 -13.00 -13.94 -37.16
CA ALA C 1204 -11.64 -14.26 -36.73
C ALA C 1204 -11.58 -15.39 -35.71
N GLY C 1205 -12.71 -15.81 -35.16
CA GLY C 1205 -12.73 -16.80 -34.12
C GLY C 1205 -12.64 -16.26 -32.72
N LEU C 1206 -12.58 -14.94 -32.55
CA LEU C 1206 -12.59 -14.31 -31.22
C LEU C 1206 -14.03 -14.22 -30.71
N LYS C 1207 -14.66 -15.40 -30.61
CA LYS C 1207 -16.09 -15.45 -30.34
C LYS C 1207 -16.42 -15.04 -28.90
N ASN C 1208 -15.49 -15.22 -27.97
CA ASN C 1208 -15.71 -14.72 -26.61
C ASN C 1208 -15.82 -13.20 -26.60
N SER C 1209 -14.91 -12.53 -27.32
CA SER C 1209 -14.99 -11.08 -27.43
C SER C 1209 -16.26 -10.66 -28.16
N ALA C 1210 -16.66 -11.42 -29.18
CA ALA C 1210 -17.90 -11.13 -29.88
C ALA C 1210 -19.09 -11.20 -28.94
N PHE C 1211 -19.14 -12.25 -28.11
CA PHE C 1211 -20.23 -12.40 -27.16
C PHE C 1211 -20.24 -11.26 -26.16
N SER C 1212 -19.08 -10.88 -25.63
CA SER C 1212 -19.01 -9.79 -24.66
C SER C 1212 -19.48 -8.48 -25.29
N PHE C 1213 -19.02 -8.19 -26.50
CA PHE C 1213 -19.37 -6.93 -27.15
C PHE C 1213 -20.86 -6.90 -27.52
N ALA C 1214 -21.41 -8.03 -27.96
CA ALA C 1214 -22.83 -8.07 -28.26
C ALA C 1214 -23.67 -7.92 -27.00
N ALA C 1215 -23.23 -8.53 -25.90
CA ALA C 1215 -23.92 -8.35 -24.62
C ALA C 1215 -23.91 -6.88 -24.22
N MET C 1216 -22.76 -6.21 -24.40
CA MET C 1216 -22.70 -4.77 -24.18
C MET C 1216 -23.58 -4.00 -25.15
N LEU C 1217 -23.82 -4.54 -26.35
CA LEU C 1217 -24.77 -3.93 -27.28
C LEU C 1217 -26.19 -4.00 -26.75
N MET C 1218 -26.56 -5.12 -26.13
CA MET C 1218 -27.94 -5.27 -25.68
C MET C 1218 -28.28 -4.47 -24.43
N ARG C 1219 -27.46 -3.49 -24.06
CA ARG C 1219 -27.91 -2.50 -23.11
C ARG C 1219 -29.07 -1.71 -23.72
N PRO C 1220 -30.00 -1.22 -22.90
CA PRO C 1220 -31.14 -0.47 -23.46
C PRO C 1220 -30.72 0.76 -24.25
N GLU C 1221 -29.60 1.39 -23.88
CA GLU C 1221 -29.16 2.59 -24.60
C GLU C 1221 -28.82 2.26 -26.05
N TYR C 1222 -28.11 1.16 -26.28
CA TYR C 1222 -27.77 0.74 -27.63
C TYR C 1222 -28.82 -0.17 -28.24
N ARG C 1223 -29.83 -0.57 -27.48
CA ARG C 1223 -30.91 -1.39 -28.03
C ARG C 1223 -31.73 -0.58 -29.01
N SER C 1224 -32.41 -1.29 -29.91
CA SER C 1224 -33.23 -0.69 -30.97
C SER C 1224 -32.40 0.23 -31.85
N LYS C 1225 -31.11 -0.05 -31.98
CA LYS C 1225 -30.23 0.70 -32.87
C LYS C 1225 -29.33 -0.18 -33.72
N ILE C 1226 -29.18 -1.47 -33.43
CA ILE C 1226 -28.43 -2.35 -34.29
C ILE C 1226 -29.10 -2.41 -35.65
N ASP C 1227 -28.28 -2.53 -36.70
CA ASP C 1227 -28.82 -2.64 -38.05
C ASP C 1227 -29.74 -3.84 -38.15
N ALA C 1228 -30.88 -3.66 -38.83
CA ALA C 1228 -31.86 -4.73 -38.94
C ALA C 1228 -31.28 -5.98 -39.59
N LYS C 1229 -30.28 -5.82 -40.44
CA LYS C 1229 -29.62 -6.97 -41.04
C LYS C 1229 -28.86 -7.78 -39.99
N TYR C 1230 -28.42 -7.14 -38.90
CA TYR C 1230 -27.53 -7.78 -37.96
C TYR C 1230 -28.16 -8.06 -36.60
N LYS C 1231 -29.40 -7.62 -36.36
CA LYS C 1231 -30.04 -7.92 -35.08
C LYS C 1231 -30.17 -9.42 -34.88
N LYS C 1232 -30.54 -10.14 -35.94
CA LYS C 1232 -30.64 -11.60 -35.87
C LYS C 1232 -29.31 -12.21 -35.48
N LYS C 1233 -28.22 -11.76 -36.12
CA LYS C 1233 -26.89 -12.30 -35.81
C LYS C 1233 -26.52 -12.02 -34.36
N ILE C 1234 -26.72 -10.78 -33.90
CA ILE C 1234 -26.32 -10.43 -32.54
C ILE C 1234 -27.10 -11.25 -31.52
N GLU C 1235 -28.42 -11.35 -31.71
CA GLU C 1235 -29.22 -12.13 -30.78
C GLU C 1235 -28.88 -13.61 -30.85
N GLY C 1236 -28.49 -14.10 -32.03
CA GLY C 1236 -28.06 -15.50 -32.13
C GLY C 1236 -26.79 -15.77 -31.36
N MET C 1237 -25.78 -14.89 -31.50
CA MET C 1237 -24.54 -15.11 -30.75
C MET C 1237 -24.77 -14.99 -29.26
N VAL C 1238 -25.58 -14.02 -28.82
CA VAL C 1238 -25.80 -13.86 -27.39
C VAL C 1238 -26.60 -15.03 -26.82
N ARG C 1239 -27.64 -15.45 -27.53
CA ARG C 1239 -28.54 -16.49 -26.99
C ARG C 1239 -27.79 -17.80 -26.77
N ARG C 1240 -26.92 -18.17 -27.69
CA ARG C 1240 -26.07 -19.35 -27.49
C ARG C 1240 -24.63 -18.90 -27.37
N PRO C 1241 -24.17 -18.54 -26.16
CA PRO C 1241 -22.81 -18.03 -26.01
C PRO C 1241 -21.77 -19.04 -26.44
N ASP C 1242 -20.69 -18.54 -27.03
CA ASP C 1242 -19.58 -19.36 -27.53
C ASP C 1242 -18.30 -18.75 -26.99
N ILE C 1243 -17.78 -19.32 -25.89
CA ILE C 1243 -16.61 -18.78 -25.22
C ILE C 1243 -15.34 -19.19 -25.97
N SER C 1244 -15.50 -19.93 -27.07
CA SER C 1244 -14.36 -20.41 -27.83
C SER C 1244 -13.67 -19.23 -28.52
N GLU C 1245 -12.47 -18.89 -28.06
CA GLU C 1245 -11.68 -17.83 -28.66
C GLU C 1245 -10.22 -18.28 -28.71
N ILE C 1246 -9.61 -18.14 -29.88
CA ILE C 1246 -8.20 -18.51 -30.04
C ILE C 1246 -7.33 -17.51 -29.31
N GLU C 1247 -6.34 -18.01 -28.58
CA GLU C 1247 -5.47 -17.15 -27.79
C GLU C 1247 -4.54 -16.33 -28.68
N GLU C 1248 -4.36 -15.07 -28.33
CA GLU C 1248 -3.43 -14.21 -29.05
C GLU C 1248 -2.00 -14.60 -28.73
N ALA C 1249 -1.16 -14.63 -29.77
CA ALA C 1249 0.24 -15.00 -29.59
C ALA C 1249 0.96 -13.95 -28.75
N THR C 1250 2.00 -14.39 -28.06
CA THR C 1250 2.84 -13.52 -27.25
C THR C 1250 4.18 -13.32 -27.95
N THR C 1251 4.68 -12.09 -27.89
CA THR C 1251 5.93 -11.70 -28.52
C THR C 1251 6.78 -10.93 -27.52
N PRO C 1252 8.09 -10.92 -27.71
CA PRO C 1252 8.97 -10.27 -26.72
C PRO C 1252 8.87 -8.76 -26.74
N CYS C 1253 9.07 -8.16 -25.57
CA CYS C 1253 9.22 -6.72 -25.49
C CYS C 1253 10.55 -6.31 -26.12
N PRO C 1254 10.58 -5.18 -26.84
CA PRO C 1254 11.85 -4.76 -27.46
C PRO C 1254 12.90 -4.31 -26.47
N PHE C 1255 12.52 -4.00 -25.22
CA PHE C 1255 13.47 -3.51 -24.23
C PHE C 1255 14.03 -4.65 -23.38
N CYS C 1256 13.17 -5.36 -22.67
CA CYS C 1256 13.59 -6.37 -21.71
C CYS C 1256 13.32 -7.79 -22.18
N LYS C 1257 12.91 -7.97 -23.44
CA LYS C 1257 12.64 -9.30 -24.01
C LYS C 1257 11.56 -10.04 -23.23
N PHE C 1258 10.61 -9.31 -22.66
CA PHE C 1258 9.52 -9.93 -21.92
C PHE C 1258 8.39 -10.31 -22.86
N LEU C 1259 7.89 -11.54 -22.72
CA LEU C 1259 6.81 -12.01 -23.56
C LEU C 1259 5.49 -11.38 -23.12
N LEU C 1260 4.91 -10.56 -23.98
CA LEU C 1260 3.63 -9.91 -23.72
C LEU C 1260 2.74 -10.08 -24.94
N PRO C 1261 1.42 -9.92 -24.78
CA PRO C 1261 0.52 -10.09 -25.93
C PRO C 1261 0.85 -9.10 -27.04
N GLU C 1262 0.60 -9.54 -28.28
CA GLU C 1262 0.99 -8.73 -29.43
C GLU C 1262 0.33 -7.36 -29.42
N CYS C 1263 -0.91 -7.29 -28.95
CA CYS C 1263 -1.66 -6.04 -28.96
C CYS C 1263 -1.55 -5.28 -27.63
N GLU C 1264 -0.77 -5.77 -26.68
CA GLU C 1264 -0.52 -5.05 -25.44
C GLU C 1264 0.71 -4.16 -25.62
N LEU C 1265 0.56 -2.88 -25.30
CA LEU C 1265 1.61 -1.91 -25.56
C LEU C 1265 2.39 -1.51 -24.31
N LEU C 1266 1.85 -1.74 -23.12
CA LEU C 1266 2.58 -1.47 -21.88
C LEU C 1266 3.18 -2.77 -21.38
N CYS C 1267 4.50 -2.81 -21.26
CA CYS C 1267 5.17 -4.02 -20.82
C CYS C 1267 5.17 -4.11 -19.31
N PRO C 1268 4.67 -5.20 -18.72
CA PRO C 1268 4.70 -5.33 -17.25
C PRO C 1268 6.09 -5.56 -16.69
N GLY C 1269 7.08 -5.84 -17.53
CA GLY C 1269 8.43 -6.05 -17.06
C GLY C 1269 9.19 -4.77 -16.79
N CYS C 1270 9.32 -3.92 -17.79
CA CYS C 1270 10.03 -2.66 -17.66
C CYS C 1270 9.11 -1.46 -17.45
N LYS C 1271 7.80 -1.68 -17.42
CA LYS C 1271 6.81 -0.63 -17.23
C LYS C 1271 6.87 0.44 -18.33
N ASN C 1272 7.48 0.11 -19.47
CA ASN C 1272 7.68 1.07 -20.54
C ASN C 1272 6.66 0.85 -21.64
N SER C 1273 6.11 1.95 -22.16
CA SER C 1273 5.24 1.88 -23.32
C SER C 1273 6.04 1.47 -24.55
N ILE C 1274 5.44 0.63 -25.38
CA ILE C 1274 6.09 0.07 -26.55
C ILE C 1274 5.50 0.72 -27.79
N PRO C 1275 6.30 1.19 -28.74
CA PRO C 1275 5.75 1.75 -29.97
C PRO C 1275 4.93 0.73 -30.73
N TYR C 1276 3.89 1.21 -31.40
CA TYR C 1276 2.96 0.34 -32.11
C TYR C 1276 3.26 0.35 -33.60
N CYS C 1277 3.26 -0.83 -34.20
CA CYS C 1277 3.44 -0.94 -35.64
C CYS C 1277 2.31 -0.21 -36.36
N ILE C 1278 2.68 0.69 -37.27
CA ILE C 1278 1.70 1.50 -37.98
C ILE C 1278 1.02 0.70 -39.08
N ALA C 1279 1.42 -0.57 -39.23
CA ALA C 1279 0.79 -1.44 -40.22
C ALA C 1279 -0.24 -2.37 -39.62
N THR C 1280 0.01 -2.91 -38.44
CA THR C 1280 -0.93 -3.82 -37.77
C THR C 1280 -1.48 -3.29 -36.47
N GLY C 1281 -0.81 -2.34 -35.82
CA GLY C 1281 -1.20 -1.90 -34.51
C GLY C 1281 -0.62 -2.70 -33.38
N ARG C 1282 0.07 -3.79 -33.69
CA ARG C 1282 0.77 -4.58 -32.69
C ARG C 1282 1.96 -3.80 -32.16
N HIS C 1283 2.43 -4.19 -30.98
CA HIS C 1283 3.61 -3.52 -30.44
C HIS C 1283 4.85 -3.94 -31.22
N MET C 1284 5.82 -3.05 -31.26
CA MET C 1284 6.99 -3.24 -32.11
C MET C 1284 7.87 -4.38 -31.61
N LEU C 1285 8.63 -4.95 -32.55
CA LEU C 1285 9.57 -6.03 -32.27
C LEU C 1285 10.96 -5.64 -32.74
N LYS C 1286 11.97 -6.11 -32.02
CA LYS C 1286 13.35 -5.78 -32.37
C LYS C 1286 13.77 -6.40 -33.69
N ASP C 1287 13.40 -7.66 -33.91
CA ASP C 1287 13.89 -8.43 -35.06
C ASP C 1287 13.07 -8.22 -36.31
N ASP C 1288 12.05 -7.38 -36.28
CA ASP C 1288 11.23 -7.08 -37.45
C ASP C 1288 11.04 -5.58 -37.60
N TRP C 1289 12.03 -4.80 -37.15
CA TRP C 1289 11.89 -3.36 -37.02
C TRP C 1289 12.03 -2.68 -38.38
N THR C 1290 11.31 -1.59 -38.56
CA THR C 1290 11.60 -0.66 -39.66
C THR C 1290 10.88 0.64 -39.37
N VAL C 1291 11.10 1.63 -40.24
CA VAL C 1291 10.42 2.92 -40.14
C VAL C 1291 10.10 3.38 -41.55
N CYS C 1292 8.97 4.05 -41.70
CA CYS C 1292 8.69 4.75 -42.95
C CYS C 1292 9.71 5.87 -43.13
N PRO C 1293 10.30 6.01 -44.32
CA PRO C 1293 11.27 7.09 -44.54
C PRO C 1293 10.65 8.48 -44.43
N HIS C 1294 9.34 8.60 -44.48
CA HIS C 1294 8.67 9.91 -44.49
C HIS C 1294 8.26 10.36 -43.09
N CYS C 1295 7.44 9.57 -42.40
CA CYS C 1295 6.92 9.97 -41.09
C CYS C 1295 7.80 9.49 -39.94
N ASP C 1296 8.80 8.65 -40.21
CA ASP C 1296 9.67 8.11 -39.17
C ASP C 1296 8.88 7.38 -38.09
N PHE C 1297 7.73 6.79 -38.46
CA PHE C 1297 7.04 6.01 -37.46
C PHE C 1297 7.47 4.55 -37.53
N PRO C 1298 7.53 3.86 -36.39
CA PRO C 1298 7.92 2.45 -36.40
C PRO C 1298 6.91 1.58 -37.12
N ALA C 1299 7.39 0.45 -37.61
CA ALA C 1299 6.53 -0.51 -38.30
C ALA C 1299 7.21 -1.86 -38.30
N LEU C 1300 6.41 -2.91 -38.43
CA LEU C 1300 6.93 -4.26 -38.56
C LEU C 1300 7.32 -4.51 -40.01
N TYR C 1301 8.58 -4.84 -40.24
CA TYR C 1301 9.10 -4.92 -41.60
C TYR C 1301 8.32 -5.92 -42.44
N SER C 1302 8.12 -7.13 -41.90
CA SER C 1302 7.34 -8.13 -42.62
C SER C 1302 5.90 -7.66 -42.83
N GLU C 1303 5.30 -7.11 -41.77
CA GLU C 1303 3.90 -6.71 -41.86
C GLU C 1303 3.72 -5.51 -42.78
N LEU C 1304 4.61 -4.52 -42.69
CA LEU C 1304 4.52 -3.39 -43.59
C LEU C 1304 4.75 -3.82 -45.03
N LYS C 1305 5.71 -4.72 -45.25
CA LYS C 1305 5.97 -5.21 -46.60
C LYS C 1305 4.76 -5.92 -47.18
N ILE C 1306 4.12 -6.78 -46.38
CA ILE C 1306 2.95 -7.50 -46.85
C ILE C 1306 1.80 -6.54 -47.14
N MET C 1307 1.60 -5.55 -46.26
CA MET C 1307 0.47 -4.65 -46.43
C MET C 1307 0.68 -3.70 -47.60
N LEU C 1308 1.93 -3.32 -47.89
CA LEU C 1308 2.20 -2.44 -49.02
C LEU C 1308 1.86 -3.08 -50.36
N ASN C 1309 1.68 -4.40 -50.39
CA ASN C 1309 1.32 -5.06 -51.64
C ASN C 1309 -0.03 -4.60 -52.15
N THR C 1310 -0.92 -4.16 -51.26
CA THR C 1310 -2.25 -3.73 -51.62
C THR C 1310 -2.52 -2.25 -51.37
N GLU C 1311 -1.59 -1.53 -50.77
CA GLU C 1311 -1.71 -0.08 -50.59
C GLU C 1311 -0.44 0.61 -51.05
N SER C 1312 -0.60 1.70 -51.79
CA SER C 1312 0.50 2.42 -52.40
C SER C 1312 0.94 3.63 -51.59
N THR C 1313 0.36 3.86 -50.42
CA THR C 1313 0.73 4.97 -49.56
C THR C 1313 0.91 4.47 -48.13
N CYS C 1314 1.69 5.21 -47.37
CA CYS C 1314 1.90 4.84 -45.97
C CYS C 1314 0.58 4.92 -45.21
N PRO C 1315 0.29 3.96 -44.35
CA PRO C 1315 -0.94 4.04 -43.55
C PRO C 1315 -0.99 5.24 -42.64
N MET C 1316 0.17 5.79 -42.27
CA MET C 1316 0.23 6.82 -41.24
C MET C 1316 0.35 8.21 -41.84
N CYS C 1317 1.36 8.43 -42.69
CA CYS C 1317 1.62 9.74 -43.26
C CYS C 1317 0.88 10.00 -44.56
N SER C 1318 0.25 8.97 -45.14
CA SER C 1318 -0.45 9.10 -46.42
C SER C 1318 0.46 9.62 -47.52
N GLU C 1319 1.73 9.24 -47.48
CA GLU C 1319 2.71 9.61 -48.50
C GLU C 1319 3.04 8.41 -49.36
N ARG C 1320 3.52 8.68 -50.57
CA ARG C 1320 3.81 7.63 -51.54
C ARG C 1320 4.94 6.76 -51.02
N LEU C 1321 4.62 5.50 -50.71
CA LEU C 1321 5.57 4.59 -50.10
C LEU C 1321 5.54 3.27 -50.86
N ASN C 1322 6.68 2.88 -51.41
CA ASN C 1322 6.83 1.61 -52.09
C ASN C 1322 7.50 0.60 -51.18
N ALA C 1323 7.51 -0.66 -51.61
CA ALA C 1323 8.14 -1.72 -50.82
C ALA C 1323 9.64 -1.52 -50.72
N ALA C 1324 10.26 -1.05 -51.81
CA ALA C 1324 11.72 -0.95 -51.85
C ALA C 1324 12.26 0.04 -50.82
N GLN C 1325 11.45 1.02 -50.41
CA GLN C 1325 11.92 2.04 -49.49
C GLN C 1325 12.11 1.54 -48.07
N LEU C 1326 11.69 0.32 -47.76
CA LEU C 1326 11.84 -0.21 -46.41
C LEU C 1326 13.23 -0.82 -46.24
N LYS C 1327 13.93 -0.42 -45.18
CA LYS C 1327 15.22 -0.99 -44.83
C LYS C 1327 15.15 -1.50 -43.39
N LYS C 1328 15.49 -2.77 -43.21
CA LYS C 1328 15.40 -3.38 -41.90
C LYS C 1328 16.50 -2.86 -40.99
N ILE C 1329 16.10 -2.27 -39.86
CA ILE C 1329 17.03 -1.64 -38.94
C ILE C 1329 17.47 -2.67 -37.91
N SER C 1330 18.79 -2.81 -37.73
CA SER C 1330 19.34 -3.72 -36.74
C SER C 1330 19.55 -3.06 -35.39
N ASP C 1331 19.91 -1.77 -35.38
CA ASP C 1331 20.16 -1.02 -34.16
C ASP C 1331 19.02 -0.02 -33.99
N CYS C 1332 18.04 -0.38 -33.17
CA CYS C 1332 16.88 0.46 -32.90
C CYS C 1332 16.97 1.15 -31.54
N THR C 1333 18.17 1.31 -31.01
CA THR C 1333 18.33 1.98 -29.71
C THR C 1333 17.95 3.45 -29.76
N GLN C 1334 17.93 4.05 -30.96
CA GLN C 1334 17.47 5.43 -31.08
C GLN C 1334 16.01 5.55 -30.68
N TYR C 1335 15.18 4.60 -31.10
CA TYR C 1335 13.75 4.64 -30.81
C TYR C 1335 13.40 4.00 -29.47
N LEU C 1336 14.33 3.27 -28.85
CA LEU C 1336 14.08 2.62 -27.58
C LEU C 1336 14.70 3.38 -26.41
N ARG C 1337 15.17 4.60 -26.63
CA ARG C 1337 15.75 5.41 -25.57
C ARG C 1337 14.64 6.08 -24.78
N THR C 1338 14.62 5.86 -23.47
CA THR C 1338 13.64 6.53 -22.62
C THR C 1338 13.82 8.04 -22.68
N GLU C 1339 12.71 8.75 -22.79
CA GLU C 1339 12.76 10.21 -22.98
C GLU C 1339 13.31 10.92 -21.75
N GLU C 1340 13.12 10.34 -20.56
CA GLU C 1340 13.61 10.98 -19.34
C GLU C 1340 15.12 11.05 -19.31
N GLU C 1341 15.79 9.95 -19.64
CA GLU C 1341 17.25 9.91 -19.64
C GLU C 1341 17.85 10.37 -20.95
N LEU C 1342 17.04 10.69 -21.96
CA LEU C 1342 17.55 11.16 -23.24
C LEU C 1342 17.18 12.62 -23.47
N MET D 1 -149.09 -88.62 29.94
CA MET D 1 -149.41 -87.52 29.04
C MET D 1 -150.83 -87.64 28.51
N ASP D 2 -151.45 -86.50 28.20
CA ASP D 2 -152.82 -86.48 27.72
C ASP D 2 -152.90 -86.93 26.26
N SER D 3 -154.04 -87.51 25.90
CA SER D 3 -154.26 -87.91 24.51
C SER D 3 -154.33 -86.71 23.59
N GLN D 4 -154.80 -85.57 24.10
CA GLN D 4 -154.80 -84.34 23.30
C GLN D 4 -153.38 -83.93 22.93
N GLU D 5 -152.45 -84.04 23.88
CA GLU D 5 -151.05 -83.75 23.59
C GLU D 5 -150.51 -84.68 22.50
N LEU D 6 -150.85 -85.96 22.58
CA LEU D 6 -150.40 -86.91 21.55
C LEU D 6 -150.98 -86.57 20.19
N LYS D 7 -152.25 -86.18 20.15
CA LYS D 7 -152.87 -85.83 18.87
C LYS D 7 -152.23 -84.59 18.27
N THR D 8 -152.00 -83.56 19.10
CA THR D 8 -151.36 -82.35 18.60
C THR D 8 -149.93 -82.61 18.15
N LEU D 9 -149.22 -83.47 18.88
CA LEU D 9 -147.86 -83.85 18.46
C LEU D 9 -147.89 -84.59 17.14
N ILE D 10 -148.87 -85.47 16.94
CA ILE D 10 -149.01 -86.15 15.66
C ILE D 10 -149.25 -85.15 14.55
N ASN D 11 -150.13 -84.17 14.79
CA ASN D 11 -150.40 -83.15 13.77
C ASN D 11 -149.14 -82.38 13.42
N TYR D 12 -148.37 -81.97 14.43
CA TYR D 12 -147.16 -81.21 14.17
C TYR D 12 -146.13 -82.05 13.42
N TYR D 13 -145.95 -83.30 13.83
CA TYR D 13 -144.97 -84.16 13.16
C TYR D 13 -145.38 -84.48 11.73
N CYS D 14 -146.69 -84.60 11.49
CA CYS D 14 -147.17 -84.73 10.12
C CYS D 14 -146.89 -83.48 9.32
N GLN D 15 -147.04 -82.30 9.94
CA GLN D 15 -146.77 -81.05 9.23
C GLN D 15 -145.33 -80.99 8.74
N GLU D 16 -144.38 -81.46 9.55
CA GLU D 16 -142.98 -81.53 9.15
C GLU D 16 -142.63 -82.87 8.51
N ARG D 17 -143.61 -83.74 8.30
CA ARG D 17 -143.42 -85.00 7.58
C ARG D 17 -142.40 -85.91 8.26
N TYR D 18 -142.45 -85.95 9.60
CA TYR D 18 -141.62 -86.87 10.37
C TYR D 18 -142.38 -88.19 10.49
N PHE D 19 -142.22 -89.03 9.47
CA PHE D 19 -143.12 -90.16 9.28
C PHE D 19 -143.00 -91.17 10.42
N HIS D 20 -141.79 -91.64 10.69
CA HIS D 20 -141.62 -92.63 11.74
C HIS D 20 -141.82 -92.03 13.12
N HIS D 21 -141.62 -90.71 13.25
CA HIS D 21 -142.03 -90.03 14.47
C HIS D 21 -143.53 -90.14 14.67
N VAL D 22 -144.31 -89.97 13.60
CA VAL D 22 -145.75 -90.15 13.69
C VAL D 22 -146.09 -91.58 14.08
N LEU D 23 -145.38 -92.55 13.49
CA LEU D 23 -145.60 -93.94 13.87
C LEU D 23 -145.30 -94.19 15.34
N LEU D 24 -144.20 -93.62 15.84
CA LEU D 24 -143.83 -93.82 17.24
C LEU D 24 -144.86 -93.18 18.17
N VAL D 25 -145.32 -91.98 17.85
CA VAL D 25 -146.34 -91.33 18.69
C VAL D 25 -147.64 -92.13 18.66
N ALA D 26 -148.01 -92.64 17.48
CA ALA D 26 -149.22 -93.46 17.40
C ALA D 26 -149.09 -94.73 18.22
N SER D 27 -147.91 -95.37 18.18
CA SER D 27 -147.70 -96.58 18.97
C SER D 27 -147.73 -96.27 20.47
N GLU D 28 -147.13 -95.15 20.88
CA GLU D 28 -147.18 -94.77 22.29
C GLU D 28 -148.61 -94.50 22.72
N GLY D 29 -149.40 -93.83 21.88
CA GLY D 29 -150.80 -93.63 22.19
C GLY D 29 -151.57 -94.94 22.29
N ILE D 30 -151.29 -95.88 21.37
CA ILE D 30 -151.95 -97.18 21.42
C ILE D 30 -151.63 -97.90 22.71
N LYS D 31 -150.36 -97.87 23.12
CA LYS D 31 -149.96 -98.49 24.38
C LYS D 31 -150.68 -97.83 25.56
N ARG D 32 -150.74 -96.49 25.57
CA ARG D 32 -151.43 -95.80 26.65
C ARG D 32 -152.94 -95.77 26.45
N TYR D 33 -153.41 -95.75 25.20
CA TYR D 33 -154.85 -95.67 24.91
C TYR D 33 -155.08 -96.44 23.60
N GLY D 34 -155.43 -97.72 23.75
CA GLY D 34 -155.62 -98.56 22.58
C GLY D 34 -157.01 -98.51 21.96
N SER D 35 -158.01 -98.07 22.73
CA SER D 35 -159.37 -98.01 22.22
C SER D 35 -159.59 -96.85 21.27
N ASP D 36 -158.67 -95.88 21.24
CA ASP D 36 -158.83 -94.72 20.36
C ASP D 36 -158.54 -95.12 18.91
N PRO D 37 -159.48 -94.88 17.99
CA PRO D 37 -159.21 -95.22 16.59
C PRO D 37 -158.30 -94.23 15.87
N VAL D 38 -158.14 -93.03 16.40
CA VAL D 38 -157.26 -92.04 15.78
C VAL D 38 -155.82 -92.52 15.78
N PHE D 39 -155.40 -93.17 16.87
CA PHE D 39 -154.03 -93.67 16.94
C PHE D 39 -153.78 -94.73 15.87
N ARG D 40 -154.72 -95.66 15.69
CA ARG D 40 -154.51 -96.71 14.69
C ARG D 40 -154.62 -96.16 13.27
N PHE D 41 -155.51 -95.18 13.06
CA PHE D 41 -155.52 -94.45 11.79
C PHE D 41 -154.16 -93.83 11.50
N TYR D 42 -153.58 -93.15 12.48
CA TYR D 42 -152.32 -92.47 12.24
C TYR D 42 -151.18 -93.47 12.07
N HIS D 43 -151.26 -94.62 12.73
CA HIS D 43 -150.32 -95.70 12.45
C HIS D 43 -150.42 -96.16 11.00
N ALA D 44 -151.64 -96.36 10.51
CA ALA D 44 -151.81 -96.75 9.11
C ALA D 44 -151.30 -95.67 8.17
N TYR D 45 -151.56 -94.41 8.51
CA TYR D 45 -151.16 -93.28 7.66
C TYR D 45 -149.64 -93.18 7.58
N GLY D 46 -148.96 -93.24 8.73
CA GLY D 46 -147.51 -93.24 8.73
C GLY D 46 -146.93 -94.45 8.04
N THR D 47 -147.56 -95.61 8.21
CA THR D 47 -147.11 -96.83 7.54
C THR D 47 -147.21 -96.67 6.02
N LEU D 48 -148.29 -96.07 5.54
CA LEU D 48 -148.44 -95.82 4.11
C LEU D 48 -147.37 -94.86 3.60
N MET D 49 -147.12 -93.78 4.33
CA MET D 49 -146.16 -92.78 3.84
C MET D 49 -144.71 -93.27 3.97
N GLU D 50 -144.46 -94.22 4.88
CA GLU D 50 -143.16 -94.89 4.88
C GLU D 50 -142.94 -95.69 3.60
N GLY D 51 -143.98 -96.35 3.12
CA GLY D 51 -143.88 -97.13 1.90
C GLY D 51 -144.51 -98.51 1.99
N LYS D 52 -145.21 -98.77 3.10
CA LYS D 52 -145.86 -100.07 3.30
C LYS D 52 -147.36 -99.88 3.12
N THR D 53 -147.86 -100.28 1.94
CA THR D 53 -149.28 -100.19 1.63
C THR D 53 -150.04 -101.46 2.01
N GLN D 54 -149.35 -102.59 2.13
CA GLN D 54 -150.03 -103.86 2.37
C GLN D 54 -150.80 -103.84 3.69
N GLU D 55 -150.20 -103.28 4.74
CA GLU D 55 -150.91 -103.12 6.00
C GLU D 55 -151.75 -101.86 6.04
N ALA D 56 -151.35 -100.84 5.27
CA ALA D 56 -152.10 -99.58 5.26
C ALA D 56 -153.52 -99.79 4.74
N LEU D 57 -153.66 -100.50 3.62
CA LEU D 57 -154.99 -100.74 3.07
C LEU D 57 -155.84 -101.60 3.99
N ARG D 58 -155.24 -102.62 4.61
CA ARG D 58 -155.98 -103.45 5.54
C ARG D 58 -156.48 -102.65 6.73
N GLU D 59 -155.61 -101.80 7.29
CA GLU D 59 -156.03 -100.97 8.41
C GLU D 59 -157.10 -99.97 8.00
N PHE D 60 -157.00 -99.42 6.78
CA PHE D 60 -158.02 -98.51 6.28
C PHE D 60 -159.37 -99.20 6.21
N GLU D 61 -159.40 -100.42 5.65
CA GLU D 61 -160.65 -101.16 5.57
C GLU D 61 -161.19 -101.49 6.97
N ALA D 62 -160.29 -101.82 7.90
CA ALA D 62 -160.73 -102.12 9.26
C ALA D 62 -161.36 -100.90 9.93
N ILE D 63 -160.75 -99.73 9.80
CA ILE D 63 -161.26 -98.53 10.46
C ILE D 63 -162.37 -97.85 9.67
N LYS D 64 -162.67 -98.32 8.46
CA LYS D 64 -163.81 -97.79 7.72
C LYS D 64 -165.12 -98.04 8.45
N ASN D 65 -165.14 -98.94 9.43
CA ASN D 65 -166.34 -99.19 10.22
C ASN D 65 -166.77 -97.97 11.00
N LYS D 66 -165.82 -97.23 11.58
CA LYS D 66 -166.10 -96.06 12.39
C LYS D 66 -166.14 -94.82 11.50
N GLN D 67 -167.25 -94.09 11.55
CA GLN D 67 -167.49 -93.00 10.59
C GLN D 67 -166.41 -91.93 10.68
N ASP D 68 -166.12 -91.47 11.90
CA ASP D 68 -165.21 -90.35 12.12
C ASP D 68 -163.82 -90.63 11.58
N VAL D 69 -163.45 -91.90 11.44
CA VAL D 69 -162.26 -92.28 10.70
C VAL D 69 -162.57 -92.88 9.34
N SER D 70 -163.83 -93.25 9.07
CA SER D 70 -164.16 -93.81 7.76
C SER D 70 -164.02 -92.77 6.67
N LEU D 71 -164.45 -91.54 6.94
CA LEU D 71 -164.32 -90.50 5.91
C LEU D 71 -162.87 -90.27 5.54
N CYS D 72 -162.01 -90.11 6.55
CA CYS D 72 -160.60 -89.90 6.28
C CYS D 72 -159.94 -91.16 5.70
N SER D 73 -160.48 -92.34 6.01
CA SER D 73 -159.96 -93.57 5.41
C SER D 73 -160.32 -93.66 3.94
N LEU D 74 -161.51 -93.21 3.56
CA LEU D 74 -161.86 -93.11 2.15
C LEU D 74 -160.95 -92.12 1.43
N LEU D 75 -160.68 -90.98 2.05
CA LEU D 75 -159.73 -90.04 1.44
C LEU D 75 -158.33 -90.65 1.35
N ALA D 76 -157.95 -91.43 2.37
CA ALA D 76 -156.66 -92.12 2.34
C ALA D 76 -156.61 -93.15 1.23
N LEU D 77 -157.71 -93.84 0.98
CA LEU D 77 -157.76 -94.78 -0.14
C LEU D 77 -157.67 -94.05 -1.48
N ILE D 78 -158.28 -92.87 -1.57
CA ILE D 78 -158.14 -92.05 -2.78
C ILE D 78 -156.67 -91.70 -2.99
N TYR D 79 -155.99 -91.27 -1.93
CA TYR D 79 -154.58 -90.92 -2.06
C TYR D 79 -153.71 -92.16 -2.33
N ALA D 80 -154.13 -93.31 -1.80
CA ALA D 80 -153.44 -94.57 -2.09
C ALA D 80 -153.54 -94.92 -3.56
N HIS D 81 -154.71 -94.70 -4.15
CA HIS D 81 -154.82 -94.78 -5.60
C HIS D 81 -153.97 -93.72 -6.28
N LYS D 82 -153.81 -92.57 -5.63
CA LYS D 82 -153.08 -91.46 -6.26
C LYS D 82 -151.60 -91.80 -6.46
N MET D 83 -150.91 -92.28 -5.42
CA MET D 83 -149.46 -92.40 -5.64
C MET D 83 -149.10 -93.66 -6.42
N SER D 84 -150.03 -94.59 -6.57
CA SER D 84 -149.73 -95.85 -7.24
C SER D 84 -149.38 -95.59 -8.71
N PRO D 85 -148.36 -96.27 -9.25
CA PRO D 85 -148.00 -96.04 -10.66
C PRO D 85 -149.12 -96.37 -11.63
N ASN D 86 -149.95 -97.36 -11.33
CA ASN D 86 -151.05 -97.77 -12.21
C ASN D 86 -152.34 -97.79 -11.40
N PRO D 87 -152.92 -96.62 -11.15
CA PRO D 87 -154.20 -96.58 -10.42
C PRO D 87 -155.32 -97.19 -11.24
N ASP D 88 -156.28 -97.79 -10.54
CA ASP D 88 -157.44 -98.38 -11.17
C ASP D 88 -158.54 -97.33 -11.28
N ARG D 89 -158.89 -96.95 -12.51
CA ARG D 89 -159.89 -95.91 -12.72
C ARG D 89 -161.24 -96.30 -12.16
N GLU D 90 -161.64 -97.56 -12.34
CA GLU D 90 -162.89 -98.03 -11.75
C GLU D 90 -162.84 -97.97 -10.22
N ALA D 91 -161.69 -98.33 -9.64
CA ALA D 91 -161.54 -98.22 -8.20
C ALA D 91 -161.56 -96.76 -7.75
N ILE D 92 -160.96 -95.87 -8.54
CA ILE D 92 -161.00 -94.45 -8.22
C ILE D 92 -162.43 -93.94 -8.22
N LEU D 93 -163.22 -94.32 -9.22
CA LEU D 93 -164.61 -93.90 -9.27
C LEU D 93 -165.41 -94.47 -8.12
N GLU D 94 -165.17 -95.74 -7.78
CA GLU D 94 -165.86 -96.35 -6.64
C GLU D 94 -165.54 -95.62 -5.34
N SER D 95 -164.26 -95.30 -5.14
CA SER D 95 -163.86 -94.57 -3.93
C SER D 95 -164.42 -93.16 -3.92
N ASP D 96 -164.50 -92.51 -5.09
CA ASP D 96 -165.12 -91.19 -5.16
C ASP D 96 -166.58 -91.25 -4.77
N ALA D 97 -167.31 -92.25 -5.28
CA ALA D 97 -168.72 -92.39 -4.93
C ALA D 97 -168.88 -92.66 -3.44
N ARG D 98 -168.05 -93.54 -2.87
CA ARG D 98 -168.15 -93.86 -1.46
C ARG D 98 -167.82 -92.65 -0.59
N VAL D 99 -166.79 -91.88 -0.97
CA VAL D 99 -166.40 -90.73 -0.17
C VAL D 99 -167.44 -89.62 -0.27
N LYS D 100 -168.09 -89.48 -1.43
CA LYS D 100 -169.16 -88.49 -1.54
C LYS D 100 -170.38 -88.92 -0.74
N GLU D 101 -170.67 -90.22 -0.71
CA GLU D 101 -171.73 -90.73 0.14
C GLU D 101 -171.43 -90.45 1.61
N GLN D 102 -170.18 -90.64 2.01
CA GLN D 102 -169.78 -90.29 3.38
C GLN D 102 -169.87 -88.79 3.61
N ARG D 103 -169.60 -87.99 2.58
CA ARG D 103 -169.74 -86.54 2.70
C ARG D 103 -171.19 -86.14 2.93
N LYS D 104 -172.14 -86.85 2.31
CA LYS D 104 -173.55 -86.57 2.56
C LYS D 104 -173.87 -86.73 4.04
N GLY D 105 -173.52 -87.87 4.62
CA GLY D 105 -173.65 -88.07 6.05
C GLY D 105 -172.37 -87.80 6.81
N ALA D 106 -171.90 -86.56 6.76
CA ALA D 106 -170.60 -86.21 7.34
C ALA D 106 -170.73 -85.88 8.82
N GLY D 107 -169.61 -86.02 9.52
CA GLY D 107 -169.54 -85.69 10.93
C GLY D 107 -168.36 -84.76 11.20
N GLU D 108 -168.42 -84.12 12.38
CA GLU D 108 -167.41 -83.11 12.71
C GLU D 108 -166.02 -83.73 12.81
N LYS D 109 -165.89 -84.90 13.44
CA LYS D 109 -164.58 -85.53 13.56
C LYS D 109 -164.14 -86.15 12.26
N ALA D 110 -165.08 -86.70 11.49
CA ALA D 110 -164.76 -87.23 10.18
C ALA D 110 -164.21 -86.14 9.27
N LEU D 111 -164.90 -85.00 9.21
CA LEU D 111 -164.40 -83.89 8.42
C LEU D 111 -163.11 -83.31 8.98
N TYR D 112 -162.94 -83.33 10.30
CA TYR D 112 -161.68 -82.89 10.90
C TYR D 112 -160.52 -83.72 10.39
N HIS D 113 -160.64 -85.05 10.49
CA HIS D 113 -159.57 -85.92 10.03
C HIS D 113 -159.36 -85.80 8.53
N ALA D 114 -160.46 -85.71 7.76
CA ALA D 114 -160.33 -85.61 6.31
C ALA D 114 -159.65 -84.32 5.90
N GLY D 115 -159.98 -83.20 6.55
CA GLY D 115 -159.30 -81.95 6.27
C GLY D 115 -157.83 -82.00 6.64
N LEU D 116 -157.51 -82.65 7.76
CA LEU D 116 -156.10 -82.84 8.12
C LEU D 116 -155.37 -83.64 7.05
N PHE D 117 -156.01 -84.70 6.54
CA PHE D 117 -155.40 -85.52 5.50
C PHE D 117 -155.17 -84.72 4.22
N LEU D 118 -156.17 -83.95 3.80
CA LEU D 118 -156.05 -83.14 2.60
C LEU D 118 -154.95 -82.08 2.77
N TRP D 119 -154.88 -81.48 3.96
CA TRP D 119 -153.79 -80.55 4.26
C TRP D 119 -152.44 -81.23 4.14
N HIS D 120 -152.32 -82.44 4.67
CA HIS D 120 -151.06 -83.18 4.58
C HIS D 120 -150.70 -83.45 3.12
N ILE D 121 -151.69 -83.82 2.30
CA ILE D 121 -151.44 -83.96 0.87
C ILE D 121 -151.10 -82.60 0.26
N GLY D 122 -151.83 -81.56 0.64
CA GLY D 122 -151.61 -80.23 0.12
C GLY D 122 -152.82 -79.61 -0.56
N ARG D 123 -153.96 -80.30 -0.66
CA ARG D 123 -155.17 -79.75 -1.27
C ARG D 123 -155.86 -78.88 -0.23
N HIS D 124 -155.49 -77.60 -0.20
CA HIS D 124 -156.01 -76.71 0.83
C HIS D 124 -157.48 -76.37 0.60
N ASP D 125 -157.92 -76.32 -0.66
CA ASP D 125 -159.29 -75.88 -0.95
C ASP D 125 -160.31 -76.91 -0.46
N LYS D 126 -160.09 -78.19 -0.78
CA LYS D 126 -161.01 -79.23 -0.33
C LYS D 126 -161.00 -79.34 1.19
N ALA D 127 -159.82 -79.20 1.81
CA ALA D 127 -159.75 -79.21 3.27
C ALA D 127 -160.51 -78.05 3.87
N ARG D 128 -160.41 -76.87 3.26
CA ARG D 128 -161.17 -75.72 3.75
C ARG D 128 -162.67 -75.94 3.60
N GLU D 129 -163.09 -76.56 2.49
CA GLU D 129 -164.50 -76.88 2.32
C GLU D 129 -164.98 -77.85 3.41
N TYR D 130 -164.17 -78.86 3.72
CA TYR D 130 -164.54 -79.80 4.77
C TYR D 130 -164.58 -79.13 6.13
N ILE D 131 -163.67 -78.17 6.37
CA ILE D 131 -163.68 -77.42 7.62
C ILE D 131 -164.96 -76.60 7.72
N ASP D 132 -165.37 -75.96 6.63
CA ASP D 132 -166.62 -75.22 6.64
C ASP D 132 -167.80 -76.15 6.89
N ARG D 133 -167.75 -77.37 6.32
CA ARG D 133 -168.83 -78.33 6.52
C ARG D 133 -168.94 -78.72 7.99
N MET D 134 -167.81 -79.02 8.64
CA MET D 134 -167.89 -79.37 10.05
C MET D 134 -168.29 -78.18 10.92
N ILE D 135 -167.90 -76.97 10.52
CA ILE D 135 -168.32 -75.78 11.25
C ILE D 135 -169.84 -75.63 11.18
N LYS D 136 -170.41 -75.84 10.00
CA LYS D 136 -171.85 -75.80 9.86
C LYS D 136 -172.53 -76.90 10.67
N ILE D 137 -171.96 -78.11 10.65
CA ILE D 137 -172.59 -79.24 11.32
C ILE D 137 -172.57 -79.06 12.84
N SER D 138 -171.40 -78.70 13.38
CA SER D 138 -171.20 -78.64 14.83
C SER D 138 -171.36 -77.23 15.39
N ASP D 139 -171.80 -76.27 14.57
CA ASP D 139 -172.05 -74.90 15.00
C ASP D 139 -170.78 -74.26 15.57
N GLY D 140 -169.79 -74.13 14.68
CA GLY D 140 -168.57 -73.44 15.02
C GLY D 140 -167.72 -74.11 16.09
N SER D 141 -167.37 -75.37 15.87
CA SER D 141 -166.52 -76.08 16.83
C SER D 141 -165.15 -75.42 16.92
N LYS D 142 -164.59 -75.39 18.13
CA LYS D 142 -163.31 -74.73 18.34
C LYS D 142 -162.19 -75.41 17.56
N GLN D 143 -162.19 -76.75 17.53
CA GLN D 143 -161.14 -77.46 16.81
C GLN D 143 -161.16 -77.12 15.33
N GLY D 144 -162.35 -77.03 14.73
CA GLY D 144 -162.42 -76.62 13.34
C GLY D 144 -161.91 -75.22 13.11
N HIS D 145 -162.23 -74.30 14.03
CA HIS D 145 -161.73 -72.93 13.90
C HIS D 145 -160.21 -72.89 13.96
N VAL D 146 -159.61 -73.63 14.90
CA VAL D 146 -158.15 -73.62 15.01
C VAL D 146 -157.51 -74.31 13.81
N LEU D 147 -158.14 -75.36 13.29
CA LEU D 147 -157.60 -76.04 12.12
C LEU D 147 -157.64 -75.15 10.89
N LYS D 148 -158.75 -74.44 10.68
CA LYS D 148 -158.80 -73.51 9.54
C LYS D 148 -157.87 -72.33 9.76
N ALA D 149 -157.60 -71.97 11.02
CA ALA D 149 -156.59 -70.94 11.28
C ALA D 149 -155.20 -71.43 10.89
N TRP D 150 -154.87 -72.69 11.20
CA TRP D 150 -153.62 -73.26 10.73
C TRP D 150 -153.57 -73.29 9.21
N LEU D 151 -154.69 -73.62 8.58
CA LEU D 151 -154.76 -73.58 7.12
C LEU D 151 -154.49 -72.17 6.60
N ASP D 152 -155.07 -71.16 7.26
CA ASP D 152 -154.91 -69.78 6.83
C ASP D 152 -153.45 -69.32 6.93
N ILE D 153 -152.80 -69.64 8.06
CA ILE D 153 -151.41 -69.22 8.21
C ILE D 153 -150.51 -69.98 7.25
N THR D 154 -150.78 -71.28 7.06
CA THR D 154 -150.02 -72.06 6.10
C THR D 154 -150.43 -71.79 4.65
N ARG D 155 -151.53 -71.08 4.44
CA ARG D 155 -151.89 -70.66 3.09
C ARG D 155 -150.93 -69.62 2.52
N GLY D 156 -150.16 -68.97 3.39
CA GLY D 156 -149.18 -67.99 2.94
C GLY D 156 -149.78 -66.67 2.49
N LYS D 157 -150.86 -66.23 3.11
CA LYS D 157 -151.49 -64.95 2.77
C LYS D 157 -151.63 -64.11 4.03
N GLU D 158 -151.23 -62.85 3.94
CA GLU D 158 -151.26 -61.96 5.11
C GLU D 158 -152.66 -61.73 5.65
N PRO D 159 -153.68 -61.41 4.84
CA PRO D 159 -155.03 -61.22 5.41
C PRO D 159 -155.56 -62.45 6.13
N TYR D 160 -155.21 -63.65 5.67
CA TYR D 160 -155.61 -64.85 6.38
C TYR D 160 -154.97 -64.95 7.76
N THR D 161 -153.79 -64.34 7.92
CA THR D 161 -153.07 -64.45 9.18
C THR D 161 -153.80 -63.73 10.32
N LYS D 162 -154.40 -62.57 10.02
CA LYS D 162 -155.17 -61.87 11.06
C LYS D 162 -156.37 -62.68 11.51
N LYS D 163 -157.10 -63.28 10.55
CA LYS D 163 -158.23 -64.14 10.89
C LYS D 163 -157.76 -65.33 11.72
N ALA D 164 -156.63 -65.94 11.34
CA ALA D 164 -156.10 -67.06 12.09
C ALA D 164 -155.73 -66.66 13.51
N LEU D 165 -155.12 -65.49 13.66
CA LEU D 165 -154.77 -64.99 14.99
C LEU D 165 -156.02 -64.78 15.84
N LYS D 166 -157.08 -64.25 15.24
CA LYS D 166 -158.34 -64.10 15.97
C LYS D 166 -158.89 -65.45 16.40
N TYR D 167 -158.84 -66.44 15.50
CA TYR D 167 -159.30 -67.78 15.85
C TYR D 167 -158.48 -68.37 16.99
N PHE D 168 -157.16 -68.16 16.95
CA PHE D 168 -156.30 -68.66 18.03
C PHE D 168 -156.62 -67.99 19.35
N GLU D 169 -156.86 -66.67 19.33
CA GLU D 169 -157.27 -65.98 20.55
C GLU D 169 -158.57 -66.54 21.10
N GLU D 170 -159.54 -66.77 20.22
CA GLU D 170 -160.82 -67.34 20.66
C GLU D 170 -160.61 -68.73 21.26
N GLY D 171 -159.78 -69.55 20.62
CA GLY D 171 -159.54 -70.90 21.12
C GLY D 171 -158.82 -70.91 22.46
N LEU D 172 -157.79 -70.08 22.60
CA LEU D 172 -157.00 -70.05 23.82
C LEU D 172 -157.68 -69.29 24.96
N GLN D 173 -158.74 -68.52 24.66
CA GLN D 173 -159.48 -67.88 25.74
C GLN D 173 -160.14 -68.91 26.65
N ASP D 174 -160.65 -69.99 26.06
CA ASP D 174 -161.35 -71.02 26.82
C ASP D 174 -160.59 -72.33 26.93
N GLY D 175 -159.81 -72.71 25.93
CA GLY D 175 -159.13 -73.99 25.94
C GLY D 175 -157.63 -73.90 25.85
N ASN D 176 -156.93 -74.52 26.81
CA ASN D 176 -155.47 -74.55 26.82
C ASN D 176 -154.96 -75.70 25.96
N ASP D 177 -155.31 -75.65 24.68
CA ASP D 177 -154.91 -76.68 23.74
C ASP D 177 -153.59 -76.30 23.08
N THR D 178 -152.72 -77.30 22.91
CA THR D 178 -151.40 -77.07 22.32
C THR D 178 -151.52 -76.64 20.86
N PHE D 179 -152.58 -77.09 20.17
CA PHE D 179 -152.75 -76.74 18.76
C PHE D 179 -152.87 -75.22 18.58
N ALA D 180 -153.76 -74.59 19.35
CA ALA D 180 -153.92 -73.14 19.24
C ALA D 180 -152.67 -72.41 19.73
N LEU D 181 -151.97 -72.96 20.72
CA LEU D 181 -150.74 -72.35 21.18
C LEU D 181 -149.68 -72.33 20.08
N LEU D 182 -149.51 -73.46 19.40
CA LEU D 182 -148.55 -73.52 18.30
C LEU D 182 -148.97 -72.62 17.15
N GLY D 183 -150.28 -72.52 16.90
CA GLY D 183 -150.75 -71.61 15.88
C GLY D 183 -150.46 -70.16 16.21
N LYS D 184 -150.66 -69.77 17.46
CA LYS D 184 -150.33 -68.41 17.89
C LYS D 184 -148.83 -68.15 17.77
N ALA D 185 -148.01 -69.13 18.13
CA ALA D 185 -146.57 -68.99 17.95
C ALA D 185 -146.21 -68.79 16.49
N GLN D 186 -146.84 -69.56 15.60
CA GLN D 186 -146.61 -69.38 14.16
C GLN D 186 -147.00 -67.97 13.73
N CYS D 187 -148.18 -67.52 14.13
CA CYS D 187 -148.63 -66.17 13.78
C CYS D 187 -147.60 -65.13 14.21
N LEU D 188 -147.13 -65.22 15.46
CA LEU D 188 -146.09 -64.31 15.91
C LEU D 188 -144.83 -64.46 15.09
N GLU D 189 -144.57 -65.65 14.55
CA GLU D 189 -143.39 -65.85 13.71
C GLU D 189 -143.51 -65.09 12.39
N MET D 190 -144.66 -65.17 11.71
CA MET D 190 -144.78 -64.48 10.43
C MET D 190 -144.69 -62.97 10.59
N ARG D 191 -145.27 -62.42 11.65
CA ARG D 191 -145.13 -60.99 11.92
C ARG D 191 -143.76 -60.61 12.45
N GLN D 192 -142.80 -61.54 12.44
CA GLN D 192 -141.43 -61.30 12.87
C GLN D 192 -141.35 -60.84 14.33
N ASN D 193 -142.36 -61.17 15.13
CA ASN D 193 -142.36 -60.83 16.55
C ASN D 193 -141.64 -61.95 17.31
N TYR D 194 -140.31 -61.97 17.15
CA TYR D 194 -139.50 -63.03 17.74
C TYR D 194 -139.58 -63.02 19.25
N SER D 195 -139.54 -61.83 19.86
CA SER D 195 -139.65 -61.74 21.31
C SER D 195 -141.01 -62.24 21.79
N GLY D 196 -142.09 -61.80 21.14
CA GLY D 196 -143.41 -62.26 21.52
C GLY D 196 -143.60 -63.74 21.25
N ALA D 197 -143.03 -64.24 20.14
CA ALA D 197 -143.11 -65.67 19.86
C ALA D 197 -142.38 -66.48 20.92
N LEU D 198 -141.23 -65.99 21.37
CA LEU D 198 -140.52 -66.67 22.45
C LEU D 198 -141.30 -66.63 23.76
N GLU D 199 -141.97 -65.51 24.04
CA GLU D 199 -142.81 -65.44 25.23
C GLU D 199 -143.95 -66.45 25.15
N THR D 200 -144.57 -66.57 23.98
CA THR D 200 -145.64 -67.56 23.80
C THR D 200 -145.09 -68.98 23.95
N MET D 201 -143.91 -69.24 23.40
CA MET D 201 -143.30 -70.56 23.53
C MET D 201 -142.99 -70.89 24.99
N ASN D 202 -142.50 -69.91 25.75
CA ASN D 202 -142.24 -70.11 27.17
C ASN D 202 -143.53 -70.37 27.93
N GLN D 203 -144.61 -69.67 27.56
CA GLN D 203 -145.90 -69.93 28.18
C GLN D 203 -146.38 -71.35 27.88
N ILE D 204 -146.16 -71.81 26.65
CA ILE D 204 -146.49 -73.20 26.30
C ILE D 204 -145.66 -74.17 27.14
N ILE D 205 -144.37 -73.88 27.30
CA ILE D 205 -143.50 -74.71 28.12
C ILE D 205 -144.03 -74.79 29.54
N VAL D 206 -144.50 -73.66 30.07
CA VAL D 206 -145.12 -73.66 31.39
C VAL D 206 -146.35 -74.55 31.39
N ASN D 207 -147.18 -74.45 30.35
CA ASN D 207 -148.35 -75.32 30.26
C ASN D 207 -147.94 -76.78 30.09
N PHE D 208 -146.95 -77.05 29.24
CA PHE D 208 -146.50 -78.42 28.95
C PHE D 208 -144.98 -78.45 28.92
N PRO D 209 -144.34 -78.81 30.03
CA PRO D 209 -142.88 -78.97 30.02
C PRO D 209 -142.40 -80.22 29.31
N SER D 210 -143.30 -80.98 28.68
CA SER D 210 -142.93 -82.22 27.98
C SER D 210 -143.25 -82.15 26.49
N PHE D 211 -143.37 -80.95 25.92
CA PHE D 211 -143.66 -80.78 24.50
C PHE D 211 -142.38 -80.41 23.78
N LEU D 212 -141.78 -81.38 23.10
CA LEU D 212 -140.54 -81.13 22.36
C LEU D 212 -140.68 -80.08 21.26
N PRO D 213 -141.71 -80.09 20.41
CA PRO D 213 -141.79 -79.08 19.36
C PRO D 213 -141.80 -77.65 19.88
N ALA D 214 -142.40 -77.41 21.04
CA ALA D 214 -142.37 -76.08 21.62
C ALA D 214 -140.94 -75.65 21.92
N PHE D 215 -140.14 -76.55 22.49
CA PHE D 215 -138.74 -76.22 22.77
C PHE D 215 -137.97 -76.01 21.47
N VAL D 216 -138.25 -76.82 20.45
CA VAL D 216 -137.56 -76.68 19.18
C VAL D 216 -137.85 -75.32 18.55
N LYS D 217 -139.12 -74.92 18.57
CA LYS D 217 -139.49 -73.62 18.04
C LYS D 217 -138.85 -72.50 18.86
N LYS D 218 -138.79 -72.67 20.18
CA LYS D 218 -138.11 -71.70 21.03
C LYS D 218 -136.64 -71.57 20.64
N MET D 219 -135.98 -72.71 20.39
CA MET D 219 -134.58 -72.70 19.98
C MET D 219 -134.40 -71.97 18.65
N LYS D 220 -135.27 -72.25 17.68
CA LYS D 220 -135.17 -71.59 16.39
C LYS D 220 -135.41 -70.09 16.51
N LEU D 221 -136.38 -69.70 17.34
CA LEU D 221 -136.64 -68.28 17.56
C LEU D 221 -135.46 -67.60 18.22
N GLN D 222 -134.82 -68.26 19.19
CA GLN D 222 -133.61 -67.72 19.79
C GLN D 222 -132.53 -67.52 18.74
N LEU D 223 -132.34 -68.53 17.90
CA LEU D 223 -131.40 -68.39 16.79
C LEU D 223 -131.73 -67.19 15.93
N ALA D 224 -133.04 -66.92 15.74
CA ALA D 224 -133.45 -65.75 14.99
C ALA D 224 -133.09 -64.46 15.71
N LEU D 225 -133.05 -64.48 17.04
CA LEU D 225 -132.75 -63.28 17.80
C LEU D 225 -131.26 -63.00 17.92
N GLN D 226 -130.41 -63.79 17.28
CA GLN D 226 -128.97 -63.54 17.20
C GLN D 226 -128.29 -63.62 18.57
N ASP D 227 -128.64 -64.63 19.35
CA ASP D 227 -127.92 -64.96 20.58
C ASP D 227 -127.64 -66.47 20.54
N TRP D 228 -126.49 -66.82 19.94
CA TRP D 228 -126.15 -68.22 19.75
C TRP D 228 -126.04 -68.97 21.06
N ASP D 229 -125.61 -68.29 22.14
CA ASP D 229 -125.43 -68.95 23.42
C ASP D 229 -126.74 -69.49 23.97
N GLN D 230 -127.81 -68.69 23.88
CA GLN D 230 -129.12 -69.16 24.35
C GLN D 230 -129.60 -70.34 23.51
N THR D 231 -129.33 -70.31 22.20
CA THR D 231 -129.68 -71.43 21.34
C THR D 231 -128.95 -72.69 21.77
N VAL D 232 -127.66 -72.57 22.08
CA VAL D 232 -126.87 -73.73 22.52
C VAL D 232 -127.42 -74.25 23.84
N GLU D 233 -127.79 -73.35 24.76
CA GLU D 233 -128.34 -73.79 26.03
C GLU D 233 -129.67 -74.52 25.84
N THR D 234 -130.51 -74.02 24.93
CA THR D 234 -131.77 -74.70 24.65
C THR D 234 -131.53 -76.08 24.05
N ALA D 235 -130.55 -76.18 23.16
CA ALA D 235 -130.20 -77.49 22.60
C ALA D 235 -129.71 -78.44 23.68
N GLN D 236 -128.92 -77.92 24.63
CA GLN D 236 -128.45 -78.73 25.74
C GLN D 236 -129.61 -79.21 26.60
N ARG D 237 -130.58 -78.32 26.84
CA ARG D 237 -131.77 -78.73 27.61
C ARG D 237 -132.53 -79.82 26.87
N LEU D 238 -132.69 -79.68 25.56
CA LEU D 238 -133.34 -80.72 24.78
C LEU D 238 -132.61 -82.05 24.88
N LEU D 239 -131.29 -82.02 24.75
CA LEU D 239 -130.52 -83.26 24.90
C LEU D 239 -130.67 -83.84 26.30
N LEU D 240 -130.85 -82.97 27.30
CA LEU D 240 -131.14 -83.45 28.65
C LEU D 240 -132.47 -84.18 28.69
N GLN D 241 -133.51 -83.60 28.10
CA GLN D 241 -134.81 -84.27 28.08
C GLN D 241 -134.84 -85.43 27.09
N ASP D 242 -134.27 -85.24 25.89
CA ASP D 242 -134.23 -86.29 24.89
C ASP D 242 -132.85 -86.24 24.22
N SER D 243 -132.04 -87.26 24.49
CA SER D 243 -130.67 -87.29 23.97
C SER D 243 -130.59 -87.58 22.49
N GLN D 244 -131.70 -87.95 21.85
CA GLN D 244 -131.70 -88.34 20.44
C GLN D 244 -132.72 -87.51 19.66
N ASN D 245 -132.69 -86.19 19.85
CA ASN D 245 -133.52 -85.28 19.09
C ASN D 245 -132.72 -84.77 17.89
N VAL D 246 -133.33 -84.84 16.70
CA VAL D 246 -132.61 -84.49 15.49
C VAL D 246 -132.34 -83.00 15.42
N GLU D 247 -133.34 -82.17 15.76
CA GLU D 247 -133.21 -80.73 15.60
C GLU D 247 -132.12 -80.17 16.50
N ALA D 248 -132.05 -80.62 17.75
CA ALA D 248 -131.05 -80.11 18.67
C ALA D 248 -129.63 -80.46 18.20
N LEU D 249 -129.43 -81.69 17.74
CA LEU D 249 -128.13 -82.09 17.23
C LEU D 249 -127.78 -81.28 15.98
N ARG D 250 -128.76 -81.07 15.10
CA ARG D 250 -128.52 -80.25 13.92
C ARG D 250 -128.08 -78.85 14.30
N MET D 251 -128.76 -78.26 15.28
CA MET D 251 -128.42 -76.90 15.67
C MET D 251 -127.06 -76.83 16.36
N GLN D 252 -126.71 -77.84 17.16
CA GLN D 252 -125.39 -77.87 17.75
C GLN D 252 -124.30 -77.97 16.69
N ALA D 253 -124.51 -78.83 15.69
CA ALA D 253 -123.54 -78.94 14.60
C ALA D 253 -123.44 -77.63 13.84
N LEU D 254 -124.57 -76.97 13.60
CA LEU D 254 -124.55 -75.67 12.94
C LEU D 254 -123.78 -74.65 13.76
N TYR D 255 -123.95 -74.67 15.08
CA TYR D 255 -123.21 -73.75 15.94
C TYR D 255 -121.71 -73.99 15.85
N TYR D 256 -121.29 -75.26 15.86
CA TYR D 256 -119.86 -75.55 15.74
C TYR D 256 -119.33 -75.11 14.39
N VAL D 257 -120.04 -75.43 13.30
CA VAL D 257 -119.52 -75.15 11.97
C VAL D 257 -119.49 -73.64 11.70
N CYS D 258 -120.59 -72.95 12.00
CA CYS D 258 -120.76 -71.57 11.59
C CYS D 258 -120.22 -70.55 12.59
N ARG D 259 -120.23 -70.88 13.88
CA ARG D 259 -119.81 -69.92 14.91
C ARG D 259 -118.39 -70.19 15.40
N GLU D 260 -118.14 -71.40 15.92
CA GLU D 260 -116.84 -71.70 16.50
C GLU D 260 -115.82 -72.10 15.45
N GLY D 261 -116.26 -72.79 14.39
CA GLY D 261 -115.34 -73.30 13.39
C GLY D 261 -114.62 -74.57 13.77
N ASP D 262 -114.95 -75.16 14.92
CA ASP D 262 -114.31 -76.40 15.36
C ASP D 262 -114.79 -77.54 14.46
N ILE D 263 -113.92 -77.95 13.54
CA ILE D 263 -114.31 -78.95 12.55
C ILE D 263 -114.46 -80.33 13.21
N GLU D 264 -113.57 -80.67 14.14
CA GLU D 264 -113.58 -82.00 14.72
C GLU D 264 -114.83 -82.24 15.58
N LYS D 265 -115.13 -81.29 16.47
CA LYS D 265 -116.32 -81.43 17.31
C LYS D 265 -117.58 -81.42 16.45
N ALA D 266 -117.60 -80.57 15.41
CA ALA D 266 -118.73 -80.56 14.49
C ALA D 266 -118.90 -81.91 13.81
N SER D 267 -117.79 -82.53 13.40
CA SER D 267 -117.86 -83.83 12.76
C SER D 267 -118.36 -84.90 13.73
N THR D 268 -117.91 -84.83 14.99
CA THR D 268 -118.39 -85.78 15.99
C THR D 268 -119.89 -85.65 16.19
N LYS D 269 -120.37 -84.41 16.34
CA LYS D 269 -121.81 -84.18 16.52
C LYS D 269 -122.58 -84.62 15.28
N LEU D 270 -122.04 -84.35 14.09
CA LEU D 270 -122.70 -84.76 12.86
C LEU D 270 -122.79 -86.28 12.75
N GLU D 271 -121.71 -86.98 13.13
CA GLU D 271 -121.74 -88.44 13.10
C GLU D 271 -122.76 -88.99 14.09
N ASN D 272 -122.81 -88.42 15.29
CA ASN D 272 -123.82 -88.85 16.27
C ASN D 272 -125.23 -88.59 15.76
N LEU D 273 -125.44 -87.42 15.16
CA LEU D 273 -126.75 -87.08 14.60
C LEU D 273 -127.14 -88.05 13.49
N GLY D 274 -126.19 -88.37 12.61
CA GLY D 274 -126.48 -89.32 11.55
C GLY D 274 -126.81 -90.71 12.08
N ASN D 275 -126.05 -91.17 13.08
CA ASN D 275 -126.34 -92.47 13.67
C ASN D 275 -127.71 -92.51 14.32
N ALA D 276 -128.04 -91.47 15.10
CA ALA D 276 -129.35 -91.43 15.74
C ALA D 276 -130.47 -91.36 14.72
N LEU D 277 -130.30 -90.55 13.67
CA LEU D 277 -131.32 -90.40 12.66
C LEU D 277 -131.52 -91.70 11.89
N ASP D 278 -130.43 -92.41 11.57
CA ASP D 278 -130.56 -93.71 10.93
C ASP D 278 -131.28 -94.69 11.84
N ALA D 279 -130.96 -94.67 13.14
CA ALA D 279 -131.62 -95.59 14.06
C ALA D 279 -133.12 -95.30 14.16
N MET D 280 -133.50 -94.03 14.16
CA MET D 280 -134.87 -93.64 14.47
C MET D 280 -135.70 -93.23 13.27
N GLU D 281 -135.12 -92.56 12.28
CA GLU D 281 -135.83 -92.13 11.07
C GLU D 281 -135.02 -92.52 9.84
N PRO D 282 -135.03 -93.81 9.48
CA PRO D 282 -134.20 -94.28 8.36
C PRO D 282 -134.88 -94.29 7.00
N GLN D 283 -136.16 -93.93 6.90
CA GLN D 283 -136.91 -94.05 5.65
C GLN D 283 -137.46 -92.70 5.18
N ASN D 284 -136.77 -91.61 5.49
CA ASN D 284 -137.16 -90.27 5.04
C ASN D 284 -135.93 -89.61 4.44
N ALA D 285 -135.68 -89.86 3.15
CA ALA D 285 -134.52 -89.28 2.49
C ALA D 285 -134.66 -87.77 2.34
N GLN D 286 -135.90 -87.27 2.28
CA GLN D 286 -136.11 -85.83 2.19
C GLN D 286 -135.55 -85.13 3.42
N LEU D 287 -135.69 -85.75 4.60
CA LEU D 287 -135.10 -85.17 5.80
C LEU D 287 -133.57 -85.10 5.68
N PHE D 288 -132.95 -86.16 5.15
CA PHE D 288 -131.50 -86.15 4.95
C PHE D 288 -131.09 -85.01 4.03
N TYR D 289 -131.81 -84.85 2.91
CA TYR D 289 -131.48 -83.81 1.95
C TYR D 289 -131.65 -82.42 2.56
N ASN D 290 -132.69 -82.23 3.36
CA ASN D 290 -132.87 -80.95 4.04
C ASN D 290 -131.79 -80.71 5.08
N ILE D 291 -131.30 -81.77 5.72
CA ILE D 291 -130.24 -81.63 6.71
C ILE D 291 -128.95 -81.18 6.06
N THR D 292 -128.58 -81.82 4.95
CA THR D 292 -127.22 -81.66 4.41
C THR D 292 -126.95 -80.29 3.80
N LEU D 293 -127.99 -79.48 3.51
CA LEU D 293 -127.79 -78.27 2.72
C LEU D 293 -126.92 -77.26 3.45
N ALA D 294 -127.27 -76.93 4.69
CA ALA D 294 -126.53 -75.90 5.41
C ALA D 294 -125.09 -76.30 5.65
N PHE D 295 -124.87 -77.57 6.01
CA PHE D 295 -123.51 -78.06 6.19
C PHE D 295 -122.71 -78.00 4.90
N SER D 296 -123.34 -78.37 3.77
CA SER D 296 -122.64 -78.29 2.49
C SER D 296 -122.26 -76.86 2.15
N ARG D 297 -123.16 -75.91 2.42
CA ARG D 297 -122.88 -74.53 2.06
C ARG D 297 -121.80 -73.92 2.96
N THR D 298 -121.92 -74.10 4.27
CA THR D 298 -121.13 -73.34 5.23
C THR D 298 -119.96 -74.12 5.83
N CYS D 299 -119.61 -75.27 5.27
CA CYS D 299 -118.52 -76.06 5.83
C CYS D 299 -117.15 -75.45 5.58
N GLY D 300 -117.04 -74.47 4.69
CA GLY D 300 -115.74 -73.98 4.29
C GLY D 300 -114.91 -75.01 3.55
N ARG D 301 -115.56 -75.88 2.78
CA ARG D 301 -114.88 -76.89 1.96
C ARG D 301 -114.01 -77.83 2.80
N SER D 302 -114.39 -78.05 4.06
CA SER D 302 -113.65 -78.99 4.88
C SER D 302 -113.96 -80.42 4.45
N GLN D 303 -112.92 -81.20 4.19
CA GLN D 303 -113.11 -82.51 3.55
C GLN D 303 -113.83 -83.49 4.45
N LEU D 304 -113.67 -83.38 5.77
CA LEU D 304 -114.34 -84.31 6.68
C LEU D 304 -115.84 -84.09 6.70
N ILE D 305 -116.26 -82.83 6.85
CA ILE D 305 -117.68 -82.50 6.77
C ILE D 305 -118.23 -82.86 5.40
N LEU D 306 -117.45 -82.60 4.35
CA LEU D 306 -117.89 -82.95 3.00
C LEU D 306 -118.09 -84.45 2.85
N GLN D 307 -117.20 -85.26 3.43
CA GLN D 307 -117.34 -86.71 3.35
C GLN D 307 -118.57 -87.18 4.12
N LYS D 308 -118.82 -86.60 5.29
CA LYS D 308 -120.04 -86.96 6.02
C LYS D 308 -121.29 -86.61 5.23
N ILE D 309 -121.29 -85.42 4.60
CA ILE D 309 -122.43 -85.00 3.79
C ILE D 309 -122.60 -85.93 2.60
N GLN D 310 -121.50 -86.33 1.97
CA GLN D 310 -121.58 -87.25 0.84
C GLN D 310 -122.14 -88.59 1.26
N THR D 311 -121.75 -89.08 2.44
CA THR D 311 -122.31 -90.34 2.93
C THR D 311 -123.80 -90.22 3.16
N LEU D 312 -124.24 -89.12 3.79
CA LEU D 312 -125.66 -88.93 4.02
C LEU D 312 -126.43 -88.83 2.71
N LEU D 313 -125.88 -88.10 1.74
CA LEU D 313 -126.58 -87.94 0.47
C LEU D 313 -126.60 -89.24 -0.32
N GLU D 314 -125.55 -90.05 -0.22
CA GLU D 314 -125.57 -91.36 -0.86
C GLU D 314 -126.62 -92.26 -0.24
N ARG D 315 -126.76 -92.20 1.09
CA ARG D 315 -127.85 -92.94 1.74
C ARG D 315 -129.20 -92.46 1.24
N ALA D 316 -129.36 -91.14 1.11
CA ALA D 316 -130.63 -90.60 0.61
C ALA D 316 -130.92 -91.06 -0.81
N PHE D 317 -129.89 -91.05 -1.67
CA PHE D 317 -130.05 -91.51 -3.05
C PHE D 317 -130.41 -92.99 -3.09
N SER D 318 -129.81 -93.79 -2.20
CA SER D 318 -130.18 -95.19 -2.09
C SER D 318 -131.64 -95.33 -1.68
N LEU D 319 -132.10 -94.47 -0.77
CA LEU D 319 -133.50 -94.51 -0.36
C LEU D 319 -134.44 -94.19 -1.53
N ASN D 320 -134.09 -93.19 -2.33
CA ASN D 320 -134.92 -92.79 -3.47
C ASN D 320 -134.02 -92.47 -4.65
N PRO D 321 -133.74 -93.45 -5.51
CA PRO D 321 -132.89 -93.19 -6.67
C PRO D 321 -133.61 -92.47 -7.80
N GLN D 322 -134.82 -91.98 -7.52
CA GLN D 322 -135.64 -91.30 -8.52
C GLN D 322 -135.83 -89.81 -8.22
N GLN D 323 -134.90 -89.21 -7.49
CA GLN D 323 -134.98 -87.79 -7.14
C GLN D 323 -133.93 -87.04 -7.97
N SER D 324 -134.40 -86.16 -8.86
CA SER D 324 -133.48 -85.33 -9.64
C SER D 324 -132.69 -84.40 -8.74
N GLU D 325 -133.35 -83.81 -7.74
CA GLU D 325 -132.65 -82.93 -6.81
C GLU D 325 -131.57 -83.68 -6.04
N PHE D 326 -131.78 -84.96 -5.78
CA PHE D 326 -130.76 -85.74 -5.07
C PHE D 326 -129.48 -85.81 -5.87
N ALA D 327 -129.58 -86.19 -7.15
CA ALA D 327 -128.38 -86.28 -7.97
C ALA D 327 -127.80 -84.90 -8.26
N THR D 328 -128.64 -83.87 -8.36
CA THR D 328 -128.11 -82.52 -8.55
C THR D 328 -127.30 -82.06 -7.35
N GLU D 329 -127.82 -82.31 -6.14
CA GLU D 329 -127.08 -81.97 -4.93
C GLU D 329 -125.83 -82.81 -4.81
N LEU D 330 -125.90 -84.08 -5.22
CA LEU D 330 -124.70 -84.91 -5.23
C LEU D 330 -123.64 -84.33 -6.16
N GLY D 331 -124.05 -83.86 -7.34
CA GLY D 331 -123.10 -83.23 -8.25
C GLY D 331 -122.51 -81.97 -7.67
N TYR D 332 -123.34 -81.13 -7.05
CA TYR D 332 -122.84 -79.90 -6.45
C TYR D 332 -121.84 -80.19 -5.34
N GLN D 333 -122.17 -81.15 -4.48
CA GLN D 333 -121.26 -81.56 -3.41
C GLN D 333 -119.98 -82.14 -3.98
N MET D 334 -120.07 -82.93 -5.05
CA MET D 334 -118.89 -83.51 -5.65
C MET D 334 -117.99 -82.43 -6.23
N ILE D 335 -118.60 -81.38 -6.79
CA ILE D 335 -117.86 -80.21 -7.21
C ILE D 335 -117.17 -79.57 -6.02
N LEU D 336 -117.88 -79.46 -4.90
CA LEU D 336 -117.28 -78.89 -3.69
C LEU D 336 -116.07 -79.70 -3.24
N GLN D 337 -116.12 -81.02 -3.40
CA GLN D 337 -114.98 -81.87 -3.10
C GLN D 337 -113.84 -81.71 -4.10
N GLY D 338 -114.09 -81.05 -5.23
CA GLY D 338 -113.07 -80.83 -6.22
C GLY D 338 -112.90 -81.94 -7.23
N ARG D 339 -113.75 -82.96 -7.21
CA ARG D 339 -113.66 -84.07 -8.15
C ARG D 339 -114.54 -83.75 -9.35
N VAL D 340 -113.92 -83.32 -10.45
CA VAL D 340 -114.67 -82.88 -11.62
C VAL D 340 -115.34 -84.06 -12.31
N LYS D 341 -114.64 -85.20 -12.41
CA LYS D 341 -115.16 -86.32 -13.19
C LYS D 341 -116.38 -86.95 -12.52
N GLU D 342 -116.32 -87.14 -11.20
CA GLU D 342 -117.49 -87.63 -10.48
C GLU D 342 -118.65 -86.66 -10.62
N ALA D 343 -118.36 -85.36 -10.61
CA ALA D 343 -119.41 -84.36 -10.84
C ALA D 343 -120.03 -84.52 -12.21
N LEU D 344 -119.20 -84.76 -13.23
CA LEU D 344 -119.72 -84.98 -14.58
C LEU D 344 -120.64 -86.20 -14.62
N LYS D 345 -120.20 -87.29 -14.00
CA LYS D 345 -121.02 -88.51 -13.98
C LYS D 345 -122.34 -88.28 -13.25
N TRP D 346 -122.29 -87.59 -12.11
CA TRP D 346 -123.51 -87.36 -11.34
C TRP D 346 -124.46 -86.42 -12.07
N TYR D 347 -123.93 -85.43 -12.79
CA TYR D 347 -124.80 -84.55 -13.56
C TYR D 347 -125.40 -85.28 -14.76
N LYS D 348 -124.65 -86.19 -15.38
CA LYS D 348 -125.23 -87.04 -16.41
C LYS D 348 -126.37 -87.87 -15.85
N THR D 349 -126.17 -88.46 -14.67
CA THR D 349 -127.22 -89.24 -14.03
C THR D 349 -128.43 -88.36 -13.72
N ALA D 350 -128.20 -87.16 -13.22
CA ALA D 350 -129.29 -86.25 -12.88
C ALA D 350 -130.10 -85.87 -14.11
N MET D 351 -129.43 -85.53 -15.21
CA MET D 351 -130.16 -85.13 -16.40
C MET D 351 -130.88 -86.31 -17.04
N THR D 352 -130.30 -87.52 -16.95
CA THR D 352 -130.99 -88.69 -17.46
C THR D 352 -132.23 -89.01 -16.63
N LEU D 353 -132.14 -88.86 -15.31
CA LEU D 353 -133.29 -89.14 -14.46
C LEU D 353 -134.47 -88.21 -14.78
N ASP D 354 -134.18 -86.94 -15.02
CA ASP D 354 -135.21 -85.97 -15.37
C ASP D 354 -134.57 -84.80 -16.09
N GLU D 355 -134.97 -84.58 -17.35
CA GLU D 355 -134.43 -83.46 -18.11
C GLU D 355 -134.98 -82.12 -17.65
N THR D 356 -136.01 -82.12 -16.81
CA THR D 356 -136.57 -80.88 -16.29
C THR D 356 -135.75 -80.31 -15.14
N SER D 357 -134.73 -81.03 -14.67
CA SER D 357 -133.84 -80.54 -13.63
C SER D 357 -132.90 -79.51 -14.24
N VAL D 358 -133.40 -78.27 -14.31
CA VAL D 358 -132.65 -77.19 -14.92
C VAL D 358 -131.35 -76.96 -14.16
N SER D 359 -131.37 -77.10 -12.84
CA SER D 359 -130.17 -76.93 -12.04
C SER D 359 -129.13 -77.98 -12.41
N ALA D 360 -129.56 -79.21 -12.72
CA ALA D 360 -128.62 -80.24 -13.14
C ALA D 360 -127.93 -79.87 -14.45
N LEU D 361 -128.70 -79.35 -15.41
CA LEU D 361 -128.11 -78.91 -16.68
C LEU D 361 -127.16 -77.75 -16.44
N VAL D 362 -127.53 -76.83 -15.55
CA VAL D 362 -126.65 -75.72 -15.20
C VAL D 362 -125.33 -76.24 -14.64
N GLY D 363 -125.41 -77.21 -13.73
CA GLY D 363 -124.20 -77.78 -13.17
C GLY D 363 -123.36 -78.50 -14.21
N PHE D 364 -124.00 -79.19 -15.15
CA PHE D 364 -123.25 -79.85 -16.20
C PHE D 364 -122.55 -78.85 -17.12
N ILE D 365 -123.22 -77.74 -17.43
CA ILE D 365 -122.60 -76.69 -18.21
C ILE D 365 -121.41 -76.09 -17.45
N GLN D 366 -121.58 -75.92 -16.14
CA GLN D 366 -120.47 -75.44 -15.32
C GLN D 366 -119.30 -76.40 -15.35
N CYS D 367 -119.58 -77.70 -15.27
CA CYS D 367 -118.51 -78.70 -15.35
C CYS D 367 -117.83 -78.67 -16.71
N GLN D 368 -118.59 -78.51 -17.78
CA GLN D 368 -118.00 -78.39 -19.11
C GLN D 368 -117.10 -77.17 -19.21
N LEU D 369 -117.53 -76.05 -18.64
CA LEU D 369 -116.69 -74.86 -18.60
C LEU D 369 -115.43 -75.12 -17.80
N ILE D 370 -115.54 -75.88 -16.71
CA ILE D 370 -114.38 -76.24 -15.91
C ILE D 370 -113.38 -77.04 -16.75
N GLU D 371 -113.90 -78.01 -17.51
CA GLU D 371 -113.05 -78.86 -18.33
C GLU D 371 -112.72 -78.25 -19.68
N GLY D 372 -113.24 -77.06 -19.99
CA GLY D 372 -112.88 -76.37 -21.22
C GLY D 372 -113.63 -76.83 -22.46
N GLN D 373 -114.70 -77.61 -22.31
CA GLN D 373 -115.50 -78.05 -23.46
C GLN D 373 -116.37 -76.88 -23.90
N LEU D 374 -115.74 -75.95 -24.61
CA LEU D 374 -116.36 -74.67 -24.92
C LEU D 374 -117.56 -74.83 -25.84
N GLN D 375 -117.46 -75.68 -26.87
CA GLN D 375 -118.53 -75.76 -27.87
C GLN D 375 -119.79 -76.40 -27.28
N ASP D 376 -119.64 -77.54 -26.60
CA ASP D 376 -120.81 -78.19 -26.01
C ASP D 376 -121.44 -77.31 -24.93
N ALA D 377 -120.62 -76.68 -24.10
CA ALA D 377 -121.14 -75.79 -23.07
C ALA D 377 -121.86 -74.61 -23.70
N ASP D 378 -121.32 -74.05 -24.78
CA ASP D 378 -121.97 -72.93 -25.46
C ASP D 378 -123.33 -73.34 -26.03
N GLN D 379 -123.39 -74.50 -26.70
CA GLN D 379 -124.65 -74.94 -27.27
C GLN D 379 -125.68 -75.22 -26.19
N GLN D 380 -125.29 -75.90 -25.11
CA GLN D 380 -126.24 -76.17 -24.04
C GLN D 380 -126.64 -74.90 -23.31
N LEU D 381 -125.74 -73.92 -23.21
CA LEU D 381 -126.09 -72.63 -22.63
C LEU D 381 -127.11 -71.90 -23.49
N GLU D 382 -126.94 -71.96 -24.81
CA GLU D 382 -127.94 -71.36 -25.70
C GLU D 382 -129.30 -72.05 -25.53
N PHE D 383 -129.29 -73.38 -25.43
CA PHE D 383 -130.54 -74.11 -25.21
C PHE D 383 -131.19 -73.71 -23.90
N LEU D 384 -130.40 -73.64 -22.82
CA LEU D 384 -130.95 -73.25 -21.53
C LEU D 384 -131.50 -71.84 -21.57
N ASN D 385 -130.80 -70.91 -22.23
CA ASN D 385 -131.28 -69.54 -22.31
C ASN D 385 -132.56 -69.45 -23.11
N GLU D 386 -132.66 -70.22 -24.21
CA GLU D 386 -133.86 -70.17 -25.02
C GLU D 386 -135.03 -70.90 -24.38
N ILE D 387 -134.78 -71.75 -23.39
CA ILE D 387 -135.87 -72.35 -22.61
C ILE D 387 -136.06 -71.67 -21.26
N GLN D 388 -135.27 -70.63 -20.96
CA GLN D 388 -135.41 -69.90 -19.70
C GLN D 388 -136.77 -69.24 -19.53
N GLN D 389 -137.52 -69.05 -20.62
CA GLN D 389 -138.82 -68.41 -20.52
C GLN D 389 -139.74 -69.15 -19.56
N SER D 390 -139.66 -70.48 -19.56
CA SER D 390 -140.40 -71.31 -18.61
C SER D 390 -139.66 -71.48 -17.29
N ILE D 391 -138.47 -70.90 -17.15
CA ILE D 391 -137.64 -71.08 -15.96
C ILE D 391 -137.46 -69.77 -15.20
N GLY D 392 -137.27 -68.67 -15.92
CA GLY D 392 -137.06 -67.38 -15.28
C GLY D 392 -135.61 -67.15 -14.91
N LYS D 393 -135.35 -65.91 -14.46
CA LYS D 393 -133.99 -65.52 -14.12
C LYS D 393 -133.52 -66.26 -12.87
N SER D 394 -132.26 -66.72 -12.91
CA SER D 394 -131.65 -67.42 -11.79
C SER D 394 -130.22 -66.95 -11.63
N ALA D 395 -129.74 -67.00 -10.38
CA ALA D 395 -128.37 -66.54 -10.09
C ALA D 395 -127.33 -67.41 -10.79
N GLU D 396 -127.55 -68.72 -10.81
CA GLU D 396 -126.57 -69.62 -11.41
C GLU D 396 -126.43 -69.38 -12.91
N LEU D 397 -127.54 -69.07 -13.59
CA LEU D 397 -127.47 -68.78 -15.03
C LEU D 397 -126.59 -67.56 -15.30
N ILE D 398 -126.80 -66.49 -14.55
CA ILE D 398 -126.01 -65.28 -14.76
C ILE D 398 -124.56 -65.51 -14.38
N TYR D 399 -124.32 -66.31 -13.34
CA TYR D 399 -122.95 -66.63 -12.97
C TYR D 399 -122.26 -67.45 -14.06
N LEU D 400 -122.98 -68.38 -14.67
CA LEU D 400 -122.41 -69.14 -15.79
C LEU D 400 -122.13 -68.23 -16.97
N HIS D 401 -123.02 -67.25 -17.21
CA HIS D 401 -122.75 -66.28 -18.27
C HIS D 401 -121.49 -65.48 -17.98
N ALA D 402 -121.29 -65.08 -16.73
CA ALA D 402 -120.08 -64.36 -16.35
C ALA D 402 -118.84 -65.22 -16.53
N VAL D 403 -118.93 -66.50 -16.15
CA VAL D 403 -117.81 -67.41 -16.33
C VAL D 403 -117.50 -67.61 -17.81
N LEU D 404 -118.53 -67.72 -18.63
CA LEU D 404 -118.33 -67.84 -20.08
C LEU D 404 -117.67 -66.58 -20.64
N ALA D 405 -118.08 -65.42 -20.15
CA ALA D 405 -117.43 -64.17 -20.56
C ALA D 405 -115.96 -64.16 -20.16
N MET D 406 -115.66 -64.64 -18.95
CA MET D 406 -114.27 -64.74 -18.52
C MET D 406 -113.47 -65.66 -19.44
N LYS D 407 -114.04 -66.81 -19.78
CA LYS D 407 -113.36 -67.75 -20.66
C LYS D 407 -113.15 -67.17 -22.05
N LYS D 408 -114.14 -66.44 -22.55
CA LYS D 408 -114.03 -65.78 -23.86
C LYS D 408 -113.18 -64.53 -23.82
N ASN D 409 -112.74 -64.10 -22.64
CA ASN D 409 -111.93 -62.89 -22.48
C ASN D 409 -112.64 -61.67 -23.06
N LYS D 410 -113.94 -61.56 -22.79
CA LYS D 410 -114.72 -60.45 -23.27
C LYS D 410 -114.35 -59.18 -22.52
N ARG D 411 -115.06 -58.09 -22.83
CA ARG D 411 -114.80 -56.82 -22.18
C ARG D 411 -115.02 -56.92 -20.68
N GLN D 412 -114.12 -56.30 -19.91
CA GLN D 412 -114.21 -56.38 -18.46
C GLN D 412 -115.51 -55.77 -17.94
N GLU D 413 -115.97 -54.69 -18.57
CA GLU D 413 -117.19 -54.03 -18.11
C GLU D 413 -118.39 -54.95 -18.22
N GLU D 414 -118.46 -55.75 -19.28
CA GLU D 414 -119.56 -56.70 -19.44
C GLU D 414 -119.58 -57.71 -18.31
N VAL D 415 -118.40 -58.25 -17.95
CA VAL D 415 -118.32 -59.20 -16.86
C VAL D 415 -118.68 -58.52 -15.54
N ILE D 416 -118.28 -57.26 -15.38
CA ILE D 416 -118.63 -56.50 -14.17
C ILE D 416 -120.14 -56.39 -14.04
N ASN D 417 -120.80 -56.03 -15.13
CA ASN D 417 -122.26 -55.90 -15.10
C ASN D 417 -122.92 -57.24 -14.81
N LEU D 418 -122.44 -58.31 -15.44
CA LEU D 418 -123.02 -59.63 -15.21
C LEU D 418 -122.88 -60.05 -13.76
N LEU D 419 -121.70 -59.83 -13.17
CA LEU D 419 -121.48 -60.23 -11.79
C LEU D 419 -122.23 -59.35 -10.81
N ASN D 420 -122.38 -58.06 -11.13
CA ASN D 420 -123.24 -57.20 -10.31
C ASN D 420 -124.67 -57.69 -10.33
N ASP D 421 -125.15 -58.11 -11.50
CA ASP D 421 -126.48 -58.71 -11.57
C ASP D 421 -126.56 -59.99 -10.75
N VAL D 422 -125.49 -60.79 -10.77
CA VAL D 422 -125.45 -62.02 -9.98
C VAL D 422 -125.62 -61.69 -8.50
N LEU D 423 -124.83 -60.74 -8.00
CA LEU D 423 -124.92 -60.36 -6.59
C LEU D 423 -126.30 -59.79 -6.27
N ASP D 424 -126.84 -58.95 -7.17
CA ASP D 424 -128.16 -58.38 -6.93
C ASP D 424 -129.21 -59.47 -6.80
N THR D 425 -129.20 -60.45 -7.70
CA THR D 425 -130.16 -61.53 -7.65
C THR D 425 -129.99 -62.36 -6.37
N HIS D 426 -128.74 -62.68 -6.03
CA HIS D 426 -128.50 -63.53 -4.87
C HIS D 426 -128.93 -62.84 -3.58
N PHE D 427 -128.68 -61.54 -3.46
CA PHE D 427 -129.11 -60.83 -2.26
C PHE D 427 -130.61 -60.56 -2.27
N SER D 428 -131.22 -60.45 -3.45
CA SER D 428 -132.67 -60.33 -3.53
C SER D 428 -133.34 -61.60 -3.03
N GLN D 429 -132.80 -62.77 -3.39
CA GLN D 429 -133.35 -64.02 -2.88
C GLN D 429 -133.21 -64.11 -1.36
N LEU D 430 -132.26 -63.38 -0.79
CA LEU D 430 -132.03 -63.38 0.65
C LEU D 430 -132.79 -62.26 1.37
N GLU D 431 -133.57 -61.46 0.64
CA GLU D 431 -134.25 -60.33 1.26
C GLU D 431 -135.37 -60.81 2.18
N GLY D 432 -135.36 -60.32 3.41
CA GLY D 432 -136.41 -60.61 4.37
C GLY D 432 -136.32 -61.95 5.06
N LEU D 433 -135.30 -62.75 4.76
CA LEU D 433 -135.17 -64.06 5.39
C LEU D 433 -134.61 -63.91 6.80
N PRO D 434 -135.29 -64.42 7.82
CA PRO D 434 -134.76 -64.33 9.18
C PRO D 434 -133.50 -65.19 9.33
N LEU D 435 -132.67 -64.82 10.30
CA LEU D 435 -131.43 -65.54 10.57
C LEU D 435 -131.77 -66.93 11.07
N GLY D 436 -131.60 -67.92 10.21
CA GLY D 436 -131.96 -69.27 10.56
C GLY D 436 -131.27 -70.28 9.66
N ILE D 437 -131.76 -71.51 9.72
CA ILE D 437 -131.19 -72.56 8.88
C ILE D 437 -131.39 -72.24 7.41
N GLN D 438 -132.55 -71.71 7.04
CA GLN D 438 -132.80 -71.30 5.66
C GLN D 438 -131.87 -70.16 5.25
N TYR D 439 -131.49 -69.30 6.19
CA TYR D 439 -130.55 -68.23 5.88
C TYR D 439 -129.22 -68.80 5.42
N PHE D 440 -128.73 -69.84 6.10
CA PHE D 440 -127.49 -70.48 5.67
C PHE D 440 -127.69 -71.32 4.43
N GLU D 441 -128.91 -71.84 4.23
CA GLU D 441 -129.19 -72.60 3.01
C GLU D 441 -129.11 -71.72 1.78
N LYS D 442 -129.62 -70.49 1.87
CA LYS D 442 -129.73 -69.62 0.71
C LYS D 442 -128.65 -68.55 0.63
N LEU D 443 -127.86 -68.34 1.68
CA LEU D 443 -126.76 -67.39 1.58
C LEU D 443 -125.61 -67.96 0.75
N ASN D 444 -125.29 -69.24 0.97
CA ASN D 444 -124.26 -69.95 0.22
C ASN D 444 -122.92 -69.23 0.32
N PRO D 445 -122.26 -69.26 1.48
CA PRO D 445 -120.98 -68.55 1.59
C PRO D 445 -119.95 -69.02 0.59
N ASP D 446 -119.95 -70.29 0.22
CA ASP D 446 -119.01 -70.78 -0.78
C ASP D 446 -119.22 -70.09 -2.12
N PHE D 447 -120.49 -69.90 -2.51
CA PHE D 447 -120.77 -69.24 -3.78
C PHE D 447 -120.25 -67.81 -3.78
N LEU D 448 -120.49 -67.06 -2.69
CA LEU D 448 -119.99 -65.70 -2.60
C LEU D 448 -118.47 -65.66 -2.58
N LEU D 449 -117.84 -66.63 -1.91
CA LEU D 449 -116.38 -66.69 -1.91
C LEU D 449 -115.83 -66.93 -3.31
N GLU D 450 -116.47 -67.82 -4.08
CA GLU D 450 -116.04 -68.04 -5.45
C GLU D 450 -116.23 -66.80 -6.30
N ILE D 451 -117.34 -66.09 -6.09
CA ILE D 451 -117.58 -64.84 -6.80
C ILE D 451 -116.48 -63.83 -6.49
N VAL D 452 -116.09 -63.74 -5.22
CA VAL D 452 -115.03 -62.82 -4.82
C VAL D 452 -113.69 -63.26 -5.40
N MET D 453 -113.44 -64.56 -5.50
CA MET D 453 -112.23 -65.04 -6.16
C MET D 453 -112.19 -64.60 -7.61
N GLU D 454 -113.32 -64.69 -8.31
CA GLU D 454 -113.37 -64.21 -9.69
C GLU D 454 -113.13 -62.72 -9.77
N TYR D 455 -113.73 -61.95 -8.85
CA TYR D 455 -113.47 -60.51 -8.78
C TYR D 455 -111.99 -60.23 -8.64
N LEU D 456 -111.33 -60.91 -7.71
CA LEU D 456 -109.91 -60.68 -7.48
C LEU D 456 -109.08 -61.09 -8.69
N SER D 457 -109.49 -62.16 -9.38
CA SER D 457 -108.80 -62.56 -10.60
C SER D 457 -108.89 -61.48 -11.66
N PHE D 458 -110.07 -60.87 -11.81
CA PHE D 458 -110.19 -59.75 -12.75
C PHE D 458 -109.44 -58.52 -12.25
N CYS D 459 -109.60 -58.18 -10.98
CA CYS D 459 -109.02 -56.95 -10.46
C CYS D 459 -107.51 -57.04 -10.39
N PRO D 460 -106.79 -55.99 -10.76
CA PRO D 460 -105.34 -55.99 -10.58
C PRO D 460 -104.98 -56.00 -9.10
N MET D 461 -103.84 -56.59 -8.80
CA MET D 461 -103.34 -56.65 -7.42
C MET D 461 -102.47 -55.46 -7.05
N GLN D 462 -102.34 -54.48 -7.93
CA GLN D 462 -101.65 -53.25 -7.58
C GLN D 462 -102.47 -52.49 -6.55
N PRO D 463 -101.95 -52.23 -5.36
CA PRO D 463 -102.75 -51.55 -4.33
C PRO D 463 -103.15 -50.15 -4.77
N ALA D 464 -104.36 -49.76 -4.40
CA ALA D 464 -104.88 -48.43 -4.71
C ALA D 464 -104.49 -47.47 -3.61
N SER D 465 -103.88 -46.35 -4.00
CA SER D 465 -103.46 -45.36 -3.03
C SER D 465 -104.68 -44.75 -2.34
N PRO D 466 -104.54 -44.34 -1.07
CA PRO D 466 -105.67 -43.74 -0.35
C PRO D 466 -106.18 -42.49 -1.06
N GLY D 467 -107.50 -42.31 -1.01
CA GLY D 467 -108.15 -41.19 -1.67
C GLY D 467 -108.56 -41.46 -3.10
N GLN D 468 -108.03 -42.50 -3.73
CA GLN D 468 -108.42 -42.84 -5.08
C GLN D 468 -109.81 -43.46 -5.07
N PRO D 469 -110.72 -43.06 -5.95
CA PRO D 469 -112.05 -43.68 -5.97
C PRO D 469 -112.00 -45.15 -6.34
N LEU D 470 -112.32 -46.01 -5.39
CA LEU D 470 -112.27 -47.45 -5.64
C LEU D 470 -113.39 -47.88 -6.57
N CYS D 471 -113.16 -48.97 -7.29
CA CYS D 471 -114.19 -49.52 -8.15
C CYS D 471 -115.35 -50.02 -7.31
N PRO D 472 -116.59 -49.88 -7.79
CA PRO D 472 -117.73 -50.37 -6.99
C PRO D 472 -117.67 -51.85 -6.70
N LEU D 473 -116.95 -52.63 -7.52
CA LEU D 473 -116.81 -54.06 -7.25
C LEU D 473 -116.16 -54.30 -5.90
N LEU D 474 -115.09 -53.56 -5.58
CA LEU D 474 -114.40 -53.77 -4.31
C LEU D 474 -115.27 -53.33 -3.13
N ARG D 475 -116.04 -52.25 -3.31
CA ARG D 475 -116.96 -51.82 -2.26
C ARG D 475 -118.00 -52.91 -1.99
N ARG D 476 -118.56 -53.48 -3.06
CA ARG D 476 -119.53 -54.56 -2.87
C ARG D 476 -118.86 -55.80 -2.29
N CYS D 477 -117.59 -56.04 -2.64
CA CYS D 477 -116.84 -57.14 -2.03
C CYS D 477 -116.75 -56.97 -0.53
N ILE D 478 -116.37 -55.77 -0.08
CA ILE D 478 -116.29 -55.50 1.35
C ILE D 478 -117.65 -55.69 1.99
N SER D 479 -118.71 -55.18 1.36
CA SER D 479 -120.04 -55.29 1.92
C SER D 479 -120.46 -56.75 2.08
N VAL D 480 -120.33 -57.54 1.02
CA VAL D 480 -120.81 -58.93 1.07
C VAL D 480 -119.95 -59.76 2.00
N LEU D 481 -118.63 -59.51 2.02
CA LEU D 481 -117.76 -60.28 2.91
C LEU D 481 -118.03 -59.95 4.36
N GLU D 482 -118.26 -58.67 4.68
CA GLU D 482 -118.65 -58.32 6.04
C GLU D 482 -119.98 -58.95 6.42
N THR D 483 -120.93 -58.99 5.48
CA THR D 483 -122.21 -59.63 5.76
C THR D 483 -122.02 -61.11 6.06
N VAL D 484 -121.22 -61.81 5.26
CA VAL D 484 -120.98 -63.23 5.48
C VAL D 484 -120.30 -63.46 6.82
N VAL D 485 -119.31 -62.62 7.14
CA VAL D 485 -118.60 -62.77 8.41
C VAL D 485 -119.57 -62.56 9.58
N ARG D 486 -120.41 -61.54 9.49
CA ARG D 486 -121.39 -61.31 10.55
C ARG D 486 -122.35 -62.48 10.70
N THR D 487 -122.81 -63.04 9.58
CA THR D 487 -123.72 -64.18 9.65
C THR D 487 -122.97 -65.44 10.06
N VAL D 488 -121.80 -65.69 9.47
CA VAL D 488 -121.04 -66.90 9.74
C VAL D 488 -119.62 -66.50 10.16
N PRO D 489 -119.38 -66.19 11.44
CA PRO D 489 -118.04 -65.79 11.86
C PRO D 489 -117.05 -66.94 11.97
N GLY D 490 -117.50 -68.18 11.91
CA GLY D 490 -116.62 -69.32 12.08
C GLY D 490 -115.78 -69.69 10.88
N LEU D 491 -115.91 -68.96 9.77
CA LEU D 491 -115.18 -69.24 8.54
C LEU D 491 -114.06 -68.23 8.40
N LEU D 492 -112.81 -68.69 8.57
CA LEU D 492 -111.66 -67.79 8.54
C LEU D 492 -111.32 -67.37 7.11
N GLN D 493 -111.69 -68.17 6.11
CA GLN D 493 -111.40 -67.82 4.73
C GLN D 493 -112.06 -66.50 4.34
N THR D 494 -113.24 -66.24 4.89
CA THR D 494 -113.89 -64.96 4.67
C THR D 494 -113.06 -63.82 5.25
N VAL D 495 -112.46 -64.04 6.43
CA VAL D 495 -111.59 -63.03 7.01
C VAL D 495 -110.37 -62.80 6.12
N PHE D 496 -109.81 -63.88 5.57
CA PHE D 496 -108.67 -63.73 4.67
C PHE D 496 -109.04 -62.91 3.43
N LEU D 497 -110.21 -63.20 2.86
CA LEU D 497 -110.65 -62.45 1.69
C LEU D 497 -110.95 -60.99 2.05
N ILE D 498 -111.47 -60.73 3.25
CA ILE D 498 -111.62 -59.36 3.71
C ILE D 498 -110.27 -58.66 3.75
N ALA D 499 -109.25 -59.34 4.27
CA ALA D 499 -107.92 -58.76 4.32
C ALA D 499 -107.40 -58.48 2.90
N LYS D 500 -107.64 -59.41 1.98
CA LYS D 500 -107.20 -59.23 0.60
C LYS D 500 -107.86 -58.00 -0.02
N VAL D 501 -109.17 -57.88 0.14
CA VAL D 501 -109.91 -56.77 -0.47
C VAL D 501 -109.49 -55.45 0.18
N LYS D 502 -109.30 -55.43 1.50
CA LYS D 502 -108.85 -54.22 2.16
C LYS D 502 -107.47 -53.81 1.69
N TYR D 503 -106.56 -54.77 1.53
CA TYR D 503 -105.23 -54.47 1.01
C TYR D 503 -105.31 -53.91 -0.40
N LEU D 504 -106.16 -54.50 -1.24
CA LEU D 504 -106.35 -53.96 -2.58
C LEU D 504 -106.98 -52.58 -2.55
N SER D 505 -107.73 -52.27 -1.49
CA SER D 505 -108.41 -50.98 -1.35
C SER D 505 -107.55 -49.92 -0.68
N GLY D 506 -106.36 -50.28 -0.21
CA GLY D 506 -105.47 -49.34 0.44
C GLY D 506 -105.62 -49.25 1.94
N ASP D 507 -106.63 -49.89 2.52
CA ASP D 507 -106.80 -49.91 3.98
C ASP D 507 -105.87 -50.97 4.56
N ILE D 508 -104.62 -50.58 4.73
CA ILE D 508 -103.58 -51.52 5.15
C ILE D 508 -103.82 -51.98 6.58
N GLU D 509 -104.29 -51.08 7.45
CA GLU D 509 -104.46 -51.42 8.86
C GLU D 509 -105.52 -52.51 9.05
N ALA D 510 -106.65 -52.39 8.35
CA ALA D 510 -107.69 -53.40 8.46
C ALA D 510 -107.20 -54.75 7.96
N ALA D 511 -106.45 -54.76 6.85
CA ALA D 511 -105.87 -56.00 6.35
C ALA D 511 -104.91 -56.60 7.37
N PHE D 512 -104.10 -55.76 8.01
CA PHE D 512 -103.18 -56.24 9.04
C PHE D 512 -103.94 -56.88 10.21
N ASN D 513 -105.01 -56.23 10.64
CA ASN D 513 -105.81 -56.78 11.74
C ASN D 513 -106.43 -58.12 11.36
N ASN D 514 -106.98 -58.20 10.15
CA ASN D 514 -107.59 -59.46 9.71
C ASN D 514 -106.55 -60.56 9.58
N LEU D 515 -105.37 -60.22 9.08
CA LEU D 515 -104.30 -61.22 8.97
C LEU D 515 -103.84 -61.70 10.34
N GLN D 516 -103.74 -60.78 11.31
CA GLN D 516 -103.40 -61.18 12.67
C GLN D 516 -104.47 -62.11 13.24
N HIS D 517 -105.73 -61.79 13.01
CA HIS D 517 -106.81 -62.65 13.47
C HIS D 517 -106.72 -64.04 12.83
N CYS D 518 -106.45 -64.08 11.53
CA CYS D 518 -106.31 -65.37 10.84
C CYS D 518 -105.15 -66.19 11.40
N LEU D 519 -104.00 -65.54 11.62
CA LEU D 519 -102.86 -66.24 12.17
C LEU D 519 -103.14 -66.76 13.58
N GLU D 520 -103.82 -65.95 14.40
CA GLU D 520 -104.17 -66.39 15.75
C GLU D 520 -105.10 -67.59 15.70
N HIS D 521 -106.10 -67.55 14.81
CA HIS D 521 -107.02 -68.68 14.70
C HIS D 521 -106.38 -69.87 13.98
N ASN D 522 -105.42 -69.62 13.09
CA ASN D 522 -104.74 -70.71 12.40
C ASN D 522 -103.34 -70.27 11.99
N PRO D 523 -102.32 -70.61 12.78
CA PRO D 523 -100.96 -70.21 12.41
C PRO D 523 -100.43 -70.90 11.16
N SER D 524 -101.04 -72.01 10.73
CA SER D 524 -100.54 -72.77 9.60
C SER D 524 -101.04 -72.27 8.25
N TYR D 525 -101.92 -71.27 8.22
CA TYR D 525 -102.50 -70.80 6.97
C TYR D 525 -101.52 -69.87 6.26
N ALA D 526 -100.72 -70.44 5.35
CA ALA D 526 -99.55 -69.74 4.82
C ALA D 526 -99.92 -68.47 4.06
N ASP D 527 -101.07 -68.49 3.36
CA ASP D 527 -101.46 -67.32 2.57
C ASP D 527 -101.61 -66.10 3.45
N ALA D 528 -102.08 -66.28 4.69
CA ALA D 528 -102.13 -65.17 5.63
C ALA D 528 -100.73 -64.63 5.91
N HIS D 529 -99.75 -65.51 6.07
CA HIS D 529 -98.37 -65.07 6.25
C HIS D 529 -97.88 -64.27 5.05
N LEU D 530 -98.18 -64.75 3.84
CA LEU D 530 -97.69 -64.07 2.64
C LEU D 530 -98.29 -62.68 2.52
N LEU D 531 -99.61 -62.57 2.74
CA LEU D 531 -100.25 -61.25 2.67
C LEU D 531 -99.75 -60.34 3.80
N LEU D 532 -99.47 -60.91 4.97
CA LEU D 532 -98.92 -60.12 6.06
C LEU D 532 -97.54 -59.60 5.71
N ALA D 533 -96.74 -60.43 5.01
CA ALA D 533 -95.44 -59.95 4.54
C ALA D 533 -95.60 -58.79 3.56
N GLN D 534 -96.58 -58.88 2.66
CA GLN D 534 -96.85 -57.75 1.78
C GLN D 534 -97.23 -56.50 2.58
N VAL D 535 -98.06 -56.67 3.61
CA VAL D 535 -98.50 -55.54 4.42
C VAL D 535 -97.30 -54.91 5.13
N TYR D 536 -96.45 -55.75 5.71
CA TYR D 536 -95.26 -55.25 6.39
C TYR D 536 -94.33 -54.50 5.43
N LEU D 537 -94.19 -55.02 4.21
CA LEU D 537 -93.41 -54.31 3.20
C LEU D 537 -94.03 -52.95 2.91
N SER D 538 -95.36 -52.89 2.81
CA SER D 538 -96.03 -51.60 2.65
C SER D 538 -95.84 -50.72 3.87
N GLN D 539 -95.65 -51.32 5.05
CA GLN D 539 -95.42 -50.60 6.28
C GLN D 539 -93.94 -50.34 6.55
N GLU D 540 -93.06 -50.73 5.62
CA GLU D 540 -91.62 -50.52 5.72
C GLU D 540 -90.99 -51.25 6.90
N LYS D 541 -91.68 -52.27 7.43
CA LYS D 541 -91.11 -53.12 8.48
C LYS D 541 -90.52 -54.36 7.81
N VAL D 542 -89.33 -54.16 7.24
CA VAL D 542 -88.73 -55.19 6.39
C VAL D 542 -88.40 -56.45 7.18
N LYS D 543 -87.93 -56.28 8.42
CA LYS D 543 -87.53 -57.43 9.22
C LYS D 543 -88.73 -58.34 9.51
N LEU D 544 -89.85 -57.74 9.88
CA LEU D 544 -91.06 -58.52 10.14
C LEU D 544 -91.55 -59.20 8.87
N CYS D 545 -91.46 -58.51 7.73
CA CYS D 545 -91.84 -59.12 6.46
C CYS D 545 -90.97 -60.33 6.14
N SER D 546 -89.66 -60.21 6.36
CA SER D 546 -88.76 -61.33 6.10
C SER D 546 -89.05 -62.50 7.04
N GLN D 547 -89.33 -62.20 8.31
CA GLN D 547 -89.66 -63.27 9.25
C GLN D 547 -90.95 -63.97 8.86
N SER D 548 -91.96 -63.19 8.44
CA SER D 548 -93.20 -63.80 7.98
C SER D 548 -92.99 -64.65 6.74
N LEU D 549 -92.13 -64.19 5.83
CA LEU D 549 -91.81 -64.99 4.65
C LEU D 549 -91.13 -66.30 5.04
N GLU D 550 -90.21 -66.24 6.01
CA GLU D 550 -89.55 -67.45 6.47
C GLU D 550 -90.56 -68.41 7.10
N LEU D 551 -91.48 -67.88 7.89
CA LEU D 551 -92.52 -68.71 8.50
C LEU D 551 -93.37 -69.37 7.43
N CYS D 552 -93.77 -68.61 6.41
CA CYS D 552 -94.59 -69.16 5.33
C CYS D 552 -93.84 -70.24 4.57
N LEU D 553 -92.55 -70.02 4.29
CA LEU D 553 -91.75 -71.03 3.60
C LEU D 553 -91.63 -72.29 4.44
N SER D 554 -91.42 -72.12 5.75
CA SER D 554 -91.32 -73.30 6.63
C SER D 554 -92.63 -74.07 6.66
N TYR D 555 -93.76 -73.37 6.70
CA TYR D 555 -95.05 -74.05 6.76
C TYR D 555 -95.37 -74.79 5.46
N ASP D 556 -94.82 -74.33 4.34
CA ASP D 556 -95.01 -75.02 3.07
C ASP D 556 -93.92 -74.56 2.11
N PHE D 557 -93.16 -75.52 1.57
CA PHE D 557 -92.08 -75.19 0.65
C PHE D 557 -92.57 -75.02 -0.79
N LYS D 558 -93.77 -75.50 -1.10
CA LYS D 558 -94.33 -75.29 -2.43
C LYS D 558 -94.56 -73.81 -2.72
N VAL D 559 -94.55 -72.96 -1.68
CA VAL D 559 -94.64 -71.52 -1.85
C VAL D 559 -93.45 -71.01 -2.66
N ARG D 560 -92.34 -71.76 -2.69
CA ARG D 560 -91.21 -71.40 -3.53
C ARG D 560 -91.62 -71.36 -5.00
N ASP D 561 -92.41 -72.34 -5.44
CA ASP D 561 -92.91 -72.34 -6.81
C ASP D 561 -93.88 -71.19 -7.06
N TYR D 562 -94.46 -70.61 -6.02
CA TYR D 562 -95.37 -69.50 -6.20
C TYR D 562 -94.60 -68.24 -6.53
N PRO D 563 -94.84 -67.61 -7.68
CA PRO D 563 -94.07 -66.40 -8.03
C PRO D 563 -94.25 -65.25 -7.07
N LEU D 564 -95.38 -65.19 -6.37
CA LEU D 564 -95.64 -64.07 -5.47
C LEU D 564 -94.61 -64.00 -4.36
N TYR D 565 -94.24 -65.16 -3.79
CA TYR D 565 -93.23 -65.17 -2.74
C TYR D 565 -91.90 -64.68 -3.28
N HIS D 566 -91.54 -65.09 -4.50
CA HIS D 566 -90.30 -64.61 -5.11
C HIS D 566 -90.31 -63.10 -5.28
N LEU D 567 -91.44 -62.56 -5.75
CA LEU D 567 -91.56 -61.11 -5.93
C LEU D 567 -91.44 -60.39 -4.60
N ILE D 568 -92.08 -60.93 -3.55
CA ILE D 568 -92.04 -60.29 -2.24
C ILE D 568 -90.63 -60.33 -1.66
N LYS D 569 -89.94 -61.46 -1.82
CA LYS D 569 -88.55 -61.54 -1.34
C LYS D 569 -87.67 -60.56 -2.10
N ALA D 570 -87.89 -60.42 -3.42
CA ALA D 570 -87.12 -59.45 -4.20
C ALA D 570 -87.38 -58.04 -3.72
N GLN D 571 -88.65 -57.71 -3.44
CA GLN D 571 -88.97 -56.38 -2.92
C GLN D 571 -88.32 -56.15 -1.56
N SER D 572 -88.30 -57.17 -0.71
CA SER D 572 -87.64 -57.05 0.58
C SER D 572 -86.14 -56.82 0.41
N GLN D 573 -85.51 -57.54 -0.52
CA GLN D 573 -84.08 -57.34 -0.77
C GLN D 573 -83.80 -55.95 -1.30
N LYS D 574 -84.67 -55.44 -2.17
CA LYS D 574 -84.55 -54.06 -2.64
C LYS D 574 -84.69 -53.08 -1.48
N LYS D 575 -85.61 -53.37 -0.55
CA LYS D 575 -85.83 -52.48 0.59
C LYS D 575 -84.59 -52.38 1.47
N MET D 576 -83.93 -53.51 1.72
CA MET D 576 -82.73 -53.51 2.54
C MET D 576 -81.45 -53.34 1.72
N GLY D 577 -81.56 -53.00 0.44
CA GLY D 577 -80.43 -52.55 -0.34
C GLY D 577 -79.64 -53.63 -1.05
N GLU D 578 -79.93 -54.91 -0.80
CA GLU D 578 -79.22 -56.00 -1.45
C GLU D 578 -79.75 -56.13 -2.88
N ILE D 579 -79.25 -55.26 -3.76
CA ILE D 579 -79.67 -55.25 -5.14
C ILE D 579 -79.31 -56.56 -5.84
N ALA D 580 -78.10 -57.06 -5.58
CA ALA D 580 -77.68 -58.32 -6.19
C ALA D 580 -78.54 -59.48 -5.73
N ASP D 581 -78.91 -59.50 -4.44
CA ASP D 581 -79.77 -60.56 -3.94
C ASP D 581 -81.16 -60.47 -4.56
N ALA D 582 -81.68 -59.25 -4.75
CA ALA D 582 -82.96 -59.09 -5.42
C ALA D 582 -82.89 -59.60 -6.86
N ILE D 583 -81.79 -59.27 -7.56
CA ILE D 583 -81.59 -59.77 -8.92
C ILE D 583 -81.57 -61.29 -8.94
N LYS D 584 -80.87 -61.89 -7.98
CA LYS D 584 -80.79 -63.35 -7.91
C LYS D 584 -82.16 -63.95 -7.64
N THR D 585 -82.94 -63.34 -6.75
CA THR D 585 -84.28 -63.86 -6.47
C THR D 585 -85.18 -63.76 -7.68
N LEU D 586 -85.13 -62.64 -8.40
CA LEU D 586 -85.95 -62.51 -9.60
C LEU D 586 -85.50 -63.46 -10.69
N HIS D 587 -84.20 -63.74 -10.77
CA HIS D 587 -83.71 -64.70 -11.76
C HIS D 587 -84.13 -66.12 -11.41
N MET D 588 -84.17 -66.44 -10.11
CA MET D 588 -84.75 -67.71 -9.70
C MET D 588 -86.23 -67.77 -10.05
N ALA D 589 -86.93 -66.65 -9.88
CA ALA D 589 -88.33 -66.56 -10.33
C ALA D 589 -88.44 -66.78 -11.83
N MET D 590 -87.41 -66.38 -12.59
CA MET D 590 -87.41 -66.63 -14.03
C MET D 590 -87.52 -68.13 -14.30
N SER D 591 -86.78 -68.94 -13.56
CA SER D 591 -86.76 -70.38 -13.73
C SER D 591 -88.07 -71.05 -13.29
N LEU D 592 -88.96 -70.33 -12.63
CA LEU D 592 -90.22 -70.92 -12.20
C LEU D 592 -91.04 -71.35 -13.42
N PRO D 593 -91.79 -72.43 -13.31
CA PRO D 593 -92.58 -72.90 -14.46
C PRO D 593 -93.58 -71.84 -14.91
N GLY D 594 -93.72 -71.70 -16.22
CA GLY D 594 -94.62 -70.74 -16.81
C GLY D 594 -94.13 -69.31 -16.81
N MET D 595 -92.92 -69.06 -16.33
CA MET D 595 -92.37 -67.70 -16.29
C MET D 595 -91.55 -67.38 -17.54
N LYS D 596 -91.79 -68.11 -18.63
CA LYS D 596 -91.14 -67.85 -19.91
C LYS D 596 -92.18 -67.98 -21.01
N ARG D 597 -92.60 -66.85 -21.56
CA ARG D 597 -93.56 -66.80 -22.67
C ARG D 597 -94.87 -67.50 -22.28
N ILE D 598 -95.57 -66.87 -21.35
CA ILE D 598 -96.90 -67.33 -20.93
C ILE D 598 -97.74 -67.58 -22.18
N GLY D 599 -98.25 -68.79 -22.32
CA GLY D 599 -98.94 -69.20 -23.52
C GLY D 599 -98.10 -70.00 -24.50
N ALA D 600 -96.98 -70.56 -24.07
CA ALA D 600 -96.10 -71.34 -24.93
C ALA D 600 -96.48 -72.82 -24.95
N SER D 601 -97.74 -73.14 -24.70
CA SER D 601 -98.25 -74.51 -24.71
C SER D 601 -97.52 -75.38 -23.69
N THR D 602 -97.62 -74.97 -22.43
CA THR D 602 -97.09 -75.73 -21.30
C THR D 602 -98.18 -76.68 -20.84
N LYS D 603 -98.26 -77.85 -21.48
CA LYS D 603 -99.32 -78.82 -21.23
C LYS D 603 -99.05 -79.60 -19.95
N SER D 604 -99.04 -78.87 -18.84
CA SER D 604 -98.81 -79.48 -17.53
C SER D 604 -100.10 -79.95 -16.85
N LYS D 605 -101.26 -79.60 -17.41
CA LYS D 605 -102.56 -79.97 -16.84
C LYS D 605 -102.66 -79.55 -15.37
N ASP D 606 -102.14 -78.37 -15.07
CA ASP D 606 -102.06 -77.83 -13.72
C ASP D 606 -102.55 -76.39 -13.68
N ARG D 607 -103.73 -76.15 -14.27
CA ARG D 607 -104.26 -74.79 -14.34
C ARG D 607 -104.88 -74.37 -13.02
N LYS D 608 -104.10 -74.48 -11.93
CA LYS D 608 -104.52 -73.98 -10.63
C LYS D 608 -103.39 -73.17 -10.01
N THR D 609 -102.16 -73.50 -10.40
CA THR D 609 -100.96 -72.76 -9.98
C THR D 609 -100.35 -71.98 -11.12
N GLU D 610 -101.12 -71.72 -12.18
CA GLU D 610 -100.61 -70.96 -13.32
C GLU D 610 -100.22 -69.57 -12.89
N VAL D 611 -99.05 -69.12 -13.35
CA VAL D 611 -98.58 -67.78 -13.03
C VAL D 611 -99.56 -66.76 -13.58
N ASP D 612 -100.14 -65.95 -12.70
CA ASP D 612 -101.05 -64.91 -13.14
C ASP D 612 -100.30 -63.85 -13.94
N THR D 613 -100.97 -63.31 -14.96
CA THR D 613 -100.33 -62.33 -15.81
C THR D 613 -99.89 -61.10 -15.02
N SER D 614 -100.74 -60.64 -14.10
CA SER D 614 -100.37 -59.51 -13.26
C SER D 614 -99.16 -59.82 -12.40
N HIS D 615 -99.10 -61.04 -11.83
CA HIS D 615 -97.96 -61.42 -11.01
C HIS D 615 -96.67 -61.43 -11.82
N ARG D 616 -96.72 -62.01 -13.02
CA ARG D 616 -95.54 -62.04 -13.87
C ARG D 616 -95.10 -60.64 -14.28
N LEU D 617 -96.06 -59.77 -14.61
CA LEU D 617 -95.71 -58.40 -14.96
C LEU D 617 -95.11 -57.67 -13.77
N SER D 618 -95.63 -57.93 -12.56
CA SER D 618 -95.04 -57.34 -11.37
C SER D 618 -93.61 -57.80 -11.18
N ILE D 619 -93.35 -59.10 -11.41
CA ILE D 619 -91.99 -59.61 -11.32
C ILE D 619 -91.08 -58.89 -12.30
N PHE D 620 -91.52 -58.78 -13.56
CA PHE D 620 -90.67 -58.15 -14.56
C PHE D 620 -90.43 -56.67 -14.26
N LEU D 621 -91.47 -55.96 -13.83
CA LEU D 621 -91.30 -54.55 -13.50
C LEU D 621 -90.39 -54.35 -12.30
N GLU D 622 -90.50 -55.23 -11.30
CA GLU D 622 -89.58 -55.17 -10.17
C GLU D 622 -88.15 -55.41 -10.61
N LEU D 623 -87.94 -56.39 -11.50
CA LEU D 623 -86.60 -56.64 -12.01
C LEU D 623 -86.08 -55.43 -12.77
N ILE D 624 -86.92 -54.80 -13.58
CA ILE D 624 -86.51 -53.62 -14.35
C ILE D 624 -86.12 -52.50 -13.41
N ASP D 625 -86.93 -52.25 -12.38
CA ASP D 625 -86.62 -51.19 -11.42
C ASP D 625 -85.33 -51.48 -10.67
N VAL D 626 -85.13 -52.75 -10.27
CA VAL D 626 -83.91 -53.11 -9.54
C VAL D 626 -82.69 -52.93 -10.43
N HIS D 627 -82.78 -53.33 -11.69
CA HIS D 627 -81.65 -53.15 -12.59
C HIS D 627 -81.38 -51.68 -12.87
N ARG D 628 -82.43 -50.87 -12.97
CA ARG D 628 -82.24 -49.43 -13.13
C ARG D 628 -81.54 -48.84 -11.91
N LEU D 629 -81.93 -49.27 -10.72
CA LEU D 629 -81.20 -48.88 -9.52
C LEU D 629 -79.76 -49.38 -9.54
N ASN D 630 -79.52 -50.49 -10.23
CA ASN D 630 -78.18 -51.06 -10.35
C ASN D 630 -77.35 -50.41 -11.44
N GLY D 631 -77.94 -49.53 -12.24
CA GLY D 631 -77.24 -48.87 -13.32
C GLY D 631 -77.24 -49.61 -14.64
N GLU D 632 -77.76 -50.83 -14.68
CA GLU D 632 -77.83 -51.62 -15.92
C GLU D 632 -78.99 -51.10 -16.77
N GLN D 633 -78.83 -49.89 -17.27
CA GLN D 633 -79.87 -49.26 -18.07
C GLN D 633 -80.15 -50.06 -19.33
N HIS D 634 -79.11 -50.53 -20.00
CA HIS D 634 -79.29 -51.33 -21.21
C HIS D 634 -79.98 -52.65 -20.89
N GLU D 635 -79.59 -53.30 -19.78
CA GLU D 635 -80.23 -54.55 -19.39
C GLU D 635 -81.70 -54.31 -19.02
N ALA D 636 -81.98 -53.21 -18.32
CA ALA D 636 -83.37 -52.89 -17.98
C ALA D 636 -84.18 -52.65 -19.25
N THR D 637 -83.62 -51.93 -20.21
CA THR D 637 -84.31 -51.71 -21.47
C THR D 637 -84.55 -53.02 -22.21
N LYS D 638 -83.57 -53.93 -22.17
CA LYS D 638 -83.74 -55.23 -22.81
C LYS D 638 -84.87 -56.02 -22.16
N VAL D 639 -84.94 -56.01 -20.83
CA VAL D 639 -86.01 -56.72 -20.14
C VAL D 639 -87.36 -56.09 -20.46
N LEU D 640 -87.40 -54.75 -20.54
CA LEU D 640 -88.63 -54.06 -20.90
C LEU D 640 -89.08 -54.45 -22.30
N GLN D 641 -88.13 -54.53 -23.24
CA GLN D 641 -88.47 -54.96 -24.59
C GLN D 641 -88.96 -56.40 -24.59
N ASP D 642 -88.38 -57.26 -23.75
CA ASP D 642 -88.86 -58.62 -23.62
C ASP D 642 -90.31 -58.64 -23.15
N ALA D 643 -90.63 -57.83 -22.14
CA ALA D 643 -91.99 -57.77 -21.64
C ALA D 643 -92.95 -57.27 -22.70
N ILE D 644 -92.54 -56.22 -23.43
CA ILE D 644 -93.38 -55.67 -24.49
C ILE D 644 -93.64 -56.73 -25.55
N HIS D 645 -92.60 -57.45 -25.96
CA HIS D 645 -92.74 -58.50 -26.96
C HIS D 645 -93.67 -59.61 -26.48
N GLU D 646 -93.53 -60.01 -25.22
CA GLU D 646 -94.32 -61.13 -24.72
C GLU D 646 -95.79 -60.77 -24.55
N PHE D 647 -96.07 -59.63 -23.92
CA PHE D 647 -97.41 -59.33 -23.44
C PHE D 647 -98.23 -58.51 -24.42
N SER D 648 -97.76 -58.35 -25.66
CA SER D 648 -98.57 -57.67 -26.67
C SER D 648 -99.87 -58.43 -26.89
N GLY D 649 -100.98 -57.68 -26.95
CA GLY D 649 -102.28 -58.28 -27.09
C GLY D 649 -102.93 -58.73 -25.80
N THR D 650 -102.26 -58.57 -24.66
CA THR D 650 -102.80 -58.95 -23.37
C THR D 650 -103.36 -57.73 -22.64
N SER D 651 -104.15 -58.00 -21.61
CA SER D 651 -104.78 -56.91 -20.85
C SER D 651 -103.75 -56.06 -20.14
N GLU D 652 -102.72 -56.68 -19.56
CA GLU D 652 -101.72 -55.96 -18.78
C GLU D 652 -100.75 -55.18 -19.63
N GLU D 653 -100.79 -55.35 -20.97
CA GLU D 653 -99.79 -54.75 -21.84
C GLU D 653 -99.68 -53.24 -21.63
N VAL D 654 -100.81 -52.57 -21.40
CA VAL D 654 -100.80 -51.13 -21.20
C VAL D 654 -99.87 -50.75 -20.05
N ARG D 655 -99.96 -51.49 -18.95
CA ARG D 655 -99.07 -51.23 -17.82
C ARG D 655 -97.61 -51.24 -18.27
N VAL D 656 -97.25 -52.20 -19.11
CA VAL D 656 -95.88 -52.28 -19.63
C VAL D 656 -95.52 -50.97 -20.31
N THR D 657 -96.40 -50.48 -21.18
CA THR D 657 -96.16 -49.21 -21.86
C THR D 657 -95.98 -48.10 -20.84
N ILE D 658 -96.78 -48.12 -19.77
CA ILE D 658 -96.60 -47.15 -18.70
C ILE D 658 -95.18 -47.22 -18.17
N ALA D 659 -94.73 -48.44 -17.86
CA ALA D 659 -93.33 -48.62 -17.46
C ALA D 659 -92.39 -48.08 -18.52
N ASN D 660 -92.69 -48.37 -19.79
CA ASN D 660 -91.89 -47.81 -20.88
C ASN D 660 -91.91 -46.29 -20.83
N ALA D 661 -93.09 -45.70 -20.63
CA ALA D 661 -93.18 -44.26 -20.46
C ALA D 661 -92.34 -43.81 -19.27
N ASP D 662 -92.37 -44.59 -18.20
CA ASP D 662 -91.51 -44.28 -17.05
C ASP D 662 -90.05 -44.23 -17.47
N LEU D 663 -89.62 -45.17 -18.31
CA LEU D 663 -88.27 -45.14 -18.83
C LEU D 663 -88.00 -43.83 -19.56
N ALA D 664 -88.97 -43.35 -20.34
CA ALA D 664 -88.81 -42.05 -20.97
C ALA D 664 -88.66 -40.96 -19.93
N LEU D 665 -89.47 -41.01 -18.86
CA LEU D 665 -89.29 -40.07 -17.76
C LEU D 665 -87.92 -40.24 -17.13
N ALA D 666 -87.40 -41.45 -17.12
CA ALA D 666 -86.01 -41.67 -16.69
C ALA D 666 -85.04 -40.97 -17.61
N GLN D 667 -85.30 -41.03 -18.92
CA GLN D 667 -84.43 -40.38 -19.90
C GLN D 667 -84.74 -38.90 -20.07
N GLY D 668 -85.86 -38.42 -19.53
CA GLY D 668 -86.24 -37.04 -19.68
C GLY D 668 -86.92 -36.71 -21.00
N ASP D 669 -87.14 -37.68 -21.87
CA ASP D 669 -87.78 -37.47 -23.16
C ASP D 669 -89.28 -37.33 -22.91
N ILE D 670 -89.71 -36.10 -22.65
CA ILE D 670 -91.12 -35.85 -22.33
C ILE D 670 -92.00 -36.22 -23.51
N GLU D 671 -91.60 -35.79 -24.71
CA GLU D 671 -92.45 -36.00 -25.89
C GLU D 671 -92.62 -37.49 -26.19
N ARG D 672 -91.57 -38.29 -25.99
CA ARG D 672 -91.69 -39.72 -26.22
C ARG D 672 -92.71 -40.35 -25.29
N ALA D 673 -92.65 -40.01 -24.00
CA ALA D 673 -93.63 -40.52 -23.06
C ALA D 673 -95.03 -40.07 -23.42
N LEU D 674 -95.17 -38.80 -23.82
CA LEU D 674 -96.48 -38.28 -24.19
C LEU D 674 -97.06 -39.06 -25.37
N SER D 675 -96.25 -39.31 -26.40
CA SER D 675 -96.72 -40.07 -27.54
C SER D 675 -97.07 -41.51 -27.15
N ILE D 676 -96.22 -42.14 -26.32
CA ILE D 676 -96.45 -43.52 -25.93
C ILE D 676 -97.78 -43.66 -25.19
N LEU D 677 -98.04 -42.73 -24.26
CA LEU D 677 -99.29 -42.77 -23.53
C LEU D 677 -100.47 -42.34 -24.41
N GLN D 678 -100.23 -41.50 -25.41
CA GLN D 678 -101.27 -41.15 -26.35
C GLN D 678 -101.70 -42.35 -27.18
N ASN D 679 -100.78 -43.29 -27.41
CA ASN D 679 -101.16 -44.51 -28.11
C ASN D 679 -102.20 -45.33 -27.35
N VAL D 680 -102.31 -45.13 -26.05
CA VAL D 680 -103.29 -45.87 -25.25
C VAL D 680 -104.70 -45.40 -25.61
N THR D 681 -105.59 -46.36 -25.82
CA THR D 681 -106.98 -46.07 -26.17
C THR D 681 -107.90 -46.54 -25.06
N ALA D 682 -109.16 -46.09 -25.13
CA ALA D 682 -110.11 -46.36 -24.06
C ALA D 682 -110.44 -47.84 -23.95
N GLU D 683 -110.45 -48.56 -25.06
CA GLU D 683 -110.83 -49.97 -25.03
C GLU D 683 -109.88 -50.80 -24.17
N GLN D 684 -108.60 -50.45 -24.17
CA GLN D 684 -107.62 -51.23 -23.44
C GLN D 684 -107.83 -51.07 -21.93
N PRO D 685 -107.47 -52.09 -21.15
CA PRO D 685 -107.52 -51.96 -19.69
C PRO D 685 -106.43 -51.02 -19.20
N TYR D 686 -106.60 -50.56 -17.97
CA TYR D 686 -105.70 -49.61 -17.31
C TYR D 686 -105.60 -48.30 -18.08
N PHE D 687 -106.62 -47.97 -18.88
CA PHE D 687 -106.62 -46.72 -19.61
C PHE D 687 -106.62 -45.52 -18.68
N ILE D 688 -107.38 -45.61 -17.58
CA ILE D 688 -107.45 -44.51 -16.63
C ILE D 688 -106.07 -44.21 -16.06
N GLU D 689 -105.30 -45.25 -15.75
CA GLU D 689 -103.95 -45.04 -15.24
C GLU D 689 -103.07 -44.33 -16.25
N ALA D 690 -103.13 -44.75 -17.52
CA ALA D 690 -102.30 -44.13 -18.54
C ALA D 690 -102.67 -42.67 -18.74
N ARG D 691 -103.96 -42.36 -18.78
CA ARG D 691 -104.34 -40.97 -19.00
C ARG D 691 -104.09 -40.12 -17.76
N GLU D 692 -104.18 -40.72 -16.56
CA GLU D 692 -103.80 -40.00 -15.35
C GLU D 692 -102.31 -39.68 -15.38
N LYS D 693 -101.48 -40.61 -15.85
CA LYS D 693 -100.06 -40.32 -15.99
C LYS D 693 -99.82 -39.24 -17.03
N MET D 694 -100.59 -39.25 -18.12
CA MET D 694 -100.58 -38.14 -19.08
C MET D 694 -100.82 -36.81 -18.38
N ALA D 695 -101.89 -36.75 -17.59
CA ALA D 695 -102.24 -35.51 -16.90
C ALA D 695 -101.16 -35.10 -15.92
N ASP D 696 -100.59 -36.07 -15.20
CA ASP D 696 -99.52 -35.77 -14.26
C ASP D 696 -98.29 -35.21 -14.97
N ILE D 697 -97.95 -35.77 -16.12
CA ILE D 697 -96.81 -35.27 -16.87
C ILE D 697 -97.07 -33.85 -17.35
N TYR D 698 -98.28 -33.58 -17.84
CA TYR D 698 -98.62 -32.21 -18.21
C TYR D 698 -98.52 -31.26 -17.03
N LEU D 699 -99.01 -31.68 -15.86
CA LEU D 699 -99.05 -30.77 -14.71
C LEU D 699 -97.66 -30.52 -14.16
N LYS D 700 -96.87 -31.56 -13.96
CA LYS D 700 -95.60 -31.42 -13.24
C LYS D 700 -94.56 -30.68 -14.08
N HIS D 701 -94.41 -31.06 -15.35
CA HIS D 701 -93.33 -30.52 -16.17
C HIS D 701 -93.76 -29.27 -16.94
N ARG D 702 -94.75 -29.42 -17.82
CA ARG D 702 -95.15 -28.31 -18.65
C ARG D 702 -96.13 -27.37 -17.96
N LYS D 703 -96.73 -27.79 -16.84
CA LYS D 703 -97.61 -26.93 -16.04
C LYS D 703 -98.74 -26.34 -16.88
N ASP D 704 -99.25 -27.14 -17.81
CA ASP D 704 -100.36 -26.72 -18.67
C ASP D 704 -101.66 -27.06 -17.94
N LYS D 705 -102.22 -26.07 -17.26
CA LYS D 705 -103.45 -26.29 -16.51
C LYS D 705 -104.60 -26.67 -17.42
N MET D 706 -104.69 -26.02 -18.59
CA MET D 706 -105.75 -26.35 -19.54
C MET D 706 -105.63 -27.77 -20.04
N LEU D 707 -104.41 -28.22 -20.37
CA LEU D 707 -104.21 -29.59 -20.78
C LEU D 707 -104.49 -30.55 -19.63
N TYR D 708 -104.11 -30.17 -18.42
CA TYR D 708 -104.40 -30.98 -17.24
C TYR D 708 -105.90 -31.17 -17.06
N ILE D 709 -106.68 -30.12 -17.35
CA ILE D 709 -108.13 -30.23 -17.29
C ILE D 709 -108.64 -31.12 -18.41
N THR D 710 -108.15 -30.91 -19.63
CA THR D 710 -108.70 -31.62 -20.78
C THR D 710 -108.41 -33.11 -20.74
N CYS D 711 -107.30 -33.51 -20.10
CA CYS D 711 -107.05 -34.93 -19.94
C CYS D 711 -108.17 -35.62 -19.17
N PHE D 712 -108.53 -35.08 -18.01
CA PHE D 712 -109.62 -35.66 -17.24
C PHE D 712 -110.96 -35.45 -17.91
N ARG D 713 -111.12 -34.37 -18.68
CA ARG D 713 -112.35 -34.20 -19.44
C ARG D 713 -112.52 -35.33 -20.46
N GLU D 714 -111.43 -35.68 -21.15
CA GLU D 714 -111.48 -36.80 -22.08
C GLU D 714 -111.73 -38.11 -21.34
N ILE D 715 -111.14 -38.27 -20.16
CA ILE D 715 -111.39 -39.46 -19.36
C ILE D 715 -112.87 -39.59 -19.05
N ALA D 716 -113.49 -38.50 -18.63
CA ALA D 716 -114.92 -38.53 -18.31
C ALA D 716 -115.76 -38.78 -19.55
N GLU D 717 -115.42 -38.15 -20.67
CA GLU D 717 -116.23 -38.28 -21.87
C GLU D 717 -116.17 -39.69 -22.44
N ARG D 718 -114.97 -40.30 -22.45
CA ARG D 718 -114.85 -41.60 -23.09
C ARG D 718 -115.44 -42.71 -22.24
N MET D 719 -115.51 -42.53 -20.92
CA MET D 719 -116.09 -43.52 -20.01
C MET D 719 -116.99 -42.77 -19.03
N ALA D 720 -118.27 -42.66 -19.37
CA ALA D 720 -119.25 -41.94 -18.55
C ALA D 720 -119.63 -42.83 -17.36
N ASN D 721 -118.81 -42.79 -16.33
CA ASN D 721 -119.01 -43.52 -15.09
C ASN D 721 -118.76 -42.59 -13.92
N PRO D 722 -119.33 -42.89 -12.75
CA PRO D 722 -119.09 -42.03 -11.57
C PRO D 722 -117.62 -41.92 -11.21
N ARG D 723 -116.83 -42.96 -11.47
CA ARG D 723 -115.41 -42.91 -11.16
C ARG D 723 -114.71 -41.81 -11.95
N SER D 724 -114.98 -41.72 -13.25
CA SER D 724 -114.34 -40.70 -14.07
C SER D 724 -114.74 -39.30 -13.65
N PHE D 725 -116.03 -39.10 -13.35
CA PHE D 725 -116.49 -37.78 -12.93
C PHE D 725 -115.89 -37.40 -11.58
N LEU D 726 -115.78 -38.35 -10.66
CA LEU D 726 -115.16 -38.04 -9.37
C LEU D 726 -113.69 -37.71 -9.55
N LEU D 727 -113.01 -38.41 -10.46
CA LEU D 727 -111.61 -38.08 -10.76
C LEU D 727 -111.50 -36.69 -11.34
N LEU D 728 -112.43 -36.30 -12.23
CA LEU D 728 -112.43 -34.95 -12.77
C LEU D 728 -112.64 -33.91 -11.68
N GLY D 729 -113.55 -34.19 -10.74
CA GLY D 729 -113.75 -33.29 -9.63
C GLY D 729 -112.51 -33.14 -8.77
N ASP D 730 -111.82 -34.26 -8.51
CA ASP D 730 -110.58 -34.19 -7.76
C ASP D 730 -109.52 -33.39 -8.52
N ALA D 731 -109.48 -33.54 -9.84
CA ALA D 731 -108.54 -32.76 -10.65
C ALA D 731 -108.83 -31.27 -10.52
N TYR D 732 -110.10 -30.89 -10.63
CA TYR D 732 -110.47 -29.48 -10.49
C TYR D 732 -110.11 -28.97 -9.10
N MET D 733 -110.33 -29.77 -8.06
CA MET D 733 -109.97 -29.35 -6.72
C MET D 733 -108.46 -29.20 -6.56
N ASN D 734 -107.69 -30.01 -7.31
CA ASN D 734 -106.25 -29.87 -7.30
C ASN D 734 -105.78 -28.62 -8.05
N ILE D 735 -106.49 -28.23 -9.11
CA ILE D 735 -106.17 -27.00 -9.83
C ILE D 735 -106.86 -25.79 -9.21
N LEU D 736 -107.60 -25.99 -8.11
CA LEU D 736 -108.27 -24.90 -7.38
C LEU D 736 -109.30 -24.19 -8.27
N GLU D 737 -110.27 -24.97 -8.71
CA GLU D 737 -111.45 -24.46 -9.43
C GLU D 737 -112.69 -25.08 -8.79
N PRO D 738 -113.02 -24.65 -7.57
CA PRO D 738 -114.04 -25.39 -6.79
C PRO D 738 -115.42 -25.44 -7.44
N GLU D 739 -115.82 -24.39 -8.15
CA GLU D 739 -117.17 -24.37 -8.73
C GLU D 739 -117.34 -25.47 -9.76
N GLU D 740 -116.39 -25.56 -10.70
CA GLU D 740 -116.46 -26.64 -11.69
C GLU D 740 -116.28 -28.00 -11.05
N ALA D 741 -115.51 -28.08 -9.96
CA ALA D 741 -115.39 -29.34 -9.23
C ALA D 741 -116.74 -29.77 -8.67
N ILE D 742 -117.50 -28.83 -8.10
CA ILE D 742 -118.82 -29.15 -7.57
C ILE D 742 -119.76 -29.55 -8.70
N VAL D 743 -119.66 -28.87 -9.85
CA VAL D 743 -120.50 -29.23 -11.00
C VAL D 743 -120.19 -30.66 -11.44
N ALA D 744 -118.91 -31.02 -11.53
CA ALA D 744 -118.53 -32.37 -11.91
C ALA D 744 -119.01 -33.38 -10.88
N TYR D 745 -118.90 -33.05 -9.60
CA TYR D 745 -119.38 -33.95 -8.56
C TYR D 745 -120.88 -34.18 -8.68
N GLU D 746 -121.64 -33.12 -8.95
CA GLU D 746 -123.08 -33.26 -9.12
C GLU D 746 -123.40 -34.10 -10.36
N GLN D 747 -122.64 -33.93 -11.44
CA GLN D 747 -122.81 -34.81 -12.59
C GLN D 747 -122.54 -36.25 -12.22
N ALA D 748 -121.54 -36.49 -11.36
CA ALA D 748 -121.25 -37.84 -10.89
C ALA D 748 -122.43 -38.41 -10.11
N LEU D 749 -123.03 -37.60 -9.25
CA LEU D 749 -124.10 -38.07 -8.37
C LEU D 749 -125.42 -38.06 -9.12
N ASN D 750 -125.40 -37.59 -10.36
CA ASN D 750 -126.58 -37.66 -11.22
C ASN D 750 -126.47 -38.86 -12.15
N GLN D 751 -125.24 -39.26 -12.49
CA GLN D 751 -125.03 -40.46 -13.28
C GLN D 751 -125.53 -41.70 -12.54
N ASN D 752 -125.39 -41.71 -11.22
CA ASN D 752 -125.97 -42.74 -10.37
C ASN D 752 -126.75 -41.95 -9.32
N PRO D 753 -128.06 -42.17 -9.21
CA PRO D 753 -128.89 -41.21 -8.47
C PRO D 753 -128.74 -41.28 -6.95
N LYS D 754 -128.48 -42.47 -6.42
CA LYS D 754 -128.24 -42.58 -4.99
C LYS D 754 -126.79 -43.01 -4.73
N ASP D 755 -126.41 -44.16 -5.26
CA ASP D 755 -125.04 -44.66 -5.28
C ASP D 755 -124.48 -44.88 -3.87
N GLY D 756 -125.25 -44.60 -2.83
CA GLY D 756 -124.77 -44.74 -1.47
C GLY D 756 -123.68 -43.74 -1.10
N THR D 757 -122.45 -44.24 -0.94
CA THR D 757 -121.34 -43.43 -0.45
C THR D 757 -121.17 -42.15 -1.27
N LEU D 758 -121.40 -42.21 -2.58
CA LEU D 758 -121.25 -41.04 -3.42
C LEU D 758 -122.03 -39.85 -2.87
N ALA D 759 -123.26 -40.08 -2.40
CA ALA D 759 -124.04 -38.99 -1.84
C ALA D 759 -123.30 -38.29 -0.71
N SER D 760 -122.73 -39.07 0.21
CA SER D 760 -121.95 -38.48 1.29
C SER D 760 -120.80 -37.65 0.73
N LYS D 761 -120.13 -38.17 -0.30
CA LYS D 761 -119.06 -37.40 -0.95
C LYS D 761 -119.55 -36.01 -1.34
N MET D 762 -120.75 -35.96 -1.94
CA MET D 762 -121.39 -34.67 -2.24
C MET D 762 -121.21 -33.70 -1.09
N GLY D 763 -121.75 -34.06 0.08
CA GLY D 763 -121.69 -33.15 1.20
C GLY D 763 -120.28 -32.73 1.52
N LYS D 764 -119.35 -33.69 1.56
CA LYS D 764 -117.98 -33.36 1.87
C LYS D 764 -117.41 -32.38 0.85
N ALA D 765 -117.68 -32.62 -0.44
CA ALA D 765 -117.26 -31.66 -1.44
C ALA D 765 -117.87 -30.29 -1.13
N LEU D 766 -119.17 -30.26 -0.87
CA LEU D 766 -119.82 -28.99 -0.56
C LEU D 766 -119.28 -28.41 0.74
N ILE D 767 -118.81 -29.25 1.65
CA ILE D 767 -118.29 -28.72 2.90
C ILE D 767 -116.85 -28.28 2.73
N LYS D 768 -116.17 -28.74 1.68
CA LYS D 768 -114.77 -28.40 1.52
C LYS D 768 -114.61 -27.08 0.77
N THR D 769 -115.50 -26.80 -0.16
CA THR D 769 -115.48 -25.54 -0.89
C THR D 769 -116.09 -24.39 -0.09
N HIS D 770 -116.51 -24.65 1.15
CA HIS D 770 -117.06 -23.62 2.04
C HIS D 770 -118.34 -23.02 1.47
N ASN D 771 -119.12 -23.82 0.76
CA ASN D 771 -120.45 -23.42 0.32
C ASN D 771 -121.49 -23.98 1.30
N TYR D 772 -121.49 -23.37 2.49
CA TYR D 772 -122.21 -23.97 3.62
C TYR D 772 -123.71 -23.93 3.43
N SER D 773 -124.26 -22.83 2.91
CA SER D 773 -125.72 -22.70 2.80
C SER D 773 -126.28 -23.77 1.87
N MET D 774 -125.70 -23.90 0.68
CA MET D 774 -126.18 -24.93 -0.24
C MET D 774 -125.89 -26.33 0.29
N ALA D 775 -124.85 -26.48 1.10
CA ALA D 775 -124.60 -27.77 1.74
C ALA D 775 -125.74 -28.13 2.70
N ILE D 776 -126.20 -27.15 3.48
CA ILE D 776 -127.31 -27.38 4.39
C ILE D 776 -128.57 -27.73 3.60
N THR D 777 -128.82 -26.99 2.52
CA THR D 777 -130.00 -27.28 1.70
C THR D 777 -129.92 -28.68 1.10
N TYR D 778 -128.74 -29.08 0.63
CA TYR D 778 -128.58 -30.42 0.06
C TYR D 778 -128.81 -31.49 1.11
N TYR D 779 -128.26 -31.31 2.32
CA TYR D 779 -128.53 -32.28 3.38
C TYR D 779 -130.02 -32.37 3.70
N GLU D 780 -130.70 -31.23 3.79
CA GLU D 780 -132.13 -31.29 4.06
C GLU D 780 -132.89 -32.02 2.96
N ALA D 781 -132.57 -31.72 1.70
CA ALA D 781 -133.21 -32.37 0.56
C ALA D 781 -132.98 -33.87 0.60
N ALA D 782 -131.75 -34.28 0.90
CA ALA D 782 -131.42 -35.70 1.00
C ALA D 782 -132.22 -36.36 2.11
N LEU D 783 -132.21 -35.77 3.30
CA LEU D 783 -132.89 -36.33 4.46
C LEU D 783 -134.39 -36.47 4.22
N LYS D 784 -134.96 -35.55 3.45
CA LYS D 784 -136.41 -35.54 3.26
C LYS D 784 -136.95 -36.83 2.64
N THR D 785 -136.11 -37.57 1.91
CA THR D 785 -136.62 -38.72 1.18
C THR D 785 -135.66 -39.90 1.24
N GLY D 786 -136.12 -40.98 1.88
CA GLY D 786 -135.55 -42.31 1.71
C GLY D 786 -134.06 -42.46 1.90
N GLN D 787 -133.43 -41.54 2.63
CA GLN D 787 -132.02 -41.68 2.96
C GLN D 787 -131.85 -42.07 4.42
N LYS D 788 -130.77 -42.79 4.70
CA LYS D 788 -130.48 -43.27 6.04
C LYS D 788 -129.81 -42.18 6.85
N ASN D 789 -129.73 -42.42 8.15
CA ASN D 789 -129.35 -41.40 9.12
C ASN D 789 -127.87 -40.99 9.04
N TYR D 790 -127.12 -41.54 8.08
CA TYR D 790 -125.75 -41.08 7.90
C TYR D 790 -125.73 -39.61 7.47
N LEU D 791 -126.61 -39.24 6.54
CA LEU D 791 -126.74 -37.83 6.19
C LEU D 791 -127.31 -37.02 7.35
N CYS D 792 -128.11 -37.65 8.22
CA CYS D 792 -128.53 -36.98 9.45
C CYS D 792 -127.33 -36.64 10.32
N TYR D 793 -126.40 -37.59 10.47
CA TYR D 793 -125.18 -37.33 11.22
C TYR D 793 -124.36 -36.21 10.58
N ASP D 794 -124.26 -36.24 9.25
CA ASP D 794 -123.51 -35.19 8.55
C ASP D 794 -124.13 -33.82 8.78
N LEU D 795 -125.45 -33.72 8.66
CA LEU D 795 -126.12 -32.44 8.87
C LEU D 795 -125.99 -31.98 10.31
N ALA D 796 -126.10 -32.90 11.27
CA ALA D 796 -125.93 -32.53 12.67
C ALA D 796 -124.53 -32.02 12.94
N GLU D 797 -123.52 -32.69 12.38
CA GLU D 797 -122.14 -32.23 12.56
C GLU D 797 -121.93 -30.85 11.95
N LEU D 798 -122.48 -30.64 10.75
CA LEU D 798 -122.34 -29.34 10.10
C LEU D 798 -123.02 -28.24 10.92
N LEU D 799 -124.23 -28.50 11.41
CA LEU D 799 -124.94 -27.51 12.19
C LEU D 799 -124.22 -27.21 13.50
N LEU D 800 -123.62 -28.23 14.12
CA LEU D 800 -122.81 -28.00 15.30
C LEU D 800 -121.59 -27.16 14.97
N LYS D 801 -120.99 -27.38 13.81
CA LYS D 801 -119.77 -26.66 13.44
C LYS D 801 -120.00 -25.15 13.41
N LEU D 802 -121.09 -24.72 12.78
CA LEU D 802 -121.38 -23.29 12.61
C LEU D 802 -122.54 -22.82 13.49
N LYS D 803 -122.69 -23.41 14.67
CA LYS D 803 -123.37 -22.86 15.85
C LYS D 803 -124.89 -22.89 15.84
N TRP D 804 -125.54 -23.60 14.92
CA TRP D 804 -127.00 -23.75 14.99
C TRP D 804 -127.31 -24.96 15.86
N TYR D 805 -127.28 -24.75 17.17
CA TYR D 805 -127.45 -25.85 18.12
C TYR D 805 -128.84 -26.46 18.03
N ASP D 806 -129.88 -25.62 17.95
CA ASP D 806 -131.25 -26.12 18.03
C ASP D 806 -131.58 -27.03 16.86
N LYS D 807 -131.21 -26.63 15.65
CA LYS D 807 -131.50 -27.47 14.48
C LYS D 807 -130.76 -28.79 14.55
N ALA D 808 -129.49 -28.75 14.99
CA ALA D 808 -128.73 -29.98 15.15
C ALA D 808 -129.39 -30.91 16.18
N GLU D 809 -129.85 -30.35 17.30
CA GLU D 809 -130.51 -31.15 18.30
C GLU D 809 -131.79 -31.77 17.77
N LYS D 810 -132.57 -30.99 17.02
CA LYS D 810 -133.81 -31.51 16.45
C LYS D 810 -133.53 -32.64 15.47
N VAL D 811 -132.54 -32.46 14.61
CA VAL D 811 -132.20 -33.49 13.63
C VAL D 811 -131.70 -34.74 14.33
N LEU D 812 -130.86 -34.58 15.35
CA LEU D 812 -130.36 -35.73 16.08
C LEU D 812 -131.47 -36.49 16.77
N GLN D 813 -132.41 -35.77 17.40
CA GLN D 813 -133.52 -36.44 18.07
C GLN D 813 -134.41 -37.15 17.07
N HIS D 814 -134.64 -36.54 15.90
CA HIS D 814 -135.44 -37.18 14.87
C HIS D 814 -134.76 -38.45 14.35
N ALA D 815 -133.44 -38.41 14.19
CA ALA D 815 -132.73 -39.58 13.69
C ALA D 815 -132.60 -40.67 14.74
N LEU D 816 -132.57 -40.30 16.02
CA LEU D 816 -132.41 -41.25 17.10
C LEU D 816 -133.72 -41.88 17.55
N ALA D 817 -134.85 -41.44 17.01
CA ALA D 817 -136.15 -42.00 17.37
C ALA D 817 -136.38 -43.37 16.79
N HIS D 818 -135.40 -43.96 16.12
CA HIS D 818 -135.54 -45.28 15.54
C HIS D 818 -135.58 -46.34 16.63
N GLU D 819 -136.17 -47.49 16.29
CA GLU D 819 -136.25 -48.59 17.22
C GLU D 819 -134.86 -49.17 17.49
N PRO D 820 -134.64 -49.75 18.67
CA PRO D 820 -133.32 -50.32 18.97
C PRO D 820 -133.05 -51.60 18.19
N VAL D 821 -132.67 -51.45 16.92
CA VAL D 821 -132.38 -52.61 16.08
C VAL D 821 -131.11 -53.29 16.58
N ASN D 822 -131.07 -54.62 16.46
CA ASN D 822 -129.92 -55.39 16.88
C ASN D 822 -128.82 -55.42 15.83
N GLU D 823 -129.04 -54.84 14.66
CA GLU D 823 -128.01 -54.81 13.62
C GLU D 823 -126.80 -54.02 14.10
N LEU D 824 -125.60 -54.59 13.86
CA LEU D 824 -124.39 -53.98 14.38
C LEU D 824 -124.15 -52.59 13.79
N SER D 825 -124.35 -52.44 12.48
CA SER D 825 -124.16 -51.13 11.86
C SER D 825 -125.12 -50.10 12.45
N ALA D 826 -126.37 -50.49 12.67
CA ALA D 826 -127.32 -49.60 13.33
C ALA D 826 -126.85 -49.25 14.74
N LEU D 827 -126.24 -50.21 15.44
CA LEU D 827 -125.73 -49.94 16.78
C LEU D 827 -124.63 -48.88 16.74
N MET D 828 -123.67 -49.03 15.83
CA MET D 828 -122.61 -48.04 15.72
C MET D 828 -123.15 -46.67 15.33
N GLU D 829 -124.10 -46.64 14.39
CA GLU D 829 -124.68 -45.37 13.97
C GLU D 829 -125.40 -44.69 15.13
N ASP D 830 -126.18 -45.45 15.89
CA ASP D 830 -126.86 -44.87 17.04
C ASP D 830 -125.87 -44.39 18.09
N GLY D 831 -124.78 -45.14 18.30
CA GLY D 831 -123.79 -44.71 19.27
C GLY D 831 -123.13 -43.40 18.89
N ARG D 832 -122.70 -43.28 17.63
CA ARG D 832 -122.06 -42.04 17.21
C ARG D 832 -123.04 -40.86 17.22
N CYS D 833 -124.29 -41.10 16.84
CA CYS D 833 -125.30 -40.05 16.93
C CYS D 833 -125.53 -39.63 18.37
N GLN D 834 -125.56 -40.59 19.29
CA GLN D 834 -125.74 -40.26 20.70
C GLN D 834 -124.58 -39.43 21.22
N VAL D 835 -123.35 -39.78 20.83
CA VAL D 835 -122.19 -39.01 21.27
C VAL D 835 -122.27 -37.58 20.73
N LEU D 836 -122.61 -37.44 19.45
CA LEU D 836 -122.69 -36.10 18.88
C LEU D 836 -123.80 -35.29 19.53
N LEU D 837 -124.94 -35.93 19.84
CA LEU D 837 -126.02 -35.23 20.53
C LEU D 837 -125.61 -34.82 21.93
N ALA D 838 -124.83 -35.66 22.60
CA ALA D 838 -124.30 -35.29 23.91
C ALA D 838 -123.40 -34.07 23.80
N LYS D 839 -122.56 -34.02 22.78
CA LYS D 839 -121.75 -32.82 22.56
C LYS D 839 -122.61 -31.60 22.29
N VAL D 840 -123.69 -31.78 21.53
CA VAL D 840 -124.62 -30.68 21.26
C VAL D 840 -125.22 -30.16 22.56
N TYR D 841 -125.68 -31.07 23.42
CA TYR D 841 -126.25 -30.68 24.70
C TYR D 841 -125.23 -29.96 25.56
N SER D 842 -124.00 -30.46 25.58
CA SER D 842 -122.95 -29.80 26.35
C SER D 842 -122.70 -28.38 25.83
N LYS D 843 -122.74 -28.21 24.51
CA LYS D 843 -122.56 -26.88 23.94
C LYS D 843 -123.67 -25.93 24.36
N MET D 844 -124.91 -26.41 24.39
CA MET D 844 -126.06 -25.57 24.73
C MET D 844 -126.44 -25.65 26.20
N GLU D 845 -125.51 -26.11 27.05
CA GLU D 845 -125.64 -26.03 28.51
C GLU D 845 -126.86 -26.78 29.04
N LYS D 846 -126.85 -28.10 28.83
CA LYS D 846 -127.77 -29.02 29.49
C LYS D 846 -126.97 -30.25 29.92
N LEU D 847 -126.45 -30.21 31.14
CA LEU D 847 -125.51 -31.23 31.59
C LEU D 847 -126.21 -32.56 31.83
N GLY D 848 -127.39 -32.54 32.47
CA GLY D 848 -128.07 -33.79 32.76
C GLY D 848 -128.49 -34.55 31.52
N ASP D 849 -129.03 -33.84 30.54
CA ASP D 849 -129.40 -34.49 29.29
C ASP D 849 -128.17 -35.05 28.58
N ALA D 850 -127.06 -34.31 28.62
CA ALA D 850 -125.82 -34.80 28.02
C ALA D 850 -125.36 -36.08 28.72
N ILE D 851 -125.46 -36.13 30.04
CA ILE D 851 -125.04 -37.32 30.78
C ILE D 851 -125.95 -38.50 30.45
N THR D 852 -127.26 -38.26 30.33
CA THR D 852 -128.18 -39.34 29.97
C THR D 852 -127.86 -39.87 28.57
N ALA D 853 -127.62 -38.97 27.62
CA ALA D 853 -127.27 -39.38 26.27
C ALA D 853 -125.96 -40.16 26.26
N LEU D 854 -124.98 -39.71 27.05
CA LEU D 854 -123.72 -40.43 27.13
C LEU D 854 -123.89 -41.80 27.76
N GLN D 855 -124.80 -41.93 28.73
CA GLN D 855 -125.07 -43.23 29.32
C GLN D 855 -125.69 -44.17 28.29
N GLN D 856 -126.62 -43.67 27.50
CA GLN D 856 -127.20 -44.50 26.43
C GLN D 856 -126.13 -44.90 25.43
N ALA D 857 -125.25 -43.96 25.08
CA ALA D 857 -124.15 -44.28 24.18
C ALA D 857 -123.22 -45.32 24.79
N ARG D 858 -123.02 -45.25 26.11
CA ARG D 858 -122.18 -46.24 26.79
C ARG D 858 -122.80 -47.63 26.72
N GLU D 859 -124.12 -47.72 26.92
CA GLU D 859 -124.79 -49.02 26.79
C GLU D 859 -124.67 -49.56 25.36
N LEU D 860 -124.90 -48.70 24.37
CA LEU D 860 -124.77 -49.12 22.98
C LEU D 860 -123.36 -49.58 22.67
N GLN D 861 -122.35 -48.85 23.17
CA GLN D 861 -120.97 -49.23 22.94
C GLN D 861 -120.61 -50.51 23.67
N ALA D 862 -121.25 -50.77 24.82
CA ALA D 862 -121.04 -52.04 25.50
C ALA D 862 -121.54 -53.20 24.65
N ARG D 863 -122.73 -53.05 24.08
CA ARG D 863 -123.23 -54.07 23.16
C ARG D 863 -122.31 -54.24 21.97
N VAL D 864 -121.82 -53.12 21.42
CA VAL D 864 -120.94 -53.16 20.27
C VAL D 864 -119.64 -53.89 20.62
N LEU D 865 -119.08 -53.61 21.80
CA LEU D 865 -117.86 -54.28 22.20
C LEU D 865 -118.09 -55.77 22.40
N LYS D 866 -119.26 -56.14 22.91
CA LYS D 866 -119.58 -57.55 23.05
C LYS D 866 -119.64 -58.24 21.69
N ARG D 867 -120.26 -57.59 20.70
CA ARG D 867 -120.46 -58.25 19.41
C ARG D 867 -119.21 -58.26 18.54
N VAL D 868 -118.49 -57.14 18.48
CA VAL D 868 -117.45 -56.95 17.47
C VAL D 868 -116.26 -57.87 17.69
N GLN D 869 -115.98 -58.26 18.94
CA GLN D 869 -114.82 -59.09 19.22
C GLN D 869 -114.84 -60.38 18.43
N MET D 870 -116.02 -60.87 18.05
CA MET D 870 -116.13 -62.03 17.18
C MET D 870 -116.73 -61.71 15.82
N GLU D 871 -117.54 -60.65 15.70
CA GLU D 871 -118.20 -60.36 14.43
C GLU D 871 -117.35 -59.54 13.48
N GLN D 872 -116.38 -58.77 13.99
CA GLN D 872 -115.55 -57.92 13.15
C GLN D 872 -114.18 -57.76 13.80
N PRO D 873 -113.17 -58.48 13.34
CA PRO D 873 -111.82 -58.28 13.88
C PRO D 873 -111.23 -56.91 13.60
N ASP D 874 -111.77 -56.18 12.61
CA ASP D 874 -111.19 -54.89 12.25
C ASP D 874 -111.50 -53.81 13.28
N ALA D 875 -112.75 -53.75 13.74
CA ALA D 875 -113.22 -52.60 14.50
C ALA D 875 -112.91 -52.68 15.99
N VAL D 876 -112.28 -53.75 16.46
CA VAL D 876 -112.08 -53.91 17.90
C VAL D 876 -111.30 -52.75 18.51
N PRO D 877 -110.13 -52.34 18.00
CA PRO D 877 -109.45 -51.20 18.62
C PRO D 877 -110.23 -49.91 18.51
N ALA D 878 -110.88 -49.67 17.37
CA ALA D 878 -111.65 -48.45 17.20
C ALA D 878 -112.82 -48.39 18.18
N GLN D 879 -113.53 -49.51 18.34
CA GLN D 879 -114.65 -49.53 19.29
C GLN D 879 -114.17 -49.38 20.72
N LYS D 880 -113.03 -50.00 21.05
CA LYS D 880 -112.47 -49.83 22.40
C LYS D 880 -112.13 -48.37 22.66
N HIS D 881 -111.49 -47.72 21.69
CA HIS D 881 -111.13 -46.31 21.86
C HIS D 881 -112.36 -45.43 21.97
N LEU D 882 -113.40 -45.73 21.18
CA LEU D 882 -114.63 -44.96 21.26
C LEU D 882 -115.29 -45.12 22.63
N ALA D 883 -115.31 -46.34 23.17
CA ALA D 883 -115.85 -46.55 24.50
C ALA D 883 -115.04 -45.81 25.55
N ALA D 884 -113.71 -45.81 25.41
CA ALA D 884 -112.88 -45.06 26.34
C ALA D 884 -113.18 -43.57 26.27
N GLU D 885 -113.36 -43.04 25.06
CA GLU D 885 -113.72 -41.64 24.91
C GLU D 885 -115.06 -41.33 25.55
N ILE D 886 -116.04 -42.23 25.38
CA ILE D 886 -117.35 -42.03 25.98
C ILE D 886 -117.24 -41.97 27.49
N CYS D 887 -116.51 -42.91 28.08
CA CYS D 887 -116.32 -42.91 29.53
C CYS D 887 -115.61 -41.65 29.99
N ALA D 888 -114.59 -41.21 29.24
CA ALA D 888 -113.87 -40.00 29.60
C ALA D 888 -114.80 -38.78 29.57
N GLU D 889 -115.66 -38.69 28.56
CA GLU D 889 -116.60 -37.57 28.49
C GLU D 889 -117.58 -37.61 29.65
N ILE D 890 -118.07 -38.80 30.00
CA ILE D 890 -118.98 -38.93 31.14
C ILE D 890 -118.29 -38.43 32.40
N ALA D 891 -117.04 -38.84 32.61
CA ALA D 891 -116.32 -38.43 33.81
C ALA D 891 -116.05 -36.93 33.81
N LYS D 892 -115.73 -36.36 32.65
CA LYS D 892 -115.49 -34.92 32.57
C LYS D 892 -116.75 -34.13 32.92
N HIS D 893 -117.90 -34.57 32.42
CA HIS D 893 -119.14 -33.87 32.75
C HIS D 893 -119.52 -34.08 34.22
N SER D 894 -119.21 -35.25 34.78
CA SER D 894 -119.41 -35.44 36.22
C SER D 894 -118.53 -34.49 37.03
N VAL D 895 -117.29 -34.28 36.57
CA VAL D 895 -116.42 -33.29 37.19
C VAL D 895 -117.06 -31.91 37.11
N ALA D 896 -117.61 -31.57 35.93
CA ALA D 896 -118.34 -30.31 35.79
C ALA D 896 -119.49 -30.22 36.79
N GLN D 897 -120.07 -31.37 37.16
CA GLN D 897 -121.07 -31.41 38.21
C GLN D 897 -120.48 -31.67 39.58
N ARG D 898 -119.14 -31.71 39.70
CA ARG D 898 -118.43 -31.87 40.97
C ARG D 898 -118.77 -33.18 41.67
N ASP D 899 -118.98 -34.24 40.90
CA ASP D 899 -119.14 -35.58 41.45
C ASP D 899 -117.84 -36.33 41.17
N TYR D 900 -116.90 -36.22 42.11
CA TYR D 900 -115.53 -36.67 41.86
C TYR D 900 -115.38 -38.18 41.91
N GLU D 901 -116.14 -38.87 42.77
CA GLU D 901 -115.97 -40.31 42.91
C GLU D 901 -116.37 -41.05 41.64
N LYS D 902 -117.54 -40.72 41.08
CA LYS D 902 -117.95 -41.33 39.82
C LYS D 902 -117.02 -40.90 38.69
N ALA D 903 -116.45 -39.71 38.77
CA ALA D 903 -115.45 -39.30 37.78
C ALA D 903 -114.23 -40.20 37.82
N ILE D 904 -113.74 -40.50 39.02
CA ILE D 904 -112.59 -41.40 39.16
C ILE D 904 -112.96 -42.79 38.64
N LYS D 905 -114.16 -43.26 38.99
CA LYS D 905 -114.59 -44.58 38.53
C LYS D 905 -114.65 -44.65 37.01
N PHE D 906 -115.18 -43.60 36.37
CA PHE D 906 -115.32 -43.62 34.92
C PHE D 906 -113.98 -43.45 34.22
N TYR D 907 -113.06 -42.67 34.79
CA TYR D 907 -111.70 -42.65 34.28
C TYR D 907 -111.04 -44.02 34.38
N ARG D 908 -111.27 -44.72 35.49
CA ARG D 908 -110.73 -46.07 35.61
C ARG D 908 -111.31 -46.99 34.54
N GLU D 909 -112.62 -46.88 34.29
CA GLU D 909 -113.24 -47.68 33.23
C GLU D 909 -112.63 -47.35 31.88
N ALA D 910 -112.45 -46.06 31.59
CA ALA D 910 -111.88 -45.66 30.31
C ALA D 910 -110.45 -46.17 30.15
N LEU D 911 -109.66 -46.10 31.23
CA LEU D 911 -108.30 -46.63 31.18
C LEU D 911 -108.31 -48.14 30.96
N VAL D 912 -109.28 -48.83 31.56
CA VAL D 912 -109.43 -50.26 31.30
C VAL D 912 -109.72 -50.50 29.82
N HIS D 913 -110.58 -49.69 29.24
CA HIS D 913 -110.87 -49.83 27.80
C HIS D 913 -109.64 -49.57 26.96
N CYS D 914 -108.86 -48.53 27.29
CA CYS D 914 -107.65 -48.19 26.56
C CYS D 914 -106.60 -47.72 27.55
N GLU D 915 -105.53 -48.49 27.71
CA GLU D 915 -104.50 -48.18 28.67
C GLU D 915 -103.45 -47.20 28.16
N THR D 916 -103.47 -46.89 26.86
CA THR D 916 -102.45 -46.04 26.26
C THR D 916 -102.91 -44.61 26.03
N ASP D 917 -104.03 -44.21 26.64
CA ASP D 917 -104.55 -42.85 26.47
C ASP D 917 -103.87 -41.95 27.48
N ASN D 918 -102.92 -41.14 27.00
CA ASN D 918 -102.18 -40.25 27.90
C ASN D 918 -103.09 -39.15 28.45
N LYS D 919 -104.02 -38.65 27.63
CA LYS D 919 -104.90 -37.58 28.09
C LYS D 919 -105.78 -38.02 29.25
N ILE D 920 -106.33 -39.24 29.16
CA ILE D 920 -107.15 -39.75 30.25
C ILE D 920 -106.32 -39.94 31.51
N MET D 921 -105.08 -40.42 31.35
CA MET D 921 -104.19 -40.57 32.49
C MET D 921 -103.92 -39.22 33.14
N LEU D 922 -103.69 -38.19 32.32
CA LEU D 922 -103.46 -36.85 32.83
C LEU D 922 -104.67 -36.33 33.57
N GLU D 923 -105.87 -36.54 33.01
CA GLU D 923 -107.08 -36.08 33.68
C GLU D 923 -107.28 -36.78 35.02
N LEU D 924 -107.02 -38.09 35.06
CA LEU D 924 -107.13 -38.83 36.31
C LEU D 924 -106.15 -38.31 37.34
N ALA D 925 -104.91 -38.05 36.93
CA ALA D 925 -103.94 -37.48 37.86
C ALA D 925 -104.36 -36.12 38.35
N ARG D 926 -104.91 -35.29 37.46
CA ARG D 926 -105.36 -33.96 37.86
C ARG D 926 -106.48 -34.03 38.88
N LEU D 927 -107.44 -34.95 38.68
CA LEU D 927 -108.48 -35.13 39.69
C LEU D 927 -107.92 -35.65 41.00
N TYR D 928 -106.97 -36.59 40.94
CA TYR D 928 -106.35 -37.09 42.16
C TYR D 928 -105.70 -35.95 42.93
N LEU D 929 -105.05 -35.03 42.22
CA LEU D 929 -104.52 -33.83 42.85
C LEU D 929 -105.64 -32.96 43.41
N ALA D 930 -106.76 -32.86 42.68
CA ALA D 930 -107.87 -32.04 43.14
C ALA D 930 -108.48 -32.59 44.43
N GLN D 931 -108.58 -33.91 44.55
CA GLN D 931 -109.09 -34.54 45.75
C GLN D 931 -108.09 -34.54 46.90
N ASP D 932 -106.97 -33.84 46.75
CA ASP D 932 -105.95 -33.73 47.79
C ASP D 932 -105.43 -35.11 48.20
N ASP D 933 -105.31 -36.01 47.22
CA ASP D 933 -104.78 -37.35 47.43
C ASP D 933 -103.43 -37.45 46.74
N PRO D 934 -102.34 -37.09 47.43
CA PRO D 934 -101.02 -37.13 46.77
C PRO D 934 -100.60 -38.52 46.32
N ASP D 935 -100.99 -39.57 47.04
CA ASP D 935 -100.49 -40.91 46.76
C ASP D 935 -100.95 -41.40 45.40
N SER D 936 -102.25 -41.29 45.12
CA SER D 936 -102.78 -41.76 43.84
C SER D 936 -102.22 -40.94 42.69
N CYS D 937 -102.11 -39.63 42.86
CA CYS D 937 -101.55 -38.78 41.81
C CYS D 937 -100.09 -39.14 41.55
N LEU D 938 -99.34 -39.42 42.60
CA LEU D 938 -97.94 -39.85 42.43
C LEU D 938 -97.88 -41.18 41.69
N ARG D 939 -98.77 -42.10 42.01
CA ARG D 939 -98.79 -43.38 41.31
C ARG D 939 -99.07 -43.19 39.82
N GLN D 940 -100.07 -42.37 39.50
CA GLN D 940 -100.40 -42.12 38.10
C GLN D 940 -99.23 -41.44 37.38
N CYS D 941 -98.59 -40.47 38.04
CA CYS D 941 -97.46 -39.80 37.45
C CYS D 941 -96.31 -40.76 37.19
N ALA D 942 -96.04 -41.65 38.15
CA ALA D 942 -94.98 -42.64 37.95
C ALA D 942 -95.30 -43.57 36.79
N LEU D 943 -96.56 -44.03 36.69
CA LEU D 943 -96.93 -44.88 35.57
C LEU D 943 -96.78 -44.16 34.24
N LEU D 944 -97.22 -42.90 34.18
CA LEU D 944 -97.13 -42.13 32.94
C LEU D 944 -95.68 -41.86 32.56
N LEU D 945 -94.83 -41.55 33.54
CA LEU D 945 -93.42 -41.30 33.27
C LEU D 945 -92.70 -42.58 32.82
N GLN D 946 -93.11 -43.72 33.38
CA GLN D 946 -92.62 -44.99 32.86
C GLN D 946 -93.06 -45.20 31.42
N SER D 947 -94.31 -44.82 31.10
CA SER D 947 -94.78 -44.91 29.73
C SER D 947 -94.00 -44.00 28.80
N ASP D 948 -93.71 -42.77 29.24
CA ASP D 948 -92.97 -41.83 28.42
C ASP D 948 -92.10 -40.97 29.34
N GLN D 949 -90.80 -40.90 29.03
CA GLN D 949 -89.85 -40.28 29.94
C GLN D 949 -90.00 -38.76 30.02
N ASP D 950 -90.28 -38.09 28.90
CA ASP D 950 -90.31 -36.63 28.95
C ASP D 950 -91.64 -36.13 29.49
N ASN D 951 -92.72 -36.34 28.73
CA ASN D 951 -94.11 -36.11 29.14
C ASN D 951 -94.24 -34.90 30.05
N GLU D 952 -93.88 -33.73 29.49
CA GLU D 952 -93.73 -32.48 30.21
C GLU D 952 -94.79 -32.27 31.30
N ALA D 953 -96.06 -32.51 30.94
CA ALA D 953 -97.13 -32.31 31.91
C ALA D 953 -97.02 -33.29 33.08
N ALA D 954 -96.66 -34.55 32.82
CA ALA D 954 -96.48 -35.50 33.92
C ALA D 954 -95.39 -35.02 34.85
N THR D 955 -94.30 -34.48 34.28
CA THR D 955 -93.27 -33.84 35.10
C THR D 955 -93.87 -32.71 35.92
N MET D 956 -94.77 -31.93 35.33
CA MET D 956 -95.42 -30.85 36.06
C MET D 956 -96.14 -31.38 37.29
N MET D 957 -97.00 -32.38 37.10
CA MET D 957 -97.78 -32.88 38.22
C MET D 957 -96.90 -33.50 39.29
N MET D 958 -95.90 -34.31 38.88
CA MET D 958 -95.05 -34.92 39.90
C MET D 958 -94.24 -33.88 40.65
N ALA D 959 -93.71 -32.87 39.94
CA ALA D 959 -92.94 -31.83 40.60
C ALA D 959 -93.81 -31.04 41.56
N ASP D 960 -95.04 -30.70 41.17
CA ASP D 960 -95.93 -29.98 42.08
C ASP D 960 -96.27 -30.82 43.29
N LEU D 961 -96.56 -32.11 43.08
CA LEU D 961 -96.88 -33.00 44.20
C LEU D 961 -95.74 -33.04 45.21
N MET D 962 -94.51 -33.23 44.73
CA MET D 962 -93.38 -33.33 45.64
C MET D 962 -92.92 -31.97 46.16
N PHE D 963 -93.34 -30.89 45.50
CA PHE D 963 -93.18 -29.56 46.08
C PHE D 963 -94.11 -29.39 47.27
N ARG D 964 -95.32 -29.96 47.18
CA ARG D 964 -96.21 -29.99 48.34
C ARG D 964 -95.56 -30.75 49.50
N LYS D 965 -94.65 -31.67 49.20
CA LYS D 965 -93.85 -32.35 50.21
C LYS D 965 -92.71 -31.48 50.72
N GLN D 966 -92.50 -30.30 50.14
CA GLN D 966 -91.40 -29.40 50.48
C GLN D 966 -90.04 -30.00 50.18
N ASP D 967 -89.98 -30.97 49.25
CA ASP D 967 -88.71 -31.48 48.75
C ASP D 967 -88.31 -30.68 47.51
N TYR D 968 -87.91 -29.43 47.77
CA TYR D 968 -87.67 -28.49 46.68
C TYR D 968 -86.53 -28.95 45.78
N GLU D 969 -85.44 -29.44 46.38
CA GLU D 969 -84.22 -29.70 45.60
C GLU D 969 -84.45 -30.76 44.55
N GLN D 970 -85.16 -31.84 44.87
CA GLN D 970 -85.33 -32.91 43.92
C GLN D 970 -86.35 -32.57 42.83
N ALA D 971 -87.38 -31.79 43.16
CA ALA D 971 -88.29 -31.30 42.13
C ALA D 971 -87.56 -30.38 41.16
N VAL D 972 -86.73 -29.48 41.69
CA VAL D 972 -85.91 -28.65 40.84
C VAL D 972 -84.99 -29.51 39.99
N PHE D 973 -84.46 -30.60 40.56
CA PHE D 973 -83.62 -31.51 39.80
C PHE D 973 -84.39 -32.14 38.65
N HIS D 974 -85.62 -32.57 38.90
CA HIS D 974 -86.44 -33.17 37.84
C HIS D 974 -86.68 -32.18 36.71
N LEU D 975 -87.09 -30.95 37.07
CA LEU D 975 -87.33 -29.94 36.05
C LEU D 975 -86.06 -29.61 35.28
N GLN D 976 -84.94 -29.53 35.98
CA GLN D 976 -83.66 -29.21 35.34
C GLN D 976 -83.23 -30.33 34.41
N GLN D 977 -83.43 -31.59 34.82
CA GLN D 977 -83.11 -32.71 33.94
C GLN D 977 -83.97 -32.69 32.69
N LEU D 978 -85.27 -32.42 32.84
CA LEU D 978 -86.13 -32.33 31.67
C LEU D 978 -85.70 -31.20 30.74
N LEU D 979 -85.33 -30.05 31.31
CA LEU D 979 -84.91 -28.92 30.49
C LEU D 979 -83.57 -29.17 29.81
N GLU D 980 -82.63 -29.83 30.50
CA GLU D 980 -81.34 -30.11 29.89
C GLU D 980 -81.46 -31.21 28.83
N ARG D 981 -82.45 -32.09 28.96
CA ARG D 981 -82.75 -33.04 27.90
C ARG D 981 -83.50 -32.42 26.75
N LYS D 982 -84.39 -31.46 27.02
CA LYS D 982 -85.18 -30.79 26.00
C LYS D 982 -85.14 -29.28 26.24
N PRO D 983 -84.04 -28.63 25.84
CA PRO D 983 -83.95 -27.17 26.04
C PRO D 983 -84.98 -26.39 25.27
N ASP D 984 -85.58 -26.97 24.22
CA ASP D 984 -86.64 -26.29 23.49
C ASP D 984 -87.87 -26.07 24.36
N ASN D 985 -88.06 -26.91 25.38
CA ASN D 985 -89.22 -26.78 26.24
C ASN D 985 -89.22 -25.44 26.97
N TYR D 986 -90.38 -24.80 27.02
CA TYR D 986 -90.52 -23.48 27.61
C TYR D 986 -91.52 -23.45 28.76
N MET D 987 -92.63 -24.16 28.65
CA MET D 987 -93.57 -24.22 29.78
C MET D 987 -92.92 -24.87 30.99
N THR D 988 -92.11 -25.91 30.75
CA THR D 988 -91.28 -26.46 31.81
C THR D 988 -90.32 -25.40 32.35
N LEU D 989 -89.74 -24.60 31.46
CA LEU D 989 -88.88 -23.51 31.91
C LEU D 989 -89.65 -22.52 32.76
N SER D 990 -90.88 -22.19 32.37
CA SER D 990 -91.68 -21.25 33.14
C SER D 990 -91.97 -21.77 34.54
N ARG D 991 -92.37 -23.05 34.63
CA ARG D 991 -92.62 -23.62 35.95
C ARG D 991 -91.33 -23.73 36.76
N LEU D 992 -90.20 -23.96 36.11
CA LEU D 992 -88.92 -23.92 36.81
C LEU D 992 -88.65 -22.54 37.38
N ILE D 993 -88.96 -21.49 36.60
CA ILE D 993 -88.77 -20.13 37.10
C ILE D 993 -89.63 -19.90 38.33
N ASP D 994 -90.89 -20.33 38.27
CA ASP D 994 -91.78 -20.15 39.42
C ASP D 994 -91.26 -20.91 40.64
N LEU D 995 -90.82 -22.15 40.44
CA LEU D 995 -90.30 -22.94 41.56
C LEU D 995 -89.06 -22.30 42.15
N LEU D 996 -88.15 -21.81 41.30
CA LEU D 996 -86.95 -21.15 41.79
C LEU D 996 -87.28 -19.87 42.54
N ARG D 997 -88.25 -19.11 42.04
CA ARG D 997 -88.67 -17.90 42.75
C ARG D 997 -89.20 -18.24 44.13
N ARG D 998 -90.03 -19.29 44.23
CA ARG D 998 -90.50 -19.72 45.54
C ARG D 998 -89.38 -20.33 46.37
N CYS D 999 -88.29 -20.75 45.73
CA CYS D 999 -87.11 -21.26 46.43
C CYS D 999 -86.06 -20.19 46.68
N GLY D 1000 -86.24 -18.99 46.12
CA GLY D 1000 -85.25 -17.94 46.29
C GLY D 1000 -83.90 -18.26 45.69
N LYS D 1001 -83.89 -18.86 44.50
CA LYS D 1001 -82.66 -19.24 43.83
C LYS D 1001 -82.71 -18.83 42.36
N LEU D 1002 -83.11 -17.58 42.11
CA LEU D 1002 -83.21 -17.08 40.74
C LEU D 1002 -81.87 -16.93 40.07
N GLU D 1003 -80.76 -16.99 40.81
CA GLU D 1003 -79.44 -16.78 40.22
C GLU D 1003 -79.12 -17.85 39.20
N ASP D 1004 -79.70 -19.04 39.35
CA ASP D 1004 -79.46 -20.12 38.38
C ASP D 1004 -80.32 -20.00 37.14
N VAL D 1005 -81.26 -19.04 37.11
CA VAL D 1005 -82.13 -18.89 35.95
C VAL D 1005 -81.37 -18.57 34.67
N PRO D 1006 -80.48 -17.57 34.63
CA PRO D 1006 -79.90 -17.17 33.34
C PRO D 1006 -79.14 -18.28 32.63
N ARG D 1007 -78.46 -19.16 33.38
CA ARG D 1007 -77.60 -20.15 32.73
C ARG D 1007 -78.41 -21.07 31.82
N PHE D 1008 -79.63 -21.40 32.22
CA PHE D 1008 -80.50 -22.19 31.34
C PHE D 1008 -80.67 -21.50 30.00
N PHE D 1009 -80.99 -20.20 30.05
CA PHE D 1009 -81.09 -19.40 28.83
C PHE D 1009 -79.91 -19.66 27.92
N SER D 1010 -78.71 -19.81 28.50
CA SER D 1010 -77.50 -20.08 27.72
C SER D 1010 -77.73 -21.22 26.73
N MET D 1011 -78.00 -22.43 27.25
CA MET D 1011 -78.22 -23.52 26.30
C MET D 1011 -79.56 -23.39 25.60
N ALA D 1012 -80.51 -22.66 26.20
CA ALA D 1012 -81.72 -22.32 25.46
C ALA D 1012 -81.37 -21.52 24.22
N GLU D 1013 -80.38 -20.64 24.34
CA GLU D 1013 -79.87 -19.94 23.16
C GLU D 1013 -78.98 -20.83 22.31
N LYS D 1014 -78.35 -21.84 22.91
CA LYS D 1014 -77.41 -22.68 22.17
C LYS D 1014 -78.13 -23.55 21.16
N ARG D 1015 -79.30 -24.09 21.53
CA ARG D 1015 -80.03 -24.98 20.63
C ARG D 1015 -80.45 -24.26 19.35
N ASN D 1016 -80.95 -23.03 19.48
CA ASN D 1016 -81.42 -22.28 18.34
C ASN D 1016 -80.96 -20.83 18.46
N SER D 1017 -80.38 -20.30 17.39
CA SER D 1017 -80.04 -18.88 17.37
C SER D 1017 -81.27 -17.99 17.36
N ARG D 1018 -82.41 -18.52 16.90
CA ARG D 1018 -83.67 -17.79 16.91
C ARG D 1018 -84.48 -18.06 18.17
N ALA D 1019 -83.92 -18.80 19.13
CA ALA D 1019 -84.67 -19.11 20.36
C ALA D 1019 -85.04 -17.86 21.12
N LYS D 1020 -84.29 -16.77 20.94
CA LYS D 1020 -84.69 -15.50 21.53
C LYS D 1020 -85.99 -14.98 20.93
N LEU D 1021 -86.35 -15.43 19.73
CA LEU D 1021 -87.61 -15.03 19.11
C LEU D 1021 -88.76 -15.99 19.44
N GLU D 1022 -88.49 -17.09 20.11
CA GLU D 1022 -89.55 -18.02 20.46
C GLU D 1022 -90.45 -17.40 21.51
N PRO D 1023 -91.77 -17.46 21.35
CA PRO D 1023 -92.66 -16.85 22.36
C PRO D 1023 -92.50 -17.43 23.75
N GLY D 1024 -92.26 -18.74 23.87
CA GLY D 1024 -92.11 -19.33 25.18
C GLY D 1024 -90.86 -18.84 25.90
N PHE D 1025 -89.74 -18.78 25.18
CA PHE D 1025 -88.51 -18.25 25.77
C PHE D 1025 -88.69 -16.79 26.17
N GLN D 1026 -89.36 -16.01 25.33
CA GLN D 1026 -89.61 -14.61 25.67
C GLN D 1026 -90.46 -14.48 26.92
N TYR D 1027 -91.49 -15.32 27.03
CA TYR D 1027 -92.35 -15.28 28.21
C TYR D 1027 -91.59 -15.66 29.46
N CYS D 1028 -90.74 -16.70 29.37
CA CYS D 1028 -89.94 -17.09 30.53
C CYS D 1028 -88.97 -16.01 30.93
N LYS D 1029 -88.32 -15.37 29.95
CA LYS D 1029 -87.39 -14.29 30.26
C LYS D 1029 -88.12 -13.13 30.92
N GLY D 1030 -89.30 -12.79 30.41
CA GLY D 1030 -90.08 -11.74 31.05
C GLY D 1030 -90.46 -12.09 32.47
N LEU D 1031 -90.86 -13.34 32.70
CA LEU D 1031 -91.19 -13.78 34.06
C LEU D 1031 -89.99 -13.64 34.99
N TYR D 1032 -88.82 -14.06 34.52
CA TYR D 1032 -87.62 -13.96 35.35
C TYR D 1032 -87.29 -12.51 35.67
N LEU D 1033 -87.35 -11.64 34.66
CA LEU D 1033 -87.06 -10.22 34.88
C LEU D 1033 -88.05 -9.61 35.86
N TRP D 1034 -89.33 -9.94 35.71
CA TRP D 1034 -90.32 -9.41 36.64
C TRP D 1034 -90.06 -9.90 38.06
N TYR D 1035 -89.74 -11.18 38.21
CA TYR D 1035 -89.51 -11.72 39.54
C TYR D 1035 -88.24 -11.16 40.18
N THR D 1036 -87.28 -10.71 39.38
CA THR D 1036 -86.09 -10.08 39.91
C THR D 1036 -86.26 -8.60 40.21
N GLY D 1037 -87.34 -7.98 39.76
CA GLY D 1037 -87.65 -6.62 40.17
C GLY D 1037 -87.30 -5.53 39.17
N GLU D 1038 -87.47 -5.81 37.88
CA GLU D 1038 -87.35 -4.79 36.82
C GLU D 1038 -88.60 -4.86 35.96
N PRO D 1039 -89.70 -4.26 36.42
CA PRO D 1039 -90.98 -4.44 35.72
C PRO D 1039 -90.99 -3.95 34.28
N ASN D 1040 -90.28 -2.87 33.96
CA ASN D 1040 -90.38 -2.30 32.62
C ASN D 1040 -89.80 -3.22 31.56
N ASP D 1041 -88.57 -3.71 31.78
CA ASP D 1041 -87.95 -4.60 30.81
C ASP D 1041 -88.66 -5.95 30.77
N ALA D 1042 -89.16 -6.42 31.91
CA ALA D 1042 -89.95 -7.64 31.91
C ALA D 1042 -91.21 -7.47 31.07
N LEU D 1043 -91.86 -6.31 31.19
CA LEU D 1043 -93.05 -6.03 30.38
C LEU D 1043 -92.70 -5.99 28.90
N ARG D 1044 -91.56 -5.39 28.56
CA ARG D 1044 -91.14 -5.36 27.16
C ARG D 1044 -90.89 -6.77 26.63
N HIS D 1045 -90.25 -7.62 27.43
CA HIS D 1045 -90.06 -9.01 27.02
C HIS D 1045 -91.40 -9.73 26.88
N PHE D 1046 -92.33 -9.49 27.80
CA PHE D 1046 -93.66 -10.10 27.70
C PHE D 1046 -94.37 -9.67 26.43
N ASN D 1047 -94.14 -8.45 25.97
CA ASN D 1047 -94.84 -7.93 24.80
C ASN D 1047 -94.64 -8.84 23.58
N LYS D 1048 -93.41 -9.32 23.37
CA LYS D 1048 -93.12 -10.16 22.22
C LYS D 1048 -93.84 -11.50 22.28
N ALA D 1049 -94.35 -11.90 23.43
CA ALA D 1049 -95.09 -13.15 23.56
C ALA D 1049 -96.60 -12.96 23.67
N ARG D 1050 -97.08 -11.72 23.61
CA ARG D 1050 -98.52 -11.48 23.75
C ARG D 1050 -99.31 -11.94 22.53
N LYS D 1051 -98.65 -12.15 21.40
CA LYS D 1051 -99.31 -12.57 20.17
C LYS D 1051 -99.25 -14.06 19.93
N ASP D 1052 -98.67 -14.83 20.87
CA ASP D 1052 -98.59 -16.27 20.71
C ASP D 1052 -99.98 -16.90 20.87
N ARG D 1053 -100.18 -18.03 20.19
CA ARG D 1053 -101.45 -18.74 20.30
C ARG D 1053 -101.69 -19.23 21.72
N ASP D 1054 -100.65 -19.78 22.36
CA ASP D 1054 -100.75 -20.30 23.71
C ASP D 1054 -100.24 -19.30 24.75
N TRP D 1055 -99.04 -18.77 24.55
CA TRP D 1055 -98.44 -17.83 25.50
C TRP D 1055 -99.13 -16.47 25.50
N GLY D 1056 -99.99 -16.19 24.53
CA GLY D 1056 -100.61 -14.88 24.45
C GLY D 1056 -101.45 -14.55 25.68
N GLN D 1057 -102.26 -15.51 26.13
CA GLN D 1057 -103.16 -15.27 27.24
C GLN D 1057 -102.39 -15.01 28.54
N ASN D 1058 -101.41 -15.86 28.85
CA ASN D 1058 -100.62 -15.66 30.06
C ASN D 1058 -99.80 -14.38 29.99
N ALA D 1059 -99.25 -14.08 28.81
CA ALA D 1059 -98.50 -12.85 28.64
C ALA D 1059 -99.39 -11.64 28.90
N LEU D 1060 -100.62 -11.65 28.35
CA LEU D 1060 -101.53 -10.53 28.59
C LEU D 1060 -101.89 -10.43 30.06
N TYR D 1061 -102.08 -11.56 30.73
CA TYR D 1061 -102.35 -11.54 32.16
C TYR D 1061 -101.22 -10.87 32.91
N ASN D 1062 -99.97 -11.22 32.58
CA ASN D 1062 -98.83 -10.67 33.30
C ASN D 1062 -98.66 -9.18 33.00
N MET D 1063 -98.88 -8.76 31.75
CA MET D 1063 -98.84 -7.34 31.45
C MET D 1063 -99.89 -6.57 32.22
N ILE D 1064 -101.11 -7.11 32.31
CA ILE D 1064 -102.16 -6.46 33.08
C ILE D 1064 -101.74 -6.32 34.54
N GLU D 1065 -101.21 -7.40 35.12
CA GLU D 1065 -100.78 -7.35 36.51
C GLU D 1065 -99.68 -6.32 36.72
N ILE D 1066 -98.71 -6.27 35.82
CA ILE D 1066 -97.60 -5.33 35.97
C ILE D 1066 -98.10 -3.89 35.85
N CYS D 1067 -98.90 -3.62 34.82
CA CYS D 1067 -99.36 -2.25 34.59
C CYS D 1067 -100.25 -1.77 35.73
N LEU D 1068 -101.13 -2.63 36.23
CA LEU D 1068 -102.06 -2.20 37.27
C LEU D 1068 -101.34 -1.80 38.54
N ASN D 1069 -100.28 -2.52 38.90
CA ASN D 1069 -99.50 -2.21 40.11
C ASN D 1069 -98.06 -2.59 39.86
N PRO D 1070 -97.23 -1.65 39.40
CA PRO D 1070 -95.84 -1.96 39.09
C PRO D 1070 -94.95 -2.04 40.33
N ASP D 1071 -95.24 -1.22 41.34
CA ASP D 1071 -94.39 -1.18 42.53
C ASP D 1071 -94.49 -2.45 43.37
N ASN D 1072 -95.46 -3.32 43.10
CA ASN D 1072 -95.63 -4.56 43.84
C ASN D 1072 -95.79 -4.29 45.34
N GLU D 1073 -96.54 -3.24 45.66
CA GLU D 1073 -96.83 -2.91 47.05
C GLU D 1073 -98.19 -3.46 47.45
N THR D 1074 -98.50 -3.37 48.73
CA THR D 1074 -99.72 -3.95 49.28
C THR D 1074 -100.92 -3.11 48.87
N VAL D 1075 -101.75 -3.63 47.97
CA VAL D 1075 -102.93 -2.91 47.50
C VAL D 1075 -103.88 -2.72 48.67
N GLY D 1076 -104.06 -1.47 49.10
CA GLY D 1076 -104.88 -1.16 50.23
C GLY D 1076 -104.18 -1.20 51.56
N GLY D 1077 -102.96 -1.72 51.61
CA GLY D 1077 -102.21 -1.71 52.86
C GLY D 1077 -101.85 -0.30 53.28
N GLU D 1078 -101.74 -0.10 54.59
CA GLU D 1078 -101.43 1.22 55.11
C GLU D 1078 -100.34 1.21 56.18
N VAL D 1079 -99.60 0.11 56.32
CA VAL D 1079 -98.45 0.13 57.23
C VAL D 1079 -97.40 1.13 56.73
N PHE D 1080 -97.15 1.13 55.42
CA PHE D 1080 -96.16 2.02 54.83
C PHE D 1080 -96.78 3.20 54.11
N GLU D 1081 -98.08 3.14 53.78
CA GLU D 1081 -98.74 4.29 53.18
C GLU D 1081 -98.75 5.48 54.14
N ASN D 1082 -98.97 5.21 55.43
CA ASN D 1082 -98.85 6.26 56.43
C ASN D 1082 -97.42 6.80 56.49
N LEU D 1083 -96.43 5.97 56.17
CA LEU D 1083 -95.06 6.41 56.06
C LEU D 1083 -94.75 7.08 54.73
N ASP D 1084 -95.70 7.05 53.79
CA ASP D 1084 -95.55 7.66 52.47
C ASP D 1084 -96.54 8.80 52.29
N GLY D 1085 -96.71 9.62 53.33
CA GLY D 1085 -97.69 10.69 53.25
C GLY D 1085 -97.35 11.75 52.22
N ASP D 1086 -96.08 12.16 52.18
CA ASP D 1086 -95.65 13.21 51.25
C ASP D 1086 -95.04 12.65 49.97
N LEU D 1087 -94.47 11.44 50.01
CA LEU D 1087 -93.82 10.89 48.83
C LEU D 1087 -94.82 10.59 47.71
N GLY D 1088 -96.07 10.32 48.07
CA GLY D 1088 -97.12 10.04 47.10
C GLY D 1088 -97.81 11.24 46.52
N ASN D 1089 -97.36 12.45 46.84
CA ASN D 1089 -98.01 13.67 46.36
C ASN D 1089 -97.55 14.08 44.97
N SER D 1090 -96.61 13.35 44.37
CA SER D 1090 -96.13 13.71 43.04
C SER D 1090 -97.22 13.44 42.00
N THR D 1091 -97.50 14.45 41.18
CA THR D 1091 -98.52 14.30 40.14
C THR D 1091 -98.06 13.34 39.05
N GLU D 1092 -96.75 13.21 38.85
CA GLU D 1092 -96.25 12.27 37.85
C GLU D 1092 -96.68 10.85 38.16
N LYS D 1093 -96.75 10.50 39.45
CA LYS D 1093 -97.24 9.19 39.84
C LYS D 1093 -98.68 8.98 39.38
N GLN D 1094 -99.53 9.98 39.59
CA GLN D 1094 -100.92 9.87 39.17
C GLN D 1094 -101.04 9.78 37.65
N GLU D 1095 -100.24 10.57 36.93
CA GLU D 1095 -100.26 10.49 35.47
C GLU D 1095 -99.83 9.11 34.99
N SER D 1096 -98.77 8.56 35.59
CA SER D 1096 -98.33 7.22 35.21
C SER D 1096 -99.39 6.19 35.53
N VAL D 1097 -100.08 6.34 36.67
CA VAL D 1097 -101.15 5.42 37.03
C VAL D 1097 -102.27 5.48 36.01
N GLN D 1098 -102.64 6.69 35.59
CA GLN D 1098 -103.70 6.83 34.59
C GLN D 1098 -103.30 6.19 33.27
N LEU D 1099 -102.05 6.43 32.83
CA LEU D 1099 -101.58 5.85 31.58
C LEU D 1099 -101.56 4.32 31.65
N ALA D 1100 -101.10 3.78 32.78
CA ALA D 1100 -101.08 2.33 32.95
C ALA D 1100 -102.49 1.76 32.96
N VAL D 1101 -103.43 2.45 33.60
CA VAL D 1101 -104.81 1.98 33.61
C VAL D 1101 -105.38 1.97 32.19
N ARG D 1102 -105.10 3.04 31.43
CA ARG D 1102 -105.56 3.07 30.04
C ARG D 1102 -104.97 1.92 29.22
N THR D 1103 -103.67 1.66 29.40
CA THR D 1103 -103.03 0.57 28.67
C THR D 1103 -103.60 -0.77 29.08
N ALA D 1104 -103.88 -0.96 30.37
CA ALA D 1104 -104.48 -2.21 30.84
C ALA D 1104 -105.87 -2.40 30.25
N GLU D 1105 -106.67 -1.32 30.20
CA GLU D 1105 -108.00 -1.43 29.61
C GLU D 1105 -107.91 -1.74 28.12
N LYS D 1106 -106.91 -1.19 27.44
CA LYS D 1106 -106.68 -1.54 26.03
C LYS D 1106 -106.31 -3.01 25.90
N LEU D 1107 -105.45 -3.51 26.78
CA LEU D 1107 -105.04 -4.91 26.73
C LEU D 1107 -106.20 -5.85 27.04
N LEU D 1108 -107.15 -5.40 27.86
CA LEU D 1108 -108.30 -6.25 28.21
C LEU D 1108 -109.08 -6.62 26.96
N LYS D 1109 -109.25 -5.69 26.03
CA LYS D 1109 -109.95 -5.99 24.79
C LYS D 1109 -109.23 -7.04 23.97
N GLU D 1110 -107.89 -7.11 24.10
CA GLU D 1110 -107.13 -8.10 23.36
C GLU D 1110 -107.45 -9.53 23.82
N LEU D 1111 -107.77 -9.70 25.10
CA LEU D 1111 -108.02 -11.03 25.64
C LEU D 1111 -109.28 -11.64 25.02
N LYS D 1112 -109.24 -12.95 24.78
CA LYS D 1112 -110.34 -13.70 24.21
C LYS D 1112 -110.58 -14.94 25.07
N PRO D 1113 -111.34 -14.82 26.15
CA PRO D 1113 -111.63 -15.99 27.00
C PRO D 1113 -112.36 -17.06 26.21
N GLN D 1114 -112.04 -18.32 26.50
CA GLN D 1114 -112.63 -19.45 25.81
C GLN D 1114 -113.59 -20.27 26.65
N THR D 1115 -113.35 -20.39 27.94
CA THR D 1115 -114.20 -21.14 28.84
C THR D 1115 -114.81 -20.22 29.89
N VAL D 1116 -115.68 -20.79 30.73
CA VAL D 1116 -116.30 -20.01 31.80
C VAL D 1116 -115.24 -19.51 32.77
N GLN D 1117 -114.21 -20.34 33.03
CA GLN D 1117 -113.12 -19.90 33.89
C GLN D 1117 -112.39 -18.70 33.31
N GLY D 1118 -112.19 -18.69 31.99
CA GLY D 1118 -111.56 -17.55 31.37
C GLY D 1118 -112.38 -16.28 31.51
N HIS D 1119 -113.69 -16.38 31.34
CA HIS D 1119 -114.56 -15.22 31.54
C HIS D 1119 -114.53 -14.76 32.99
N VAL D 1120 -114.50 -15.69 33.94
CA VAL D 1120 -114.42 -15.33 35.35
C VAL D 1120 -113.12 -14.58 35.62
N GLN D 1121 -112.01 -15.07 35.08
CA GLN D 1121 -110.72 -14.40 35.27
C GLN D 1121 -110.73 -13.01 34.64
N LEU D 1122 -111.30 -12.89 33.45
CA LEU D 1122 -111.38 -11.59 32.79
C LEU D 1122 -112.21 -10.61 33.62
N ARG D 1123 -113.34 -11.07 34.17
CA ARG D 1123 -114.14 -10.21 35.03
C ARG D 1123 -113.36 -9.81 36.28
N ILE D 1124 -112.61 -10.75 36.86
CA ILE D 1124 -111.84 -10.45 38.07
C ILE D 1124 -110.82 -9.35 37.79
N MET D 1125 -110.09 -9.48 36.68
CA MET D 1125 -109.08 -8.47 36.39
C MET D 1125 -109.69 -7.16 35.90
N GLU D 1126 -110.86 -7.20 35.26
CA GLU D 1126 -111.55 -5.95 34.98
C GLU D 1126 -111.96 -5.23 36.26
N ASN D 1127 -112.39 -6.00 37.26
CA ASN D 1127 -112.68 -5.41 38.56
C ASN D 1127 -111.42 -4.84 39.19
N TYR D 1128 -110.29 -5.54 39.06
CA TYR D 1128 -109.03 -4.99 39.53
C TYR D 1128 -108.70 -3.68 38.82
N CYS D 1129 -108.92 -3.62 37.52
CA CYS D 1129 -108.69 -2.38 36.78
C CYS D 1129 -109.58 -1.27 37.29
N LEU D 1130 -110.85 -1.58 37.57
CA LEU D 1130 -111.74 -0.59 38.15
C LEU D 1130 -111.22 -0.10 39.50
N MET D 1131 -110.68 -1.03 40.30
CA MET D 1131 -110.10 -0.65 41.58
C MET D 1131 -108.91 0.29 41.38
N ALA D 1132 -108.06 0.00 40.39
CA ALA D 1132 -106.90 0.85 40.15
C ALA D 1132 -107.26 2.24 39.68
N THR D 1133 -108.46 2.43 39.11
CA THR D 1133 -108.87 3.75 38.65
C THR D 1133 -109.04 4.72 39.81
N LYS D 1134 -109.15 4.23 41.04
CA LYS D 1134 -109.30 5.06 42.23
C LYS D 1134 -110.52 5.98 42.12
N GLN D 1135 -111.63 5.43 41.65
CA GLN D 1135 -112.91 6.12 41.64
C GLN D 1135 -113.83 5.42 42.63
N LYS D 1136 -114.37 6.19 43.58
CA LYS D 1136 -115.14 5.59 44.66
C LYS D 1136 -116.34 4.81 44.13
N SER D 1137 -117.05 5.37 43.15
CA SER D 1137 -118.14 4.63 42.52
C SER D 1137 -117.63 3.35 41.87
N ASN D 1138 -116.49 3.43 41.17
CA ASN D 1138 -115.92 2.24 40.56
C ASN D 1138 -115.50 1.22 41.61
N VAL D 1139 -114.91 1.69 42.71
CA VAL D 1139 -114.48 0.77 43.77
C VAL D 1139 -115.69 0.06 44.38
N GLU D 1140 -116.76 0.80 44.64
CA GLU D 1140 -117.95 0.20 45.22
C GLU D 1140 -118.63 -0.77 44.25
N GLN D 1141 -118.64 -0.42 42.96
CA GLN D 1141 -119.17 -1.35 41.96
C GLN D 1141 -118.34 -2.62 41.91
N ALA D 1142 -117.01 -2.49 42.01
CA ALA D 1142 -116.15 -3.66 42.07
C ALA D 1142 -116.44 -4.49 43.31
N LEU D 1143 -116.70 -3.82 44.44
CA LEU D 1143 -117.08 -4.54 45.66
C LEU D 1143 -118.35 -5.36 45.45
N ASN D 1144 -119.37 -4.75 44.85
CA ASN D 1144 -120.61 -5.46 44.59
C ASN D 1144 -120.38 -6.63 43.65
N THR D 1145 -119.59 -6.42 42.58
CA THR D 1145 -119.32 -7.48 41.63
C THR D 1145 -118.57 -8.63 42.29
N PHE D 1146 -117.58 -8.31 43.15
CA PHE D 1146 -116.85 -9.34 43.86
C PHE D 1146 -117.76 -10.13 44.79
N THR D 1147 -118.67 -9.43 45.48
CA THR D 1147 -119.63 -10.13 46.33
C THR D 1147 -120.50 -11.07 45.52
N GLU D 1148 -120.97 -10.61 44.36
CA GLU D 1148 -121.78 -11.46 43.49
C GLU D 1148 -121.01 -12.68 43.01
N ILE D 1149 -119.74 -12.48 42.63
CA ILE D 1149 -118.92 -13.59 42.17
C ILE D 1149 -118.69 -14.59 43.30
N ALA D 1150 -118.40 -14.10 44.50
CA ALA D 1150 -118.20 -14.98 45.65
C ALA D 1150 -119.47 -15.78 45.94
N ALA D 1151 -120.64 -15.14 45.86
CA ALA D 1151 -121.88 -15.86 46.02
C ALA D 1151 -122.09 -16.89 44.92
N SER D 1152 -121.63 -16.58 43.70
CA SER D 1152 -121.80 -17.50 42.59
C SER D 1152 -120.92 -18.74 42.76
N GLU D 1153 -119.65 -18.54 43.07
CA GLU D 1153 -118.69 -19.63 43.21
C GLU D 1153 -118.21 -19.67 44.65
N LYS D 1154 -118.58 -20.72 45.37
CA LYS D 1154 -118.23 -20.84 46.78
C LYS D 1154 -116.74 -21.07 46.96
N GLU D 1155 -116.17 -20.43 47.99
CA GLU D 1155 -114.77 -20.60 48.35
C GLU D 1155 -113.82 -20.26 47.20
N HIS D 1156 -114.21 -19.28 46.38
CA HIS D 1156 -113.35 -18.83 45.29
C HIS D 1156 -112.34 -17.84 45.86
N ILE D 1157 -111.07 -18.25 45.93
CA ILE D 1157 -110.06 -17.43 46.58
C ILE D 1157 -109.86 -16.08 45.89
N PRO D 1158 -109.73 -15.99 44.56
CA PRO D 1158 -109.57 -14.66 43.95
C PRO D 1158 -110.73 -13.72 44.25
N ALA D 1159 -111.97 -14.24 44.22
CA ALA D 1159 -113.11 -13.40 44.55
C ALA D 1159 -113.05 -12.91 45.98
N LEU D 1160 -112.69 -13.79 46.91
CA LEU D 1160 -112.56 -13.40 48.31
C LEU D 1160 -111.50 -12.32 48.47
N LEU D 1161 -110.36 -12.49 47.80
CA LEU D 1161 -109.30 -11.49 47.89
C LEU D 1161 -109.77 -10.15 47.34
N GLY D 1162 -110.47 -10.17 46.20
CA GLY D 1162 -110.94 -8.92 45.61
C GLY D 1162 -111.94 -8.20 46.50
N MET D 1163 -112.91 -8.93 47.04
CA MET D 1163 -113.90 -8.30 47.89
C MET D 1163 -113.28 -7.82 49.21
N ALA D 1164 -112.31 -8.57 49.73
CA ALA D 1164 -111.61 -8.13 50.94
C ALA D 1164 -110.82 -6.85 50.69
N THR D 1165 -110.12 -6.77 49.56
CA THR D 1165 -109.41 -5.55 49.21
C THR D 1165 -110.38 -4.39 49.03
N ALA D 1166 -111.54 -4.66 48.44
CA ALA D 1166 -112.56 -3.62 48.27
C ALA D 1166 -113.01 -3.08 49.62
N TYR D 1167 -113.24 -3.99 50.59
CA TYR D 1167 -113.58 -3.53 51.93
C TYR D 1167 -112.44 -2.73 52.55
N MET D 1168 -111.19 -3.18 52.32
CA MET D 1168 -110.05 -2.51 52.92
C MET D 1168 -109.95 -1.07 52.40
N ILE D 1169 -109.94 -0.90 51.09
CA ILE D 1169 -109.73 0.43 50.50
C ILE D 1169 -110.83 1.39 50.95
N LEU D 1170 -112.07 0.93 50.95
CA LEU D 1170 -113.21 1.76 51.35
C LEU D 1170 -113.30 1.96 52.86
N LYS D 1171 -112.24 1.62 53.59
CA LYS D 1171 -112.15 1.79 55.04
C LYS D 1171 -113.15 0.91 55.81
N GLN D 1172 -113.59 -0.19 55.20
CA GLN D 1172 -114.38 -1.19 55.92
C GLN D 1172 -113.43 -2.20 56.57
N THR D 1173 -112.56 -1.66 57.41
CA THR D 1173 -111.44 -2.44 57.94
C THR D 1173 -111.86 -3.67 58.74
N PRO D 1174 -112.79 -3.59 59.70
CA PRO D 1174 -113.15 -4.82 60.43
C PRO D 1174 -113.70 -5.92 59.54
N ARG D 1175 -114.47 -5.57 58.51
CA ARG D 1175 -114.95 -6.58 57.58
C ARG D 1175 -113.80 -7.25 56.85
N ALA D 1176 -112.80 -6.46 56.43
CA ALA D 1176 -111.62 -7.02 55.80
C ALA D 1176 -110.87 -7.94 56.76
N ARG D 1177 -110.76 -7.53 58.04
CA ARG D 1177 -110.07 -8.36 59.01
C ARG D 1177 -110.76 -9.70 59.18
N ASN D 1178 -112.09 -9.69 59.29
CA ASN D 1178 -112.83 -10.94 59.42
C ASN D 1178 -112.70 -11.79 58.17
N GLN D 1179 -112.75 -11.16 57.00
CA GLN D 1179 -112.63 -11.90 55.74
C GLN D 1179 -111.26 -12.55 55.62
N LEU D 1180 -110.20 -11.83 56.00
CA LEU D 1180 -108.87 -12.43 55.93
C LEU D 1180 -108.67 -13.49 57.00
N LYS D 1181 -109.31 -13.33 58.16
CA LYS D 1181 -109.31 -14.41 59.14
C LYS D 1181 -109.92 -15.68 58.54
N ARG D 1182 -111.02 -15.52 57.81
CA ARG D 1182 -111.62 -16.67 57.13
C ARG D 1182 -110.67 -17.23 56.07
N ILE D 1183 -110.04 -16.35 55.29
CA ILE D 1183 -109.20 -16.78 54.18
C ILE D 1183 -108.00 -17.58 54.69
N ALA D 1184 -107.36 -17.10 55.75
CA ALA D 1184 -106.17 -17.77 56.27
C ALA D 1184 -106.46 -19.18 56.75
N LYS D 1185 -107.73 -19.50 57.04
CA LYS D 1185 -108.07 -20.84 57.50
C LYS D 1185 -107.86 -21.88 56.39
N MET D 1186 -108.21 -21.53 55.16
CA MET D 1186 -107.98 -22.45 54.05
C MET D 1186 -106.49 -22.63 53.80
N ASN D 1187 -106.14 -23.79 53.24
CA ASN D 1187 -104.75 -24.14 53.02
C ASN D 1187 -104.27 -23.72 51.63
N TRP D 1188 -102.98 -23.44 51.53
CA TRP D 1188 -102.37 -22.99 50.29
C TRP D 1188 -102.48 -24.08 49.22
N ASN D 1189 -102.59 -23.63 47.96
CA ASN D 1189 -102.66 -24.52 46.83
C ASN D 1189 -101.72 -24.02 45.74
N ALA D 1190 -101.49 -24.87 44.73
CA ALA D 1190 -100.53 -24.58 43.68
C ALA D 1190 -101.07 -23.72 42.56
N ILE D 1191 -102.35 -23.34 42.62
CA ILE D 1191 -102.95 -22.54 41.56
C ILE D 1191 -103.19 -21.09 41.98
N ASP D 1192 -103.55 -20.84 43.24
CA ASP D 1192 -103.84 -19.49 43.71
C ASP D 1192 -102.77 -18.99 44.67
N ALA D 1193 -101.51 -19.30 44.38
CA ALA D 1193 -100.42 -18.95 45.31
C ALA D 1193 -100.29 -17.44 45.47
N GLU D 1194 -100.33 -16.70 44.36
CA GLU D 1194 -100.18 -15.26 44.45
C GLU D 1194 -101.35 -14.59 45.15
N GLU D 1195 -102.57 -15.07 44.92
CA GLU D 1195 -103.71 -14.57 45.68
C GLU D 1195 -103.54 -14.86 47.16
N PHE D 1196 -103.05 -16.05 47.50
CA PHE D 1196 -102.79 -16.39 48.89
C PHE D 1196 -101.76 -15.43 49.50
N GLU D 1197 -100.69 -15.13 48.75
CA GLU D 1197 -99.65 -14.25 49.28
C GLU D 1197 -100.19 -12.84 49.47
N LYS D 1198 -100.98 -12.34 48.53
CA LYS D 1198 -101.58 -11.02 48.70
C LYS D 1198 -102.51 -11.00 49.91
N SER D 1199 -103.29 -12.06 50.09
CA SER D 1199 -104.20 -12.13 51.24
C SER D 1199 -103.42 -12.12 52.55
N TRP D 1200 -102.39 -12.96 52.64
CA TRP D 1200 -101.60 -13.00 53.87
C TRP D 1200 -100.91 -11.68 54.13
N LEU D 1201 -100.39 -11.03 53.08
CA LEU D 1201 -99.75 -9.74 53.24
C LEU D 1201 -100.73 -8.69 53.76
N LEU D 1202 -101.93 -8.66 53.19
CA LEU D 1202 -102.92 -7.69 53.66
C LEU D 1202 -103.33 -7.97 55.10
N LEU D 1203 -103.46 -9.24 55.46
CA LEU D 1203 -103.80 -9.57 56.85
C LEU D 1203 -102.68 -9.16 57.79
N ALA D 1204 -101.43 -9.36 57.38
CA ALA D 1204 -100.31 -8.88 58.18
C ALA D 1204 -100.35 -7.36 58.32
N ASP D 1205 -100.68 -6.67 57.24
CA ASP D 1205 -100.88 -5.22 57.29
C ASP D 1205 -101.90 -4.84 58.36
N ILE D 1206 -103.06 -5.50 58.34
CA ILE D 1206 -104.11 -5.21 59.29
C ILE D 1206 -103.64 -5.47 60.71
N TYR D 1207 -102.96 -6.59 60.93
CA TYR D 1207 -102.48 -6.93 62.27
C TYR D 1207 -101.47 -5.91 62.78
N ILE D 1208 -100.52 -5.54 61.93
CA ILE D 1208 -99.51 -4.56 62.32
C ILE D 1208 -100.18 -3.23 62.64
N GLN D 1209 -101.20 -2.85 61.87
CA GLN D 1209 -101.94 -1.64 62.17
C GLN D 1209 -102.64 -1.74 63.52
N SER D 1210 -103.18 -2.92 63.83
CA SER D 1210 -103.85 -3.15 65.11
C SER D 1210 -102.89 -3.57 66.21
N ALA D 1211 -101.58 -3.53 65.94
CA ALA D 1211 -100.54 -3.87 66.92
C ALA D 1211 -100.57 -5.33 67.34
N LYS D 1212 -101.06 -6.21 66.46
CA LYS D 1212 -101.01 -7.65 66.69
C LYS D 1212 -99.75 -8.22 66.02
N TYR D 1213 -98.62 -7.94 66.66
CA TYR D 1213 -97.33 -8.29 66.08
C TYR D 1213 -97.12 -9.79 65.99
N ASP D 1214 -97.62 -10.55 66.97
CA ASP D 1214 -97.31 -11.97 67.05
C ASP D 1214 -97.91 -12.72 65.86
N MET D 1215 -99.22 -12.61 65.67
CA MET D 1215 -99.89 -13.34 64.60
C MET D 1215 -99.51 -12.79 63.22
N ALA D 1216 -99.23 -11.49 63.13
CA ALA D 1216 -98.69 -10.96 61.88
C ALA D 1216 -97.35 -11.59 61.55
N GLU D 1217 -96.49 -11.73 62.55
CA GLU D 1217 -95.21 -12.39 62.36
C GLU D 1217 -95.41 -13.83 61.92
N ASP D 1218 -96.38 -14.52 62.54
CA ASP D 1218 -96.65 -15.91 62.17
C ASP D 1218 -97.07 -16.00 60.71
N LEU D 1219 -98.00 -15.13 60.28
CA LEU D 1219 -98.47 -15.17 58.90
C LEU D 1219 -97.36 -14.80 57.93
N LEU D 1220 -96.52 -13.85 58.29
CA LEU D 1220 -95.40 -13.48 57.42
C LEU D 1220 -94.41 -14.62 57.28
N LYS D 1221 -94.14 -15.33 58.37
CA LYS D 1221 -93.29 -16.52 58.28
C LYS D 1221 -93.95 -17.58 57.40
N ARG D 1222 -95.27 -17.72 57.49
CA ARG D 1222 -95.98 -18.63 56.61
C ARG D 1222 -95.78 -18.26 55.15
N CYS D 1223 -95.97 -16.98 54.83
CA CYS D 1223 -95.82 -16.52 53.45
C CYS D 1223 -94.40 -16.72 52.95
N LEU D 1224 -93.41 -16.45 53.80
CA LEU D 1224 -92.02 -16.67 53.40
C LEU D 1224 -91.71 -18.15 53.26
N ARG D 1225 -92.37 -19.00 54.04
CA ARG D 1225 -92.23 -20.45 53.86
C ARG D 1225 -92.74 -20.87 52.49
N HIS D 1226 -93.88 -20.33 52.07
CA HIS D 1226 -94.42 -20.70 50.77
C HIS D 1226 -93.77 -19.97 49.60
N ASN D 1227 -92.96 -18.95 49.86
CA ASN D 1227 -92.24 -18.24 48.80
C ASN D 1227 -91.05 -17.54 49.42
N ARG D 1228 -89.86 -17.82 48.91
CA ARG D 1228 -88.62 -17.36 49.53
C ARG D 1228 -88.10 -16.04 48.97
N SER D 1229 -88.86 -15.39 48.10
CA SER D 1229 -88.42 -14.11 47.54
C SER D 1229 -89.57 -13.10 47.52
N CYS D 1230 -90.35 -13.06 48.60
CA CYS D 1230 -91.42 -12.06 48.74
C CYS D 1230 -90.83 -10.84 49.41
N CYS D 1231 -90.56 -9.79 48.62
CA CYS D 1231 -89.90 -8.61 49.15
C CYS D 1231 -90.73 -7.94 50.23
N LYS D 1232 -92.05 -7.84 50.02
CA LYS D 1232 -92.90 -7.16 51.00
C LYS D 1232 -92.89 -7.88 52.33
N ALA D 1233 -92.90 -9.21 52.31
CA ALA D 1233 -92.87 -9.97 53.56
C ALA D 1233 -91.60 -9.69 54.33
N TYR D 1234 -90.46 -9.67 53.63
CA TYR D 1234 -89.19 -9.37 54.29
C TYR D 1234 -89.19 -7.96 54.86
N GLU D 1235 -89.76 -7.00 54.12
CA GLU D 1235 -89.84 -5.64 54.63
C GLU D 1235 -90.69 -5.56 55.89
N TYR D 1236 -91.82 -6.27 55.90
CA TYR D 1236 -92.67 -6.31 57.09
C TYR D 1236 -91.91 -6.93 58.27
N MET D 1237 -91.20 -8.01 58.02
CA MET D 1237 -90.41 -8.64 59.08
C MET D 1237 -89.36 -7.68 59.62
N GLY D 1238 -88.68 -6.95 58.73
CA GLY D 1238 -87.72 -5.97 59.18
C GLY D 1238 -88.36 -4.91 60.06
N TYR D 1239 -89.54 -4.43 59.66
CA TYR D 1239 -90.24 -3.45 60.49
C TYR D 1239 -90.60 -4.02 61.85
N ILE D 1240 -91.06 -5.28 61.88
CA ILE D 1240 -91.41 -5.91 63.15
C ILE D 1240 -90.19 -6.01 64.05
N MET D 1241 -89.07 -6.47 63.50
CA MET D 1241 -87.85 -6.59 64.29
C MET D 1241 -87.34 -5.22 64.74
N GLU D 1242 -87.58 -4.18 63.94
CA GLU D 1242 -87.27 -2.82 64.38
C GLU D 1242 -88.12 -2.45 65.59
N LYS D 1243 -89.41 -2.81 65.56
CA LYS D 1243 -90.29 -2.46 66.67
C LYS D 1243 -89.81 -3.09 67.98
N GLU D 1244 -89.16 -4.24 67.91
CA GLU D 1244 -88.58 -4.89 69.08
C GLU D 1244 -87.09 -4.62 69.21
N GLN D 1245 -86.56 -3.68 68.42
CA GLN D 1245 -85.13 -3.34 68.43
C GLN D 1245 -84.26 -4.56 68.17
N ALA D 1246 -84.75 -5.48 67.33
CA ALA D 1246 -83.94 -6.60 66.86
C ALA D 1246 -83.11 -6.13 65.67
N TYR D 1247 -82.14 -5.27 65.97
CA TYR D 1247 -81.40 -4.57 64.93
C TYR D 1247 -80.68 -5.54 64.00
N THR D 1248 -80.16 -6.64 64.54
CA THR D 1248 -79.51 -7.63 63.68
C THR D 1248 -80.53 -8.32 62.77
N ASP D 1249 -81.64 -8.80 63.35
CA ASP D 1249 -82.67 -9.45 62.55
C ASP D 1249 -83.34 -8.47 61.60
N ALA D 1250 -83.63 -7.26 62.08
CA ALA D 1250 -84.22 -6.24 61.21
C ALA D 1250 -83.27 -5.91 60.07
N ALA D 1251 -81.98 -5.80 60.36
CA ALA D 1251 -81.01 -5.52 59.32
C ALA D 1251 -80.96 -6.65 58.29
N LEU D 1252 -81.00 -7.90 58.76
CA LEU D 1252 -80.99 -9.02 57.83
C LEU D 1252 -82.21 -9.01 56.92
N ASN D 1253 -83.39 -8.81 57.50
CA ASN D 1253 -84.61 -8.80 56.70
C ASN D 1253 -84.63 -7.63 55.72
N TYR D 1254 -84.22 -6.45 56.18
CA TYR D 1254 -84.18 -5.29 55.30
C TYR D 1254 -83.17 -5.48 54.19
N GLU D 1255 -82.03 -6.10 54.48
CA GLU D 1255 -81.05 -6.41 53.45
C GLU D 1255 -81.61 -7.37 52.42
N MET D 1256 -82.32 -8.40 52.87
CA MET D 1256 -82.91 -9.35 51.93
C MET D 1256 -83.94 -8.66 51.04
N ALA D 1257 -84.80 -7.83 51.63
CA ALA D 1257 -85.79 -7.11 50.84
C ALA D 1257 -85.12 -6.15 49.86
N TRP D 1258 -84.08 -5.47 50.31
CA TRP D 1258 -83.34 -4.55 49.45
C TRP D 1258 -82.72 -5.28 48.27
N LYS D 1259 -82.20 -6.49 48.51
CA LYS D 1259 -81.60 -7.26 47.43
C LYS D 1259 -82.65 -7.74 46.44
N TYR D 1260 -83.75 -8.31 46.93
CA TYR D 1260 -84.75 -8.88 46.02
C TYR D 1260 -85.55 -7.82 45.28
N SER D 1261 -85.61 -6.60 45.78
CA SER D 1261 -86.34 -5.54 45.08
C SER D 1261 -85.51 -4.89 43.98
N ASN D 1262 -84.28 -5.37 43.76
CA ASN D 1262 -83.35 -4.75 42.83
C ASN D 1262 -83.16 -3.27 43.15
N ARG D 1263 -83.11 -2.97 44.45
CA ARG D 1263 -82.80 -1.65 44.99
C ARG D 1263 -83.52 -0.53 44.23
N THR D 1264 -84.82 -0.71 44.00
CA THR D 1264 -85.64 0.32 43.39
C THR D 1264 -86.49 1.08 44.40
N ASN D 1265 -86.38 0.75 45.68
CA ASN D 1265 -87.16 1.42 46.73
C ASN D 1265 -86.21 2.11 47.71
N PRO D 1266 -85.96 3.41 47.56
CA PRO D 1266 -84.99 4.08 48.42
C PRO D 1266 -85.35 4.04 49.90
N ALA D 1267 -86.64 3.99 50.24
CA ALA D 1267 -87.03 3.97 51.65
C ALA D 1267 -86.52 2.71 52.34
N VAL D 1268 -86.57 1.57 51.65
CA VAL D 1268 -86.06 0.33 52.22
C VAL D 1268 -84.57 0.46 52.50
N GLY D 1269 -83.83 1.04 51.56
CA GLY D 1269 -82.41 1.28 51.80
C GLY D 1269 -82.18 2.21 52.97
N TYR D 1270 -83.03 3.22 53.13
CA TYR D 1270 -82.93 4.11 54.27
C TYR D 1270 -83.09 3.34 55.57
N LYS D 1271 -84.12 2.51 55.66
CA LYS D 1271 -84.35 1.73 56.87
C LYS D 1271 -83.19 0.78 57.12
N LEU D 1272 -82.66 0.16 56.06
CA LEU D 1272 -81.58 -0.81 56.22
C LEU D 1272 -80.30 -0.13 56.70
N ALA D 1273 -79.97 1.01 56.12
CA ALA D 1273 -78.79 1.76 56.56
C ALA D 1273 -78.95 2.22 58.00
N PHE D 1274 -80.16 2.65 58.37
CA PHE D 1274 -80.40 3.05 59.75
C PHE D 1274 -80.21 1.88 60.71
N ASN D 1275 -80.68 0.69 60.32
CA ASN D 1275 -80.55 -0.48 61.17
C ASN D 1275 -79.09 -0.91 61.31
N TYR D 1276 -78.31 -0.83 60.22
CA TYR D 1276 -76.87 -1.03 60.35
C TYR D 1276 -76.25 -0.01 61.30
N LEU D 1277 -76.63 1.26 61.18
CA LEU D 1277 -76.06 2.30 62.03
C LEU D 1277 -76.35 2.02 63.49
N LYS D 1278 -77.58 1.65 63.81
CA LYS D 1278 -77.94 1.36 65.20
C LYS D 1278 -77.19 0.14 65.71
N ALA D 1279 -77.02 -0.87 64.87
CA ALA D 1279 -76.28 -2.07 65.24
C ALA D 1279 -74.78 -1.87 65.29
N LYS D 1280 -74.31 -0.62 65.21
CA LYS D 1280 -72.90 -0.26 65.29
C LYS D 1280 -72.09 -0.83 64.14
N ARG D 1281 -72.72 -1.11 63.00
CA ARG D 1281 -72.01 -1.58 61.81
C ARG D 1281 -71.92 -0.41 60.84
N TYR D 1282 -70.87 0.39 61.01
CA TYR D 1282 -70.80 1.70 60.35
C TYR D 1282 -70.47 1.57 58.88
N VAL D 1283 -69.55 0.66 58.52
CA VAL D 1283 -69.11 0.57 57.13
C VAL D 1283 -70.24 0.06 56.25
N ASP D 1284 -71.00 -0.93 56.72
CA ASP D 1284 -72.13 -1.42 55.95
C ASP D 1284 -73.20 -0.35 55.79
N SER D 1285 -73.43 0.43 56.84
CA SER D 1285 -74.36 1.55 56.74
C SER D 1285 -73.91 2.55 55.69
N ILE D 1286 -72.61 2.85 55.65
CA ILE D 1286 -72.09 3.78 54.66
C ILE D 1286 -72.26 3.21 53.26
N ASP D 1287 -72.01 1.90 53.10
CA ASP D 1287 -72.21 1.26 51.81
C ASP D 1287 -73.65 1.39 51.33
N ILE D 1288 -74.60 1.10 52.22
CA ILE D 1288 -76.00 1.15 51.83
C ILE D 1288 -76.41 2.59 51.53
N CYS D 1289 -75.87 3.55 52.28
CA CYS D 1289 -76.15 4.95 52.00
C CYS D 1289 -75.63 5.35 50.63
N HIS D 1290 -74.43 4.90 50.28
CA HIS D 1290 -73.89 5.19 48.96
C HIS D 1290 -74.75 4.56 47.87
N GLN D 1291 -75.22 3.33 48.10
CA GLN D 1291 -76.09 2.69 47.12
C GLN D 1291 -77.38 3.48 46.92
N VAL D 1292 -77.98 3.93 48.02
CA VAL D 1292 -79.24 4.68 47.93
C VAL D 1292 -79.01 6.01 47.21
N LEU D 1293 -77.93 6.71 47.56
CA LEU D 1293 -77.68 8.01 46.96
C LEU D 1293 -77.33 7.88 45.48
N GLU D 1294 -76.62 6.81 45.10
CA GLU D 1294 -76.42 6.54 43.69
C GLU D 1294 -77.74 6.26 42.99
N ALA D 1295 -78.62 5.50 43.65
CA ALA D 1295 -79.95 5.26 43.09
C ALA D 1295 -80.76 6.56 43.02
N HIS D 1296 -80.67 7.39 44.06
CA HIS D 1296 -81.40 8.65 44.10
C HIS D 1296 -80.52 9.70 44.75
N PRO D 1297 -79.85 10.55 43.96
CA PRO D 1297 -79.01 11.60 44.54
C PRO D 1297 -79.78 12.63 45.35
N THR D 1298 -81.09 12.75 45.14
CA THR D 1298 -81.90 13.76 45.80
C THR D 1298 -82.61 13.25 47.04
N TYR D 1299 -82.53 11.95 47.33
CA TYR D 1299 -83.24 11.39 48.48
C TYR D 1299 -82.74 12.02 49.77
N PRO D 1300 -83.56 12.82 50.44
CA PRO D 1300 -83.06 13.57 51.60
C PRO D 1300 -83.01 12.74 52.87
N LYS D 1301 -82.65 13.40 53.97
CA LYS D 1301 -82.61 12.82 55.31
C LYS D 1301 -81.64 11.65 55.44
N ILE D 1302 -80.83 11.39 54.41
CA ILE D 1302 -79.89 10.29 54.46
C ILE D 1302 -78.44 10.77 54.61
N ARG D 1303 -78.09 11.94 54.07
CA ARG D 1303 -76.74 12.44 54.20
C ARG D 1303 -76.40 12.73 55.65
N LYS D 1304 -77.33 13.34 56.40
CA LYS D 1304 -77.08 13.76 57.76
C LYS D 1304 -77.57 12.76 58.80
N ASP D 1305 -78.82 12.32 58.69
CA ASP D 1305 -79.39 11.44 59.70
C ASP D 1305 -78.69 10.09 59.77
N ILE D 1306 -78.09 9.63 58.67
CA ILE D 1306 -77.46 8.32 58.66
C ILE D 1306 -75.98 8.42 58.30
N LEU D 1307 -75.69 8.92 57.10
CA LEU D 1307 -74.33 8.84 56.57
C LEU D 1307 -73.36 9.64 57.43
N ASP D 1308 -73.72 10.87 57.77
CA ASP D 1308 -72.82 11.71 58.56
C ASP D 1308 -72.58 11.12 59.94
N LYS D 1309 -73.64 10.62 60.58
CA LYS D 1309 -73.48 10.04 61.91
C LYS D 1309 -72.63 8.78 61.87
N ALA D 1310 -72.81 7.94 60.85
CA ALA D 1310 -71.97 6.77 60.69
C ALA D 1310 -70.51 7.15 60.46
N ARG D 1311 -70.28 8.18 59.63
CA ARG D 1311 -68.91 8.63 59.37
C ARG D 1311 -68.26 9.16 60.63
N ALA D 1312 -69.01 9.88 61.47
CA ALA D 1312 -68.44 10.45 62.67
C ALA D 1312 -68.08 9.40 63.72
N SER D 1313 -68.68 8.22 63.64
CA SER D 1313 -68.52 7.19 64.66
C SER D 1313 -67.48 6.14 64.28
N LEU D 1314 -66.67 6.38 63.26
CA LEU D 1314 -65.75 5.35 62.80
C LEU D 1314 -64.59 5.15 63.76
N ARG D 1315 -64.15 6.21 64.43
CA ARG D 1315 -63.03 6.10 65.37
C ARG D 1315 -63.29 6.91 66.63
N ARG E 407 64.67 76.14 -12.49
CA ARG E 407 63.90 76.51 -13.67
C ARG E 407 63.78 75.33 -14.63
N ALA E 408 62.95 75.50 -15.67
CA ALA E 408 62.77 74.43 -16.64
C ALA E 408 64.02 74.17 -17.47
N MET E 409 64.92 75.15 -17.58
CA MET E 409 66.15 75.04 -18.36
C MET E 409 65.84 74.62 -19.80
N SER E 410 65.09 75.49 -20.49
CA SER E 410 64.71 75.24 -21.87
C SER E 410 65.94 75.12 -22.76
N SER E 411 66.22 73.93 -23.26
CA SER E 411 67.40 73.66 -24.05
C SER E 411 67.00 73.16 -25.43
N HIS E 412 67.79 73.54 -26.43
CA HIS E 412 67.50 73.19 -27.81
C HIS E 412 68.80 72.79 -28.51
N PHE E 413 68.66 72.03 -29.59
CA PHE E 413 69.78 71.67 -30.45
C PHE E 413 69.32 71.69 -31.90
N HIS E 414 70.14 72.30 -32.76
CA HIS E 414 69.80 72.40 -34.17
C HIS E 414 71.03 72.87 -34.94
N GLN E 415 71.28 72.24 -36.09
CA GLN E 415 72.41 72.57 -36.96
C GLN E 415 73.74 72.55 -36.21
N GLN E 416 73.94 71.51 -35.41
CA GLN E 416 75.16 71.34 -34.61
C GLN E 416 75.38 72.50 -33.64
N VAL E 417 74.28 73.15 -33.22
CA VAL E 417 74.35 74.22 -32.23
C VAL E 417 73.46 73.80 -31.06
N ALA E 418 74.05 73.72 -29.87
CA ALA E 418 73.32 73.34 -28.66
C ALA E 418 73.27 74.52 -27.70
N ALA E 419 72.07 74.89 -27.29
CA ALA E 419 71.87 76.00 -26.37
C ALA E 419 71.13 75.54 -25.13
N MET E 420 71.65 75.89 -23.96
CA MET E 420 71.02 75.61 -22.69
C MET E 420 70.85 76.91 -21.92
N GLN E 421 69.68 77.09 -21.31
CA GLN E 421 69.44 78.28 -20.51
C GLN E 421 70.15 78.18 -19.17
N VAL E 422 71.03 79.13 -18.89
CA VAL E 422 71.80 79.13 -17.65
C VAL E 422 71.64 80.46 -16.93
N LEU E 427 73.61 81.21 -20.33
CA LEU E 427 73.01 80.41 -21.40
C LEU E 427 74.11 79.86 -22.29
N ASN E 428 74.53 78.63 -22.02
CA ASN E 428 75.66 78.04 -22.73
C ASN E 428 75.29 77.73 -24.17
N VAL E 429 76.14 78.14 -25.10
CA VAL E 429 75.95 77.89 -26.52
C VAL E 429 77.21 77.18 -27.04
N CYS E 430 77.03 75.99 -27.60
CA CYS E 430 78.12 75.20 -28.13
C CYS E 430 77.90 74.97 -29.62
N PHE E 431 78.83 75.48 -30.44
CA PHE E 431 78.90 75.16 -31.86
C PHE E 431 79.87 74.00 -31.99
N LEU E 432 79.32 72.78 -31.97
CA LEU E 432 80.15 71.59 -31.99
C LEU E 432 80.74 71.28 -33.36
N SER E 433 80.18 71.88 -34.43
CA SER E 433 80.82 71.77 -35.73
C SER E 433 82.19 72.43 -35.72
N THR E 434 82.28 73.62 -35.12
CA THR E 434 83.56 74.31 -34.92
C THR E 434 84.12 74.07 -33.53
N GLY E 435 83.37 73.42 -32.64
CA GLY E 435 83.85 73.14 -31.30
C GLY E 435 84.13 74.36 -30.46
N VAL E 436 83.24 75.35 -30.50
CA VAL E 436 83.41 76.61 -29.77
C VAL E 436 82.27 76.74 -28.77
N ALA E 437 82.62 76.94 -27.49
CA ALA E 437 81.65 77.04 -26.42
C ALA E 437 81.69 78.45 -25.82
N HIS E 438 80.52 79.04 -25.64
CA HIS E 438 80.41 80.35 -25.02
C HIS E 438 79.38 80.33 -23.90
N SER E 447 62.65 82.47 -21.19
CA SER E 447 61.88 81.27 -20.88
C SER E 447 62.24 80.13 -21.83
N GLY E 448 62.73 80.48 -23.01
CA GLY E 448 63.12 79.49 -24.01
C GLY E 448 64.13 80.07 -24.97
N VAL E 449 65.00 79.21 -25.48
CA VAL E 449 66.08 79.62 -26.38
C VAL E 449 66.11 78.67 -27.58
N PHE E 450 66.30 79.25 -28.76
CA PHE E 450 66.45 78.51 -30.00
C PHE E 450 67.77 78.94 -30.64
N ALA E 451 68.56 77.96 -31.09
CA ALA E 451 69.91 78.23 -31.55
C ALA E 451 70.11 77.65 -32.94
N THR E 452 70.67 78.46 -33.84
CA THR E 452 71.14 78.04 -35.15
C THR E 452 72.61 78.43 -35.28
N LYS E 453 73.16 78.21 -36.48
CA LYS E 453 74.57 78.51 -36.71
C LYS E 453 74.85 80.01 -36.60
N ASP E 454 73.96 80.84 -37.12
CA ASP E 454 74.19 82.28 -37.18
C ASP E 454 73.40 83.07 -36.14
N ALA E 455 72.15 82.70 -35.88
CA ALA E 455 71.26 83.49 -35.05
C ALA E 455 70.71 82.66 -33.90
N VAL E 456 70.64 83.28 -32.73
CA VAL E 456 70.07 82.67 -31.52
C VAL E 456 68.96 83.59 -31.03
N ALA E 457 67.78 83.02 -30.80
CA ALA E 457 66.59 83.78 -30.42
C ALA E 457 66.04 83.29 -29.10
N VAL E 458 65.78 84.22 -28.17
CA VAL E 458 65.22 83.90 -26.87
C VAL E 458 63.80 84.47 -26.80
N TRP E 459 62.87 83.66 -26.32
CA TRP E 459 61.50 84.11 -26.11
C TRP E 459 61.03 83.76 -24.71
N GLU E 483 55.66 88.45 -27.27
CA GLU E 483 54.65 87.60 -26.67
C GLU E 483 54.34 86.39 -27.54
N THR E 484 55.01 85.27 -27.26
CA THR E 484 54.84 84.05 -28.02
C THR E 484 55.07 82.85 -27.13
N PRO E 485 54.32 81.76 -27.34
CA PRO E 485 54.67 80.51 -26.65
C PRO E 485 55.91 79.84 -27.23
N VAL E 486 56.20 80.08 -28.51
CA VAL E 486 57.37 79.49 -29.16
C VAL E 486 57.75 80.37 -30.35
N LEU E 487 59.04 80.64 -30.49
CA LEU E 487 59.56 81.44 -31.59
C LEU E 487 60.96 80.96 -31.92
N ALA E 488 61.39 81.22 -33.15
CA ALA E 488 62.67 80.71 -33.62
C ALA E 488 63.13 81.54 -34.80
N MET E 489 64.42 81.40 -35.12
CA MET E 489 65.03 82.01 -36.29
C MET E 489 65.10 81.00 -37.43
N HIS E 490 64.80 81.47 -38.65
CA HIS E 490 64.97 80.69 -39.87
C HIS E 490 65.83 81.56 -40.79
N GLU E 491 67.15 81.44 -40.64
CA GLU E 491 68.11 82.38 -41.23
C GLU E 491 67.84 83.73 -40.59
N GLU E 492 67.39 84.74 -41.34
CA GLU E 492 66.97 86.00 -40.74
C GLU E 492 65.46 86.06 -40.49
N ASN E 493 64.72 85.03 -40.88
CA ASN E 493 63.29 85.00 -40.64
C ASN E 493 63.00 84.75 -39.16
N VAL E 494 61.94 85.37 -38.67
CA VAL E 494 61.45 85.18 -37.30
C VAL E 494 60.04 84.61 -37.38
N TYR E 495 59.79 83.51 -36.66
CA TYR E 495 58.49 82.85 -36.69
C TYR E 495 57.68 83.33 -35.48
N THR E 496 57.20 84.57 -35.56
CA THR E 496 56.36 85.12 -34.51
C THR E 496 55.01 84.40 -34.50
N VAL E 497 54.56 84.01 -33.32
CA VAL E 497 53.32 83.26 -33.15
C VAL E 497 52.32 84.19 -32.48
N GLU E 498 51.41 84.75 -33.26
CA GLU E 498 50.34 85.57 -32.74
C GLU E 498 49.08 84.71 -32.56
N SER E 499 48.04 85.31 -31.98
CA SER E 499 46.82 84.58 -31.68
C SER E 499 46.22 83.97 -32.93
N ASN E 500 46.27 82.63 -33.02
CA ASN E 500 45.77 81.89 -34.17
C ASN E 500 46.43 82.35 -35.47
N ARG E 501 47.67 82.81 -35.40
CA ARG E 501 48.32 83.42 -36.54
C ARG E 501 49.82 83.21 -36.47
N VAL E 502 50.48 83.21 -37.62
CA VAL E 502 51.93 83.13 -37.69
C VAL E 502 52.42 84.25 -38.61
N GLN E 503 53.51 84.91 -38.21
CA GLN E 503 54.06 85.99 -39.01
C GLN E 503 55.57 85.88 -39.07
N VAL E 504 56.14 86.47 -40.11
CA VAL E 504 57.58 86.63 -40.27
C VAL E 504 57.86 88.11 -40.51
N ARG E 505 58.81 88.66 -39.74
CA ARG E 505 59.20 90.05 -39.88
C ARG E 505 60.72 90.17 -39.88
N THR E 506 61.22 91.41 -39.85
CA THR E 506 62.66 91.64 -39.85
C THR E 506 63.23 91.44 -38.45
N TRP E 507 64.55 91.57 -38.33
CA TRP E 507 65.23 91.43 -37.04
C TRP E 507 64.76 92.49 -36.04
N VAL E 511 57.27 93.14 -40.82
CA VAL E 511 56.29 92.18 -41.29
C VAL E 511 56.63 91.73 -42.71
N LYS E 512 57.00 90.45 -42.85
CA LYS E 512 57.39 89.89 -44.14
C LYS E 512 56.36 88.90 -44.68
N GLN E 513 55.90 87.95 -43.86
CA GLN E 513 54.96 86.94 -44.31
C GLN E 513 53.87 86.74 -43.27
N LEU E 514 52.70 86.30 -43.73
CA LEU E 514 51.54 86.06 -42.87
C LEU E 514 50.95 84.69 -43.17
N LEU E 515 50.45 84.04 -42.12
CA LEU E 515 49.77 82.75 -42.22
C LEU E 515 48.62 82.74 -41.21
N LEU E 516 47.45 82.36 -41.68
CA LEU E 516 46.23 82.41 -40.88
C LEU E 516 45.81 81.02 -40.44
N PHE E 517 45.43 80.89 -39.17
CA PHE E 517 44.86 79.66 -38.63
C PHE E 517 43.36 79.85 -38.45
N SER E 518 42.58 78.91 -38.97
CA SER E 518 41.13 78.99 -38.85
C SER E 518 40.65 78.28 -37.60
N GLU E 521 41.17 76.70 -34.57
CA GLU E 521 42.18 75.65 -34.57
C GLU E 521 43.09 75.77 -33.35
N GLY E 522 42.73 76.64 -32.43
CA GLY E 522 43.49 76.86 -31.22
C GLY E 522 44.77 77.64 -31.47
N ASN E 523 45.29 78.22 -30.40
CA ASN E 523 46.52 78.99 -30.48
C ASN E 523 47.71 78.06 -30.71
N PRO E 524 48.47 78.23 -31.79
CA PRO E 524 49.65 77.39 -31.99
C PRO E 524 50.71 77.68 -30.94
N CYS E 525 51.31 76.61 -30.42
CA CYS E 525 52.32 76.75 -29.38
C CYS E 525 53.49 75.77 -29.55
N PHE E 526 53.60 75.09 -30.69
CA PHE E 526 54.68 74.14 -30.94
C PHE E 526 55.29 74.42 -32.30
N LEU E 527 56.52 74.94 -32.30
CA LEU E 527 57.28 75.17 -33.52
C LEU E 527 58.49 74.25 -33.54
N ASP E 528 58.79 73.67 -34.70
CA ASP E 528 59.98 72.86 -34.89
C ASP E 528 60.42 72.96 -36.34
N ILE E 529 61.56 73.59 -36.57
CA ILE E 529 62.11 73.76 -37.92
C ILE E 529 63.18 72.70 -38.14
N CYS E 530 63.02 71.90 -39.20
CA CYS E 530 64.02 70.91 -39.56
C CYS E 530 64.02 70.79 -41.08
N GLY E 531 65.22 70.79 -41.66
CA GLY E 531 65.32 70.81 -43.11
C GLY E 531 64.74 72.12 -43.64
N ASN E 532 63.79 72.00 -44.56
CA ASN E 532 63.08 73.15 -45.12
C ASN E 532 61.57 73.02 -44.90
N PHE E 533 61.18 72.49 -43.74
CA PHE E 533 59.78 72.32 -43.40
C PHE E 533 59.60 72.62 -41.91
N LEU E 534 58.52 73.32 -41.59
CA LEU E 534 58.21 73.69 -40.21
C LEU E 534 56.84 73.16 -39.84
N VAL E 535 56.75 72.51 -38.68
CA VAL E 535 55.47 72.04 -38.15
C VAL E 535 54.99 73.04 -37.11
N VAL E 536 53.75 73.50 -37.27
CA VAL E 536 53.11 74.41 -36.33
C VAL E 536 51.92 73.68 -35.74
N GLY E 537 51.98 73.39 -34.45
CA GLY E 537 50.95 72.60 -33.80
C GLY E 537 50.41 73.29 -32.57
N THR E 538 49.25 72.82 -32.13
CA THR E 538 48.54 73.36 -30.98
C THR E 538 48.37 72.28 -29.92
N ASP E 539 47.75 72.65 -28.81
CA ASP E 539 47.37 71.71 -27.77
C ASP E 539 45.94 71.20 -27.96
N LEU E 540 45.28 71.57 -29.05
CA LEU E 540 43.91 71.15 -29.33
C LEU E 540 43.83 70.11 -30.44
N ALA E 541 44.82 69.22 -30.51
CA ALA E 541 44.81 68.08 -31.45
C ALA E 541 44.74 68.53 -32.90
N HIS E 542 45.51 69.57 -33.24
CA HIS E 542 45.59 70.06 -34.61
C HIS E 542 47.01 70.53 -34.90
N PHE E 543 47.44 70.38 -36.14
CA PHE E 543 48.76 70.81 -36.56
C PHE E 543 48.80 70.96 -38.07
N LYS E 544 49.77 71.74 -38.54
CA LYS E 544 50.00 71.96 -39.96
C LYS E 544 51.50 71.88 -40.24
N SER E 545 51.83 71.56 -41.49
CA SER E 545 53.22 71.55 -41.95
C SER E 545 53.36 72.52 -43.11
N PHE E 546 54.28 73.48 -42.96
CA PHE E 546 54.52 74.52 -43.95
C PHE E 546 55.89 74.31 -44.59
N ASP E 547 55.93 74.42 -45.91
CA ASP E 547 57.18 74.25 -46.65
C ASP E 547 58.02 75.52 -46.58
N LEU E 548 59.34 75.33 -46.53
CA LEU E 548 60.28 76.45 -46.53
C LEU E 548 61.38 76.30 -47.59
N SER E 549 61.21 75.40 -48.56
CA SER E 549 62.17 75.33 -49.66
C SER E 549 62.11 76.58 -50.55
N ARG E 550 61.00 77.32 -50.51
CA ARG E 550 60.83 78.53 -51.28
C ARG E 550 61.17 79.75 -50.42
N ARG E 551 60.87 80.94 -50.94
CA ARG E 551 61.19 82.17 -50.24
C ARG E 551 60.42 82.30 -48.93
N GLU E 552 59.14 81.94 -48.93
CA GLU E 552 58.27 82.11 -47.77
C GLU E 552 57.60 80.78 -47.45
N ALA E 553 56.99 80.73 -46.27
CA ALA E 553 56.34 79.51 -45.80
C ALA E 553 55.03 79.30 -46.55
N LYS E 554 54.90 78.13 -47.18
CA LYS E 554 53.67 77.74 -47.85
C LYS E 554 53.18 76.43 -47.24
N ALA E 555 51.88 76.34 -47.01
CA ALA E 555 51.32 75.19 -46.31
C ALA E 555 51.46 73.92 -47.12
N HIS E 556 52.43 73.07 -46.74
CA HIS E 556 52.61 71.79 -47.42
C HIS E 556 51.42 70.87 -47.16
N CYS E 557 50.91 70.88 -45.93
CA CYS E 557 49.77 70.05 -45.57
C CYS E 557 48.66 70.92 -44.99
N SER E 558 47.42 70.53 -45.28
CA SER E 558 46.26 71.25 -44.75
C SER E 558 46.06 70.93 -43.28
N CYS E 559 45.11 71.63 -42.67
CA CYS E 559 44.79 71.41 -41.26
C CYS E 559 44.25 69.99 -41.06
N ARG E 560 44.71 69.35 -39.99
CA ARG E 560 44.28 68.00 -39.65
C ARG E 560 43.92 67.94 -38.16
N SER E 561 43.05 67.00 -37.84
CA SER E 561 42.56 66.82 -36.47
C SER E 561 43.16 65.55 -35.88
N LEU E 562 44.02 65.71 -34.87
CA LEU E 562 44.57 64.56 -34.17
C LEU E 562 43.47 63.81 -33.42
N ALA E 563 42.51 64.54 -32.85
CA ALA E 563 41.43 63.90 -32.11
C ALA E 563 40.59 63.01 -33.02
N GLU E 564 40.31 63.47 -34.24
CA GLU E 564 39.59 62.64 -35.19
C GLU E 564 40.40 61.39 -35.55
N LEU E 565 41.70 61.57 -35.78
CA LEU E 565 42.56 60.42 -36.07
C LEU E 565 42.74 59.55 -34.83
N VAL E 566 43.03 60.17 -33.69
CA VAL E 566 43.23 59.44 -32.45
C VAL E 566 42.26 59.95 -31.38
N GLY E 571 44.70 66.88 -25.65
CA GLY E 571 45.91 67.69 -25.59
C GLY E 571 47.10 67.04 -26.25
N ILE E 572 48.10 67.86 -26.58
CA ILE E 572 49.33 67.38 -27.20
C ILE E 572 50.51 67.83 -26.34
N ALA E 573 51.44 66.89 -26.09
CA ALA E 573 52.62 67.22 -25.29
C ALA E 573 53.58 68.11 -26.08
N SER E 574 54.09 67.61 -27.19
CA SER E 574 55.04 68.36 -28.00
C SER E 574 55.06 67.79 -29.42
N LEU E 575 55.59 68.58 -30.35
CA LEU E 575 55.70 68.19 -31.74
C LEU E 575 57.14 68.32 -32.21
N ARG E 576 57.49 67.50 -33.20
CA ARG E 576 58.80 67.54 -33.83
C ARG E 576 58.66 67.16 -35.28
N CYS E 577 59.62 67.57 -36.11
CA CYS E 577 59.55 67.37 -37.55
C CYS E 577 60.86 66.84 -38.09
N SER E 578 60.78 66.23 -39.27
CA SER E 578 61.93 65.71 -39.97
C SER E 578 62.48 66.75 -40.95
N SER E 579 63.64 66.43 -41.53
CA SER E 579 64.22 67.32 -42.54
C SER E 579 63.35 67.39 -43.78
N SER E 580 62.81 66.24 -44.22
CA SER E 580 61.97 66.24 -45.42
C SER E 580 60.59 66.82 -45.14
N GLY E 581 60.14 66.76 -43.89
CA GLY E 581 58.84 67.30 -43.52
C GLY E 581 57.65 66.41 -43.81
N SER E 582 57.87 65.23 -44.41
CA SER E 582 56.78 64.33 -44.71
C SER E 582 56.26 63.61 -43.47
N THR E 583 57.03 63.59 -42.38
CA THR E 583 56.63 62.96 -41.14
C THR E 583 56.46 64.05 -40.08
N ILE E 584 55.28 64.11 -39.47
CA ILE E 584 55.01 65.09 -38.43
C ILE E 584 54.94 64.40 -37.08
N ILE E 586 55.20 63.46 -32.12
CA ILE E 586 53.97 63.96 -31.49
C ILE E 586 53.53 63.01 -30.38
N LEU E 587 53.10 63.58 -29.26
CA LEU E 587 52.66 62.79 -28.11
C LEU E 587 51.27 63.26 -27.70
N PRO E 588 50.24 62.42 -27.79
CA PRO E 588 48.92 62.81 -27.30
C PRO E 588 48.87 62.86 -25.78
N SER E 589 47.87 63.56 -25.27
CA SER E 589 47.65 63.66 -23.83
C SER E 589 46.19 64.00 -23.52
N ASN E 593 47.60 66.76 -17.44
CA ASN E 593 48.39 67.12 -18.61
C ASN E 593 49.66 66.27 -18.68
N SER E 594 49.65 65.14 -17.99
CA SER E 594 50.79 64.25 -18.01
C SER E 594 50.95 63.61 -19.40
N PRO E 595 52.19 63.35 -19.82
CA PRO E 595 52.39 62.73 -21.13
C PRO E 595 51.87 61.30 -21.16
N ASP E 596 51.50 60.85 -22.36
CA ASP E 596 50.94 59.53 -22.56
C ASP E 596 51.98 58.63 -23.25
N SER E 597 51.83 57.32 -23.05
CA SER E 597 52.77 56.36 -23.62
C SER E 597 52.68 56.33 -25.15
N LYS E 598 51.47 56.42 -25.68
CA LYS E 598 51.29 56.33 -27.13
C LYS E 598 51.95 57.53 -27.83
N ILE E 599 52.45 57.27 -29.04
CA ILE E 599 53.10 58.29 -29.85
C ILE E 599 52.49 58.25 -31.24
N CYS E 600 52.13 59.42 -31.78
CA CYS E 600 51.45 59.52 -33.06
C CYS E 600 52.35 60.18 -34.09
N PHE E 601 52.36 59.63 -35.30
CA PHE E 601 53.06 60.23 -36.43
C PHE E 601 52.09 60.35 -37.60
N TYR E 602 52.01 61.55 -38.16
CA TYR E 602 51.05 61.84 -39.23
C TYR E 602 51.72 61.64 -40.59
N ASP E 603 51.19 60.71 -41.37
CA ASP E 603 51.69 60.43 -42.72
C ASP E 603 51.06 61.45 -43.67
N VAL E 604 51.84 62.47 -44.04
CA VAL E 604 51.33 63.53 -44.90
C VAL E 604 51.08 63.02 -46.31
N GLU E 605 52.05 62.27 -46.86
CA GLU E 605 51.96 61.87 -48.27
C GLU E 605 50.80 60.91 -48.50
N MET E 606 50.72 59.86 -47.70
CA MET E 606 49.62 58.90 -47.83
C MET E 606 48.44 59.26 -46.94
N ASP E 607 48.55 60.37 -46.18
CA ASP E 607 47.41 61.01 -45.53
C ASP E 607 46.76 60.11 -44.48
N THR E 608 47.54 59.68 -43.48
CA THR E 608 47.00 58.80 -42.43
C THR E 608 47.70 59.15 -41.12
N VAL E 609 47.54 58.29 -40.12
CA VAL E 609 48.24 58.42 -38.85
C VAL E 609 48.68 57.03 -38.40
N THR E 610 49.83 56.98 -37.72
CA THR E 610 50.35 55.74 -37.14
C THR E 610 50.62 55.99 -35.67
N VAL E 611 50.01 55.17 -34.81
CA VAL E 611 50.12 55.34 -33.36
C VAL E 611 50.81 54.12 -32.80
N PHE E 612 51.95 54.34 -32.14
CA PHE E 612 52.73 53.28 -31.52
C PHE E 612 52.53 53.34 -30.02
N ASP E 613 52.18 52.20 -29.42
CA ASP E 613 51.89 52.11 -27.99
C ASP E 613 53.14 51.61 -27.27
N PHE E 614 53.62 52.38 -26.30
CA PHE E 614 54.77 51.97 -25.52
C PHE E 614 54.45 50.75 -24.66
N LYS E 615 53.26 50.72 -24.08
CA LYS E 615 52.89 49.62 -23.18
C LYS E 615 52.78 48.30 -23.93
N THR E 616 52.19 48.31 -25.13
CA THR E 616 51.94 47.07 -25.86
C THR E 616 52.94 46.80 -26.97
N GLY E 617 53.68 47.80 -27.41
CA GLY E 617 54.59 47.63 -28.53
C GLY E 617 53.88 47.33 -29.83
N GLN E 618 52.72 47.95 -30.06
CA GLN E 618 51.92 47.72 -31.24
C GLN E 618 51.70 49.04 -31.97
N ILE E 619 51.63 48.97 -33.30
CA ILE E 619 51.43 50.14 -34.15
C ILE E 619 50.09 49.99 -34.84
N ASP E 620 49.22 50.99 -34.65
CA ASP E 620 47.90 51.03 -35.28
C ASP E 620 47.92 52.05 -36.40
N ARG E 621 47.39 51.66 -37.56
CA ARG E 621 47.38 52.49 -38.75
C ARG E 621 45.95 52.94 -39.01
N ARG E 622 45.74 54.25 -39.07
CA ARG E 622 44.41 54.79 -39.30
C ARG E 622 44.41 55.79 -40.45
N LEU E 643 59.88 48.49 -22.66
CA LEU E 643 59.28 49.77 -23.00
C LEU E 643 57.85 49.84 -22.49
N LYS E 644 57.40 48.74 -21.86
CA LYS E 644 56.03 48.62 -21.41
C LYS E 644 55.74 49.42 -20.15
N ASN E 645 56.77 49.87 -19.44
CA ASN E 645 56.60 50.68 -18.24
C ASN E 645 57.23 52.07 -18.39
N TYR E 646 57.31 52.58 -19.61
CA TYR E 646 57.91 53.87 -19.90
C TYR E 646 56.91 54.78 -20.61
N VAL E 647 57.01 56.07 -20.33
CA VAL E 647 56.17 57.08 -20.99
C VAL E 647 57.08 58.11 -21.64
N PRO E 648 56.88 58.41 -22.93
CA PRO E 648 57.69 59.45 -23.56
C PRO E 648 57.45 60.82 -22.93
N VAL E 649 58.53 61.57 -22.79
CA VAL E 649 58.45 62.95 -22.31
C VAL E 649 59.11 63.95 -23.25
N ASN E 650 60.07 63.55 -24.07
CA ASN E 650 60.73 64.44 -25.02
C ASN E 650 61.05 63.65 -26.27
N HIS E 651 61.19 64.37 -27.39
CA HIS E 651 61.50 63.74 -28.66
C HIS E 651 62.19 64.75 -29.57
N PHE E 652 62.97 64.23 -30.51
CA PHE E 652 63.71 65.04 -31.47
C PHE E 652 63.87 64.24 -32.76
N TRP E 653 64.53 64.85 -33.74
CA TRP E 653 64.82 64.21 -35.01
C TRP E 653 66.26 64.44 -35.41
N ASP E 654 66.78 63.53 -36.22
CA ASP E 654 68.11 63.73 -36.80
C ASP E 654 68.06 64.87 -37.81
N GLN E 655 69.16 65.62 -37.88
CA GLN E 655 69.22 66.80 -38.73
C GLN E 655 69.55 66.49 -40.19
N SER E 656 69.83 65.23 -40.51
CA SER E 656 70.15 64.85 -41.89
C SER E 656 69.20 63.81 -42.45
N GLU E 657 68.86 62.77 -41.68
CA GLU E 657 68.00 61.70 -42.16
C GLU E 657 66.58 61.94 -41.69
N PRO E 658 65.63 62.18 -42.61
CA PRO E 658 64.24 62.37 -42.16
C PRO E 658 63.63 61.14 -41.53
N ARG E 659 64.17 59.95 -41.79
CA ARG E 659 63.58 58.72 -41.28
C ARG E 659 64.09 58.33 -39.89
N LEU E 660 65.05 59.07 -39.34
CA LEU E 660 65.62 58.76 -38.03
C LEU E 660 64.95 59.62 -36.97
N PHE E 661 64.33 58.98 -35.99
CA PHE E 661 63.59 59.66 -34.93
C PHE E 661 64.12 59.19 -33.59
N VAL E 662 63.98 60.05 -32.57
CA VAL E 662 64.46 59.72 -31.23
C VAL E 662 63.37 60.06 -30.22
N CYS E 663 63.42 59.37 -29.09
CA CYS E 663 62.42 59.54 -28.03
C CYS E 663 63.07 59.32 -26.68
N GLU E 664 62.74 60.18 -25.73
CA GLU E 664 63.15 60.03 -24.34
C GLU E 664 61.95 59.51 -23.54
N ALA E 665 62.14 58.39 -22.84
CA ALA E 665 61.07 57.75 -22.10
C ALA E 665 61.45 57.66 -20.63
N VAL E 666 60.58 58.18 -19.77
CA VAL E 666 60.77 58.13 -18.32
C VAL E 666 59.93 56.99 -17.77
N GLN E 667 60.52 56.19 -16.89
CA GLN E 667 59.79 55.08 -16.29
C GLN E 667 58.68 55.60 -15.39
N GLU E 668 57.47 55.08 -15.57
CA GLU E 668 56.32 55.51 -14.80
C GLU E 668 56.34 54.93 -13.39
N ASP E 691 64.65 54.02 -15.43
CA ASP E 691 64.22 55.40 -15.28
C ASP E 691 64.05 56.08 -16.63
N VAL E 692 65.10 56.75 -17.09
CA VAL E 692 65.10 57.49 -18.35
C VAL E 692 65.92 56.72 -19.37
N LEU E 693 65.30 56.43 -20.51
CA LEU E 693 65.95 55.66 -21.57
C LEU E 693 65.70 56.36 -22.90
N ILE E 694 66.69 56.26 -23.79
CA ILE E 694 66.66 56.91 -25.10
C ILE E 694 66.45 55.81 -26.14
N LEU E 695 65.40 55.98 -26.96
CA LEU E 695 65.02 55.03 -27.98
C LEU E 695 65.08 55.73 -29.33
N SER E 696 65.94 55.23 -30.22
CA SER E 696 66.02 55.73 -31.59
C SER E 696 65.36 54.73 -32.51
N PHE E 697 64.53 55.22 -33.42
CA PHE E 697 63.79 54.41 -34.37
C PHE E 697 64.02 54.92 -35.79
N PHE E 698 63.77 54.03 -36.75
CA PHE E 698 63.79 54.38 -38.16
C PHE E 698 62.39 54.17 -38.74
N ILE E 699 61.89 55.16 -39.45
CA ILE E 699 60.55 55.12 -40.03
C ILE E 699 60.70 54.76 -41.50
N SER E 700 60.43 53.51 -41.83
CA SER E 700 60.46 53.02 -43.21
C SER E 700 59.03 52.84 -43.71
N GLU E 701 58.72 53.50 -44.83
CA GLU E 701 57.36 53.43 -45.35
C GLU E 701 56.98 52.01 -45.77
N GLU E 702 57.92 51.30 -46.39
CA GLU E 702 57.64 49.96 -46.91
C GLU E 702 57.73 48.87 -45.85
N HIS E 703 58.19 49.18 -44.64
CA HIS E 703 58.34 48.16 -43.62
C HIS E 703 57.63 48.55 -42.33
N GLY E 704 57.57 49.85 -42.03
CA GLY E 704 56.92 50.35 -40.83
C GLY E 704 57.92 51.02 -39.90
N PHE E 705 57.79 50.73 -38.61
CA PHE E 705 58.65 51.31 -37.58
C PHE E 705 59.59 50.23 -37.06
N LEU E 706 60.84 50.63 -36.79
CA LEU E 706 61.91 49.70 -36.43
C LEU E 706 62.58 50.18 -35.15
N LEU E 707 63.02 49.22 -34.34
CA LEU E 707 63.76 49.52 -33.12
C LEU E 707 65.24 49.62 -33.49
N HIS E 708 65.75 50.86 -33.58
CA HIS E 708 67.13 51.06 -34.00
C HIS E 708 68.10 50.97 -32.83
N GLU E 709 67.90 51.81 -31.82
CA GLU E 709 68.76 51.80 -30.64
C GLU E 709 67.91 51.97 -29.39
N SER E 710 68.36 51.38 -28.29
CA SER E 710 67.66 51.45 -27.02
C SER E 710 68.73 51.46 -25.92
N PHE E 711 69.03 52.64 -25.39
CA PHE E 711 70.08 52.70 -24.38
C PHE E 711 69.66 53.58 -23.21
N PRO E 712 70.05 53.22 -21.99
CA PRO E 712 69.73 54.08 -20.84
C PRO E 712 70.43 55.42 -20.94
N ARG E 713 69.79 56.43 -20.37
CA ARG E 713 70.34 57.78 -20.40
C ARG E 713 71.66 57.81 -19.62
N PRO E 714 72.69 58.48 -20.15
CA PRO E 714 73.97 58.54 -19.44
C PRO E 714 73.83 59.25 -18.10
N ALA E 715 74.70 58.87 -17.17
CA ALA E 715 74.65 59.43 -15.82
C ALA E 715 74.89 60.93 -15.85
N THR E 716 75.87 61.38 -16.63
CA THR E 716 76.16 62.81 -16.72
C THR E 716 75.09 63.60 -17.46
N SER E 717 74.22 62.93 -18.21
CA SER E 717 73.18 63.58 -18.98
C SER E 717 71.86 63.53 -18.25
N HIS E 718 71.06 64.59 -18.38
CA HIS E 718 69.76 64.64 -17.72
C HIS E 718 68.58 64.82 -18.67
N SER E 719 68.79 65.27 -19.90
CA SER E 719 67.71 65.40 -20.86
C SER E 719 68.23 65.12 -22.26
N LEU E 720 67.32 64.71 -23.14
CA LEU E 720 67.65 64.36 -24.52
C LEU E 720 67.61 65.63 -25.36
N LEU E 721 68.79 66.15 -25.73
CA LEU E 721 68.84 67.34 -26.55
C LEU E 721 68.62 67.03 -28.04
N GLY E 722 69.07 65.88 -28.50
CA GLY E 722 68.82 65.47 -29.87
C GLY E 722 70.00 64.67 -30.41
N MET E 723 70.15 64.71 -31.73
CA MET E 723 71.34 64.14 -32.37
C MET E 723 71.76 65.00 -33.54
N GLU E 724 73.01 64.79 -33.96
CA GLU E 724 73.47 65.20 -35.27
C GLU E 724 74.71 64.37 -35.59
N VAL E 725 74.77 63.84 -36.81
CA VAL E 725 75.71 62.79 -37.19
C VAL E 725 77.12 63.19 -36.81
N PRO E 726 77.88 62.34 -36.11
CA PRO E 726 77.46 61.01 -35.64
C PRO E 726 77.25 60.88 -34.13
N TYR E 727 76.72 61.92 -33.48
CA TYR E 727 76.66 61.97 -32.02
C TYR E 727 75.23 62.22 -31.55
N TYR E 728 74.80 61.43 -30.55
CA TYR E 728 73.69 61.81 -29.69
C TYR E 728 74.15 62.93 -28.76
N TYR E 729 73.46 64.06 -28.79
CA TYR E 729 73.80 65.21 -27.96
C TYR E 729 72.79 65.33 -26.82
N PHE E 730 73.30 65.42 -25.60
CA PHE E 730 72.49 65.50 -24.41
C PHE E 730 72.92 66.69 -23.56
N THR E 731 72.00 67.17 -22.73
CA THR E 731 72.32 68.21 -21.76
C THR E 731 72.96 67.58 -20.54
N ARG E 732 74.24 67.90 -20.33
CA ARG E 732 75.03 67.29 -19.27
C ARG E 732 74.68 67.91 -17.92
N LYS E 733 74.65 67.07 -16.88
CA LYS E 733 74.41 67.55 -15.53
C LYS E 733 75.62 68.34 -15.04
N PRO E 734 75.44 69.60 -14.62
CA PRO E 734 76.55 70.41 -14.12
C PRO E 734 77.05 69.94 -12.75
N GLN E 752 81.92 72.57 -20.58
CA GLN E 752 81.04 72.06 -21.63
C GLN E 752 79.87 71.28 -21.04
N MET E 753 78.66 71.79 -21.22
CA MET E 753 77.45 71.16 -20.73
C MET E 753 76.77 70.28 -21.77
N VAL E 754 77.42 70.05 -22.91
CA VAL E 754 76.90 69.20 -23.97
C VAL E 754 77.68 67.89 -23.93
N SER E 755 76.97 66.78 -23.82
CA SER E 755 77.58 65.46 -23.84
C SER E 755 77.26 64.80 -25.18
N ARG E 756 78.29 64.47 -25.94
CA ARG E 756 78.13 63.84 -27.25
C ARG E 756 78.58 62.39 -27.16
N ARG E 757 77.66 61.47 -27.45
CA ARG E 757 77.94 60.05 -27.45
C ARG E 757 77.88 59.52 -28.88
N PRO E 758 78.96 58.97 -29.42
CA PRO E 758 78.88 58.37 -30.76
C PRO E 758 77.88 57.22 -30.76
N LEU E 759 77.17 57.09 -31.88
CA LEU E 759 76.16 56.05 -32.00
C LEU E 759 76.83 54.67 -31.95
N ARG E 760 76.08 53.68 -31.44
CA ARG E 760 76.66 52.37 -31.18
C ARG E 760 77.28 51.76 -32.42
N ASP E 761 76.55 51.79 -33.54
CA ASP E 761 77.13 51.37 -34.82
C ASP E 761 78.21 52.33 -35.28
N PHE E 762 78.07 53.61 -34.94
CA PHE E 762 78.93 54.68 -35.44
C PHE E 762 80.22 54.84 -34.65
N VAL E 763 80.60 53.86 -33.84
CA VAL E 763 81.88 53.94 -33.15
C VAL E 763 83.00 53.70 -34.16
N GLY E 764 83.89 54.69 -34.28
CA GLY E 764 85.08 54.58 -35.10
C GLY E 764 85.06 55.42 -36.36
N LEU E 765 83.89 55.71 -36.91
CA LEU E 765 83.77 56.50 -38.13
C LEU E 765 83.33 57.93 -37.84
N GLU E 766 83.74 58.49 -36.70
CA GLU E 766 83.35 59.85 -36.36
C GLU E 766 84.05 60.88 -37.24
N ASP E 767 85.29 60.58 -37.66
CA ASP E 767 86.10 61.51 -38.43
C ASP E 767 86.07 61.22 -39.93
N CYS E 768 85.19 60.32 -40.38
CA CYS E 768 85.13 59.99 -41.79
C CYS E 768 84.44 61.10 -42.58
N ASP E 769 84.41 60.92 -43.90
CA ASP E 769 83.80 61.90 -44.79
C ASP E 769 82.28 61.71 -44.81
N LYS E 770 81.60 62.55 -45.60
CA LYS E 770 80.15 62.49 -45.67
C LYS E 770 79.67 61.20 -46.33
N ALA E 771 80.38 60.74 -47.38
CA ALA E 771 79.95 59.53 -48.08
C ALA E 771 80.02 58.31 -47.17
N THR E 772 81.12 58.18 -46.40
CA THR E 772 81.26 57.02 -45.53
C THR E 772 80.24 57.02 -44.42
N ARG E 773 80.00 58.17 -43.79
CA ARG E 773 79.01 58.23 -42.72
C ARG E 773 77.60 57.99 -43.27
N ASP E 774 77.32 58.46 -44.48
CA ASP E 774 76.04 58.14 -45.11
C ASP E 774 75.90 56.66 -45.39
N ALA E 775 76.97 56.02 -45.88
CA ALA E 775 76.91 54.59 -46.16
C ALA E 775 76.66 53.79 -44.90
N MET E 776 77.33 54.15 -43.79
CA MET E 776 77.10 53.39 -42.57
C MET E 776 75.80 53.78 -41.88
N LEU E 777 75.28 54.98 -42.17
CA LEU E 777 73.89 55.29 -41.84
C LEU E 777 72.95 54.30 -42.55
N HIS E 778 73.20 54.06 -43.83
CA HIS E 778 72.43 53.07 -44.57
C HIS E 778 72.59 51.69 -43.93
N PHE E 779 73.81 51.35 -43.53
CA PHE E 779 74.07 50.11 -42.80
C PHE E 779 73.16 49.97 -41.58
N SER E 780 73.14 50.99 -40.74
CA SER E 780 72.33 50.94 -39.52
C SER E 780 70.84 50.84 -39.87
N PHE E 781 70.40 51.60 -40.87
CA PHE E 781 69.00 51.57 -41.26
C PHE E 781 68.59 50.19 -41.77
N PHE E 782 69.45 49.55 -42.57
CA PHE E 782 69.11 48.23 -43.09
C PHE E 782 69.24 47.16 -42.03
N VAL E 783 70.10 47.37 -41.03
CA VAL E 783 70.13 46.48 -39.87
C VAL E 783 68.81 46.56 -39.12
N THR E 784 68.30 47.78 -38.91
CA THR E 784 66.99 47.94 -38.29
C THR E 784 65.90 47.28 -39.14
N ILE E 785 65.97 47.45 -40.46
CA ILE E 785 65.09 46.73 -41.37
C ILE E 785 65.32 45.22 -41.23
N GLY E 786 66.57 44.83 -41.04
CA GLY E 786 66.96 43.44 -41.17
C GLY E 786 67.59 43.12 -42.50
N ASP E 787 67.71 44.10 -43.39
CA ASP E 787 68.30 43.91 -44.72
C ASP E 787 69.81 43.80 -44.57
N MET E 788 70.26 42.59 -44.22
CA MET E 788 71.68 42.34 -44.06
C MET E 788 72.43 42.57 -45.35
N ASP E 789 71.86 42.14 -46.48
CA ASP E 789 72.54 42.27 -47.76
C ASP E 789 72.76 43.74 -48.13
N GLU E 790 71.73 44.58 -47.93
CA GLU E 790 71.85 45.98 -48.32
C GLU E 790 72.82 46.72 -47.40
N ALA E 791 72.78 46.42 -46.11
CA ALA E 791 73.76 47.00 -45.19
C ALA E 791 75.18 46.57 -45.56
N PHE E 792 75.33 45.31 -45.95
CA PHE E 792 76.62 44.81 -46.41
C PHE E 792 77.10 45.59 -47.63
N LYS E 793 76.19 45.81 -48.59
CA LYS E 793 76.56 46.58 -49.78
C LYS E 793 76.96 48.01 -49.41
N SER E 794 76.24 48.63 -48.47
CA SER E 794 76.59 49.97 -48.05
C SER E 794 77.97 50.02 -47.41
N ILE E 795 78.29 49.01 -46.58
CA ILE E 795 79.59 48.99 -45.93
C ILE E 795 80.71 48.69 -46.92
N LYS E 796 80.41 47.96 -47.99
CA LYS E 796 81.40 47.45 -48.93
C LYS E 796 82.59 48.36 -49.21
N LEU E 797 82.32 49.65 -49.46
CA LEU E 797 83.42 50.57 -49.76
C LEU E 797 84.23 50.93 -48.52
N ILE E 798 83.62 50.84 -47.34
CA ILE E 798 84.29 51.25 -46.11
C ILE E 798 85.33 50.20 -45.72
N LYS E 799 86.43 50.68 -45.13
CA LYS E 799 87.54 49.83 -44.71
C LYS E 799 87.89 50.08 -43.24
N SER E 800 86.86 50.23 -42.41
CA SER E 800 87.06 50.45 -40.97
C SER E 800 86.89 49.13 -40.22
N GLU E 801 87.91 48.77 -39.43
CA GLU E 801 87.89 47.48 -38.73
C GLU E 801 86.79 47.43 -37.68
N ALA E 802 86.54 48.55 -36.99
CA ALA E 802 85.51 48.57 -35.96
C ALA E 802 84.13 48.29 -36.56
N VAL E 803 83.87 48.83 -37.74
CA VAL E 803 82.59 48.59 -38.42
C VAL E 803 82.42 47.10 -38.70
N TRP E 804 83.47 46.47 -39.22
CA TRP E 804 83.41 45.04 -39.52
C TRP E 804 83.20 44.23 -38.25
N GLU E 805 83.90 44.59 -37.16
CA GLU E 805 83.71 43.90 -35.90
C GLU E 805 82.27 44.02 -35.41
N ASN E 806 81.70 45.23 -35.49
CA ASN E 806 80.33 45.44 -35.03
C ASN E 806 79.35 44.61 -35.84
N MET E 807 79.49 44.61 -37.16
CA MET E 807 78.52 43.85 -37.95
C MET E 807 78.78 42.35 -37.88
N ALA E 808 80.00 41.93 -37.55
CA ALA E 808 80.23 40.51 -37.25
C ALA E 808 79.53 40.10 -35.96
N ARG E 809 79.57 40.96 -34.94
CA ARG E 809 78.80 40.68 -33.73
C ARG E 809 77.31 40.62 -34.06
N MET E 810 76.84 41.52 -34.92
CA MET E 810 75.46 41.47 -35.38
C MET E 810 75.17 40.14 -36.08
N CYS E 811 76.11 39.66 -36.90
CA CYS E 811 75.95 38.36 -37.54
C CYS E 811 75.86 37.24 -36.51
N VAL E 812 76.61 37.36 -35.42
CA VAL E 812 76.46 36.41 -34.31
C VAL E 812 75.03 36.45 -33.79
N LYS E 813 74.49 37.65 -33.60
CA LYS E 813 73.13 37.78 -33.08
C LYS E 813 72.11 37.13 -34.00
N THR E 814 72.38 37.12 -35.30
CA THR E 814 71.42 36.65 -36.29
C THR E 814 71.67 35.22 -36.76
N GLN E 815 72.64 34.52 -36.16
CA GLN E 815 72.92 33.11 -36.46
C GLN E 815 73.30 32.87 -37.92
N ARG E 816 73.69 33.91 -38.66
CA ARG E 816 74.12 33.76 -40.04
C ARG E 816 75.63 33.94 -40.11
N LEU E 817 76.32 32.97 -40.72
CA LEU E 817 77.77 32.95 -40.76
C LEU E 817 78.35 33.09 -42.16
N ASP E 818 77.56 32.85 -43.22
CA ASP E 818 78.09 32.98 -44.57
C ASP E 818 78.55 34.40 -44.85
N VAL E 819 77.78 35.38 -44.40
CA VAL E 819 78.21 36.77 -44.49
C VAL E 819 79.18 37.12 -43.37
N ALA E 820 79.19 36.35 -42.28
CA ALA E 820 80.18 36.53 -41.24
C ALA E 820 81.54 35.98 -41.66
N LYS E 821 81.55 34.84 -42.36
CA LYS E 821 82.80 34.23 -42.78
C LYS E 821 83.62 35.16 -43.64
N VAL E 822 82.95 35.98 -44.47
CA VAL E 822 83.66 37.00 -45.25
C VAL E 822 83.90 38.27 -44.46
N CYS E 823 83.39 38.34 -43.21
CA CYS E 823 83.65 39.50 -42.37
C CYS E 823 84.99 39.40 -41.66
N LEU E 824 85.17 38.37 -40.83
CA LEU E 824 86.41 38.29 -40.07
C LEU E 824 87.50 37.68 -40.94
N GLY E 825 87.62 38.22 -42.16
CA GLY E 825 88.79 38.09 -42.99
C GLY E 825 89.09 39.48 -43.50
N ASN E 826 88.11 40.36 -43.35
CA ASN E 826 88.25 41.76 -43.72
C ASN E 826 88.65 42.64 -42.54
N MET E 827 88.47 42.17 -41.32
CA MET E 827 88.95 42.85 -40.13
C MET E 827 90.36 42.42 -39.75
N GLY E 828 90.97 41.54 -40.54
CA GLY E 828 92.30 41.05 -40.23
C GLY E 828 92.34 40.00 -39.15
N HIS E 829 91.26 39.26 -38.93
CA HIS E 829 91.20 38.21 -37.92
C HIS E 829 91.38 36.86 -38.59
N ALA E 830 92.63 36.55 -38.94
CA ALA E 830 92.93 35.27 -39.59
C ALA E 830 92.63 34.10 -38.66
N ARG E 831 92.94 34.26 -37.37
CA ARG E 831 92.69 33.19 -36.40
C ARG E 831 91.21 32.84 -36.35
N GLY E 832 90.35 33.84 -36.35
CA GLY E 832 88.92 33.58 -36.31
C GLY E 832 88.41 32.89 -37.55
N ALA E 833 88.91 33.29 -38.72
CA ALA E 833 88.52 32.62 -39.95
C ALA E 833 88.96 31.16 -39.95
N ARG E 834 90.18 30.90 -39.46
CA ARG E 834 90.63 29.51 -39.35
C ARG E 834 89.74 28.73 -38.38
N ALA E 835 89.34 29.35 -37.27
CA ALA E 835 88.47 28.68 -36.33
C ALA E 835 87.12 28.35 -36.97
N LEU E 836 86.58 29.28 -37.76
CA LEU E 836 85.33 29.01 -38.47
C LEU E 836 85.49 27.85 -39.45
N ARG E 837 86.59 27.84 -40.20
CA ARG E 837 86.84 26.75 -41.12
C ARG E 837 86.91 25.42 -40.39
N GLU E 838 87.58 25.38 -39.25
CA GLU E 838 87.67 24.15 -38.47
C GLU E 838 86.30 23.74 -37.93
N ALA E 839 85.52 24.71 -37.47
CA ALA E 839 84.20 24.40 -36.91
C ALA E 839 83.19 24.01 -37.96
N GLU E 840 83.46 24.32 -39.24
CA GLU E 840 82.53 23.94 -40.30
C GLU E 840 82.31 22.43 -40.37
N GLN E 841 83.23 21.63 -39.84
CA GLN E 841 83.07 20.19 -39.86
C GLN E 841 81.98 19.71 -38.90
N GLU E 842 81.58 20.55 -37.94
CA GLU E 842 80.57 20.14 -36.98
C GLU E 842 79.21 19.97 -37.67
N PRO E 843 78.46 18.92 -37.33
CA PRO E 843 77.15 18.72 -37.96
C PRO E 843 76.05 19.50 -37.26
N GLU E 844 76.32 20.77 -36.97
CA GLU E 844 75.37 21.63 -36.26
C GLU E 844 75.60 23.07 -36.69
N LEU E 845 74.60 23.91 -36.42
CA LEU E 845 74.71 25.34 -36.67
C LEU E 845 74.87 26.17 -35.42
N GLU E 846 74.30 25.73 -34.30
CA GLU E 846 74.49 26.46 -33.05
C GLU E 846 75.95 26.43 -32.61
N ALA E 847 76.60 25.27 -32.75
CA ALA E 847 77.99 25.15 -32.34
C ALA E 847 78.89 26.06 -33.15
N ARG E 848 78.64 26.17 -34.45
CA ARG E 848 79.46 27.03 -35.30
C ARG E 848 79.33 28.49 -34.89
N VAL E 849 78.10 28.95 -34.62
CA VAL E 849 77.91 30.32 -34.18
C VAL E 849 78.54 30.55 -32.82
N ALA E 850 78.50 29.54 -31.95
CA ALA E 850 79.17 29.65 -30.66
C ALA E 850 80.68 29.81 -30.84
N VAL E 851 81.25 29.04 -31.77
CA VAL E 851 82.68 29.14 -32.06
C VAL E 851 83.02 30.55 -32.57
N LEU E 852 82.19 31.07 -33.48
CA LEU E 852 82.44 32.40 -34.01
C LEU E 852 82.35 33.44 -32.90
N ALA E 853 81.39 33.28 -32.00
CA ALA E 853 81.27 34.18 -30.85
C ALA E 853 82.53 34.12 -29.99
N THR E 854 83.02 32.91 -29.72
CA THR E 854 84.24 32.76 -28.94
C THR E 854 85.38 33.54 -29.57
N GLN E 855 85.53 33.45 -30.90
CA GLN E 855 86.53 34.28 -31.55
C GLN E 855 86.23 35.77 -31.49
N LEU E 856 84.96 36.15 -31.36
CA LEU E 856 84.62 37.56 -31.23
C LEU E 856 84.54 38.03 -29.78
N GLY E 857 84.89 37.17 -28.82
CA GLY E 857 84.72 37.50 -27.42
C GLY E 857 83.39 37.00 -26.92
N MET E 858 82.58 37.91 -26.36
CA MET E 858 81.17 37.66 -25.99
C MET E 858 80.97 36.24 -25.45
N LEU E 859 81.82 35.88 -24.48
CA LEU E 859 81.87 34.50 -24.01
C LEU E 859 80.55 34.05 -23.40
N GLU E 860 79.78 34.98 -22.83
CA GLU E 860 78.48 34.61 -22.27
C GLU E 860 77.54 34.11 -23.35
N ASP E 861 77.51 34.79 -24.50
CA ASP E 861 76.64 34.37 -25.60
C ASP E 861 77.03 33.00 -26.11
N ALA E 862 78.34 32.75 -26.27
CA ALA E 862 78.80 31.45 -26.74
C ALA E 862 78.49 30.36 -25.72
N GLU E 863 78.63 30.66 -24.43
CA GLU E 863 78.30 29.69 -23.40
C GLU E 863 76.82 29.33 -23.44
N GLN E 864 75.96 30.33 -23.52
CA GLN E 864 74.52 30.07 -23.60
C GLN E 864 74.16 29.30 -24.86
N LEU E 865 74.82 29.62 -25.97
CA LEU E 865 74.51 28.94 -27.23
C LEU E 865 74.99 27.49 -27.19
N TYR E 866 76.14 27.23 -26.56
CA TYR E 866 76.57 25.85 -26.35
C TYR E 866 75.58 25.10 -25.48
N ARG E 867 75.08 25.74 -24.41
CA ARG E 867 74.10 25.11 -23.56
C ARG E 867 72.83 24.76 -24.34
N LYS E 868 72.37 25.69 -25.18
CA LYS E 868 71.21 25.43 -26.02
C LYS E 868 71.48 24.33 -27.04
N CYS E 869 72.72 24.21 -27.51
CA CYS E 869 73.06 23.21 -28.51
C CYS E 869 73.15 21.80 -27.91
N LYS E 870 73.24 21.69 -26.59
CA LYS E 870 73.36 20.45 -25.83
C LYS E 870 74.70 19.76 -26.04
N ARG E 871 75.63 20.36 -26.79
CA ARG E 871 76.97 19.80 -26.94
C ARG E 871 77.75 20.09 -25.66
N HIS E 872 77.55 19.22 -24.67
CA HIS E 872 78.19 19.45 -23.37
C HIS E 872 79.69 19.24 -23.43
N ASP E 873 80.18 18.43 -24.37
CA ASP E 873 81.62 18.28 -24.53
C ASP E 873 82.25 19.59 -25.00
N LEU E 874 81.62 20.26 -25.96
CA LEU E 874 82.14 21.54 -26.43
C LEU E 874 82.10 22.58 -25.33
N LEU E 875 81.03 22.60 -24.54
CA LEU E 875 80.96 23.53 -23.42
C LEU E 875 82.01 23.21 -22.36
N ASN E 876 82.28 21.92 -22.14
CA ASN E 876 83.34 21.52 -21.21
C ASN E 876 84.69 22.06 -21.68
N LYS E 877 84.99 21.87 -22.97
CA LYS E 877 86.25 22.40 -23.51
C LYS E 877 86.28 23.91 -23.42
N PHE E 878 85.14 24.56 -23.64
CA PHE E 878 85.07 26.02 -23.52
C PHE E 878 85.39 26.45 -22.09
N TYR E 879 84.82 25.77 -21.10
CA TYR E 879 85.07 26.13 -19.72
C TYR E 879 86.52 25.89 -19.35
N GLN E 880 87.11 24.79 -19.84
CA GLN E 880 88.52 24.53 -19.58
C GLN E 880 89.40 25.62 -20.21
N ALA E 881 89.09 26.02 -21.44
CA ALA E 881 89.86 27.07 -22.09
C ALA E 881 89.72 28.39 -21.36
N ALA E 882 88.53 28.70 -20.85
CA ALA E 882 88.32 29.91 -20.09
C ALA E 882 89.04 29.89 -18.75
N GLY E 883 89.54 28.74 -18.32
CA GLY E 883 90.26 28.64 -17.07
C GLY E 883 89.40 28.61 -15.84
N ARG E 884 88.08 28.52 -15.99
CA ARG E 884 87.21 28.44 -14.82
C ARG E 884 87.47 27.17 -14.02
N TRP E 885 87.61 26.04 -14.71
CA TRP E 885 88.11 24.80 -14.12
C TRP E 885 87.18 24.23 -13.05
N GLN E 886 86.07 24.91 -12.78
CA GLN E 886 85.07 24.41 -11.84
C GLN E 886 83.73 24.12 -12.50
N GLU E 887 83.28 25.01 -13.39
CA GLU E 887 82.10 24.70 -14.19
C GLU E 887 82.38 23.57 -15.17
N ALA E 888 83.62 23.49 -15.67
CA ALA E 888 84.00 22.35 -16.49
C ALA E 888 83.90 21.04 -15.72
N LEU E 889 84.34 21.05 -14.46
CA LEU E 889 84.25 19.85 -13.64
C LEU E 889 82.80 19.41 -13.47
N GLN E 890 81.90 20.36 -13.23
CA GLN E 890 80.49 20.01 -13.05
C GLN E 890 79.87 19.53 -14.36
N VAL E 891 80.23 20.16 -15.48
CA VAL E 891 79.73 19.69 -16.77
C VAL E 891 80.18 18.26 -17.03
N ALA E 892 81.44 17.95 -16.69
CA ALA E 892 81.93 16.58 -16.86
C ALA E 892 81.21 15.61 -15.93
N GLU E 893 81.04 16.01 -14.66
CA GLU E 893 80.43 15.12 -13.68
C GLU E 893 78.94 14.91 -13.92
N HIS E 894 78.31 15.81 -14.67
CA HIS E 894 76.86 15.73 -14.87
C HIS E 894 76.46 15.23 -16.25
N HIS E 895 77.12 15.68 -17.30
CA HIS E 895 76.65 15.40 -18.65
C HIS E 895 77.64 14.62 -19.50
N ASP E 896 78.92 14.98 -19.47
CA ASP E 896 79.91 14.26 -20.27
C ASP E 896 80.04 12.81 -19.80
N ARG E 897 80.55 12.65 -18.57
CA ARG E 897 80.67 11.35 -17.90
C ARG E 897 81.68 10.45 -18.61
N VAL E 898 82.18 10.87 -19.76
CA VAL E 898 83.19 10.12 -20.50
C VAL E 898 84.50 10.91 -20.59
N HIS E 899 84.42 12.23 -20.73
CA HIS E 899 85.56 13.09 -20.61
C HIS E 899 85.83 13.48 -19.16
N LEU E 900 85.10 12.89 -18.22
CA LEU E 900 85.28 13.23 -16.82
C LEU E 900 86.70 12.93 -16.35
N ARG E 901 87.22 11.75 -16.70
CA ARG E 901 88.58 11.43 -16.35
C ARG E 901 89.57 12.29 -17.13
N SER E 902 89.26 12.56 -18.40
CA SER E 902 90.10 13.48 -19.18
C SER E 902 90.07 14.88 -18.58
N THR E 903 88.89 15.34 -18.15
CA THR E 903 88.81 16.65 -17.52
C THR E 903 89.60 16.68 -16.22
N TYR E 904 89.52 15.61 -15.43
CA TYR E 904 90.32 15.53 -14.21
C TYR E 904 91.80 15.60 -14.52
N HIS E 905 92.24 14.87 -15.54
CA HIS E 905 93.65 14.87 -15.92
C HIS E 905 94.10 16.25 -16.37
N ARG E 906 93.28 16.93 -17.17
CA ARG E 906 93.67 18.26 -17.65
C ARG E 906 93.68 19.29 -16.52
N TYR E 907 92.70 19.21 -15.61
CA TYR E 907 92.71 20.10 -14.46
C TYR E 907 93.91 19.84 -13.56
N ALA E 908 94.28 18.58 -13.38
CA ALA E 908 95.44 18.26 -12.57
C ALA E 908 96.73 18.75 -13.23
N GLY E 909 96.81 18.64 -14.55
CA GLY E 909 97.96 19.20 -15.25
C GLY E 909 98.02 20.71 -15.12
N HIS E 910 96.87 21.38 -15.18
CA HIS E 910 96.83 22.82 -14.96
C HIS E 910 97.31 23.18 -13.56
N LEU E 911 96.87 22.41 -12.56
CA LEU E 911 97.33 22.66 -11.19
C LEU E 911 98.82 22.42 -11.05
N GLU E 912 99.34 21.37 -11.71
CA GLU E 912 100.77 21.10 -11.68
C GLU E 912 101.56 22.25 -12.29
N ALA E 913 101.08 22.78 -13.41
CA ALA E 913 101.73 23.95 -14.01
C ALA E 913 101.66 25.17 -13.11
N SER E 914 100.72 25.20 -12.17
CA SER E 914 100.57 26.31 -11.23
C SER E 914 101.22 26.01 -9.88
N ALA E 915 102.11 25.03 -9.82
CA ALA E 915 102.87 24.68 -8.62
C ALA E 915 101.97 24.22 -7.47
N ASP E 916 100.79 23.70 -7.79
CA ASP E 916 99.90 23.12 -6.78
C ASP E 916 100.07 21.61 -6.83
N CYS E 917 101.16 21.13 -6.22
CA CYS E 917 101.52 19.72 -6.33
C CYS E 917 100.51 18.83 -5.63
N SER E 918 100.01 19.24 -4.46
CA SER E 918 99.12 18.37 -3.69
C SER E 918 97.78 18.18 -4.38
N ARG E 919 97.18 19.28 -4.87
CA ARG E 919 95.92 19.15 -5.59
C ARG E 919 96.12 18.40 -6.91
N ALA E 920 97.27 18.56 -7.54
CA ALA E 920 97.58 17.78 -8.73
C ALA E 920 97.63 16.28 -8.40
N LEU E 921 98.23 15.94 -7.25
CA LEU E 921 98.23 14.56 -6.80
C LEU E 921 96.81 14.05 -6.62
N SER E 922 95.97 14.86 -5.96
CA SER E 922 94.60 14.42 -5.68
C SER E 922 93.82 14.18 -6.97
N TYR E 923 93.95 15.10 -7.94
CA TYR E 923 93.18 14.95 -9.16
C TYR E 923 93.78 13.95 -10.13
N TYR E 924 95.08 13.63 -9.98
CA TYR E 924 95.61 12.44 -10.64
C TYR E 924 95.03 11.18 -10.02
N GLU E 925 94.86 11.17 -8.70
CA GLU E 925 94.24 10.03 -8.04
C GLU E 925 92.79 9.85 -8.50
N LYS E 926 92.08 10.96 -8.71
CA LYS E 926 90.69 10.86 -9.18
C LYS E 926 90.59 10.14 -10.53
N SER E 927 91.64 10.19 -11.34
CA SER E 927 91.73 9.37 -12.53
C SER E 927 92.64 8.18 -12.27
N ASP E 928 92.75 7.30 -13.25
CA ASP E 928 93.64 6.15 -13.12
C ASP E 928 95.06 6.47 -13.54
N THR E 929 95.33 7.70 -13.94
CA THR E 929 96.62 8.05 -14.54
C THR E 929 97.71 8.39 -13.53
N HIS E 930 97.40 8.37 -12.23
CA HIS E 930 98.41 8.82 -11.26
C HIS E 930 99.62 7.91 -11.27
N ARG E 931 99.41 6.60 -11.41
CA ARG E 931 100.54 5.67 -11.54
C ARG E 931 101.48 6.10 -12.66
N PHE E 932 100.92 6.65 -13.74
CA PHE E 932 101.74 7.11 -14.84
C PHE E 932 102.31 8.50 -14.60
N GLU E 933 101.58 9.35 -13.88
CA GLU E 933 101.90 10.77 -13.83
C GLU E 933 102.72 11.16 -12.61
N VAL E 934 102.32 10.70 -11.43
CA VAL E 934 103.01 11.08 -10.19
C VAL E 934 104.50 10.74 -10.25
N PRO E 935 104.92 9.54 -10.68
CA PRO E 935 106.37 9.31 -10.80
C PRO E 935 107.05 10.31 -11.72
N ARG E 936 106.40 10.67 -12.82
CA ARG E 936 106.92 11.75 -13.65
C ARG E 936 106.81 13.10 -12.94
N MET E 937 105.69 13.33 -12.26
CA MET E 937 105.44 14.64 -11.69
C MET E 937 106.29 14.90 -10.45
N LEU E 938 106.71 13.84 -9.76
CA LEU E 938 107.58 13.97 -8.59
C LEU E 938 109.04 13.68 -8.92
N SER E 939 109.43 13.77 -10.19
CA SER E 939 110.82 13.63 -10.55
C SER E 939 111.65 14.73 -9.91
N GLU E 940 112.89 14.40 -9.56
CA GLU E 940 113.82 15.25 -8.82
C GLU E 940 113.35 15.53 -7.40
N ASP E 941 112.31 14.84 -6.94
CA ASP E 941 111.79 14.93 -5.58
C ASP E 941 111.70 13.55 -4.96
N LEU E 942 112.79 12.80 -5.05
CA LEU E 942 112.79 11.39 -4.68
C LEU E 942 112.27 11.11 -3.28
N PRO E 943 112.59 11.87 -2.23
CA PRO E 943 111.97 11.60 -0.93
C PRO E 943 110.44 11.67 -0.96
N SER E 944 109.89 12.70 -1.60
CA SER E 944 108.44 12.79 -1.73
C SER E 944 107.89 11.63 -2.55
N LEU E 945 108.62 11.24 -3.60
CA LEU E 945 108.14 10.17 -4.46
C LEU E 945 108.12 8.83 -3.72
N GLU E 946 109.15 8.55 -2.93
CA GLU E 946 109.13 7.30 -2.16
C GLU E 946 108.10 7.35 -1.05
N LEU E 947 107.86 8.52 -0.45
CA LEU E 947 106.77 8.63 0.52
C LEU E 947 105.44 8.31 -0.13
N TYR E 948 105.18 8.87 -1.32
CA TYR E 948 103.94 8.59 -2.03
C TYR E 948 103.84 7.12 -2.42
N VAL E 949 104.95 6.53 -2.86
CA VAL E 949 104.96 5.12 -3.27
C VAL E 949 104.62 4.24 -2.09
N ASN E 950 105.22 4.51 -0.92
CA ASN E 950 104.90 3.74 0.27
C ASN E 950 103.47 3.97 0.74
N LYS E 951 102.95 5.19 0.55
CA LYS E 951 101.60 5.48 1.01
C LYS E 951 100.55 4.77 0.16
N MET E 952 100.68 4.85 -1.16
CA MET E 952 99.58 4.42 -2.04
C MET E 952 99.43 2.91 -2.07
N LYS E 953 100.53 2.17 -2.17
CA LYS E 953 100.52 0.71 -2.24
C LYS E 953 99.68 0.22 -3.42
N ASP E 954 100.10 0.62 -4.61
CA ASP E 954 99.36 0.33 -5.83
C ASP E 954 99.89 -0.87 -6.60
N LYS E 955 100.92 -1.54 -6.08
CA LYS E 955 101.50 -2.74 -6.70
C LYS E 955 102.13 -2.45 -8.06
N THR E 956 102.04 -1.20 -8.50
CA THR E 956 102.76 -0.72 -9.68
C THR E 956 103.63 0.48 -9.40
N LEU E 957 103.21 1.36 -8.46
CA LEU E 957 104.12 2.35 -7.92
C LEU E 957 105.30 1.67 -7.23
N TRP E 958 105.03 0.56 -6.53
CA TRP E 958 106.12 -0.26 -6.02
C TRP E 958 106.98 -0.82 -7.14
N ARG E 959 106.37 -1.28 -8.23
CA ARG E 959 107.17 -1.80 -9.33
C ARG E 959 108.03 -0.70 -9.96
N TRP E 960 107.45 0.48 -10.15
CA TRP E 960 108.20 1.60 -10.71
C TRP E 960 109.36 1.98 -9.80
N TRP E 961 109.09 2.09 -8.49
CA TRP E 961 110.14 2.45 -7.55
C TRP E 961 111.22 1.39 -7.51
N ALA E 962 110.84 0.12 -7.60
CA ALA E 962 111.82 -0.95 -7.62
C ALA E 962 112.68 -0.91 -8.87
N GLN E 963 112.07 -0.58 -10.01
CA GLN E 963 112.86 -0.39 -11.24
C GLN E 963 113.85 0.74 -11.07
N TYR E 964 113.42 1.85 -10.46
CA TYR E 964 114.34 2.95 -10.20
C TYR E 964 115.49 2.53 -9.30
N LEU E 965 115.17 1.84 -8.21
CA LEU E 965 116.21 1.40 -7.28
C LEU E 965 117.16 0.41 -7.94
N GLU E 966 116.64 -0.46 -8.81
CA GLU E 966 117.50 -1.36 -9.57
C GLU E 966 118.43 -0.58 -10.49
N SER E 967 117.91 0.42 -11.19
CA SER E 967 118.79 1.35 -11.91
C SER E 967 119.18 2.53 -11.05
N GLN E 968 119.55 2.26 -9.81
CA GLN E 968 120.20 3.25 -8.95
C GLN E 968 121.26 2.61 -8.06
N GLY E 969 121.64 1.35 -8.30
CA GLY E 969 122.56 0.66 -7.43
C GLY E 969 122.03 0.39 -6.04
N GLU E 970 120.77 -0.06 -5.94
CA GLU E 970 120.09 -0.31 -4.67
C GLU E 970 119.47 -1.69 -4.66
N MET E 971 120.27 -2.70 -4.99
CA MET E 971 119.76 -4.05 -5.20
C MET E 971 118.92 -4.55 -4.02
N ASP E 972 119.36 -4.28 -2.79
CA ASP E 972 118.63 -4.78 -1.63
C ASP E 972 117.25 -4.12 -1.54
N ALA E 973 117.20 -2.79 -1.63
CA ALA E 973 115.92 -2.10 -1.62
C ALA E 973 115.10 -2.47 -2.84
N ALA E 974 115.75 -2.71 -3.98
CA ALA E 974 115.03 -3.16 -5.17
C ALA E 974 114.32 -4.49 -4.91
N LEU E 975 115.01 -5.44 -4.29
CA LEU E 975 114.37 -6.71 -3.95
C LEU E 975 113.24 -6.50 -2.96
N HIS E 976 113.44 -5.63 -1.98
CA HIS E 976 112.38 -5.37 -1.00
C HIS E 976 111.11 -4.86 -1.69
N TYR E 977 111.27 -3.86 -2.57
CA TYR E 977 110.10 -3.25 -3.21
C TYR E 977 109.49 -4.17 -4.25
N TYR E 978 110.31 -4.96 -4.94
CA TYR E 978 109.76 -5.95 -5.87
C TYR E 978 108.97 -7.02 -5.13
N GLU E 979 109.48 -7.45 -3.98
CA GLU E 979 108.75 -8.42 -3.16
C GLU E 979 107.43 -7.85 -2.69
N LEU E 980 107.42 -6.57 -2.32
CA LEU E 980 106.16 -5.91 -1.99
C LEU E 980 105.22 -5.88 -3.20
N ALA E 981 105.77 -5.63 -4.38
CA ALA E 981 104.97 -5.52 -5.59
C ALA E 981 104.58 -6.88 -6.17
N ARG E 982 105.08 -7.97 -5.59
CA ARG E 982 104.77 -9.33 -6.04
C ARG E 982 105.22 -9.55 -7.50
N ASP E 983 106.22 -8.79 -7.94
CA ASP E 983 106.78 -8.95 -9.28
C ASP E 983 107.82 -10.07 -9.24
N HIS E 984 107.30 -11.30 -9.18
CA HIS E 984 108.16 -12.47 -8.98
C HIS E 984 109.18 -12.63 -10.11
N PHE E 985 108.88 -12.12 -11.30
CA PHE E 985 109.85 -12.18 -12.38
C PHE E 985 111.11 -11.42 -12.02
N SER E 986 110.96 -10.22 -11.47
CA SER E 986 112.12 -9.43 -11.06
C SER E 986 112.87 -10.12 -9.92
N LEU E 987 112.15 -10.69 -8.96
CA LEU E 987 112.81 -11.40 -7.88
C LEU E 987 113.67 -12.53 -8.41
N VAL E 988 113.10 -13.36 -9.30
CA VAL E 988 113.85 -14.48 -9.83
C VAL E 988 115.02 -14.00 -10.68
N ARG E 989 114.80 -12.96 -11.49
CA ARG E 989 115.88 -12.45 -12.34
C ARG E 989 117.05 -11.96 -11.52
N ILE E 990 116.79 -11.14 -10.50
CA ILE E 990 117.89 -10.60 -9.71
C ILE E 990 118.52 -11.68 -8.85
N HIS E 991 117.73 -12.65 -8.36
CA HIS E 991 118.30 -13.73 -7.57
C HIS E 991 119.26 -14.57 -8.41
N CYS E 992 118.88 -14.84 -9.67
CA CYS E 992 119.78 -15.59 -10.55
C CYS E 992 120.99 -14.76 -10.93
N PHE E 993 120.79 -13.46 -11.21
CA PHE E 993 121.90 -12.60 -11.58
C PHE E 993 122.92 -12.48 -10.46
N GLN E 994 122.44 -12.34 -9.21
CA GLN E 994 123.34 -12.25 -8.07
C GLN E 994 124.06 -13.56 -7.78
N GLY E 995 123.59 -14.67 -8.36
CA GLY E 995 124.22 -15.95 -8.20
C GLY E 995 123.52 -16.90 -7.25
N ASN E 996 122.61 -16.40 -6.40
CA ASN E 996 121.87 -17.25 -5.49
C ASN E 996 120.67 -17.83 -6.24
N VAL E 997 120.90 -18.98 -6.86
CA VAL E 997 119.88 -19.58 -7.70
C VAL E 997 118.89 -20.42 -6.90
N GLN E 998 119.31 -20.93 -5.74
CA GLN E 998 118.47 -21.85 -4.98
C GLN E 998 117.20 -21.17 -4.48
N LYS E 999 117.34 -19.98 -3.89
CA LYS E 999 116.15 -19.29 -3.41
C LYS E 999 115.28 -18.82 -4.56
N ALA E 1000 115.87 -18.51 -5.71
CA ALA E 1000 115.08 -18.21 -6.90
C ALA E 1000 114.25 -19.40 -7.31
N ALA E 1001 114.85 -20.60 -7.29
CA ALA E 1001 114.10 -21.81 -7.63
C ALA E 1001 112.99 -22.06 -6.62
N GLN E 1002 113.25 -21.82 -5.34
CA GLN E 1002 112.22 -21.98 -4.33
C GLN E 1002 111.08 -21.00 -4.55
N ILE E 1003 111.40 -19.75 -4.88
CA ILE E 1003 110.38 -18.75 -5.15
C ILE E 1003 109.53 -19.16 -6.34
N ALA E 1004 110.17 -19.63 -7.41
CA ALA E 1004 109.43 -20.08 -8.58
C ALA E 1004 108.54 -21.27 -8.24
N ASN E 1005 109.04 -22.21 -7.44
CA ASN E 1005 108.24 -23.37 -7.08
C ASN E 1005 107.04 -22.98 -6.24
N GLU E 1006 107.22 -22.06 -5.30
CA GLU E 1006 106.14 -21.70 -4.38
C GLU E 1006 105.11 -20.81 -5.04
N THR E 1007 105.56 -19.75 -5.71
CA THR E 1007 104.63 -18.76 -6.26
C THR E 1007 103.94 -19.27 -7.52
N GLY E 1008 104.63 -20.04 -8.34
CA GLY E 1008 104.05 -20.51 -9.58
C GLY E 1008 103.97 -19.47 -10.67
N ASN E 1009 104.78 -18.42 -10.60
CA ASN E 1009 104.80 -17.40 -11.65
C ASN E 1009 105.39 -17.99 -12.91
N LEU E 1010 104.62 -17.94 -14.00
CA LEU E 1010 105.06 -18.55 -15.26
C LEU E 1010 106.31 -17.88 -15.80
N ALA E 1011 106.34 -16.55 -15.80
CA ALA E 1011 107.50 -15.84 -16.31
C ALA E 1011 108.74 -16.10 -15.46
N ALA E 1012 108.55 -16.14 -14.14
CA ALA E 1012 109.68 -16.43 -13.25
C ALA E 1012 110.24 -17.82 -13.52
N SER E 1013 109.36 -18.81 -13.67
CA SER E 1013 109.82 -20.17 -13.97
C SER E 1013 110.53 -20.23 -15.32
N TYR E 1014 109.99 -19.52 -16.32
CA TYR E 1014 110.63 -19.49 -17.63
C TYR E 1014 112.04 -18.91 -17.54
N HIS E 1015 112.18 -17.77 -16.86
CA HIS E 1015 113.50 -17.16 -16.76
C HIS E 1015 114.47 -18.03 -15.97
N LEU E 1016 113.98 -18.66 -14.89
CA LEU E 1016 114.83 -19.53 -14.09
C LEU E 1016 115.31 -20.73 -14.90
N ALA E 1017 114.41 -21.33 -15.69
CA ALA E 1017 114.82 -22.45 -16.52
C ALA E 1017 115.74 -22.01 -17.65
N ARG E 1018 115.58 -20.79 -18.16
CA ARG E 1018 116.53 -20.26 -19.11
C ARG E 1018 117.90 -20.11 -18.49
N GLN E 1019 117.97 -19.65 -17.24
CA GLN E 1019 119.24 -19.58 -16.53
C GLN E 1019 119.84 -20.97 -16.34
N TYR E 1020 119.01 -21.96 -16.03
CA TYR E 1020 119.48 -23.34 -15.95
C TYR E 1020 120.08 -23.80 -17.27
N GLU E 1021 119.38 -23.53 -18.37
CA GLU E 1021 119.84 -23.93 -19.70
C GLU E 1021 121.11 -23.18 -20.06
N SER E 1022 121.32 -22.02 -19.43
CA SER E 1022 122.58 -21.31 -19.55
C SER E 1022 123.61 -21.74 -18.51
N GLN E 1023 123.22 -22.56 -17.54
CA GLN E 1023 124.15 -23.14 -16.56
C GLN E 1023 124.53 -24.57 -16.92
N GLU E 1024 124.24 -25.01 -18.14
CA GLU E 1024 124.58 -26.34 -18.65
C GLU E 1024 123.74 -27.43 -17.98
N GLU E 1025 122.87 -27.04 -17.05
CA GLU E 1025 121.94 -28.00 -16.48
C GLU E 1025 120.68 -28.06 -17.33
N VAL E 1026 120.29 -29.28 -17.70
CA VAL E 1026 119.26 -29.46 -18.73
C VAL E 1026 117.99 -30.03 -18.12
N GLY E 1027 118.12 -31.06 -17.30
CA GLY E 1027 116.94 -31.72 -16.73
C GLY E 1027 116.06 -30.78 -15.95
N GLN E 1028 116.67 -29.98 -15.07
CA GLN E 1028 115.92 -28.97 -14.33
C GLN E 1028 115.40 -27.89 -15.27
N ALA E 1029 116.19 -27.53 -16.27
CA ALA E 1029 115.75 -26.56 -17.27
C ALA E 1029 114.53 -27.08 -18.03
N VAL E 1030 114.54 -28.37 -18.38
CA VAL E 1030 113.39 -28.96 -19.05
C VAL E 1030 112.18 -28.96 -18.11
N HIS E 1031 112.39 -29.34 -16.85
CA HIS E 1031 111.28 -29.41 -15.92
C HIS E 1031 110.65 -28.03 -15.68
N PHE E 1032 111.48 -26.99 -15.59
CA PHE E 1032 110.97 -25.65 -15.32
C PHE E 1032 110.57 -24.89 -16.57
N TYR E 1033 110.90 -25.40 -17.76
CA TYR E 1033 110.16 -25.02 -18.95
C TYR E 1033 108.79 -25.66 -18.97
N THR E 1034 108.69 -26.92 -18.53
CA THR E 1034 107.40 -27.58 -18.44
C THR E 1034 106.48 -26.86 -17.47
N ARG E 1035 107.01 -26.45 -16.32
CA ARG E 1035 106.20 -25.74 -15.33
C ARG E 1035 105.74 -24.39 -15.86
N ALA E 1036 106.63 -23.69 -16.58
CA ALA E 1036 106.30 -22.38 -17.13
C ALA E 1036 105.48 -22.47 -18.42
N GLN E 1037 105.10 -23.67 -18.84
CA GLN E 1037 104.31 -23.88 -20.04
C GLN E 1037 105.00 -23.34 -21.30
N ALA E 1038 106.33 -23.29 -21.27
CA ALA E 1038 107.12 -22.89 -22.43
C ALA E 1038 107.55 -24.12 -23.22
N PHE E 1039 106.54 -24.81 -23.77
CA PHE E 1039 106.78 -26.12 -24.36
C PHE E 1039 107.72 -26.06 -25.55
N LYS E 1040 107.80 -24.92 -26.24
CA LYS E 1040 108.67 -24.82 -27.40
C LYS E 1040 110.14 -24.88 -26.99
N ASN E 1041 110.52 -24.10 -25.98
CA ASN E 1041 111.89 -24.17 -25.49
C ASN E 1041 112.18 -25.55 -24.89
N ALA E 1042 111.20 -26.14 -24.21
CA ALA E 1042 111.39 -27.45 -23.63
C ALA E 1042 111.66 -28.51 -24.70
N ILE E 1043 110.86 -28.50 -25.77
CA ILE E 1043 111.06 -29.49 -26.83
C ILE E 1043 112.34 -29.23 -27.59
N ARG E 1044 112.72 -27.96 -27.77
CA ARG E 1044 114.01 -27.67 -28.40
C ARG E 1044 115.16 -28.21 -27.58
N LEU E 1045 115.11 -28.01 -26.26
CA LEU E 1045 116.15 -28.53 -25.38
C LEU E 1045 116.18 -30.05 -25.39
N CYS E 1046 115.00 -30.69 -25.39
CA CYS E 1046 114.94 -32.13 -25.44
C CYS E 1046 115.52 -32.67 -26.74
N LYS E 1047 115.23 -32.01 -27.86
CA LYS E 1047 115.82 -32.40 -29.13
C LYS E 1047 117.33 -32.22 -29.11
N GLU E 1048 117.82 -31.13 -28.53
CA GLU E 1048 119.25 -30.90 -28.45
C GLU E 1048 119.94 -31.98 -27.62
N ASN E 1049 119.36 -32.35 -26.49
CA ASN E 1049 119.95 -33.35 -25.61
C ASN E 1049 119.41 -34.76 -25.85
N GLY E 1050 118.54 -34.94 -26.85
CA GLY E 1050 118.07 -36.26 -27.20
C GLY E 1050 117.24 -36.95 -26.13
N LEU E 1051 116.44 -36.19 -25.39
CA LEU E 1051 115.52 -36.76 -24.41
C LEU E 1051 114.20 -37.06 -25.11
N ASP E 1052 114.20 -38.15 -25.89
CA ASP E 1052 113.00 -38.52 -26.64
C ASP E 1052 111.83 -38.83 -25.72
N ASP E 1053 112.08 -39.55 -24.63
CA ASP E 1053 111.02 -39.86 -23.68
C ASP E 1053 110.47 -38.58 -23.06
N GLN E 1054 111.35 -37.64 -22.68
CA GLN E 1054 110.90 -36.34 -22.22
C GLN E 1054 110.31 -35.51 -23.36
N LEU E 1055 110.75 -35.73 -24.60
CA LEU E 1055 110.22 -34.97 -25.72
C LEU E 1055 108.76 -35.34 -25.99
N MET E 1056 108.40 -36.60 -25.82
CA MET E 1056 107.04 -37.04 -26.14
C MET E 1056 106.00 -36.34 -25.28
N ASN E 1057 106.20 -36.36 -23.95
CA ASN E 1057 105.21 -35.79 -23.05
C ASN E 1057 105.02 -34.30 -23.28
N LEU E 1058 106.08 -33.60 -23.69
CA LEU E 1058 105.96 -32.19 -24.01
C LEU E 1058 105.28 -31.97 -25.36
N ALA E 1059 105.58 -32.83 -26.34
CA ALA E 1059 105.04 -32.63 -27.68
C ALA E 1059 103.55 -32.94 -27.74
N LEU E 1060 103.09 -33.92 -26.96
CA LEU E 1060 101.68 -34.30 -27.02
C LEU E 1060 100.76 -33.15 -26.62
N LEU E 1061 101.13 -32.42 -25.58
CA LEU E 1061 100.31 -31.31 -25.09
C LEU E 1061 100.72 -29.96 -25.67
N SER E 1062 101.66 -29.95 -26.61
CA SER E 1062 102.18 -28.70 -27.16
C SER E 1062 101.24 -28.14 -28.23
N SER E 1063 101.59 -26.98 -28.75
CA SER E 1063 100.79 -26.33 -29.79
C SER E 1063 100.92 -27.10 -31.10
N PRO E 1064 99.90 -27.02 -31.96
CA PRO E 1064 99.87 -27.88 -33.16
C PRO E 1064 101.05 -27.69 -34.10
N GLU E 1065 101.76 -26.57 -34.02
CA GLU E 1065 102.97 -26.40 -34.83
C GLU E 1065 104.14 -27.19 -34.27
N ASP E 1066 104.07 -27.62 -33.01
CA ASP E 1066 105.23 -28.18 -32.35
C ASP E 1066 105.46 -29.64 -32.73
N MET E 1067 104.46 -30.50 -32.55
CA MET E 1067 104.69 -31.91 -32.83
C MET E 1067 104.93 -32.18 -34.30
N ILE E 1068 104.64 -31.23 -35.19
CA ILE E 1068 105.06 -31.37 -36.59
C ILE E 1068 106.59 -31.45 -36.65
N GLU E 1069 107.26 -30.49 -36.03
CA GLU E 1069 108.71 -30.52 -35.98
C GLU E 1069 109.23 -31.67 -35.12
N ALA E 1070 108.48 -32.05 -34.08
CA ALA E 1070 108.88 -33.19 -33.26
C ALA E 1070 108.90 -34.47 -34.09
N ALA E 1071 107.85 -34.70 -34.87
CA ALA E 1071 107.80 -35.86 -35.76
C ALA E 1071 108.86 -35.77 -36.85
N ARG E 1072 109.13 -34.56 -37.35
CA ARG E 1072 110.22 -34.41 -38.32
C ARG E 1072 111.56 -34.82 -37.70
N TYR E 1073 111.80 -34.43 -36.45
CA TYR E 1073 113.03 -34.82 -35.76
C TYR E 1073 113.09 -36.32 -35.55
N TYR E 1074 111.97 -36.93 -35.16
CA TYR E 1074 111.95 -38.38 -34.96
C TYR E 1074 112.21 -39.13 -36.26
N GLU E 1075 111.64 -38.65 -37.37
CA GLU E 1075 111.95 -39.26 -38.66
C GLU E 1075 113.39 -39.02 -39.06
N GLU E 1076 113.97 -37.89 -38.66
CA GLU E 1076 115.39 -37.66 -38.91
C GLU E 1076 116.23 -38.69 -38.18
N LYS E 1077 115.88 -39.00 -36.93
CA LYS E 1077 116.51 -40.14 -36.27
C LYS E 1077 116.07 -41.46 -36.89
N GLY E 1078 114.77 -41.61 -37.14
CA GLY E 1078 114.24 -42.79 -37.79
C GLY E 1078 114.07 -44.01 -36.91
N VAL E 1079 114.38 -43.90 -35.61
CA VAL E 1079 114.25 -45.03 -34.69
C VAL E 1079 112.84 -45.03 -34.11
N GLN E 1080 112.42 -43.89 -33.56
CA GLN E 1080 111.09 -43.71 -33.02
C GLN E 1080 110.11 -43.13 -34.04
N MET E 1081 110.32 -43.42 -35.32
CA MET E 1081 109.50 -42.82 -36.36
C MET E 1081 108.04 -43.27 -36.28
N ASP E 1082 107.76 -44.40 -35.61
CA ASP E 1082 106.37 -44.73 -35.30
C ASP E 1082 105.77 -43.69 -34.35
N ARG E 1083 106.55 -43.25 -33.36
CA ARG E 1083 106.10 -42.16 -32.50
C ARG E 1083 106.01 -40.86 -33.29
N ALA E 1084 106.84 -40.69 -34.32
CA ALA E 1084 106.66 -39.56 -35.23
C ALA E 1084 105.32 -39.62 -35.93
N VAL E 1085 104.91 -40.83 -36.35
CA VAL E 1085 103.60 -41.01 -36.97
C VAL E 1085 102.51 -40.66 -35.97
N MET E 1086 102.67 -41.08 -34.72
CA MET E 1086 101.68 -40.78 -33.69
C MET E 1086 101.56 -39.27 -33.50
N LEU E 1087 102.70 -38.57 -33.47
CA LEU E 1087 102.68 -37.12 -33.32
C LEU E 1087 102.04 -36.45 -34.54
N TYR E 1088 102.36 -36.93 -35.74
CA TYR E 1088 101.74 -36.38 -36.95
C TYR E 1088 100.22 -36.54 -36.89
N HIS E 1089 99.75 -37.69 -36.43
CA HIS E 1089 98.32 -37.88 -36.24
C HIS E 1089 97.76 -36.91 -35.21
N LYS E 1090 98.50 -36.69 -34.12
CA LYS E 1090 98.06 -35.73 -33.10
C LYS E 1090 98.02 -34.31 -33.63
N ALA E 1091 98.78 -34.01 -34.68
CA ALA E 1091 98.80 -32.67 -35.24
C ALA E 1091 97.61 -32.39 -36.15
N GLY E 1092 96.83 -33.41 -36.51
CA GLY E 1092 95.75 -33.24 -37.44
C GLY E 1092 96.17 -33.22 -38.90
N HIS E 1093 97.46 -33.37 -39.17
CA HIS E 1093 97.98 -33.39 -40.54
C HIS E 1093 98.02 -34.84 -41.02
N PHE E 1094 96.83 -35.39 -41.21
CA PHE E 1094 96.68 -36.81 -41.53
C PHE E 1094 97.26 -37.17 -42.90
N SER E 1095 97.44 -36.19 -43.78
CA SER E 1095 98.01 -36.49 -45.09
C SER E 1095 99.43 -37.02 -44.98
N LYS E 1096 100.23 -36.46 -44.06
CA LYS E 1096 101.58 -36.95 -43.84
C LYS E 1096 101.59 -38.24 -43.05
N ALA E 1097 100.67 -38.40 -42.10
CA ALA E 1097 100.68 -39.55 -41.21
C ALA E 1097 100.14 -40.81 -41.88
N LEU E 1098 99.19 -40.68 -42.80
CA LEU E 1098 98.55 -41.85 -43.38
C LEU E 1098 99.53 -42.67 -44.21
N GLU E 1099 100.37 -42.00 -45.01
CA GLU E 1099 101.34 -42.73 -45.83
C GLU E 1099 102.32 -43.49 -44.95
N LEU E 1100 102.82 -42.85 -43.89
CA LEU E 1100 103.77 -43.52 -43.01
C LEU E 1100 103.12 -44.66 -42.25
N ALA E 1101 101.87 -44.50 -41.82
CA ALA E 1101 101.17 -45.58 -41.14
C ALA E 1101 100.95 -46.77 -42.07
N PHE E 1102 100.59 -46.50 -43.34
CA PHE E 1102 100.46 -47.58 -44.31
C PHE E 1102 101.79 -48.28 -44.54
N ALA E 1103 102.88 -47.51 -44.65
CA ALA E 1103 104.19 -48.11 -44.89
C ALA E 1103 104.64 -48.97 -43.72
N THR E 1104 104.40 -48.51 -42.49
CA THR E 1104 104.85 -49.23 -41.31
C THR E 1104 103.93 -50.38 -40.93
N GLN E 1105 102.79 -50.53 -41.60
CA GLN E 1105 101.81 -51.58 -41.28
C GLN E 1105 101.36 -51.47 -39.82
N GLN E 1106 100.73 -50.35 -39.51
CA GLN E 1106 100.18 -50.08 -38.19
C GLN E 1106 98.68 -49.84 -38.35
N PHE E 1107 97.91 -50.92 -38.31
CA PHE E 1107 96.47 -50.81 -38.49
C PHE E 1107 95.83 -50.01 -37.36
N VAL E 1108 96.41 -50.04 -36.16
CA VAL E 1108 95.93 -49.19 -35.07
C VAL E 1108 96.09 -47.72 -35.45
N ALA E 1109 97.27 -47.36 -35.97
CA ALA E 1109 97.48 -45.99 -36.43
C ALA E 1109 96.55 -45.63 -37.58
N LEU E 1110 96.34 -46.58 -38.50
CA LEU E 1110 95.44 -46.31 -39.62
C LEU E 1110 94.02 -46.03 -39.14
N GLN E 1111 93.51 -46.86 -38.22
CA GLN E 1111 92.18 -46.64 -37.69
C GLN E 1111 92.07 -45.33 -36.92
N LEU E 1112 93.10 -45.01 -36.12
CA LEU E 1112 93.08 -43.75 -35.39
C LEU E 1112 93.09 -42.55 -36.33
N ILE E 1113 93.87 -42.62 -37.40
CA ILE E 1113 93.90 -41.53 -38.39
C ILE E 1113 92.55 -41.42 -39.08
N ALA E 1114 91.96 -42.55 -39.48
CA ALA E 1114 90.70 -42.53 -40.20
C ALA E 1114 89.58 -41.96 -39.34
N GLU E 1115 89.51 -42.38 -38.06
CA GLU E 1115 88.47 -41.86 -37.18
C GLU E 1115 88.68 -40.38 -36.87
N ASP E 1116 89.93 -39.98 -36.66
CA ASP E 1116 90.24 -38.58 -36.38
C ASP E 1116 90.61 -37.84 -37.66
N PRO F 122 -82.64 9.64 33.81
CA PRO F 122 -84.06 9.80 33.46
C PRO F 122 -84.99 9.33 34.58
N SER F 123 -86.16 9.98 34.68
CA SER F 123 -87.11 9.65 35.73
C SER F 123 -87.71 8.26 35.49
N ILE F 124 -87.92 7.52 36.58
CA ILE F 124 -88.53 6.20 36.49
C ILE F 124 -89.95 6.31 35.92
N GLN F 125 -90.70 7.32 36.36
CA GLN F 125 -92.03 7.56 35.82
C GLN F 125 -91.95 7.86 34.32
N ILE F 126 -90.91 8.57 33.89
CA ILE F 126 -90.73 8.84 32.48
C ILE F 126 -90.53 7.54 31.71
N LYS F 127 -89.70 6.64 32.24
CA LYS F 127 -89.50 5.34 31.60
C LYS F 127 -90.79 4.56 31.52
N ARG F 128 -91.58 4.57 32.60
CA ARG F 128 -92.85 3.85 32.60
C ARG F 128 -93.79 4.43 31.55
N VAL F 129 -93.88 5.76 31.47
CA VAL F 129 -94.76 6.39 30.48
C VAL F 129 -94.30 6.04 29.07
N MET F 130 -93.00 6.09 28.82
CA MET F 130 -92.49 5.75 27.49
C MET F 130 -92.82 4.31 27.14
N THR F 131 -92.66 3.39 28.10
CA THR F 131 -92.98 1.99 27.84
C THR F 131 -94.47 1.82 27.53
N TYR F 132 -95.32 2.50 28.29
CA TYR F 132 -96.76 2.39 28.04
C TYR F 132 -97.12 2.91 26.66
N ARG F 133 -96.55 4.05 26.25
CA ARG F 133 -96.84 4.58 24.92
C ARG F 133 -96.33 3.64 23.84
N ASP F 134 -95.13 3.08 24.03
CA ASP F 134 -94.59 2.16 23.04
C ASP F 134 -95.48 0.93 22.89
N LEU F 135 -95.98 0.40 24.01
CA LEU F 135 -96.89 -0.74 23.94
C LEU F 135 -98.20 -0.36 23.27
N ASP F 136 -98.72 0.83 23.57
CA ASP F 136 -99.98 1.25 22.98
C ASP F 136 -99.86 1.46 21.47
N ASN F 137 -98.67 1.85 21.00
CA ASN F 137 -98.51 2.20 19.60
C ASN F 137 -98.82 1.03 18.67
N ASP F 138 -98.20 -0.12 18.92
CA ASP F 138 -98.14 -1.19 17.92
C ASP F 138 -99.53 -1.74 17.59
N LEU F 139 -100.38 -1.90 18.61
CA LEU F 139 -101.68 -2.52 18.39
C LEU F 139 -102.50 -1.75 17.36
N MET F 140 -102.66 -0.44 17.57
CA MET F 140 -103.36 0.37 16.59
C MET F 140 -102.53 0.61 15.34
N LYS F 141 -101.21 0.46 15.42
CA LYS F 141 -100.38 0.60 14.22
C LYS F 141 -100.68 -0.48 13.21
N TYR F 142 -100.85 -1.73 13.67
CA TYR F 142 -101.03 -2.85 12.76
C TYR F 142 -102.41 -3.48 12.83
N SER F 143 -103.37 -2.87 13.53
CA SER F 143 -104.73 -3.36 13.49
C SER F 143 -105.37 -3.22 12.11
N ALA F 144 -104.77 -2.41 11.22
CA ALA F 144 -105.35 -2.22 9.90
C ALA F 144 -105.40 -3.52 9.11
N ILE F 145 -104.33 -4.31 9.17
CA ILE F 145 -104.28 -5.59 8.45
C ILE F 145 -104.23 -6.79 9.39
N GLN F 146 -104.09 -6.57 10.70
CA GLN F 146 -104.02 -7.71 11.62
C GLN F 146 -105.36 -8.41 11.74
N THR F 147 -106.47 -7.68 11.61
CA THR F 147 -107.79 -8.23 11.84
C THR F 147 -108.71 -7.87 10.68
N LEU F 148 -109.75 -8.67 10.50
CA LEU F 148 -110.75 -8.45 9.47
C LEU F 148 -112.01 -7.88 10.11
N ASP F 149 -112.40 -6.67 9.69
CA ASP F 149 -113.62 -6.01 10.13
C ASP F 149 -113.58 -5.67 11.62
N GLY F 150 -112.49 -6.00 12.31
CA GLY F 150 -112.31 -5.67 13.69
C GLY F 150 -112.74 -6.74 14.69
N GLU F 151 -113.42 -7.80 14.25
CA GLU F 151 -113.84 -8.86 15.16
C GLU F 151 -113.11 -10.18 14.95
N ILE F 152 -112.63 -10.45 13.75
CA ILE F 152 -111.93 -11.69 13.44
C ILE F 152 -110.44 -11.42 13.44
N ASP F 153 -109.70 -12.15 14.27
CA ASP F 153 -108.27 -11.97 14.41
C ASP F 153 -107.56 -12.97 13.52
N LEU F 154 -106.70 -12.48 12.64
CA LEU F 154 -106.00 -13.30 11.66
C LEU F 154 -104.55 -13.56 12.04
N LYS F 155 -104.29 -13.77 13.34
CA LYS F 155 -102.93 -14.04 13.78
C LYS F 155 -102.36 -15.29 13.15
N LEU F 156 -103.22 -16.24 12.76
CA LEU F 156 -102.74 -17.46 12.13
C LEU F 156 -102.11 -17.17 10.78
N LEU F 157 -102.71 -16.28 10.00
CA LEU F 157 -102.21 -15.99 8.65
C LEU F 157 -101.14 -14.90 8.65
N THR F 158 -101.15 -14.00 9.62
CA THR F 158 -100.16 -12.93 9.65
C THR F 158 -98.76 -13.41 10.03
N LYS F 159 -98.63 -14.65 10.48
CA LYS F 159 -97.33 -15.16 10.93
C LYS F 159 -96.32 -15.21 9.79
N VAL F 160 -96.78 -15.32 8.54
CA VAL F 160 -95.87 -15.41 7.41
C VAL F 160 -95.43 -14.05 6.88
N LEU F 161 -96.00 -12.97 7.39
CA LEU F 161 -95.56 -11.64 7.01
C LEU F 161 -94.20 -11.34 7.65
N ALA F 162 -93.62 -10.21 7.24
CA ALA F 162 -92.30 -9.81 7.66
C ALA F 162 -92.35 -8.38 8.20
N PRO F 163 -91.38 -7.97 9.00
CA PRO F 163 -91.37 -6.59 9.50
C PRO F 163 -91.28 -5.58 8.37
N GLU F 164 -91.86 -4.40 8.63
CA GLU F 164 -91.84 -3.32 7.64
C GLU F 164 -90.44 -3.07 7.09
N HIS F 165 -89.50 -2.74 7.97
CA HIS F 165 -88.15 -2.40 7.54
C HIS F 165 -87.47 -3.54 6.80
N GLU F 166 -87.92 -4.78 6.98
CA GLU F 166 -87.30 -5.89 6.28
C GLU F 166 -87.67 -5.91 4.81
N VAL F 167 -88.82 -5.34 4.44
CA VAL F 167 -89.26 -5.31 3.04
C VAL F 167 -89.09 -3.92 2.45
N ARG F 168 -88.20 -3.10 3.00
CA ARG F 168 -87.81 -1.82 2.41
C ARG F 168 -86.48 -1.99 1.70
N GLU F 169 -86.47 -1.62 0.42
CA GLU F 169 -85.25 -1.64 -0.38
C GLU F 169 -85.04 -0.27 -0.99
N ASP F 170 -83.83 0.26 -0.86
CA ASP F 170 -83.47 1.54 -1.43
C ASP F 170 -82.75 1.32 -2.75
N ASP F 171 -82.99 2.21 -3.71
CA ASP F 171 -82.49 2.00 -5.06
C ASP F 171 -80.98 2.23 -5.11
N VAL F 172 -80.20 1.19 -4.83
CA VAL F 172 -78.75 1.26 -4.82
C VAL F 172 -78.22 0.13 -5.68
N GLY F 173 -77.18 0.42 -6.46
CA GLY F 173 -76.59 -0.59 -7.33
C GLY F 173 -76.08 -1.77 -6.53
N TRP F 174 -76.34 -2.97 -7.03
CA TRP F 174 -75.92 -4.21 -6.39
C TRP F 174 -74.81 -4.83 -7.22
N ASP F 175 -73.58 -4.41 -6.95
CA ASP F 175 -72.43 -5.04 -7.57
C ASP F 175 -72.17 -6.40 -6.93
N TRP F 176 -71.55 -7.30 -7.71
CA TRP F 176 -71.38 -8.67 -7.24
C TRP F 176 -70.51 -8.73 -5.99
N ASP F 177 -69.41 -7.98 -5.98
CA ASP F 177 -68.43 -8.13 -4.90
C ASP F 177 -68.99 -7.66 -3.56
N HIS F 178 -69.55 -6.45 -3.52
CA HIS F 178 -70.01 -5.91 -2.24
C HIS F 178 -71.22 -6.68 -1.72
N LEU F 179 -72.13 -7.04 -2.62
CA LEU F 179 -73.29 -7.84 -2.22
C LEU F 179 -72.84 -9.20 -1.69
N PHE F 180 -71.87 -9.82 -2.37
CA PHE F 180 -71.37 -11.12 -1.92
C PHE F 180 -70.71 -11.00 -0.55
N THR F 181 -69.93 -9.95 -0.34
CA THR F 181 -69.30 -9.76 0.97
C THR F 181 -70.35 -9.57 2.06
N GLU F 182 -71.38 -8.76 1.78
CA GLU F 182 -72.42 -8.52 2.77
C GLU F 182 -73.16 -9.81 3.12
N VAL F 183 -73.57 -10.56 2.10
CA VAL F 183 -74.32 -11.79 2.36
C VAL F 183 -73.44 -12.82 3.05
N SER F 184 -72.15 -12.89 2.69
CA SER F 184 -71.25 -13.81 3.36
C SER F 184 -71.10 -13.44 4.84
N SER F 185 -70.93 -12.15 5.13
CA SER F 185 -70.78 -11.73 6.52
C SER F 185 -72.02 -12.03 7.33
N GLU F 186 -73.20 -11.74 6.77
CA GLU F 186 -74.42 -12.00 7.53
C GLU F 186 -74.68 -13.49 7.69
N VAL F 187 -74.32 -14.31 6.68
CA VAL F 187 -74.47 -15.74 6.81
C VAL F 187 -73.54 -16.27 7.89
N LEU F 188 -72.29 -15.82 7.91
CA LEU F 188 -71.34 -16.27 8.93
C LEU F 188 -71.82 -15.86 10.32
N THR F 189 -72.35 -14.65 10.46
CA THR F 189 -72.92 -14.26 11.75
C THR F 189 -74.09 -15.15 12.14
N GLU F 190 -74.97 -15.45 11.17
CA GLU F 190 -76.11 -16.31 11.46
C GLU F 190 -75.68 -17.76 11.68
N TRP F 191 -74.78 -18.27 10.85
CA TRP F 191 -74.34 -19.65 10.98
C TRP F 191 -73.50 -19.83 12.24
N ASP F 192 -73.63 -21.01 12.86
CA ASP F 192 -72.88 -21.33 14.06
C ASP F 192 -72.44 -22.79 14.06
ZN ZN G . -83.01 -6.01 -14.40
ZN ZN H . 114.95 -6.55 -52.31
ZN ZN I . 97.57 -10.49 -30.98
ZN ZN J . 4.89 7.04 -43.44
ZN ZN K . 9.61 -4.62 -21.38
#